data_8EC0
#
_entry.id   8EC0
#
loop_
_entity.id
_entity.type
_entity.pdbx_description
1 polymer 'Cytochrome b-c1 complex subunit 1, mitochondrial'
2 polymer 'Cytochrome b-c1 complex subunit 2, mitochondrial'
3 polymer 'Cytochrome b-c1 complex subunit Rieske, mitochondrial'
4 polymer 'Cytochrome b-c1 complex subunit 9, mitochondrial'
5 polymer 'Cytochrome b-c1 complex subunit 7, mitochondrial'
6 polymer 'Cytochrome b-c1 complex subunit 6, mitochondrial'
7 polymer 'Cytochrome b-c1 complex subunit 8, mitochondrial'
8 polymer 'Cytochrome b'
9 polymer 'Cytochrome c oxidase subunit 1'
10 polymer 'Cytochrome c1, heme protein, mitochondrial'
11 polymer 'Cytochrome c oxidase subunit 8, mitochondrial'
12 polymer 'Cytochrome c oxidase subunit 7, mitochondrial'
13 polymer 'Cytochrome c oxidase subunit 3'
14 polymer 'Cytochrome c oxidase subunit 2'
15 polymer 'Cytochrome c oxidase subunit 6, mitochondrial'
16 polymer 'Cytochrome c oxidase subunit 9, mitochondrial'
17 polymer 'Cytochrome c oxidase subunit 13, mitochondrial'
18 polymer 'Cytochrome c oxidase subunit 4, mitochondrial'
19 polymer 'Cytochrome c oxidase subunit 12, mitochondrial'
20 polymer 'Cytochrome c oxidase subunit 26, mitochondrial'
21 polymer 'Cytochrome c oxidase subunit 5A, mitochondrial'
22 non-polymer DI-PALMITOYL-3-SN-PHOSPHATIDYLETHANOLAMINE
23 non-polymer '(1S)-2-{[{[(2R)-2,3-DIHYDROXYPROPYL]OXY}(HYDROXY)PHOSPHORYL]OXY}-1-[(PALMITOYLOXY)METHYL]ETHYL STEARATE'
24 non-polymer 'FE2/S2 (INORGANIC) CLUSTER'
25 non-polymer 1,2-DIACYL-SN-GLYCERO-3-PHOSHOCHOLINE
26 non-polymer 'PROTOPORPHYRIN IX CONTAINING FE'
27 non-polymer 5-(3,7,11,15,19,23-HEXAMETHYL-TETRACOSA-2,6,10,14,18,22-HEXAENYL)-2,3-DIMETHOXY-6-METHYL-BENZENE-1,4-DIOL
28 non-polymer 'COPPER (II) ION'
29 non-polymer HEME-A
30 non-polymer 'DINUCLEAR COPPER ION'
#
loop_
_entity_poly.entity_id
_entity_poly.type
_entity_poly.pdbx_seq_one_letter_code
_entity_poly.pdbx_strand_id
1 'polypeptide(L)'
;MLRTVTSKTVSNQFKRSLATAVATPKAEVTQLSNGIVVATEHNPSAHTASVGVVFGSGAANENPYNNGVSNLWKNIFLSK
ENSAVAAKEGLALSSNISRDFQSYIVSSLPGSTDKSLDFLNQSFIQQKANLLSSSNFEATKKSVLKQVQDFEENDHPNRV
LEHLHSTAFQNTPLSLPTRGTLESLENLVVADLESFANNHFLNSNAVVVGTGNIKHEDLVNSIESKNLSLQTGTKPVLKK
KAAFLGSEVRLRDDTLPKAWISLAVEGEPVNSPNYFVAKLAAQIFGSYNAFEPASRLQGIKLLDNIQEYQLCDNFNHFSL
SYKDSGLWGFSTATRNVTMIDDLIHFTLKQWNRLTISVTDTEVERAKSLLKLQLGQLYESGNPVNDANLLGAEVLIKGSK
LSLGEAFKKIDAITVKDVKAWAGKRLWDQDIAIAGTGQIEGLLDYMRIRSDMSMMRW
;
A,a
2 'polypeptide(L)'
;MLSAARLQFAQGSVRRLTVSARDAPTKISTLAVKVHGGSRYATKDGVAHLLNRFNFQNTNTRSALKLVRESELLGGTFKS
TLDREYITLKATFLKDDLPYYVNALADVLYKTAFKPHELTESVLPAARYDYAVAEQCPVKSAEDQLYAITFRKGLGNPLL
YDGVERVSLQDIKDFADKVYTKENLEVSGENVVEADLKRFVDESLLSTLPAGKSLVSKSEPKFFLGEENRVRFIGDSVAA
IGIPVNKASLAQYEVLANYLTSALSELSGLISSAKLDKFTDGGLFTLFVRDQDSAVVSSNIKKIVADLKKGKDLSPAINY
TKLKNAVQNESVSSPIELNFDAVKDFKLGKFNYVAVGDVSNLPYLDEL
;
B,b
3 'polypeptide(L)'
;MLGIRSSVKTCFKPMSLTSKRLISQSLLASKSTYRTPNFDDVLKENNDADKGRSYAYFMVGAMGLLSSAGAKSTVETFIS
SMTATADVLAMAKVEVNLAAIPLGKNVVVKWQGKPVFIRHRTPHEIQEANSVDMSALKDPQTDADRVKDPQWLIMLGICT
HLGCVPIGEAGDFGGWFCPCHGSHYDISGRIRKGPAPLNLEIPAYEFDGDKVIVG
;
C,c
4 'polypeptide(L)' MSFSSLYKTFFKRNAVFVGTIFAGAFVFQTVFDTAITSWYENHNKGKLWKDVKARIAAGDGDDDDE E,e
5 'polypeptide(L)'
;MPQSFTSIARIGDYILKSPVLSKLCVPVANQFINLAGYKKLGLKFDDLIAEENPIMQTALRRLPEDESYARAYRIIRAHQ
TELTHHLLPRNEWIKAQEDVPYLLPYILEAEAAAKEKDELDNIEVSK
;
F,f
6 'polypeptide(L)'
;MGMLELVGEYWEQLKITVVPVVAAAEDDDNEQHEEKAAEGEEKEEENGDEDEDEDEDEDDDDDDDEDEEEEEEVTDQLED
LREHFKNTEEGKALVHHYEECAERVKIQQQQPGYADLEHKEDCVEEFFHLQHYLDTATAPRLFDKLK
;
G,g
7 'polypeptide(L)'
;MGPPSGKTYMGWWGHMGGPKQKGITSYAVSPYAQKPLQGIFHNAVFNSFRRFKSQFLYVLIPAGIYWYWWKNGNEYNEFL
YSKAGREELERVNV
;
H,h
8 'polypeptide(L)'
;MAFRKSNVYLSLVNSYIIDSPQPSSINYWWNMGSLLGLCLVIQIVTGIFMAMHYSSNIELAFSSVEHIMRDVHNGYILRY
LHANGASFFFMVMFMHMAKGLYYGSYRSPRVTLWNVGVIIFILTIATAFLGYCCVYGQMSHWGATVITNLFSAIPFVGND
IVSWLWGGFSVSNPTIQRFFALHYLVPFIIAAMVIMHLMALHIHGSSNPLGITGNLDRIPMHSYFIFKDLVTVFLFMLIL
ALFVFYSPNTLGHPDNYIPGNPLVTPASIVPEWYLLPFYAILRSIPDKLLGVITMFAAILVLLVLPFTDRSVVRGNTFKV
LSKFFFFIFVFNFVLLGQIGACHVEVPYVLMGQIATFIYFAYFLIIVPVISTIENVLFYIGRVNK
;
J,j
9 'polypeptide(L)'
;MVQRWLYSTNAKDIAVLYFMLAIFSGMAGTAMSLIIRLELAAPGSQYLHGNSQLFNVLVVGHAVLMIFFLVMPALIGGFG
NYLLPLMIGATDTAFPRINNIAFWVLPMGLVCLVTSTLVESGAGTGWTVYPPLSSIQAHSGPSVDLAIFALHLTSISSLL
GAINFIVTTLNMRTNGMTMHKLPLFVWSIFITAFLLLLSLPVLSAGITMLLLDRNFNTSFFEVSGGGDPILYEHLFWFFG
HPEVYILIIPGFGIISHVVSTYSKKPVFGEISMVYAMASIGLLGFLVWSHHMYIVGLDADTRAYFTSATMIIAIPTGIKI
FSWLATIHGGSIRLATPMLYAIAFLFLFTMGGLTGVALANASLDVAFHDTYYVVGHFHYVLSMGAIFSLFAGYYYWSPQI
LGLNYNEKLAQIQFWLIFIGANVIFFPMHFLGINGMPRRIPDYPDAFAGWNYVASIGSFIATLSLFLFIYILYDQLVNGL
NNKVNNKSVIYNKAPDFVESNTIFNLNTVKSSSIEFLLTSPPAVHSFNTPAVQS
;
K
10 'polypeptide(L)'
;MFSNLSKRWAQRTLSKSFYSTATGAASKSGKLTQKLVTAGVAAAGITASTLLYADSLTAEAMTAAEHGLHAPAYAWSHNG
PFETFDHASIRRGYQVYREVCAACHSLDRVAWRTLVGVSHTNEEVRNMAEEFEYDDEPDEQGNPKKRPGKLSDYIPGPYP
NEQAARAANQGALPPDLSLIVKARHGGCDYIFSLLTGYPDEPPAGVALPPGSNYNPYFPGGSIAMARVLFDDMVEYEDGT
PATTSQMAKDVTTFLNWCAEPEHDERKRLGLKTVIILSSLYLLSIWVKKFKWAGIKTRKFVFNPPKPRK
;
L,l
11 'polypeptide(L)' MLCQQMIRTTAKRSSNIMTRPIIMKRSVHFKDGVYENIPFKVKGRKTPYALSHFGFFAIGFAVPFVACYVQLKKSGAF M
12 'polypeptide(L)' MANKVIQLQKIFQSSTKPLWWRHPRSALYLYPFYAIFAVAVVTPLLYIPNAIRGIKAKKA N
13 'polypeptide(L)'
;MTHLERSRHQQHPFHMVMPSPWPIVVSFALLSLALSTALTMHGYIGNMNMVYLALFVLLTSSILWFRDIVAEATYLGDHT
MAVRKGINLGFLMFVLSEVLIFAGLFWAYFHSAMSPDVTLGACWPPVGIEAVQPTELPLLNTIILLSSGATVTYSHHALI
AGNRNKALSGLLITFWLIVIFVTCQYIEYTNAAFTISDGVYGSVFYAGTGLHFLHMVMLAAMLGVNYWRMRNYHLTAGHH
VGYETTIIYTHVLDVIWLFLYVVFYWWGV
;
O
14 'polypeptide(L)'
;MLDLLRLQLTTFIMNDVPTPYACYFQDSATPNQEGILELHDNIMFYLLVILGLVSWMLYTIVMTYSKNPIAYKYIKHGQT
IEVIWTIFPAVILLIIAFPSFILLYLCDEVISPAMTIKAIGYQWYWKYEYSDFINDSGETVEFESYVIPDELLEEGQLRL
LDTDTSMVVPVDTHIRFVVTAADVIHDFAIPSLGIKVDATPGRLNQVSALIQREGVFYGACSELCGTGHANMPIKIEAVS
LPKFLEWLNEQ
;
P
15 'polypeptide(L)'
;MLSRAIFRNPVINRTLLRARPGAYHATRLTKNTFIQSRKYSDAHDEETFEEFTARYEKEFDEAYDLFEVQRVLNNCFSYD
LVPAPAVIEKALRAARRVNDLPTAIRVFEALKYKVENEDQYKAYLDELKDVRQELGVPLKEELFPSSS
;
Q
16 'polypeptide(L)' MTIAPITGTIKRRVIMDIVLGFSLGGVMASYWWWGFHMDKINKREKFYAELAERKKQEN R
17 'polypeptide(L)'
;MFRQCAKRYASSLPPNALKPAFGPPDKVAAQKFKESLMATEKHAKDTSNMWVKISVWVALPAIALTAVNTYFVEKEHAEH
REHLKHVPDSEWPRDYEFMNIRSKPFFWGDGDKTLFWNPVVNRHIEHDD
;
S
18 'polypeptide(L)'
;MLSLRQSIRFFKPATRTLCSSRYLLQQKPVVKTAQNLAEVNGPETLIGPGAKEGTVPTDLDQETGLARLELLGKLEGIDV
FDTKPLDSSRKGTMKDPIIIESYDDYRYVGCTGSPAGSHTIMWLKPTVNEVARCWECGSVYKLNPVGVPNDDHHH
;
T
19 'polypeptide(L)'
;MADQENSPLHTVGFDARFPQQNQTKHCWQSYVDYHKCVNMKGEDFAPCKVFWKTYNALCPLDWIEKWDDQREKGIFAGDI
NSD
;
U
20 'polypeptide(L)' MFFSQVLRSSARAAPIKRYTGGRIGESWVITEGRRLIPEIFQWSAVLSVCLGWPGAVYFFSKARKA V
21 'polypeptide(L)'
;MLRNTFTRAGGLSRITSVRFAQTHALSNAAVMDLQSRWENMPSTEQQDIVSKLSERQKLPWAQLTEPEKQAVWYISYGEW
GPRRPVLNKGDSSFIAKGVAAGLLFSVGLFAVVRMAGGQDAKTMNKEWQLKSDEYLKSKNANPWGGYSQVQSK
;
W
#
# COMPACT_ATOMS: atom_id res chain seq x y z
N ALA A 27 27.81 -31.01 -47.63
CA ALA A 27 27.19 -31.44 -46.37
C ALA A 27 25.68 -31.66 -46.57
N GLU A 28 25.18 -32.75 -45.99
CA GLU A 28 23.76 -33.08 -46.10
C GLU A 28 23.38 -33.95 -44.91
N VAL A 29 22.08 -34.06 -44.68
CA VAL A 29 21.53 -34.78 -43.54
C VAL A 29 20.74 -35.98 -44.05
N THR A 30 20.90 -37.12 -43.37
CA THR A 30 20.18 -38.34 -43.70
C THR A 30 19.39 -38.80 -42.49
N GLN A 31 18.32 -39.55 -42.76
CA GLN A 31 17.47 -40.09 -41.71
C GLN A 31 16.98 -41.47 -42.09
N LEU A 32 16.74 -42.29 -41.07
CA LEU A 32 16.19 -43.63 -41.21
C LEU A 32 15.88 -44.14 -39.82
N SER A 33 15.10 -45.22 -39.74
CA SER A 33 14.68 -45.72 -38.44
C SER A 33 14.21 -47.16 -38.54
N ASN A 34 14.64 -47.99 -37.59
CA ASN A 34 14.08 -49.32 -37.37
C ASN A 34 14.26 -49.62 -35.87
N GLY A 35 13.23 -49.34 -35.09
CA GLY A 35 13.33 -49.46 -33.65
C GLY A 35 14.04 -48.27 -33.01
N ILE A 36 15.15 -47.85 -33.62
CA ILE A 36 15.91 -46.70 -33.14
C ILE A 36 16.01 -45.68 -34.27
N VAL A 37 16.71 -44.58 -34.02
CA VAL A 37 16.90 -43.52 -35.01
C VAL A 37 18.39 -43.36 -35.27
N VAL A 38 18.75 -43.20 -36.54
CA VAL A 38 20.14 -43.04 -36.95
C VAL A 38 20.25 -41.78 -37.79
N ALA A 39 21.23 -40.93 -37.46
CA ALA A 39 21.43 -39.67 -38.15
C ALA A 39 22.90 -39.50 -38.50
N THR A 40 23.16 -38.75 -39.57
CA THR A 40 24.52 -38.56 -40.05
C THR A 40 24.60 -37.27 -40.85
N GLU A 41 25.65 -36.48 -40.62
CA GLU A 41 25.93 -35.26 -41.37
C GLU A 41 27.38 -35.34 -41.86
N HIS A 42 27.56 -35.94 -43.03
CA HIS A 42 28.90 -36.13 -43.56
C HIS A 42 29.55 -34.79 -43.90
N ASN A 43 30.86 -34.73 -43.74
CA ASN A 43 31.65 -33.54 -44.04
C ASN A 43 33.07 -33.96 -44.37
N PRO A 44 33.41 -34.11 -45.66
CA PRO A 44 34.73 -34.67 -46.01
C PRO A 44 35.88 -33.73 -45.74
N SER A 45 35.63 -32.44 -45.51
CA SER A 45 36.72 -31.51 -45.22
C SER A 45 37.42 -31.88 -43.92
N ALA A 46 36.65 -32.06 -42.84
CA ALA A 46 37.23 -32.47 -41.58
C ALA A 46 37.67 -33.93 -41.64
N HIS A 47 38.61 -34.28 -40.76
CA HIS A 47 39.16 -35.63 -40.68
C HIS A 47 39.21 -36.10 -39.24
N THR A 48 38.11 -35.88 -38.50
CA THR A 48 37.96 -36.36 -37.12
C THR A 48 36.55 -36.92 -36.99
N ALA A 49 36.40 -38.21 -37.27
CA ALA A 49 35.10 -38.85 -37.23
C ALA A 49 34.69 -39.15 -35.79
N SER A 50 33.48 -38.75 -35.43
CA SER A 50 32.95 -38.98 -34.09
C SER A 50 31.57 -39.63 -34.19
N VAL A 51 31.40 -40.74 -33.50
CA VAL A 51 30.13 -41.46 -33.48
C VAL A 51 29.76 -41.75 -32.03
N GLY A 52 28.49 -41.49 -31.68
CA GLY A 52 28.03 -41.73 -30.33
C GLY A 52 26.52 -41.64 -30.28
N VAL A 53 25.97 -42.02 -29.13
CA VAL A 53 24.54 -42.03 -28.93
C VAL A 53 24.13 -40.80 -28.16
N VAL A 54 22.86 -40.42 -28.28
CA VAL A 54 22.29 -39.29 -27.55
C VAL A 54 20.93 -39.71 -27.00
N PHE A 55 20.70 -39.47 -25.72
CA PHE A 55 19.46 -39.83 -25.05
C PHE A 55 18.66 -38.57 -24.71
N GLY A 56 17.37 -38.61 -24.99
CA GLY A 56 16.50 -37.48 -24.70
C GLY A 56 15.94 -37.51 -23.31
N SER A 57 16.79 -37.76 -22.32
CA SER A 57 16.35 -37.81 -20.92
C SER A 57 17.55 -37.44 -20.06
N GLY A 58 17.52 -36.26 -19.46
CA GLY A 58 18.62 -35.79 -18.64
C GLY A 58 18.18 -35.21 -17.31
N ALA A 59 18.58 -33.96 -17.04
CA ALA A 59 18.24 -33.32 -15.79
C ALA A 59 16.75 -33.01 -15.65
N ALA A 60 15.98 -33.11 -16.73
CA ALA A 60 14.55 -32.83 -16.69
C ALA A 60 13.70 -34.06 -16.43
N ASN A 61 14.31 -35.21 -16.21
CA ASN A 61 13.60 -36.47 -16.01
C ASN A 61 14.08 -37.15 -14.72
N GLU A 62 14.13 -36.37 -13.64
CA GLU A 62 14.65 -36.87 -12.38
C GLU A 62 14.06 -36.05 -11.24
N ASN A 63 13.52 -36.73 -10.24
CA ASN A 63 12.90 -36.07 -9.10
C ASN A 63 13.96 -35.42 -8.21
N PRO A 64 13.57 -34.41 -7.43
CA PRO A 64 14.56 -33.70 -6.60
C PRO A 64 15.31 -34.59 -5.62
N TYR A 65 14.72 -35.70 -5.18
CA TYR A 65 15.42 -36.60 -4.28
C TYR A 65 16.47 -37.44 -4.98
N ASN A 66 16.49 -37.44 -6.31
CA ASN A 66 17.49 -38.14 -7.12
C ASN A 66 17.97 -37.14 -8.16
N ASN A 67 19.01 -36.36 -7.83
CA ASN A 67 19.41 -35.22 -8.62
C ASN A 67 20.68 -35.44 -9.42
N GLY A 68 21.70 -36.06 -8.81
CA GLY A 68 22.99 -36.18 -9.47
C GLY A 68 23.24 -37.52 -10.14
N VAL A 69 22.17 -38.26 -10.45
CA VAL A 69 22.34 -39.58 -11.05
C VAL A 69 22.96 -39.48 -12.43
N SER A 70 22.54 -38.49 -13.23
CA SER A 70 23.10 -38.32 -14.56
C SER A 70 24.56 -37.91 -14.49
N ASN A 71 24.91 -37.02 -13.56
CA ASN A 71 26.31 -36.63 -13.40
C ASN A 71 27.16 -37.80 -12.95
N LEU A 72 26.62 -38.65 -12.06
CA LEU A 72 27.34 -39.85 -11.66
C LEU A 72 27.53 -40.80 -12.84
N TRP A 73 26.53 -40.91 -13.71
CA TRP A 73 26.71 -41.70 -14.92
C TRP A 73 27.83 -41.13 -15.78
N LYS A 74 27.82 -39.81 -15.97
CA LYS A 74 28.83 -39.18 -16.81
C LYS A 74 30.23 -39.43 -16.26
N ASN A 75 30.41 -39.24 -14.95
CA ASN A 75 31.72 -39.43 -14.35
C ASN A 75 32.13 -40.91 -14.34
N ILE A 76 31.16 -41.82 -14.21
CA ILE A 76 31.51 -43.24 -14.15
C ILE A 76 31.80 -43.80 -15.53
N PHE A 77 31.33 -43.16 -16.61
CA PHE A 77 31.84 -43.48 -17.94
C PHE A 77 33.09 -42.69 -18.32
N LEU A 78 33.38 -41.59 -17.66
CA LEU A 78 34.62 -40.86 -17.92
C LEU A 78 35.76 -41.26 -17.00
N SER A 79 35.52 -42.17 -16.05
CA SER A 79 36.49 -42.40 -14.98
C SER A 79 37.47 -43.53 -15.27
N LYS A 80 36.98 -44.75 -15.46
CA LYS A 80 37.84 -45.93 -15.42
C LYS A 80 38.19 -46.49 -16.79
N GLU A 81 37.21 -46.68 -17.66
CA GLU A 81 37.49 -47.25 -18.97
C GLU A 81 38.19 -46.26 -19.90
N ASN A 82 38.37 -45.02 -19.47
CA ASN A 82 39.18 -44.07 -20.24
C ASN A 82 40.61 -44.55 -20.43
N SER A 83 41.09 -45.42 -19.56
CA SER A 83 42.39 -46.06 -19.78
C SER A 83 42.30 -47.15 -20.83
N ALA A 84 41.22 -47.94 -20.79
CA ALA A 84 41.05 -49.04 -21.74
C ALA A 84 40.90 -48.51 -23.16
N VAL A 85 40.19 -47.40 -23.32
CA VAL A 85 39.97 -46.87 -24.67
C VAL A 85 41.27 -46.40 -25.29
N ALA A 86 42.13 -45.75 -24.49
CA ALA A 86 43.41 -45.29 -25.02
C ALA A 86 44.43 -46.42 -25.15
N ALA A 87 44.28 -47.51 -24.39
CA ALA A 87 45.22 -48.61 -24.47
C ALA A 87 44.88 -49.56 -25.62
N LYS A 88 43.67 -50.13 -25.61
CA LYS A 88 43.30 -51.09 -26.63
C LYS A 88 43.18 -50.43 -28.01
N GLU A 89 42.70 -49.21 -28.06
CA GLU A 89 42.51 -48.48 -29.30
C GLU A 89 42.98 -47.04 -29.08
N GLY A 90 42.61 -46.16 -30.00
CA GLY A 90 42.84 -44.74 -29.81
C GLY A 90 41.59 -43.93 -30.04
N LEU A 91 41.08 -43.29 -28.99
CA LEU A 91 39.86 -42.51 -29.08
C LEU A 91 39.68 -41.71 -27.81
N ALA A 92 39.14 -40.51 -27.95
CA ALA A 92 38.83 -39.64 -26.81
C ALA A 92 37.32 -39.55 -26.67
N LEU A 93 36.80 -39.93 -25.51
CA LEU A 93 35.37 -39.99 -25.26
C LEU A 93 34.94 -38.84 -24.36
N SER A 94 33.84 -38.20 -24.73
CA SER A 94 33.31 -37.03 -24.04
C SER A 94 31.87 -37.30 -23.58
N SER A 95 31.30 -36.30 -22.92
CA SER A 95 29.92 -36.37 -22.44
C SER A 95 29.40 -34.96 -22.23
N ASN A 96 28.08 -34.85 -22.12
CA ASN A 96 27.45 -33.56 -21.91
C ASN A 96 26.01 -33.80 -21.45
N ILE A 97 25.60 -33.11 -20.40
CA ILE A 97 24.21 -33.07 -19.94
C ILE A 97 23.84 -31.61 -19.74
N SER A 98 22.85 -31.14 -20.49
CA SER A 98 22.44 -29.74 -20.40
C SER A 98 21.08 -29.55 -19.75
N ARG A 99 20.03 -30.10 -20.34
CA ARG A 99 18.77 -30.22 -19.60
C ARG A 99 18.13 -31.59 -19.75
N ASP A 100 18.17 -32.16 -20.95
CA ASP A 100 17.63 -33.49 -21.19
C ASP A 100 18.48 -34.32 -22.15
N PHE A 101 19.57 -33.77 -22.68
CA PHE A 101 20.31 -34.40 -23.77
C PHE A 101 21.56 -35.07 -23.20
N GLN A 102 21.36 -36.22 -22.59
CA GLN A 102 22.48 -37.02 -22.05
C GLN A 102 23.21 -37.65 -23.22
N SER A 103 24.32 -37.06 -23.64
CA SER A 103 25.06 -37.48 -24.83
C SER A 103 26.39 -38.10 -24.43
N TYR A 104 26.77 -39.17 -25.13
CA TYR A 104 28.04 -39.87 -24.93
C TYR A 104 28.72 -40.02 -26.28
N ILE A 105 29.52 -39.03 -26.66
CA ILE A 105 30.19 -39.00 -27.95
C ILE A 105 31.53 -39.71 -27.82
N VAL A 106 31.92 -40.45 -28.86
CA VAL A 106 33.17 -41.18 -28.90
C VAL A 106 33.90 -40.72 -30.16
N SER A 107 34.81 -39.76 -30.01
CA SER A 107 35.59 -39.30 -31.14
C SER A 107 36.61 -40.37 -31.56
N SER A 108 37.10 -40.24 -32.79
CA SER A 108 38.05 -41.21 -33.34
C SER A 108 38.63 -40.63 -34.63
N LEU A 109 39.50 -41.41 -35.26
CA LEU A 109 40.07 -41.09 -36.55
C LEU A 109 39.13 -41.54 -37.67
N PRO A 110 39.26 -40.98 -38.87
CA PRO A 110 38.32 -41.33 -39.95
C PRO A 110 38.27 -42.82 -40.27
N GLY A 111 39.40 -43.52 -40.18
CA GLY A 111 39.44 -44.92 -40.52
C GLY A 111 39.19 -45.90 -39.39
N SER A 112 38.80 -45.42 -38.21
CA SER A 112 38.67 -46.26 -37.02
C SER A 112 37.35 -46.00 -36.31
N THR A 113 36.24 -45.99 -37.05
CA THR A 113 34.94 -45.78 -36.46
C THR A 113 34.29 -47.07 -35.95
N ASP A 114 34.53 -48.19 -36.64
CA ASP A 114 33.96 -49.46 -36.18
C ASP A 114 34.45 -49.83 -34.80
N LYS A 115 35.72 -49.53 -34.50
CA LYS A 115 36.24 -49.77 -33.16
C LYS A 115 35.50 -48.95 -32.12
N SER A 116 35.21 -47.69 -32.43
CA SER A 116 34.47 -46.85 -31.50
C SER A 116 33.06 -47.38 -31.28
N LEU A 117 32.40 -47.79 -32.36
CA LEU A 117 31.05 -48.34 -32.22
C LEU A 117 31.06 -49.62 -31.39
N ASP A 118 32.05 -50.49 -31.63
CA ASP A 118 32.14 -51.73 -30.87
C ASP A 118 32.39 -51.45 -29.39
N PHE A 119 33.27 -50.48 -29.08
CA PHE A 119 33.49 -50.13 -27.68
C PHE A 119 32.21 -49.57 -27.05
N LEU A 120 31.48 -48.73 -27.78
CA LEU A 120 30.24 -48.19 -27.24
C LEU A 120 29.25 -49.29 -26.95
N ASN A 121 29.15 -50.28 -27.84
CA ASN A 121 28.26 -51.41 -27.59
C ASN A 121 28.71 -52.20 -26.36
N GLN A 122 30.00 -52.52 -26.26
CA GLN A 122 30.49 -53.25 -25.10
C GLN A 122 30.40 -52.42 -23.83
N SER A 123 30.20 -51.11 -23.93
CA SER A 123 30.03 -50.26 -22.76
C SER A 123 28.57 -50.23 -22.30
N PHE A 124 27.64 -49.89 -23.19
CA PHE A 124 26.24 -49.77 -22.78
C PHE A 124 25.51 -51.11 -22.74
N ILE A 125 25.37 -51.76 -23.90
CA ILE A 125 24.40 -52.85 -24.01
C ILE A 125 24.84 -54.07 -23.18
N GLN A 126 26.14 -54.37 -23.17
CA GLN A 126 26.65 -55.48 -22.37
C GLN A 126 28.16 -55.36 -22.27
N GLN A 127 28.67 -55.34 -21.04
CA GLN A 127 27.84 -55.33 -19.84
C GLN A 127 28.31 -54.25 -18.88
N LYS A 128 27.35 -53.64 -18.17
CA LYS A 128 27.65 -52.56 -17.24
C LYS A 128 27.89 -53.03 -15.81
N ALA A 129 27.83 -54.34 -15.56
CA ALA A 129 28.06 -54.85 -14.22
C ALA A 129 29.49 -54.60 -13.76
N ASN A 130 30.47 -54.83 -14.64
CA ASN A 130 31.86 -54.60 -14.28
C ASN A 130 32.12 -53.13 -13.98
N LEU A 131 31.52 -52.23 -14.77
CA LEU A 131 31.68 -50.80 -14.56
C LEU A 131 31.03 -50.32 -13.26
N LEU A 132 30.15 -51.13 -12.67
CA LEU A 132 29.46 -50.77 -11.43
C LEU A 132 30.02 -51.63 -10.31
N SER A 133 31.08 -51.15 -9.67
CA SER A 133 31.70 -51.80 -8.54
C SER A 133 31.71 -50.86 -7.35
N SER A 134 31.99 -51.41 -6.17
CA SER A 134 31.95 -50.62 -4.95
C SER A 134 33.08 -49.59 -4.91
N SER A 135 34.31 -50.02 -5.18
CA SER A 135 35.45 -49.12 -5.09
C SER A 135 35.38 -48.04 -6.18
N ASN A 136 35.08 -48.45 -7.42
CA ASN A 136 34.98 -47.48 -8.50
C ASN A 136 33.88 -46.47 -8.23
N PHE A 137 32.72 -46.93 -7.75
CA PHE A 137 31.64 -46.00 -7.46
C PHE A 137 32.01 -45.07 -6.31
N GLU A 138 32.71 -45.57 -5.28
CA GLU A 138 33.10 -44.71 -4.18
C GLU A 138 34.08 -43.63 -4.65
N ALA A 139 35.06 -44.01 -5.48
CA ALA A 139 36.00 -43.03 -6.01
C ALA A 139 35.29 -41.98 -6.86
N THR A 140 34.38 -42.42 -7.73
CA THR A 140 33.61 -41.49 -8.54
C THR A 140 32.75 -40.59 -7.66
N LYS A 141 32.17 -41.15 -6.59
CA LYS A 141 31.33 -40.38 -5.69
C LYS A 141 32.12 -39.27 -5.01
N LYS A 142 33.29 -39.59 -4.47
CA LYS A 142 34.08 -38.57 -3.79
C LYS A 142 34.61 -37.52 -4.78
N SER A 143 34.98 -37.96 -5.99
CA SER A 143 35.42 -37.00 -7.01
C SER A 143 34.29 -36.05 -7.38
N VAL A 144 33.07 -36.57 -7.55
CA VAL A 144 31.93 -35.75 -7.91
C VAL A 144 31.60 -34.78 -6.77
N LEU A 145 31.68 -35.26 -5.52
CA LEU A 145 31.44 -34.37 -4.38
C LEU A 145 32.44 -33.22 -4.36
N LYS A 146 33.73 -33.54 -4.57
CA LYS A 146 34.74 -32.47 -4.60
C LYS A 146 34.48 -31.51 -5.74
N GLN A 147 34.12 -32.02 -6.91
CA GLN A 147 33.88 -31.15 -8.07
C GLN A 147 32.69 -30.23 -7.84
N VAL A 148 31.59 -30.77 -7.30
CA VAL A 148 30.41 -29.95 -7.09
C VAL A 148 30.65 -28.93 -5.98
N GLN A 149 31.42 -29.31 -4.95
CA GLN A 149 31.79 -28.33 -3.92
C GLN A 149 32.62 -27.21 -4.51
N ASP A 150 33.60 -27.54 -5.35
CA ASP A 150 34.43 -26.52 -5.98
C ASP A 150 33.59 -25.60 -6.86
N PHE A 151 32.65 -26.18 -7.62
CA PHE A 151 31.78 -25.34 -8.44
C PHE A 151 30.93 -24.41 -7.60
N GLU A 152 30.36 -24.93 -6.51
CA GLU A 152 29.53 -24.10 -5.64
C GLU A 152 30.35 -23.05 -4.90
N GLU A 153 31.67 -23.24 -4.79
CA GLU A 153 32.50 -22.25 -4.10
C GLU A 153 32.90 -21.12 -5.03
N ASN A 154 33.42 -21.45 -6.22
CA ASN A 154 34.07 -20.47 -7.07
C ASN A 154 33.15 -19.86 -8.14
N ASP A 155 32.59 -20.70 -9.01
CA ASP A 155 31.91 -20.21 -10.21
C ASP A 155 30.61 -19.51 -9.81
N HIS A 156 30.63 -18.18 -9.83
CA HIS A 156 29.49 -17.37 -9.42
C HIS A 156 28.44 -17.18 -10.52
N PRO A 157 28.82 -16.79 -11.76
CA PRO A 157 27.78 -16.61 -12.79
C PRO A 157 27.00 -17.88 -13.11
N ASN A 158 27.69 -19.02 -13.18
CA ASN A 158 26.97 -20.27 -13.39
C ASN A 158 26.07 -20.57 -12.20
N ARG A 159 26.51 -20.23 -10.98
CA ARG A 159 25.66 -20.42 -9.80
C ARG A 159 24.39 -19.59 -9.90
N VAL A 160 24.50 -18.33 -10.31
CA VAL A 160 23.31 -17.51 -10.39
C VAL A 160 22.42 -17.97 -11.54
N LEU A 161 23.00 -18.52 -12.60
CA LEU A 161 22.18 -19.07 -13.68
C LEU A 161 21.38 -20.29 -13.19
N GLU A 162 22.05 -21.20 -12.48
CA GLU A 162 21.33 -22.36 -11.94
C GLU A 162 20.29 -21.94 -10.93
N HIS A 163 20.56 -20.90 -10.14
CA HIS A 163 19.56 -20.45 -9.19
C HIS A 163 18.39 -19.78 -9.88
N LEU A 164 18.63 -19.07 -10.98
CA LEU A 164 17.55 -18.54 -11.78
C LEU A 164 16.68 -19.66 -12.33
N HIS A 165 17.30 -20.73 -12.81
CA HIS A 165 16.53 -21.87 -13.28
C HIS A 165 15.73 -22.51 -12.15
N SER A 166 16.35 -22.66 -10.98
CA SER A 166 15.68 -23.30 -9.85
C SER A 166 14.59 -22.43 -9.24
N THR A 167 14.60 -21.12 -9.49
CA THR A 167 13.57 -20.25 -8.96
C THR A 167 12.49 -19.91 -9.98
N ALA A 168 12.76 -20.10 -11.28
CA ALA A 168 11.74 -19.84 -12.28
C ALA A 168 10.79 -21.02 -12.46
N PHE A 169 11.25 -22.23 -12.13
CA PHE A 169 10.46 -23.43 -12.37
C PHE A 169 10.18 -24.16 -11.06
N GLN A 170 9.75 -23.43 -10.03
CA GLN A 170 9.55 -24.01 -8.72
C GLN A 170 8.60 -25.20 -8.77
N ASN A 171 9.01 -26.31 -8.14
CA ASN A 171 8.23 -27.53 -8.09
C ASN A 171 7.84 -28.01 -9.50
N THR A 172 8.87 -28.28 -10.31
CA THR A 172 8.69 -28.68 -11.69
C THR A 172 9.96 -29.40 -12.12
N PRO A 173 9.86 -30.50 -12.87
CA PRO A 173 11.06 -31.22 -13.27
C PRO A 173 11.86 -30.51 -14.34
N LEU A 174 12.08 -29.22 -14.15
CA LEU A 174 12.96 -28.44 -15.02
C LEU A 174 13.84 -27.47 -14.25
N SER A 175 13.71 -27.39 -12.92
CA SER A 175 14.41 -26.41 -12.12
C SER A 175 15.63 -26.96 -11.41
N LEU A 176 15.62 -28.25 -11.05
CA LEU A 176 16.74 -28.81 -10.31
C LEU A 176 18.01 -28.74 -11.14
N PRO A 177 19.16 -28.49 -10.52
CA PRO A 177 20.39 -28.26 -11.28
C PRO A 177 20.84 -29.51 -12.02
N THR A 178 21.80 -29.30 -12.91
CA THR A 178 22.33 -30.36 -13.76
C THR A 178 23.56 -31.03 -13.16
N ARG A 179 24.00 -30.61 -11.98
CA ARG A 179 25.16 -31.21 -11.32
C ARG A 179 24.82 -31.91 -10.02
N GLY A 180 23.63 -31.67 -9.46
CA GLY A 180 23.23 -32.35 -8.24
C GLY A 180 23.48 -31.56 -6.97
N THR A 181 22.43 -31.32 -6.19
CA THR A 181 22.58 -30.61 -4.94
C THR A 181 23.40 -31.44 -3.95
N LEU A 182 24.12 -30.74 -3.07
CA LEU A 182 25.14 -31.38 -2.25
C LEU A 182 24.55 -32.51 -1.40
N GLU A 183 23.38 -32.26 -0.80
CA GLU A 183 22.76 -33.27 0.05
C GLU A 183 22.18 -34.44 -0.75
N SER A 184 21.90 -34.24 -2.04
CA SER A 184 21.26 -35.28 -2.84
C SER A 184 22.23 -36.37 -3.29
N LEU A 185 23.54 -36.10 -3.25
CA LEU A 185 24.50 -37.07 -3.76
C LEU A 185 24.58 -38.31 -2.87
N GLU A 186 24.69 -38.12 -1.56
CA GLU A 186 25.00 -39.21 -0.63
C GLU A 186 23.76 -40.00 -0.21
N ASN A 187 22.67 -39.93 -0.97
CA ASN A 187 21.46 -40.70 -0.67
C ASN A 187 21.11 -41.65 -1.80
N LEU A 188 22.11 -42.15 -2.52
CA LEU A 188 21.90 -43.05 -3.65
C LEU A 188 23.23 -43.71 -3.98
N VAL A 189 23.22 -45.05 -4.12
CA VAL A 189 24.47 -45.75 -4.37
C VAL A 189 24.44 -46.59 -5.64
N VAL A 190 23.64 -47.66 -5.66
CA VAL A 190 23.66 -48.55 -6.83
C VAL A 190 22.24 -48.79 -7.33
N ALA A 191 21.26 -48.68 -6.44
CA ALA A 191 19.89 -48.96 -6.84
C ALA A 191 19.32 -47.82 -7.69
N ASP A 192 19.55 -46.57 -7.28
CA ASP A 192 19.02 -45.43 -8.03
C ASP A 192 19.68 -45.34 -9.39
N LEU A 193 20.99 -45.58 -9.47
CA LEU A 193 21.71 -45.45 -10.73
C LEU A 193 21.23 -46.50 -11.73
N GLU A 194 21.13 -47.75 -11.30
CA GLU A 194 20.63 -48.81 -12.17
C GLU A 194 19.17 -48.59 -12.52
N SER A 195 18.37 -48.05 -11.60
CA SER A 195 16.98 -47.74 -11.90
C SER A 195 16.88 -46.69 -13.00
N PHE A 196 17.71 -45.65 -12.92
CA PHE A 196 17.73 -44.64 -13.98
C PHE A 196 18.16 -45.25 -15.30
N ALA A 197 19.16 -46.13 -15.28
CA ALA A 197 19.59 -46.80 -16.50
C ALA A 197 18.46 -47.62 -17.11
N ASN A 198 17.73 -48.36 -16.28
CA ASN A 198 16.66 -49.21 -16.79
C ASN A 198 15.42 -48.42 -17.20
N ASN A 199 15.27 -47.19 -16.70
CA ASN A 199 14.06 -46.43 -16.98
C ASN A 199 14.25 -45.35 -18.04
N HIS A 200 15.48 -45.00 -18.40
CA HIS A 200 15.67 -43.92 -19.36
C HIS A 200 16.54 -44.31 -20.55
N PHE A 201 17.46 -45.26 -20.35
CA PHE A 201 18.33 -45.71 -21.44
C PHE A 201 17.59 -46.77 -22.26
N LEU A 202 16.69 -46.27 -23.11
CA LEU A 202 15.74 -47.10 -23.84
C LEU A 202 15.97 -46.93 -25.34
N ASN A 203 15.12 -47.58 -26.12
CA ASN A 203 15.19 -47.52 -27.58
C ASN A 203 14.22 -46.53 -28.20
N SER A 204 13.49 -45.77 -27.38
CA SER A 204 12.50 -44.83 -27.91
C SER A 204 13.03 -43.42 -28.01
N ASN A 205 13.99 -43.04 -27.16
CA ASN A 205 14.55 -41.69 -27.13
C ASN A 205 16.06 -41.71 -27.32
N ALA A 206 16.53 -42.49 -28.27
CA ALA A 206 17.97 -42.63 -28.54
C ALA A 206 18.23 -42.50 -30.03
N VAL A 207 19.26 -41.72 -30.38
CA VAL A 207 19.75 -41.61 -31.75
C VAL A 207 21.23 -41.95 -31.75
N VAL A 208 21.77 -42.14 -32.95
CA VAL A 208 23.17 -42.49 -33.14
C VAL A 208 23.75 -41.49 -34.14
N VAL A 209 24.36 -40.42 -33.63
CA VAL A 209 24.94 -39.41 -34.51
C VAL A 209 26.17 -39.98 -35.22
N GLY A 210 26.53 -39.34 -36.33
CA GLY A 210 27.65 -39.79 -37.14
C GLY A 210 28.50 -38.66 -37.70
N THR A 211 28.60 -37.56 -36.98
CA THR A 211 29.31 -36.38 -37.47
C THR A 211 30.78 -36.70 -37.72
N GLY A 212 31.33 -36.13 -38.78
CA GLY A 212 32.72 -36.35 -39.13
C GLY A 212 32.92 -36.42 -40.63
N ASN A 213 33.59 -37.47 -41.11
CA ASN A 213 33.80 -37.69 -42.53
C ASN A 213 33.51 -39.14 -42.90
N ILE A 214 32.39 -39.66 -42.40
CA ILE A 214 31.96 -41.03 -42.67
C ILE A 214 30.72 -40.96 -43.56
N LYS A 215 30.70 -41.78 -44.61
CA LYS A 215 29.67 -41.67 -45.63
C LYS A 215 28.47 -42.58 -45.38
N HIS A 216 28.70 -43.89 -45.36
CA HIS A 216 27.58 -44.82 -45.28
C HIS A 216 27.78 -45.99 -44.32
N GLU A 217 28.96 -46.14 -43.70
CA GLU A 217 29.13 -47.21 -42.73
C GLU A 217 28.25 -46.99 -41.50
N ASP A 218 28.12 -45.75 -41.06
CA ASP A 218 27.21 -45.44 -39.96
C ASP A 218 25.76 -45.73 -40.35
N LEU A 219 25.43 -45.53 -41.62
CA LEU A 219 24.06 -45.72 -42.09
C LEU A 219 23.64 -47.18 -42.06
N VAL A 220 24.58 -48.11 -42.06
CA VAL A 220 24.28 -49.54 -42.16
C VAL A 220 24.60 -50.28 -40.88
N ASN A 221 25.74 -49.99 -40.25
CA ASN A 221 26.16 -50.74 -39.08
C ASN A 221 25.33 -50.40 -37.84
N SER A 222 24.79 -49.18 -37.77
CA SER A 222 23.97 -48.81 -36.63
C SER A 222 22.74 -49.69 -36.51
N ILE A 223 22.08 -49.96 -37.64
CA ILE A 223 20.90 -50.82 -37.66
C ILE A 223 21.35 -52.23 -38.00
N GLU A 224 21.23 -53.14 -37.03
CA GLU A 224 21.63 -54.53 -37.21
C GLU A 224 20.59 -55.43 -36.54
N SER A 225 20.83 -56.75 -36.63
CA SER A 225 19.91 -57.70 -36.02
C SER A 225 19.88 -57.54 -34.51
N LYS A 226 21.04 -57.35 -33.88
CA LYS A 226 21.10 -57.23 -32.43
C LYS A 226 22.07 -56.15 -31.96
N ASN A 227 22.70 -55.39 -32.86
CA ASN A 227 23.67 -54.38 -32.46
C ASN A 227 22.99 -53.05 -32.14
N LEU A 228 22.00 -53.11 -31.24
CA LEU A 228 21.29 -51.92 -30.78
C LEU A 228 20.98 -52.09 -29.30
N SER A 229 20.70 -50.97 -28.64
CA SER A 229 20.48 -50.97 -27.20
C SER A 229 19.32 -51.89 -26.84
N LEU A 230 19.51 -52.64 -25.75
CA LEU A 230 18.50 -53.59 -25.29
C LEU A 230 17.43 -52.84 -24.49
N GLN A 231 16.55 -53.58 -23.82
CA GLN A 231 15.48 -53.03 -23.00
C GLN A 231 14.52 -52.18 -23.84
N THR A 232 13.84 -52.84 -24.77
CA THR A 232 12.79 -52.16 -25.52
C THR A 232 11.67 -51.73 -24.57
N GLY A 233 11.19 -50.51 -24.74
CA GLY A 233 10.16 -49.99 -23.87
C GLY A 233 9.90 -48.53 -24.16
N THR A 234 9.28 -47.85 -23.20
CA THR A 234 8.88 -46.46 -23.34
C THR A 234 9.30 -45.65 -22.13
N LYS A 235 9.64 -44.40 -22.38
CA LYS A 235 10.03 -43.49 -21.30
C LYS A 235 8.81 -43.15 -20.44
N PRO A 236 8.97 -43.12 -19.12
CA PRO A 236 7.82 -42.76 -18.26
C PRO A 236 7.32 -41.35 -18.55
N VAL A 237 6.00 -41.19 -18.49
CA VAL A 237 5.37 -39.90 -18.76
C VAL A 237 5.53 -38.99 -17.56
N LEU A 238 5.48 -37.68 -17.81
CA LEU A 238 5.61 -36.66 -16.79
C LEU A 238 4.24 -36.07 -16.47
N LYS A 239 3.89 -36.05 -15.19
CA LYS A 239 2.60 -35.48 -14.79
C LYS A 239 2.56 -33.98 -15.00
N LYS A 240 3.64 -33.28 -14.67
CA LYS A 240 3.73 -31.84 -14.83
C LYS A 240 4.62 -31.51 -16.02
N LYS A 241 4.13 -30.66 -16.92
CA LYS A 241 4.91 -30.32 -18.11
C LYS A 241 5.95 -29.25 -17.80
N ALA A 242 5.50 -28.06 -17.41
CA ALA A 242 6.37 -26.94 -17.09
C ALA A 242 5.51 -25.85 -16.46
N ALA A 243 6.17 -24.78 -16.05
CA ALA A 243 5.50 -23.62 -15.45
C ALA A 243 6.49 -22.47 -15.44
N PHE A 244 5.99 -21.29 -15.07
CA PHE A 244 6.85 -20.13 -14.89
C PHE A 244 6.15 -19.14 -13.96
N LEU A 245 6.70 -18.95 -12.77
CA LEU A 245 6.21 -17.98 -11.82
C LEU A 245 7.34 -17.05 -11.41
N GLY A 246 6.98 -15.81 -11.10
CA GLY A 246 7.97 -14.78 -10.81
C GLY A 246 8.53 -14.80 -9.42
N SER A 247 9.42 -15.74 -9.15
CA SER A 247 10.04 -15.90 -7.84
C SER A 247 11.41 -15.24 -7.81
N GLU A 248 11.75 -14.66 -6.67
CA GLU A 248 13.04 -14.02 -6.44
C GLU A 248 13.88 -14.84 -5.49
N VAL A 249 15.18 -14.91 -5.74
CA VAL A 249 16.12 -15.63 -4.89
C VAL A 249 17.37 -14.78 -4.73
N ARG A 250 17.84 -14.65 -3.49
CA ARG A 250 19.03 -13.88 -3.19
C ARG A 250 19.98 -14.71 -2.33
N LEU A 251 21.27 -14.58 -2.61
CA LEU A 251 22.31 -15.28 -1.86
C LEU A 251 23.29 -14.27 -1.30
N ARG A 252 22.77 -13.22 -0.66
CA ARG A 252 23.57 -12.12 -0.16
C ARG A 252 24.70 -12.60 0.74
N ASP A 253 25.91 -12.16 0.42
CA ASP A 253 27.10 -12.44 1.22
C ASP A 253 28.17 -11.43 0.84
N ASP A 254 28.68 -10.68 1.82
CA ASP A 254 29.55 -9.55 1.57
C ASP A 254 31.02 -9.92 1.44
N THR A 255 31.36 -11.20 1.58
CA THR A 255 32.76 -11.60 1.43
C THR A 255 33.21 -11.49 -0.02
N LEU A 256 32.32 -11.77 -0.97
CA LEU A 256 32.70 -11.70 -2.37
C LEU A 256 32.89 -10.26 -2.81
N PRO A 257 33.78 -10.02 -3.79
CA PRO A 257 34.07 -8.64 -4.20
C PRO A 257 33.03 -8.03 -5.14
N LYS A 258 32.39 -8.86 -5.95
CA LYS A 258 31.50 -8.38 -7.00
C LYS A 258 30.06 -8.82 -6.72
N ALA A 259 29.17 -8.47 -7.65
CA ALA A 259 27.73 -8.76 -7.52
C ALA A 259 27.22 -9.25 -8.88
N TRP A 260 26.78 -10.50 -8.92
CA TRP A 260 26.24 -11.11 -10.13
C TRP A 260 24.72 -11.21 -10.01
N ILE A 261 24.01 -10.61 -10.96
CA ILE A 261 22.56 -10.66 -10.99
C ILE A 261 22.09 -11.03 -12.39
N SER A 262 20.99 -11.79 -12.44
CA SER A 262 20.43 -12.25 -13.70
C SER A 262 18.92 -12.00 -13.71
N LEU A 263 18.40 -11.71 -14.90
CA LEU A 263 16.97 -11.55 -15.11
C LEU A 263 16.52 -12.48 -16.22
N ALA A 264 15.21 -12.76 -16.25
CA ALA A 264 14.68 -13.66 -17.26
C ALA A 264 13.18 -13.43 -17.41
N VAL A 265 12.65 -13.88 -18.54
CA VAL A 265 11.22 -13.93 -18.81
C VAL A 265 10.91 -15.26 -19.47
N GLU A 266 9.62 -15.51 -19.70
CA GLU A 266 9.22 -16.73 -20.36
C GLU A 266 9.63 -16.71 -21.82
N GLY A 267 10.22 -17.81 -22.29
CA GLY A 267 10.66 -17.92 -23.66
C GLY A 267 9.77 -18.81 -24.49
N GLU A 268 10.34 -19.48 -25.48
CA GLU A 268 9.59 -20.41 -26.32
C GLU A 268 10.34 -21.73 -26.40
N PRO A 269 9.61 -22.84 -26.52
CA PRO A 269 10.25 -24.13 -26.69
C PRO A 269 10.73 -24.33 -28.12
N VAL A 270 11.52 -25.39 -28.31
CA VAL A 270 11.94 -25.77 -29.65
C VAL A 270 10.71 -26.13 -30.48
N ASN A 271 10.85 -25.98 -31.80
CA ASN A 271 9.76 -26.24 -32.74
C ASN A 271 8.58 -25.30 -32.48
N SER A 272 8.85 -24.01 -32.58
CA SER A 272 7.86 -22.96 -32.48
C SER A 272 8.20 -21.87 -33.48
N PRO A 273 7.20 -21.19 -34.05
CA PRO A 273 7.49 -20.10 -34.99
C PRO A 273 7.83 -18.80 -34.29
N ASN A 274 8.64 -18.88 -33.24
CA ASN A 274 9.15 -17.71 -32.56
C ASN A 274 10.60 -17.90 -32.12
N TYR A 275 11.21 -19.03 -32.47
CA TYR A 275 12.57 -19.33 -32.03
C TYR A 275 13.57 -18.29 -32.54
N PHE A 276 13.57 -18.04 -33.84
CA PHE A 276 14.56 -17.14 -34.42
C PHE A 276 14.25 -15.68 -34.14
N VAL A 277 12.96 -15.33 -34.01
CA VAL A 277 12.62 -13.96 -33.62
C VAL A 277 13.14 -13.68 -32.22
N ALA A 278 12.98 -14.63 -31.29
CA ALA A 278 13.52 -14.46 -29.95
C ALA A 278 15.04 -14.40 -29.97
N LYS A 279 15.67 -15.24 -30.80
CA LYS A 279 17.12 -15.18 -30.91
C LYS A 279 17.59 -13.83 -31.42
N LEU A 280 16.88 -13.27 -32.41
CA LEU A 280 17.22 -11.95 -32.92
C LEU A 280 17.02 -10.87 -31.86
N ALA A 281 15.95 -10.98 -31.09
CA ALA A 281 15.73 -10.01 -30.01
C ALA A 281 16.86 -10.07 -28.98
N ALA A 282 17.34 -11.28 -28.68
CA ALA A 282 18.49 -11.40 -27.79
C ALA A 282 19.74 -10.78 -28.42
N GLN A 283 19.96 -11.03 -29.72
CA GLN A 283 21.14 -10.54 -30.40
C GLN A 283 21.13 -9.03 -30.59
N ILE A 284 19.96 -8.39 -30.53
CA ILE A 284 19.87 -6.96 -30.78
C ILE A 284 20.75 -6.18 -29.80
N PHE A 285 20.68 -6.53 -28.51
CA PHE A 285 21.50 -5.86 -27.52
C PHE A 285 22.88 -6.47 -27.38
N GLY A 286 23.01 -7.77 -27.65
CA GLY A 286 24.31 -8.40 -27.70
C GLY A 286 25.04 -8.46 -26.37
N SER A 287 26.35 -8.56 -26.47
CA SER A 287 27.24 -8.65 -25.32
C SER A 287 28.05 -7.36 -25.18
N TYR A 288 28.87 -7.30 -24.13
CA TYR A 288 29.66 -6.11 -23.83
C TYR A 288 30.74 -6.48 -22.84
N ASN A 289 31.87 -5.78 -22.91
CA ASN A 289 32.98 -6.01 -21.99
C ASN A 289 33.77 -4.70 -21.89
N ALA A 290 33.69 -4.06 -20.73
CA ALA A 290 34.30 -2.75 -20.55
C ALA A 290 35.81 -2.77 -20.64
N PHE A 291 36.45 -3.91 -20.37
CA PHE A 291 37.91 -4.01 -20.37
C PHE A 291 38.46 -4.47 -21.71
N GLU A 292 37.77 -4.18 -22.80
CA GLU A 292 38.25 -4.51 -24.14
C GLU A 292 38.05 -3.28 -25.01
N PRO A 293 39.11 -2.76 -25.66
CA PRO A 293 38.95 -1.54 -26.46
C PRO A 293 38.02 -1.71 -27.65
N ALA A 294 37.77 -2.93 -28.10
CA ALA A 294 36.91 -3.18 -29.26
C ALA A 294 35.45 -3.36 -28.90
N SER A 295 35.09 -3.24 -27.63
CA SER A 295 33.71 -3.46 -27.19
C SER A 295 33.02 -2.19 -26.69
N ARG A 296 33.76 -1.10 -26.50
CA ARG A 296 33.19 0.13 -25.96
C ARG A 296 32.74 1.11 -27.04
N LEU A 297 32.86 0.74 -28.32
CA LEU A 297 32.60 1.68 -29.41
C LEU A 297 31.59 1.13 -30.41
N GLN A 298 30.93 0.03 -30.11
CA GLN A 298 29.95 -0.56 -31.02
C GLN A 298 28.64 -0.80 -30.29
N GLY A 299 27.71 -1.50 -30.94
CA GLY A 299 26.48 -1.89 -30.28
C GLY A 299 25.34 -0.90 -30.39
N ILE A 300 24.52 -0.83 -29.34
CA ILE A 300 23.29 -0.05 -29.37
C ILE A 300 23.25 0.87 -28.14
N LYS A 301 22.13 1.55 -27.94
CA LYS A 301 22.10 2.77 -27.13
C LYS A 301 22.55 2.54 -25.69
N LEU A 302 22.12 1.42 -25.07
CA LEU A 302 22.42 1.26 -23.64
C LEU A 302 23.92 1.21 -23.39
N LEU A 303 24.70 0.76 -24.37
CA LEU A 303 26.15 0.84 -24.23
C LEU A 303 26.61 2.28 -24.09
N ASP A 304 26.07 3.19 -24.91
CA ASP A 304 26.41 4.60 -24.78
C ASP A 304 25.94 5.18 -23.46
N ASN A 305 24.74 4.80 -23.03
CA ASN A 305 24.21 5.31 -21.76
C ASN A 305 25.01 4.79 -20.57
N ILE A 306 25.63 3.63 -20.71
CA ILE A 306 26.38 3.03 -19.61
C ILE A 306 27.82 3.51 -19.58
N GLN A 307 28.44 3.74 -20.74
CA GLN A 307 29.86 4.08 -20.76
C GLN A 307 30.18 5.36 -19.99
N GLU A 308 29.19 6.24 -19.79
CA GLU A 308 29.47 7.53 -19.16
C GLU A 308 29.87 7.38 -17.69
N TYR A 309 29.25 6.46 -16.97
CA TYR A 309 29.66 6.08 -15.62
C TYR A 309 29.96 4.59 -15.58
N GLN A 310 31.06 4.22 -14.94
CA GLN A 310 31.44 2.81 -14.92
C GLN A 310 30.50 2.00 -14.05
N LEU A 311 29.46 1.42 -14.67
CA LEU A 311 28.47 0.62 -13.95
C LEU A 311 28.78 -0.88 -14.02
N CYS A 312 28.80 -1.45 -15.22
CA CYS A 312 28.85 -2.89 -15.40
C CYS A 312 30.16 -3.31 -16.06
N ASP A 313 30.37 -4.62 -16.10
CA ASP A 313 31.54 -5.21 -16.74
C ASP A 313 31.17 -6.15 -17.89
N ASN A 314 30.22 -7.06 -17.66
CA ASN A 314 29.87 -8.07 -18.65
C ASN A 314 28.39 -8.01 -18.97
N PHE A 315 28.06 -8.37 -20.21
CA PHE A 315 26.68 -8.58 -20.65
C PHE A 315 26.54 -9.97 -21.25
N ASN A 316 25.38 -10.58 -21.01
CA ASN A 316 25.04 -11.85 -21.63
C ASN A 316 23.53 -11.87 -21.84
N HIS A 317 23.11 -11.45 -23.04
CA HIS A 317 21.70 -11.54 -23.43
C HIS A 317 21.48 -12.93 -24.02
N PHE A 318 20.87 -13.81 -23.25
CA PHE A 318 20.70 -15.20 -23.64
C PHE A 318 19.23 -15.50 -23.94
N SER A 319 19.03 -16.38 -24.92
CA SER A 319 17.70 -16.85 -25.30
C SER A 319 17.75 -18.37 -25.32
N LEU A 320 17.54 -18.97 -24.14
CA LEU A 320 17.59 -20.41 -24.01
C LEU A 320 16.23 -21.02 -24.32
N SER A 321 16.25 -22.21 -24.91
CA SER A 321 15.03 -22.90 -25.29
C SER A 321 15.18 -24.39 -25.01
N TYR A 322 14.14 -24.98 -24.41
CA TYR A 322 14.12 -26.40 -24.09
C TYR A 322 12.84 -27.01 -24.64
N LYS A 323 12.74 -28.33 -24.57
CA LYS A 323 11.61 -29.02 -25.19
C LYS A 323 10.29 -28.67 -24.52
N ASP A 324 10.30 -28.15 -23.30
CA ASP A 324 9.09 -27.76 -22.60
C ASP A 324 8.86 -26.25 -22.61
N SER A 325 9.85 -25.48 -22.19
CA SER A 325 9.74 -24.03 -22.14
C SER A 325 11.14 -23.42 -22.26
N GLY A 326 11.17 -22.13 -22.58
CA GLY A 326 12.40 -21.41 -22.78
C GLY A 326 12.62 -20.34 -21.72
N LEU A 327 13.72 -19.61 -21.89
CA LEU A 327 14.11 -18.57 -20.93
C LEU A 327 14.93 -17.53 -21.67
N TRP A 328 14.31 -16.39 -21.97
CA TRP A 328 14.98 -15.27 -22.62
C TRP A 328 15.33 -14.25 -21.55
N GLY A 329 16.63 -14.03 -21.33
CA GLY A 329 17.02 -13.26 -20.19
C GLY A 329 18.17 -12.29 -20.35
N PHE A 330 18.96 -12.14 -19.29
CA PHE A 330 19.99 -11.12 -19.20
C PHE A 330 20.86 -11.42 -17.99
N SER A 331 22.14 -11.08 -18.09
CA SER A 331 23.07 -11.31 -17.01
C SER A 331 24.14 -10.23 -17.03
N THR A 332 24.79 -10.03 -15.89
CA THR A 332 25.80 -8.98 -15.76
C THR A 332 26.63 -9.26 -14.51
N ALA A 333 27.62 -8.39 -14.28
CA ALA A 333 28.48 -8.46 -13.11
C ALA A 333 29.19 -7.14 -12.93
N THR A 334 29.07 -6.52 -11.75
CA THR A 334 29.54 -5.17 -11.54
C THR A 334 30.47 -5.12 -10.32
N ARG A 335 31.64 -4.52 -10.50
CA ARG A 335 32.46 -4.16 -9.35
C ARG A 335 31.77 -3.10 -8.50
N ASN A 336 31.20 -2.09 -9.16
CA ASN A 336 30.39 -1.10 -8.47
C ASN A 336 29.17 -1.76 -7.85
N VAL A 337 28.90 -1.42 -6.59
CA VAL A 337 27.77 -2.01 -5.88
C VAL A 337 26.62 -1.03 -5.71
N THR A 338 26.89 0.28 -5.62
CA THR A 338 25.84 1.27 -5.50
C THR A 338 25.10 1.48 -6.83
N MET A 339 25.67 1.05 -7.94
CA MET A 339 25.15 1.36 -9.27
C MET A 339 24.29 0.23 -9.84
N ILE A 340 23.94 -0.78 -9.03
CA ILE A 340 23.16 -1.90 -9.54
C ILE A 340 21.78 -1.44 -10.00
N ASP A 341 21.13 -0.58 -9.19
CA ASP A 341 19.79 -0.12 -9.53
C ASP A 341 19.77 0.63 -10.86
N ASP A 342 20.76 1.49 -11.09
CA ASP A 342 20.80 2.23 -12.35
C ASP A 342 20.99 1.29 -13.53
N LEU A 343 21.85 0.29 -13.40
CA LEU A 343 22.07 -0.67 -14.47
C LEU A 343 20.78 -1.41 -14.81
N ILE A 344 20.09 -1.92 -13.77
CA ILE A 344 18.85 -2.65 -14.00
C ILE A 344 17.81 -1.75 -14.65
N HIS A 345 17.70 -0.51 -14.16
CA HIS A 345 16.72 0.41 -14.71
C HIS A 345 17.00 0.72 -16.17
N PHE A 346 18.27 0.94 -16.53
CA PHE A 346 18.60 1.23 -17.91
C PHE A 346 18.33 0.04 -18.82
N THR A 347 18.69 -1.17 -18.37
CA THR A 347 18.42 -2.35 -19.18
C THR A 347 16.93 -2.55 -19.40
N LEU A 348 16.13 -2.38 -18.34
CA LEU A 348 14.69 -2.55 -18.47
C LEU A 348 14.09 -1.46 -19.36
N LYS A 349 14.59 -0.23 -19.27
CA LYS A 349 14.11 0.84 -20.13
C LYS A 349 14.42 0.54 -21.59
N GLN A 350 15.61 -0.02 -21.87
CA GLN A 350 15.94 -0.37 -23.24
C GLN A 350 15.06 -1.50 -23.75
N TRP A 351 14.79 -2.50 -22.91
CA TRP A 351 13.85 -3.55 -23.30
C TRP A 351 12.47 -2.97 -23.60
N ASN A 352 12.03 -2.01 -22.79
CA ASN A 352 10.76 -1.34 -23.04
C ASN A 352 10.78 -0.62 -24.38
N ARG A 353 11.87 0.08 -24.68
CA ARG A 353 11.97 0.78 -25.96
C ARG A 353 12.01 -0.18 -27.13
N LEU A 354 12.45 -1.42 -26.90
CA LEU A 354 12.56 -2.39 -27.99
C LEU A 354 11.20 -2.66 -28.64
N THR A 355 10.13 -2.68 -27.84
CA THR A 355 8.83 -3.12 -28.31
C THR A 355 7.98 -2.01 -28.94
N ILE A 356 8.47 -0.77 -28.97
CA ILE A 356 7.71 0.35 -29.51
C ILE A 356 8.38 0.98 -30.73
N SER A 357 9.71 1.19 -30.68
CA SER A 357 10.41 1.92 -31.73
C SER A 357 11.79 1.33 -31.92
N VAL A 358 11.97 0.56 -32.99
CA VAL A 358 13.27 0.07 -33.40
C VAL A 358 13.50 0.47 -34.85
N THR A 359 14.63 1.11 -35.12
CA THR A 359 14.94 1.54 -36.47
C THR A 359 15.33 0.33 -37.32
N ASP A 360 15.00 0.40 -38.61
CA ASP A 360 15.30 -0.70 -39.52
C ASP A 360 16.80 -0.99 -39.58
N THR A 361 17.64 0.03 -39.35
CA THR A 361 19.08 -0.19 -39.30
C THR A 361 19.45 -1.13 -38.16
N GLU A 362 18.81 -0.96 -37.00
CA GLU A 362 19.06 -1.85 -35.87
C GLU A 362 18.71 -3.29 -36.22
N VAL A 363 17.56 -3.49 -36.88
CA VAL A 363 17.13 -4.84 -37.26
C VAL A 363 18.11 -5.44 -38.26
N GLU A 364 18.55 -4.65 -39.24
CA GLU A 364 19.49 -5.15 -40.24
C GLU A 364 20.81 -5.55 -39.60
N ARG A 365 21.33 -4.71 -38.71
CA ARG A 365 22.58 -5.02 -38.03
C ARG A 365 22.44 -6.26 -37.17
N ALA A 366 21.32 -6.39 -36.45
CA ALA A 366 21.09 -7.57 -35.63
C ALA A 366 20.98 -8.82 -36.48
N LYS A 367 20.34 -8.71 -37.65
CA LYS A 367 20.23 -9.86 -38.54
C LYS A 367 21.60 -10.30 -39.04
N SER A 368 22.45 -9.35 -39.43
CA SER A 368 23.79 -9.71 -39.87
C SER A 368 24.60 -10.33 -38.74
N LEU A 369 24.52 -9.75 -37.54
CA LEU A 369 25.25 -10.28 -36.40
C LEU A 369 24.78 -11.69 -36.03
N LEU A 370 23.47 -11.92 -36.07
CA LEU A 370 22.96 -13.25 -35.78
C LEU A 370 23.35 -14.25 -36.86
N LYS A 371 23.36 -13.83 -38.12
CA LYS A 371 23.86 -14.70 -39.18
C LYS A 371 25.29 -15.13 -38.88
N LEU A 372 26.14 -14.17 -38.53
CA LEU A 372 27.53 -14.49 -38.19
C LEU A 372 27.60 -15.41 -36.99
N GLN A 373 26.81 -15.14 -35.95
CA GLN A 373 26.87 -15.92 -34.72
C GLN A 373 26.46 -17.37 -34.96
N LEU A 374 25.34 -17.57 -35.66
CA LEU A 374 24.92 -18.94 -35.98
C LEU A 374 25.90 -19.62 -36.91
N GLY A 375 26.53 -18.87 -37.83
CA GLY A 375 27.55 -19.46 -38.67
C GLY A 375 28.73 -19.98 -37.87
N GLN A 376 29.20 -19.19 -36.91
CA GLN A 376 30.27 -19.67 -36.03
C GLN A 376 29.82 -20.86 -35.20
N LEU A 377 28.59 -20.83 -34.70
CA LEU A 377 28.11 -21.90 -33.85
C LEU A 377 28.00 -23.22 -34.61
N TYR A 378 27.48 -23.19 -35.84
CA TYR A 378 27.24 -24.39 -36.62
C TYR A 378 28.34 -24.70 -37.61
N GLU A 379 29.42 -23.92 -37.63
CA GLU A 379 30.52 -24.14 -38.57
C GLU A 379 31.80 -24.57 -37.89
N SER A 380 31.84 -24.62 -36.56
CA SER A 380 33.04 -25.00 -35.84
C SER A 380 33.51 -26.39 -36.26
N GLY A 381 34.82 -26.55 -36.39
CA GLY A 381 35.40 -27.80 -36.84
C GLY A 381 35.36 -28.93 -35.84
N ASN A 382 34.85 -28.68 -34.63
CA ASN A 382 34.75 -29.74 -33.63
C ASN A 382 33.64 -30.70 -34.01
N PRO A 383 33.95 -31.99 -34.25
CA PRO A 383 32.87 -32.96 -34.50
C PRO A 383 31.94 -33.14 -33.32
N VAL A 384 32.44 -32.99 -32.10
CA VAL A 384 31.62 -33.24 -30.92
C VAL A 384 30.49 -32.20 -30.81
N ASN A 385 30.82 -30.93 -31.02
CA ASN A 385 29.80 -29.88 -30.93
C ASN A 385 28.75 -30.05 -32.03
N ASP A 386 29.18 -30.37 -33.25
CA ASP A 386 28.23 -30.59 -34.33
C ASP A 386 27.34 -31.79 -34.03
N ALA A 387 27.91 -32.85 -33.46
CA ALA A 387 27.10 -34.00 -33.07
C ALA A 387 26.08 -33.63 -32.01
N ASN A 388 26.50 -32.83 -31.02
CA ASN A 388 25.57 -32.39 -29.98
C ASN A 388 24.41 -31.59 -30.59
N LEU A 389 24.72 -30.63 -31.45
CA LEU A 389 23.66 -29.82 -32.07
C LEU A 389 22.75 -30.67 -32.93
N LEU A 390 23.33 -31.62 -33.69
CA LEU A 390 22.52 -32.48 -34.55
C LEU A 390 21.56 -33.33 -33.73
N GLY A 391 22.07 -33.97 -32.67
CA GLY A 391 21.19 -34.75 -31.81
C GLY A 391 20.13 -33.89 -31.16
N ALA A 392 20.51 -32.69 -30.71
CA ALA A 392 19.56 -31.80 -30.06
C ALA A 392 18.42 -31.42 -31.00
N GLU A 393 18.75 -31.10 -32.26
CA GLU A 393 17.72 -30.68 -33.19
C GLU A 393 16.98 -31.85 -33.85
N VAL A 394 17.51 -33.08 -33.75
CA VAL A 394 16.81 -34.23 -34.30
C VAL A 394 15.94 -34.94 -33.28
N LEU A 395 16.23 -34.79 -31.99
CA LEU A 395 15.44 -35.47 -30.97
C LEU A 395 14.06 -34.85 -30.78
N ILE A 396 13.82 -33.67 -31.36
CA ILE A 396 12.54 -32.98 -31.20
C ILE A 396 11.75 -32.95 -32.50
N LYS A 397 12.41 -32.62 -33.61
CA LYS A 397 11.71 -32.49 -34.89
C LYS A 397 11.73 -33.80 -35.67
N GLY A 398 12.92 -34.33 -35.96
CA GLY A 398 13.05 -35.53 -36.76
C GLY A 398 14.18 -35.42 -37.76
N SER A 399 14.49 -34.20 -38.19
CA SER A 399 15.62 -33.94 -39.07
C SER A 399 16.14 -32.55 -38.78
N LYS A 400 17.43 -32.35 -39.01
CA LYS A 400 18.06 -31.08 -38.68
C LYS A 400 17.64 -30.01 -39.69
N LEU A 401 17.45 -28.79 -39.20
CA LEU A 401 17.08 -27.66 -40.04
C LEU A 401 18.36 -27.05 -40.60
N SER A 402 18.57 -27.21 -41.91
CA SER A 402 19.84 -26.89 -42.52
C SER A 402 20.15 -25.40 -42.43
N LEU A 403 21.43 -25.07 -42.58
CA LEU A 403 21.89 -23.71 -42.36
C LEU A 403 21.39 -22.76 -43.43
N GLY A 404 21.26 -23.22 -44.68
CA GLY A 404 20.74 -22.36 -45.72
C GLY A 404 19.29 -21.96 -45.48
N GLU A 405 18.45 -22.93 -45.10
CA GLU A 405 17.07 -22.62 -44.75
C GLU A 405 17.01 -21.71 -43.54
N ALA A 406 17.90 -21.93 -42.57
CA ALA A 406 17.95 -21.06 -41.40
C ALA A 406 18.28 -19.63 -41.81
N PHE A 407 19.25 -19.44 -42.70
CA PHE A 407 19.59 -18.10 -43.17
C PHE A 407 18.43 -17.48 -43.92
N LYS A 408 17.74 -18.26 -44.75
CA LYS A 408 16.60 -17.74 -45.49
C LYS A 408 15.50 -17.25 -44.56
N LYS A 409 15.15 -18.06 -43.57
CA LYS A 409 14.10 -17.65 -42.64
C LYS A 409 14.55 -16.56 -41.68
N ILE A 410 15.87 -16.44 -41.44
CA ILE A 410 16.38 -15.28 -40.72
C ILE A 410 16.17 -14.02 -41.54
N ASP A 411 16.49 -14.09 -42.83
CA ASP A 411 16.24 -12.96 -43.72
C ASP A 411 14.76 -12.66 -43.86
N ALA A 412 13.89 -13.65 -43.63
CA ALA A 412 12.46 -13.41 -43.69
C ALA A 412 11.97 -12.47 -42.59
N ILE A 413 12.67 -12.43 -41.45
CA ILE A 413 12.23 -11.61 -40.34
C ILE A 413 12.27 -10.13 -40.71
N THR A 414 11.35 -9.36 -40.14
CA THR A 414 11.25 -7.93 -40.38
C THR A 414 10.96 -7.23 -39.06
N VAL A 415 10.77 -5.91 -39.12
CA VAL A 415 10.51 -5.15 -37.91
C VAL A 415 9.15 -5.50 -37.32
N LYS A 416 8.17 -5.79 -38.17
CA LYS A 416 6.83 -6.09 -37.67
C LYS A 416 6.84 -7.35 -36.81
N ASP A 417 7.53 -8.40 -37.27
CA ASP A 417 7.54 -9.66 -36.54
C ASP A 417 8.20 -9.51 -35.17
N VAL A 418 9.35 -8.84 -35.12
CA VAL A 418 10.06 -8.69 -33.85
C VAL A 418 9.28 -7.78 -32.91
N LYS A 419 8.65 -6.73 -33.44
CA LYS A 419 7.81 -5.88 -32.61
C LYS A 419 6.63 -6.65 -32.03
N ALA A 420 6.00 -7.49 -32.85
CA ALA A 420 4.87 -8.30 -32.37
C ALA A 420 5.31 -9.26 -31.29
N TRP A 421 6.45 -9.95 -31.50
CA TRP A 421 6.93 -10.88 -30.49
C TRP A 421 7.29 -10.17 -29.19
N ALA A 422 7.92 -9.00 -29.29
CA ALA A 422 8.28 -8.25 -28.10
C ALA A 422 7.03 -7.79 -27.34
N GLY A 423 6.02 -7.30 -28.05
CA GLY A 423 4.79 -6.94 -27.40
C GLY A 423 4.09 -8.12 -26.75
N LYS A 424 4.17 -9.30 -27.37
CA LYS A 424 3.49 -10.47 -26.83
C LYS A 424 4.20 -11.01 -25.59
N ARG A 425 5.53 -11.09 -25.61
CA ARG A 425 6.27 -11.81 -24.58
C ARG A 425 7.10 -10.92 -23.66
N LEU A 426 7.03 -9.61 -23.81
CA LEU A 426 7.85 -8.77 -22.93
C LEU A 426 7.05 -7.68 -22.22
N TRP A 427 6.03 -7.12 -22.87
CA TRP A 427 5.29 -6.00 -22.29
C TRP A 427 4.49 -6.48 -21.09
N ASP A 428 4.91 -6.08 -19.90
CA ASP A 428 4.23 -6.37 -18.65
C ASP A 428 4.06 -7.88 -18.45
N GLN A 429 5.20 -8.56 -18.33
CA GLN A 429 5.21 -10.01 -18.15
C GLN A 429 5.97 -10.36 -16.87
N ASP A 430 5.65 -11.51 -16.31
CA ASP A 430 6.26 -11.94 -15.06
C ASP A 430 7.73 -12.29 -15.27
N ILE A 431 8.58 -11.82 -14.35
CA ILE A 431 10.01 -11.98 -14.48
C ILE A 431 10.56 -12.68 -13.26
N ALA A 432 11.72 -13.32 -13.44
CA ALA A 432 12.43 -13.99 -12.36
C ALA A 432 13.81 -13.36 -12.19
N ILE A 433 14.26 -13.29 -10.94
CA ILE A 433 15.50 -12.59 -10.61
C ILE A 433 16.35 -13.50 -9.73
N ALA A 434 17.67 -13.33 -9.81
CA ALA A 434 18.60 -14.04 -8.95
C ALA A 434 19.82 -13.16 -8.73
N GLY A 435 20.58 -13.46 -7.68
CA GLY A 435 21.75 -12.68 -7.37
C GLY A 435 22.56 -13.31 -6.26
N THR A 436 23.81 -12.86 -6.16
CA THR A 436 24.70 -13.27 -5.08
C THR A 436 25.81 -12.24 -4.96
N GLY A 437 26.47 -12.25 -3.81
CA GLY A 437 27.53 -11.29 -3.54
C GLY A 437 27.01 -10.12 -2.74
N GLN A 438 27.38 -8.91 -3.15
CA GLN A 438 26.98 -7.68 -2.47
C GLN A 438 25.71 -7.17 -3.14
N ILE A 439 24.57 -7.65 -2.65
CA ILE A 439 23.27 -7.34 -3.24
C ILE A 439 22.47 -6.48 -2.27
N GLU A 440 23.17 -5.68 -1.47
CA GLU A 440 22.49 -4.80 -0.52
C GLU A 440 21.72 -3.69 -1.22
N GLY A 441 22.13 -3.34 -2.45
CA GLY A 441 21.54 -2.19 -3.12
C GLY A 441 20.55 -2.53 -4.21
N LEU A 442 20.04 -3.75 -4.22
CA LEU A 442 19.09 -4.21 -5.24
C LEU A 442 17.68 -4.13 -4.71
N LEU A 443 16.83 -3.37 -5.41
CA LEU A 443 15.41 -3.31 -5.07
C LEU A 443 14.78 -4.66 -5.32
N ASP A 444 13.86 -5.08 -4.45
CA ASP A 444 13.57 -6.51 -4.36
C ASP A 444 12.74 -7.04 -5.52
N TYR A 445 11.46 -6.70 -5.60
CA TYR A 445 10.68 -7.20 -6.73
C TYR A 445 9.71 -6.21 -7.35
N MET A 446 9.14 -5.27 -6.60
CA MET A 446 8.11 -4.42 -7.18
C MET A 446 8.71 -3.28 -7.98
N ARG A 447 9.82 -2.73 -7.53
CA ARG A 447 10.46 -1.64 -8.27
C ARG A 447 10.97 -2.11 -9.63
N ILE A 448 11.53 -3.33 -9.68
CA ILE A 448 12.01 -3.87 -10.94
C ILE A 448 10.85 -4.22 -11.87
N ARG A 449 9.82 -4.87 -11.34
CA ARG A 449 8.69 -5.27 -12.18
C ARG A 449 7.93 -4.07 -12.70
N SER A 450 7.78 -3.03 -11.88
CA SER A 450 6.99 -1.86 -12.27
C SER A 450 7.61 -1.11 -13.45
N ASP A 451 8.91 -1.26 -13.67
CA ASP A 451 9.61 -0.47 -14.69
C ASP A 451 9.38 -0.98 -16.11
N MET A 452 8.41 -1.86 -16.32
CA MET A 452 8.08 -2.34 -17.66
C MET A 452 6.82 -1.73 -18.24
N SER A 453 5.94 -1.16 -17.39
CA SER A 453 4.72 -0.54 -17.89
C SER A 453 4.41 0.82 -17.26
N MET A 454 5.06 1.22 -16.17
CA MET A 454 4.74 2.49 -15.54
C MET A 454 5.23 3.67 -16.37
N MET A 455 6.27 3.47 -17.18
CA MET A 455 6.80 4.55 -18.00
C MET A 455 5.79 4.96 -19.07
N ARG A 456 5.83 6.24 -19.43
CA ARG A 456 4.95 6.75 -20.47
C ARG A 456 5.23 6.05 -21.78
N TRP A 457 4.17 5.64 -22.47
CA TRP A 457 4.29 4.83 -23.68
C TRP A 457 3.71 5.56 -24.89
N LEU B 17 56.13 -12.01 -49.15
CA LEU B 17 54.67 -12.14 -49.16
C LEU B 17 54.26 -13.56 -49.52
N THR B 18 53.32 -14.12 -48.74
CA THR B 18 52.82 -15.46 -48.96
C THR B 18 51.31 -15.45 -48.77
N VAL B 19 50.57 -15.78 -49.83
CA VAL B 19 49.12 -15.80 -49.81
C VAL B 19 48.65 -17.22 -50.09
N SER B 20 47.80 -17.75 -49.21
CA SER B 20 47.27 -19.09 -49.37
C SER B 20 45.88 -19.15 -48.76
N ALA B 21 45.10 -20.14 -49.19
CA ALA B 21 43.74 -20.32 -48.72
C ALA B 21 43.26 -21.71 -49.08
N ARG B 22 42.11 -22.09 -48.52
CA ARG B 22 41.49 -23.36 -48.82
C ARG B 22 40.00 -23.15 -49.05
N ASP B 23 39.45 -23.91 -49.99
CA ASP B 23 38.07 -23.77 -50.42
C ASP B 23 37.15 -24.65 -49.59
N ALA B 24 35.94 -24.16 -49.31
CA ALA B 24 34.95 -24.92 -48.57
C ALA B 24 33.57 -24.41 -48.94
N PRO B 25 32.58 -25.29 -49.11
CA PRO B 25 31.24 -24.82 -49.49
C PRO B 25 30.47 -24.13 -48.36
N THR B 26 30.98 -24.17 -47.13
CA THR B 26 30.28 -23.53 -46.02
C THR B 26 30.24 -22.01 -46.21
N LYS B 27 29.25 -21.38 -45.60
CA LYS B 27 28.94 -19.97 -45.85
C LYS B 27 29.43 -19.05 -44.74
N ILE B 28 30.57 -19.37 -44.12
CA ILE B 28 31.23 -18.48 -43.18
C ILE B 28 32.71 -18.47 -43.53
N SER B 29 33.24 -17.28 -43.80
CA SER B 29 34.59 -17.13 -44.29
C SER B 29 35.52 -16.61 -43.19
N THR B 30 36.78 -17.02 -43.27
CA THR B 30 37.81 -16.61 -42.32
C THR B 30 39.00 -16.03 -43.07
N LEU B 31 39.40 -14.82 -42.70
CA LEU B 31 40.57 -14.17 -43.25
C LEU B 31 41.53 -13.84 -42.12
N ALA B 32 42.78 -14.30 -42.25
CA ALA B 32 43.79 -14.08 -41.22
C ALA B 32 45.08 -13.63 -41.88
N VAL B 33 45.72 -12.62 -41.28
CA VAL B 33 47.02 -12.13 -41.73
C VAL B 33 48.00 -12.28 -40.58
N LYS B 34 49.18 -12.82 -40.87
CA LYS B 34 50.19 -13.09 -39.88
C LYS B 34 51.42 -12.22 -40.13
N VAL B 35 51.93 -11.59 -39.08
CA VAL B 35 53.21 -10.89 -39.11
C VAL B 35 54.17 -11.65 -38.21
N HIS B 36 55.30 -12.07 -38.78
CA HIS B 36 56.23 -12.90 -38.03
C HIS B 36 57.15 -12.06 -37.18
N GLY B 37 56.57 -11.16 -36.38
CA GLY B 37 57.33 -10.39 -35.42
C GLY B 37 56.55 -10.21 -34.14
N GLY B 38 57.12 -10.66 -33.02
CA GLY B 38 56.40 -10.65 -31.77
C GLY B 38 57.23 -10.31 -30.55
N SER B 39 56.76 -10.71 -29.36
CA SER B 39 57.47 -10.43 -28.13
C SER B 39 58.87 -11.04 -28.13
N ARG B 40 59.10 -12.10 -28.90
CA ARG B 40 60.45 -12.64 -29.02
C ARG B 40 61.39 -11.63 -29.66
N TYR B 41 60.92 -10.92 -30.67
CA TYR B 41 61.72 -9.92 -31.37
C TYR B 41 61.54 -8.53 -30.79
N ALA B 42 60.78 -8.38 -29.71
CA ALA B 42 60.57 -7.07 -29.10
C ALA B 42 61.87 -6.51 -28.56
N THR B 43 62.16 -5.26 -28.91
CA THR B 43 63.38 -4.62 -28.43
C THR B 43 63.33 -4.34 -26.94
N LYS B 44 62.18 -3.89 -26.45
CA LYS B 44 61.97 -3.61 -25.03
C LYS B 44 61.05 -4.67 -24.43
N ASP B 45 60.64 -4.44 -23.19
CA ASP B 45 59.90 -5.47 -22.44
C ASP B 45 58.53 -5.73 -23.06
N GLY B 46 57.68 -4.71 -23.10
CA GLY B 46 56.32 -4.89 -23.58
C GLY B 46 55.94 -4.03 -24.76
N VAL B 47 56.89 -3.75 -25.64
CA VAL B 47 56.59 -2.95 -26.82
C VAL B 47 55.67 -3.71 -27.76
N ALA B 48 55.87 -5.03 -27.89
CA ALA B 48 55.01 -5.83 -28.76
C ALA B 48 53.59 -5.89 -28.24
N HIS B 49 53.43 -6.08 -26.93
CA HIS B 49 52.09 -6.16 -26.36
C HIS B 49 51.34 -4.84 -26.52
N LEU B 50 52.02 -3.72 -26.28
CA LEU B 50 51.38 -2.42 -26.47
C LEU B 50 51.08 -2.15 -27.93
N LEU B 51 51.98 -2.58 -28.83
CA LEU B 51 51.71 -2.44 -30.27
C LEU B 51 50.46 -3.19 -30.66
N ASN B 52 50.32 -4.45 -30.22
CA ASN B 52 49.12 -5.21 -30.54
C ASN B 52 47.89 -4.58 -29.93
N ARG B 53 47.97 -4.14 -28.68
CA ARG B 53 46.84 -3.47 -28.06
C ARG B 53 46.53 -2.16 -28.77
N PHE B 54 47.53 -1.55 -29.38
CA PHE B 54 47.38 -0.34 -30.17
C PHE B 54 47.13 -0.61 -31.65
N ASN B 55 47.10 -1.88 -32.06
CA ASN B 55 47.08 -2.25 -33.46
C ASN B 55 45.84 -1.77 -34.21
N PHE B 56 44.68 -2.30 -33.84
CA PHE B 56 43.48 -2.12 -34.65
C PHE B 56 42.61 -0.99 -34.08
N GLN B 57 43.07 0.23 -34.35
CA GLN B 57 42.26 1.41 -34.05
C GLN B 57 42.88 2.62 -34.74
N ASN B 58 42.01 3.54 -35.18
CA ASN B 58 42.41 4.85 -35.68
C ASN B 58 43.38 4.75 -36.86
N THR B 59 42.88 4.18 -37.95
CA THR B 59 43.60 4.26 -39.23
C THR B 59 43.63 5.72 -39.69
N ASN B 60 44.67 6.06 -40.45
CA ASN B 60 44.86 7.45 -40.87
C ASN B 60 43.68 7.98 -41.67
N THR B 61 42.93 7.10 -42.33
CA THR B 61 41.70 7.47 -43.00
C THR B 61 40.47 6.80 -42.40
N ARG B 62 40.58 5.53 -42.03
CA ARG B 62 39.48 4.78 -41.44
C ARG B 62 39.45 5.09 -39.94
N SER B 63 38.38 5.71 -39.48
CA SER B 63 38.29 6.05 -38.07
C SER B 63 38.10 4.79 -37.23
N ALA B 64 38.24 4.96 -35.90
CA ALA B 64 38.15 3.81 -35.00
C ALA B 64 36.76 3.21 -34.99
N LEU B 65 35.73 4.02 -35.11
CA LEU B 65 34.36 3.51 -35.04
C LEU B 65 33.51 3.91 -36.23
N LYS B 66 33.72 5.09 -36.81
CA LYS B 66 32.85 5.55 -37.88
C LYS B 66 32.94 4.67 -39.12
N LEU B 67 34.02 3.89 -39.26
CA LEU B 67 34.16 2.96 -40.37
C LEU B 67 34.60 1.57 -39.90
N VAL B 68 34.30 1.21 -38.66
CA VAL B 68 34.54 -0.13 -38.17
C VAL B 68 33.25 -0.67 -37.56
N ARG B 69 32.37 0.25 -37.13
CA ARG B 69 31.04 -0.16 -36.71
C ARG B 69 30.25 -0.74 -37.88
N GLU B 70 30.42 -0.18 -39.08
CA GLU B 70 29.76 -0.73 -40.26
C GLU B 70 30.24 -2.14 -40.56
N SER B 71 31.47 -2.48 -40.16
CA SER B 71 31.94 -3.86 -40.34
C SER B 71 31.09 -4.84 -39.54
N GLU B 72 30.75 -4.49 -38.31
CA GLU B 72 29.76 -5.27 -37.56
C GLU B 72 28.40 -5.20 -38.24
N LEU B 73 28.03 -4.01 -38.73
CA LEU B 73 26.78 -3.87 -39.48
C LEU B 73 26.82 -4.69 -40.76
N LEU B 74 28.00 -4.90 -41.34
CA LEU B 74 28.10 -5.66 -42.58
C LEU B 74 27.96 -7.16 -42.34
N GLY B 75 28.34 -7.65 -41.16
CA GLY B 75 28.20 -9.06 -40.85
C GLY B 75 29.50 -9.77 -40.58
N GLY B 76 30.49 -9.06 -40.02
CA GLY B 76 31.76 -9.67 -39.70
C GLY B 76 32.43 -8.93 -38.57
N THR B 77 33.49 -9.56 -38.03
CA THR B 77 34.21 -9.02 -36.90
C THR B 77 35.70 -9.15 -37.12
N PHE B 78 36.46 -8.37 -36.35
CA PHE B 78 37.91 -8.33 -36.43
C PHE B 78 38.52 -8.73 -35.10
N LYS B 79 39.71 -9.32 -35.16
CA LYS B 79 40.40 -9.76 -33.96
C LYS B 79 41.91 -9.62 -34.17
N SER B 80 42.63 -9.45 -33.07
CA SER B 80 44.09 -9.33 -33.11
C SER B 80 44.64 -9.99 -31.85
N THR B 81 45.30 -11.13 -32.01
CA THR B 81 45.86 -11.89 -30.89
C THR B 81 47.37 -11.74 -30.87
N LEU B 82 47.97 -12.17 -29.76
CA LEU B 82 49.41 -12.10 -29.57
C LEU B 82 49.92 -13.43 -29.04
N ASP B 83 51.17 -13.74 -29.39
CA ASP B 83 51.82 -14.97 -28.94
C ASP B 83 53.29 -14.64 -28.71
N ARG B 84 54.10 -15.67 -28.49
CA ARG B 84 55.53 -15.46 -28.29
C ARG B 84 56.19 -14.91 -29.55
N GLU B 85 55.74 -15.36 -30.72
CA GLU B 85 56.34 -14.93 -31.97
C GLU B 85 55.28 -14.67 -33.05
N TYR B 86 54.08 -14.25 -32.66
CA TYR B 86 53.01 -14.02 -33.63
C TYR B 86 52.00 -13.03 -33.07
N ILE B 87 51.77 -11.94 -33.78
CA ILE B 87 50.57 -11.13 -33.63
C ILE B 87 49.73 -11.35 -34.87
N THR B 88 48.76 -12.25 -34.78
CA THR B 88 47.87 -12.55 -35.88
C THR B 88 46.66 -11.65 -35.83
N LEU B 89 46.28 -11.11 -36.99
CA LEU B 89 45.05 -10.35 -37.16
C LEU B 89 44.07 -11.22 -37.93
N LYS B 90 42.98 -11.60 -37.29
CA LYS B 90 42.02 -12.53 -37.85
C LYS B 90 40.69 -11.83 -38.09
N ALA B 91 40.09 -12.09 -39.26
CA ALA B 91 38.80 -11.53 -39.63
C ALA B 91 37.88 -12.65 -40.06
N THR B 92 36.68 -12.68 -39.49
CA THR B 92 35.65 -13.66 -39.84
C THR B 92 34.44 -12.91 -40.35
N PHE B 93 33.94 -13.31 -41.52
CA PHE B 93 32.87 -12.59 -42.18
C PHE B 93 32.08 -13.53 -43.08
N LEU B 94 31.00 -13.01 -43.64
CA LEU B 94 30.18 -13.78 -44.56
C LEU B 94 30.92 -13.99 -45.88
N LYS B 95 30.47 -15.00 -46.62
CA LYS B 95 31.27 -15.53 -47.73
C LYS B 95 31.50 -14.48 -48.81
N ASP B 96 30.51 -13.66 -49.11
CA ASP B 96 30.53 -12.79 -50.28
C ASP B 96 30.96 -11.37 -49.97
N ASP B 97 31.90 -11.16 -49.03
CA ASP B 97 32.31 -9.81 -48.66
C ASP B 97 33.81 -9.69 -48.47
N LEU B 98 34.59 -10.53 -49.16
CA LEU B 98 36.04 -10.52 -48.96
C LEU B 98 36.72 -9.20 -49.32
N PRO B 99 36.45 -8.57 -50.48
CA PRO B 99 37.26 -7.40 -50.87
C PRO B 99 37.24 -6.25 -49.88
N TYR B 100 36.08 -5.93 -49.30
CA TYR B 100 36.05 -4.82 -48.34
C TYR B 100 36.89 -5.13 -47.12
N TYR B 101 36.81 -6.37 -46.62
CA TYR B 101 37.59 -6.75 -45.45
C TYR B 101 39.09 -6.72 -45.75
N VAL B 102 39.49 -7.20 -46.93
CA VAL B 102 40.92 -7.17 -47.24
C VAL B 102 41.40 -5.73 -47.41
N ASN B 103 40.56 -4.86 -47.98
CA ASN B 103 40.92 -3.45 -48.11
C ASN B 103 41.10 -2.80 -46.75
N ALA B 104 40.15 -3.01 -45.84
CA ALA B 104 40.26 -2.41 -44.52
C ALA B 104 41.45 -2.97 -43.75
N LEU B 105 41.68 -4.29 -43.85
CA LEU B 105 42.79 -4.90 -43.14
C LEU B 105 44.13 -4.39 -43.66
N ALA B 106 44.27 -4.22 -44.98
CA ALA B 106 45.48 -3.63 -45.51
C ALA B 106 45.62 -2.17 -45.09
N ASP B 107 44.50 -1.45 -44.98
CA ASP B 107 44.55 -0.06 -44.54
C ASP B 107 45.05 0.06 -43.11
N VAL B 108 44.61 -0.84 -42.23
CA VAL B 108 44.99 -0.73 -40.82
C VAL B 108 46.49 -0.94 -40.64
N LEU B 109 47.06 -1.93 -41.33
CA LEU B 109 48.48 -2.25 -41.18
C LEU B 109 49.31 -1.37 -42.13
N TYR B 110 49.25 -0.07 -41.87
CA TYR B 110 49.96 0.92 -42.68
C TYR B 110 50.56 2.01 -41.82
N LYS B 111 51.11 1.64 -40.65
CA LYS B 111 51.74 2.58 -39.70
C LYS B 111 50.95 3.88 -39.59
N THR B 112 49.64 3.73 -39.51
CA THR B 112 48.71 4.78 -39.88
C THR B 112 48.80 6.06 -39.03
N ALA B 113 48.43 5.99 -37.75
CA ALA B 113 48.33 7.20 -36.95
C ALA B 113 49.32 7.22 -35.79
N PHE B 114 49.27 6.24 -34.90
CA PHE B 114 50.11 6.22 -33.69
C PHE B 114 50.07 7.56 -32.96
N LYS B 115 48.86 8.01 -32.66
CA LYS B 115 48.68 9.29 -32.00
C LYS B 115 49.20 9.22 -30.57
N PRO B 116 50.04 10.17 -30.15
CA PRO B 116 50.49 10.18 -28.74
C PRO B 116 49.36 10.39 -27.75
N HIS B 117 48.23 10.96 -28.18
CA HIS B 117 47.14 11.31 -27.29
C HIS B 117 46.09 10.21 -27.18
N GLU B 118 46.33 9.04 -27.79
CA GLU B 118 45.46 7.89 -27.62
C GLU B 118 46.11 6.75 -26.86
N LEU B 119 47.41 6.83 -26.59
CA LEU B 119 48.11 5.76 -25.88
C LEU B 119 47.81 5.80 -24.37
N THR B 120 47.65 6.99 -23.81
CA THR B 120 47.56 7.16 -22.37
C THR B 120 46.15 6.95 -21.81
N GLU B 121 45.17 6.69 -22.67
CA GLU B 121 43.80 6.50 -22.19
C GLU B 121 43.07 5.32 -22.80
N SER B 122 43.62 4.64 -23.80
CA SER B 122 42.92 3.56 -24.46
C SER B 122 43.62 2.22 -24.32
N VAL B 123 44.93 2.15 -24.59
CA VAL B 123 45.62 0.88 -24.65
C VAL B 123 46.43 0.65 -23.38
N LEU B 124 46.85 1.73 -22.73
CA LEU B 124 47.52 1.57 -21.43
C LEU B 124 46.61 0.96 -20.37
N PRO B 125 45.36 1.42 -20.19
CA PRO B 125 44.48 0.71 -19.24
C PRO B 125 44.21 -0.74 -19.64
N ALA B 126 44.12 -1.02 -20.94
CA ALA B 126 43.89 -2.39 -21.38
C ALA B 126 45.08 -3.28 -21.04
N ALA B 127 46.30 -2.80 -21.28
CA ALA B 127 47.48 -3.56 -20.89
C ALA B 127 47.56 -3.72 -19.38
N ARG B 128 47.17 -2.68 -18.64
CA ARG B 128 47.16 -2.77 -17.18
C ARG B 128 46.21 -3.87 -16.71
N TYR B 129 45.00 -3.90 -17.28
CA TYR B 129 44.03 -4.92 -16.89
C TYR B 129 44.52 -6.31 -17.29
N ASP B 130 45.12 -6.43 -18.48
CA ASP B 130 45.65 -7.73 -18.90
C ASP B 130 46.74 -8.22 -17.96
N TYR B 131 47.64 -7.33 -17.55
CA TYR B 131 48.69 -7.72 -16.61
C TYR B 131 48.09 -8.08 -15.25
N ALA B 132 47.07 -7.35 -14.81
CA ALA B 132 46.43 -7.66 -13.54
C ALA B 132 45.79 -9.05 -13.59
N VAL B 133 45.13 -9.38 -14.70
CA VAL B 133 44.53 -10.70 -14.85
C VAL B 133 45.61 -11.78 -14.88
N ALA B 134 46.69 -11.56 -15.63
CA ALA B 134 47.73 -12.57 -15.74
C ALA B 134 48.53 -12.74 -14.46
N GLU B 135 48.55 -11.74 -13.58
CA GLU B 135 49.34 -11.84 -12.37
C GLU B 135 48.70 -12.77 -11.35
N GLN B 136 47.37 -12.76 -11.26
CA GLN B 136 46.69 -13.55 -10.24
C GLN B 136 46.80 -15.05 -10.46
N CYS B 137 47.08 -15.49 -11.69
CA CYS B 137 47.19 -16.91 -11.98
C CYS B 137 48.61 -17.38 -11.69
N PRO B 138 48.82 -18.27 -10.72
CA PRO B 138 50.18 -18.77 -10.47
C PRO B 138 50.79 -19.50 -11.64
N VAL B 139 49.99 -20.19 -12.45
CA VAL B 139 50.54 -20.95 -13.57
C VAL B 139 51.11 -20.03 -14.64
N LYS B 140 50.44 -18.91 -14.90
CA LYS B 140 50.95 -17.97 -15.90
C LYS B 140 52.27 -17.36 -15.45
N SER B 141 52.37 -16.98 -14.18
CA SER B 141 53.62 -16.44 -13.66
C SER B 141 54.71 -17.51 -13.70
N ALA B 142 54.35 -18.76 -13.40
CA ALA B 142 55.32 -19.84 -13.48
C ALA B 142 55.83 -20.02 -14.91
N GLU B 143 54.93 -19.94 -15.90
CA GLU B 143 55.34 -20.03 -17.29
C GLU B 143 56.28 -18.88 -17.66
N ASP B 144 55.94 -17.66 -17.24
CA ASP B 144 56.79 -16.52 -17.56
C ASP B 144 58.18 -16.67 -16.96
N GLN B 145 58.24 -17.04 -15.67
CA GLN B 145 59.54 -17.22 -15.02
C GLN B 145 60.32 -18.37 -15.66
N LEU B 146 59.63 -19.45 -16.03
CA LEU B 146 60.30 -20.58 -16.65
C LEU B 146 60.89 -20.20 -18.01
N TYR B 147 60.15 -19.46 -18.81
CA TYR B 147 60.68 -18.97 -20.07
C TYR B 147 61.88 -18.05 -19.84
N ALA B 148 61.76 -17.12 -18.90
CA ALA B 148 62.82 -16.16 -18.66
C ALA B 148 64.07 -16.81 -18.08
N ILE B 149 63.93 -17.96 -17.43
CA ILE B 149 65.10 -18.60 -16.84
C ILE B 149 65.72 -19.64 -17.77
N THR B 150 64.90 -20.30 -18.61
CA THR B 150 65.46 -21.24 -19.59
C THR B 150 66.11 -20.49 -20.75
N PHE B 151 65.47 -19.41 -21.20
CA PHE B 151 65.99 -18.56 -22.26
C PHE B 151 66.27 -17.19 -21.70
N ARG B 152 67.43 -16.63 -22.05
CA ARG B 152 67.80 -15.29 -21.60
C ARG B 152 67.06 -14.27 -22.46
N LYS B 153 67.52 -13.02 -22.46
CA LYS B 153 66.74 -11.97 -23.12
C LYS B 153 66.86 -12.10 -24.64
N GLY B 154 66.49 -13.27 -25.15
CA GLY B 154 66.28 -13.52 -26.55
C GLY B 154 64.84 -13.90 -26.81
N LEU B 155 64.60 -15.21 -26.98
CA LEU B 155 63.24 -15.71 -27.09
C LEU B 155 62.45 -15.47 -25.81
N GLY B 156 63.08 -15.67 -24.66
CA GLY B 156 62.41 -15.49 -23.39
C GLY B 156 62.36 -14.05 -22.94
N ASN B 157 61.18 -13.44 -23.05
CA ASN B 157 60.99 -12.04 -22.70
C ASN B 157 59.66 -11.91 -21.99
N PRO B 158 59.48 -10.86 -21.19
CA PRO B 158 58.16 -10.63 -20.57
C PRO B 158 57.09 -10.40 -21.63
N LEU B 159 56.12 -11.32 -21.67
CA LEU B 159 55.11 -11.28 -22.72
C LEU B 159 54.18 -10.07 -22.56
N LEU B 160 53.95 -9.62 -21.33
CA LEU B 160 53.03 -8.53 -21.06
C LEU B 160 53.78 -7.34 -20.50
N TYR B 161 53.36 -6.14 -20.88
CA TYR B 161 53.99 -4.91 -20.42
C TYR B 161 53.55 -4.61 -19.00
N ASP B 162 54.51 -4.58 -18.07
CA ASP B 162 54.20 -4.36 -16.66
C ASP B 162 54.74 -3.03 -16.12
N GLY B 163 55.61 -2.35 -16.86
CA GLY B 163 56.15 -1.08 -16.43
C GLY B 163 57.55 -1.14 -15.83
N VAL B 164 58.20 -2.29 -15.86
CA VAL B 164 59.56 -2.39 -15.32
C VAL B 164 60.51 -1.51 -16.12
N GLU B 165 60.41 -1.54 -17.44
CA GLU B 165 61.24 -0.74 -18.33
C GLU B 165 60.37 0.27 -19.06
N ARG B 166 60.83 1.51 -19.10
CA ARG B 166 60.04 2.58 -19.74
C ARG B 166 60.06 2.42 -21.25
N VAL B 167 58.88 2.54 -21.87
CA VAL B 167 58.72 2.46 -23.31
C VAL B 167 58.06 3.74 -23.79
N SER B 168 58.58 4.30 -24.88
CA SER B 168 58.10 5.55 -25.44
C SER B 168 57.26 5.29 -26.69
N LEU B 169 56.47 6.30 -27.06
CA LEU B 169 55.66 6.19 -28.27
C LEU B 169 56.54 6.06 -29.51
N GLN B 170 57.64 6.84 -29.57
CA GLN B 170 58.54 6.76 -30.70
C GLN B 170 59.13 5.35 -30.85
N ASP B 171 59.38 4.67 -29.73
CA ASP B 171 59.83 3.28 -29.80
C ASP B 171 58.76 2.38 -30.41
N ILE B 172 57.50 2.61 -30.04
CA ILE B 172 56.40 1.83 -30.62
C ILE B 172 56.33 2.05 -32.13
N LYS B 173 56.45 3.31 -32.55
CA LYS B 173 56.43 3.61 -33.98
C LYS B 173 57.60 2.97 -34.70
N ASP B 174 58.78 2.99 -34.09
CA ASP B 174 59.94 2.36 -34.71
C ASP B 174 59.75 0.85 -34.83
N PHE B 175 59.21 0.22 -33.78
CA PHE B 175 58.96 -1.22 -33.84
C PHE B 175 57.94 -1.56 -34.92
N ALA B 176 56.89 -0.77 -35.03
CA ALA B 176 55.89 -1.00 -36.07
C ALA B 176 56.48 -0.81 -37.46
N ASP B 177 57.34 0.19 -37.62
CA ASP B 177 58.04 0.37 -38.89
C ASP B 177 58.93 -0.81 -39.20
N LYS B 178 59.51 -1.43 -38.16
CA LYS B 178 60.40 -2.57 -38.37
C LYS B 178 59.63 -3.82 -38.74
N VAL B 179 58.49 -4.08 -38.10
CA VAL B 179 57.80 -5.36 -38.27
C VAL B 179 56.83 -5.33 -39.45
N TYR B 180 56.11 -4.22 -39.65
CA TYR B 180 55.07 -4.16 -40.68
C TYR B 180 55.71 -3.89 -42.05
N THR B 181 56.36 -4.91 -42.57
CA THR B 181 56.97 -4.87 -43.89
C THR B 181 56.40 -6.00 -44.76
N LYS B 182 56.81 -6.01 -46.02
CA LYS B 182 56.23 -6.95 -46.98
C LYS B 182 56.72 -8.37 -46.76
N GLU B 183 58.03 -8.55 -46.53
CA GLU B 183 58.58 -9.89 -46.43
C GLU B 183 58.26 -10.54 -45.08
N ASN B 184 58.10 -9.75 -44.03
CA ASN B 184 57.78 -10.29 -42.70
C ASN B 184 56.28 -10.27 -42.47
N LEU B 185 55.55 -10.96 -43.35
CA LEU B 185 54.09 -10.95 -43.31
C LEU B 185 53.56 -12.07 -44.19
N GLU B 186 52.53 -12.77 -43.70
CA GLU B 186 51.82 -13.78 -44.46
C GLU B 186 50.32 -13.55 -44.35
N VAL B 187 49.61 -13.84 -45.44
CA VAL B 187 48.15 -13.72 -45.50
C VAL B 187 47.58 -15.10 -45.78
N SER B 188 46.61 -15.51 -44.97
CA SER B 188 46.01 -16.83 -45.10
C SER B 188 44.55 -16.74 -44.71
N GLY B 189 43.93 -17.90 -44.46
CA GLY B 189 42.54 -17.95 -44.07
C GLY B 189 41.75 -18.98 -44.84
N GLU B 190 41.09 -19.89 -44.14
CA GLU B 190 40.30 -20.93 -44.78
C GLU B 190 38.91 -20.40 -45.12
N ASN B 191 38.11 -21.26 -45.74
CA ASN B 191 36.72 -21.00 -46.09
C ASN B 191 36.58 -19.88 -47.11
N VAL B 192 37.66 -19.51 -47.80
CA VAL B 192 37.62 -18.50 -48.83
C VAL B 192 38.28 -19.06 -50.09
N VAL B 193 37.92 -18.47 -51.23
CA VAL B 193 38.45 -18.93 -52.51
C VAL B 193 39.90 -18.50 -52.66
N GLU B 194 40.69 -19.32 -53.36
CA GLU B 194 42.12 -19.09 -53.45
C GLU B 194 42.44 -17.97 -54.44
N ALA B 195 41.94 -18.07 -55.67
CA ALA B 195 42.35 -17.16 -56.73
C ALA B 195 41.96 -15.71 -56.43
N ASP B 196 40.73 -15.49 -55.95
CA ASP B 196 40.29 -14.14 -55.69
C ASP B 196 41.04 -13.52 -54.51
N LEU B 197 41.37 -14.32 -53.49
CA LEU B 197 42.24 -13.82 -52.43
C LEU B 197 43.62 -13.46 -52.98
N LYS B 198 44.13 -14.28 -53.90
CA LYS B 198 45.40 -13.98 -54.56
C LYS B 198 45.32 -12.72 -55.41
N ARG B 199 44.13 -12.35 -55.87
CA ARG B 199 43.97 -11.20 -56.76
C ARG B 199 43.68 -9.90 -56.00
N PHE B 200 43.03 -9.97 -54.84
CA PHE B 200 42.65 -8.79 -54.09
C PHE B 200 43.75 -8.28 -53.16
N VAL B 201 45.00 -8.62 -53.44
CA VAL B 201 46.12 -8.10 -52.67
C VAL B 201 46.98 -7.14 -53.46
N ASP B 202 47.14 -7.36 -54.77
CA ASP B 202 47.96 -6.45 -55.58
C ASP B 202 47.33 -5.07 -55.66
N GLU B 203 46.02 -4.99 -55.80
CA GLU B 203 45.30 -3.71 -55.84
C GLU B 203 44.90 -3.26 -54.43
N SER B 204 45.88 -3.26 -53.55
CA SER B 204 45.67 -2.87 -52.16
C SER B 204 46.93 -2.21 -51.64
N LEU B 205 46.78 -1.49 -50.52
CA LEU B 205 47.93 -0.80 -49.91
C LEU B 205 49.02 -1.78 -49.51
N LEU B 206 48.66 -3.04 -49.26
CA LEU B 206 49.66 -4.04 -48.88
C LEU B 206 50.73 -4.23 -49.95
N SER B 207 50.44 -3.88 -51.20
CA SER B 207 51.42 -3.98 -52.27
C SER B 207 52.44 -2.85 -52.23
N THR B 208 52.27 -1.85 -51.36
CA THR B 208 53.14 -0.68 -51.33
C THR B 208 53.84 -0.50 -49.99
N LEU B 209 53.86 -1.52 -49.15
CA LEU B 209 54.65 -1.45 -47.93
C LEU B 209 56.13 -1.63 -48.24
N PRO B 210 57.01 -1.12 -47.39
CA PRO B 210 58.45 -1.31 -47.60
C PRO B 210 58.81 -2.80 -47.60
N ALA B 211 59.73 -3.16 -48.48
CA ALA B 211 60.16 -4.55 -48.62
C ALA B 211 61.41 -4.76 -47.77
N GLY B 212 61.19 -5.04 -46.50
CA GLY B 212 62.27 -5.27 -45.55
C GLY B 212 62.81 -6.67 -45.61
N LYS B 213 63.32 -7.14 -44.47
CA LYS B 213 63.90 -8.46 -44.35
C LYS B 213 63.13 -9.26 -43.32
N SER B 214 63.05 -10.57 -43.54
CA SER B 214 62.32 -11.44 -42.63
C SER B 214 63.03 -11.52 -41.29
N LEU B 215 62.24 -11.45 -40.21
CA LEU B 215 62.78 -11.50 -38.86
C LEU B 215 62.98 -12.92 -38.34
N VAL B 216 62.68 -13.94 -39.15
CA VAL B 216 62.81 -15.31 -38.70
C VAL B 216 64.27 -15.62 -38.39
N SER B 217 64.51 -16.29 -37.27
CA SER B 217 65.86 -16.67 -36.88
C SER B 217 66.29 -17.91 -37.66
N LYS B 218 67.48 -17.84 -38.26
CA LYS B 218 67.97 -18.96 -39.05
C LYS B 218 68.27 -20.19 -38.18
N SER B 219 68.89 -19.97 -37.02
CA SER B 219 69.38 -21.05 -36.19
C SER B 219 68.58 -21.16 -34.90
N GLU B 220 68.88 -22.22 -34.14
CA GLU B 220 68.21 -22.47 -32.88
C GLU B 220 68.67 -21.45 -31.83
N PRO B 221 67.83 -21.18 -30.81
CA PRO B 221 68.24 -20.21 -29.78
C PRO B 221 69.28 -20.78 -28.83
N LYS B 222 69.65 -19.99 -27.83
CA LYS B 222 70.59 -20.43 -26.80
C LYS B 222 69.79 -20.79 -25.55
N PHE B 223 69.98 -22.01 -25.06
CA PHE B 223 69.22 -22.53 -23.93
C PHE B 223 70.16 -22.88 -22.79
N PHE B 224 69.79 -22.44 -21.59
CA PHE B 224 70.52 -22.76 -20.37
C PHE B 224 69.60 -23.55 -19.45
N LEU B 225 70.02 -24.74 -19.08
CA LEU B 225 69.21 -25.65 -18.27
C LEU B 225 69.94 -26.00 -16.99
N GLY B 226 69.17 -26.18 -15.92
CA GLY B 226 69.72 -26.47 -14.61
C GLY B 226 69.63 -25.35 -13.60
N GLU B 227 68.90 -24.29 -13.90
CA GLU B 227 68.77 -23.14 -13.01
C GLU B 227 67.51 -23.30 -12.15
N GLU B 228 67.24 -22.29 -11.33
CA GLU B 228 66.09 -22.34 -10.43
C GLU B 228 65.75 -20.93 -9.95
N ASN B 229 64.47 -20.68 -9.76
CA ASN B 229 63.98 -19.43 -9.20
C ASN B 229 62.90 -19.74 -8.18
N ARG B 230 62.68 -18.79 -7.27
CA ARG B 230 61.62 -18.89 -6.27
C ARG B 230 60.98 -17.53 -6.09
N VAL B 231 59.65 -17.49 -6.05
CA VAL B 231 58.89 -16.26 -5.90
C VAL B 231 57.91 -16.45 -4.75
N ARG B 232 57.91 -15.51 -3.81
CA ARG B 232 56.98 -15.54 -2.68
C ARG B 232 55.64 -14.99 -3.16
N PHE B 233 54.67 -15.88 -3.33
CA PHE B 233 53.35 -15.50 -3.83
C PHE B 233 52.30 -15.85 -2.79
N ILE B 234 51.32 -14.95 -2.62
CA ILE B 234 50.27 -15.12 -1.65
C ILE B 234 49.11 -15.86 -2.31
N GLY B 235 48.76 -17.02 -1.77
CA GLY B 235 47.68 -17.81 -2.31
C GLY B 235 48.06 -19.24 -2.63
N ASP B 236 47.64 -19.73 -3.79
CA ASP B 236 47.93 -21.10 -4.18
C ASP B 236 49.42 -21.26 -4.49
N SER B 237 49.90 -22.49 -4.39
CA SER B 237 51.28 -22.85 -4.67
C SER B 237 51.35 -23.74 -5.89
N VAL B 238 52.37 -23.53 -6.72
CA VAL B 238 52.57 -24.30 -7.94
C VAL B 238 54.05 -24.58 -8.11
N ALA B 239 54.39 -25.77 -8.60
CA ALA B 239 55.76 -26.17 -8.88
C ALA B 239 55.85 -26.63 -10.31
N ALA B 240 56.53 -25.86 -11.15
CA ALA B 240 56.64 -26.13 -12.57
C ALA B 240 57.99 -26.73 -12.91
N ILE B 241 58.05 -27.38 -14.07
CA ILE B 241 59.26 -28.00 -14.59
C ILE B 241 59.28 -27.78 -16.09
N GLY B 242 60.43 -27.38 -16.62
CA GLY B 242 60.56 -27.09 -18.04
C GLY B 242 61.77 -27.75 -18.66
N ILE B 243 61.62 -28.13 -19.92
CA ILE B 243 62.70 -28.72 -20.70
C ILE B 243 62.81 -27.99 -22.03
N PRO B 244 64.00 -27.53 -22.42
CA PRO B 244 64.16 -26.98 -23.78
C PRO B 244 64.34 -28.11 -24.79
N VAL B 245 63.56 -28.06 -25.86
CA VAL B 245 63.55 -29.11 -26.88
C VAL B 245 63.83 -28.50 -28.24
N ASN B 246 64.71 -29.14 -29.00
CA ASN B 246 65.05 -28.68 -30.34
C ASN B 246 64.02 -29.18 -31.35
N LYS B 247 64.30 -29.00 -32.64
CA LYS B 247 63.40 -29.46 -33.68
C LYS B 247 63.63 -30.93 -34.02
N ALA B 248 64.82 -31.45 -33.75
CA ALA B 248 65.13 -32.83 -34.12
C ALA B 248 64.23 -33.83 -33.39
N SER B 249 64.02 -33.61 -32.10
CA SER B 249 63.20 -34.51 -31.28
C SER B 249 62.15 -33.65 -30.56
N LEU B 250 61.03 -33.41 -31.23
CA LEU B 250 59.92 -32.66 -30.65
C LEU B 250 58.64 -33.46 -30.55
N ALA B 251 58.45 -34.46 -31.42
CA ALA B 251 57.27 -35.32 -31.31
C ALA B 251 57.33 -36.20 -30.08
N GLN B 252 58.54 -36.58 -29.64
CA GLN B 252 58.69 -37.37 -28.44
C GLN B 252 58.15 -36.63 -27.22
N TYR B 253 58.44 -35.34 -27.10
CA TYR B 253 57.92 -34.59 -25.96
C TYR B 253 56.42 -34.34 -26.10
N GLU B 254 55.91 -34.28 -27.34
CA GLU B 254 54.47 -34.15 -27.53
C GLU B 254 53.73 -35.40 -27.06
N VAL B 255 54.22 -36.58 -27.47
CA VAL B 255 53.59 -37.81 -27.03
C VAL B 255 53.75 -38.00 -25.53
N LEU B 256 54.89 -37.59 -24.97
CA LEU B 256 55.06 -37.64 -23.52
C LEU B 256 54.06 -36.75 -22.81
N ALA B 257 53.88 -35.53 -23.31
CA ALA B 257 52.94 -34.60 -22.68
C ALA B 257 51.51 -35.15 -22.74
N ASN B 258 51.11 -35.67 -23.90
CA ASN B 258 49.76 -36.20 -24.02
C ASN B 258 49.55 -37.42 -23.15
N TYR B 259 50.57 -38.29 -23.05
CA TYR B 259 50.47 -39.44 -22.17
C TYR B 259 50.36 -39.03 -20.71
N LEU B 260 51.12 -38.01 -20.31
CA LEU B 260 51.10 -37.56 -18.92
C LEU B 260 49.76 -36.93 -18.57
N THR B 261 49.24 -36.06 -19.42
CA THR B 261 48.01 -35.35 -19.09
C THR B 261 46.77 -36.20 -19.26
N SER B 262 46.88 -37.38 -19.87
CA SER B 262 45.71 -38.23 -20.09
C SER B 262 45.47 -39.08 -18.86
N ALA B 263 44.52 -40.01 -18.95
CA ALA B 263 44.17 -40.91 -17.85
C ALA B 263 44.85 -42.26 -17.98
N LEU B 264 45.73 -42.44 -18.96
CA LEU B 264 46.40 -43.73 -19.14
C LEU B 264 47.50 -43.93 -18.10
N SER B 265 48.10 -42.85 -17.62
CA SER B 265 49.18 -42.91 -16.64
C SER B 265 48.64 -42.69 -15.23
N GLU B 266 49.40 -43.18 -14.24
CA GLU B 266 49.01 -43.00 -12.84
C GLU B 266 49.24 -41.57 -12.39
N LEU B 267 50.18 -40.86 -13.00
CA LEU B 267 50.50 -39.49 -12.64
C LEU B 267 49.55 -38.52 -13.36
N SER B 268 48.26 -38.71 -13.12
CA SER B 268 47.24 -37.99 -13.86
C SER B 268 46.33 -37.13 -13.00
N GLY B 269 45.90 -37.63 -11.83
CA GLY B 269 44.98 -36.87 -11.01
C GLY B 269 45.59 -35.72 -10.25
N LEU B 270 46.92 -35.63 -10.23
CA LEU B 270 47.62 -34.59 -9.50
C LEU B 270 48.29 -33.54 -10.38
N ILE B 271 48.65 -33.89 -11.62
CA ILE B 271 49.24 -32.93 -12.53
C ILE B 271 48.16 -31.97 -13.03
N SER B 272 48.46 -30.67 -12.99
CA SER B 272 47.49 -29.67 -13.44
C SER B 272 47.51 -29.55 -14.96
N SER B 273 48.65 -29.17 -15.53
CA SER B 273 48.78 -29.03 -16.97
C SER B 273 50.11 -29.61 -17.42
N ALA B 274 50.13 -30.11 -18.65
CA ALA B 274 51.33 -30.67 -19.26
C ALA B 274 51.45 -30.21 -20.70
N LYS B 275 51.23 -28.92 -20.94
CA LYS B 275 51.19 -28.39 -22.29
C LYS B 275 52.58 -28.40 -22.92
N LEU B 276 52.65 -28.00 -24.18
CA LEU B 276 53.90 -27.88 -24.90
C LEU B 276 53.73 -26.79 -25.95
N ASP B 277 54.77 -25.97 -26.12
CA ASP B 277 54.75 -24.87 -27.08
C ASP B 277 55.79 -25.14 -28.16
N LYS B 278 55.39 -25.01 -29.41
CA LYS B 278 56.25 -25.26 -30.55
C LYS B 278 56.48 -23.98 -31.34
N PHE B 279 57.72 -23.78 -31.75
CA PHE B 279 58.11 -22.67 -32.61
C PHE B 279 58.69 -23.21 -33.91
N THR B 280 59.25 -22.32 -34.73
CA THR B 280 59.89 -22.72 -35.97
C THR B 280 61.32 -23.21 -35.76
N ASP B 281 61.80 -23.21 -34.51
CA ASP B 281 63.17 -23.64 -34.23
C ASP B 281 63.28 -24.50 -32.98
N GLY B 282 62.18 -25.05 -32.48
CA GLY B 282 62.19 -25.83 -31.26
C GLY B 282 60.99 -25.54 -30.38
N GLY B 283 61.18 -25.59 -29.07
CA GLY B 283 60.10 -25.29 -28.17
C GLY B 283 60.50 -25.55 -26.73
N LEU B 284 59.50 -25.45 -25.85
CA LEU B 284 59.67 -25.70 -24.42
C LEU B 284 58.56 -26.62 -23.94
N PHE B 285 58.92 -27.61 -23.14
CA PHE B 285 57.97 -28.60 -22.61
C PHE B 285 57.78 -28.33 -21.12
N THR B 286 56.65 -27.70 -20.78
CA THR B 286 56.36 -27.38 -19.39
C THR B 286 55.67 -28.55 -18.70
N LEU B 287 55.31 -28.33 -17.44
CA LEU B 287 54.63 -29.31 -16.58
C LEU B 287 54.24 -28.57 -15.31
N PHE B 288 53.15 -29.01 -14.68
CA PHE B 288 52.61 -28.24 -13.57
C PHE B 288 52.06 -29.16 -12.49
N VAL B 289 52.18 -28.69 -11.25
CA VAL B 289 51.56 -29.31 -10.08
C VAL B 289 51.13 -28.20 -9.14
N ARG B 290 49.82 -28.03 -8.95
CA ARG B 290 49.32 -26.94 -8.12
C ARG B 290 48.24 -27.45 -7.18
N ASP B 291 48.26 -26.95 -5.95
CA ASP B 291 47.25 -27.26 -4.96
C ASP B 291 47.10 -26.05 -4.03
N GLN B 292 46.11 -26.12 -3.16
CA GLN B 292 45.87 -25.01 -2.24
C GLN B 292 46.88 -24.96 -1.12
N ASP B 293 47.40 -26.12 -0.68
CA ASP B 293 48.33 -26.20 0.42
C ASP B 293 49.63 -26.83 -0.05
N SER B 294 50.74 -26.42 0.58
CA SER B 294 52.05 -26.93 0.22
C SER B 294 52.36 -28.29 0.85
N ALA B 295 51.48 -28.80 1.72
CA ALA B 295 51.73 -30.09 2.35
C ALA B 295 51.74 -31.22 1.32
N VAL B 296 50.82 -31.18 0.36
CA VAL B 296 50.73 -32.26 -0.63
C VAL B 296 51.57 -31.97 -1.86
N VAL B 297 51.81 -30.70 -2.18
CA VAL B 297 52.54 -30.34 -3.39
C VAL B 297 53.96 -30.88 -3.33
N SER B 298 54.62 -30.75 -2.19
CA SER B 298 55.99 -31.21 -2.05
C SER B 298 56.11 -32.70 -2.34
N SER B 299 55.27 -33.51 -1.67
CA SER B 299 55.33 -34.95 -1.88
C SER B 299 54.94 -35.33 -3.31
N ASN B 300 53.94 -34.62 -3.87
CA ASN B 300 53.52 -34.91 -5.24
C ASN B 300 54.66 -34.70 -6.22
N ILE B 301 55.32 -33.54 -6.15
CA ILE B 301 56.39 -33.27 -7.09
C ILE B 301 57.59 -34.16 -6.82
N LYS B 302 57.84 -34.50 -5.55
CA LYS B 302 58.94 -35.42 -5.25
C LYS B 302 58.71 -36.77 -5.93
N LYS B 303 57.50 -37.32 -5.80
CA LYS B 303 57.25 -38.62 -6.41
C LYS B 303 57.21 -38.54 -7.94
N ILE B 304 56.71 -37.44 -8.50
CA ILE B 304 56.70 -37.29 -9.95
C ILE B 304 58.13 -37.24 -10.49
N VAL B 305 58.98 -36.42 -9.88
CA VAL B 305 60.36 -36.36 -10.34
C VAL B 305 61.12 -37.65 -10.04
N ALA B 306 60.71 -38.39 -9.01
CA ALA B 306 61.39 -39.63 -8.68
C ALA B 306 61.09 -40.72 -9.71
N ASP B 307 59.81 -40.88 -10.07
CA ASP B 307 59.47 -41.94 -11.01
C ASP B 307 59.63 -41.53 -12.47
N LEU B 308 59.66 -40.23 -12.77
CA LEU B 308 59.95 -39.79 -14.12
C LEU B 308 61.38 -40.15 -14.52
N LYS B 309 62.34 -39.94 -13.62
CA LYS B 309 63.72 -40.26 -13.91
C LYS B 309 63.96 -41.76 -14.03
N LYS B 310 63.02 -42.58 -13.55
CA LYS B 310 63.18 -44.03 -13.66
C LYS B 310 62.95 -44.54 -15.08
N GLY B 311 62.25 -43.77 -15.91
CA GLY B 311 61.94 -44.17 -17.26
C GLY B 311 60.57 -44.80 -17.37
N LYS B 312 60.03 -44.77 -18.60
CA LYS B 312 58.70 -45.32 -18.85
C LYS B 312 58.55 -45.61 -20.33
N ASP B 313 58.13 -46.82 -20.65
CA ASP B 313 57.76 -47.16 -22.03
C ASP B 313 56.56 -46.31 -22.43
N LEU B 314 56.61 -45.77 -23.65
CA LEU B 314 55.67 -44.73 -24.05
C LEU B 314 54.88 -45.06 -25.31
N SER B 315 55.18 -46.18 -25.99
CA SER B 315 54.50 -46.45 -27.25
C SER B 315 53.01 -46.78 -27.10
N PRO B 316 52.50 -47.30 -25.95
CA PRO B 316 51.06 -47.41 -25.75
C PRO B 316 50.32 -46.07 -25.66
N ALA B 317 50.76 -45.10 -26.47
CA ALA B 317 50.12 -43.79 -26.47
C ALA B 317 50.13 -43.12 -27.84
N ILE B 318 50.60 -43.80 -28.89
CA ILE B 318 50.80 -43.13 -30.17
C ILE B 318 49.46 -42.74 -30.81
N ASN B 319 48.49 -43.65 -30.80
CA ASN B 319 47.23 -43.40 -31.49
C ASN B 319 46.46 -42.26 -30.86
N TYR B 320 46.41 -42.21 -29.53
CA TYR B 320 45.73 -41.11 -28.86
C TYR B 320 46.40 -39.78 -29.17
N THR B 321 47.73 -39.78 -29.26
CA THR B 321 48.44 -38.55 -29.61
C THR B 321 48.14 -38.12 -31.03
N LYS B 322 48.05 -39.08 -31.97
CA LYS B 322 47.67 -38.74 -33.33
C LYS B 322 46.28 -38.12 -33.37
N LEU B 323 45.33 -38.71 -32.65
CA LEU B 323 43.98 -38.15 -32.58
C LEU B 323 43.99 -36.74 -32.01
N LYS B 324 44.70 -36.55 -30.91
CA LYS B 324 44.72 -35.23 -30.27
C LYS B 324 45.38 -34.20 -31.20
N ASN B 325 46.48 -34.56 -31.84
CA ASN B 325 47.15 -33.65 -32.76
C ASN B 325 46.25 -33.29 -33.93
N ALA B 326 45.51 -34.28 -34.45
CA ALA B 326 44.58 -34.01 -35.54
C ALA B 326 43.47 -33.07 -35.10
N VAL B 327 42.99 -33.22 -33.87
CA VAL B 327 41.86 -32.39 -33.46
C VAL B 327 42.30 -30.98 -33.05
N GLN B 328 43.56 -30.80 -32.63
CA GLN B 328 43.97 -29.44 -32.29
C GLN B 328 44.49 -28.67 -33.49
N ASN B 329 45.15 -29.35 -34.43
CA ASN B 329 45.75 -28.68 -35.59
C ASN B 329 44.86 -28.82 -36.82
N GLU B 330 43.68 -28.20 -36.74
CA GLU B 330 42.78 -28.14 -37.88
C GLU B 330 42.98 -26.90 -38.73
N SER B 331 43.85 -25.97 -38.31
CA SER B 331 44.07 -24.74 -39.02
C SER B 331 44.88 -24.98 -40.30
N VAL B 332 44.74 -24.05 -41.25
CA VAL B 332 45.51 -24.13 -42.49
C VAL B 332 47.00 -23.99 -42.21
N SER B 333 47.37 -23.18 -41.23
CA SER B 333 48.76 -22.99 -40.86
C SER B 333 49.24 -24.27 -40.16
N SER B 334 49.48 -25.29 -40.98
CA SER B 334 49.86 -26.59 -40.45
C SER B 334 51.24 -26.52 -39.80
N PRO B 335 51.47 -27.31 -38.75
CA PRO B 335 52.80 -27.36 -38.14
C PRO B 335 53.78 -28.13 -38.99
N ILE B 336 54.98 -28.36 -38.47
CA ILE B 336 55.99 -29.13 -39.19
C ILE B 336 55.50 -30.57 -39.27
N GLU B 337 56.16 -31.38 -40.09
CA GLU B 337 55.74 -32.77 -40.32
C GLU B 337 56.10 -33.61 -39.11
N LEU B 338 55.30 -33.48 -38.05
CA LEU B 338 55.44 -34.36 -36.90
C LEU B 338 55.20 -35.80 -37.31
N ASN B 339 56.09 -36.70 -36.89
CA ASN B 339 56.05 -38.10 -37.29
C ASN B 339 56.21 -38.97 -36.04
N PHE B 340 55.08 -39.35 -35.44
CA PHE B 340 55.09 -40.22 -34.26
C PHE B 340 55.27 -41.67 -34.72
N ASP B 341 56.51 -42.03 -35.01
CA ASP B 341 56.80 -43.39 -35.45
C ASP B 341 58.06 -43.98 -34.80
N ALA B 342 58.80 -43.23 -34.00
CA ALA B 342 60.04 -43.71 -33.42
C ALA B 342 60.14 -43.32 -31.95
N VAL B 343 59.05 -43.46 -31.21
CA VAL B 343 59.02 -43.19 -29.78
C VAL B 343 58.90 -44.51 -29.06
N LYS B 344 59.95 -44.88 -28.33
CA LYS B 344 59.93 -46.15 -27.61
C LYS B 344 60.21 -46.00 -26.13
N ASP B 345 61.16 -45.15 -25.74
CA ASP B 345 61.55 -44.99 -24.35
C ASP B 345 61.78 -43.52 -24.05
N PHE B 346 61.75 -43.19 -22.77
CA PHE B 346 62.01 -41.85 -22.29
C PHE B 346 62.64 -41.93 -20.91
N LYS B 347 63.49 -40.96 -20.60
CA LYS B 347 64.13 -40.91 -19.28
C LYS B 347 64.61 -39.49 -19.05
N LEU B 348 64.14 -38.86 -17.97
CA LEU B 348 64.44 -37.46 -17.70
C LEU B 348 65.91 -37.27 -17.37
N GLY B 349 66.44 -36.10 -17.75
CA GLY B 349 67.80 -35.74 -17.44
C GLY B 349 67.88 -34.59 -16.45
N LYS B 350 68.13 -33.38 -16.95
CA LYS B 350 68.19 -32.19 -16.13
C LYS B 350 67.14 -31.19 -16.58
N PHE B 351 66.58 -30.46 -15.62
CA PHE B 351 65.43 -29.59 -15.87
C PHE B 351 65.65 -28.24 -15.21
N ASN B 352 64.62 -27.42 -15.25
CA ASN B 352 64.65 -26.05 -14.71
C ASN B 352 63.45 -25.88 -13.79
N TYR B 353 63.62 -26.21 -12.52
CA TYR B 353 62.55 -26.13 -11.55
C TYR B 353 62.25 -24.67 -11.20
N VAL B 354 60.98 -24.40 -10.92
CA VAL B 354 60.51 -23.08 -10.51
C VAL B 354 59.46 -23.27 -9.42
N ALA B 355 59.52 -22.44 -8.37
CA ALA B 355 58.60 -22.53 -7.25
C ALA B 355 57.87 -21.20 -7.07
N VAL B 356 56.55 -21.26 -6.99
CA VAL B 356 55.72 -20.08 -6.80
C VAL B 356 54.75 -20.38 -5.65
N GLY B 357 54.37 -19.33 -4.93
CA GLY B 357 53.48 -19.47 -3.79
C GLY B 357 54.27 -19.45 -2.48
N ASP B 358 54.04 -20.45 -1.65
CA ASP B 358 54.88 -20.63 -0.46
C ASP B 358 56.27 -21.08 -0.90
N VAL B 359 57.29 -20.59 -0.21
CA VAL B 359 58.67 -20.84 -0.61
C VAL B 359 59.39 -21.63 0.47
N SER B 360 58.95 -21.45 1.72
CA SER B 360 59.63 -22.10 2.84
C SER B 360 59.46 -23.61 2.80
N ASN B 361 58.27 -24.10 2.45
CA ASN B 361 57.98 -25.52 2.55
C ASN B 361 58.23 -26.28 1.25
N LEU B 362 58.11 -25.61 0.10
CA LEU B 362 58.38 -26.29 -1.16
C LEU B 362 59.85 -26.68 -1.24
N PRO B 363 60.16 -27.89 -1.74
CA PRO B 363 61.54 -28.38 -1.66
C PRO B 363 62.49 -27.65 -2.59
N TYR B 364 63.76 -28.02 -2.55
CA TYR B 364 64.82 -27.36 -3.31
C TYR B 364 65.32 -28.28 -4.41
N LEU B 365 65.89 -27.66 -5.45
CA LEU B 365 66.33 -28.40 -6.63
C LEU B 365 67.45 -29.38 -6.30
N ASP B 366 68.18 -29.18 -5.21
CA ASP B 366 69.31 -30.04 -4.90
C ASP B 366 68.85 -31.48 -4.63
N GLU B 367 67.86 -31.65 -3.78
CA GLU B 367 67.41 -32.99 -3.38
C GLU B 367 66.22 -33.50 -4.18
N LEU B 368 65.64 -32.69 -5.05
CA LEU B 368 64.49 -33.12 -5.83
C LEU B 368 64.92 -34.03 -6.98
N LYS C 31 19.13 -29.81 3.42
CA LYS C 31 18.60 -29.18 2.22
C LYS C 31 19.45 -27.99 1.80
N SER C 32 19.66 -27.86 0.49
CA SER C 32 20.46 -26.78 -0.06
C SER C 32 19.56 -25.62 -0.47
N THR C 33 20.14 -24.63 -1.14
CA THR C 33 19.35 -23.51 -1.64
C THR C 33 18.40 -23.95 -2.75
N TYR C 34 18.77 -24.99 -3.50
CA TYR C 34 17.95 -25.43 -4.62
C TYR C 34 16.64 -26.04 -4.16
N ARG C 35 16.62 -26.67 -2.99
CA ARG C 35 15.38 -27.22 -2.45
C ARG C 35 14.50 -26.09 -1.92
N THR C 36 13.71 -25.50 -2.81
CA THR C 36 12.89 -24.35 -2.44
C THR C 36 11.83 -24.77 -1.42
N PRO C 37 11.61 -23.99 -0.36
CA PRO C 37 10.54 -24.31 0.59
C PRO C 37 9.18 -24.20 -0.08
N ASN C 38 8.22 -24.91 0.51
CA ASN C 38 6.87 -24.96 -0.05
C ASN C 38 6.15 -23.63 0.09
N PHE C 39 5.45 -23.23 -0.98
CA PHE C 39 4.64 -22.01 -0.98
C PHE C 39 3.19 -22.28 -1.37
N ASP C 40 2.74 -23.54 -1.31
CA ASP C 40 1.42 -23.90 -1.81
C ASP C 40 0.31 -23.20 -1.02
N ASP C 41 0.60 -22.77 0.20
CA ASP C 41 -0.44 -22.19 1.06
C ASP C 41 -1.06 -20.94 0.43
N VAL C 42 -0.31 -20.19 -0.36
CA VAL C 42 -0.80 -18.96 -0.96
C VAL C 42 -0.84 -19.01 -2.47
N LEU C 43 -0.27 -20.03 -3.11
CA LEU C 43 -0.34 -20.13 -4.56
C LEU C 43 -1.77 -20.43 -5.02
N LYS C 44 -2.07 -20.03 -6.25
CA LYS C 44 -3.41 -20.07 -6.82
C LYS C 44 -3.43 -21.00 -8.02
N GLU C 45 -4.54 -20.97 -8.76
CA GLU C 45 -4.69 -21.79 -9.96
C GLU C 45 -3.53 -21.57 -10.92
N ASN C 46 -3.02 -22.66 -11.47
CA ASN C 46 -1.82 -22.62 -12.30
C ASN C 46 -2.12 -21.98 -13.65
N ASN C 47 -2.43 -20.69 -13.64
CA ASN C 47 -2.64 -19.93 -14.87
C ASN C 47 -1.52 -18.92 -15.10
N ASP C 48 -1.29 -18.04 -14.12
CA ASP C 48 -0.21 -17.04 -14.18
C ASP C 48 -0.24 -16.27 -15.50
N ALA C 49 -1.39 -15.66 -15.77
CA ALA C 49 -1.65 -15.00 -17.04
C ALA C 49 -2.40 -13.71 -16.75
N ASP C 50 -3.02 -13.15 -17.79
CA ASP C 50 -3.74 -11.87 -17.66
C ASP C 50 -4.88 -11.93 -16.65
N LYS C 51 -5.17 -13.09 -16.07
CA LYS C 51 -6.24 -13.18 -15.08
C LYS C 51 -6.01 -12.20 -13.93
N GLY C 52 -4.91 -12.37 -13.19
CA GLY C 52 -4.60 -11.46 -12.10
C GLY C 52 -4.22 -10.07 -12.59
N ARG C 53 -3.47 -10.00 -13.69
CA ARG C 53 -2.98 -8.72 -14.18
C ARG C 53 -4.13 -7.79 -14.56
N SER C 54 -5.10 -8.32 -15.32
CA SER C 54 -6.23 -7.50 -15.74
C SER C 54 -7.06 -7.06 -14.54
N TYR C 55 -7.28 -7.97 -13.59
CA TYR C 55 -8.04 -7.63 -12.39
C TYR C 55 -7.38 -6.49 -11.63
N ALA C 56 -6.08 -6.61 -11.37
CA ALA C 56 -5.38 -5.59 -10.61
C ALA C 56 -5.34 -4.26 -11.36
N TYR C 57 -5.07 -4.30 -12.67
CA TYR C 57 -5.02 -3.06 -13.44
C TYR C 57 -6.38 -2.38 -13.46
N PHE C 58 -7.45 -3.15 -13.62
CA PHE C 58 -8.79 -2.56 -13.63
C PHE C 58 -9.13 -1.95 -12.27
N MET C 59 -8.73 -2.62 -11.19
CA MET C 59 -9.06 -2.04 -9.89
C MET C 59 -8.31 -0.75 -9.67
N VAL C 60 -7.00 -0.71 -10.00
CA VAL C 60 -6.22 0.51 -9.80
C VAL C 60 -6.73 1.62 -10.72
N GLY C 61 -7.19 1.25 -11.91
CA GLY C 61 -7.83 2.24 -12.76
C GLY C 61 -9.06 2.84 -12.10
N ALA C 62 -9.88 2.00 -11.47
CA ALA C 62 -11.03 2.50 -10.73
C ALA C 62 -10.60 3.38 -9.55
N MET C 63 -9.51 2.99 -8.87
CA MET C 63 -9.00 3.78 -7.75
C MET C 63 -8.56 5.17 -8.22
N GLY C 64 -7.87 5.22 -9.36
CA GLY C 64 -7.53 6.50 -9.95
C GLY C 64 -8.76 7.30 -10.33
N LEU C 65 -9.79 6.62 -10.85
CA LEU C 65 -11.06 7.28 -11.14
C LEU C 65 -11.60 7.98 -9.90
N LEU C 66 -11.72 7.23 -8.79
CA LEU C 66 -12.32 7.79 -7.59
C LEU C 66 -11.46 8.90 -6.99
N SER C 67 -10.14 8.72 -6.98
CA SER C 67 -9.25 9.75 -6.45
C SER C 67 -9.34 11.02 -7.29
N SER C 68 -9.36 10.89 -8.61
CA SER C 68 -9.46 12.05 -9.49
C SER C 68 -10.80 12.76 -9.29
N ALA C 69 -11.89 11.99 -9.17
CA ALA C 69 -13.19 12.61 -8.94
C ALA C 69 -13.21 13.38 -7.63
N GLY C 70 -12.67 12.79 -6.57
CA GLY C 70 -12.62 13.49 -5.29
C GLY C 70 -11.77 14.73 -5.33
N ALA C 71 -10.59 14.64 -5.96
CA ALA C 71 -9.71 15.81 -6.06
C ALA C 71 -10.36 16.92 -6.87
N LYS C 72 -11.01 16.57 -7.99
CA LYS C 72 -11.70 17.57 -8.79
C LYS C 72 -12.82 18.23 -7.98
N SER C 73 -13.57 17.43 -7.23
CA SER C 73 -14.65 17.99 -6.41
C SER C 73 -14.10 18.95 -5.37
N THR C 74 -13.02 18.57 -4.69
CA THR C 74 -12.46 19.45 -3.67
C THR C 74 -11.93 20.75 -4.27
N VAL C 75 -11.10 20.64 -5.32
CA VAL C 75 -10.53 21.84 -5.92
C VAL C 75 -11.63 22.73 -6.46
N GLU C 76 -12.68 22.15 -7.04
CA GLU C 76 -13.80 22.95 -7.51
C GLU C 76 -14.55 23.60 -6.36
N THR C 77 -14.62 22.94 -5.20
CA THR C 77 -15.29 23.57 -4.06
C THR C 77 -14.53 24.81 -3.60
N PHE C 78 -13.21 24.70 -3.43
CA PHE C 78 -12.45 25.91 -3.07
C PHE C 78 -12.53 26.98 -4.15
N ILE C 79 -12.40 26.59 -5.42
CA ILE C 79 -12.46 27.58 -6.50
C ILE C 79 -13.81 28.28 -6.51
N SER C 80 -14.90 27.51 -6.38
CA SER C 80 -16.23 28.09 -6.34
C SER C 80 -16.41 29.02 -5.15
N SER C 81 -15.85 28.64 -4.00
CA SER C 81 -15.84 29.56 -2.86
C SER C 81 -15.11 30.84 -3.22
N MET C 82 -14.08 30.76 -4.07
CA MET C 82 -13.37 31.97 -4.51
C MET C 82 -13.88 32.53 -5.83
N THR C 83 -14.78 31.84 -6.53
CA THR C 83 -15.30 32.38 -7.79
C THR C 83 -16.10 33.66 -7.55
N ALA C 84 -17.22 33.54 -6.84
CA ALA C 84 -18.10 34.68 -6.58
C ALA C 84 -19.00 34.33 -5.41
N THR C 85 -18.89 35.08 -4.32
CA THR C 85 -19.72 34.84 -3.15
C THR C 85 -21.17 35.20 -3.46
N ALA C 86 -22.08 34.60 -2.69
CA ALA C 86 -23.51 34.80 -2.93
C ALA C 86 -23.95 36.25 -2.69
N ASP C 87 -23.34 36.92 -1.72
CA ASP C 87 -23.77 38.28 -1.38
C ASP C 87 -23.52 39.26 -2.52
N VAL C 88 -22.38 39.12 -3.21
CA VAL C 88 -21.98 40.09 -4.23
C VAL C 88 -22.67 39.79 -5.55
N LEU C 89 -23.57 38.79 -5.56
CA LEU C 89 -24.32 38.43 -6.76
C LEU C 89 -25.59 39.27 -6.92
N ALA C 90 -25.67 40.42 -6.27
CA ALA C 90 -26.82 41.30 -6.36
C ALA C 90 -26.44 42.57 -7.13
N MET C 91 -27.26 42.92 -8.11
CA MET C 91 -27.04 44.12 -8.92
C MET C 91 -28.07 45.18 -8.55
N ALA C 92 -27.61 46.41 -8.37
CA ALA C 92 -28.45 47.52 -7.93
C ALA C 92 -28.53 48.56 -9.04
N LYS C 93 -29.77 48.90 -9.42
CA LYS C 93 -29.98 49.98 -10.38
C LYS C 93 -29.63 51.32 -9.76
N VAL C 94 -29.00 52.18 -10.56
CA VAL C 94 -28.56 53.50 -10.09
C VAL C 94 -29.55 54.55 -10.56
N GLU C 95 -29.72 55.59 -9.76
CA GLU C 95 -30.59 56.71 -10.08
C GLU C 95 -29.76 57.97 -10.26
N VAL C 96 -29.94 58.64 -11.40
CA VAL C 96 -29.18 59.82 -11.76
C VAL C 96 -30.15 60.97 -11.96
N ASN C 97 -29.87 62.11 -11.32
CA ASN C 97 -30.69 63.31 -11.45
C ASN C 97 -30.06 64.20 -12.52
N LEU C 98 -30.65 64.20 -13.72
CA LEU C 98 -30.12 64.98 -14.82
C LEU C 98 -30.49 66.46 -14.74
N ALA C 99 -31.43 66.84 -13.87
CA ALA C 99 -31.82 68.23 -13.77
C ALA C 99 -30.71 69.11 -13.20
N ALA C 100 -29.93 68.58 -12.27
CA ALA C 100 -28.86 69.34 -11.62
C ALA C 100 -27.54 69.28 -12.39
N ILE C 101 -27.48 68.56 -13.50
CA ILE C 101 -26.26 68.44 -14.29
C ILE C 101 -26.16 69.64 -15.23
N PRO C 102 -25.11 70.45 -15.12
CA PRO C 102 -24.95 71.59 -16.02
C PRO C 102 -24.39 71.14 -17.37
N LEU C 103 -24.12 72.13 -18.22
CA LEU C 103 -23.62 71.84 -19.57
C LEU C 103 -22.20 71.30 -19.53
N GLY C 104 -21.27 72.09 -18.99
CA GLY C 104 -19.87 71.70 -18.98
C GLY C 104 -19.44 70.95 -17.74
N LYS C 105 -20.00 69.77 -17.53
CA LYS C 105 -19.63 68.93 -16.39
C LYS C 105 -19.92 67.48 -16.72
N ASN C 106 -19.06 66.59 -16.21
CA ASN C 106 -19.22 65.15 -16.37
C ASN C 106 -19.67 64.55 -15.05
N VAL C 107 -20.74 63.76 -15.09
CA VAL C 107 -21.30 63.13 -13.90
C VAL C 107 -21.07 61.63 -14.00
N VAL C 108 -20.44 61.05 -12.98
CA VAL C 108 -20.13 59.63 -12.93
C VAL C 108 -20.89 59.00 -11.77
N VAL C 109 -21.59 57.91 -12.05
CA VAL C 109 -22.36 57.19 -11.04
C VAL C 109 -21.91 55.73 -11.04
N LYS C 110 -22.26 55.04 -9.96
CA LYS C 110 -21.87 53.65 -9.76
C LYS C 110 -23.06 52.73 -10.02
N TRP C 111 -22.86 51.73 -10.88
CA TRP C 111 -23.88 50.73 -11.17
C TRP C 111 -23.21 49.37 -11.27
N GLN C 112 -23.90 48.35 -10.73
CA GLN C 112 -23.46 46.95 -10.81
C GLN C 112 -21.99 46.77 -10.42
N GLY C 113 -21.47 47.67 -9.60
CA GLY C 113 -20.08 47.61 -9.18
C GLY C 113 -19.09 48.30 -10.11
N LYS C 114 -19.57 48.98 -11.16
CA LYS C 114 -18.71 49.66 -12.11
C LYS C 114 -19.17 51.10 -12.28
N PRO C 115 -18.26 52.01 -12.60
CA PRO C 115 -18.65 53.39 -12.85
C PRO C 115 -19.44 53.54 -14.13
N VAL C 116 -20.24 54.60 -14.18
CA VAL C 116 -21.07 54.92 -15.35
C VAL C 116 -20.97 56.41 -15.62
N PHE C 117 -20.69 56.78 -16.87
CA PHE C 117 -20.60 58.18 -17.24
C PHE C 117 -21.95 58.70 -17.70
N ILE C 118 -22.28 59.92 -17.28
CA ILE C 118 -23.44 60.67 -17.77
C ILE C 118 -22.93 62.06 -18.10
N ARG C 119 -22.74 62.34 -19.38
CA ARG C 119 -22.22 63.63 -19.85
C ARG C 119 -23.27 64.33 -20.68
N HIS C 120 -23.53 65.59 -20.35
CA HIS C 120 -24.48 66.42 -21.11
C HIS C 120 -23.70 67.11 -22.23
N ARG C 121 -23.82 66.60 -23.45
CA ARG C 121 -23.07 67.14 -24.56
C ARG C 121 -23.64 68.48 -25.02
N THR C 122 -22.76 69.39 -25.41
CA THR C 122 -23.18 70.66 -25.98
C THR C 122 -23.71 70.45 -27.40
N PRO C 123 -24.51 71.38 -27.91
CA PRO C 123 -24.97 71.24 -29.30
C PRO C 123 -23.84 71.13 -30.30
N HIS C 124 -22.73 71.84 -30.09
CA HIS C 124 -21.56 71.64 -30.92
C HIS C 124 -20.99 70.24 -30.76
N GLU C 125 -20.97 69.73 -29.52
CA GLU C 125 -20.48 68.37 -29.28
C GLU C 125 -21.38 67.33 -29.94
N ILE C 126 -22.69 67.60 -30.00
CA ILE C 126 -23.60 66.68 -30.69
C ILE C 126 -23.26 66.62 -32.18
N GLN C 127 -22.95 67.77 -32.78
CA GLN C 127 -22.55 67.80 -34.19
C GLN C 127 -21.26 67.01 -34.40
N GLU C 128 -20.30 67.18 -33.50
CA GLU C 128 -19.05 66.40 -33.60
C GLU C 128 -19.33 64.92 -33.48
N ALA C 129 -20.22 64.53 -32.56
CA ALA C 129 -20.55 63.12 -32.38
C ALA C 129 -21.21 62.53 -33.61
N ASN C 130 -22.13 63.28 -34.24
CA ASN C 130 -22.87 62.75 -35.38
C ASN C 130 -22.15 62.95 -36.71
N SER C 131 -21.04 63.69 -36.73
CA SER C 131 -20.28 63.93 -37.95
C SER C 131 -18.89 63.29 -37.89
N VAL C 132 -18.82 62.06 -37.38
CA VAL C 132 -17.57 61.30 -37.39
C VAL C 132 -17.54 60.46 -38.67
N ASP C 133 -16.40 60.48 -39.36
CA ASP C 133 -16.28 59.80 -40.63
C ASP C 133 -16.48 58.30 -40.48
N MET C 134 -17.14 57.69 -41.46
CA MET C 134 -17.37 56.25 -41.43
C MET C 134 -16.05 55.48 -41.53
N SER C 135 -15.14 55.94 -42.38
CA SER C 135 -13.85 55.28 -42.54
C SER C 135 -12.88 55.58 -41.41
N ALA C 136 -13.21 56.53 -40.53
CA ALA C 136 -12.36 56.87 -39.39
C ALA C 136 -12.71 56.07 -38.14
N LEU C 137 -13.68 55.16 -38.22
CA LEU C 137 -14.09 54.33 -37.10
C LEU C 137 -13.63 52.91 -37.33
N LYS C 138 -12.81 52.40 -36.41
CA LYS C 138 -12.43 50.99 -36.44
C LYS C 138 -13.52 50.08 -35.88
N ASP C 139 -14.50 50.64 -35.16
CA ASP C 139 -15.68 49.92 -34.71
C ASP C 139 -16.90 50.59 -35.32
N PRO C 140 -17.49 50.01 -36.37
CA PRO C 140 -18.60 50.69 -37.05
C PRO C 140 -19.85 50.79 -36.20
N GLN C 141 -20.22 52.00 -35.79
CA GLN C 141 -21.43 52.24 -35.02
C GLN C 141 -21.82 53.70 -35.17
N THR C 142 -23.08 53.98 -34.86
CA THR C 142 -23.64 55.32 -34.95
C THR C 142 -24.21 55.75 -33.61
N ASP C 143 -23.99 57.02 -33.25
CA ASP C 143 -24.46 57.52 -31.97
C ASP C 143 -25.99 57.60 -31.93
N ALA C 144 -26.61 58.00 -33.04
CA ALA C 144 -28.07 58.15 -33.05
C ALA C 144 -28.78 56.84 -32.78
N ASP C 145 -28.21 55.72 -33.22
CA ASP C 145 -28.79 54.42 -32.89
C ASP C 145 -28.51 54.02 -31.45
N ARG C 146 -27.36 54.42 -30.91
CA ARG C 146 -27.02 54.09 -29.53
C ARG C 146 -27.78 54.92 -28.51
N VAL C 147 -28.27 56.09 -28.90
CA VAL C 147 -28.83 57.08 -27.98
C VAL C 147 -30.25 57.40 -28.40
N LYS C 148 -31.18 57.38 -27.44
CA LYS C 148 -32.56 57.75 -27.73
C LYS C 148 -32.66 59.25 -28.05
N ASP C 149 -32.30 60.10 -27.09
CA ASP C 149 -32.24 61.53 -27.30
C ASP C 149 -30.78 61.95 -27.35
N PRO C 150 -30.27 62.40 -28.50
CA PRO C 150 -28.81 62.62 -28.62
C PRO C 150 -28.25 63.67 -27.68
N GLN C 151 -29.08 64.52 -27.08
CA GLN C 151 -28.58 65.54 -26.17
C GLN C 151 -28.01 64.95 -24.89
N TRP C 152 -28.35 63.72 -24.55
CA TRP C 152 -27.87 63.05 -23.34
C TRP C 152 -27.23 61.73 -23.71
N LEU C 153 -25.92 61.64 -23.55
CA LEU C 153 -25.16 60.42 -23.85
C LEU C 153 -24.84 59.69 -22.55
N ILE C 154 -25.17 58.41 -22.50
CA ILE C 154 -24.96 57.57 -21.33
C ILE C 154 -24.03 56.42 -21.71
N MET C 155 -22.97 56.22 -20.92
CA MET C 155 -21.99 55.19 -21.21
C MET C 155 -21.47 54.60 -19.91
N LEU C 156 -20.91 53.40 -20.03
CA LEU C 156 -20.31 52.69 -18.90
C LEU C 156 -18.88 53.17 -18.67
N GLY C 157 -18.45 53.08 -17.41
CA GLY C 157 -17.10 53.46 -17.04
C GLY C 157 -16.08 52.36 -17.25
N ILE C 158 -16.00 51.85 -18.49
CA ILE C 158 -15.06 50.79 -18.83
C ILE C 158 -14.34 51.19 -20.12
N CYS C 159 -13.16 50.59 -20.30
CA CYS C 159 -12.36 50.78 -21.51
C CYS C 159 -12.34 49.48 -22.28
N THR C 160 -12.87 49.51 -23.52
CA THR C 160 -12.78 48.34 -24.37
C THR C 160 -11.34 47.94 -24.62
N HIS C 161 -10.40 48.88 -24.49
CA HIS C 161 -8.98 48.59 -24.54
C HIS C 161 -8.53 47.67 -23.41
N LEU C 162 -8.54 48.14 -22.16
CA LEU C 162 -8.21 47.26 -21.04
C LEU C 162 -9.03 47.54 -19.78
N GLY C 163 -10.15 48.26 -19.89
CA GLY C 163 -11.09 48.38 -18.80
C GLY C 163 -10.91 49.57 -17.89
N CYS C 164 -9.73 50.20 -17.88
CA CYS C 164 -9.50 51.30 -16.97
C CYS C 164 -10.32 52.53 -17.35
N VAL C 165 -10.82 53.24 -16.34
CA VAL C 165 -11.82 54.29 -16.53
C VAL C 165 -11.25 55.43 -17.36
N PRO C 166 -11.89 55.77 -18.47
CA PRO C 166 -11.45 56.94 -19.26
C PRO C 166 -11.86 58.24 -18.59
N ILE C 167 -11.29 59.32 -19.09
CA ILE C 167 -11.54 60.66 -18.57
C ILE C 167 -12.10 61.52 -19.70
N GLY C 168 -13.21 62.20 -19.41
CA GLY C 168 -13.82 63.06 -20.41
C GLY C 168 -13.04 64.33 -20.66
N GLU C 169 -13.30 64.94 -21.82
CA GLU C 169 -12.66 66.18 -22.23
C GLU C 169 -11.14 66.07 -22.20
N ALA C 170 -10.62 64.93 -22.63
CA ALA C 170 -9.19 64.69 -22.69
C ALA C 170 -8.85 63.90 -23.94
N GLY C 171 -7.65 64.12 -24.45
CA GLY C 171 -7.18 63.48 -25.66
C GLY C 171 -7.04 64.47 -26.80
N ASP C 172 -6.59 63.94 -27.94
CA ASP C 172 -6.40 64.77 -29.13
C ASP C 172 -7.72 65.26 -29.71
N PHE C 173 -8.82 64.55 -29.46
CA PHE C 173 -10.13 64.90 -30.01
C PHE C 173 -11.00 65.69 -29.07
N GLY C 174 -10.76 65.63 -27.76
CA GLY C 174 -11.58 66.33 -26.80
C GLY C 174 -12.75 65.53 -26.26
N GLY C 175 -12.76 64.21 -26.45
CA GLY C 175 -13.82 63.38 -25.92
C GLY C 175 -13.38 62.62 -24.69
N TRP C 176 -13.07 61.33 -24.85
CA TRP C 176 -12.58 60.50 -23.76
C TRP C 176 -11.19 59.97 -24.12
N PHE C 177 -10.39 59.75 -23.08
CA PHE C 177 -9.01 59.33 -23.25
C PHE C 177 -8.69 58.21 -22.28
N CYS C 178 -7.92 57.22 -22.75
CA CYS C 178 -7.41 56.17 -21.90
C CYS C 178 -6.04 56.58 -21.39
N PRO C 179 -5.91 56.93 -20.10
CA PRO C 179 -4.57 57.22 -19.56
C PRO C 179 -3.68 56.00 -19.56
N CYS C 180 -4.25 54.79 -19.70
CA CYS C 180 -3.45 53.58 -19.65
C CYS C 180 -2.65 53.39 -20.93
N HIS C 181 -3.33 53.29 -22.10
CA HIS C 181 -2.54 53.24 -23.33
C HIS C 181 -3.11 54.08 -24.47
N GLY C 182 -3.90 55.11 -24.17
CA GLY C 182 -4.27 56.07 -25.19
C GLY C 182 -5.34 55.62 -26.16
N SER C 183 -6.55 55.36 -25.67
CA SER C 183 -7.73 55.15 -26.52
C SER C 183 -8.42 56.49 -26.65
N HIS C 184 -8.27 57.13 -27.81
CA HIS C 184 -8.79 58.48 -28.03
C HIS C 184 -10.27 58.38 -28.44
N TYR C 185 -11.09 57.99 -27.48
CA TYR C 185 -12.53 57.93 -27.69
C TYR C 185 -13.05 59.32 -28.02
N ASP C 186 -13.83 59.44 -29.10
CA ASP C 186 -14.37 60.72 -29.49
C ASP C 186 -15.47 61.14 -28.51
N ILE C 187 -16.07 62.31 -28.78
CA ILE C 187 -17.14 62.81 -27.92
C ILE C 187 -18.35 61.89 -27.98
N SER C 188 -18.46 61.07 -29.01
CA SER C 188 -19.48 60.04 -29.08
C SER C 188 -19.07 58.75 -28.38
N GLY C 189 -17.84 58.67 -27.89
CA GLY C 189 -17.36 57.50 -27.21
C GLY C 189 -16.76 56.42 -28.10
N ARG C 190 -16.78 56.61 -29.41
CA ARG C 190 -16.23 55.62 -30.32
C ARG C 190 -14.72 55.71 -30.37
N ILE C 191 -14.06 54.55 -30.44
CA ILE C 191 -12.61 54.50 -30.47
C ILE C 191 -12.09 55.04 -31.79
N ARG C 192 -11.05 55.88 -31.71
CA ARG C 192 -10.40 56.47 -32.88
C ARG C 192 -9.02 55.91 -33.12
N LYS C 193 -8.14 55.95 -32.11
CA LYS C 193 -6.80 55.41 -32.22
C LYS C 193 -6.44 54.66 -30.95
N GLY C 194 -5.56 53.67 -31.08
CA GLY C 194 -5.12 52.88 -29.97
C GLY C 194 -5.49 51.42 -30.09
N PRO C 195 -5.07 50.61 -29.12
CA PRO C 195 -5.35 49.16 -29.16
C PRO C 195 -6.76 48.77 -28.77
N ALA C 196 -7.68 49.71 -28.68
CA ALA C 196 -9.06 49.38 -28.33
C ALA C 196 -9.82 48.92 -29.57
N PRO C 197 -10.33 47.70 -29.61
CA PRO C 197 -11.01 47.21 -30.82
C PRO C 197 -12.50 47.48 -30.89
N LEU C 198 -13.10 48.02 -29.84
CA LEU C 198 -14.54 48.21 -29.80
C LEU C 198 -14.87 49.56 -29.18
N ASN C 199 -16.07 50.06 -29.51
CA ASN C 199 -16.61 51.24 -28.84
C ASN C 199 -17.17 50.84 -27.48
N LEU C 200 -17.19 51.82 -26.57
CA LEU C 200 -17.73 51.57 -25.25
C LEU C 200 -19.23 51.25 -25.33
N GLU C 201 -19.63 50.21 -24.62
CA GLU C 201 -21.01 49.73 -24.72
C GLU C 201 -21.97 50.72 -24.08
N ILE C 202 -23.22 50.66 -24.52
CA ILE C 202 -24.27 51.56 -24.05
C ILE C 202 -25.13 50.79 -23.05
N PRO C 203 -25.06 51.08 -21.76
CA PRO C 203 -25.92 50.39 -20.80
C PRO C 203 -27.39 50.77 -21.01
N ALA C 204 -28.27 49.84 -20.64
CA ALA C 204 -29.70 50.08 -20.78
C ALA C 204 -30.14 51.22 -19.88
N TYR C 205 -31.03 52.06 -20.39
CA TYR C 205 -31.49 53.23 -19.66
C TYR C 205 -32.89 53.60 -20.12
N GLU C 206 -33.59 54.38 -19.29
CA GLU C 206 -34.92 54.87 -19.60
C GLU C 206 -34.99 56.35 -19.25
N PHE C 207 -35.77 57.09 -20.03
CA PHE C 207 -35.96 58.52 -19.83
C PHE C 207 -37.28 58.71 -19.08
N ASP C 208 -37.17 58.98 -17.78
CA ASP C 208 -38.33 59.15 -16.91
C ASP C 208 -38.34 60.59 -16.38
N GLY C 209 -38.95 61.48 -17.15
CA GLY C 209 -39.03 62.88 -16.73
C GLY C 209 -37.65 63.51 -16.59
N ASP C 210 -37.45 64.22 -15.49
CA ASP C 210 -36.19 64.89 -15.20
C ASP C 210 -35.18 63.97 -14.50
N LYS C 211 -35.38 62.67 -14.57
CA LYS C 211 -34.48 61.71 -13.95
C LYS C 211 -34.20 60.57 -14.91
N VAL C 212 -33.03 59.96 -14.77
CA VAL C 212 -32.63 58.82 -15.60
C VAL C 212 -32.05 57.74 -14.69
N ILE C 213 -32.27 56.49 -15.08
CA ILE C 213 -31.75 55.33 -14.36
C ILE C 213 -30.92 54.50 -15.34
N VAL C 214 -29.74 54.08 -14.91
CA VAL C 214 -28.80 53.37 -15.76
C VAL C 214 -28.67 51.94 -15.24
N GLY C 215 -28.94 50.98 -16.11
CA GLY C 215 -28.85 49.58 -15.75
C GLY C 215 -29.78 48.69 -16.56
N SER D 2 -12.34 -15.89 -20.75
CA SER D 2 -13.36 -15.04 -21.32
C SER D 2 -12.79 -13.72 -21.80
N PHE D 3 -11.60 -13.39 -21.30
CA PHE D 3 -10.91 -12.15 -21.67
C PHE D 3 -10.30 -12.33 -23.06
N SER D 4 -11.10 -12.02 -24.07
CA SER D 4 -10.70 -12.23 -25.45
C SER D 4 -9.73 -11.13 -25.90
N SER D 5 -9.27 -11.25 -27.15
CA SER D 5 -8.36 -10.25 -27.70
C SER D 5 -9.01 -8.88 -27.78
N LEU D 6 -10.34 -8.84 -27.92
CA LEU D 6 -11.04 -7.55 -27.96
C LEU D 6 -10.82 -6.76 -26.68
N TYR D 7 -10.87 -7.43 -25.53
CA TYR D 7 -10.58 -6.76 -24.27
C TYR D 7 -9.09 -6.65 -24.00
N LYS D 8 -8.29 -7.57 -24.56
CA LYS D 8 -6.85 -7.51 -24.37
C LYS D 8 -6.24 -6.29 -25.06
N THR D 9 -6.76 -5.93 -26.24
CA THR D 9 -6.20 -4.82 -27.00
C THR D 9 -6.40 -3.49 -26.28
N PHE D 10 -7.45 -3.38 -25.45
CA PHE D 10 -7.76 -2.13 -24.78
C PHE D 10 -6.81 -1.81 -23.63
N PHE D 11 -5.90 -2.72 -23.28
CA PHE D 11 -5.00 -2.54 -22.15
C PHE D 11 -3.56 -2.29 -22.60
N LYS D 12 -3.39 -1.50 -23.66
CA LYS D 12 -2.06 -1.15 -24.15
C LYS D 12 -1.88 0.35 -24.41
N ARG D 13 -2.95 1.12 -24.59
CA ARG D 13 -2.83 2.55 -24.86
C ARG D 13 -2.54 3.30 -23.56
N ASN D 14 -1.57 4.21 -23.61
CA ASN D 14 -1.17 5.00 -22.46
C ASN D 14 -1.27 6.50 -22.68
N ALA D 15 -0.86 6.99 -23.86
CA ALA D 15 -0.89 8.42 -24.11
C ALA D 15 -2.31 8.97 -24.12
N VAL D 16 -3.26 8.23 -24.70
CA VAL D 16 -4.64 8.69 -24.83
C VAL D 16 -5.54 8.17 -23.72
N PHE D 17 -5.10 7.16 -22.97
CA PHE D 17 -5.97 6.55 -21.96
C PHE D 17 -6.27 7.51 -20.81
N VAL D 18 -5.38 8.46 -20.55
CA VAL D 18 -5.58 9.38 -19.43
C VAL D 18 -6.80 10.26 -19.66
N GLY D 19 -6.93 10.81 -20.87
CA GLY D 19 -8.05 11.68 -21.16
C GLY D 19 -9.39 10.97 -21.07
N THR D 20 -9.48 9.78 -21.66
CA THR D 20 -10.73 9.04 -21.62
C THR D 20 -11.04 8.53 -20.23
N ILE D 21 -10.01 8.17 -19.45
CA ILE D 21 -10.25 7.74 -18.08
C ILE D 21 -10.74 8.91 -17.23
N PHE D 22 -10.22 10.11 -17.47
CA PHE D 22 -10.70 11.28 -16.74
C PHE D 22 -12.14 11.61 -17.14
N ALA D 23 -12.46 11.49 -18.43
CA ALA D 23 -13.84 11.71 -18.87
C ALA D 23 -14.79 10.69 -18.24
N GLY D 24 -14.35 9.42 -18.18
CA GLY D 24 -15.17 8.42 -17.52
C GLY D 24 -15.37 8.70 -16.05
N ALA D 25 -14.32 9.19 -15.37
CA ALA D 25 -14.46 9.58 -13.98
C ALA D 25 -15.46 10.72 -13.82
N PHE D 26 -15.41 11.70 -14.73
CA PHE D 26 -16.36 12.81 -14.69
C PHE D 26 -17.79 12.30 -14.86
N VAL D 27 -18.01 11.42 -15.83
CA VAL D 27 -19.34 10.88 -16.07
C VAL D 27 -19.82 10.09 -14.86
N PHE D 28 -18.93 9.27 -14.28
CA PHE D 28 -19.28 8.48 -13.11
C PHE D 28 -19.65 9.37 -11.93
N GLN D 29 -18.88 10.43 -11.69
CA GLN D 29 -19.20 11.32 -10.57
C GLN D 29 -20.52 12.05 -10.81
N THR D 30 -20.80 12.43 -12.07
CA THR D 30 -22.06 13.10 -12.36
C THR D 30 -23.25 12.17 -12.10
N VAL D 31 -23.18 10.94 -12.62
CA VAL D 31 -24.30 10.01 -12.45
C VAL D 31 -24.44 9.62 -10.98
N PHE D 32 -23.32 9.50 -10.26
CA PHE D 32 -23.39 9.19 -8.84
C PHE D 32 -24.04 10.33 -8.06
N ASP D 33 -23.69 11.57 -8.39
CA ASP D 33 -24.33 12.71 -7.73
C ASP D 33 -25.82 12.72 -8.00
N THR D 34 -26.22 12.47 -9.24
CA THR D 34 -27.64 12.44 -9.58
C THR D 34 -28.35 11.33 -8.81
N ALA D 35 -27.75 10.14 -8.73
CA ALA D 35 -28.38 9.03 -8.02
C ALA D 35 -28.52 9.31 -6.54
N ILE D 36 -27.48 9.87 -5.92
CA ILE D 36 -27.56 10.18 -4.49
C ILE D 36 -28.60 11.25 -4.23
N THR D 37 -28.67 12.27 -5.09
CA THR D 37 -29.69 13.29 -4.94
C THR D 37 -31.09 12.69 -5.05
N SER D 38 -31.29 11.79 -6.02
CA SER D 38 -32.59 11.16 -6.18
C SER D 38 -32.95 10.31 -4.96
N TRP D 39 -31.98 9.59 -4.41
CA TRP D 39 -32.28 8.73 -3.27
C TRP D 39 -32.57 9.56 -2.01
N TYR D 40 -31.84 10.65 -1.82
CA TYR D 40 -32.14 11.55 -0.71
C TYR D 40 -33.51 12.20 -0.91
N GLU D 41 -33.90 12.44 -2.16
CA GLU D 41 -35.24 12.97 -2.44
C GLU D 41 -36.32 11.96 -2.09
N ASN D 42 -36.18 10.72 -2.55
CA ASN D 42 -37.27 9.76 -2.40
C ASN D 42 -37.24 9.03 -1.07
N HIS D 43 -36.21 9.22 -0.25
CA HIS D 43 -36.22 8.67 1.09
C HIS D 43 -37.04 9.50 2.08
N ASN D 44 -37.40 10.73 1.71
CA ASN D 44 -38.15 11.63 2.59
C ASN D 44 -39.19 12.38 1.76
N LYS D 45 -40.46 12.06 1.98
CA LYS D 45 -41.56 12.76 1.34
C LYS D 45 -42.32 13.60 2.35
N GLY D 46 -42.89 14.69 1.88
CA GLY D 46 -43.64 15.59 2.74
C GLY D 46 -42.80 16.63 3.45
N LYS D 47 -41.72 16.20 4.11
CA LYS D 47 -40.83 17.13 4.78
C LYS D 47 -40.19 18.09 3.78
N LEU D 48 -39.76 17.58 2.63
CA LEU D 48 -39.06 18.39 1.65
C LEU D 48 -39.99 19.45 1.06
N TRP D 49 -39.38 20.45 0.44
CA TRP D 49 -40.10 21.61 -0.09
C TRP D 49 -40.69 21.37 -1.48
N LYS D 50 -40.45 20.22 -2.10
CA LYS D 50 -40.98 19.99 -3.44
C LYS D 50 -42.50 19.84 -3.42
N ASP D 51 -43.04 19.12 -2.45
CA ASP D 51 -44.46 18.80 -2.43
C ASP D 51 -45.27 19.69 -1.49
N VAL D 52 -44.62 20.56 -0.72
CA VAL D 52 -45.39 21.52 0.07
C VAL D 52 -46.09 22.53 -0.83
N LYS D 53 -45.58 22.74 -2.05
CA LYS D 53 -46.28 23.59 -3.01
C LYS D 53 -47.66 23.03 -3.34
N ALA D 54 -47.74 21.72 -3.55
CA ALA D 54 -49.03 21.08 -3.79
C ALA D 54 -49.83 20.94 -2.51
N ARG D 55 -49.16 20.77 -1.37
CA ARG D 55 -49.86 20.66 -0.09
C ARG D 55 -50.60 21.95 0.23
N ILE D 56 -49.96 23.10 0.02
CA ILE D 56 -50.63 24.37 0.23
C ILE D 56 -51.57 24.72 -0.92
N ALA D 57 -51.41 24.09 -2.07
CA ALA D 57 -52.30 24.35 -3.19
C ALA D 57 -53.69 23.80 -2.91
N ALA D 58 -54.70 24.50 -3.42
CA ALA D 58 -56.09 24.11 -3.22
C ALA D 58 -56.70 23.59 -4.52
N PRO E 2 21.80 3.91 29.52
CA PRO E 2 23.21 3.83 29.94
C PRO E 2 23.37 3.41 31.40
N GLN E 3 24.02 2.26 31.60
CA GLN E 3 24.25 1.75 32.95
C GLN E 3 25.39 0.76 32.89
N SER E 4 26.43 0.97 33.69
CA SER E 4 27.64 0.17 33.61
C SER E 4 27.34 -1.30 33.90
N PHE E 5 27.91 -2.18 33.07
CA PHE E 5 27.74 -3.62 33.28
C PHE E 5 28.53 -4.13 34.48
N THR E 6 29.59 -3.42 34.88
CA THR E 6 30.36 -3.84 36.04
C THR E 6 29.51 -3.78 37.31
N SER E 7 28.68 -2.75 37.45
CA SER E 7 27.77 -2.69 38.58
C SER E 7 26.77 -3.84 38.55
N ILE E 8 26.29 -4.19 37.36
CA ILE E 8 25.38 -5.32 37.21
C ILE E 8 26.06 -6.60 37.67
N ALA E 9 27.32 -6.80 37.26
CA ALA E 9 28.05 -7.99 37.69
C ALA E 9 28.26 -7.99 39.20
N ARG E 10 28.54 -6.82 39.79
CA ARG E 10 28.73 -6.75 41.23
C ARG E 10 27.45 -7.14 41.97
N ILE E 11 26.31 -6.59 41.54
CA ILE E 11 25.05 -6.92 42.19
C ILE E 11 24.71 -8.40 41.97
N GLY E 12 25.01 -8.92 40.78
CA GLY E 12 24.75 -10.32 40.51
C GLY E 12 25.54 -11.25 41.41
N ASP E 13 26.84 -10.97 41.59
CA ASP E 13 27.64 -11.81 42.47
C ASP E 13 27.23 -11.62 43.94
N TYR E 14 26.80 -10.41 44.31
CA TYR E 14 26.27 -10.21 45.66
C TYR E 14 25.04 -11.07 45.90
N ILE E 15 24.13 -11.13 44.92
CA ILE E 15 22.90 -11.91 45.07
C ILE E 15 23.20 -13.41 45.04
N LEU E 16 24.07 -13.85 44.14
CA LEU E 16 24.21 -15.28 43.86
C LEU E 16 24.79 -16.05 45.03
N LYS E 17 25.62 -15.43 45.87
CA LYS E 17 26.23 -16.10 46.99
C LYS E 17 25.54 -15.82 48.32
N SER E 18 24.41 -15.11 48.30
CA SER E 18 23.62 -14.88 49.51
C SER E 18 22.49 -15.89 49.54
N PRO E 19 22.46 -16.82 50.50
CA PRO E 19 21.57 -17.98 50.41
C PRO E 19 20.08 -17.65 50.38
N VAL E 20 19.58 -16.96 51.41
CA VAL E 20 18.14 -16.81 51.57
C VAL E 20 17.56 -15.88 50.51
N LEU E 21 18.23 -14.75 50.27
CA LEU E 21 17.73 -13.79 49.29
C LEU E 21 17.75 -14.37 47.89
N SER E 22 18.83 -15.09 47.55
CA SER E 22 18.90 -15.73 46.23
C SER E 22 17.86 -16.82 46.09
N LYS E 23 17.66 -17.62 47.15
CA LYS E 23 16.63 -18.66 47.08
C LYS E 23 15.24 -18.06 46.92
N LEU E 24 15.02 -16.87 47.46
CA LEU E 24 13.74 -16.20 47.28
C LEU E 24 13.61 -15.61 45.88
N CYS E 25 14.70 -15.08 45.34
CA CYS E 25 14.62 -14.25 44.14
C CYS E 25 14.99 -14.96 42.84
N VAL E 26 15.54 -16.17 42.88
CA VAL E 26 15.90 -16.87 41.65
C VAL E 26 14.69 -17.52 40.97
N PRO E 27 13.72 -18.13 41.68
CA PRO E 27 12.60 -18.72 40.93
C PRO E 27 11.74 -17.67 40.26
N VAL E 28 11.47 -16.56 40.96
CA VAL E 28 10.76 -15.45 40.33
C VAL E 28 11.58 -14.86 39.20
N ALA E 29 12.92 -14.88 39.34
CA ALA E 29 13.77 -14.37 38.26
C ALA E 29 13.59 -15.18 36.99
N ASN E 30 13.74 -16.51 37.08
CA ASN E 30 13.62 -17.32 35.87
C ASN E 30 12.19 -17.34 35.35
N GLN E 31 11.19 -17.27 36.25
CA GLN E 31 9.81 -17.17 35.81
C GLN E 31 9.56 -15.88 35.04
N PHE E 32 10.15 -14.78 35.49
CA PHE E 32 10.06 -13.52 34.76
C PHE E 32 10.77 -13.63 33.42
N ILE E 33 11.93 -14.29 33.38
CA ILE E 33 12.66 -14.44 32.13
C ILE E 33 11.84 -15.20 31.10
N ASN E 34 11.23 -16.31 31.51
CA ASN E 34 10.49 -17.11 30.54
C ASN E 34 9.04 -16.66 30.37
N LEU E 35 8.57 -15.67 31.12
CA LEU E 35 7.34 -14.98 30.75
C LEU E 35 7.59 -13.69 29.99
N ALA E 36 8.85 -13.28 29.84
CA ALA E 36 9.15 -12.04 29.12
C ALA E 36 8.65 -12.10 27.69
N GLY E 37 8.87 -13.22 27.01
CA GLY E 37 8.34 -13.44 25.68
C GLY E 37 9.38 -13.51 24.58
N TYR E 38 10.60 -13.00 24.82
CA TYR E 38 11.62 -13.05 23.79
C TYR E 38 12.08 -14.48 23.52
N LYS E 39 11.86 -15.40 24.44
CA LYS E 39 12.21 -16.80 24.21
C LYS E 39 11.43 -17.38 23.05
N LYS E 40 10.14 -17.05 22.96
CA LYS E 40 9.29 -17.60 21.90
C LYS E 40 9.75 -17.15 20.52
N LEU E 41 10.13 -15.88 20.39
CA LEU E 41 10.57 -15.30 19.12
C LEU E 41 11.92 -15.83 18.66
N GLY E 42 12.53 -16.78 19.36
CA GLY E 42 13.84 -17.28 18.99
C GLY E 42 14.94 -16.23 19.13
N LEU E 43 14.94 -15.51 20.24
CA LEU E 43 15.93 -14.48 20.51
C LEU E 43 16.78 -14.88 21.71
N LYS E 44 18.09 -14.77 21.57
CA LYS E 44 18.97 -14.80 22.73
C LYS E 44 19.01 -13.41 23.35
N PHE E 45 19.35 -13.36 24.64
CA PHE E 45 19.29 -12.10 25.37
C PHE E 45 20.25 -11.07 24.80
N ASP E 46 21.47 -11.50 24.44
CA ASP E 46 22.48 -10.58 23.95
C ASP E 46 22.05 -9.86 22.68
N ASP E 47 21.11 -10.42 21.92
CA ASP E 47 20.61 -9.76 20.73
C ASP E 47 19.68 -8.60 21.03
N LEU E 48 19.23 -8.45 22.29
CA LEU E 48 18.26 -7.43 22.63
C LEU E 48 18.88 -6.13 23.14
N ILE E 49 20.00 -6.21 23.86
CA ILE E 49 20.60 -5.02 24.44
C ILE E 49 21.10 -4.09 23.35
N ALA E 50 20.90 -2.79 23.56
CA ALA E 50 21.14 -1.80 22.52
C ALA E 50 22.59 -1.83 22.05
N GLU E 51 22.79 -1.60 20.76
CA GLU E 51 24.10 -1.73 20.12
C GLU E 51 24.51 -0.44 19.43
N GLU E 52 24.26 0.71 20.06
CA GLU E 52 24.48 1.99 19.40
C GLU E 52 25.69 2.75 19.92
N ASN E 53 25.80 2.96 21.22
CA ASN E 53 26.90 3.75 21.76
C ASN E 53 28.25 3.07 21.50
N PRO E 54 29.33 3.83 21.37
CA PRO E 54 30.56 3.28 20.78
C PRO E 54 31.12 2.07 21.51
N ILE E 55 30.88 1.94 22.81
CA ILE E 55 31.45 0.82 23.55
C ILE E 55 30.81 -0.49 23.11
N MET E 56 29.50 -0.47 22.82
CA MET E 56 28.84 -1.65 22.30
C MET E 56 29.36 -2.02 20.92
N GLN E 57 29.65 -1.01 20.10
CA GLN E 57 30.24 -1.28 18.79
C GLN E 57 31.61 -1.93 18.94
N THR E 58 32.42 -1.43 19.88
CA THR E 58 33.72 -2.05 20.13
C THR E 58 33.55 -3.50 20.58
N ALA E 59 32.57 -3.77 21.43
CA ALA E 59 32.33 -5.15 21.85
C ALA E 59 31.90 -6.03 20.69
N LEU E 60 31.03 -5.50 19.81
CA LEU E 60 30.57 -6.27 18.66
C LEU E 60 31.72 -6.60 17.72
N ARG E 61 32.62 -5.64 17.50
CA ARG E 61 33.70 -5.83 16.52
C ARG E 61 34.66 -6.94 16.88
N ARG E 62 34.63 -7.43 18.13
CA ARG E 62 35.52 -8.51 18.55
C ARG E 62 34.84 -9.88 18.54
N LEU E 63 33.57 -9.95 18.19
CA LEU E 63 32.88 -11.23 18.16
C LEU E 63 33.40 -12.11 17.04
N PRO E 64 33.59 -13.41 17.29
CA PRO E 64 33.92 -14.33 16.20
C PRO E 64 32.81 -14.35 15.16
N GLU E 65 33.18 -14.63 13.92
CA GLU E 65 32.26 -14.48 12.80
C GLU E 65 31.02 -15.36 12.95
N ASP E 66 31.17 -16.55 13.56
CA ASP E 66 30.03 -17.45 13.70
C ASP E 66 28.93 -16.81 14.54
N GLU E 67 29.30 -16.21 15.67
CA GLU E 67 28.31 -15.56 16.53
C GLU E 67 27.64 -14.39 15.83
N SER E 68 28.41 -13.60 15.07
CA SER E 68 27.82 -12.47 14.35
C SER E 68 26.84 -12.96 13.29
N TYR E 69 27.19 -14.04 12.58
CA TYR E 69 26.29 -14.58 11.57
C TYR E 69 24.99 -15.09 12.20
N ALA E 70 25.12 -15.82 13.31
CA ALA E 70 23.93 -16.32 14.00
C ALA E 70 23.07 -15.16 14.50
N ARG E 71 23.71 -14.12 15.04
CA ARG E 71 22.99 -12.95 15.52
C ARG E 71 22.24 -12.26 14.38
N ALA E 72 22.90 -12.09 13.23
CA ALA E 72 22.25 -11.47 12.10
C ALA E 72 21.04 -12.28 11.63
N TYR E 73 21.20 -13.61 11.58
CA TYR E 73 20.08 -14.45 11.19
C TYR E 73 18.92 -14.33 12.19
N ARG E 74 19.23 -14.30 13.48
CA ARG E 74 18.18 -14.20 14.48
C ARG E 74 17.44 -12.86 14.39
N ILE E 75 18.18 -11.77 14.15
CA ILE E 75 17.53 -10.47 13.98
C ILE E 75 16.63 -10.49 12.75
N ILE E 76 17.11 -11.04 11.63
CA ILE E 76 16.31 -11.07 10.42
C ILE E 76 15.06 -11.90 10.62
N ARG E 77 15.20 -13.08 11.24
CA ARG E 77 14.05 -13.94 11.47
C ARG E 77 13.06 -13.29 12.42
N ALA E 78 13.55 -12.59 13.44
CA ALA E 78 12.66 -11.88 14.35
C ALA E 78 11.87 -10.80 13.62
N HIS E 79 12.56 -10.03 12.76
CA HIS E 79 11.86 -9.01 11.99
C HIS E 79 10.78 -9.63 11.12
N GLN E 80 11.11 -10.71 10.41
CA GLN E 80 10.14 -11.36 9.55
C GLN E 80 8.96 -11.91 10.33
N THR E 81 9.23 -12.55 11.48
CA THR E 81 8.16 -13.12 12.29
C THR E 81 7.25 -12.04 12.85
N GLU E 82 7.82 -10.93 13.32
CA GLU E 82 7.00 -9.85 13.85
C GLU E 82 6.25 -9.11 12.76
N LEU E 83 6.74 -9.14 11.53
CA LEU E 83 6.03 -8.48 10.44
C LEU E 83 4.66 -9.12 10.19
N THR E 84 4.55 -10.43 10.39
CA THR E 84 3.29 -11.14 10.19
C THR E 84 2.50 -11.32 11.48
N HIS E 85 2.98 -10.77 12.60
CA HIS E 85 2.31 -10.89 13.90
C HIS E 85 2.15 -12.33 14.35
N HIS E 86 2.89 -13.26 13.75
CA HIS E 86 2.78 -14.67 14.08
C HIS E 86 3.91 -15.10 15.01
N LEU E 87 3.90 -16.38 15.37
CA LEU E 87 4.97 -16.99 16.14
C LEU E 87 5.11 -18.43 15.69
N LEU E 88 6.32 -18.82 15.31
CA LEU E 88 6.54 -20.20 14.89
C LEU E 88 6.34 -21.13 16.10
N PRO E 89 5.85 -22.36 15.87
CA PRO E 89 5.54 -23.24 17.00
C PRO E 89 6.78 -23.68 17.77
N ARG E 90 6.58 -24.55 18.75
CA ARG E 90 7.65 -24.87 19.69
C ARG E 90 8.71 -25.77 19.05
N ASN E 91 9.31 -25.27 17.98
CA ASN E 91 10.47 -25.89 17.35
C ASN E 91 11.63 -24.91 17.22
N GLU E 92 11.35 -23.65 16.89
CA GLU E 92 12.35 -22.60 16.91
C GLU E 92 12.53 -21.96 18.28
N TRP E 93 11.64 -22.27 19.22
CA TRP E 93 11.71 -21.66 20.54
C TRP E 93 13.05 -21.96 21.21
N ILE E 94 13.68 -20.92 21.75
CA ILE E 94 14.96 -21.09 22.41
C ILE E 94 14.75 -21.90 23.69
N LYS E 95 15.53 -22.96 23.85
CA LYS E 95 15.39 -23.82 25.01
C LYS E 95 15.78 -23.07 26.28
N ALA E 96 15.46 -23.68 27.42
CA ALA E 96 15.66 -23.00 28.70
C ALA E 96 17.14 -22.69 28.95
N GLN E 97 18.02 -23.65 28.64
CA GLN E 97 19.44 -23.49 28.93
C GLN E 97 20.27 -23.03 27.74
N GLU E 98 19.63 -22.72 26.61
CA GLU E 98 20.34 -22.21 25.44
C GLU E 98 20.47 -20.70 25.44
N ASP E 99 19.90 -20.00 26.40
CA ASP E 99 20.01 -18.55 26.49
C ASP E 99 21.21 -18.14 27.33
N VAL E 100 22.37 -18.67 27.00
CA VAL E 100 23.60 -18.36 27.73
C VAL E 100 24.19 -17.07 27.15
N PRO E 101 24.68 -16.15 28.00
CA PRO E 101 25.33 -14.94 27.47
C PRO E 101 26.67 -15.22 26.81
N TYR E 102 26.72 -15.10 25.48
CA TYR E 102 27.94 -15.26 24.73
C TYR E 102 28.70 -13.95 24.56
N LEU E 103 28.14 -12.84 25.04
CA LEU E 103 28.67 -11.51 24.82
C LEU E 103 29.04 -10.79 26.10
N LEU E 104 28.76 -11.39 27.27
CA LEU E 104 29.09 -10.76 28.54
C LEU E 104 30.59 -10.56 28.75
N PRO E 105 31.48 -11.54 28.54
CA PRO E 105 32.90 -11.31 28.86
C PRO E 105 33.53 -10.17 28.07
N TYR E 106 33.20 -10.05 26.78
CA TYR E 106 33.73 -8.94 25.99
C TYR E 106 33.25 -7.61 26.53
N ILE E 107 31.96 -7.56 26.91
CA ILE E 107 31.41 -6.34 27.49
C ILE E 107 32.14 -5.97 28.77
N LEU E 108 32.37 -6.95 29.64
CA LEU E 108 33.03 -6.65 30.91
C LEU E 108 34.47 -6.18 30.69
N GLU E 109 35.20 -6.84 29.78
CA GLU E 109 36.57 -6.43 29.50
C GLU E 109 36.62 -5.03 28.93
N ALA E 110 35.74 -4.73 27.97
CA ALA E 110 35.70 -3.41 27.37
C ALA E 110 35.31 -2.34 28.39
N GLU E 111 34.33 -2.66 29.26
CA GLU E 111 33.94 -1.74 30.32
C GLU E 111 35.12 -1.41 31.22
N ALA E 112 35.83 -2.45 31.68
CA ALA E 112 36.96 -2.23 32.58
C ALA E 112 38.03 -1.40 31.90
N ALA E 113 38.37 -1.74 30.64
CA ALA E 113 39.42 -1.02 29.94
C ALA E 113 39.07 0.44 29.75
N ALA E 114 37.85 0.72 29.26
CA ALA E 114 37.45 2.10 29.03
C ALA E 114 37.36 2.88 30.34
N LYS E 115 36.86 2.25 31.40
CA LYS E 115 36.72 2.94 32.68
C LYS E 115 38.09 3.32 33.24
N GLU E 116 39.04 2.38 33.24
CA GLU E 116 40.35 2.72 33.77
C GLU E 116 41.09 3.69 32.85
N LYS E 117 40.84 3.64 31.55
CA LYS E 117 41.42 4.62 30.64
C LYS E 117 40.94 6.03 30.97
N ASP E 118 39.62 6.21 31.09
CA ASP E 118 39.08 7.53 31.38
C ASP E 118 39.38 7.97 32.80
N GLU E 119 39.61 7.04 33.72
CA GLU E 119 40.00 7.41 35.08
C GLU E 119 41.45 7.90 35.12
N LEU E 120 42.37 7.19 34.46
CA LEU E 120 43.77 7.58 34.52
C LEU E 120 44.10 8.74 33.57
N ASP E 121 43.24 9.00 32.58
CA ASP E 121 43.47 10.14 31.69
C ASP E 121 43.39 11.45 32.48
N ASN E 122 42.32 11.62 33.25
CA ASN E 122 42.13 12.80 34.09
C ASN E 122 42.48 12.41 35.52
N ILE E 123 43.78 12.51 35.85
CA ILE E 123 44.29 12.08 37.15
C ILE E 123 45.16 13.19 37.72
N GLU E 124 45.30 13.19 39.04
CA GLU E 124 46.15 14.12 39.75
C GLU E 124 47.36 13.38 40.34
N VAL E 125 48.38 14.15 40.70
CA VAL E 125 49.60 13.60 41.26
C VAL E 125 49.60 13.65 42.79
N SER E 126 48.42 13.78 43.39
CA SER E 126 48.32 13.79 44.85
C SER E 126 48.73 12.43 45.41
N LYS E 127 49.31 12.45 46.61
CA LYS E 127 49.79 11.23 47.26
C LYS E 127 48.67 10.23 47.51
N VAL F 74 -57.34 17.19 23.86
CA VAL F 74 -57.87 18.46 23.36
C VAL F 74 -57.21 19.62 24.11
N THR F 75 -56.23 20.24 23.47
CA THR F 75 -55.47 21.35 24.04
C THR F 75 -54.74 20.94 25.32
N ASP F 76 -54.41 19.66 25.45
CA ASP F 76 -53.63 19.18 26.59
C ASP F 76 -52.92 17.90 26.16
N GLN F 77 -51.63 18.02 25.84
CA GLN F 77 -50.83 16.89 25.41
C GLN F 77 -49.74 16.53 26.40
N LEU F 78 -48.86 17.47 26.74
CA LEU F 78 -47.79 17.18 27.69
C LEU F 78 -48.34 16.99 29.10
N GLU F 79 -49.27 17.85 29.51
CA GLU F 79 -49.85 17.73 30.84
C GLU F 79 -50.64 16.43 31.00
N ASP F 80 -51.33 16.00 29.95
CA ASP F 80 -52.05 14.73 30.01
C ASP F 80 -51.08 13.56 30.14
N LEU F 81 -49.95 13.61 29.42
CA LEU F 81 -48.93 12.58 29.57
C LEU F 81 -48.36 12.57 30.99
N ARG F 82 -48.12 13.76 31.55
CA ARG F 82 -47.66 13.84 32.93
C ARG F 82 -48.68 13.22 33.88
N GLU F 83 -49.97 13.52 33.65
CA GLU F 83 -51.04 12.95 34.45
C GLU F 83 -51.04 11.44 34.41
N HIS F 84 -51.00 10.87 33.20
CA HIS F 84 -51.05 9.41 33.07
C HIS F 84 -49.81 8.76 33.68
N PHE F 85 -48.62 9.36 33.46
CA PHE F 85 -47.41 8.77 33.99
C PHE F 85 -47.37 8.84 35.51
N LYS F 86 -47.83 9.95 36.10
CA LYS F 86 -47.86 10.01 37.56
C LYS F 86 -48.96 9.13 38.13
N ASN F 87 -50.03 8.86 37.37
CA ASN F 87 -50.99 7.86 37.80
C ASN F 87 -50.37 6.47 37.84
N THR F 88 -49.59 6.13 36.80
CA THR F 88 -48.87 4.86 36.82
C THR F 88 -47.91 4.80 38.00
N GLU F 89 -47.23 5.91 38.29
CA GLU F 89 -46.35 5.97 39.45
C GLU F 89 -47.12 5.80 40.76
N GLU F 90 -48.29 6.46 40.86
CA GLU F 90 -49.14 6.33 42.04
C GLU F 90 -49.64 4.91 42.22
N GLY F 91 -49.72 4.15 41.13
CA GLY F 91 -50.00 2.73 41.25
C GLY F 91 -48.98 2.01 42.12
N LYS F 92 -47.77 2.55 42.21
CA LYS F 92 -46.72 2.07 43.10
C LYS F 92 -46.09 3.26 43.84
N ALA F 93 -46.95 4.13 44.37
CA ALA F 93 -46.50 5.40 44.93
C ALA F 93 -45.51 5.20 46.07
N LEU F 94 -44.29 5.70 45.88
CA LEU F 94 -43.25 5.57 46.87
C LEU F 94 -42.48 6.86 47.14
N VAL F 95 -42.72 7.93 46.38
CA VAL F 95 -42.01 9.19 46.59
C VAL F 95 -42.81 10.20 47.40
N HIS F 96 -44.14 10.07 47.46
CA HIS F 96 -44.94 11.03 48.20
C HIS F 96 -44.76 10.92 49.71
N HIS F 97 -44.10 9.87 50.21
CA HIS F 97 -43.62 9.91 51.58
C HIS F 97 -42.64 11.04 51.79
N TYR F 98 -41.85 11.37 50.76
CA TYR F 98 -41.02 12.57 50.83
C TYR F 98 -41.86 13.84 50.76
N GLU F 99 -42.99 13.82 50.03
CA GLU F 99 -43.90 14.96 50.09
C GLU F 99 -44.41 15.19 51.50
N GLU F 100 -44.80 14.12 52.18
CA GLU F 100 -45.32 14.28 53.53
C GLU F 100 -44.23 14.63 54.54
N CYS F 101 -43.01 14.14 54.34
CA CYS F 101 -41.92 14.55 55.22
C CYS F 101 -41.55 16.01 54.99
N ALA F 102 -41.63 16.49 53.75
CA ALA F 102 -41.48 17.92 53.49
C ALA F 102 -42.59 18.71 54.15
N GLU F 103 -43.82 18.18 54.12
CA GLU F 103 -44.93 18.85 54.78
C GLU F 103 -44.68 18.98 56.28
N ARG F 104 -44.21 17.91 56.92
CA ARG F 104 -43.98 18.01 58.36
C ARG F 104 -42.77 18.87 58.70
N VAL F 105 -41.72 18.84 57.87
CA VAL F 105 -40.60 19.75 58.07
C VAL F 105 -41.05 21.20 57.98
N LYS F 106 -41.87 21.53 56.99
CA LYS F 106 -42.31 22.90 56.76
C LYS F 106 -43.59 23.26 57.50
N ILE F 107 -44.10 22.37 58.35
CA ILE F 107 -45.20 22.70 59.25
C ILE F 107 -44.64 22.81 60.67
N GLN F 108 -43.51 22.15 60.93
CA GLN F 108 -42.87 22.20 62.24
C GLN F 108 -41.64 23.10 62.29
N GLN F 109 -40.92 23.27 61.19
CA GLN F 109 -39.65 24.00 61.18
C GLN F 109 -39.68 25.11 60.13
N GLN F 110 -40.73 25.93 60.13
CA GLN F 110 -40.85 27.02 59.17
C GLN F 110 -41.08 28.38 59.81
N GLN F 111 -40.89 28.52 61.13
CA GLN F 111 -41.09 29.81 61.81
C GLN F 111 -39.84 30.31 62.50
N PRO F 112 -38.74 30.56 61.76
CA PRO F 112 -37.63 31.32 62.35
C PRO F 112 -37.92 32.81 62.33
N GLY F 113 -38.21 33.36 63.52
CA GLY F 113 -38.44 34.79 63.64
C GLY F 113 -37.18 35.63 63.66
N TYR F 114 -36.02 34.99 63.84
CA TYR F 114 -34.74 35.67 63.80
C TYR F 114 -34.31 35.89 62.35
N ALA F 115 -33.87 37.10 62.04
CA ALA F 115 -33.51 37.50 60.68
C ALA F 115 -32.09 37.14 60.31
N ASP F 116 -31.32 36.52 61.22
CA ASP F 116 -29.94 36.14 60.95
C ASP F 116 -29.82 34.70 60.45
N LEU F 117 -30.84 34.21 59.76
CA LEU F 117 -30.86 32.86 59.23
C LEU F 117 -31.03 32.90 57.71
N GLU F 118 -30.20 32.13 57.01
CA GLU F 118 -30.28 32.05 55.56
C GLU F 118 -30.11 30.64 55.04
N HIS F 119 -30.10 29.64 55.91
CA HIS F 119 -29.80 28.25 55.54
C HIS F 119 -30.89 27.32 56.02
N LYS F 120 -32.14 27.63 55.68
CA LYS F 120 -33.25 26.75 55.99
C LYS F 120 -33.06 25.40 55.28
N GLU F 121 -32.93 24.34 56.07
CA GLU F 121 -32.81 23.00 55.51
C GLU F 121 -34.10 22.58 54.84
N ASP F 122 -33.97 21.82 53.75
CA ASP F 122 -35.08 21.51 52.86
C ASP F 122 -34.94 20.09 52.34
N CYS F 123 -35.94 19.26 52.61
CA CYS F 123 -36.04 17.91 52.03
C CYS F 123 -36.91 17.94 50.77
N VAL F 124 -36.61 18.86 49.86
CA VAL F 124 -37.43 19.03 48.66
C VAL F 124 -36.58 18.97 47.40
N GLU F 125 -35.44 19.68 47.41
CA GLU F 125 -34.69 19.88 46.17
C GLU F 125 -34.24 18.56 45.56
N GLU F 126 -33.57 17.71 46.34
CA GLU F 126 -33.19 16.40 45.81
C GLU F 126 -34.41 15.54 45.57
N PHE F 127 -35.44 15.68 46.41
CA PHE F 127 -36.71 14.99 46.19
C PHE F 127 -37.30 15.37 44.85
N PHE F 128 -37.42 16.66 44.57
CA PHE F 128 -38.01 17.10 43.31
C PHE F 128 -37.15 16.66 42.13
N HIS F 129 -35.83 16.78 42.25
CA HIS F 129 -34.95 16.34 41.17
C HIS F 129 -35.15 14.87 40.85
N LEU F 130 -35.11 14.02 41.88
CA LEU F 130 -35.27 12.58 41.63
C LEU F 130 -36.66 12.26 41.10
N GLN F 131 -37.69 12.93 41.61
CA GLN F 131 -39.05 12.65 41.16
C GLN F 131 -39.22 13.00 39.68
N HIS F 132 -38.82 14.22 39.29
CA HIS F 132 -38.93 14.60 37.89
C HIS F 132 -38.06 13.72 37.00
N TYR F 133 -36.84 13.40 37.45
CA TYR F 133 -35.98 12.55 36.63
C TYR F 133 -36.60 11.17 36.41
N LEU F 134 -37.11 10.55 37.48
CA LEU F 134 -37.70 9.22 37.37
C LEU F 134 -38.95 9.24 36.50
N ASP F 135 -39.83 10.24 36.71
CA ASP F 135 -41.08 10.24 35.96
C ASP F 135 -40.87 10.63 34.50
N THR F 136 -39.89 11.49 34.22
CA THR F 136 -39.59 11.92 32.86
C THR F 136 -38.71 10.92 32.12
N ALA F 137 -38.07 9.99 32.83
CA ALA F 137 -37.35 8.91 32.16
C ALA F 137 -38.30 8.07 31.32
N THR F 138 -39.55 7.95 31.74
CA THR F 138 -40.58 7.26 30.99
C THR F 138 -41.32 8.19 30.03
N ALA F 139 -41.15 9.50 30.19
CA ALA F 139 -41.88 10.47 29.37
C ALA F 139 -41.65 10.34 27.86
N PRO F 140 -40.41 10.15 27.34
CA PRO F 140 -40.23 10.25 25.89
C PRO F 140 -40.90 9.13 25.11
N ARG F 141 -42.23 9.13 25.12
CA ARG F 141 -43.04 8.17 24.39
C ARG F 141 -44.35 8.85 24.00
N LEU F 142 -45.26 8.07 23.43
CA LEU F 142 -46.59 8.56 23.03
C LEU F 142 -46.48 9.75 22.08
N PHE F 143 -45.89 9.48 20.91
CA PHE F 143 -45.67 10.52 19.90
C PHE F 143 -46.94 10.74 19.09
N ASP F 144 -47.96 11.25 19.78
CA ASP F 144 -49.21 11.67 19.16
C ASP F 144 -49.24 13.17 18.87
N LYS F 145 -48.07 13.75 18.56
CA LYS F 145 -47.94 15.18 18.29
C LYS F 145 -48.53 15.46 16.91
N LEU F 146 -49.85 15.61 16.88
CA LEU F 146 -50.56 15.86 15.63
C LEU F 146 -50.12 17.19 15.02
N LYS F 147 -49.85 17.17 13.72
CA LYS F 147 -49.46 18.38 13.01
C LYS F 147 -50.21 18.50 11.69
N GLY G 2 31.47 17.66 -2.99
CA GLY G 2 30.63 17.37 -1.85
C GLY G 2 31.37 16.67 -0.73
N PRO G 3 31.57 17.38 0.39
CA PRO G 3 32.27 16.76 1.51
C PRO G 3 31.44 15.64 2.12
N PRO G 4 32.08 14.60 2.65
CA PRO G 4 31.33 13.54 3.31
C PRO G 4 30.62 14.04 4.55
N SER G 5 29.48 13.42 4.85
CA SER G 5 28.69 13.80 6.01
C SER G 5 29.32 13.25 7.29
N GLY G 6 28.63 13.44 8.41
CA GLY G 6 29.13 12.97 9.68
C GLY G 6 29.08 11.45 9.77
N LYS G 7 29.84 10.92 10.74
CA LYS G 7 29.90 9.49 10.95
C LYS G 7 28.61 9.01 11.61
N THR G 8 27.85 8.19 10.89
CA THR G 8 26.59 7.65 11.38
C THR G 8 26.57 6.15 11.11
N TYR G 9 25.91 5.41 12.01
CA TYR G 9 25.90 3.96 11.91
C TYR G 9 25.20 3.48 10.64
N MET G 10 24.07 4.10 10.29
CA MET G 10 23.36 3.75 9.08
C MET G 10 23.59 4.81 8.01
N GLY G 11 23.65 4.37 6.75
CA GLY G 11 23.88 5.27 5.64
C GLY G 11 22.99 5.00 4.45
N TRP G 12 23.58 4.86 3.28
CA TRP G 12 22.86 4.61 2.05
C TRP G 12 23.09 3.18 1.58
N TRP G 13 22.40 2.82 0.49
CA TRP G 13 22.46 1.46 -0.04
C TRP G 13 23.89 1.08 -0.38
N GLY G 14 24.28 -0.12 0.05
CA GLY G 14 25.63 -0.62 -0.07
C GLY G 14 26.46 -0.44 1.19
N HIS G 15 26.08 0.49 2.07
CA HIS G 15 26.82 0.73 3.31
C HIS G 15 25.86 0.92 4.48
N MET G 16 24.97 -0.05 4.68
CA MET G 16 24.08 -0.05 5.84
C MET G 16 24.84 0.14 7.14
N GLY G 17 26.05 -0.44 7.23
CA GLY G 17 26.83 -0.40 8.44
C GLY G 17 26.62 -1.57 9.36
N GLY G 18 25.65 -2.44 9.07
CA GLY G 18 25.40 -3.61 9.87
C GLY G 18 26.48 -4.66 9.66
N PRO G 19 26.48 -5.68 10.51
CA PRO G 19 27.52 -6.71 10.42
C PRO G 19 27.47 -7.44 9.08
N LYS G 20 28.64 -7.74 8.54
CA LYS G 20 28.71 -8.53 7.32
C LYS G 20 28.22 -9.94 7.60
N GLN G 21 27.33 -10.43 6.74
CA GLN G 21 26.67 -11.71 6.95
C GLN G 21 26.75 -12.56 5.70
N LYS G 22 26.84 -13.88 5.90
CA LYS G 22 26.79 -14.82 4.80
C LYS G 22 26.11 -16.09 5.28
N GLY G 23 25.40 -16.75 4.36
CA GLY G 23 24.61 -17.92 4.69
C GLY G 23 23.12 -17.66 4.79
N ILE G 24 22.67 -16.42 4.55
CA ILE G 24 21.26 -16.07 4.59
C ILE G 24 20.71 -16.14 3.17
N THR G 25 19.61 -16.87 2.99
CA THR G 25 18.97 -17.02 1.70
C THR G 25 17.50 -16.63 1.81
N SER G 26 17.04 -15.78 0.89
CA SER G 26 15.65 -15.37 0.85
C SER G 26 14.93 -16.07 -0.29
N TYR G 27 13.60 -16.04 -0.22
CA TYR G 27 12.76 -16.69 -1.24
C TYR G 27 11.49 -15.86 -1.39
N ALA G 28 11.50 -14.94 -2.35
CA ALA G 28 10.32 -14.14 -2.63
C ALA G 28 9.57 -14.75 -3.81
N VAL G 29 8.37 -14.23 -4.06
CA VAL G 29 7.57 -14.64 -5.20
C VAL G 29 6.58 -13.51 -5.49
N SER G 30 6.22 -13.35 -6.76
CA SER G 30 5.45 -12.19 -7.17
C SER G 30 4.07 -12.19 -6.53
N PRO G 31 3.55 -11.01 -6.17
CA PRO G 31 2.17 -10.94 -5.69
C PRO G 31 1.14 -11.34 -6.73
N TYR G 32 1.50 -11.30 -8.02
CA TYR G 32 0.55 -11.70 -9.06
C TYR G 32 0.23 -13.18 -8.97
N ALA G 33 1.21 -14.01 -8.62
CA ALA G 33 0.99 -15.44 -8.48
C ALA G 33 0.65 -15.83 -7.04
N GLN G 34 -0.32 -15.12 -6.46
CA GLN G 34 -0.79 -15.41 -5.10
C GLN G 34 -2.25 -14.98 -4.98
N LYS G 35 -2.87 -15.41 -3.88
CA LYS G 35 -4.15 -14.88 -3.46
C LYS G 35 -3.90 -13.75 -2.47
N PRO G 36 -4.25 -12.51 -2.82
CA PRO G 36 -3.91 -11.38 -1.92
C PRO G 36 -4.55 -11.45 -0.55
N LEU G 37 -5.71 -12.10 -0.41
CA LEU G 37 -6.36 -12.24 0.88
C LEU G 37 -6.49 -13.71 1.25
N GLN G 38 -5.40 -14.48 1.10
CA GLN G 38 -5.49 -15.92 1.29
C GLN G 38 -5.95 -16.28 2.70
N GLY G 39 -5.48 -15.55 3.71
CA GLY G 39 -5.78 -15.91 5.08
C GLY G 39 -6.28 -14.79 5.97
N ILE G 40 -7.12 -13.90 5.45
CA ILE G 40 -7.55 -12.74 6.23
C ILE G 40 -8.42 -13.16 7.41
N PHE G 41 -9.32 -14.13 7.20
CA PHE G 41 -10.23 -14.53 8.27
C PHE G 41 -9.49 -15.23 9.40
N HIS G 42 -8.61 -16.17 9.06
CA HIS G 42 -7.84 -16.87 10.08
C HIS G 42 -7.01 -15.88 10.89
N ASN G 43 -6.35 -14.95 10.21
CA ASN G 43 -5.62 -13.90 10.93
C ASN G 43 -6.56 -13.14 11.86
N ALA G 44 -7.56 -12.46 11.29
CA ALA G 44 -8.39 -11.53 12.04
C ALA G 44 -9.17 -12.21 13.16
N VAL G 45 -9.29 -13.54 13.15
CA VAL G 45 -9.94 -14.20 14.28
C VAL G 45 -8.88 -14.73 15.23
N PHE G 46 -8.08 -15.71 14.79
CA PHE G 46 -7.20 -16.41 15.71
C PHE G 46 -6.07 -15.51 16.21
N ASN G 47 -5.38 -14.84 15.30
CA ASN G 47 -4.23 -14.04 15.71
C ASN G 47 -4.68 -12.82 16.51
N SER G 48 -5.81 -12.23 16.13
CA SER G 48 -6.34 -11.10 16.90
C SER G 48 -6.71 -11.53 18.32
N PHE G 49 -7.37 -12.68 18.46
CA PHE G 49 -7.73 -13.13 19.79
C PHE G 49 -6.49 -13.51 20.61
N ARG G 50 -5.49 -14.11 19.95
CA ARG G 50 -4.27 -14.48 20.66
C ARG G 50 -3.53 -13.23 21.14
N ARG G 51 -3.43 -12.20 20.31
CA ARG G 51 -2.77 -10.97 20.72
C ARG G 51 -3.56 -10.27 21.83
N PHE G 52 -4.90 -10.29 21.75
CA PHE G 52 -5.71 -9.71 22.82
C PHE G 52 -5.49 -10.45 24.12
N LYS G 53 -5.43 -11.78 24.07
CA LYS G 53 -5.18 -12.56 25.28
C LYS G 53 -3.79 -12.27 25.84
N SER G 54 -2.80 -12.13 24.96
CA SER G 54 -1.44 -11.82 25.41
C SER G 54 -1.38 -10.46 26.10
N GLN G 55 -2.07 -9.46 25.55
CA GLN G 55 -2.06 -8.12 26.13
C GLN G 55 -3.10 -7.94 27.23
N PHE G 56 -3.91 -8.96 27.50
CA PHE G 56 -4.93 -8.94 28.55
C PHE G 56 -4.36 -9.07 29.95
N LEU G 57 -3.05 -8.92 30.15
CA LEU G 57 -2.47 -9.03 31.48
C LEU G 57 -1.81 -7.74 31.97
N TYR G 58 -1.84 -6.67 31.16
CA TYR G 58 -1.14 -5.44 31.50
C TYR G 58 -1.96 -4.17 31.33
N VAL G 59 -3.11 -4.23 30.66
CA VAL G 59 -3.85 -3.02 30.29
C VAL G 59 -5.04 -2.78 31.21
N LEU G 60 -5.83 -3.82 31.48
CA LEU G 60 -7.10 -3.61 32.16
C LEU G 60 -6.96 -3.32 33.64
N ILE G 61 -5.87 -3.78 34.29
CA ILE G 61 -5.73 -3.58 35.73
C ILE G 61 -5.63 -2.11 36.11
N PRO G 62 -4.73 -1.30 35.51
CA PRO G 62 -4.70 0.13 35.88
C PRO G 62 -6.00 0.85 35.54
N ALA G 63 -6.62 0.49 34.42
CA ALA G 63 -7.89 1.10 34.06
C ALA G 63 -8.94 0.79 35.12
N GLY G 64 -9.00 -0.45 35.59
CA GLY G 64 -9.96 -0.81 36.60
C GLY G 64 -9.72 -0.13 37.93
N ILE G 65 -8.45 -0.06 38.35
CA ILE G 65 -8.18 0.56 39.66
C ILE G 65 -8.47 2.06 39.61
N TYR G 66 -8.11 2.73 38.51
CA TYR G 66 -8.41 4.15 38.42
C TYR G 66 -9.89 4.41 38.22
N TRP G 67 -10.60 3.50 37.55
CA TRP G 67 -12.04 3.60 37.46
C TRP G 67 -12.68 3.49 38.84
N TYR G 68 -12.18 2.56 39.67
CA TYR G 68 -12.69 2.46 41.03
C TYR G 68 -12.40 3.72 41.82
N TRP G 69 -11.21 4.29 41.65
CA TRP G 69 -10.88 5.53 42.35
C TRP G 69 -11.83 6.65 41.95
N TRP G 70 -12.05 6.82 40.65
CA TRP G 70 -12.95 7.87 40.17
C TRP G 70 -14.37 7.65 40.65
N LYS G 71 -14.85 6.40 40.60
CA LYS G 71 -16.21 6.12 41.05
C LYS G 71 -16.36 6.35 42.55
N ASN G 72 -15.35 5.97 43.34
CA ASN G 72 -15.41 6.22 44.77
C ASN G 72 -15.43 7.71 45.07
N GLY G 73 -14.62 8.48 44.35
CA GLY G 73 -14.69 9.93 44.50
C GLY G 73 -16.05 10.49 44.13
N ASN G 74 -16.65 9.97 43.06
CA ASN G 74 -17.98 10.42 42.66
C ASN G 74 -19.02 10.08 43.72
N GLU G 75 -18.96 8.87 44.29
CA GLU G 75 -19.90 8.51 45.34
C GLU G 75 -19.72 9.39 46.57
N TYR G 76 -18.47 9.67 46.93
CA TYR G 76 -18.21 10.55 48.07
C TYR G 76 -18.78 11.95 47.81
N ASN G 77 -18.58 12.47 46.61
CA ASN G 77 -19.12 13.79 46.26
C ASN G 77 -20.64 13.80 46.31
N GLU G 78 -21.28 12.78 45.75
CA GLU G 78 -22.74 12.74 45.73
C GLU G 78 -23.30 12.60 47.15
N PHE G 79 -22.67 11.77 47.97
CA PHE G 79 -23.16 11.56 49.33
C PHE G 79 -22.93 12.79 50.20
N LEU G 80 -21.85 13.56 49.96
CA LEU G 80 -21.58 14.72 50.78
C LEU G 80 -22.67 15.78 50.63
N TYR G 81 -23.06 16.09 49.39
CA TYR G 81 -24.10 17.10 49.16
C TYR G 81 -25.48 16.47 49.06
N SER G 82 -25.85 15.66 50.05
CA SER G 82 -27.17 15.06 50.10
C SER G 82 -27.47 14.67 51.54
N LYS G 83 -28.34 15.43 52.20
CA LYS G 83 -28.74 15.19 53.59
C LYS G 83 -27.55 15.14 54.53
N ALA G 84 -26.41 15.70 54.13
CA ALA G 84 -25.25 15.81 55.00
C ALA G 84 -24.53 17.15 54.86
N GLY G 85 -24.99 18.04 53.97
CA GLY G 85 -24.28 19.27 53.70
C GLY G 85 -24.30 20.27 54.83
N ARG G 86 -25.26 20.17 55.74
CA ARG G 86 -25.38 21.12 56.84
C ARG G 86 -24.72 20.61 58.12
N GLU G 87 -24.35 19.34 58.18
CA GLU G 87 -23.67 18.80 59.36
C GLU G 87 -22.35 18.12 59.04
N GLU G 88 -22.23 17.49 57.88
CA GLU G 88 -20.99 16.83 57.48
C GLU G 88 -20.08 17.70 56.63
N LEU G 89 -20.65 18.57 55.78
CA LEU G 89 -19.83 19.40 54.91
C LEU G 89 -19.13 20.52 55.66
N GLU G 90 -19.64 20.91 56.84
CA GLU G 90 -18.99 21.94 57.63
C GLU G 90 -17.74 21.41 58.34
N ARG G 91 -17.73 20.12 58.69
CA ARG G 91 -16.59 19.52 59.38
C ARG G 91 -15.57 18.91 58.43
N VAL G 92 -15.75 19.08 57.12
CA VAL G 92 -14.75 18.67 56.15
C VAL G 92 -14.04 19.86 55.51
N ASN G 93 -14.62 21.05 55.56
CA ASN G 93 -14.03 22.25 55.00
C ASN G 93 -13.18 23.04 56.00
N VAL G 94 -13.02 22.53 57.21
CA VAL G 94 -12.21 23.19 58.21
C VAL G 94 -10.74 23.13 57.82
N MET H 1 23.85 7.54 -11.59
CA MET H 1 23.16 8.79 -11.85
C MET H 1 22.20 8.70 -13.02
N ALA H 2 20.98 8.23 -12.76
CA ALA H 2 19.89 8.37 -13.70
C ALA H 2 19.31 9.77 -13.58
N PHE H 3 18.32 10.09 -14.43
CA PHE H 3 17.74 11.43 -14.40
C PHE H 3 17.09 11.73 -13.06
N ARG H 4 16.51 10.71 -12.42
CA ARG H 4 15.85 10.93 -11.13
C ARG H 4 16.83 11.36 -10.06
N LYS H 5 18.02 10.75 -10.03
CA LYS H 5 18.98 11.02 -8.97
C LYS H 5 20.10 11.97 -9.39
N SER H 6 20.36 12.14 -10.69
CA SER H 6 21.39 13.08 -11.11
C SER H 6 20.92 14.53 -10.92
N ASN H 7 19.69 14.84 -11.31
CA ASN H 7 19.16 16.18 -11.14
C ASN H 7 18.96 16.48 -9.66
N VAL H 8 19.50 17.62 -9.21
CA VAL H 8 19.52 17.93 -7.79
C VAL H 8 18.12 18.10 -7.23
N TYR H 9 17.23 18.78 -7.97
CA TYR H 9 15.87 18.96 -7.51
C TYR H 9 15.15 17.63 -7.38
N LEU H 10 15.32 16.75 -8.37
CA LEU H 10 14.73 15.42 -8.27
C LEU H 10 15.50 14.53 -7.31
N SER H 11 16.80 14.79 -7.12
CA SER H 11 17.58 14.00 -6.16
C SER H 11 17.12 14.26 -4.73
N LEU H 12 16.74 15.50 -4.41
CA LEU H 12 16.24 15.80 -3.08
C LEU H 12 14.98 15.00 -2.78
N VAL H 13 14.05 14.94 -3.74
CA VAL H 13 12.84 14.15 -3.57
C VAL H 13 13.19 12.66 -3.52
N ASN H 14 14.18 12.25 -4.30
CA ASN H 14 14.57 10.84 -4.33
C ASN H 14 15.08 10.37 -2.99
N SER H 15 15.88 11.20 -2.30
CA SER H 15 16.42 10.80 -1.01
C SER H 15 15.35 10.77 0.07
N TYR H 16 14.28 11.56 -0.08
CA TYR H 16 13.22 11.64 0.92
C TYR H 16 12.03 10.74 0.56
N ILE H 17 11.44 10.95 -0.61
CA ILE H 17 10.19 10.30 -0.98
C ILE H 17 10.41 9.05 -1.82
N ILE H 18 11.20 9.16 -2.89
CA ILE H 18 11.32 8.07 -3.85
C ILE H 18 12.06 6.89 -3.24
N ASP H 19 13.12 7.15 -2.47
CA ASP H 19 13.93 6.06 -1.91
C ASP H 19 14.45 6.50 -0.55
N SER H 20 14.05 5.78 0.49
CA SER H 20 14.53 6.01 1.84
C SER H 20 14.46 4.70 2.63
N PRO H 21 15.58 4.21 3.15
CA PRO H 21 15.62 2.88 3.80
C PRO H 21 14.99 2.85 5.19
N GLN H 22 13.66 2.70 5.22
CA GLN H 22 12.98 2.40 6.46
C GLN H 22 13.04 0.90 6.75
N PRO H 23 12.95 0.50 8.01
CA PRO H 23 12.93 -0.93 8.33
C PRO H 23 11.61 -1.56 7.97
N SER H 24 11.61 -2.88 7.90
CA SER H 24 10.46 -3.65 7.46
C SER H 24 9.55 -4.08 8.61
N SER H 25 9.86 -3.69 9.85
CA SER H 25 9.06 -4.07 11.01
C SER H 25 8.17 -2.93 11.48
N ILE H 26 7.95 -1.91 10.65
CA ILE H 26 7.16 -0.75 11.06
C ILE H 26 5.72 -1.17 11.30
N ASN H 27 5.19 -0.80 12.46
CA ASN H 27 3.79 -1.02 12.79
C ASN H 27 2.95 0.10 12.18
N TYR H 28 1.69 0.21 12.61
CA TYR H 28 0.80 1.27 12.17
C TYR H 28 0.92 2.52 13.03
N TRP H 29 2.08 2.75 13.65
CA TRP H 29 2.27 3.88 14.54
C TRP H 29 3.09 5.01 13.94
N TRP H 30 3.90 4.73 12.91
CA TRP H 30 4.72 5.76 12.28
C TRP H 30 3.98 6.49 11.17
N ASN H 31 3.16 5.75 10.41
CA ASN H 31 2.24 6.40 9.51
C ASN H 31 1.29 7.33 10.26
N MET H 32 1.11 7.10 11.56
CA MET H 32 0.40 8.05 12.41
C MET H 32 1.15 9.37 12.49
N GLY H 33 2.48 9.33 12.58
CA GLY H 33 3.25 10.57 12.55
C GLY H 33 3.20 11.26 11.19
N SER H 34 3.27 10.48 10.12
CA SER H 34 3.10 11.07 8.79
C SER H 34 1.71 11.70 8.66
N LEU H 35 0.70 11.05 9.21
CA LEU H 35 -0.65 11.59 9.24
C LEU H 35 -0.71 12.89 10.04
N LEU H 36 0.07 12.95 11.14
CA LEU H 36 0.18 14.18 11.91
C LEU H 36 0.70 15.31 11.02
N GLY H 37 1.77 15.05 10.28
CA GLY H 37 2.31 16.07 9.40
C GLY H 37 1.30 16.51 8.34
N LEU H 38 0.58 15.55 7.76
CA LEU H 38 -0.35 15.89 6.69
C LEU H 38 -1.56 16.67 7.22
N CYS H 39 -2.07 16.29 8.39
CA CYS H 39 -3.17 17.08 8.95
C CYS H 39 -2.68 18.45 9.38
N LEU H 40 -1.42 18.57 9.77
CA LEU H 40 -0.85 19.89 10.04
C LEU H 40 -0.88 20.76 8.80
N VAL H 41 -0.43 20.23 7.66
CA VAL H 41 -0.42 21.06 6.46
C VAL H 41 -1.84 21.35 5.98
N ILE H 42 -2.78 20.42 6.21
CA ILE H 42 -4.18 20.70 5.90
C ILE H 42 -4.69 21.86 6.74
N GLN H 43 -4.34 21.87 8.03
CA GLN H 43 -4.71 22.99 8.88
C GLN H 43 -4.11 24.29 8.36
N ILE H 44 -2.86 24.24 7.90
CA ILE H 44 -2.21 25.44 7.37
C ILE H 44 -2.96 25.97 6.15
N VAL H 45 -3.33 25.08 5.22
CA VAL H 45 -3.94 25.55 3.98
C VAL H 45 -5.35 26.09 4.25
N THR H 46 -6.12 25.42 5.11
CA THR H 46 -7.44 25.97 5.42
C THR H 46 -7.32 27.28 6.20
N GLY H 47 -6.27 27.43 7.01
CA GLY H 47 -6.02 28.71 7.64
C GLY H 47 -5.70 29.80 6.64
N ILE H 48 -4.94 29.45 5.58
CA ILE H 48 -4.67 30.42 4.53
C ILE H 48 -5.97 30.86 3.87
N PHE H 49 -6.87 29.91 3.57
CA PHE H 49 -8.15 30.28 2.97
C PHE H 49 -8.96 31.17 3.91
N MET H 50 -8.99 30.85 5.20
CA MET H 50 -9.67 31.69 6.17
C MET H 50 -9.10 33.10 6.16
N ALA H 51 -7.78 33.23 6.32
CA ALA H 51 -7.14 34.53 6.31
C ALA H 51 -7.45 35.29 5.03
N MET H 52 -7.62 34.57 3.92
CA MET H 52 -8.08 35.19 2.69
C MET H 52 -9.49 35.76 2.86
N HIS H 53 -10.35 35.06 3.61
CA HIS H 53 -11.73 35.48 3.76
C HIS H 53 -12.10 35.80 5.21
N TYR H 54 -11.21 36.46 5.95
CA TYR H 54 -11.46 36.78 7.36
C TYR H 54 -11.03 38.21 7.65
N SER H 55 -11.78 38.84 8.56
CA SER H 55 -11.46 40.17 9.06
C SER H 55 -11.32 40.12 10.59
N SER H 56 -10.32 40.80 11.11
CA SER H 56 -9.93 40.67 12.52
C SER H 56 -10.33 41.86 13.38
N ASN H 57 -10.92 42.90 12.82
CA ASN H 57 -11.32 44.06 13.62
C ASN H 57 -12.47 43.69 14.55
N ILE H 58 -12.46 44.31 15.74
CA ILE H 58 -13.49 44.02 16.74
C ILE H 58 -14.88 44.33 16.20
N GLU H 59 -15.01 45.42 15.45
CA GLU H 59 -16.30 45.77 14.86
C GLU H 59 -16.74 44.75 13.81
N LEU H 60 -15.85 43.87 13.35
CA LEU H 60 -16.20 42.91 12.32
C LEU H 60 -15.68 41.50 12.58
N ALA H 61 -14.97 41.24 13.68
CA ALA H 61 -14.41 39.90 13.91
C ALA H 61 -15.51 38.86 14.02
N PHE H 62 -16.48 39.09 14.91
CA PHE H 62 -17.62 38.20 14.97
C PHE H 62 -18.45 38.29 13.69
N SER H 63 -18.55 39.48 13.12
CA SER H 63 -19.21 39.63 11.83
C SER H 63 -18.51 38.82 10.76
N SER H 64 -17.17 38.85 10.74
CA SER H 64 -16.43 38.08 9.75
C SER H 64 -16.62 36.57 9.96
N VAL H 65 -16.59 36.11 11.20
CA VAL H 65 -16.71 34.68 11.44
C VAL H 65 -18.11 34.19 11.09
N GLU H 66 -19.14 34.97 11.40
CA GLU H 66 -20.49 34.55 11.02
C GLU H 66 -20.74 34.71 9.52
N HIS H 67 -20.05 35.63 8.86
CA HIS H 67 -20.17 35.75 7.41
C HIS H 67 -19.52 34.57 6.70
N ILE H 68 -18.32 34.17 7.14
CA ILE H 68 -17.70 32.97 6.60
C ILE H 68 -18.49 31.73 7.00
N MET H 69 -19.24 31.79 8.11
CA MET H 69 -20.11 30.69 8.49
C MET H 69 -21.31 30.56 7.54
N ARG H 70 -21.93 31.69 7.20
CA ARG H 70 -23.26 31.67 6.60
C ARG H 70 -23.30 32.22 5.18
N ASP H 71 -22.65 33.35 4.92
CA ASP H 71 -22.86 34.12 3.70
C ASP H 71 -21.80 33.84 2.64
N VAL H 72 -21.33 32.60 2.53
CA VAL H 72 -20.36 32.24 1.50
C VAL H 72 -20.50 30.75 1.22
N HIS H 73 -20.37 30.38 -0.06
CA HIS H 73 -20.44 28.98 -0.45
C HIS H 73 -19.28 28.20 0.16
N ASN H 74 -19.59 27.01 0.68
CA ASN H 74 -18.61 26.13 1.32
C ASN H 74 -17.87 26.83 2.46
N GLY H 75 -18.59 27.68 3.21
CA GLY H 75 -17.98 28.43 4.28
C GLY H 75 -17.96 27.75 5.63
N TYR H 76 -19.14 27.32 6.09
CA TYR H 76 -19.24 26.62 7.38
C TYR H 76 -18.34 25.40 7.42
N ILE H 77 -18.15 24.75 6.26
CA ILE H 77 -17.26 23.61 6.18
C ILE H 77 -15.86 23.98 6.62
N LEU H 78 -15.40 25.19 6.27
CA LEU H 78 -14.06 25.61 6.64
C LEU H 78 -13.91 25.71 8.15
N ARG H 79 -14.88 26.32 8.84
CA ARG H 79 -14.82 26.42 10.29
C ARG H 79 -14.85 25.04 10.94
N TYR H 80 -15.74 24.18 10.47
CA TYR H 80 -15.83 22.83 11.05
C TYR H 80 -14.53 22.06 10.83
N LEU H 81 -13.93 22.19 9.64
CA LEU H 81 -12.65 21.55 9.39
C LEU H 81 -11.57 22.09 10.30
N HIS H 82 -11.56 23.41 10.54
CA HIS H 82 -10.59 23.97 11.48
C HIS H 82 -10.72 23.34 12.86
N ALA H 83 -11.94 23.31 13.39
CA ALA H 83 -12.14 22.78 14.73
C ALA H 83 -11.72 21.31 14.81
N ASN H 84 -12.26 20.48 13.91
CA ASN H 84 -11.95 19.06 13.95
C ASN H 84 -10.47 18.79 13.67
N GLY H 85 -9.85 19.59 12.79
CA GLY H 85 -8.44 19.41 12.52
C GLY H 85 -7.57 19.76 13.70
N ALA H 86 -7.91 20.82 14.43
CA ALA H 86 -7.15 21.14 15.64
C ALA H 86 -7.28 20.02 16.67
N SER H 87 -8.51 19.53 16.89
CA SER H 87 -8.70 18.47 17.86
C SER H 87 -7.93 17.21 17.47
N PHE H 88 -8.04 16.80 16.20
CA PHE H 88 -7.33 15.63 15.73
C PHE H 88 -5.81 15.85 15.75
N PHE H 89 -5.38 17.08 15.51
CA PHE H 89 -3.96 17.41 15.55
C PHE H 89 -3.39 17.17 16.93
N PHE H 90 -4.09 17.63 17.96
CA PHE H 90 -3.59 17.38 19.31
C PHE H 90 -3.72 15.91 19.71
N MET H 91 -4.80 15.24 19.29
CA MET H 91 -4.92 13.82 19.59
C MET H 91 -3.77 13.03 18.97
N VAL H 92 -3.45 13.32 17.71
CA VAL H 92 -2.38 12.60 17.03
C VAL H 92 -1.01 13.01 17.57
N MET H 93 -0.86 14.24 18.07
CA MET H 93 0.37 14.60 18.76
C MET H 93 0.56 13.78 20.01
N PHE H 94 -0.51 13.60 20.80
CA PHE H 94 -0.42 12.76 21.99
C PHE H 94 -0.10 11.32 21.63
N MET H 95 -0.71 10.81 20.56
CA MET H 95 -0.39 9.44 20.12
C MET H 95 1.07 9.33 19.69
N HIS H 96 1.58 10.35 18.98
CA HIS H 96 2.98 10.35 18.56
C HIS H 96 3.91 10.32 19.75
N MET H 97 3.63 11.15 20.77
CA MET H 97 4.46 11.15 21.96
C MET H 97 4.39 9.82 22.70
N ALA H 98 3.19 9.23 22.78
CA ALA H 98 3.06 7.94 23.45
C ALA H 98 3.86 6.86 22.72
N LYS H 99 3.78 6.85 21.39
CA LYS H 99 4.56 5.89 20.62
C LYS H 99 6.07 6.10 20.83
N GLY H 100 6.50 7.37 20.84
CA GLY H 100 7.91 7.64 21.06
C GLY H 100 8.38 7.20 22.44
N LEU H 101 7.55 7.43 23.46
CA LEU H 101 7.95 7.11 24.83
C LEU H 101 7.93 5.61 25.10
N TYR H 102 6.93 4.91 24.57
CA TYR H 102 6.76 3.49 24.89
C TYR H 102 7.84 2.64 24.23
N TYR H 103 8.20 2.96 22.99
CA TYR H 103 9.11 2.15 22.21
C TYR H 103 10.58 2.53 22.42
N GLY H 104 10.86 3.45 23.33
CA GLY H 104 12.24 3.82 23.61
C GLY H 104 12.94 4.48 22.44
N SER H 105 12.27 5.44 21.80
CA SER H 105 12.84 6.18 20.69
C SER H 105 13.47 7.50 21.14
N TYR H 106 13.58 7.74 22.44
CA TYR H 106 14.25 8.91 22.97
C TYR H 106 15.71 8.66 23.29
N ARG H 107 16.22 7.48 22.93
CA ARG H 107 17.54 7.05 23.37
C ARG H 107 18.62 7.78 22.58
N SER H 108 19.87 7.34 22.75
CA SER H 108 21.04 8.06 22.24
C SER H 108 20.99 8.38 20.74
N PRO H 109 20.56 7.49 19.84
CA PRO H 109 20.66 7.84 18.41
C PRO H 109 19.89 9.09 18.01
N ARG H 110 18.75 9.36 18.63
CA ARG H 110 17.89 10.46 18.21
C ARG H 110 17.48 11.34 19.40
N VAL H 111 18.43 11.59 20.30
CA VAL H 111 18.18 12.53 21.39
C VAL H 111 17.88 13.92 20.84
N THR H 112 18.64 14.34 19.83
CA THR H 112 18.42 15.65 19.22
C THR H 112 17.02 15.75 18.65
N LEU H 113 16.57 14.68 17.98
CA LEU H 113 15.20 14.63 17.49
C LEU H 113 14.21 14.76 18.65
N TRP H 114 14.52 14.13 19.78
CA TRP H 114 13.61 14.20 20.92
C TRP H 114 13.47 15.64 21.43
N ASN H 115 14.59 16.36 21.60
CA ASN H 115 14.48 17.75 22.04
C ASN H 115 13.78 18.63 21.00
N VAL H 116 14.04 18.39 19.71
CA VAL H 116 13.34 19.15 18.69
C VAL H 116 11.83 18.96 18.81
N GLY H 117 11.40 17.71 18.99
CA GLY H 117 9.98 17.46 19.19
C GLY H 117 9.45 18.11 20.45
N VAL H 118 10.23 18.06 21.52
CA VAL H 118 9.77 18.64 22.79
C VAL H 118 9.53 20.13 22.63
N ILE H 119 10.46 20.84 21.99
CA ILE H 119 10.27 22.28 21.82
C ILE H 119 9.13 22.57 20.84
N ILE H 120 8.94 21.70 19.83
CA ILE H 120 7.77 21.84 18.97
C ILE H 120 6.50 21.82 19.81
N PHE H 121 6.41 20.86 20.73
CA PHE H 121 5.23 20.77 21.59
C PHE H 121 5.10 22.01 22.47
N ILE H 122 6.22 22.45 23.05
CA ILE H 122 6.21 23.58 23.97
C ILE H 122 5.65 24.83 23.30
N LEU H 123 6.01 25.06 22.03
CA LEU H 123 5.51 26.26 21.38
C LEU H 123 4.19 26.03 20.63
N THR H 124 3.84 24.78 20.32
CA THR H 124 2.57 24.55 19.64
C THR H 124 1.40 24.58 20.61
N ILE H 125 1.60 24.23 21.88
CA ILE H 125 0.54 24.47 22.85
C ILE H 125 0.28 25.97 22.99
N ALA H 126 1.35 26.76 22.96
CA ALA H 126 1.22 28.21 22.96
C ALA H 126 0.41 28.68 21.76
N THR H 127 0.78 28.25 20.56
CA THR H 127 0.07 28.72 19.36
C THR H 127 -1.37 28.23 19.35
N ALA H 128 -1.65 27.07 19.95
CA ALA H 128 -3.03 26.62 20.08
C ALA H 128 -3.82 27.58 20.97
N PHE H 129 -3.23 27.99 22.10
CA PHE H 129 -3.89 28.98 22.94
C PHE H 129 -4.11 30.27 22.16
N LEU H 130 -3.11 30.70 21.39
CA LEU H 130 -3.22 31.95 20.64
C LEU H 130 -4.34 31.89 19.61
N GLY H 131 -4.48 30.74 18.93
CA GLY H 131 -5.60 30.56 18.03
C GLY H 131 -6.93 30.53 18.76
N TYR H 132 -6.95 29.92 19.95
CA TYR H 132 -8.13 29.96 20.79
C TYR H 132 -8.52 31.38 21.14
N CYS H 133 -7.54 32.27 21.29
CA CYS H 133 -7.82 33.67 21.60
C CYS H 133 -8.49 34.39 20.44
N CYS H 134 -8.17 34.02 19.20
CA CYS H 134 -8.63 34.76 18.03
C CYS H 134 -10.15 34.68 17.83
N VAL H 135 -10.84 33.78 18.52
CA VAL H 135 -12.29 33.64 18.32
C VAL H 135 -13.02 34.92 18.74
N TYR H 136 -12.61 35.50 19.87
CA TYR H 136 -13.24 36.70 20.44
C TYR H 136 -14.73 36.45 20.71
N GLY H 137 -14.98 35.44 21.52
CA GLY H 137 -16.31 35.13 22.01
C GLY H 137 -16.50 35.60 23.44
N GLN H 138 -17.35 34.88 24.17
CA GLN H 138 -17.55 35.15 25.60
C GLN H 138 -16.64 34.30 26.48
N MET H 139 -15.82 33.44 25.89
CA MET H 139 -14.87 32.64 26.64
C MET H 139 -13.46 32.61 26.04
N SER H 140 -13.31 32.92 24.76
CA SER H 140 -11.99 32.91 24.14
C SER H 140 -11.11 34.03 24.66
N HIS H 141 -11.56 35.28 24.49
CA HIS H 141 -10.85 36.41 25.08
C HIS H 141 -10.82 36.29 26.59
N TRP H 142 -11.78 35.59 27.17
CA TRP H 142 -11.80 35.36 28.61
C TRP H 142 -10.58 34.54 29.05
N GLY H 143 -10.35 33.42 28.37
CA GLY H 143 -9.15 32.64 28.63
C GLY H 143 -7.87 33.36 28.25
N ALA H 144 -7.94 34.23 27.24
CA ALA H 144 -6.79 35.05 26.89
C ALA H 144 -6.40 35.97 28.04
N THR H 145 -7.40 36.61 28.66
CA THR H 145 -7.16 37.44 29.83
C THR H 145 -6.65 36.59 30.99
N VAL H 146 -7.17 35.37 31.12
CA VAL H 146 -6.67 34.44 32.13
C VAL H 146 -5.18 34.21 31.96
N ILE H 147 -4.76 33.92 30.72
CA ILE H 147 -3.35 33.62 30.47
C ILE H 147 -2.49 34.87 30.65
N THR H 148 -3.00 36.05 30.29
CA THR H 148 -2.24 37.27 30.55
C THR H 148 -2.04 37.49 32.04
N ASN H 149 -3.08 37.26 32.85
CA ASN H 149 -2.93 37.37 34.30
C ASN H 149 -1.94 36.33 34.82
N LEU H 150 -1.95 35.13 34.23
CA LEU H 150 -0.98 34.11 34.62
C LEU H 150 0.45 34.58 34.35
N PHE H 151 0.70 35.07 33.14
CA PHE H 151 2.03 35.55 32.78
C PHE H 151 2.45 36.77 33.60
N SER H 152 1.48 37.52 34.12
CA SER H 152 1.79 38.67 34.97
C SER H 152 2.46 38.28 36.30
N ALA H 153 2.69 36.98 36.53
CA ALA H 153 3.28 36.50 37.78
C ALA H 153 4.81 36.50 37.74
N ILE H 154 5.42 37.17 36.78
CA ILE H 154 6.89 37.23 36.73
C ILE H 154 7.41 37.99 37.94
N PRO H 155 8.40 37.47 38.66
CA PRO H 155 8.91 38.18 39.84
C PRO H 155 9.64 39.46 39.47
N PHE H 156 9.66 40.39 40.43
CA PHE H 156 10.45 41.62 40.40
C PHE H 156 9.93 42.64 39.40
N VAL H 157 8.92 42.27 38.61
CA VAL H 157 8.24 43.23 37.75
C VAL H 157 6.84 42.69 37.42
N GLY H 158 5.82 43.52 37.58
CA GLY H 158 4.46 43.06 37.40
C GLY H 158 3.62 43.86 36.42
N ASN H 159 3.97 45.13 36.21
CA ASN H 159 3.12 46.04 35.45
C ASN H 159 3.66 46.36 34.07
N ASP H 160 4.95 46.70 33.96
CA ASP H 160 5.50 47.13 32.67
C ASP H 160 5.43 46.01 31.64
N ILE H 161 5.82 44.80 32.02
CA ILE H 161 5.85 43.69 31.07
C ILE H 161 4.44 43.32 30.63
N VAL H 162 3.49 43.26 31.57
CA VAL H 162 2.12 42.90 31.21
C VAL H 162 1.47 43.99 30.37
N SER H 163 1.78 45.26 30.63
CA SER H 163 1.25 46.34 29.81
C SER H 163 1.83 46.30 28.40
N TRP H 164 3.13 46.03 28.28
CA TRP H 164 3.75 45.94 26.96
C TRP H 164 3.18 44.76 26.17
N LEU H 165 3.03 43.60 26.82
CA LEU H 165 2.54 42.42 26.11
C LEU H 165 1.06 42.55 25.75
N TRP H 166 0.26 43.07 26.66
CA TRP H 166 -1.18 43.10 26.52
C TRP H 166 -1.70 44.40 25.93
N GLY H 167 -0.80 45.27 25.47
CA GLY H 167 -1.19 46.50 24.80
C GLY H 167 -1.92 47.50 25.68
N GLY H 168 -1.39 47.75 26.87
CA GLY H 168 -1.99 48.68 27.80
C GLY H 168 -2.91 47.98 28.79
N PHE H 169 -3.54 48.81 29.63
CA PHE H 169 -4.45 48.29 30.64
C PHE H 169 -5.80 47.88 30.07
N SER H 170 -6.08 48.17 28.81
CA SER H 170 -7.34 47.81 28.17
C SER H 170 -7.09 46.93 26.96
N VAL H 171 -8.17 46.59 26.27
CA VAL H 171 -8.14 45.81 25.05
C VAL H 171 -8.74 46.66 23.93
N SER H 172 -8.01 46.79 22.83
CA SER H 172 -8.47 47.57 21.69
C SER H 172 -8.05 46.85 20.42
N ASN H 173 -8.09 47.58 19.29
CA ASN H 173 -7.72 46.99 18.00
C ASN H 173 -6.30 46.42 18.00
N PRO H 174 -5.27 47.12 18.50
CA PRO H 174 -3.92 46.54 18.41
C PRO H 174 -3.77 45.19 19.09
N THR H 175 -4.41 44.99 20.24
CA THR H 175 -4.24 43.74 20.98
C THR H 175 -4.76 42.55 20.18
N ILE H 176 -6.02 42.61 19.75
CA ILE H 176 -6.59 41.49 19.01
C ILE H 176 -5.93 41.35 17.64
N GLN H 177 -5.57 42.47 17.00
CA GLN H 177 -4.90 42.39 15.71
C GLN H 177 -3.55 41.70 15.83
N ARG H 178 -2.75 42.06 16.84
CA ARG H 178 -1.45 41.42 17.01
C ARG H 178 -1.61 39.96 17.42
N PHE H 179 -2.63 39.65 18.21
CA PHE H 179 -2.88 38.24 18.58
C PHE H 179 -3.21 37.41 17.35
N PHE H 180 -4.06 37.92 16.46
CA PHE H 180 -4.37 37.21 15.24
C PHE H 180 -3.14 37.08 14.35
N ALA H 181 -2.34 38.14 14.26
CA ALA H 181 -1.14 38.09 13.43
C ALA H 181 -0.15 37.05 13.96
N LEU H 182 0.01 36.96 15.28
CA LEU H 182 0.94 35.99 15.84
C LEU H 182 0.41 34.55 15.76
N HIS H 183 -0.91 34.36 15.89
CA HIS H 183 -1.46 33.04 15.60
C HIS H 183 -1.29 32.68 14.13
N TYR H 184 -1.25 33.67 13.25
CA TYR H 184 -0.95 33.40 11.86
C TYR H 184 0.52 33.05 11.66
N LEU H 185 1.41 33.68 12.44
CA LEU H 185 2.84 33.57 12.17
C LEU H 185 3.47 32.34 12.81
N VAL H 186 3.09 32.02 14.06
CA VAL H 186 3.79 30.93 14.77
C VAL H 186 3.75 29.61 14.03
N PRO H 187 2.64 29.20 13.39
CA PRO H 187 2.69 27.96 12.61
C PRO H 187 3.74 27.95 11.51
N PHE H 188 4.19 29.10 11.02
CA PHE H 188 5.32 29.10 10.10
C PHE H 188 6.61 28.65 10.79
N ILE H 189 6.81 29.09 12.04
CA ILE H 189 7.91 28.58 12.84
C ILE H 189 7.73 27.10 13.10
N ILE H 190 6.49 26.66 13.30
CA ILE H 190 6.19 25.23 13.39
C ILE H 190 6.69 24.50 12.15
N ALA H 191 6.38 25.06 10.97
CA ALA H 191 6.78 24.41 9.72
C ALA H 191 8.30 24.35 9.60
N ALA H 192 8.99 25.44 9.94
CA ALA H 192 10.45 25.44 9.84
C ALA H 192 11.07 24.44 10.80
N MET H 193 10.59 24.40 12.04
CA MET H 193 11.16 23.49 13.02
C MET H 193 10.81 22.04 12.69
N VAL H 194 9.66 21.81 12.05
CA VAL H 194 9.32 20.48 11.56
C VAL H 194 10.25 20.09 10.41
N ILE H 195 10.62 21.06 9.57
CA ILE H 195 11.62 20.78 8.55
C ILE H 195 12.92 20.33 9.20
N MET H 196 13.34 21.02 10.28
CA MET H 196 14.51 20.59 11.02
C MET H 196 14.33 19.19 11.61
N HIS H 197 13.12 18.91 12.11
CA HIS H 197 12.80 17.60 12.68
C HIS H 197 12.96 16.49 11.65
N LEU H 198 12.43 16.71 10.45
CA LEU H 198 12.59 15.74 9.37
C LEU H 198 14.04 15.62 8.91
N MET H 199 14.79 16.71 8.90
CA MET H 199 16.20 16.62 8.55
C MET H 199 16.95 15.73 9.56
N ALA H 200 16.72 15.95 10.85
CA ALA H 200 17.36 15.11 11.86
C ALA H 200 16.92 13.67 11.74
N LEU H 201 15.62 13.44 11.50
CA LEU H 201 15.12 12.09 11.30
C LEU H 201 15.82 11.39 10.14
N HIS H 202 15.90 12.05 8.99
CA HIS H 202 16.54 11.45 7.82
C HIS H 202 18.02 11.20 8.06
N ILE H 203 18.68 12.07 8.84
CA ILE H 203 20.08 11.84 9.15
C ILE H 203 20.24 10.61 10.03
N HIS H 204 19.40 10.48 11.07
CA HIS H 204 19.58 9.44 12.06
C HIS H 204 18.72 8.20 11.84
N GLY H 205 17.80 8.22 10.87
CA GLY H 205 16.99 7.05 10.60
C GLY H 205 15.83 6.89 11.56
N SER H 206 15.23 5.70 11.51
CA SER H 206 14.05 5.38 12.30
C SER H 206 14.31 4.13 13.13
N SER H 207 13.59 4.02 14.24
CA SER H 207 13.74 2.91 15.16
C SER H 207 12.75 1.79 14.80
N ASN H 208 12.72 0.74 15.59
CA ASN H 208 11.88 -0.42 15.35
C ASN H 208 11.06 -0.74 16.59
N PRO H 209 9.89 -1.36 16.43
CA PRO H 209 9.14 -1.84 17.60
C PRO H 209 9.90 -2.86 18.42
N LEU H 210 10.74 -3.68 17.78
CA LEU H 210 11.50 -4.70 18.49
C LEU H 210 12.57 -4.10 19.40
N GLY H 211 12.89 -2.83 19.27
CA GLY H 211 13.94 -2.23 20.07
C GLY H 211 15.32 -2.80 19.77
N ILE H 212 15.56 -3.15 18.51
CA ILE H 212 16.83 -3.73 18.08
C ILE H 212 17.26 -3.06 16.79
N THR H 213 18.46 -3.42 16.33
CA THR H 213 19.03 -2.80 15.14
C THR H 213 18.18 -3.12 13.92
N GLY H 214 18.04 -2.13 13.03
CA GLY H 214 17.23 -2.28 11.85
C GLY H 214 18.02 -2.25 10.55
N ASN H 215 19.34 -2.13 10.66
CA ASN H 215 20.19 -2.10 9.47
C ASN H 215 20.26 -3.43 8.75
N LEU H 216 19.80 -4.52 9.37
CA LEU H 216 19.88 -5.82 8.73
C LEU H 216 19.04 -5.89 7.46
N ASP H 217 17.82 -5.36 7.51
CA ASP H 217 16.96 -5.31 6.33
C ASP H 217 16.28 -3.95 6.23
N ARG H 218 16.11 -3.48 5.00
CA ARG H 218 15.50 -2.19 4.73
C ARG H 218 14.73 -2.26 3.43
N ILE H 219 13.73 -1.40 3.30
CA ILE H 219 12.94 -1.33 2.06
C ILE H 219 12.67 0.12 1.72
N PRO H 220 12.55 0.43 0.44
CA PRO H 220 12.25 1.81 0.02
C PRO H 220 10.87 2.25 0.52
N MET H 221 10.76 3.54 0.79
CA MET H 221 9.49 4.06 1.29
C MET H 221 8.45 4.14 0.18
N HIS H 222 8.85 4.59 -1.00
CA HIS H 222 7.92 4.66 -2.13
C HIS H 222 7.58 3.25 -2.61
N SER H 223 6.33 3.10 -3.03
CA SER H 223 5.71 1.87 -3.53
C SER H 223 5.48 0.84 -2.43
N TYR H 224 5.98 1.07 -1.21
CA TYR H 224 5.68 0.20 -0.08
C TYR H 224 5.02 0.93 1.07
N PHE H 225 5.56 2.08 1.48
CA PHE H 225 5.00 2.84 2.60
C PHE H 225 4.09 3.98 2.15
N ILE H 226 4.20 4.43 0.90
CA ILE H 226 3.32 5.50 0.43
C ILE H 226 1.87 5.05 0.45
N PHE H 227 1.61 3.78 0.11
CA PHE H 227 0.24 3.29 0.12
C PHE H 227 -0.26 3.00 1.54
N LYS H 228 0.63 2.61 2.45
CA LYS H 228 0.23 2.53 3.85
C LYS H 228 -0.16 3.91 4.39
N ASP H 229 0.63 4.93 4.04
CA ASP H 229 0.25 6.28 4.41
C ASP H 229 -1.08 6.67 3.76
N LEU H 230 -1.29 6.26 2.52
CA LEU H 230 -2.54 6.57 1.83
C LEU H 230 -3.73 5.93 2.52
N VAL H 231 -3.62 4.66 2.93
CA VAL H 231 -4.74 3.99 3.56
C VAL H 231 -5.00 4.57 4.94
N THR H 232 -3.94 4.89 5.70
CA THR H 232 -4.17 5.44 7.03
C THR H 232 -4.76 6.85 6.94
N VAL H 233 -4.35 7.65 5.94
CA VAL H 233 -4.95 8.97 5.82
C VAL H 233 -6.37 8.87 5.27
N PHE H 234 -6.67 7.85 4.47
CA PHE H 234 -8.06 7.65 4.05
C PHE H 234 -8.94 7.30 5.25
N LEU H 235 -8.44 6.44 6.15
CA LEU H 235 -9.18 6.16 7.37
C LEU H 235 -9.37 7.42 8.21
N PHE H 236 -8.30 8.21 8.35
CA PHE H 236 -8.39 9.44 9.12
C PHE H 236 -9.39 10.41 8.49
N MET H 237 -9.38 10.51 7.16
CA MET H 237 -10.30 11.41 6.48
C MET H 237 -11.73 10.93 6.60
N LEU H 238 -11.95 9.62 6.59
CA LEU H 238 -13.30 9.10 6.83
C LEU H 238 -13.79 9.47 8.23
N ILE H 239 -12.93 9.29 9.24
CA ILE H 239 -13.31 9.65 10.60
C ILE H 239 -13.55 11.16 10.71
N LEU H 240 -12.69 11.95 10.10
CA LEU H 240 -12.85 13.41 10.13
C LEU H 240 -14.13 13.82 9.42
N ALA H 241 -14.48 13.15 8.32
CA ALA H 241 -15.73 13.42 7.64
C ALA H 241 -16.91 13.10 8.54
N LEU H 242 -16.84 11.98 9.26
CA LEU H 242 -17.91 11.63 10.19
C LEU H 242 -18.08 12.70 11.26
N PHE H 243 -16.97 13.22 11.80
CA PHE H 243 -17.07 14.26 12.82
C PHE H 243 -17.24 15.67 12.27
N VAL H 244 -17.16 15.89 10.96
CA VAL H 244 -17.30 17.24 10.44
C VAL H 244 -18.69 17.42 9.83
N PHE H 245 -19.28 16.32 9.36
CA PHE H 245 -20.57 16.39 8.67
C PHE H 245 -21.74 16.03 9.56
N TYR H 246 -21.72 14.83 10.15
CA TYR H 246 -22.87 14.39 10.94
C TYR H 246 -22.95 15.13 12.27
N SER H 247 -21.83 15.23 12.98
CA SER H 247 -21.77 15.89 14.29
C SER H 247 -20.56 16.81 14.31
N PRO H 248 -20.65 17.98 13.67
CA PRO H 248 -19.48 18.87 13.59
C PRO H 248 -19.06 19.48 14.92
N ASN H 249 -20.01 20.10 15.61
CA ASN H 249 -19.70 20.84 16.85
C ASN H 249 -19.97 19.96 18.06
N THR H 250 -19.14 18.92 18.19
CA THR H 250 -19.18 18.03 19.34
C THR H 250 -17.88 18.01 20.12
N LEU H 251 -16.73 17.93 19.43
CA LEU H 251 -15.45 17.96 20.12
C LEU H 251 -15.25 19.30 20.83
N GLY H 252 -15.65 20.39 20.20
CA GLY H 252 -15.61 21.69 20.83
C GLY H 252 -16.71 21.84 21.86
N HIS H 253 -16.67 22.97 22.56
CA HIS H 253 -17.65 23.20 23.61
C HIS H 253 -18.66 24.25 23.20
N PRO H 254 -19.90 24.13 23.65
CA PRO H 254 -20.98 25.07 23.24
C PRO H 254 -20.93 26.38 24.02
N ASP H 255 -19.79 27.06 23.93
CA ASP H 255 -19.60 28.31 24.65
C ASP H 255 -19.09 29.39 23.70
N ASN H 256 -18.33 28.97 22.69
CA ASN H 256 -17.74 29.92 21.74
C ASN H 256 -18.79 30.63 20.90
N TYR H 257 -20.00 30.09 20.79
CA TYR H 257 -21.01 30.63 19.89
C TYR H 257 -21.83 31.74 20.56
N ILE H 258 -21.14 32.73 21.10
CA ILE H 258 -21.78 33.91 21.68
C ILE H 258 -21.10 35.15 21.10
N PRO H 259 -21.84 36.20 20.74
CA PRO H 259 -21.21 37.42 20.24
C PRO H 259 -20.33 38.06 21.30
N GLY H 260 -19.35 38.84 20.85
CA GLY H 260 -18.40 39.48 21.73
C GLY H 260 -19.05 40.33 22.81
N ASN H 261 -18.96 39.86 24.05
CA ASN H 261 -19.59 40.54 25.18
C ASN H 261 -18.94 40.08 26.47
N PRO H 262 -17.77 40.64 26.85
CA PRO H 262 -17.10 40.27 28.09
C PRO H 262 -17.72 40.91 29.33
N LEU H 263 -19.05 40.85 29.42
CA LEU H 263 -19.80 41.44 30.53
C LEU H 263 -20.17 40.39 31.57
N VAL H 264 -20.90 39.36 31.15
CA VAL H 264 -21.32 38.27 32.04
C VAL H 264 -20.77 36.97 31.50
N THR H 265 -19.92 36.31 32.27
CA THR H 265 -19.35 35.06 31.85
C THR H 265 -20.40 33.93 31.95
N PRO H 266 -20.33 32.95 31.07
CA PRO H 266 -21.25 31.81 31.16
C PRO H 266 -20.97 30.97 32.39
N ALA H 267 -21.99 30.20 32.79
CA ALA H 267 -21.91 29.42 34.02
C ALA H 267 -20.82 28.35 33.92
N SER H 268 -20.71 27.68 32.79
CA SER H 268 -19.75 26.60 32.59
C SER H 268 -18.58 27.12 31.76
N ILE H 269 -17.42 27.24 32.38
CA ILE H 269 -16.19 27.66 31.71
C ILE H 269 -15.14 26.59 31.93
N VAL H 270 -14.72 25.94 30.85
CA VAL H 270 -13.68 24.91 30.91
C VAL H 270 -12.75 25.07 29.72
N PRO H 271 -11.48 24.68 29.90
CA PRO H 271 -10.54 24.73 28.78
C PRO H 271 -10.82 23.62 27.78
N GLU H 272 -10.24 23.78 26.59
CA GLU H 272 -10.40 22.77 25.55
C GLU H 272 -9.75 21.46 25.96
N TRP H 273 -10.28 20.36 25.41
CA TRP H 273 -9.98 19.02 25.92
C TRP H 273 -8.50 18.69 25.88
N TYR H 274 -7.71 19.36 25.04
CA TYR H 274 -6.29 19.08 24.93
C TYR H 274 -5.46 19.85 25.95
N LEU H 275 -6.10 20.54 26.91
CA LEU H 275 -5.38 21.30 27.92
C LEU H 275 -5.77 20.95 29.35
N LEU H 276 -6.70 20.02 29.55
CA LEU H 276 -7.17 19.73 30.90
C LEU H 276 -6.08 19.20 31.85
N PRO H 277 -5.21 18.27 31.45
CA PRO H 277 -4.18 17.81 32.40
C PRO H 277 -3.28 18.92 32.91
N PHE H 278 -2.96 19.90 32.06
CA PHE H 278 -2.13 21.01 32.51
C PHE H 278 -2.91 21.97 33.40
N TYR H 279 -4.21 22.14 33.15
CA TYR H 279 -5.03 22.89 34.10
C TYR H 279 -5.04 22.19 35.45
N ALA H 280 -5.06 20.86 35.46
CA ALA H 280 -5.00 20.11 36.70
C ALA H 280 -3.66 20.31 37.42
N ILE H 281 -2.55 20.24 36.66
CA ILE H 281 -1.24 20.40 37.28
C ILE H 281 -1.08 21.82 37.82
N LEU H 282 -1.74 22.80 37.20
CA LEU H 282 -1.75 24.14 37.77
C LEU H 282 -2.58 24.20 39.04
N ARG H 283 -3.78 23.60 39.00
CA ARG H 283 -4.70 23.71 40.12
C ARG H 283 -4.20 23.00 41.36
N SER H 284 -3.43 21.91 41.18
CA SER H 284 -3.00 21.11 42.32
C SER H 284 -2.05 21.88 43.22
N ILE H 285 -1.02 22.48 42.65
CA ILE H 285 0.01 23.16 43.44
C ILE H 285 -0.54 24.48 43.96
N PRO H 286 -0.55 24.71 45.28
CA PRO H 286 -1.18 25.92 45.83
C PRO H 286 -0.25 27.14 45.82
N ASP H 287 0.14 27.56 44.62
CA ASP H 287 0.94 28.77 44.45
C ASP H 287 0.83 29.23 43.01
N LYS H 288 0.86 30.54 42.81
CA LYS H 288 0.68 31.11 41.47
C LYS H 288 1.95 30.99 40.64
N LEU H 289 3.02 31.65 41.06
CA LEU H 289 4.28 31.56 40.32
C LEU H 289 4.84 30.14 40.36
N LEU H 290 4.75 29.48 41.51
CA LEU H 290 5.19 28.10 41.60
C LEU H 290 4.30 27.19 40.78
N GLY H 291 3.00 27.50 40.69
CA GLY H 291 2.13 26.74 39.81
C GLY H 291 2.52 26.88 38.34
N VAL H 292 2.86 28.10 37.92
CA VAL H 292 3.29 28.31 36.54
C VAL H 292 4.59 27.56 36.28
N ILE H 293 5.55 27.65 37.20
CA ILE H 293 6.83 26.98 36.96
C ILE H 293 6.67 25.47 37.03
N THR H 294 5.72 24.94 37.81
CA THR H 294 5.52 23.50 37.82
C THR H 294 4.76 23.02 36.59
N MET H 295 3.88 23.86 36.02
CA MET H 295 3.35 23.55 34.70
C MET H 295 4.47 23.46 33.67
N PHE H 296 5.37 24.44 33.69
CA PHE H 296 6.47 24.42 32.74
C PHE H 296 7.40 23.23 32.98
N ALA H 297 7.60 22.85 34.24
CA ALA H 297 8.39 21.67 34.55
C ALA H 297 7.71 20.40 34.04
N ALA H 298 6.40 20.30 34.20
CA ALA H 298 5.67 19.16 33.64
C ALA H 298 5.79 19.10 32.14
N ILE H 299 5.78 20.27 31.48
CA ILE H 299 5.91 20.31 30.03
C ILE H 299 7.32 19.91 29.61
N LEU H 300 8.34 20.38 30.33
CA LEU H 300 9.73 20.24 29.94
C LEU H 300 10.41 19.01 30.52
N VAL H 301 9.71 18.21 31.35
CA VAL H 301 10.34 17.04 31.93
C VAL H 301 10.76 16.03 30.87
N LEU H 302 10.14 16.08 29.70
CA LEU H 302 10.57 15.21 28.60
C LEU H 302 12.00 15.50 28.18
N LEU H 303 12.48 16.73 28.40
CA LEU H 303 13.87 17.05 28.10
C LEU H 303 14.82 16.28 29.00
N VAL H 304 14.49 16.19 30.30
CA VAL H 304 15.32 15.44 31.24
C VAL H 304 14.96 13.96 31.26
N LEU H 305 13.94 13.56 30.50
CA LEU H 305 13.60 12.14 30.42
C LEU H 305 14.75 11.28 29.91
N PRO H 306 15.47 11.65 28.85
CA PRO H 306 16.67 10.87 28.48
C PRO H 306 17.74 11.01 29.55
N PHE H 307 18.81 10.22 29.36
CA PHE H 307 19.91 10.04 30.32
C PHE H 307 19.39 9.92 31.76
N THR H 308 18.21 9.33 31.91
CA THR H 308 17.62 9.05 33.21
C THR H 308 17.14 7.61 33.22
N ASP H 309 16.83 7.08 32.04
CA ASP H 309 16.41 5.68 31.87
C ASP H 309 17.67 4.85 31.67
N ARG H 310 18.07 4.13 32.72
CA ARG H 310 19.26 3.29 32.66
C ARG H 310 18.93 1.83 32.39
N SER H 311 17.84 1.58 31.65
CA SER H 311 17.55 0.24 31.16
C SER H 311 18.42 -0.07 29.96
N VAL H 312 19.15 -1.18 30.02
CA VAL H 312 20.09 -1.51 28.96
C VAL H 312 19.35 -1.85 27.68
N VAL H 313 18.21 -2.50 27.77
CA VAL H 313 17.46 -2.94 26.60
C VAL H 313 16.56 -1.79 26.13
N ARG H 314 16.72 -1.39 24.87
CA ARG H 314 15.89 -0.33 24.31
C ARG H 314 14.44 -0.78 24.23
N GLY H 315 13.54 0.17 24.39
CA GLY H 315 12.11 -0.11 24.28
C GLY H 315 11.51 -0.67 25.55
N ASN H 316 10.24 -1.05 25.44
CA ASN H 316 9.50 -1.56 26.58
C ASN H 316 8.64 -2.77 26.23
N THR H 317 8.89 -3.41 25.09
CA THR H 317 8.05 -4.53 24.67
C THR H 317 8.36 -5.79 25.49
N PHE H 318 9.64 -6.02 25.79
CA PHE H 318 10.05 -7.24 26.46
C PHE H 318 10.19 -7.09 27.98
N LYS H 319 9.87 -5.92 28.52
CA LYS H 319 9.90 -5.68 29.96
C LYS H 319 8.48 -5.47 30.46
N VAL H 320 8.10 -6.21 31.50
CA VAL H 320 6.70 -6.27 31.93
C VAL H 320 6.38 -5.21 32.98
N LEU H 321 7.25 -5.04 33.99
CA LEU H 321 6.97 -4.06 35.04
C LEU H 321 6.98 -2.64 34.47
N SER H 322 7.94 -2.36 33.57
CA SER H 322 8.04 -1.03 33.00
C SER H 322 6.80 -0.67 32.20
N LYS H 323 6.29 -1.60 31.39
CA LYS H 323 5.10 -1.30 30.60
C LYS H 323 3.85 -1.27 31.46
N PHE H 324 3.80 -2.07 32.53
CA PHE H 324 2.69 -1.98 33.48
C PHE H 324 2.64 -0.59 34.11
N PHE H 325 3.79 -0.09 34.56
CA PHE H 325 3.82 1.25 35.13
C PHE H 325 3.58 2.33 34.07
N PHE H 326 3.95 2.06 32.81
CA PHE H 326 3.64 2.99 31.74
C PHE H 326 2.14 3.10 31.51
N PHE H 327 1.44 1.97 31.54
CA PHE H 327 -0.01 1.99 31.44
C PHE H 327 -0.64 2.69 32.64
N ILE H 328 -0.08 2.46 33.83
CA ILE H 328 -0.52 3.22 35.00
C ILE H 328 -0.35 4.71 34.77
N PHE H 329 0.77 5.10 34.16
CA PHE H 329 1.04 6.50 33.86
C PHE H 329 0.00 7.08 32.90
N VAL H 330 -0.28 6.38 31.80
CA VAL H 330 -1.20 6.93 30.81
C VAL H 330 -2.61 7.02 31.39
N PHE H 331 -3.00 6.03 32.21
CA PHE H 331 -4.31 6.13 32.85
C PHE H 331 -4.34 7.22 33.91
N ASN H 332 -3.20 7.49 34.56
CA ASN H 332 -3.12 8.64 35.47
C ASN H 332 -3.28 9.94 34.70
N PHE H 333 -2.70 10.01 33.50
CA PHE H 333 -2.85 11.20 32.66
C PHE H 333 -4.30 11.43 32.30
N VAL H 334 -4.99 10.38 31.85
CA VAL H 334 -6.40 10.55 31.49
C VAL H 334 -7.25 10.87 32.72
N LEU H 335 -6.90 10.30 33.88
CA LEU H 335 -7.62 10.63 35.11
C LEU H 335 -7.39 12.09 35.49
N LEU H 336 -6.18 12.61 35.30
CA LEU H 336 -5.90 14.01 35.56
C LEU H 336 -6.72 14.90 34.65
N GLY H 337 -6.81 14.54 33.36
CA GLY H 337 -7.66 15.30 32.46
C GLY H 337 -9.11 15.29 32.91
N GLN H 338 -9.61 14.12 33.29
CA GLN H 338 -11.01 14.01 33.68
C GLN H 338 -11.31 14.80 34.95
N ILE H 339 -10.39 14.75 35.93
CA ILE H 339 -10.62 15.50 37.16
C ILE H 339 -10.49 16.99 36.93
N GLY H 340 -9.63 17.40 36.00
CA GLY H 340 -9.58 18.81 35.64
C GLY H 340 -10.82 19.27 34.92
N ALA H 341 -11.50 18.34 34.23
CA ALA H 341 -12.75 18.70 33.57
C ALA H 341 -13.81 19.15 34.57
N CYS H 342 -13.91 18.46 35.70
CA CYS H 342 -14.92 18.78 36.70
C CYS H 342 -14.45 19.94 37.56
N HIS H 343 -15.17 20.21 38.65
CA HIS H 343 -14.90 21.35 39.50
C HIS H 343 -13.98 20.96 40.66
N VAL H 344 -13.58 21.95 41.46
CA VAL H 344 -12.62 21.78 42.54
C VAL H 344 -13.38 21.75 43.86
N GLU H 345 -13.50 20.56 44.44
CA GLU H 345 -14.07 20.41 45.78
C GLU H 345 -13.54 19.12 46.39
N VAL H 346 -13.85 18.93 47.67
CA VAL H 346 -13.49 17.70 48.37
C VAL H 346 -14.28 16.53 47.78
N PRO H 347 -13.67 15.36 47.57
CA PRO H 347 -12.27 14.99 47.80
C PRO H 347 -11.44 14.96 46.52
N TYR H 348 -11.86 15.72 45.51
CA TYR H 348 -11.14 15.72 44.25
C TYR H 348 -9.75 16.35 44.38
N VAL H 349 -9.60 17.36 45.25
CA VAL H 349 -8.32 18.05 45.37
C VAL H 349 -7.24 17.10 45.90
N LEU H 350 -7.59 16.26 46.88
CA LEU H 350 -6.61 15.36 47.46
C LEU H 350 -6.09 14.36 46.43
N MET H 351 -7.00 13.72 45.70
CA MET H 351 -6.56 12.73 44.72
C MET H 351 -5.93 13.38 43.50
N GLY H 352 -6.29 14.63 43.19
CA GLY H 352 -5.57 15.35 42.15
C GLY H 352 -4.14 15.64 42.54
N GLN H 353 -3.93 16.08 43.78
CA GLN H 353 -2.56 16.28 44.27
C GLN H 353 -1.78 14.98 44.28
N ILE H 354 -2.43 13.90 44.70
CA ILE H 354 -1.78 12.59 44.67
C ILE H 354 -1.41 12.21 43.24
N ALA H 355 -2.28 12.51 42.28
CA ALA H 355 -2.01 12.19 40.88
C ALA H 355 -0.82 12.96 40.35
N THR H 356 -0.74 14.26 40.66
CA THR H 356 0.43 15.04 40.25
C THR H 356 1.70 14.51 40.90
N PHE H 357 1.60 14.14 42.19
CA PHE H 357 2.75 13.60 42.88
C PHE H 357 3.25 12.32 42.24
N ILE H 358 2.33 11.40 41.90
CA ILE H 358 2.78 10.14 41.31
C ILE H 358 3.26 10.38 39.88
N TYR H 359 2.73 11.38 39.18
CA TYR H 359 3.25 11.77 37.87
C TYR H 359 4.73 12.14 37.96
N PHE H 360 5.03 13.16 38.77
CA PHE H 360 6.42 13.63 38.86
C PHE H 360 7.32 12.57 39.49
N ALA H 361 6.81 11.83 40.48
CA ALA H 361 7.59 10.75 41.09
C ALA H 361 7.88 9.65 40.08
N TYR H 362 6.88 9.29 39.26
CA TYR H 362 7.10 8.38 38.15
C TYR H 362 8.32 8.80 37.36
N PHE H 363 8.24 9.98 36.74
CA PHE H 363 9.31 10.47 35.88
C PHE H 363 10.66 10.47 36.59
N LEU H 364 10.72 11.09 37.77
CA LEU H 364 12.02 11.36 38.38
C LEU H 364 12.60 10.17 39.15
N ILE H 365 11.80 9.16 39.48
CA ILE H 365 12.28 8.11 40.37
C ILE H 365 12.05 6.72 39.80
N ILE H 366 10.81 6.42 39.41
CA ILE H 366 10.43 5.01 39.39
C ILE H 366 11.06 4.28 38.20
N VAL H 367 11.14 4.95 37.04
CA VAL H 367 11.71 4.30 35.86
C VAL H 367 13.18 3.95 36.08
N PRO H 368 14.03 4.82 36.65
CA PRO H 368 15.40 4.39 36.97
C PRO H 368 15.46 3.16 37.85
N VAL H 369 14.70 3.13 38.95
CA VAL H 369 14.83 2.03 39.89
C VAL H 369 14.24 0.74 39.31
N ILE H 370 13.08 0.82 38.67
CA ILE H 370 12.51 -0.39 38.08
C ILE H 370 13.35 -0.88 36.92
N SER H 371 13.98 0.03 36.17
CA SER H 371 14.87 -0.40 35.09
C SER H 371 16.11 -1.08 35.65
N THR H 372 16.65 -0.57 36.75
CA THR H 372 17.79 -1.23 37.38
C THR H 372 17.40 -2.62 37.88
N ILE H 373 16.22 -2.74 38.48
CA ILE H 373 15.74 -4.05 38.91
C ILE H 373 15.56 -4.98 37.71
N GLU H 374 15.05 -4.45 36.60
CA GLU H 374 14.88 -5.25 35.39
C GLU H 374 16.22 -5.76 34.89
N ASN H 375 17.24 -4.88 34.85
CA ASN H 375 18.55 -5.30 34.37
C ASN H 375 19.18 -6.35 35.29
N VAL H 376 19.08 -6.15 36.61
CA VAL H 376 19.70 -7.12 37.51
C VAL H 376 18.96 -8.45 37.46
N LEU H 377 17.63 -8.42 37.30
CA LEU H 377 16.88 -9.66 37.14
C LEU H 377 17.26 -10.36 35.84
N PHE H 378 17.41 -9.60 34.76
CA PHE H 378 17.88 -10.16 33.50
C PHE H 378 19.21 -10.87 33.67
N TYR H 379 20.13 -10.25 34.42
CA TYR H 379 21.43 -10.87 34.60
C TYR H 379 21.34 -12.13 35.46
N ILE H 380 20.61 -12.05 36.57
CA ILE H 380 20.63 -13.14 37.54
C ILE H 380 19.87 -14.37 37.02
N GLY H 381 18.75 -14.16 36.34
CA GLY H 381 17.92 -15.30 35.95
C GLY H 381 18.60 -16.19 34.92
N ARG H 382 19.27 -15.59 33.94
CA ARG H 382 19.92 -16.37 32.88
C ARG H 382 21.09 -17.18 33.42
N VAL H 383 21.91 -16.58 34.30
CA VAL H 383 23.09 -17.24 34.82
C VAL H 383 22.69 -18.09 36.02
N ASN H 384 22.88 -19.40 35.91
CA ASN H 384 22.53 -20.33 36.97
C ASN H 384 23.73 -21.03 37.57
N LYS H 385 24.94 -20.74 37.08
CA LYS H 385 26.15 -21.35 37.62
C LYS H 385 26.73 -20.51 38.74
N MET I 1 -34.45 -42.44 -34.76
CA MET I 1 -33.72 -42.04 -33.56
C MET I 1 -34.67 -41.49 -32.50
N VAL I 2 -35.87 -41.09 -32.94
CA VAL I 2 -36.83 -40.46 -32.05
C VAL I 2 -37.73 -41.46 -31.34
N GLN I 3 -37.73 -42.73 -31.78
CA GLN I 3 -38.52 -43.75 -31.10
C GLN I 3 -38.00 -44.01 -29.69
N ARG I 4 -36.71 -43.76 -29.44
CA ARG I 4 -36.18 -43.92 -28.09
C ARG I 4 -36.84 -42.97 -27.12
N TRP I 5 -37.05 -41.72 -27.54
CA TRP I 5 -37.64 -40.70 -26.67
C TRP I 5 -39.13 -40.53 -26.87
N LEU I 6 -39.75 -41.29 -27.78
CA LEU I 6 -41.19 -41.25 -27.95
C LEU I 6 -41.87 -42.61 -27.74
N TYR I 7 -41.20 -43.70 -28.07
CA TYR I 7 -41.75 -45.05 -27.95
C TYR I 7 -40.79 -45.93 -27.15
N SER I 8 -40.36 -45.40 -26.00
CA SER I 8 -39.36 -46.08 -25.18
C SER I 8 -39.93 -47.38 -24.61
N THR I 9 -39.51 -48.51 -25.17
CA THR I 9 -39.88 -49.80 -24.62
C THR I 9 -39.08 -50.13 -23.36
N ASN I 10 -37.97 -49.42 -23.13
CA ASN I 10 -37.17 -49.62 -21.93
C ASN I 10 -37.63 -48.66 -20.83
N ALA I 11 -37.48 -49.11 -19.58
CA ALA I 11 -37.98 -48.35 -18.45
C ALA I 11 -37.12 -47.15 -18.10
N LYS I 12 -35.82 -47.20 -18.40
CA LYS I 12 -34.91 -46.16 -17.95
C LYS I 12 -35.16 -44.83 -18.64
N ASP I 13 -35.43 -44.85 -19.95
CA ASP I 13 -35.74 -43.62 -20.66
C ASP I 13 -37.02 -42.98 -20.12
N ILE I 14 -38.05 -43.80 -19.88
CA ILE I 14 -39.28 -43.28 -19.29
C ILE I 14 -39.02 -42.71 -17.91
N ALA I 15 -38.14 -43.35 -17.14
CA ALA I 15 -37.81 -42.87 -15.81
C ALA I 15 -37.16 -41.50 -15.85
N VAL I 16 -36.13 -41.34 -16.70
CA VAL I 16 -35.45 -40.05 -16.77
C VAL I 16 -36.36 -38.99 -17.36
N LEU I 17 -37.26 -39.37 -18.27
CA LEU I 17 -38.19 -38.41 -18.84
C LEU I 17 -39.23 -37.95 -17.81
N TYR I 18 -39.73 -38.87 -16.99
CA TYR I 18 -40.59 -38.50 -15.88
C TYR I 18 -39.85 -37.59 -14.90
N PHE I 19 -38.58 -37.87 -14.66
CA PHE I 19 -37.78 -37.01 -13.80
C PHE I 19 -37.67 -35.60 -14.36
N MET I 20 -37.44 -35.48 -15.67
CA MET I 20 -37.34 -34.16 -16.29
C MET I 20 -38.67 -33.42 -16.19
N LEU I 21 -39.78 -34.12 -16.47
CA LEU I 21 -41.09 -33.48 -16.37
C LEU I 21 -41.38 -33.01 -14.95
N ALA I 22 -41.07 -33.86 -13.97
CA ALA I 22 -41.33 -33.51 -12.58
C ALA I 22 -40.46 -32.35 -12.13
N ILE I 23 -39.20 -32.31 -12.54
CA ILE I 23 -38.32 -31.22 -12.14
C ILE I 23 -38.76 -29.91 -12.80
N PHE I 24 -39.24 -29.98 -14.05
CA PHE I 24 -39.75 -28.78 -14.70
C PHE I 24 -40.98 -28.25 -13.96
N SER I 25 -41.92 -29.15 -13.64
CA SER I 25 -43.10 -28.74 -12.88
C SER I 25 -42.71 -28.18 -11.53
N GLY I 26 -41.74 -28.80 -10.87
CA GLY I 26 -41.32 -28.33 -9.55
C GLY I 26 -40.67 -26.96 -9.59
N MET I 27 -39.82 -26.70 -10.59
CA MET I 27 -39.21 -25.38 -10.67
C MET I 27 -40.24 -24.31 -11.01
N ALA I 28 -41.19 -24.63 -11.90
CA ALA I 28 -42.26 -23.68 -12.18
C ALA I 28 -43.08 -23.39 -10.93
N GLY I 29 -43.43 -24.44 -10.18
CA GLY I 29 -44.17 -24.25 -8.95
C GLY I 29 -43.42 -23.45 -7.92
N THR I 30 -42.11 -23.70 -7.79
CA THR I 30 -41.30 -22.93 -6.85
C THR I 30 -41.24 -21.46 -7.24
N ALA I 31 -41.06 -21.17 -8.53
CA ALA I 31 -41.02 -19.78 -8.97
C ALA I 31 -42.35 -19.07 -8.71
N MET I 32 -43.46 -19.73 -9.03
CA MET I 32 -44.76 -19.07 -8.84
C MET I 32 -45.12 -18.99 -7.36
N SER I 33 -44.63 -19.93 -6.54
CA SER I 33 -44.82 -19.80 -5.10
C SER I 33 -43.99 -18.66 -4.53
N LEU I 34 -42.80 -18.42 -5.09
CA LEU I 34 -42.05 -17.23 -4.74
C LEU I 34 -42.82 -15.97 -5.09
N ILE I 35 -43.46 -15.97 -6.26
CA ILE I 35 -44.28 -14.82 -6.65
C ILE I 35 -45.43 -14.64 -5.66
N ILE I 36 -46.08 -15.74 -5.26
CA ILE I 36 -47.20 -15.65 -4.32
C ILE I 36 -46.73 -15.10 -2.98
N ARG I 37 -45.61 -15.63 -2.47
CA ARG I 37 -45.10 -15.14 -1.19
C ARG I 37 -44.67 -13.68 -1.29
N LEU I 38 -44.18 -13.25 -2.45
CA LEU I 38 -43.90 -11.83 -2.65
C LEU I 38 -45.18 -11.02 -2.58
N GLU I 39 -46.27 -11.55 -3.13
CA GLU I 39 -47.57 -10.89 -2.97
C GLU I 39 -47.98 -10.84 -1.51
N LEU I 40 -47.70 -11.91 -0.76
CA LEU I 40 -47.97 -11.96 0.68
C LEU I 40 -46.81 -11.48 1.52
N ALA I 41 -45.76 -10.93 0.90
CA ALA I 41 -44.65 -10.38 1.67
C ALA I 41 -45.12 -9.20 2.53
N ALA I 42 -45.93 -8.31 1.94
CA ALA I 42 -46.47 -7.16 2.65
C ALA I 42 -47.94 -7.01 2.27
N PRO I 43 -48.79 -6.65 3.24
CA PRO I 43 -50.21 -6.45 2.93
C PRO I 43 -50.42 -5.32 1.94
N GLY I 44 -51.45 -5.47 1.12
CA GLY I 44 -51.81 -4.48 0.13
C GLY I 44 -51.65 -4.97 -1.29
N SER I 45 -51.44 -4.01 -2.19
CA SER I 45 -51.25 -4.28 -3.62
C SER I 45 -49.96 -3.59 -4.06
N GLN I 46 -48.83 -4.28 -3.91
CA GLN I 46 -47.53 -3.76 -4.32
C GLN I 46 -47.11 -4.25 -5.70
N TYR I 47 -47.38 -5.51 -6.03
CA TYR I 47 -47.07 -6.05 -7.35
C TYR I 47 -48.29 -6.53 -8.11
N LEU I 48 -49.30 -7.05 -7.43
CA LEU I 48 -50.56 -7.45 -8.04
C LEU I 48 -51.68 -6.57 -7.50
N HIS I 49 -52.48 -6.02 -8.41
CA HIS I 49 -53.55 -5.09 -8.04
C HIS I 49 -54.72 -5.85 -7.44
N GLY I 50 -54.52 -6.31 -6.21
CA GLY I 50 -55.53 -7.07 -5.50
C GLY I 50 -55.88 -8.35 -6.21
N ASN I 51 -57.09 -8.40 -6.80
CA ASN I 51 -57.54 -9.52 -7.63
C ASN I 51 -57.51 -10.83 -6.83
N SER I 52 -58.37 -10.87 -5.80
CA SER I 52 -58.48 -12.07 -4.97
C SER I 52 -58.85 -13.29 -5.79
N GLN I 53 -59.63 -13.09 -6.86
CA GLN I 53 -59.88 -14.18 -7.80
C GLN I 53 -58.57 -14.71 -8.37
N LEU I 54 -57.74 -13.81 -8.89
CA LEU I 54 -56.44 -14.23 -9.40
C LEU I 54 -55.57 -14.81 -8.28
N PHE I 55 -55.66 -14.24 -7.08
CA PHE I 55 -54.89 -14.75 -5.95
C PHE I 55 -55.20 -16.21 -5.69
N ASN I 56 -56.48 -16.56 -5.60
CA ASN I 56 -56.83 -17.95 -5.37
C ASN I 56 -56.56 -18.81 -6.60
N VAL I 57 -56.57 -18.21 -7.80
CA VAL I 57 -56.20 -18.97 -9.00
C VAL I 57 -54.75 -19.45 -8.91
N LEU I 58 -53.83 -18.53 -8.59
CA LEU I 58 -52.45 -19.00 -8.43
C LEU I 58 -52.27 -19.85 -7.17
N VAL I 59 -53.08 -19.66 -6.14
CA VAL I 59 -52.96 -20.53 -4.95
C VAL I 59 -53.30 -21.97 -5.32
N VAL I 60 -54.42 -22.17 -6.01
CA VAL I 60 -54.79 -23.51 -6.42
C VAL I 60 -53.82 -24.04 -7.46
N GLY I 61 -53.26 -23.17 -8.32
CA GLY I 61 -52.25 -23.62 -9.25
C GLY I 61 -51.02 -24.16 -8.54
N HIS I 62 -50.53 -23.41 -7.56
CA HIS I 62 -49.47 -23.85 -6.65
C HIS I 62 -49.74 -25.26 -6.12
N ALA I 63 -50.86 -25.40 -5.41
CA ALA I 63 -51.17 -26.66 -4.76
C ALA I 63 -51.27 -27.80 -5.78
N VAL I 64 -52.10 -27.61 -6.81
CA VAL I 64 -52.38 -28.69 -7.74
C VAL I 64 -51.14 -29.08 -8.53
N LEU I 65 -50.35 -28.08 -8.96
CA LEU I 65 -49.16 -28.37 -9.74
C LEU I 65 -48.15 -29.17 -8.93
N MET I 66 -47.83 -28.72 -7.71
CA MET I 66 -46.82 -29.46 -6.98
C MET I 66 -47.33 -30.83 -6.52
N ILE I 67 -48.62 -30.96 -6.20
CA ILE I 67 -49.12 -32.25 -5.74
C ILE I 67 -49.18 -33.25 -6.89
N PHE I 68 -49.60 -32.81 -8.08
CA PHE I 68 -49.92 -33.74 -9.16
C PHE I 68 -48.82 -33.89 -10.21
N PHE I 69 -47.83 -32.99 -10.24
CA PHE I 69 -46.81 -33.09 -11.28
C PHE I 69 -45.38 -33.02 -10.78
N LEU I 70 -45.15 -32.83 -9.48
CA LEU I 70 -43.80 -32.82 -8.92
C LEU I 70 -43.53 -34.03 -8.04
N VAL I 71 -44.36 -34.23 -7.01
CA VAL I 71 -44.12 -35.32 -6.07
C VAL I 71 -44.42 -36.67 -6.71
N MET I 72 -45.53 -36.77 -7.44
CA MET I 72 -46.02 -38.07 -7.88
C MET I 72 -45.17 -38.71 -8.97
N PRO I 73 -45.05 -38.12 -10.19
CA PRO I 73 -44.55 -38.90 -11.33
C PRO I 73 -43.16 -39.50 -11.14
N ALA I 74 -42.16 -38.66 -10.92
CA ALA I 74 -40.78 -39.15 -10.87
C ALA I 74 -40.55 -40.02 -9.65
N LEU I 75 -40.96 -39.54 -8.47
CA LEU I 75 -40.58 -40.17 -7.20
C LEU I 75 -40.98 -41.63 -7.13
N ILE I 76 -42.09 -42.01 -7.78
CA ILE I 76 -42.50 -43.41 -7.84
C ILE I 76 -42.04 -44.07 -9.13
N GLY I 77 -42.26 -43.40 -10.27
CA GLY I 77 -42.02 -44.06 -11.55
C GLY I 77 -40.57 -44.42 -11.76
N GLY I 78 -39.66 -43.47 -11.52
CA GLY I 78 -38.26 -43.73 -11.79
C GLY I 78 -37.69 -44.82 -10.91
N PHE I 79 -37.89 -44.69 -9.59
CA PHE I 79 -37.36 -45.69 -8.67
C PHE I 79 -37.99 -47.06 -8.92
N GLY I 80 -39.30 -47.11 -9.13
CA GLY I 80 -39.95 -48.36 -9.42
C GLY I 80 -39.40 -49.02 -10.66
N ASN I 81 -39.54 -48.37 -11.82
CA ASN I 81 -39.15 -49.00 -13.07
C ASN I 81 -37.63 -49.14 -13.21
N TYR I 82 -36.83 -48.54 -12.32
CA TYR I 82 -35.39 -48.73 -12.38
C TYR I 82 -34.88 -49.77 -11.39
N LEU I 83 -35.60 -50.04 -10.31
CA LEU I 83 -35.14 -51.01 -9.32
C LEU I 83 -36.02 -52.25 -9.23
N LEU I 84 -37.33 -52.08 -9.09
CA LEU I 84 -38.22 -53.19 -8.77
C LEU I 84 -38.13 -54.36 -9.77
N PRO I 85 -38.14 -54.16 -11.08
CA PRO I 85 -37.93 -55.30 -11.99
C PRO I 85 -36.47 -55.58 -12.29
N LEU I 86 -35.55 -54.70 -11.89
CA LEU I 86 -34.14 -54.89 -12.23
C LEU I 86 -33.43 -55.72 -11.17
N MET I 87 -33.65 -55.41 -9.89
CA MET I 87 -32.98 -56.16 -8.83
C MET I 87 -33.49 -57.59 -8.74
N ILE I 88 -34.76 -57.82 -9.10
CA ILE I 88 -35.34 -59.16 -8.99
C ILE I 88 -34.78 -60.13 -10.02
N GLY I 89 -34.11 -59.63 -11.07
CA GLY I 89 -33.51 -60.47 -12.08
C GLY I 89 -34.29 -60.56 -13.37
N ALA I 90 -35.38 -59.82 -13.51
CA ALA I 90 -36.14 -59.86 -14.76
C ALA I 90 -35.35 -59.22 -15.89
N THR I 91 -35.53 -59.75 -17.10
CA THR I 91 -34.80 -59.24 -18.25
C THR I 91 -35.34 -57.86 -18.67
N ASP I 92 -36.61 -57.80 -19.05
CA ASP I 92 -37.23 -56.55 -19.43
C ASP I 92 -38.64 -56.49 -18.86
N THR I 93 -39.08 -55.29 -18.51
CA THR I 93 -40.42 -55.09 -17.97
C THR I 93 -41.45 -55.17 -19.09
N ALA I 94 -42.66 -55.58 -18.72
CA ALA I 94 -43.75 -55.71 -19.67
C ALA I 94 -44.52 -54.40 -19.77
N PHE I 95 -45.49 -54.37 -20.69
CA PHE I 95 -46.38 -53.24 -20.92
C PHE I 95 -45.64 -51.96 -21.25
N PRO I 96 -44.91 -51.88 -22.38
CA PRO I 96 -44.36 -50.58 -22.80
C PRO I 96 -45.44 -49.70 -23.39
N ARG I 97 -46.43 -50.33 -24.03
CA ARG I 97 -47.52 -49.60 -24.64
C ARG I 97 -48.35 -48.86 -23.61
N ILE I 98 -48.57 -49.49 -22.44
CA ILE I 98 -49.34 -48.84 -21.38
C ILE I 98 -48.62 -47.59 -20.89
N ASN I 99 -47.31 -47.70 -20.66
CA ASN I 99 -46.54 -46.55 -20.20
C ASN I 99 -46.51 -45.44 -21.25
N ASN I 100 -46.38 -45.81 -22.52
CA ASN I 100 -46.39 -44.81 -23.58
C ASN I 100 -47.75 -44.12 -23.67
N ILE I 101 -48.83 -44.88 -23.51
CA ILE I 101 -50.17 -44.29 -23.52
C ILE I 101 -50.34 -43.33 -22.35
N ALA I 102 -49.84 -43.70 -21.18
CA ALA I 102 -49.89 -42.80 -20.02
C ALA I 102 -49.12 -41.51 -20.30
N PHE I 103 -47.91 -41.65 -20.86
CA PHE I 103 -47.14 -40.46 -21.22
C PHE I 103 -47.89 -39.58 -22.20
N TRP I 104 -48.49 -40.19 -23.22
CA TRP I 104 -49.08 -39.40 -24.30
C TRP I 104 -50.47 -38.89 -23.96
N VAL I 105 -51.09 -39.39 -22.89
CA VAL I 105 -52.30 -38.77 -22.36
C VAL I 105 -51.97 -37.71 -21.32
N LEU I 106 -50.74 -37.71 -20.78
CA LEU I 106 -50.33 -36.63 -19.90
C LEU I 106 -50.40 -35.24 -20.56
N PRO I 107 -49.89 -35.01 -21.77
CA PRO I 107 -49.94 -33.64 -22.32
C PRO I 107 -51.35 -33.12 -22.48
N MET I 108 -52.33 -34.00 -22.67
CA MET I 108 -53.73 -33.59 -22.54
C MET I 108 -53.94 -32.88 -21.22
N GLY I 109 -53.48 -33.50 -20.12
CA GLY I 109 -53.65 -32.88 -18.82
C GLY I 109 -52.88 -31.59 -18.68
N LEU I 110 -51.64 -31.55 -19.15
CA LEU I 110 -50.85 -30.33 -19.04
C LEU I 110 -51.50 -29.18 -19.80
N VAL I 111 -51.86 -29.40 -21.07
CA VAL I 111 -52.44 -28.35 -21.89
C VAL I 111 -53.79 -27.92 -21.34
N CYS I 112 -54.63 -28.88 -20.94
CA CYS I 112 -55.94 -28.54 -20.44
C CYS I 112 -55.84 -27.75 -19.13
N LEU I 113 -54.92 -28.13 -18.24
CA LEU I 113 -54.75 -27.38 -17.00
C LEU I 113 -54.16 -26.00 -17.25
N VAL I 114 -53.26 -25.88 -18.24
CA VAL I 114 -52.75 -24.56 -18.60
C VAL I 114 -53.87 -23.66 -19.10
N THR I 115 -54.73 -24.19 -19.97
CA THR I 115 -55.87 -23.42 -20.45
C THR I 115 -56.82 -23.06 -19.31
N SER I 116 -57.05 -24.00 -18.39
CA SER I 116 -57.93 -23.75 -17.26
C SER I 116 -57.38 -22.64 -16.36
N THR I 117 -56.06 -22.63 -16.15
CA THR I 117 -55.47 -21.58 -15.33
C THR I 117 -55.40 -20.25 -16.08
N LEU I 118 -55.35 -20.30 -17.42
CA LEU I 118 -55.19 -19.10 -18.24
C LEU I 118 -56.49 -18.65 -18.89
N VAL I 119 -57.62 -18.78 -18.21
CA VAL I 119 -58.86 -18.19 -18.65
C VAL I 119 -59.25 -17.09 -17.67
N GLU I 120 -60.16 -16.21 -18.12
CA GLU I 120 -60.56 -15.08 -17.29
C GLU I 120 -61.27 -15.54 -16.03
N SER I 121 -62.13 -16.55 -16.12
CA SER I 121 -62.85 -17.03 -14.95
C SER I 121 -61.96 -17.90 -14.07
N GLY I 122 -61.52 -19.05 -14.61
CA GLY I 122 -60.63 -19.92 -13.90
C GLY I 122 -61.24 -20.61 -12.69
N ALA I 123 -60.64 -21.72 -12.25
CA ALA I 123 -61.05 -22.41 -11.03
C ALA I 123 -60.06 -22.06 -9.93
N GLY I 124 -60.56 -21.55 -8.82
CA GLY I 124 -59.71 -21.09 -7.74
C GLY I 124 -60.17 -21.49 -6.36
N THR I 125 -60.77 -22.68 -6.24
CA THR I 125 -61.30 -23.16 -4.97
C THR I 125 -60.24 -23.81 -4.10
N GLY I 126 -59.00 -23.87 -4.55
CA GLY I 126 -57.96 -24.51 -3.79
C GLY I 126 -57.92 -26.01 -4.00
N TRP I 127 -57.17 -26.68 -3.13
CA TRP I 127 -57.09 -28.14 -3.19
C TRP I 127 -58.42 -28.80 -2.88
N THR I 128 -59.34 -28.08 -2.25
CA THR I 128 -60.68 -28.60 -1.95
C THR I 128 -61.63 -28.18 -3.07
N VAL I 129 -62.30 -29.16 -3.68
CA VAL I 129 -63.21 -28.90 -4.79
C VAL I 129 -64.62 -29.30 -4.39
N TYR I 130 -64.94 -29.17 -3.11
CA TYR I 130 -66.27 -29.55 -2.62
C TYR I 130 -67.29 -28.52 -3.04
N PRO I 131 -68.36 -28.89 -3.74
CA PRO I 131 -69.42 -27.94 -4.06
C PRO I 131 -70.22 -27.59 -2.82
N PRO I 132 -70.89 -26.42 -2.80
CA PRO I 132 -70.95 -25.41 -3.86
C PRO I 132 -69.78 -24.43 -3.86
N LEU I 133 -68.70 -24.75 -3.13
CA LEU I 133 -67.49 -23.94 -3.23
C LEU I 133 -66.89 -24.01 -4.62
N SER I 134 -66.93 -25.19 -5.25
CA SER I 134 -66.44 -25.37 -6.60
C SER I 134 -67.52 -25.17 -7.65
N SER I 135 -68.58 -24.43 -7.32
CA SER I 135 -69.70 -24.27 -8.22
C SER I 135 -69.31 -23.48 -9.47
N ILE I 136 -70.02 -23.75 -10.56
CA ILE I 136 -69.74 -23.08 -11.82
C ILE I 136 -70.21 -21.62 -11.81
N GLN I 137 -71.05 -21.25 -10.84
CA GLN I 137 -71.55 -19.88 -10.79
C GLN I 137 -70.43 -18.88 -10.56
N ALA I 138 -69.52 -19.18 -9.65
CA ALA I 138 -68.38 -18.30 -9.38
C ALA I 138 -67.22 -18.59 -10.33
N HIS I 139 -66.81 -19.86 -10.44
CA HIS I 139 -65.74 -20.28 -11.32
C HIS I 139 -66.35 -20.85 -12.60
N SER I 140 -66.71 -19.94 -13.50
CA SER I 140 -67.36 -20.31 -14.75
C SER I 140 -66.30 -20.72 -15.78
N GLY I 141 -66.72 -20.87 -17.04
CA GLY I 141 -65.82 -21.26 -18.08
C GLY I 141 -65.52 -22.74 -18.08
N PRO I 142 -64.50 -23.15 -18.84
CA PRO I 142 -64.16 -24.57 -18.94
C PRO I 142 -63.13 -25.06 -17.93
N SER I 143 -62.77 -24.26 -16.93
CA SER I 143 -61.67 -24.62 -16.04
C SER I 143 -61.95 -25.91 -15.28
N VAL I 144 -63.18 -26.06 -14.77
CA VAL I 144 -63.52 -27.23 -13.97
C VAL I 144 -63.45 -28.50 -14.82
N ASP I 145 -63.97 -28.44 -16.04
CA ASP I 145 -63.95 -29.61 -16.91
C ASP I 145 -62.52 -30.03 -17.26
N LEU I 146 -61.67 -29.05 -17.57
CA LEU I 146 -60.27 -29.37 -17.90
C LEU I 146 -59.56 -29.95 -16.69
N ALA I 147 -59.78 -29.37 -15.50
CA ALA I 147 -59.18 -29.92 -14.29
C ALA I 147 -59.65 -31.36 -14.06
N ILE I 148 -60.93 -31.63 -14.28
CA ILE I 148 -61.48 -32.97 -14.09
C ILE I 148 -60.83 -33.95 -15.07
N PHE I 149 -60.67 -33.53 -16.33
CA PHE I 149 -60.04 -34.39 -17.32
C PHE I 149 -58.59 -34.68 -16.96
N ALA I 150 -57.87 -33.66 -16.49
CA ALA I 150 -56.49 -33.88 -16.05
C ALA I 150 -56.43 -34.84 -14.88
N LEU I 151 -57.35 -34.67 -13.91
CA LEU I 151 -57.44 -35.61 -12.80
C LEU I 151 -57.65 -37.03 -13.29
N HIS I 152 -58.59 -37.22 -14.22
CA HIS I 152 -58.90 -38.56 -14.71
C HIS I 152 -57.70 -39.18 -15.40
N LEU I 153 -57.03 -38.44 -16.27
CA LEU I 153 -55.92 -39.02 -17.01
C LEU I 153 -54.71 -39.29 -16.12
N THR I 154 -54.44 -38.40 -15.17
CA THR I 154 -53.35 -38.65 -14.23
C THR I 154 -53.64 -39.87 -13.35
N SER I 155 -54.90 -40.01 -12.90
CA SER I 155 -55.28 -41.18 -12.12
C SER I 155 -55.13 -42.45 -12.94
N ILE I 156 -55.53 -42.41 -14.22
CA ILE I 156 -55.40 -43.58 -15.07
C ILE I 156 -53.92 -43.95 -15.25
N SER I 157 -53.07 -42.95 -15.48
CA SER I 157 -51.64 -43.22 -15.65
C SER I 157 -51.05 -43.85 -14.39
N SER I 158 -51.35 -43.27 -13.22
CA SER I 158 -50.80 -43.80 -11.98
C SER I 158 -51.32 -45.20 -11.69
N LEU I 159 -52.61 -45.44 -11.94
CA LEU I 159 -53.19 -46.75 -11.70
C LEU I 159 -52.58 -47.80 -12.62
N LEU I 160 -52.38 -47.46 -13.89
CA LEU I 160 -51.78 -48.42 -14.81
C LEU I 160 -50.33 -48.70 -14.44
N GLY I 161 -49.58 -47.67 -14.02
CA GLY I 161 -48.22 -47.91 -13.56
C GLY I 161 -48.17 -48.80 -12.34
N ALA I 162 -49.09 -48.58 -11.39
CA ALA I 162 -49.16 -49.44 -10.21
C ALA I 162 -49.52 -50.86 -10.60
N ILE I 163 -50.42 -51.04 -11.57
CA ILE I 163 -50.77 -52.38 -12.03
C ILE I 163 -49.56 -53.07 -12.63
N ASN I 164 -48.79 -52.34 -13.45
CA ASN I 164 -47.59 -52.92 -14.05
C ASN I 164 -46.59 -53.33 -12.97
N PHE I 165 -46.38 -52.47 -11.98
CA PHE I 165 -45.48 -52.81 -10.89
C PHE I 165 -45.96 -54.04 -10.12
N ILE I 166 -47.27 -54.11 -9.85
CA ILE I 166 -47.82 -55.21 -9.08
C ILE I 166 -47.66 -56.53 -9.83
N VAL I 167 -47.98 -56.53 -11.13
CA VAL I 167 -47.86 -57.77 -11.90
C VAL I 167 -46.40 -58.17 -12.04
N THR I 168 -45.49 -57.20 -12.16
CA THR I 168 -44.07 -57.51 -12.20
C THR I 168 -43.62 -58.16 -10.90
N THR I 169 -44.07 -57.63 -9.76
CA THR I 169 -43.72 -58.25 -8.48
C THR I 169 -44.30 -59.64 -8.35
N LEU I 170 -45.55 -59.83 -8.78
CA LEU I 170 -46.23 -61.10 -8.56
C LEU I 170 -45.74 -62.20 -9.49
N ASN I 171 -45.35 -61.87 -10.72
CA ASN I 171 -44.99 -62.88 -11.71
C ASN I 171 -43.50 -62.95 -11.99
N MET I 172 -42.81 -61.82 -12.12
CA MET I 172 -41.41 -61.81 -12.54
C MET I 172 -40.44 -62.04 -11.39
N ARG I 173 -40.89 -62.60 -10.26
CA ARG I 173 -39.98 -62.94 -9.19
C ARG I 173 -39.06 -64.08 -9.61
N THR I 174 -37.78 -63.95 -9.27
CA THR I 174 -36.83 -65.01 -9.57
C THR I 174 -37.07 -66.23 -8.69
N ASN I 175 -36.57 -67.38 -9.15
CA ASN I 175 -36.78 -68.62 -8.43
C ASN I 175 -36.12 -68.58 -7.04
N GLY I 176 -34.90 -68.06 -6.97
CA GLY I 176 -34.18 -68.00 -5.71
C GLY I 176 -34.41 -66.73 -4.91
N MET I 177 -35.63 -66.53 -4.43
CA MET I 177 -35.95 -65.35 -3.63
C MET I 177 -37.21 -65.64 -2.83
N THR I 178 -37.07 -65.64 -1.50
CA THR I 178 -38.23 -65.81 -0.64
C THR I 178 -39.06 -64.52 -0.60
N MET I 179 -40.35 -64.68 -0.30
CA MET I 179 -41.25 -63.53 -0.24
C MET I 179 -41.20 -62.82 1.10
N HIS I 180 -40.97 -63.55 2.20
CA HIS I 180 -40.98 -62.94 3.52
C HIS I 180 -39.79 -62.01 3.73
N LYS I 181 -38.66 -62.30 3.10
CA LYS I 181 -37.44 -61.52 3.28
C LYS I 181 -37.16 -60.57 2.12
N LEU I 182 -38.21 -60.00 1.54
CA LEU I 182 -38.03 -59.01 0.50
C LEU I 182 -37.44 -57.73 1.08
N PRO I 183 -36.70 -56.96 0.27
CA PRO I 183 -36.15 -55.70 0.76
C PRO I 183 -37.25 -54.69 1.07
N LEU I 184 -36.91 -53.73 1.94
CA LEU I 184 -37.91 -52.75 2.38
C LEU I 184 -38.42 -51.91 1.23
N PHE I 185 -37.59 -51.66 0.21
CA PHE I 185 -38.05 -50.89 -0.93
C PHE I 185 -39.15 -51.63 -1.69
N VAL I 186 -38.97 -52.94 -1.89
CA VAL I 186 -39.95 -53.73 -2.64
C VAL I 186 -41.29 -53.74 -1.91
N TRP I 187 -41.27 -53.98 -0.60
CA TRP I 187 -42.50 -53.98 0.17
C TRP I 187 -43.12 -52.59 0.24
N SER I 188 -42.30 -51.55 0.31
CA SER I 188 -42.81 -50.18 0.29
C SER I 188 -43.56 -49.90 -1.00
N ILE I 189 -42.97 -50.26 -2.14
CA ILE I 189 -43.62 -50.04 -3.43
C ILE I 189 -44.87 -50.91 -3.54
N PHE I 190 -44.81 -52.13 -3.00
CA PHE I 190 -45.97 -53.02 -3.00
C PHE I 190 -47.15 -52.38 -2.27
N ILE I 191 -46.91 -51.93 -1.04
CA ILE I 191 -47.96 -51.31 -0.24
C ILE I 191 -48.47 -50.03 -0.91
N THR I 192 -47.55 -49.22 -1.43
CA THR I 192 -47.95 -47.97 -2.08
C THR I 192 -48.82 -48.25 -3.30
N ALA I 193 -48.44 -49.24 -4.11
CA ALA I 193 -49.21 -49.56 -5.31
C ALA I 193 -50.58 -50.11 -4.97
N PHE I 194 -50.68 -50.97 -3.94
CA PHE I 194 -51.99 -51.48 -3.56
C PHE I 194 -52.88 -50.40 -2.96
N LEU I 195 -52.31 -49.53 -2.13
CA LEU I 195 -53.10 -48.42 -1.60
C LEU I 195 -53.56 -47.49 -2.72
N LEU I 196 -52.69 -47.26 -3.71
CA LEU I 196 -53.10 -46.45 -4.87
C LEU I 196 -54.22 -47.13 -5.64
N LEU I 197 -54.12 -48.44 -5.85
CA LEU I 197 -55.15 -49.17 -6.58
C LEU I 197 -56.48 -49.18 -5.84
N LEU I 198 -56.44 -49.10 -4.51
CA LEU I 198 -57.67 -49.06 -3.73
C LEU I 198 -58.14 -47.64 -3.43
N SER I 199 -57.35 -46.62 -3.74
CA SER I 199 -57.71 -45.24 -3.45
C SER I 199 -58.06 -44.42 -4.69
N LEU I 200 -57.23 -44.47 -5.72
CA LEU I 200 -57.50 -43.69 -6.93
C LEU I 200 -58.86 -43.95 -7.56
N PRO I 201 -59.35 -45.19 -7.69
CA PRO I 201 -60.67 -45.38 -8.32
C PRO I 201 -61.80 -44.66 -7.60
N VAL I 202 -61.75 -44.56 -6.27
CA VAL I 202 -62.81 -43.87 -5.54
C VAL I 202 -62.82 -42.38 -5.89
N LEU I 203 -61.64 -41.76 -5.88
CA LEU I 203 -61.56 -40.35 -6.26
C LEU I 203 -61.94 -40.15 -7.72
N SER I 204 -61.57 -41.09 -8.58
CA SER I 204 -61.94 -40.99 -9.99
C SER I 204 -63.45 -41.06 -10.17
N ALA I 205 -64.12 -41.95 -9.44
CA ALA I 205 -65.57 -42.02 -9.49
C ALA I 205 -66.21 -40.74 -8.99
N GLY I 206 -65.69 -40.18 -7.89
CA GLY I 206 -66.20 -38.92 -7.39
C GLY I 206 -66.01 -37.78 -8.38
N ILE I 207 -64.85 -37.72 -9.02
CA ILE I 207 -64.56 -36.68 -9.99
C ILE I 207 -65.46 -36.84 -11.22
N THR I 208 -65.70 -38.08 -11.65
CA THR I 208 -66.63 -38.31 -12.75
C THR I 208 -68.04 -37.87 -12.36
N MET I 209 -68.44 -38.13 -11.12
CA MET I 209 -69.75 -37.68 -10.67
C MET I 209 -69.87 -36.17 -10.69
N LEU I 210 -68.82 -35.48 -10.22
CA LEU I 210 -68.82 -34.02 -10.28
C LEU I 210 -68.84 -33.51 -11.72
N LEU I 211 -68.13 -34.19 -12.62
CA LEU I 211 -68.16 -33.80 -14.03
C LEU I 211 -69.56 -33.96 -14.60
N LEU I 212 -70.25 -35.04 -14.25
CA LEU I 212 -71.62 -35.23 -14.69
C LEU I 212 -72.53 -34.14 -14.13
N ASP I 213 -72.32 -33.77 -12.86
CA ASP I 213 -73.09 -32.68 -12.27
C ASP I 213 -72.87 -31.37 -13.01
N ARG I 214 -71.62 -31.09 -13.38
CA ARG I 214 -71.31 -29.82 -14.03
C ARG I 214 -71.78 -29.79 -15.49
N ASN I 215 -71.82 -30.95 -16.15
CA ASN I 215 -72.22 -31.00 -17.55
C ASN I 215 -73.73 -31.11 -17.72
N PHE I 216 -74.34 -32.14 -17.12
CA PHE I 216 -75.76 -32.41 -17.28
C PHE I 216 -76.63 -31.59 -16.35
N ASN I 217 -76.03 -30.81 -15.44
CA ASN I 217 -76.75 -29.91 -14.54
C ASN I 217 -77.76 -30.69 -13.67
N THR I 218 -77.31 -31.81 -13.12
CA THR I 218 -78.12 -32.59 -12.21
C THR I 218 -77.89 -32.12 -10.77
N SER I 219 -78.51 -32.81 -9.82
CA SER I 219 -78.46 -32.43 -8.41
C SER I 219 -78.03 -33.63 -7.57
N PHE I 220 -76.73 -33.76 -7.33
CA PHE I 220 -76.17 -34.77 -6.44
C PHE I 220 -75.53 -34.18 -5.19
N PHE I 221 -74.67 -33.18 -5.36
CA PHE I 221 -73.94 -32.61 -4.24
C PHE I 221 -74.21 -31.12 -4.03
N GLU I 222 -75.03 -30.50 -4.88
CA GLU I 222 -75.44 -29.13 -4.65
C GLU I 222 -76.37 -29.05 -3.44
N VAL I 223 -76.27 -27.94 -2.70
CA VAL I 223 -77.10 -27.79 -1.51
C VAL I 223 -78.58 -27.72 -1.88
N SER I 224 -78.88 -27.09 -3.02
CA SER I 224 -80.26 -27.02 -3.50
C SER I 224 -80.58 -28.30 -4.28
N GLY I 225 -81.68 -28.95 -3.91
CA GLY I 225 -82.06 -30.19 -4.55
C GLY I 225 -81.88 -31.39 -3.65
N GLY I 226 -81.63 -31.13 -2.37
CA GLY I 226 -81.40 -32.20 -1.42
C GLY I 226 -80.13 -32.99 -1.65
N GLY I 227 -79.03 -32.31 -1.95
CA GLY I 227 -77.75 -32.96 -2.19
C GLY I 227 -76.89 -33.01 -0.95
N ASP I 228 -75.89 -33.89 -0.99
CA ASP I 228 -74.96 -34.10 0.12
C ASP I 228 -73.53 -34.07 -0.39
N PRO I 229 -72.90 -32.88 -0.42
CA PRO I 229 -71.49 -32.80 -0.84
C PRO I 229 -70.54 -33.47 0.15
N ILE I 230 -70.99 -33.77 1.36
CA ILE I 230 -70.15 -34.45 2.34
C ILE I 230 -69.72 -35.82 1.84
N LEU I 231 -70.52 -36.44 0.97
CA LEU I 231 -70.09 -37.70 0.36
C LEU I 231 -68.80 -37.52 -0.43
N TYR I 232 -68.77 -36.50 -1.29
CA TYR I 232 -67.54 -36.23 -2.04
C TYR I 232 -66.43 -35.73 -1.14
N GLU I 233 -66.77 -35.03 -0.04
CA GLU I 233 -65.74 -34.64 0.92
C GLU I 233 -65.07 -35.85 1.54
N HIS I 234 -65.87 -36.85 1.94
CA HIS I 234 -65.31 -38.08 2.49
C HIS I 234 -64.52 -38.83 1.43
N LEU I 235 -64.99 -38.83 0.18
CA LEU I 235 -64.24 -39.45 -0.90
C LEU I 235 -62.88 -38.79 -1.08
N PHE I 236 -62.85 -37.45 -1.04
CA PHE I 236 -61.59 -36.74 -1.16
C PHE I 236 -60.66 -37.00 0.02
N TRP I 237 -61.22 -37.15 1.22
CA TRP I 237 -60.39 -37.49 2.38
C TRP I 237 -59.79 -38.89 2.23
N PHE I 238 -60.62 -39.87 1.86
CA PHE I 238 -60.17 -41.24 1.66
C PHE I 238 -59.27 -41.38 0.45
N PHE I 239 -59.22 -40.37 -0.41
CA PHE I 239 -58.15 -40.29 -1.40
C PHE I 239 -56.88 -39.70 -0.79
N GLY I 240 -57.00 -38.49 -0.23
CA GLY I 240 -55.82 -37.73 0.14
C GLY I 240 -54.98 -38.40 1.21
N HIS I 241 -55.62 -38.86 2.28
CA HIS I 241 -54.84 -39.50 3.35
C HIS I 241 -54.11 -40.75 2.85
N PRO I 242 -54.76 -41.71 2.19
CA PRO I 242 -53.98 -42.75 1.52
C PRO I 242 -53.05 -42.21 0.44
N GLU I 243 -53.40 -41.09 -0.20
CA GLU I 243 -52.45 -40.47 -1.13
C GLU I 243 -51.26 -39.88 -0.39
N VAL I 244 -51.46 -39.37 0.83
CA VAL I 244 -50.33 -38.95 1.65
C VAL I 244 -49.44 -40.14 1.95
N TYR I 245 -50.04 -41.28 2.30
CA TYR I 245 -49.24 -42.50 2.47
C TYR I 245 -48.51 -42.88 1.19
N ILE I 246 -49.18 -42.73 0.04
CA ILE I 246 -48.57 -43.04 -1.25
C ILE I 246 -47.35 -42.15 -1.48
N LEU I 247 -47.44 -40.88 -1.10
CA LEU I 247 -46.32 -39.96 -1.30
C LEU I 247 -45.18 -40.23 -0.32
N ILE I 248 -45.49 -40.69 0.89
CA ILE I 248 -44.47 -40.77 1.94
C ILE I 248 -43.78 -42.13 1.97
N ILE I 249 -44.53 -43.23 1.86
CA ILE I 249 -43.96 -44.56 2.10
C ILE I 249 -42.81 -44.89 1.16
N PRO I 250 -42.88 -44.62 -0.14
CA PRO I 250 -41.68 -44.82 -0.98
C PRO I 250 -40.49 -44.02 -0.51
N GLY I 251 -40.70 -42.82 0.05
CA GLY I 251 -39.60 -42.10 0.67
C GLY I 251 -39.01 -42.87 1.84
N PHE I 252 -39.87 -43.50 2.65
CA PHE I 252 -39.38 -44.35 3.73
C PHE I 252 -38.53 -45.49 3.19
N GLY I 253 -38.98 -46.13 2.12
CA GLY I 253 -38.20 -47.20 1.51
C GLY I 253 -36.86 -46.72 0.97
N ILE I 254 -36.86 -45.53 0.35
CA ILE I 254 -35.62 -44.97 -0.18
C ILE I 254 -34.63 -44.67 0.95
N ILE I 255 -35.13 -44.08 2.05
CA ILE I 255 -34.26 -43.81 3.18
C ILE I 255 -33.72 -45.11 3.79
N SER I 256 -34.57 -46.13 3.86
CA SER I 256 -34.13 -47.43 4.36
C SER I 256 -33.02 -48.01 3.48
N HIS I 257 -33.20 -47.93 2.17
CA HIS I 257 -32.18 -48.43 1.25
C HIS I 257 -30.88 -47.66 1.41
N VAL I 258 -30.97 -46.33 1.53
CA VAL I 258 -29.77 -45.50 1.67
C VAL I 258 -29.02 -45.87 2.94
N VAL I 259 -29.73 -45.95 4.07
CA VAL I 259 -29.07 -46.25 5.33
C VAL I 259 -28.52 -47.67 5.35
N SER I 260 -29.21 -48.60 4.70
CA SER I 260 -28.73 -49.99 4.68
C SER I 260 -27.46 -50.11 3.83
N THR I 261 -27.43 -49.43 2.67
CA THR I 261 -26.27 -49.53 1.80
C THR I 261 -25.13 -48.62 2.23
N TYR I 262 -25.37 -47.71 3.17
CA TYR I 262 -24.33 -46.82 3.64
C TYR I 262 -23.77 -47.20 5.01
N SER I 263 -24.63 -47.41 6.01
CA SER I 263 -24.17 -47.68 7.38
C SER I 263 -23.49 -49.03 7.53
N LYS I 264 -23.57 -49.90 6.52
CA LYS I 264 -22.92 -51.21 6.50
C LYS I 264 -23.43 -52.14 7.59
N LYS I 265 -24.64 -51.90 8.11
CA LYS I 265 -25.22 -52.77 9.12
C LYS I 265 -26.70 -52.96 8.82
N PRO I 266 -27.28 -54.08 9.25
CA PRO I 266 -28.69 -54.33 8.98
C PRO I 266 -29.61 -53.39 9.74
N VAL I 267 -30.80 -53.18 9.18
CA VAL I 267 -31.81 -52.35 9.81
C VAL I 267 -32.45 -53.12 10.97
N PHE I 268 -32.55 -52.48 12.12
CA PHE I 268 -33.12 -53.12 13.30
C PHE I 268 -34.56 -53.50 13.04
N GLY I 269 -34.91 -54.75 13.36
CA GLY I 269 -36.26 -55.25 13.18
C GLY I 269 -36.74 -55.17 11.75
N GLU I 270 -35.91 -55.65 10.80
CA GLU I 270 -36.24 -55.50 9.39
C GLU I 270 -37.50 -56.27 9.02
N ILE I 271 -37.56 -57.56 9.38
CA ILE I 271 -38.73 -58.37 9.05
C ILE I 271 -39.92 -57.92 9.89
N SER I 272 -39.68 -57.60 11.17
CA SER I 272 -40.76 -57.12 12.02
C SER I 272 -41.39 -55.87 11.46
N MET I 273 -40.57 -54.93 10.97
CA MET I 273 -41.15 -53.73 10.40
C MET I 273 -41.67 -53.92 8.98
N VAL I 274 -41.22 -54.96 8.26
CA VAL I 274 -41.92 -55.33 7.04
C VAL I 274 -43.35 -55.74 7.37
N TYR I 275 -43.52 -56.55 8.41
CA TYR I 275 -44.86 -56.91 8.86
C TYR I 275 -45.63 -55.68 9.34
N ALA I 276 -44.95 -54.76 10.03
CA ALA I 276 -45.60 -53.54 10.49
C ALA I 276 -46.07 -52.68 9.32
N MET I 277 -45.26 -52.57 8.26
CA MET I 277 -45.66 -51.82 7.08
C MET I 277 -46.82 -52.49 6.37
N ALA I 278 -46.83 -53.83 6.34
CA ALA I 278 -47.99 -54.53 5.80
C ALA I 278 -49.24 -54.22 6.61
N SER I 279 -49.11 -54.19 7.93
CA SER I 279 -50.24 -53.82 8.79
C SER I 279 -50.70 -52.39 8.52
N ILE I 280 -49.75 -51.48 8.29
CA ILE I 280 -50.09 -50.10 7.95
C ILE I 280 -50.88 -50.05 6.65
N GLY I 281 -50.42 -50.79 5.65
CA GLY I 281 -51.13 -50.82 4.38
C GLY I 281 -52.52 -51.42 4.50
N LEU I 282 -52.68 -52.41 5.39
CA LEU I 282 -54.00 -53.02 5.59
C LEU I 282 -54.94 -52.13 6.40
N LEU I 283 -54.40 -51.35 7.34
CA LEU I 283 -55.22 -50.55 8.25
C LEU I 283 -55.32 -49.09 7.85
N GLY I 284 -54.71 -48.68 6.74
CA GLY I 284 -54.83 -47.31 6.29
C GLY I 284 -56.25 -46.90 5.92
N PHE I 285 -57.13 -47.86 5.68
CA PHE I 285 -58.52 -47.60 5.35
C PHE I 285 -59.38 -47.33 6.58
N LEU I 286 -58.77 -47.08 7.74
CA LEU I 286 -59.51 -46.84 8.96
C LEU I 286 -59.18 -45.52 9.64
N VAL I 287 -58.15 -44.80 9.19
CA VAL I 287 -57.75 -43.55 9.83
C VAL I 287 -57.82 -42.41 8.81
N TRP I 288 -58.72 -42.53 7.85
CA TRP I 288 -58.84 -41.53 6.80
C TRP I 288 -59.74 -40.36 7.17
N SER I 289 -60.42 -40.41 8.32
CA SER I 289 -61.47 -39.46 8.67
C SER I 289 -61.21 -38.84 10.03
N HIS I 290 -59.98 -38.37 10.26
CA HIS I 290 -59.65 -37.60 11.45
C HIS I 290 -59.63 -36.10 11.17
N HIS I 291 -60.08 -35.68 10.00
CA HIS I 291 -60.17 -34.25 9.66
C HIS I 291 -61.59 -33.71 9.77
N MET I 292 -62.61 -34.59 9.77
CA MET I 292 -64.01 -34.18 9.74
C MET I 292 -64.65 -34.11 11.13
N TYR I 293 -63.85 -33.80 12.16
CA TYR I 293 -64.32 -33.79 13.53
C TYR I 293 -65.40 -32.73 13.79
N ILE I 294 -65.56 -31.76 12.89
CA ILE I 294 -66.47 -30.65 13.12
C ILE I 294 -67.67 -30.66 12.17
N VAL I 295 -67.73 -31.61 11.24
CA VAL I 295 -68.83 -31.66 10.28
C VAL I 295 -70.18 -31.88 10.97
N GLY I 296 -70.18 -32.56 12.11
CA GLY I 296 -71.42 -32.82 12.81
C GLY I 296 -71.65 -34.29 13.09
N LEU I 297 -70.57 -35.06 13.15
CA LEU I 297 -70.65 -36.47 13.49
C LEU I 297 -70.94 -36.63 14.99
N ASP I 298 -71.34 -37.85 15.35
CA ASP I 298 -71.68 -38.13 16.74
C ASP I 298 -70.41 -38.17 17.60
N ALA I 299 -70.62 -38.03 18.92
CA ALA I 299 -69.51 -38.08 19.85
C ALA I 299 -68.83 -39.44 19.85
N ASP I 300 -69.62 -40.51 19.78
CA ASP I 300 -69.05 -41.85 19.71
C ASP I 300 -68.21 -42.03 18.45
N THR I 301 -68.69 -41.49 17.32
CA THR I 301 -67.91 -41.55 16.09
C THR I 301 -66.60 -40.79 16.23
N ARG I 302 -66.64 -39.62 16.89
CA ARG I 302 -65.41 -38.88 17.18
C ARG I 302 -64.45 -39.73 18.00
N ALA I 303 -64.98 -40.42 19.01
CA ALA I 303 -64.13 -41.26 19.85
C ALA I 303 -63.50 -42.39 19.03
N TYR I 304 -64.28 -43.04 18.17
CA TYR I 304 -63.72 -44.10 17.33
C TYR I 304 -62.63 -43.57 16.43
N PHE I 305 -62.89 -42.43 15.77
CA PHE I 305 -61.92 -41.88 14.83
C PHE I 305 -60.63 -41.47 15.55
N THR I 306 -60.73 -40.81 16.70
CA THR I 306 -59.53 -40.41 17.42
C THR I 306 -58.78 -41.63 17.95
N SER I 307 -59.51 -42.64 18.43
CA SER I 307 -58.86 -43.86 18.91
C SER I 307 -58.05 -44.51 17.80
N ALA I 308 -58.64 -44.63 16.61
CA ALA I 308 -57.91 -45.17 15.47
C ALA I 308 -56.70 -44.30 15.14
N THR I 309 -56.89 -42.97 15.12
CA THR I 309 -55.83 -42.11 14.60
C THR I 309 -54.65 -41.97 15.55
N MET I 310 -54.80 -42.27 16.85
CA MET I 310 -53.58 -42.36 17.65
C MET I 310 -53.20 -43.80 17.98
N ILE I 311 -53.99 -44.80 17.56
CA ILE I 311 -53.55 -46.18 17.73
C ILE I 311 -52.78 -46.69 16.52
N ILE I 312 -52.90 -46.01 15.37
CA ILE I 312 -52.07 -46.36 14.21
C ILE I 312 -50.84 -45.45 14.07
N ALA I 313 -50.57 -44.62 15.07
CA ALA I 313 -49.44 -43.69 15.01
C ALA I 313 -48.15 -44.24 15.59
N ILE I 314 -48.20 -45.41 16.26
CA ILE I 314 -46.99 -45.98 16.85
C ILE I 314 -45.92 -46.32 15.81
N PRO I 315 -46.25 -46.92 14.65
CA PRO I 315 -45.18 -47.33 13.73
C PRO I 315 -44.30 -46.18 13.24
N THR I 316 -44.78 -44.93 13.27
CA THR I 316 -43.90 -43.82 12.93
C THR I 316 -42.73 -43.75 13.90
N GLY I 317 -43.02 -43.75 15.21
CA GLY I 317 -41.96 -43.79 16.19
C GLY I 317 -41.15 -45.07 16.13
N ILE I 318 -41.79 -46.19 15.78
CA ILE I 318 -41.07 -47.45 15.63
C ILE I 318 -40.02 -47.32 14.54
N LYS I 319 -40.40 -46.73 13.39
CA LYS I 319 -39.45 -46.52 12.30
C LYS I 319 -38.35 -45.55 12.70
N ILE I 320 -38.72 -44.48 13.44
CA ILE I 320 -37.72 -43.52 13.90
C ILE I 320 -36.66 -44.23 14.73
N PHE I 321 -37.10 -45.03 15.70
CA PHE I 321 -36.14 -45.70 16.57
C PHE I 321 -35.39 -46.80 15.83
N SER I 322 -36.03 -47.47 14.87
CA SER I 322 -35.35 -48.50 14.10
C SER I 322 -34.23 -47.92 13.26
N TRP I 323 -34.47 -46.79 12.59
CA TRP I 323 -33.41 -46.14 11.83
C TRP I 323 -32.36 -45.54 12.77
N LEU I 324 -32.77 -45.10 13.95
CA LEU I 324 -31.80 -44.62 14.93
C LEU I 324 -30.85 -45.75 15.36
N ALA I 325 -31.38 -46.95 15.56
CA ALA I 325 -30.53 -48.10 15.85
C ALA I 325 -29.71 -48.51 14.63
N THR I 326 -30.27 -48.34 13.42
CA THR I 326 -29.53 -48.66 12.21
C THR I 326 -28.31 -47.77 12.07
N ILE I 327 -28.42 -46.49 12.42
CA ILE I 327 -27.24 -45.63 12.44
C ILE I 327 -26.47 -45.75 13.74
N HIS I 328 -26.95 -46.54 14.69
CA HIS I 328 -26.26 -46.75 15.96
C HIS I 328 -25.32 -47.94 15.87
N GLY I 329 -24.16 -47.82 16.50
CA GLY I 329 -23.17 -48.88 16.52
C GLY I 329 -22.42 -49.07 15.22
N GLY I 330 -22.70 -48.26 14.20
CA GLY I 330 -22.02 -48.40 12.93
C GLY I 330 -21.17 -47.20 12.58
N SER I 331 -20.76 -47.10 11.32
CA SER I 331 -19.97 -45.98 10.84
C SER I 331 -20.84 -45.04 10.03
N ILE I 332 -20.85 -43.76 10.40
CA ILE I 332 -21.57 -42.72 9.68
C ILE I 332 -20.55 -41.77 9.07
N ARG I 333 -20.76 -41.42 7.80
CA ARG I 333 -19.82 -40.63 7.03
C ARG I 333 -20.39 -39.24 6.83
N LEU I 334 -19.50 -38.24 6.69
CA LEU I 334 -19.94 -36.86 6.45
C LEU I 334 -20.29 -36.67 4.97
N ALA I 335 -21.25 -37.46 4.52
CA ALA I 335 -21.71 -37.44 3.14
C ALA I 335 -23.09 -36.81 3.06
N THR I 336 -23.41 -36.31 1.87
CA THR I 336 -24.71 -35.68 1.67
C THR I 336 -25.91 -36.61 1.93
N PRO I 337 -25.90 -37.89 1.57
CA PRO I 337 -27.05 -38.73 1.94
C PRO I 337 -27.26 -38.84 3.43
N MET I 338 -26.18 -38.92 4.22
CA MET I 338 -26.33 -38.99 5.66
C MET I 338 -27.04 -37.76 6.20
N LEU I 339 -26.54 -36.57 5.85
CA LEU I 339 -27.15 -35.33 6.32
C LEU I 339 -28.56 -35.12 5.79
N TYR I 340 -28.83 -35.50 4.54
CA TYR I 340 -30.20 -35.41 4.01
C TYR I 340 -31.15 -36.28 4.82
N ALA I 341 -30.75 -37.54 5.08
CA ALA I 341 -31.59 -38.42 5.86
C ALA I 341 -31.77 -37.92 7.28
N ILE I 342 -30.70 -37.40 7.88
CA ILE I 342 -30.79 -36.90 9.25
C ILE I 342 -31.76 -35.72 9.34
N ALA I 343 -31.62 -34.77 8.41
CA ALA I 343 -32.52 -33.61 8.41
C ALA I 343 -33.96 -34.04 8.15
N PHE I 344 -34.16 -34.97 7.21
CA PHE I 344 -35.51 -35.44 6.91
C PHE I 344 -36.13 -36.11 8.13
N LEU I 345 -35.37 -36.98 8.80
CA LEU I 345 -35.88 -37.65 9.99
C LEU I 345 -36.19 -36.67 11.11
N PHE I 346 -35.31 -35.69 11.33
CA PHE I 346 -35.54 -34.74 12.42
C PHE I 346 -36.80 -33.92 12.16
N LEU I 347 -36.89 -33.32 10.96
CA LEU I 347 -38.06 -32.51 10.66
C LEU I 347 -39.32 -33.36 10.58
N PHE I 348 -39.19 -34.64 10.23
CA PHE I 348 -40.34 -35.54 10.28
C PHE I 348 -40.74 -35.84 11.71
N THR I 349 -39.78 -35.90 12.63
CA THR I 349 -40.14 -36.06 14.05
C THR I 349 -40.91 -34.85 14.55
N MET I 350 -40.48 -33.64 14.19
CA MET I 350 -41.29 -32.46 14.55
C MET I 350 -42.66 -32.49 13.88
N GLY I 351 -42.73 -32.89 12.61
CA GLY I 351 -44.01 -32.95 11.94
C GLY I 351 -44.96 -33.95 12.58
N GLY I 352 -44.46 -35.14 12.91
CA GLY I 352 -45.26 -36.10 13.64
C GLY I 352 -45.63 -35.64 15.03
N LEU I 353 -44.75 -34.86 15.67
CA LEU I 353 -45.08 -34.27 16.96
C LEU I 353 -46.28 -33.33 16.84
N THR I 354 -46.26 -32.49 15.81
CA THR I 354 -47.39 -31.59 15.57
C THR I 354 -48.65 -32.38 15.24
N GLY I 355 -48.51 -33.45 14.46
CA GLY I 355 -49.67 -34.28 14.15
C GLY I 355 -50.27 -34.93 15.39
N VAL I 356 -49.42 -35.45 16.28
CA VAL I 356 -49.88 -36.00 17.55
C VAL I 356 -50.57 -34.92 18.38
N ALA I 357 -50.02 -33.71 18.37
CA ALA I 357 -50.71 -32.59 18.99
C ALA I 357 -52.08 -32.36 18.38
N LEU I 358 -52.23 -32.63 17.08
CA LEU I 358 -53.50 -32.52 16.41
C LEU I 358 -54.38 -33.75 16.59
N ALA I 359 -53.84 -34.86 17.08
CA ALA I 359 -54.60 -36.10 17.17
C ALA I 359 -55.80 -35.97 18.10
N ASN I 360 -55.69 -35.15 19.14
CA ASN I 360 -56.80 -34.98 20.08
C ASN I 360 -57.97 -34.29 19.42
N ALA I 361 -59.18 -34.75 19.72
CA ALA I 361 -60.39 -34.20 19.13
C ALA I 361 -60.91 -32.99 19.91
N SER I 362 -60.76 -32.99 21.24
CA SER I 362 -61.24 -31.86 22.03
C SER I 362 -60.47 -30.59 21.70
N LEU I 363 -59.15 -30.69 21.57
CA LEU I 363 -58.35 -29.53 21.20
C LEU I 363 -58.61 -29.08 19.77
N ASP I 364 -59.10 -29.98 18.91
CA ASP I 364 -59.35 -29.62 17.52
C ASP I 364 -60.38 -28.52 17.39
N VAL I 365 -61.34 -28.45 18.32
CA VAL I 365 -62.41 -27.45 18.22
C VAL I 365 -61.82 -26.05 18.15
N ALA I 366 -60.85 -25.74 19.01
CA ALA I 366 -60.16 -24.46 18.94
C ALA I 366 -58.93 -24.49 18.07
N PHE I 367 -58.53 -25.67 17.57
CA PHE I 367 -57.32 -25.77 16.75
C PHE I 367 -57.59 -26.05 15.27
N HIS I 368 -58.77 -26.54 14.91
CA HIS I 368 -59.02 -26.87 13.52
C HIS I 368 -59.09 -25.59 12.69
N ASP I 369 -58.63 -25.69 11.44
CA ASP I 369 -58.66 -24.59 10.48
C ASP I 369 -57.91 -23.36 10.96
N THR I 370 -57.21 -23.46 12.09
CA THR I 370 -56.32 -22.40 12.54
C THR I 370 -55.05 -22.48 11.69
N TYR I 371 -54.02 -21.73 12.06
CA TYR I 371 -52.81 -21.80 11.26
C TYR I 371 -52.04 -23.09 11.57
N TYR I 372 -52.32 -23.72 12.71
CA TYR I 372 -51.52 -24.86 13.14
C TYR I 372 -51.67 -26.04 12.19
N VAL I 373 -52.89 -26.29 11.70
CA VAL I 373 -53.12 -27.43 10.83
C VAL I 373 -52.37 -27.28 9.50
N VAL I 374 -52.44 -26.09 8.91
CA VAL I 374 -51.76 -25.88 7.63
C VAL I 374 -50.26 -25.89 7.83
N GLY I 375 -49.78 -25.32 8.94
CA GLY I 375 -48.36 -25.42 9.26
C GLY I 375 -47.92 -26.87 9.41
N HIS I 376 -48.75 -27.69 10.04
CA HIS I 376 -48.42 -29.10 10.24
C HIS I 376 -48.30 -29.83 8.90
N PHE I 377 -49.30 -29.67 8.03
CA PHE I 377 -49.17 -30.49 6.83
C PHE I 377 -48.15 -29.90 5.86
N HIS I 378 -47.93 -28.58 5.88
CA HIS I 378 -46.80 -28.03 5.13
C HIS I 378 -45.49 -28.61 5.63
N TYR I 379 -45.29 -28.66 6.95
CA TYR I 379 -44.13 -29.35 7.50
C TYR I 379 -43.96 -30.73 6.88
N VAL I 380 -44.95 -31.61 7.12
CA VAL I 380 -44.76 -33.01 6.80
C VAL I 380 -44.60 -33.20 5.29
N LEU I 381 -45.50 -32.62 4.48
CA LEU I 381 -45.41 -32.81 3.04
C LEU I 381 -44.13 -32.19 2.48
N SER I 382 -43.83 -30.95 2.85
CA SER I 382 -42.66 -30.28 2.31
C SER I 382 -41.39 -31.08 2.61
N MET I 383 -41.08 -31.31 3.89
CA MET I 383 -39.85 -32.03 4.18
C MET I 383 -39.86 -33.43 3.57
N GLY I 384 -40.91 -34.21 3.82
CA GLY I 384 -40.99 -35.52 3.24
C GLY I 384 -40.68 -35.56 1.75
N ALA I 385 -41.55 -34.94 0.94
CA ALA I 385 -41.39 -35.02 -0.50
C ALA I 385 -40.07 -34.40 -0.97
N ILE I 386 -39.79 -33.16 -0.55
CA ILE I 386 -38.66 -32.43 -1.10
C ILE I 386 -37.35 -33.11 -0.70
N PHE I 387 -37.18 -33.42 0.58
CA PHE I 387 -35.94 -34.03 1.03
C PHE I 387 -35.79 -35.45 0.54
N SER I 388 -36.88 -36.21 0.43
CA SER I 388 -36.77 -37.55 -0.15
C SER I 388 -36.31 -37.48 -1.59
N LEU I 389 -36.88 -36.56 -2.38
CA LEU I 389 -36.45 -36.42 -3.77
C LEU I 389 -35.00 -35.95 -3.87
N PHE I 390 -34.60 -35.00 -3.02
CA PHE I 390 -33.22 -34.52 -3.05
C PHE I 390 -32.24 -35.62 -2.67
N ALA I 391 -32.55 -36.38 -1.62
CA ALA I 391 -31.69 -37.49 -1.22
C ALA I 391 -31.63 -38.55 -2.31
N GLY I 392 -32.77 -38.85 -2.94
CA GLY I 392 -32.76 -39.80 -4.03
C GLY I 392 -31.89 -39.36 -5.19
N TYR I 393 -31.99 -38.09 -5.57
CA TYR I 393 -31.17 -37.60 -6.68
C TYR I 393 -29.68 -37.65 -6.33
N TYR I 394 -29.32 -37.09 -5.16
CA TYR I 394 -27.91 -37.05 -4.77
C TYR I 394 -27.35 -38.42 -4.41
N TYR I 395 -28.21 -39.42 -4.23
CA TYR I 395 -27.80 -40.78 -3.93
C TYR I 395 -27.83 -41.68 -5.16
N TRP I 396 -28.52 -41.27 -6.22
CA TRP I 396 -28.71 -42.12 -7.38
C TRP I 396 -28.13 -41.54 -8.67
N SER I 397 -27.65 -40.29 -8.66
CA SER I 397 -27.09 -39.72 -9.89
C SER I 397 -25.89 -40.48 -10.42
N PRO I 398 -24.90 -40.90 -9.61
CA PRO I 398 -23.83 -41.74 -10.16
C PRO I 398 -24.29 -43.15 -10.48
N GLN I 399 -25.44 -43.57 -9.96
CA GLN I 399 -25.97 -44.90 -10.25
C GLN I 399 -26.58 -44.97 -11.65
N ILE I 400 -27.14 -43.87 -12.14
CA ILE I 400 -27.77 -43.86 -13.45
C ILE I 400 -26.91 -43.17 -14.50
N LEU I 401 -26.02 -42.26 -14.11
CA LEU I 401 -25.15 -41.59 -15.07
C LEU I 401 -23.70 -42.03 -14.97
N GLY I 402 -23.19 -42.28 -13.77
CA GLY I 402 -21.81 -42.60 -13.57
C GLY I 402 -20.87 -41.43 -13.55
N LEU I 403 -21.38 -40.21 -13.74
CA LEU I 403 -20.58 -39.00 -13.75
C LEU I 403 -20.70 -38.35 -12.37
N ASN I 404 -19.56 -38.15 -11.70
CA ASN I 404 -19.55 -37.73 -10.32
C ASN I 404 -20.10 -36.31 -10.17
N TYR I 405 -20.67 -36.04 -9.00
CA TYR I 405 -21.24 -34.74 -8.66
C TYR I 405 -20.45 -34.10 -7.54
N ASN I 406 -20.26 -32.78 -7.64
CA ASN I 406 -19.40 -32.07 -6.68
C ASN I 406 -19.94 -32.19 -5.26
N GLU I 407 -19.02 -32.45 -4.33
CA GLU I 407 -19.39 -32.53 -2.92
C GLU I 407 -19.64 -31.14 -2.34
N LYS I 408 -18.81 -30.16 -2.71
CA LYS I 408 -18.95 -28.82 -2.17
C LYS I 408 -20.28 -28.19 -2.58
N LEU I 409 -20.63 -28.32 -3.86
CA LEU I 409 -21.89 -27.77 -4.35
C LEU I 409 -23.08 -28.45 -3.67
N ALA I 410 -23.01 -29.76 -3.50
CA ALA I 410 -24.09 -30.47 -2.81
C ALA I 410 -24.24 -30.01 -1.37
N GLN I 411 -23.11 -29.82 -0.67
CA GLN I 411 -23.20 -29.39 0.73
C GLN I 411 -23.74 -27.97 0.85
N ILE I 412 -23.28 -27.04 0.00
CA ILE I 412 -23.81 -25.68 0.08
C ILE I 412 -25.29 -25.68 -0.31
N GLN I 413 -25.68 -26.53 -1.26
CA GLN I 413 -27.10 -26.65 -1.61
C GLN I 413 -27.92 -27.10 -0.41
N PHE I 414 -27.46 -28.16 0.26
CA PHE I 414 -28.16 -28.63 1.44
C PHE I 414 -28.28 -27.53 2.48
N TRP I 415 -27.19 -26.81 2.71
CA TRP I 415 -27.22 -25.76 3.72
C TRP I 415 -28.23 -24.69 3.34
N LEU I 416 -28.29 -24.32 2.05
CA LEU I 416 -29.22 -23.28 1.63
C LEU I 416 -30.67 -23.71 1.85
N ILE I 417 -31.05 -24.89 1.32
CA ILE I 417 -32.44 -25.33 1.52
C ILE I 417 -32.74 -25.54 3.00
N PHE I 418 -31.78 -26.06 3.77
CA PHE I 418 -32.01 -26.32 5.17
C PHE I 418 -32.27 -25.03 5.95
N ILE I 419 -31.40 -24.04 5.76
CA ILE I 419 -31.57 -22.79 6.50
C ILE I 419 -32.84 -22.07 6.04
N GLY I 420 -33.16 -22.14 4.74
CA GLY I 420 -34.40 -21.56 4.28
C GLY I 420 -35.62 -22.20 4.92
N ALA I 421 -35.62 -23.54 4.99
CA ALA I 421 -36.73 -24.26 5.61
C ALA I 421 -36.84 -23.92 7.09
N ASN I 422 -35.72 -23.88 7.81
CA ASN I 422 -35.78 -23.57 9.23
C ASN I 422 -36.26 -22.15 9.48
N VAL I 423 -35.75 -21.17 8.74
CA VAL I 423 -36.18 -19.79 8.97
C VAL I 423 -37.64 -19.60 8.56
N ILE I 424 -38.11 -20.34 7.56
CA ILE I 424 -39.52 -20.26 7.20
C ILE I 424 -40.39 -20.89 8.28
N PHE I 425 -39.99 -22.06 8.79
CA PHE I 425 -40.88 -22.92 9.55
C PHE I 425 -40.82 -22.71 11.06
N PHE I 426 -39.75 -22.09 11.59
CA PHE I 426 -39.70 -21.86 13.03
C PHE I 426 -40.79 -20.90 13.51
N PRO I 427 -41.03 -19.74 12.89
CA PRO I 427 -42.04 -18.82 13.42
C PRO I 427 -43.46 -19.32 13.31
N MET I 428 -43.70 -20.43 12.59
CA MET I 428 -45.06 -20.90 12.41
C MET I 428 -45.72 -21.28 13.73
N HIS I 429 -44.93 -21.58 14.76
CA HIS I 429 -45.51 -21.86 16.07
C HIS I 429 -46.20 -20.62 16.63
N PHE I 430 -45.49 -19.48 16.64
CA PHE I 430 -46.10 -18.22 17.06
C PHE I 430 -47.25 -17.83 16.15
N LEU I 431 -47.09 -18.05 14.84
CA LEU I 431 -48.16 -17.73 13.90
C LEU I 431 -49.42 -18.53 14.23
N GLY I 432 -49.26 -19.81 14.56
CA GLY I 432 -50.41 -20.63 14.90
C GLY I 432 -51.04 -20.23 16.22
N ILE I 433 -50.22 -19.91 17.23
CA ILE I 433 -50.79 -19.57 18.53
C ILE I 433 -51.51 -18.22 18.47
N ASN I 434 -51.06 -17.31 17.60
CA ASN I 434 -51.79 -16.05 17.46
C ASN I 434 -53.07 -16.22 16.65
N GLY I 435 -53.04 -17.10 15.64
CA GLY I 435 -54.20 -17.29 14.80
C GLY I 435 -54.19 -16.48 13.53
N MET I 436 -53.15 -16.63 12.73
CA MET I 436 -53.08 -16.00 11.41
C MET I 436 -54.19 -16.56 10.54
N PRO I 437 -55.07 -15.73 9.98
CA PRO I 437 -56.18 -16.25 9.20
C PRO I 437 -55.82 -16.58 7.75
N ARG I 438 -56.03 -17.85 7.40
CA ARG I 438 -55.48 -18.45 6.19
C ARG I 438 -56.18 -17.95 4.94
N ARG I 439 -55.43 -17.96 3.83
CA ARG I 439 -55.96 -17.73 2.49
C ARG I 439 -56.60 -16.34 2.39
N ILE I 440 -55.79 -15.33 2.69
CA ILE I 440 -56.21 -13.93 2.61
C ILE I 440 -55.17 -13.19 1.78
N PRO I 441 -55.53 -12.64 0.61
CA PRO I 441 -54.54 -11.88 -0.16
C PRO I 441 -54.01 -10.66 0.58
N ASP I 442 -54.84 -10.02 1.40
CA ASP I 442 -54.43 -8.85 2.19
C ASP I 442 -54.68 -9.17 3.67
N TYR I 443 -53.70 -9.84 4.28
CA TYR I 443 -53.77 -10.19 5.68
C TYR I 443 -53.47 -8.98 6.56
N PRO I 444 -53.87 -9.01 7.83
CA PRO I 444 -53.51 -7.92 8.74
C PRO I 444 -52.00 -7.78 8.86
N ASP I 445 -51.54 -6.53 8.94
CA ASP I 445 -50.11 -6.23 8.93
C ASP I 445 -49.41 -6.58 10.24
N ALA I 446 -50.09 -7.25 11.17
CA ALA I 446 -49.44 -7.64 12.43
C ALA I 446 -48.31 -8.63 12.17
N PHE I 447 -48.48 -9.52 11.20
CA PHE I 447 -47.51 -10.56 10.90
C PHE I 447 -46.49 -10.12 9.86
N ALA I 448 -46.20 -8.81 9.77
CA ALA I 448 -45.36 -8.30 8.70
C ALA I 448 -43.93 -8.85 8.77
N GLY I 449 -43.34 -8.87 9.97
CA GLY I 449 -41.97 -9.37 10.09
C GLY I 449 -41.87 -10.85 9.78
N TRP I 450 -42.84 -11.63 10.25
CA TRP I 450 -42.85 -13.06 9.94
C TRP I 450 -43.07 -13.31 8.46
N ASN I 451 -43.92 -12.52 7.81
CA ASN I 451 -44.06 -12.64 6.36
C ASN I 451 -42.77 -12.25 5.65
N TYR I 452 -42.06 -11.24 6.17
CA TYR I 452 -40.77 -10.87 5.58
C TYR I 452 -39.76 -12.00 5.67
N VAL I 453 -39.66 -12.64 6.83
CA VAL I 453 -38.69 -13.72 6.97
C VAL I 453 -39.11 -14.94 6.14
N ALA I 454 -40.42 -15.19 6.03
CA ALA I 454 -40.89 -16.26 5.15
C ALA I 454 -40.53 -15.97 3.70
N SER I 455 -40.67 -14.72 3.27
CA SER I 455 -40.29 -14.35 1.91
C SER I 455 -38.79 -14.50 1.70
N ILE I 456 -37.99 -14.14 2.71
CA ILE I 456 -36.54 -14.32 2.62
C ILE I 456 -36.20 -15.79 2.47
N GLY I 457 -36.85 -16.65 3.25
CA GLY I 457 -36.61 -18.09 3.12
C GLY I 457 -37.04 -18.63 1.76
N SER I 458 -38.18 -18.15 1.25
CA SER I 458 -38.63 -18.59 -0.07
C SER I 458 -37.65 -18.16 -1.15
N PHE I 459 -37.13 -16.93 -1.06
CA PHE I 459 -36.15 -16.48 -2.04
C PHE I 459 -34.84 -17.25 -1.91
N ILE I 460 -34.47 -17.63 -0.69
CA ILE I 460 -33.33 -18.51 -0.49
C ILE I 460 -33.57 -19.85 -1.19
N ALA I 461 -34.79 -20.39 -1.08
CA ALA I 461 -35.11 -21.64 -1.77
C ALA I 461 -35.04 -21.46 -3.28
N THR I 462 -35.47 -20.31 -3.80
CA THR I 462 -35.42 -20.10 -5.24
C THR I 462 -33.99 -19.97 -5.75
N LEU I 463 -33.14 -19.24 -5.03
CA LEU I 463 -31.73 -19.20 -5.42
C LEU I 463 -31.08 -20.56 -5.25
N SER I 464 -31.58 -21.38 -4.31
CA SER I 464 -31.12 -22.75 -4.19
C SER I 464 -31.53 -23.57 -5.41
N LEU I 465 -32.71 -23.31 -5.96
CA LEU I 465 -33.12 -23.98 -7.20
C LEU I 465 -32.25 -23.54 -8.37
N PHE I 466 -31.88 -22.25 -8.40
CA PHE I 466 -30.91 -21.79 -9.38
C PHE I 466 -29.58 -22.51 -9.21
N LEU I 467 -29.17 -22.74 -7.96
CA LEU I 467 -27.99 -23.54 -7.69
C LEU I 467 -28.17 -24.97 -8.17
N PHE I 468 -29.38 -25.51 -8.04
CA PHE I 468 -29.66 -26.86 -8.54
C PHE I 468 -29.41 -26.94 -10.04
N ILE I 469 -29.99 -26.01 -10.80
CA ILE I 469 -29.84 -26.07 -12.25
C ILE I 469 -28.39 -25.79 -12.65
N TYR I 470 -27.71 -24.87 -11.95
CA TYR I 470 -26.29 -24.65 -12.24
C TYR I 470 -25.45 -25.87 -11.90
N ILE I 471 -25.82 -26.62 -10.85
CA ILE I 471 -25.11 -27.84 -10.52
C ILE I 471 -25.33 -28.89 -11.59
N LEU I 472 -26.54 -28.96 -12.14
CA LEU I 472 -26.79 -29.86 -13.26
C LEU I 472 -25.92 -29.49 -14.46
N TYR I 473 -25.82 -28.20 -14.76
CA TYR I 473 -24.94 -27.75 -15.84
C TYR I 473 -23.50 -28.12 -15.56
N ASP I 474 -23.04 -27.90 -14.32
CA ASP I 474 -21.67 -28.20 -13.95
C ASP I 474 -21.37 -29.68 -14.10
N GLN I 475 -22.31 -30.54 -13.68
CA GLN I 475 -22.12 -31.98 -13.86
C GLN I 475 -22.06 -32.33 -15.34
N LEU I 476 -23.01 -31.83 -16.13
CA LEU I 476 -23.04 -32.15 -17.55
C LEU I 476 -21.76 -31.70 -18.26
N VAL I 477 -21.15 -30.61 -17.80
CA VAL I 477 -19.98 -30.06 -18.49
C VAL I 477 -18.66 -30.59 -17.93
N ASN I 478 -18.64 -31.08 -16.69
CA ASN I 478 -17.37 -31.45 -16.06
C ASN I 478 -17.45 -32.79 -15.32
N GLY I 479 -18.30 -33.70 -15.78
CA GLY I 479 -18.27 -35.04 -15.21
C GLY I 479 -16.93 -35.73 -15.41
N LEU I 480 -16.30 -35.51 -16.56
CA LEU I 480 -14.97 -36.08 -16.80
C LEU I 480 -13.96 -35.50 -15.82
N ASN I 481 -14.01 -34.19 -15.56
CA ASN I 481 -13.12 -33.59 -14.58
C ASN I 481 -13.38 -34.14 -13.19
N ASN I 482 -14.66 -34.31 -12.82
CA ASN I 482 -15.00 -34.86 -11.52
C ASN I 482 -14.45 -36.28 -11.36
N LYS I 483 -14.51 -37.07 -12.44
CA LYS I 483 -13.91 -38.41 -12.40
C LYS I 483 -12.39 -38.33 -12.31
N VAL I 484 -11.78 -37.32 -12.95
CA VAL I 484 -10.32 -37.23 -12.97
C VAL I 484 -9.77 -36.87 -11.59
N ASN I 485 -10.35 -35.86 -10.95
CA ASN I 485 -9.81 -35.32 -9.71
C ASN I 485 -10.70 -35.72 -8.53
N ASN I 486 -10.38 -35.19 -7.35
CA ASN I 486 -11.09 -35.49 -6.12
C ASN I 486 -12.10 -34.42 -5.75
N LYS I 487 -12.43 -33.51 -6.67
CA LYS I 487 -13.40 -32.47 -6.38
C LYS I 487 -14.78 -33.04 -6.09
N SER I 488 -15.05 -34.27 -6.52
CA SER I 488 -16.32 -34.94 -6.28
C SER I 488 -16.08 -36.26 -5.56
N VAL I 489 -17.09 -36.71 -4.81
CA VAL I 489 -16.98 -37.97 -4.09
C VAL I 489 -16.90 -39.12 -5.09
N ILE I 490 -15.94 -40.02 -4.87
CA ILE I 490 -15.70 -41.13 -5.78
C ILE I 490 -16.42 -42.40 -5.33
N TYR I 491 -16.41 -42.69 -4.03
CA TYR I 491 -16.99 -43.91 -3.49
C TYR I 491 -18.06 -43.56 -2.47
N ASN I 492 -19.11 -44.38 -2.44
CA ASN I 492 -20.24 -44.07 -1.55
C ASN I 492 -19.87 -44.19 -0.08
N LYS I 493 -19.15 -45.25 0.29
CA LYS I 493 -18.86 -45.54 1.69
C LYS I 493 -17.36 -45.59 1.92
N ALA I 494 -16.92 -45.00 3.04
CA ALA I 494 -15.53 -44.99 3.44
C ALA I 494 -15.13 -46.34 4.04
N PRO I 495 -13.88 -46.74 3.90
CA PRO I 495 -13.44 -48.01 4.49
C PRO I 495 -13.30 -47.91 6.00
N ASP I 496 -13.33 -49.08 6.64
CA ASP I 496 -13.14 -49.18 8.07
C ASP I 496 -11.68 -49.47 8.40
N PHE I 497 -11.35 -49.45 9.68
CA PHE I 497 -9.98 -49.73 10.12
C PHE I 497 -9.77 -51.24 10.22
N VAL I 498 -10.15 -51.96 9.17
CA VAL I 498 -9.90 -53.40 9.09
C VAL I 498 -9.39 -53.75 7.70
N GLU I 499 -9.53 -52.83 6.76
CA GLU I 499 -9.37 -53.13 5.34
C GLU I 499 -8.06 -52.56 4.80
N SER I 500 -7.35 -53.37 4.02
CA SER I 500 -6.19 -52.90 3.29
C SER I 500 -6.65 -52.14 2.03
N ASN I 501 -5.75 -51.31 1.51
CA ASN I 501 -6.09 -50.48 0.36
C ASN I 501 -6.47 -51.31 -0.85
N THR I 502 -5.67 -52.35 -1.15
CA THR I 502 -6.01 -53.21 -2.29
C THR I 502 -7.31 -53.96 -2.06
N ILE I 503 -7.52 -54.47 -0.83
CA ILE I 503 -8.73 -55.22 -0.54
C ILE I 503 -9.96 -54.34 -0.69
N PHE I 504 -9.90 -53.12 -0.15
CA PHE I 504 -11.03 -52.20 -0.31
C PHE I 504 -11.21 -51.80 -1.77
N ASN I 505 -10.11 -51.68 -2.53
CA ASN I 505 -10.22 -51.35 -3.94
C ASN I 505 -10.95 -52.44 -4.71
N LEU I 506 -10.69 -53.70 -4.37
CA LEU I 506 -11.36 -54.81 -5.03
C LEU I 506 -12.63 -55.26 -4.29
N ASN I 507 -13.01 -54.57 -3.23
CA ASN I 507 -14.26 -54.80 -2.50
C ASN I 507 -14.94 -53.48 -2.19
N THR I 508 -15.07 -52.63 -3.22
CA THR I 508 -15.51 -51.25 -3.00
C THR I 508 -16.91 -51.18 -2.41
N VAL I 509 -17.82 -52.05 -2.84
CA VAL I 509 -19.20 -52.06 -2.35
C VAL I 509 -19.61 -53.49 -2.06
N LYS I 510 -20.13 -53.71 -0.85
CA LYS I 510 -20.76 -54.97 -0.46
C LYS I 510 -22.19 -54.65 -0.06
N SER I 511 -23.08 -54.59 -1.03
CA SER I 511 -24.48 -54.24 -0.82
C SER I 511 -25.37 -55.46 -1.10
N SER I 512 -26.68 -55.23 -1.06
CA SER I 512 -27.67 -56.29 -1.25
C SER I 512 -28.10 -56.46 -2.69
N SER I 513 -27.54 -55.69 -3.62
CA SER I 513 -27.94 -55.78 -5.02
C SER I 513 -26.75 -55.44 -5.90
N ILE I 514 -26.82 -55.92 -7.15
CA ILE I 514 -25.75 -55.71 -8.13
C ILE I 514 -25.84 -54.36 -8.82
N GLU I 515 -26.86 -53.55 -8.49
CA GLU I 515 -27.06 -52.29 -9.20
C GLU I 515 -25.88 -51.34 -9.01
N PHE I 516 -25.32 -51.31 -7.80
CA PHE I 516 -24.21 -50.40 -7.53
C PHE I 516 -23.00 -50.72 -8.41
N LEU I 517 -22.66 -52.00 -8.55
CA LEU I 517 -21.59 -52.42 -9.44
C LEU I 517 -22.09 -52.78 -10.83
N LEU I 518 -23.38 -52.62 -11.10
CA LEU I 518 -23.87 -52.72 -12.47
C LEU I 518 -23.35 -51.53 -13.27
N THR I 519 -22.80 -51.82 -14.44
CA THR I 519 -22.25 -50.79 -15.30
C THR I 519 -23.35 -49.81 -15.70
N SER I 520 -22.94 -48.59 -16.08
CA SER I 520 -23.82 -47.53 -16.56
C SER I 520 -24.88 -48.12 -17.50
N PRO I 521 -26.12 -47.66 -17.43
CA PRO I 521 -27.27 -48.42 -17.97
C PRO I 521 -26.98 -49.00 -19.34
N PRO I 522 -26.96 -50.33 -19.47
CA PRO I 522 -26.69 -50.95 -20.76
C PRO I 522 -27.83 -50.78 -21.74
N ALA I 523 -27.73 -51.42 -22.90
CA ALA I 523 -28.77 -51.32 -23.93
C ALA I 523 -30.10 -51.90 -23.43
N VAL I 524 -31.13 -51.82 -24.27
CA VAL I 524 -32.47 -52.20 -23.86
C VAL I 524 -32.55 -53.67 -23.45
N HIS I 525 -31.59 -54.49 -23.85
CA HIS I 525 -31.56 -55.91 -23.47
C HIS I 525 -30.52 -56.08 -22.36
N SER I 526 -30.99 -55.99 -21.11
CA SER I 526 -30.15 -56.18 -19.94
C SER I 526 -30.75 -57.28 -19.08
N PHE I 527 -29.93 -57.82 -18.18
CA PHE I 527 -30.29 -58.95 -17.34
C PHE I 527 -30.75 -60.14 -18.19
N ASN I 528 -29.89 -60.51 -19.14
CA ASN I 528 -30.20 -61.63 -20.03
C ASN I 528 -30.29 -62.95 -19.28
N THR I 529 -29.75 -63.03 -18.07
CA THR I 529 -29.77 -64.26 -17.28
C THR I 529 -30.49 -64.00 -15.95
N PRO I 530 -31.21 -65.00 -15.44
CA PRO I 530 -31.91 -64.82 -14.17
C PRO I 530 -30.94 -64.66 -13.01
N ALA I 531 -31.40 -63.95 -11.98
CA ALA I 531 -30.61 -63.71 -10.78
C ALA I 531 -30.77 -64.87 -9.82
N VAL I 532 -29.66 -65.45 -9.39
CA VAL I 532 -29.65 -66.56 -8.44
C VAL I 532 -29.14 -66.04 -7.11
N GLN I 533 -29.80 -66.45 -6.02
CA GLN I 533 -29.48 -65.94 -4.69
C GLN I 533 -29.73 -67.03 -3.67
N SER I 534 -28.83 -67.13 -2.70
CA SER I 534 -28.97 -68.10 -1.61
C SER I 534 -28.41 -67.52 -0.31
N MET J 62 -19.92 18.76 40.58
CA MET J 62 -20.21 19.67 41.68
C MET J 62 -21.56 19.36 42.32
N THR J 63 -22.13 20.35 43.01
CA THR J 63 -23.43 20.18 43.63
C THR J 63 -24.52 20.23 42.57
N ALA J 64 -25.37 19.19 42.55
CA ALA J 64 -26.41 19.07 41.54
C ALA J 64 -27.52 20.10 41.68
N ALA J 65 -27.54 20.85 42.79
CA ALA J 65 -28.61 21.83 42.99
C ALA J 65 -28.60 22.88 41.89
N GLU J 66 -27.43 23.39 41.53
CA GLU J 66 -27.31 24.37 40.45
C GLU J 66 -26.47 23.88 39.28
N HIS J 67 -25.95 22.65 39.34
CA HIS J 67 -25.27 22.08 38.18
C HIS J 67 -26.26 21.81 37.04
N GLY J 68 -27.49 21.44 37.38
CA GLY J 68 -28.51 21.19 36.38
C GLY J 68 -28.60 19.73 35.99
N LEU J 69 -29.69 19.07 36.37
CA LEU J 69 -29.87 17.68 36.00
C LEU J 69 -30.04 17.56 34.49
N HIS J 70 -29.44 16.53 33.91
CA HIS J 70 -29.48 16.37 32.46
C HIS J 70 -30.87 15.95 32.02
N ALA J 71 -31.39 16.62 30.99
CA ALA J 71 -32.67 16.24 30.41
C ALA J 71 -32.52 14.93 29.64
N PRO J 72 -33.55 14.09 29.64
CA PRO J 72 -33.49 12.85 28.87
C PRO J 72 -33.42 13.13 27.38
N ALA J 73 -32.79 12.22 26.65
CA ALA J 73 -32.62 12.36 25.21
C ALA J 73 -33.95 12.08 24.53
N TYR J 74 -34.66 13.14 24.14
CA TYR J 74 -35.91 12.99 23.43
C TYR J 74 -35.66 12.46 22.02
N ALA J 75 -36.75 12.23 21.28
CA ALA J 75 -36.68 11.82 19.89
C ALA J 75 -37.29 12.92 19.03
N TRP J 76 -36.52 13.40 18.07
CA TRP J 76 -36.93 14.49 17.20
C TRP J 76 -36.99 14.00 15.76
N SER J 77 -37.38 14.91 14.86
CA SER J 77 -37.25 14.66 13.43
C SER J 77 -35.88 15.06 12.90
N HIS J 78 -35.12 15.84 13.66
CA HIS J 78 -33.81 16.30 13.20
C HIS J 78 -32.70 15.87 14.16
N ASN J 79 -32.71 14.59 14.56
CA ASN J 79 -31.60 13.98 15.30
C ASN J 79 -31.40 12.56 14.75
N GLY J 80 -30.53 12.44 13.75
CA GLY J 80 -30.30 11.19 13.07
C GLY J 80 -29.35 11.31 11.90
N PRO J 81 -28.89 10.17 11.38
CA PRO J 81 -27.87 10.19 10.31
C PRO J 81 -28.44 10.36 8.91
N PHE J 82 -29.70 9.98 8.70
CA PHE J 82 -30.28 9.96 7.36
C PHE J 82 -31.57 10.77 7.32
N GLU J 83 -31.52 12.00 7.82
CA GLU J 83 -32.69 12.81 8.06
C GLU J 83 -32.57 14.17 7.38
N THR J 84 -33.67 14.92 7.42
CA THR J 84 -33.71 16.31 7.01
C THR J 84 -34.52 17.09 8.03
N PHE J 85 -34.49 18.41 7.91
CA PHE J 85 -35.43 19.24 8.65
C PHE J 85 -36.85 19.02 8.15
N ASP J 86 -37.80 18.99 9.10
CA ASP J 86 -39.22 18.93 8.75
C ASP J 86 -39.70 20.34 8.45
N HIS J 87 -39.19 20.89 7.35
CA HIS J 87 -39.47 22.29 7.02
C HIS J 87 -40.83 22.48 6.36
N ALA J 88 -41.72 21.49 6.50
CA ALA J 88 -43.14 21.76 6.33
C ALA J 88 -43.74 22.44 7.56
N SER J 89 -43.02 22.40 8.69
CA SER J 89 -43.43 23.10 9.91
C SER J 89 -42.62 24.35 10.17
N ILE J 90 -41.51 24.56 9.45
CA ILE J 90 -40.76 25.81 9.61
C ILE J 90 -41.58 26.99 9.08
N ARG J 91 -42.38 26.77 8.04
CA ARG J 91 -43.35 27.78 7.63
C ARG J 91 -44.34 28.10 8.75
N ARG J 92 -44.53 27.18 9.68
CA ARG J 92 -45.35 27.41 10.86
C ARG J 92 -44.54 27.94 12.03
N GLY J 93 -43.28 27.51 12.14
CA GLY J 93 -42.40 28.05 13.17
C GLY J 93 -42.16 29.54 12.99
N TYR J 94 -42.09 30.00 11.74
CA TYR J 94 -41.93 31.43 11.50
C TYR J 94 -43.11 32.22 12.05
N GLN J 95 -44.32 31.72 11.81
CA GLN J 95 -45.51 32.40 12.33
C GLN J 95 -45.54 32.36 13.85
N VAL J 96 -45.23 31.21 14.45
CA VAL J 96 -45.27 31.14 15.91
C VAL J 96 -44.22 32.03 16.54
N TYR J 97 -43.06 32.18 15.91
CA TYR J 97 -42.06 33.12 16.42
C TYR J 97 -42.53 34.55 16.28
N ARG J 98 -42.99 34.92 15.08
CA ARG J 98 -43.25 36.33 14.80
C ARG J 98 -44.51 36.84 15.51
N GLU J 99 -45.44 35.94 15.85
CA GLU J 99 -46.69 36.40 16.46
C GLU J 99 -46.49 36.81 17.91
N VAL J 100 -45.57 36.16 18.62
CA VAL J 100 -45.42 36.37 20.06
C VAL J 100 -44.04 36.91 20.43
N CYS J 101 -42.98 36.45 19.75
CA CYS J 101 -41.62 36.83 20.10
C CYS J 101 -41.14 38.09 19.37
N ALA J 102 -42.04 38.78 18.66
CA ALA J 102 -41.64 39.97 17.90
C ALA J 102 -41.03 41.02 18.81
N ALA J 103 -41.81 41.57 19.74
CA ALA J 103 -41.29 42.56 20.68
C ALA J 103 -40.83 41.90 21.98
N CYS J 104 -40.05 40.84 21.86
CA CYS J 104 -39.44 40.20 23.01
C CYS J 104 -37.94 39.96 22.85
N HIS J 105 -37.48 39.63 21.63
CA HIS J 105 -36.09 39.32 21.38
C HIS J 105 -35.65 40.05 20.12
N SER J 106 -34.46 39.71 19.62
CA SER J 106 -33.89 40.37 18.46
C SER J 106 -33.75 39.43 17.26
N LEU J 107 -33.03 38.32 17.42
CA LEU J 107 -32.75 37.35 16.36
C LEU J 107 -32.03 37.98 15.17
N ASP J 108 -31.61 39.24 15.30
CA ASP J 108 -31.11 40.00 14.16
C ASP J 108 -29.70 39.58 13.77
N ARG J 109 -29.56 38.39 13.18
CA ARG J 109 -28.25 37.97 12.71
C ARG J 109 -28.30 37.39 11.29
N VAL J 110 -29.45 36.86 10.89
CA VAL J 110 -29.59 36.21 9.60
C VAL J 110 -30.38 37.13 8.68
N ALA J 111 -30.24 36.92 7.37
CA ALA J 111 -30.89 37.73 6.37
C ALA J 111 -32.14 37.02 5.83
N TRP J 112 -32.79 37.65 4.85
CA TRP J 112 -33.98 37.10 4.23
C TRP J 112 -33.70 36.32 2.95
N ARG J 113 -32.45 36.31 2.46
CA ARG J 113 -32.13 35.55 1.27
C ARG J 113 -32.17 34.05 1.52
N THR J 114 -32.04 33.62 2.77
CA THR J 114 -32.17 32.21 3.13
C THR J 114 -33.56 31.86 3.64
N LEU J 115 -34.48 32.84 3.69
CA LEU J 115 -35.86 32.59 4.08
C LEU J 115 -36.75 32.30 2.89
N VAL J 116 -36.19 32.23 1.69
CA VAL J 116 -36.94 31.98 0.46
C VAL J 116 -36.55 30.61 -0.06
N GLY J 117 -37.56 29.77 -0.34
CA GLY J 117 -37.34 28.44 -0.85
C GLY J 117 -37.32 27.35 0.22
N VAL J 118 -37.27 27.71 1.50
CA VAL J 118 -37.35 26.74 2.57
C VAL J 118 -38.46 27.03 3.57
N SER J 119 -38.94 28.26 3.65
CA SER J 119 -40.08 28.60 4.49
C SER J 119 -41.12 29.46 3.80
N HIS J 120 -40.77 30.20 2.75
CA HIS J 120 -41.71 31.01 2.01
C HIS J 120 -41.27 31.00 0.56
N THR J 121 -42.24 30.98 -0.36
CA THR J 121 -41.88 30.67 -1.75
C THR J 121 -41.37 31.89 -2.52
N ASN J 122 -42.22 32.89 -2.78
CA ASN J 122 -41.76 34.05 -3.54
C ASN J 122 -42.28 35.40 -3.06
N GLU J 123 -43.48 35.48 -2.49
CA GLU J 123 -44.21 36.74 -2.43
C GLU J 123 -44.40 37.29 -1.02
N GLU J 124 -44.73 36.43 -0.05
CA GLU J 124 -44.96 36.92 1.31
C GLU J 124 -43.72 37.54 1.92
N VAL J 125 -42.52 37.11 1.51
CA VAL J 125 -41.30 37.78 1.96
C VAL J 125 -41.28 39.23 1.48
N ARG J 126 -41.67 39.46 0.23
CA ARG J 126 -41.74 40.82 -0.29
C ARG J 126 -42.86 41.62 0.35
N ASN J 127 -43.98 40.98 0.69
CA ASN J 127 -45.03 41.65 1.46
C ASN J 127 -44.50 42.11 2.80
N MET J 128 -43.75 41.24 3.49
CA MET J 128 -43.15 41.63 4.76
C MET J 128 -42.16 42.76 4.59
N ALA J 129 -41.37 42.72 3.50
CA ALA J 129 -40.43 43.80 3.23
C ALA J 129 -41.15 45.13 3.03
N GLU J 130 -42.25 45.11 2.29
CA GLU J 130 -43.02 46.33 2.09
C GLU J 130 -43.71 46.78 3.38
N GLU J 131 -43.97 45.84 4.30
CA GLU J 131 -44.76 46.16 5.48
C GLU J 131 -44.02 47.11 6.43
N PHE J 132 -42.69 47.07 6.45
CA PHE J 132 -41.91 47.79 7.46
C PHE J 132 -41.03 48.85 6.82
N GLU J 133 -40.67 49.85 7.63
CA GLU J 133 -39.83 50.96 7.20
C GLU J 133 -38.41 50.77 7.72
N TYR J 134 -37.42 51.08 6.88
CA TYR J 134 -36.04 50.71 7.16
C TYR J 134 -35.08 51.91 7.13
N ASP J 135 -35.58 53.14 7.28
CA ASP J 135 -34.74 54.31 7.51
C ASP J 135 -33.71 54.51 6.37
N ASP J 136 -34.25 54.85 5.20
CA ASP J 136 -33.44 54.99 4.00
C ASP J 136 -32.40 56.11 4.14
N GLU J 137 -31.54 56.20 3.13
CA GLU J 137 -30.56 57.28 3.07
C GLU J 137 -31.28 58.62 2.96
N PRO J 138 -30.69 59.68 3.51
CA PRO J 138 -31.29 61.02 3.35
C PRO J 138 -31.25 61.48 1.90
N ASP J 139 -32.17 62.36 1.56
CA ASP J 139 -32.29 62.88 0.20
C ASP J 139 -31.22 63.97 0.00
N GLU J 140 -31.34 64.72 -1.11
CA GLU J 140 -30.37 65.77 -1.39
C GLU J 140 -30.44 66.92 -0.38
N GLN J 141 -31.55 67.04 0.35
CA GLN J 141 -31.68 68.02 1.41
C GLN J 141 -31.14 67.53 2.75
N GLY J 142 -30.78 66.24 2.85
CA GLY J 142 -30.30 65.68 4.08
C GLY J 142 -31.37 65.25 5.06
N ASN J 143 -32.64 65.46 4.75
CA ASN J 143 -33.70 65.12 5.67
C ASN J 143 -33.88 63.60 5.74
N PRO J 144 -34.20 63.07 6.92
CA PRO J 144 -34.50 61.64 7.03
C PRO J 144 -35.84 61.32 6.39
N LYS J 145 -35.98 60.06 5.98
CA LYS J 145 -37.20 59.57 5.34
C LYS J 145 -37.48 58.16 5.84
N LYS J 146 -38.44 57.50 5.21
CA LYS J 146 -38.75 56.10 5.49
C LYS J 146 -39.04 55.40 4.16
N ARG J 147 -38.56 54.16 4.06
CA ARG J 147 -38.60 53.40 2.83
C ARG J 147 -39.06 51.98 3.11
N PRO J 148 -39.60 51.29 2.10
CA PRO J 148 -39.86 49.86 2.25
C PRO J 148 -38.55 49.08 2.35
N GLY J 149 -38.64 47.90 2.98
CA GLY J 149 -37.48 47.06 3.12
C GLY J 149 -37.13 46.34 1.84
N LYS J 150 -35.94 45.74 1.83
CA LYS J 150 -35.45 44.98 0.69
C LYS J 150 -35.55 43.49 0.99
N LEU J 151 -35.16 42.68 0.01
CA LEU J 151 -35.12 41.23 0.16
C LEU J 151 -33.75 40.73 0.59
N SER J 152 -32.78 41.62 0.79
CA SER J 152 -31.45 41.24 1.25
C SER J 152 -31.10 41.90 2.59
N ASP J 153 -32.11 42.38 3.31
CA ASP J 153 -31.90 43.04 4.60
C ASP J 153 -31.86 41.98 5.71
N TYR J 154 -31.89 42.42 6.96
CA TYR J 154 -31.86 41.55 8.11
C TYR J 154 -33.16 41.74 8.91
N ILE J 155 -33.55 40.71 9.66
CA ILE J 155 -34.77 40.78 10.44
C ILE J 155 -34.66 41.90 11.46
N PRO J 156 -35.56 42.88 11.43
CA PRO J 156 -35.46 44.03 12.33
C PRO J 156 -35.94 43.67 13.73
N GLY J 157 -35.99 44.70 14.58
CA GLY J 157 -36.47 44.57 15.93
C GLY J 157 -37.05 45.88 16.44
N PRO J 158 -37.99 45.79 17.38
CA PRO J 158 -38.61 47.03 17.90
C PRO J 158 -37.62 47.97 18.54
N TYR J 159 -36.61 47.45 19.22
CA TYR J 159 -35.60 48.30 19.83
C TYR J 159 -34.76 48.95 18.72
N PRO J 160 -34.30 50.21 18.93
CA PRO J 160 -33.51 50.87 17.89
C PRO J 160 -32.25 50.10 17.54
N ASN J 161 -31.35 49.93 18.51
CA ASN J 161 -30.31 48.91 18.43
C ASN J 161 -30.37 47.96 19.61
N GLU J 162 -30.24 48.47 20.84
CA GLU J 162 -30.42 47.68 22.04
C GLU J 162 -31.12 48.42 23.17
N GLN J 163 -31.28 49.75 23.08
CA GLN J 163 -31.64 50.55 24.24
C GLN J 163 -33.02 50.19 24.77
N ALA J 164 -34.00 50.01 23.89
CA ALA J 164 -35.37 49.80 24.34
C ALA J 164 -35.57 48.43 24.97
N ALA J 165 -34.59 47.53 24.89
CA ALA J 165 -34.72 46.20 25.48
C ALA J 165 -34.55 46.25 27.00
N ARG J 166 -33.38 46.69 27.45
CA ARG J 166 -33.09 46.69 28.89
C ARG J 166 -34.02 47.61 29.67
N ALA J 167 -34.64 48.59 29.01
CA ALA J 167 -35.53 49.50 29.72
C ALA J 167 -36.86 48.84 30.08
N ALA J 168 -37.37 47.95 29.22
CA ALA J 168 -38.69 47.37 29.40
C ALA J 168 -38.67 45.98 30.00
N ASN J 169 -37.55 45.26 29.97
CA ASN J 169 -37.51 43.90 30.46
C ASN J 169 -37.67 43.79 31.97
N GLN J 170 -37.59 44.91 32.70
CA GLN J 170 -37.60 44.91 34.16
C GLN J 170 -36.51 43.98 34.71
N GLY J 171 -35.31 44.13 34.15
CA GLY J 171 -34.20 43.27 34.53
C GLY J 171 -33.14 43.14 33.45
N ALA J 172 -32.81 41.90 33.10
CA ALA J 172 -31.67 41.62 32.22
C ALA J 172 -32.06 41.86 30.76
N LEU J 173 -31.17 41.45 29.83
CA LEU J 173 -31.24 41.60 28.39
C LEU J 173 -31.66 40.29 27.73
N PRO J 174 -32.37 40.36 26.61
CA PRO J 174 -32.78 39.14 25.91
C PRO J 174 -31.67 38.64 25.01
N PRO J 175 -31.14 37.45 25.29
CA PRO J 175 -30.05 36.92 24.46
C PRO J 175 -30.48 36.70 23.02
N ASP J 176 -29.53 36.87 22.11
CA ASP J 176 -29.81 36.72 20.68
C ASP J 176 -30.12 35.27 20.37
N LEU J 177 -31.35 35.01 19.91
CA LEU J 177 -31.81 33.64 19.69
C LEU J 177 -31.20 32.99 18.47
N SER J 178 -30.44 33.74 17.65
CA SER J 178 -29.84 33.17 16.46
C SER J 178 -28.83 32.08 16.77
N LEU J 179 -28.32 32.03 18.01
CA LEU J 179 -27.29 31.05 18.36
C LEU J 179 -27.57 30.34 19.69
N ILE J 180 -28.73 30.55 20.31
CA ILE J 180 -29.00 29.93 21.61
C ILE J 180 -29.06 28.41 21.49
N VAL J 181 -29.37 27.89 20.30
CA VAL J 181 -29.45 26.45 20.13
C VAL J 181 -28.12 25.78 20.50
N LYS J 182 -27.01 26.38 20.07
CA LYS J 182 -25.69 25.88 20.43
C LYS J 182 -25.07 26.66 21.58
N ALA J 183 -25.73 27.68 22.09
CA ALA J 183 -25.16 28.45 23.19
C ALA J 183 -25.22 27.71 24.52
N ARG J 184 -25.97 26.63 24.62
CA ARG J 184 -26.12 25.89 25.87
C ARG J 184 -25.81 24.41 25.63
N HIS J 185 -25.42 23.74 26.71
CA HIS J 185 -25.19 22.30 26.64
C HIS J 185 -26.52 21.57 26.45
N GLY J 186 -26.41 20.33 25.97
CA GLY J 186 -27.60 19.60 25.57
C GLY J 186 -27.86 19.78 24.10
N GLY J 187 -28.73 20.73 23.75
CA GLY J 187 -28.98 21.04 22.36
C GLY J 187 -30.44 21.26 22.03
N CYS J 188 -30.96 20.49 21.08
CA CYS J 188 -32.34 20.65 20.64
C CYS J 188 -33.31 20.42 21.78
N ASP J 189 -33.08 19.38 22.59
CA ASP J 189 -33.97 19.06 23.69
C ASP J 189 -33.79 19.98 24.89
N TYR J 190 -32.67 20.71 24.97
CA TYR J 190 -32.43 21.57 26.12
C TYR J 190 -33.46 22.68 26.20
N ILE J 191 -33.73 23.36 25.08
CA ILE J 191 -34.69 24.45 25.08
C ILE J 191 -36.10 23.92 25.33
N PHE J 192 -36.41 22.74 24.79
CA PHE J 192 -37.71 22.12 25.05
C PHE J 192 -37.89 21.85 26.53
N SER J 193 -36.89 21.26 27.17
CA SER J 193 -36.98 20.97 28.60
C SER J 193 -37.06 22.26 29.42
N LEU J 194 -36.31 23.29 29.01
CA LEU J 194 -36.33 24.54 29.75
C LEU J 194 -37.69 25.23 29.66
N LEU J 195 -38.32 25.17 28.49
CA LEU J 195 -39.63 25.81 28.30
C LEU J 195 -40.80 24.93 28.70
N THR J 196 -40.56 23.66 29.03
CA THR J 196 -41.65 22.77 29.43
C THR J 196 -41.63 22.40 30.91
N GLY J 197 -40.47 22.13 31.48
CA GLY J 197 -40.38 21.51 32.80
C GLY J 197 -40.65 22.43 33.98
N TYR J 198 -40.74 23.74 33.77
CA TYR J 198 -40.95 24.63 34.90
C TYR J 198 -42.40 24.52 35.37
N PRO J 199 -42.63 24.29 36.66
CA PRO J 199 -43.99 24.30 37.20
C PRO J 199 -44.49 25.74 37.37
N ASP J 200 -45.75 25.85 37.75
CA ASP J 200 -46.35 27.15 38.04
C ASP J 200 -46.11 27.60 39.47
N GLU J 201 -45.44 26.79 40.29
CA GLU J 201 -45.24 27.08 41.70
C GLU J 201 -43.87 26.55 42.11
N PRO J 202 -43.08 27.34 42.83
CA PRO J 202 -41.70 26.94 43.13
C PRO J 202 -41.67 25.83 44.17
N PRO J 203 -40.54 25.12 44.30
CA PRO J 203 -40.46 24.05 45.29
C PRO J 203 -40.62 24.59 46.70
N ALA J 204 -41.11 23.72 47.58
CA ALA J 204 -41.42 24.11 48.95
C ALA J 204 -40.16 24.61 49.66
N GLY J 205 -40.29 25.75 50.35
CA GLY J 205 -39.20 26.32 51.11
C GLY J 205 -38.35 27.32 50.37
N VAL J 206 -38.56 27.49 49.06
CA VAL J 206 -37.78 28.42 48.25
C VAL J 206 -38.64 29.64 47.98
N ALA J 207 -38.22 30.79 48.51
CA ALA J 207 -38.92 32.05 48.32
C ALA J 207 -38.13 32.87 47.30
N LEU J 208 -38.62 32.90 46.06
CA LEU J 208 -37.93 33.59 45.00
C LEU J 208 -38.04 35.11 45.19
N PRO J 209 -37.13 35.87 44.58
CA PRO J 209 -37.24 37.33 44.67
C PRO J 209 -38.56 37.81 44.11
N PRO J 210 -39.14 38.86 44.69
CA PRO J 210 -40.45 39.34 44.23
C PRO J 210 -40.41 39.74 42.75
N GLY J 211 -41.20 39.05 41.95
CA GLY J 211 -41.25 39.30 40.52
C GLY J 211 -40.44 38.34 39.67
N SER J 212 -40.01 37.21 40.22
CA SER J 212 -39.21 36.24 39.49
C SER J 212 -39.87 34.87 39.53
N ASN J 213 -39.72 34.13 38.44
CA ASN J 213 -40.31 32.81 38.28
C ASN J 213 -39.27 31.73 38.58
N TYR J 214 -39.62 30.47 38.32
CA TYR J 214 -38.78 29.34 38.65
C TYR J 214 -38.69 28.38 37.47
N ASN J 215 -37.55 27.69 37.38
CA ASN J 215 -37.33 26.65 36.38
C ASN J 215 -36.30 25.66 36.90
N PRO J 216 -36.72 24.44 37.25
CA PRO J 216 -35.76 23.50 37.86
C PRO J 216 -34.73 22.96 36.88
N TYR J 217 -35.10 22.77 35.61
CA TYR J 217 -34.15 22.22 34.65
C TYR J 217 -33.00 23.19 34.40
N PHE J 218 -33.29 24.48 34.27
CA PHE J 218 -32.25 25.45 33.93
C PHE J 218 -31.38 25.69 35.15
N PRO J 219 -30.05 25.53 35.04
CA PRO J 219 -29.18 25.89 36.16
C PRO J 219 -29.29 27.38 36.48
N GLY J 220 -29.74 27.67 37.70
CA GLY J 220 -29.93 29.04 38.13
C GLY J 220 -31.20 29.23 38.93
N GLY J 221 -32.22 28.44 38.62
CA GLY J 221 -33.44 28.40 39.40
C GLY J 221 -34.30 29.63 39.38
N SER J 222 -34.01 30.60 38.52
CA SER J 222 -34.83 31.80 38.40
C SER J 222 -34.40 32.55 37.14
N ILE J 223 -35.38 33.07 36.41
CA ILE J 223 -35.12 33.81 35.17
C ILE J 223 -36.07 35.00 35.13
N ALA J 224 -35.73 35.99 34.30
CA ALA J 224 -36.60 37.14 34.01
C ALA J 224 -37.62 36.86 32.91
N MET J 225 -37.73 35.60 32.49
CA MET J 225 -38.72 35.20 31.49
C MET J 225 -40.14 35.37 32.01
N ALA J 226 -40.94 36.14 31.27
CA ALA J 226 -42.38 36.11 31.46
C ALA J 226 -42.93 34.85 30.81
N ARG J 227 -43.63 34.04 31.58
CA ARG J 227 -44.07 32.72 31.12
C ARG J 227 -45.23 32.85 30.13
N VAL J 228 -44.92 33.44 28.98
CA VAL J 228 -45.91 33.62 27.90
C VAL J 228 -45.86 32.34 27.09
N LEU J 229 -46.59 31.33 27.56
CA LEU J 229 -46.73 30.08 26.83
C LEU J 229 -48.16 29.54 26.90
N PHE J 230 -49.12 30.40 27.25
CA PHE J 230 -50.51 29.97 27.30
C PHE J 230 -51.00 29.62 25.91
N ASP J 231 -51.85 28.60 25.84
CA ASP J 231 -52.30 28.05 24.56
C ASP J 231 -53.60 28.73 24.12
N ASP J 232 -54.23 28.15 23.10
CA ASP J 232 -55.57 28.49 22.62
C ASP J 232 -55.63 29.80 21.84
N MET J 233 -54.49 30.38 21.46
CA MET J 233 -54.48 31.63 20.70
C MET J 233 -53.42 31.59 19.61
N VAL J 234 -53.35 30.47 18.88
CA VAL J 234 -52.42 30.38 17.76
C VAL J 234 -53.19 30.11 16.47
N GLU J 235 -53.80 28.91 16.38
CA GLU J 235 -54.84 28.59 15.40
C GLU J 235 -54.55 29.08 13.99
N TYR J 236 -53.53 28.54 13.32
CA TYR J 236 -53.17 29.02 11.99
C TYR J 236 -54.31 28.81 10.98
N GLU J 237 -54.50 27.55 10.57
CA GLU J 237 -55.63 27.17 9.74
C GLU J 237 -56.13 25.78 10.08
N ASP J 238 -55.54 25.12 11.07
CA ASP J 238 -55.82 23.73 11.38
C ASP J 238 -56.13 23.56 12.87
N GLY J 239 -56.24 22.31 13.32
CA GLY J 239 -56.37 22.00 14.72
C GLY J 239 -55.07 21.67 15.42
N THR J 240 -53.94 21.81 14.73
CA THR J 240 -52.64 21.49 15.34
C THR J 240 -52.32 22.35 16.57
N PRO J 241 -52.47 23.69 16.55
CA PRO J 241 -52.04 24.49 17.70
C PRO J 241 -52.95 24.34 18.91
N ALA J 242 -52.70 25.18 19.94
CA ALA J 242 -53.40 25.25 21.22
C ALA J 242 -52.93 24.18 22.20
N THR J 243 -51.84 23.48 21.90
CA THR J 243 -51.19 22.59 22.86
C THR J 243 -49.70 22.84 22.86
N THR J 244 -49.11 22.88 24.06
CA THR J 244 -47.75 23.37 24.23
C THR J 244 -46.74 22.59 23.39
N SER J 245 -46.97 21.28 23.22
CA SER J 245 -45.98 20.46 22.55
C SER J 245 -45.76 20.89 21.11
N GLN J 246 -46.83 21.19 20.38
CA GLN J 246 -46.70 21.53 18.97
C GLN J 246 -45.93 22.83 18.77
N MET J 247 -46.29 23.88 19.51
CA MET J 247 -45.57 25.14 19.38
C MET J 247 -44.14 25.03 19.91
N ALA J 248 -43.91 24.23 20.95
CA ALA J 248 -42.55 24.03 21.43
C ALA J 248 -41.68 23.36 20.38
N LYS J 249 -42.21 22.32 19.74
CA LYS J 249 -41.47 21.67 18.66
C LYS J 249 -41.23 22.63 17.50
N ASP J 250 -42.24 23.42 17.15
CA ASP J 250 -42.08 24.37 16.05
C ASP J 250 -40.98 25.39 16.35
N VAL J 251 -40.99 25.97 17.56
CA VAL J 251 -40.00 26.99 17.88
C VAL J 251 -38.60 26.38 17.96
N THR J 252 -38.48 25.17 18.52
CA THR J 252 -37.14 24.60 18.63
C THR J 252 -36.59 24.21 17.26
N THR J 253 -37.44 23.70 16.37
CA THR J 253 -36.97 23.39 15.02
C THR J 253 -36.59 24.65 14.26
N PHE J 254 -37.39 25.72 14.38
CA PHE J 254 -37.02 26.96 13.72
C PHE J 254 -35.73 27.54 14.27
N LEU J 255 -35.55 27.49 15.59
CA LEU J 255 -34.31 28.01 16.16
C LEU J 255 -33.11 27.18 15.72
N ASN J 256 -33.27 25.85 15.65
CA ASN J 256 -32.20 25.01 15.13
C ASN J 256 -31.87 25.35 13.69
N TRP J 257 -32.90 25.58 12.86
CA TRP J 257 -32.65 25.93 11.47
C TRP J 257 -31.93 27.26 11.35
N CYS J 258 -32.35 28.24 12.16
CA CYS J 258 -31.69 29.54 12.12
C CYS J 258 -30.24 29.43 12.58
N ALA J 259 -29.98 28.61 13.59
CA ALA J 259 -28.60 28.42 14.04
C ALA J 259 -27.78 27.67 13.01
N GLU J 260 -28.40 26.85 12.18
CA GLU J 260 -27.68 26.08 11.16
C GLU J 260 -28.56 25.91 9.94
N PRO J 261 -28.59 26.90 9.04
CA PRO J 261 -29.41 26.77 7.83
C PRO J 261 -28.70 26.01 6.71
N GLU J 262 -28.08 24.87 7.04
CA GLU J 262 -27.45 24.05 6.02
C GLU J 262 -27.59 22.56 6.30
N HIS J 263 -28.53 22.17 7.16
CA HIS J 263 -28.58 20.78 7.63
C HIS J 263 -28.80 19.80 6.48
N ASP J 264 -29.75 20.09 5.60
CA ASP J 264 -30.03 19.20 4.48
C ASP J 264 -28.82 19.06 3.56
N GLU J 265 -28.27 20.21 3.15
CA GLU J 265 -27.11 20.19 2.27
C GLU J 265 -25.90 19.56 2.96
N ARG J 266 -25.71 19.88 4.25
CA ARG J 266 -24.61 19.29 4.99
C ARG J 266 -24.72 17.77 5.03
N LYS J 267 -25.92 17.25 5.31
CA LYS J 267 -26.09 15.81 5.39
C LYS J 267 -25.94 15.14 4.03
N ARG J 268 -26.43 15.77 2.96
CA ARG J 268 -26.27 15.21 1.63
C ARG J 268 -24.80 15.12 1.24
N LEU J 269 -24.07 16.24 1.42
CA LEU J 269 -22.65 16.24 1.12
C LEU J 269 -21.90 15.25 2.00
N GLY J 270 -22.29 15.14 3.27
CA GLY J 270 -21.65 14.18 4.15
C GLY J 270 -21.89 12.74 3.75
N LEU J 271 -23.11 12.43 3.29
CA LEU J 271 -23.40 11.09 2.81
C LEU J 271 -22.55 10.76 1.59
N LYS J 272 -22.46 11.70 0.64
CA LYS J 272 -21.62 11.48 -0.53
C LYS J 272 -20.16 11.28 -0.12
N THR J 273 -19.68 12.12 0.82
CA THR J 273 -18.29 12.04 1.24
C THR J 273 -17.99 10.73 1.96
N VAL J 274 -18.88 10.29 2.86
CA VAL J 274 -18.62 9.04 3.57
C VAL J 274 -18.67 7.87 2.61
N ILE J 275 -19.56 7.91 1.62
CA ILE J 275 -19.60 6.83 0.63
C ILE J 275 -18.28 6.78 -0.15
N ILE J 276 -17.83 7.92 -0.64
CA ILE J 276 -16.63 7.93 -1.48
C ILE J 276 -15.39 7.56 -0.67
N LEU J 277 -15.29 8.05 0.58
CA LEU J 277 -14.15 7.68 1.42
C LEU J 277 -14.20 6.23 1.85
N SER J 278 -15.39 5.66 2.10
CA SER J 278 -15.46 4.24 2.40
C SER J 278 -14.99 3.40 1.21
N SER J 279 -15.41 3.77 0.00
CA SER J 279 -14.95 3.06 -1.19
C SER J 279 -13.44 3.17 -1.32
N LEU J 280 -12.90 4.39 -1.14
CA LEU J 280 -11.46 4.58 -1.27
C LEU J 280 -10.69 3.81 -0.20
N TYR J 281 -11.23 3.77 1.02
CA TYR J 281 -10.57 3.05 2.11
C TYR J 281 -10.52 1.56 1.82
N LEU J 282 -11.64 0.97 1.37
CA LEU J 282 -11.62 -0.45 1.02
C LEU J 282 -10.67 -0.72 -0.14
N LEU J 283 -10.65 0.19 -1.12
CA LEU J 283 -9.74 0.06 -2.25
C LEU J 283 -8.29 0.03 -1.78
N SER J 284 -7.93 0.95 -0.88
CA SER J 284 -6.58 1.01 -0.34
C SER J 284 -6.25 -0.24 0.47
N ILE J 285 -7.23 -0.75 1.22
CA ILE J 285 -7.02 -2.03 1.91
C ILE J 285 -6.63 -3.11 0.92
N TRP J 286 -7.38 -3.23 -0.19
CA TRP J 286 -7.12 -4.35 -1.09
C TRP J 286 -5.74 -4.19 -1.69
N VAL J 287 -5.41 -2.97 -2.15
CA VAL J 287 -4.15 -2.77 -2.86
C VAL J 287 -2.96 -2.93 -1.91
N LYS J 288 -3.10 -2.47 -0.66
CA LYS J 288 -2.01 -2.65 0.30
C LYS J 288 -1.81 -4.14 0.61
N LYS J 289 -2.89 -4.89 0.79
CA LYS J 289 -2.75 -6.32 0.98
C LYS J 289 -2.24 -7.01 -0.29
N PHE J 290 -2.39 -6.37 -1.44
CA PHE J 290 -1.96 -6.95 -2.71
C PHE J 290 -0.45 -6.80 -2.91
N LYS J 291 0.04 -5.56 -2.93
CA LYS J 291 1.44 -5.33 -3.26
C LYS J 291 2.38 -5.56 -2.08
N TRP J 292 1.86 -5.80 -0.89
CA TRP J 292 2.67 -6.27 0.23
C TRP J 292 2.68 -7.79 0.33
N ALA J 293 1.98 -8.48 -0.56
CA ALA J 293 1.93 -9.94 -0.49
C ALA J 293 3.29 -10.55 -0.82
N GLY J 294 4.05 -9.92 -1.72
CA GLY J 294 5.36 -10.42 -2.08
C GLY J 294 6.44 -10.17 -1.06
N ILE J 295 6.17 -9.32 -0.06
CA ILE J 295 7.14 -9.04 0.99
C ILE J 295 6.71 -9.61 2.34
N LYS J 296 5.44 -9.91 2.54
CA LYS J 296 4.95 -10.49 3.79
C LYS J 296 5.05 -12.01 3.82
N THR J 297 5.51 -12.63 2.73
CA THR J 297 5.59 -14.08 2.64
C THR J 297 7.00 -14.60 2.36
N ARG J 298 7.98 -13.72 2.14
CA ARG J 298 9.32 -14.19 1.84
C ARG J 298 9.92 -14.91 3.03
N LYS J 299 10.58 -16.02 2.78
CA LYS J 299 11.10 -16.90 3.81
C LYS J 299 12.62 -16.90 3.80
N PHE J 300 13.22 -16.99 4.98
CA PHE J 300 14.67 -17.01 5.13
C PHE J 300 15.12 -18.38 5.61
N VAL J 301 16.24 -18.84 5.06
CA VAL J 301 16.87 -20.09 5.46
C VAL J 301 18.33 -19.81 5.78
N PHE J 302 18.77 -20.24 6.96
CA PHE J 302 20.12 -19.99 7.42
C PHE J 302 20.94 -21.27 7.32
N ASN J 303 21.96 -21.25 6.45
CA ASN J 303 22.91 -22.34 6.35
C ASN J 303 24.24 -21.88 6.93
N PRO J 304 24.72 -22.49 8.00
CA PRO J 304 25.98 -22.04 8.61
C PRO J 304 27.13 -22.12 7.64
N PRO J 305 27.97 -21.10 7.57
CA PRO J 305 29.08 -21.11 6.61
C PRO J 305 30.17 -22.07 7.03
N LYS J 306 31.04 -22.38 6.07
CA LYS J 306 32.17 -23.27 6.35
C LYS J 306 33.14 -22.58 7.31
N PRO J 307 33.74 -23.33 8.24
CA PRO J 307 34.60 -22.71 9.27
C PRO J 307 36.00 -22.37 8.77
N ARG J 308 36.11 -21.24 8.08
CA ARG J 308 37.40 -20.74 7.61
C ARG J 308 37.26 -19.24 7.34
N LYS J 309 37.96 -18.43 8.13
CA LYS J 309 37.90 -16.98 7.98
C LYS J 309 38.54 -16.53 6.68
N VAL K 28 -32.48 -50.07 -32.28
CA VAL K 28 -33.26 -50.01 -31.05
C VAL K 28 -32.41 -50.54 -29.89
N HIS K 29 -31.33 -51.25 -30.22
CA HIS K 29 -30.44 -51.84 -29.24
C HIS K 29 -29.00 -51.43 -29.49
N PHE K 30 -28.78 -50.14 -29.75
CA PHE K 30 -27.46 -49.59 -30.01
C PHE K 30 -27.17 -48.41 -29.09
N LYS K 31 -27.53 -48.55 -27.81
CA LYS K 31 -27.32 -47.50 -26.81
C LYS K 31 -26.45 -48.05 -25.70
N ASP K 32 -25.17 -47.64 -25.68
CA ASP K 32 -24.27 -48.09 -24.63
C ASP K 32 -24.73 -47.61 -23.25
N GLY K 33 -25.17 -46.36 -23.17
CA GLY K 33 -25.68 -45.82 -21.93
C GLY K 33 -24.64 -45.09 -21.10
N VAL K 34 -23.89 -44.21 -21.74
CA VAL K 34 -22.88 -43.37 -21.07
C VAL K 34 -23.25 -41.90 -21.15
N TYR K 35 -23.60 -41.42 -22.33
CA TYR K 35 -24.02 -40.03 -22.54
C TYR K 35 -25.28 -39.89 -23.36
N GLU K 36 -25.82 -40.97 -23.94
CA GLU K 36 -26.98 -40.91 -24.80
C GLU K 36 -28.30 -41.11 -24.05
N ASN K 37 -28.25 -41.42 -22.76
CA ASN K 37 -29.49 -41.65 -22.01
C ASN K 37 -30.33 -40.37 -21.90
N ILE K 38 -29.69 -39.21 -21.93
CA ILE K 38 -30.43 -37.94 -21.84
C ILE K 38 -31.25 -37.75 -23.11
N PRO K 39 -32.51 -37.31 -23.01
CA PRO K 39 -33.36 -37.11 -24.19
C PRO K 39 -33.06 -35.82 -24.95
N PHE K 40 -31.78 -35.56 -25.17
CA PHE K 40 -31.34 -34.38 -25.91
C PHE K 40 -30.03 -34.71 -26.61
N LYS K 41 -29.72 -33.93 -27.64
CA LYS K 41 -28.51 -34.13 -28.43
C LYS K 41 -27.43 -33.17 -27.96
N VAL K 42 -26.31 -33.72 -27.51
CA VAL K 42 -25.19 -32.89 -27.05
C VAL K 42 -24.57 -32.14 -28.22
N LYS K 43 -24.52 -32.76 -29.40
CA LYS K 43 -23.89 -32.15 -30.56
C LYS K 43 -24.73 -30.99 -31.08
N GLY K 44 -24.06 -30.09 -31.80
CA GLY K 44 -24.71 -28.94 -32.40
C GLY K 44 -24.01 -27.64 -32.08
N ARG K 45 -23.57 -26.91 -33.11
CA ARG K 45 -22.90 -25.64 -32.90
C ARG K 45 -23.88 -24.52 -32.58
N LYS K 46 -25.08 -24.55 -33.16
CA LYS K 46 -26.07 -23.53 -32.83
C LYS K 46 -26.66 -23.74 -31.45
N THR K 47 -26.72 -24.99 -30.99
CA THR K 47 -27.25 -25.33 -29.66
C THR K 47 -26.30 -26.29 -28.95
N PRO K 48 -25.13 -25.79 -28.48
CA PRO K 48 -24.22 -26.61 -27.67
C PRO K 48 -24.68 -26.71 -26.22
N TYR K 49 -25.95 -27.09 -26.02
CA TYR K 49 -26.62 -27.01 -24.72
C TYR K 49 -26.58 -25.59 -24.18
N ALA K 50 -26.66 -24.62 -25.08
CA ALA K 50 -26.67 -23.20 -24.73
C ALA K 50 -27.96 -22.49 -25.11
N LEU K 51 -28.60 -22.90 -26.21
CA LEU K 51 -29.85 -22.28 -26.64
C LEU K 51 -31.05 -22.99 -26.02
N SER K 52 -31.05 -24.33 -26.04
CA SER K 52 -32.15 -25.08 -25.42
C SER K 52 -32.19 -24.84 -23.92
N HIS K 53 -31.03 -24.78 -23.27
CA HIS K 53 -31.03 -24.55 -21.83
C HIS K 53 -31.34 -23.10 -21.48
N PHE K 54 -31.01 -22.14 -22.35
CA PHE K 54 -31.49 -20.79 -22.14
C PHE K 54 -33.00 -20.70 -22.32
N GLY K 55 -33.55 -21.48 -23.26
CA GLY K 55 -35.00 -21.60 -23.35
C GLY K 55 -35.60 -22.21 -22.10
N PHE K 56 -34.91 -23.18 -21.50
CA PHE K 56 -35.35 -23.74 -20.22
C PHE K 56 -35.33 -22.68 -19.13
N PHE K 57 -34.27 -21.86 -19.09
CA PHE K 57 -34.23 -20.72 -18.19
C PHE K 57 -35.45 -19.83 -18.38
N ALA K 58 -35.77 -19.52 -19.65
CA ALA K 58 -36.91 -18.64 -19.93
C ALA K 58 -38.22 -19.25 -19.46
N ILE K 59 -38.44 -20.54 -19.77
CA ILE K 59 -39.69 -21.20 -19.41
C ILE K 59 -39.79 -21.53 -17.93
N GLY K 60 -38.68 -21.44 -17.19
CA GLY K 60 -38.74 -21.63 -15.75
C GLY K 60 -39.62 -20.60 -15.07
N PHE K 61 -39.54 -19.35 -15.52
CA PHE K 61 -40.34 -18.26 -14.99
C PHE K 61 -41.36 -17.74 -16.00
N ALA K 62 -41.50 -18.40 -17.15
CA ALA K 62 -42.38 -17.88 -18.20
C ALA K 62 -43.85 -18.03 -17.81
N VAL K 63 -44.25 -19.22 -17.34
CA VAL K 63 -45.67 -19.47 -17.09
C VAL K 63 -46.26 -18.58 -16.01
N PRO K 64 -45.62 -18.35 -14.85
CA PRO K 64 -46.27 -17.45 -13.88
C PRO K 64 -46.29 -16.01 -14.36
N PHE K 65 -45.25 -15.59 -15.08
CA PHE K 65 -45.22 -14.23 -15.60
C PHE K 65 -46.34 -14.00 -16.62
N VAL K 66 -46.54 -14.95 -17.53
CA VAL K 66 -47.62 -14.79 -18.51
C VAL K 66 -48.99 -14.93 -17.84
N ALA K 67 -49.10 -15.78 -16.82
CA ALA K 67 -50.37 -15.88 -16.10
C ALA K 67 -50.72 -14.56 -15.43
N CYS K 68 -49.73 -13.89 -14.83
CA CYS K 68 -49.95 -12.56 -14.29
C CYS K 68 -50.28 -11.56 -15.39
N TYR K 69 -49.56 -11.64 -16.51
CA TYR K 69 -49.70 -10.65 -17.58
C TYR K 69 -51.07 -10.73 -18.27
N VAL K 70 -51.68 -11.92 -18.29
CA VAL K 70 -52.97 -12.07 -18.96
C VAL K 70 -54.02 -11.19 -18.29
N GLN K 71 -54.07 -11.19 -16.96
CA GLN K 71 -55.08 -10.44 -16.22
C GLN K 71 -54.54 -9.17 -15.56
N LEU K 72 -53.28 -9.17 -15.13
CA LEU K 72 -52.72 -8.02 -14.43
C LEU K 72 -51.37 -7.64 -15.03
N LYS K 73 -50.63 -6.77 -14.34
CA LYS K 73 -49.30 -6.37 -14.75
C LYS K 73 -48.26 -6.95 -13.79
N LYS K 74 -47.05 -7.15 -14.32
CA LYS K 74 -45.95 -7.68 -13.52
C LYS K 74 -45.20 -6.54 -12.82
N ALA L 2 -52.80 -67.18 -48.46
CA ALA L 2 -53.42 -67.17 -49.78
C ALA L 2 -52.39 -66.92 -50.87
N ASN L 3 -52.85 -66.43 -52.02
CA ASN L 3 -51.97 -66.14 -53.14
C ASN L 3 -51.31 -64.77 -53.05
N LYS L 4 -51.68 -63.96 -52.05
CA LYS L 4 -51.11 -62.63 -51.89
C LYS L 4 -50.33 -62.46 -50.60
N VAL L 5 -50.61 -63.23 -49.55
CA VAL L 5 -49.87 -63.11 -48.31
C VAL L 5 -48.41 -63.51 -48.50
N ILE L 6 -48.17 -64.60 -49.23
CA ILE L 6 -46.80 -65.05 -49.48
C ILE L 6 -46.04 -64.01 -50.29
N GLN L 7 -46.68 -63.45 -51.32
CA GLN L 7 -46.03 -62.44 -52.14
C GLN L 7 -45.69 -61.19 -51.32
N LEU L 8 -46.62 -60.76 -50.47
CA LEU L 8 -46.37 -59.60 -49.62
C LEU L 8 -45.23 -59.86 -48.64
N GLN L 9 -45.21 -61.06 -48.05
CA GLN L 9 -44.13 -61.41 -47.14
C GLN L 9 -42.79 -61.44 -47.85
N LYS L 10 -42.74 -61.99 -49.07
CA LYS L 10 -41.50 -62.01 -49.83
C LYS L 10 -41.05 -60.60 -50.19
N ILE L 11 -42.00 -59.72 -50.56
CA ILE L 11 -41.66 -58.34 -50.88
C ILE L 11 -41.08 -57.63 -49.66
N PHE L 12 -41.73 -57.82 -48.50
CA PHE L 12 -41.22 -57.19 -47.28
C PHE L 12 -39.84 -57.72 -46.91
N GLN L 13 -39.62 -59.03 -47.05
CA GLN L 13 -38.33 -59.60 -46.74
C GLN L 13 -37.25 -59.07 -47.68
N SER L 14 -37.55 -58.95 -48.96
CA SER L 14 -36.58 -58.47 -49.94
C SER L 14 -36.47 -56.96 -49.97
N SER L 15 -37.32 -56.24 -49.25
CA SER L 15 -37.29 -54.78 -49.23
C SER L 15 -37.79 -54.32 -47.87
N THR L 16 -36.86 -53.95 -46.99
CA THR L 16 -37.19 -53.45 -45.65
C THR L 16 -37.18 -51.92 -45.70
N LYS L 17 -38.35 -51.31 -45.56
CA LYS L 17 -38.52 -49.88 -45.65
C LYS L 17 -39.43 -49.40 -44.53
N PRO L 18 -39.29 -48.14 -44.12
CA PRO L 18 -40.22 -47.58 -43.12
C PRO L 18 -41.59 -47.35 -43.71
N LEU L 19 -42.53 -46.98 -42.84
CA LEU L 19 -43.94 -46.74 -43.13
C LEU L 19 -44.68 -48.02 -43.49
N TRP L 20 -44.01 -49.18 -43.44
CA TRP L 20 -44.61 -50.50 -43.61
C TRP L 20 -45.09 -50.75 -45.04
N TRP L 21 -45.04 -49.73 -45.90
CA TRP L 21 -45.47 -49.84 -47.29
C TRP L 21 -46.86 -50.49 -47.38
N ARG L 22 -47.77 -50.05 -46.51
CA ARG L 22 -49.05 -50.71 -46.33
C ARG L 22 -50.24 -49.84 -46.71
N HIS L 23 -50.24 -48.57 -46.33
CA HIS L 23 -51.36 -47.66 -46.59
C HIS L 23 -50.85 -46.37 -47.23
N PRO L 24 -50.45 -46.44 -48.51
CA PRO L 24 -49.96 -45.23 -49.18
C PRO L 24 -51.06 -44.21 -49.45
N ARG L 25 -52.19 -44.68 -49.99
CA ARG L 25 -53.31 -43.78 -50.23
C ARG L 25 -53.88 -43.24 -48.93
N SER L 26 -53.97 -44.09 -47.90
CA SER L 26 -54.43 -43.63 -46.61
C SER L 26 -53.46 -42.61 -46.01
N ALA L 27 -52.15 -42.83 -46.18
CA ALA L 27 -51.17 -41.87 -45.70
C ALA L 27 -51.31 -40.54 -46.41
N LEU L 28 -51.48 -40.56 -47.73
CA LEU L 28 -51.63 -39.32 -48.49
C LEU L 28 -52.93 -38.60 -48.13
N TYR L 29 -53.98 -39.36 -47.80
CA TYR L 29 -55.24 -38.75 -47.40
C TYR L 29 -55.19 -38.21 -45.97
N LEU L 30 -54.37 -38.80 -45.11
CA LEU L 30 -54.35 -38.42 -43.70
C LEU L 30 -53.29 -37.38 -43.38
N TYR L 31 -52.01 -37.72 -43.59
CA TYR L 31 -50.92 -36.89 -43.06
C TYR L 31 -50.90 -35.49 -43.66
N PRO L 32 -50.89 -35.29 -44.99
CA PRO L 32 -50.97 -33.91 -45.49
C PRO L 32 -52.24 -33.20 -45.06
N PHE L 33 -53.36 -33.91 -44.99
CA PHE L 33 -54.58 -33.31 -44.48
C PHE L 33 -54.46 -33.03 -42.99
N TYR L 34 -54.01 -34.01 -42.22
CA TYR L 34 -53.82 -33.81 -40.78
C TYR L 34 -52.73 -32.80 -40.46
N ALA L 35 -52.06 -32.25 -41.47
CA ALA L 35 -51.19 -31.10 -41.28
C ALA L 35 -51.88 -29.80 -41.69
N ILE L 36 -52.34 -29.72 -42.94
CA ILE L 36 -52.90 -28.47 -43.46
C ILE L 36 -54.19 -28.11 -42.72
N PHE L 37 -55.12 -29.06 -42.62
CA PHE L 37 -56.37 -28.79 -41.91
C PHE L 37 -56.13 -28.56 -40.43
N ALA L 38 -55.15 -29.25 -39.84
CA ALA L 38 -54.83 -29.02 -38.44
C ALA L 38 -54.35 -27.60 -38.21
N VAL L 39 -53.48 -27.10 -39.10
CA VAL L 39 -53.06 -25.70 -39.00
C VAL L 39 -54.26 -24.77 -39.18
N ALA L 40 -55.10 -25.07 -40.17
CA ALA L 40 -56.24 -24.20 -40.46
C ALA L 40 -57.25 -24.17 -39.31
N VAL L 41 -57.31 -25.23 -38.50
CA VAL L 41 -58.24 -25.27 -37.39
C VAL L 41 -57.59 -24.82 -36.08
N VAL L 42 -56.27 -24.83 -35.99
CA VAL L 42 -55.60 -24.44 -34.75
C VAL L 42 -55.25 -22.95 -34.75
N THR L 43 -54.67 -22.45 -35.83
CA THR L 43 -54.15 -21.09 -35.85
C THR L 43 -55.20 -20.00 -35.58
N PRO L 44 -56.41 -20.02 -36.15
CA PRO L 44 -57.34 -18.91 -35.91
C PRO L 44 -57.70 -18.71 -34.44
N LEU L 45 -57.76 -19.79 -33.65
CA LEU L 45 -58.20 -19.66 -32.26
C LEU L 45 -57.26 -18.75 -31.47
N LEU L 46 -55.96 -18.87 -31.68
CA LEU L 46 -55.01 -17.99 -31.01
C LEU L 46 -54.55 -16.82 -31.87
N TYR L 47 -55.06 -16.70 -33.10
CA TYR L 47 -54.79 -15.52 -33.92
C TYR L 47 -55.92 -14.48 -33.88
N ILE L 48 -57.10 -14.85 -33.38
CA ILE L 48 -58.16 -13.85 -33.18
C ILE L 48 -57.73 -12.76 -32.20
N PRO L 49 -57.14 -13.05 -31.05
CA PRO L 49 -56.69 -11.98 -30.14
C PRO L 49 -55.45 -11.23 -30.60
N ASN L 50 -54.99 -11.45 -31.83
CA ASN L 50 -53.81 -10.73 -32.32
C ASN L 50 -54.08 -9.22 -32.37
N ALA L 51 -55.26 -8.82 -32.82
CA ALA L 51 -55.62 -7.41 -32.82
C ALA L 51 -55.68 -6.87 -31.40
N ILE L 52 -56.26 -7.64 -30.47
CA ILE L 52 -56.30 -7.24 -29.07
C ILE L 52 -54.92 -7.33 -28.42
N ARG L 53 -54.01 -8.11 -29.00
CA ARG L 53 -52.68 -8.27 -28.43
C ARG L 53 -51.96 -6.93 -28.36
N GLY L 54 -51.23 -6.73 -27.26
CA GLY L 54 -50.55 -5.47 -27.03
C GLY L 54 -51.03 -4.81 -25.75
N ILE L 55 -51.52 -5.61 -24.82
CA ILE L 55 -52.04 -5.10 -23.55
C ILE L 55 -50.88 -4.78 -22.64
N LYS L 56 -50.76 -3.51 -22.24
CA LYS L 56 -49.73 -3.06 -21.32
C LYS L 56 -50.26 -2.80 -19.92
N ALA L 57 -51.54 -3.14 -19.67
CA ALA L 57 -52.18 -2.91 -18.37
C ALA L 57 -52.08 -1.46 -17.95
N LYS L 58 -52.30 -0.55 -18.90
CA LYS L 58 -52.23 0.89 -18.65
C LYS L 58 -53.64 1.46 -18.72
N LYS L 59 -54.00 2.23 -17.70
CA LYS L 59 -55.32 2.86 -17.62
C LYS L 59 -55.18 4.31 -17.21
N ALA L 60 -56.15 5.12 -17.58
CA ALA L 60 -56.16 6.53 -17.25
C ALA L 60 -57.44 6.93 -16.53
N MET M 1 -22.68 -70.82 -32.69
CA MET M 1 -23.64 -69.73 -32.58
C MET M 1 -24.98 -70.21 -32.04
N THR M 2 -25.03 -71.48 -31.64
CA THR M 2 -26.27 -72.05 -31.11
C THR M 2 -26.69 -71.32 -29.83
N HIS M 3 -25.74 -71.07 -28.92
CA HIS M 3 -26.06 -70.28 -27.73
C HIS M 3 -26.46 -68.86 -28.10
N LEU M 4 -25.77 -68.26 -29.07
CA LEU M 4 -26.17 -66.95 -29.56
C LEU M 4 -27.57 -66.99 -30.17
N GLU M 5 -27.86 -68.06 -30.93
CA GLU M 5 -29.18 -68.20 -31.54
C GLU M 5 -30.27 -68.30 -30.48
N ARG M 6 -30.04 -69.09 -29.43
CA ARG M 6 -31.06 -69.24 -28.38
C ARG M 6 -31.20 -67.97 -27.56
N SER M 7 -30.12 -67.23 -27.36
CA SER M 7 -30.21 -65.98 -26.61
C SER M 7 -30.73 -64.83 -27.46
N ARG M 8 -30.77 -64.98 -28.78
CA ARG M 8 -31.27 -63.92 -29.65
C ARG M 8 -32.68 -64.17 -30.18
N HIS M 9 -33.15 -65.42 -30.22
CA HIS M 9 -34.49 -65.70 -30.71
C HIS M 9 -35.47 -66.10 -29.62
N GLN M 10 -35.01 -66.37 -28.41
CA GLN M 10 -35.88 -66.74 -27.31
C GLN M 10 -35.82 -65.78 -26.14
N GLN M 11 -34.64 -65.24 -25.83
CA GLN M 11 -34.48 -64.28 -24.74
C GLN M 11 -34.51 -62.83 -25.23
N HIS M 12 -34.75 -62.62 -26.52
CA HIS M 12 -34.78 -61.28 -27.11
C HIS M 12 -36.07 -61.11 -27.88
N PRO M 13 -37.18 -60.84 -27.19
CA PRO M 13 -38.47 -60.66 -27.89
C PRO M 13 -38.64 -59.25 -28.45
N PHE M 14 -37.54 -58.51 -28.54
CA PHE M 14 -37.59 -57.13 -29.00
C PHE M 14 -38.00 -57.06 -30.47
N HIS M 15 -38.81 -56.06 -30.80
CA HIS M 15 -39.24 -55.81 -32.16
C HIS M 15 -38.63 -54.51 -32.66
N MET M 16 -38.20 -54.52 -33.93
CA MET M 16 -37.59 -53.33 -34.51
C MET M 16 -38.62 -52.20 -34.62
N VAL M 17 -38.16 -50.97 -34.44
CA VAL M 17 -38.99 -49.79 -34.56
C VAL M 17 -38.25 -48.73 -35.36
N MET M 18 -38.92 -48.17 -36.36
CA MET M 18 -38.45 -47.07 -37.17
C MET M 18 -39.11 -45.77 -36.73
N PRO M 19 -38.50 -44.61 -37.03
CA PRO M 19 -39.04 -43.35 -36.51
C PRO M 19 -40.41 -43.00 -37.09
N SER M 20 -41.44 -43.69 -36.60
CA SER M 20 -42.83 -43.49 -36.99
C SER M 20 -43.48 -42.45 -36.09
N PRO M 21 -44.10 -41.41 -36.65
CA PRO M 21 -44.67 -40.35 -35.82
C PRO M 21 -46.08 -40.65 -35.32
N TRP M 22 -46.49 -41.91 -35.35
CA TRP M 22 -47.83 -42.28 -34.92
C TRP M 22 -48.19 -41.80 -33.52
N PRO M 23 -47.35 -41.96 -32.49
CA PRO M 23 -47.73 -41.42 -31.17
C PRO M 23 -47.92 -39.91 -31.15
N ILE M 24 -47.07 -39.16 -31.86
CA ILE M 24 -47.21 -37.71 -31.81
C ILE M 24 -48.44 -37.25 -32.58
N VAL M 25 -48.80 -37.93 -33.66
CA VAL M 25 -50.03 -37.55 -34.36
C VAL M 25 -51.26 -37.97 -33.55
N VAL M 26 -51.16 -39.06 -32.79
CA VAL M 26 -52.26 -39.42 -31.88
C VAL M 26 -52.42 -38.33 -30.81
N SER M 27 -51.31 -37.87 -30.25
CA SER M 27 -51.37 -36.77 -29.28
C SER M 27 -51.92 -35.50 -29.91
N PHE M 28 -51.58 -35.26 -31.18
CA PHE M 28 -52.11 -34.09 -31.88
C PHE M 28 -53.62 -34.20 -32.07
N ALA M 29 -54.11 -35.39 -32.39
CA ALA M 29 -55.56 -35.60 -32.47
C ALA M 29 -56.23 -35.38 -31.12
N LEU M 30 -55.58 -35.84 -30.05
CA LEU M 30 -56.12 -35.60 -28.71
C LEU M 30 -56.19 -34.11 -28.40
N LEU M 31 -55.13 -33.37 -28.76
CA LEU M 31 -55.15 -31.92 -28.58
C LEU M 31 -56.22 -31.26 -29.42
N SER M 32 -56.48 -31.79 -30.63
CA SER M 32 -57.57 -31.29 -31.45
C SER M 32 -58.91 -31.50 -30.77
N LEU M 33 -59.10 -32.67 -30.15
CA LEU M 33 -60.32 -32.91 -29.38
C LEU M 33 -60.43 -31.93 -28.22
N ALA M 34 -59.32 -31.67 -27.52
CA ALA M 34 -59.34 -30.74 -26.39
C ALA M 34 -59.72 -29.34 -26.84
N LEU M 35 -59.14 -28.87 -27.94
CA LEU M 35 -59.47 -27.53 -28.42
C LEU M 35 -60.89 -27.46 -28.97
N SER M 36 -61.38 -28.57 -29.54
CA SER M 36 -62.78 -28.61 -29.96
C SER M 36 -63.72 -28.48 -28.76
N THR M 37 -63.39 -29.18 -27.66
CA THR M 37 -64.19 -29.04 -26.44
C THR M 37 -64.13 -27.62 -25.90
N ALA M 38 -62.94 -27.01 -25.94
CA ALA M 38 -62.81 -25.62 -25.50
C ALA M 38 -63.66 -24.69 -26.37
N LEU M 39 -63.69 -24.93 -27.68
CA LEU M 39 -64.52 -24.13 -28.58
C LEU M 39 -65.99 -24.33 -28.28
N THR M 40 -66.39 -25.56 -27.94
CA THR M 40 -67.77 -25.79 -27.52
C THR M 40 -68.11 -25.00 -26.27
N MET M 41 -67.17 -24.92 -25.33
CA MET M 41 -67.39 -24.14 -24.12
C MET M 41 -67.57 -22.66 -24.45
N HIS M 42 -66.73 -22.13 -25.34
CA HIS M 42 -66.85 -20.74 -25.78
C HIS M 42 -66.42 -20.64 -27.24
N GLY M 43 -67.29 -20.09 -28.08
CA GLY M 43 -66.98 -19.96 -29.49
C GLY M 43 -67.81 -18.87 -30.12
N TYR M 44 -67.26 -18.28 -31.18
CA TYR M 44 -67.93 -17.19 -31.90
C TYR M 44 -68.74 -17.68 -33.09
N ILE M 45 -68.74 -18.97 -33.37
CA ILE M 45 -69.47 -19.56 -34.50
C ILE M 45 -70.42 -20.61 -33.95
N GLY M 46 -71.67 -20.56 -34.40
CA GLY M 46 -72.72 -21.43 -33.91
C GLY M 46 -72.89 -22.75 -34.60
N ASN M 47 -71.94 -23.16 -35.45
CA ASN M 47 -72.06 -24.44 -36.14
C ASN M 47 -71.89 -25.60 -35.16
N MET M 48 -72.64 -26.67 -35.41
CA MET M 48 -72.59 -27.87 -34.57
C MET M 48 -71.91 -29.06 -35.24
N ASN M 49 -71.92 -29.12 -36.58
CA ASN M 49 -71.42 -30.30 -37.27
C ASN M 49 -69.90 -30.43 -37.21
N MET M 50 -69.18 -29.33 -36.95
CA MET M 50 -67.72 -29.39 -36.98
C MET M 50 -67.17 -30.20 -35.80
N VAL M 51 -67.71 -29.99 -34.60
CA VAL M 51 -67.24 -30.74 -33.44
C VAL M 51 -67.64 -32.21 -33.56
N TYR M 52 -68.83 -32.48 -34.10
CA TYR M 52 -69.24 -33.86 -34.34
C TYR M 52 -68.31 -34.54 -35.34
N LEU M 53 -67.94 -33.82 -36.40
CA LEU M 53 -67.01 -34.37 -37.39
C LEU M 53 -65.64 -34.63 -36.76
N ALA M 54 -65.17 -33.71 -35.92
CA ALA M 54 -63.89 -33.92 -35.24
C ALA M 54 -63.93 -35.14 -34.35
N LEU M 55 -65.00 -35.30 -33.57
CA LEU M 55 -65.12 -36.48 -32.71
C LEU M 55 -65.20 -37.76 -33.54
N PHE M 56 -65.95 -37.72 -34.65
CA PHE M 56 -66.08 -38.91 -35.49
C PHE M 56 -64.74 -39.30 -36.11
N VAL M 57 -63.99 -38.32 -36.61
CA VAL M 57 -62.69 -38.64 -37.21
C VAL M 57 -61.71 -39.10 -36.15
N LEU M 58 -61.79 -38.57 -34.93
CA LEU M 58 -60.94 -39.07 -33.86
C LEU M 58 -61.28 -40.52 -33.52
N LEU M 59 -62.57 -40.85 -33.46
CA LEU M 59 -62.97 -42.23 -33.19
C LEU M 59 -62.51 -43.17 -34.30
N THR M 60 -62.65 -42.73 -35.56
CA THR M 60 -62.18 -43.54 -36.67
C THR M 60 -60.67 -43.72 -36.62
N SER M 61 -59.93 -42.67 -36.24
CA SER M 61 -58.49 -42.80 -36.10
C SER M 61 -58.11 -43.79 -35.02
N SER M 62 -58.82 -43.76 -33.89
CA SER M 62 -58.54 -44.71 -32.81
C SER M 62 -58.84 -46.14 -33.26
N ILE M 63 -59.97 -46.34 -33.94
CA ILE M 63 -60.32 -47.68 -34.41
C ILE M 63 -59.30 -48.16 -35.45
N LEU M 64 -58.87 -47.27 -36.34
CA LEU M 64 -57.85 -47.62 -37.31
C LEU M 64 -56.55 -47.99 -36.64
N TRP M 65 -56.15 -47.25 -35.60
CA TRP M 65 -54.92 -47.60 -34.88
C TRP M 65 -55.05 -48.96 -34.20
N PHE M 66 -56.21 -49.24 -33.61
CA PHE M 66 -56.39 -50.54 -32.94
C PHE M 66 -56.33 -51.70 -33.95
N ARG M 67 -57.04 -51.56 -35.06
CA ARG M 67 -57.01 -52.62 -36.06
C ARG M 67 -55.61 -52.76 -36.67
N ASP M 68 -54.92 -51.63 -36.86
CA ASP M 68 -53.56 -51.68 -37.38
C ASP M 68 -52.64 -52.43 -36.41
N ILE M 69 -52.69 -52.09 -35.12
CA ILE M 69 -51.76 -52.69 -34.17
C ILE M 69 -52.05 -54.18 -34.00
N VAL M 70 -53.32 -54.58 -34.00
CA VAL M 70 -53.59 -56.01 -33.98
C VAL M 70 -53.13 -56.65 -35.28
N ALA M 71 -53.14 -55.90 -36.40
CA ALA M 71 -52.62 -56.44 -37.64
C ALA M 71 -51.12 -56.71 -37.57
N GLU M 72 -50.34 -55.78 -37.00
CA GLU M 72 -48.92 -56.07 -36.86
C GLU M 72 -48.67 -57.16 -35.82
N ALA M 73 -49.51 -57.23 -34.78
CA ALA M 73 -49.36 -58.31 -33.80
C ALA M 73 -49.56 -59.67 -34.46
N THR M 74 -50.56 -59.80 -35.32
CA THR M 74 -50.82 -61.07 -35.99
C THR M 74 -49.87 -61.29 -37.17
N TYR M 75 -49.22 -60.22 -37.65
CA TYR M 75 -48.49 -60.30 -38.92
C TYR M 75 -46.99 -60.47 -38.70
N LEU M 76 -46.40 -59.69 -37.80
CA LEU M 76 -44.96 -59.82 -37.54
C LEU M 76 -44.59 -61.17 -36.93
N GLY M 77 -45.56 -61.89 -36.36
CA GLY M 77 -45.24 -63.15 -35.71
C GLY M 77 -44.35 -62.93 -34.50
N ASP M 78 -43.30 -63.75 -34.39
CA ASP M 78 -42.37 -63.70 -33.28
C ASP M 78 -43.09 -63.80 -31.94
N HIS M 79 -44.10 -64.67 -31.89
CA HIS M 79 -44.96 -64.81 -30.72
C HIS M 79 -44.48 -65.96 -29.86
N THR M 80 -44.36 -65.71 -28.56
CA THR M 80 -44.06 -66.73 -27.56
C THR M 80 -45.16 -66.74 -26.52
N MET M 81 -44.96 -67.51 -25.45
CA MET M 81 -45.88 -67.44 -24.32
C MET M 81 -45.78 -66.10 -23.62
N ALA M 82 -44.62 -65.44 -23.68
CA ALA M 82 -44.44 -64.17 -23.00
C ALA M 82 -45.40 -63.11 -23.54
N VAL M 83 -45.42 -62.92 -24.85
CA VAL M 83 -46.25 -61.87 -25.44
C VAL M 83 -47.74 -62.20 -25.26
N ARG M 84 -48.13 -63.45 -25.47
CA ARG M 84 -49.53 -63.82 -25.32
C ARG M 84 -50.01 -63.63 -23.89
N LYS M 85 -49.21 -64.11 -22.92
CA LYS M 85 -49.59 -63.97 -21.52
C LYS M 85 -49.60 -62.51 -21.11
N GLY M 86 -48.64 -61.71 -21.59
CA GLY M 86 -48.62 -60.30 -21.26
C GLY M 86 -49.83 -59.56 -21.79
N ILE M 87 -50.18 -59.79 -23.06
CA ILE M 87 -51.32 -59.09 -23.63
C ILE M 87 -52.63 -59.56 -22.98
N ASN M 88 -52.71 -60.85 -22.65
CA ASN M 88 -53.90 -61.34 -21.96
C ASN M 88 -54.04 -60.73 -20.57
N LEU M 89 -52.93 -60.66 -19.83
CA LEU M 89 -52.97 -60.03 -18.51
C LEU M 89 -53.33 -58.55 -18.61
N GLY M 90 -52.76 -57.86 -19.59
CA GLY M 90 -53.09 -56.44 -19.77
C GLY M 90 -54.55 -56.22 -20.11
N PHE M 91 -55.10 -57.05 -21.00
CA PHE M 91 -56.51 -56.93 -21.34
C PHE M 91 -57.40 -57.28 -20.15
N LEU M 92 -57.00 -58.27 -19.34
CA LEU M 92 -57.75 -58.58 -18.14
C LEU M 92 -57.71 -57.42 -17.16
N MET M 93 -56.57 -56.75 -17.03
CA MET M 93 -56.49 -55.55 -16.20
C MET M 93 -57.40 -54.44 -16.74
N PHE M 94 -57.44 -54.27 -18.06
CA PHE M 94 -58.31 -53.25 -18.64
C PHE M 94 -59.78 -53.55 -18.37
N VAL M 95 -60.19 -54.81 -18.53
CA VAL M 95 -61.58 -55.16 -18.28
C VAL M 95 -61.89 -55.07 -16.79
N LEU M 96 -60.91 -55.34 -15.92
CA LEU M 96 -61.10 -55.15 -14.49
C LEU M 96 -61.29 -53.68 -14.15
N SER M 97 -60.53 -52.80 -14.81
CA SER M 97 -60.73 -51.36 -14.63
C SER M 97 -62.11 -50.94 -15.10
N GLU M 98 -62.57 -51.50 -16.22
CA GLU M 98 -63.93 -51.22 -16.69
C GLU M 98 -64.97 -51.70 -15.67
N VAL M 99 -64.74 -52.88 -15.09
CA VAL M 99 -65.63 -53.38 -14.03
C VAL M 99 -65.66 -52.44 -12.85
N LEU M 100 -64.49 -51.93 -12.44
CA LEU M 100 -64.44 -51.01 -11.32
C LEU M 100 -65.14 -49.69 -11.64
N ILE M 101 -65.03 -49.23 -12.89
CA ILE M 101 -65.77 -48.05 -13.31
C ILE M 101 -67.27 -48.30 -13.25
N PHE M 102 -67.70 -49.48 -13.70
CA PHE M 102 -69.11 -49.85 -13.59
C PHE M 102 -69.56 -49.83 -12.13
N ALA M 103 -68.76 -50.40 -11.24
CA ALA M 103 -69.12 -50.46 -9.84
C ALA M 103 -69.20 -49.07 -9.23
N GLY M 104 -68.26 -48.19 -9.57
CA GLY M 104 -68.30 -46.83 -9.08
C GLY M 104 -69.52 -46.08 -9.57
N LEU M 105 -69.84 -46.22 -10.86
CA LEU M 105 -71.02 -45.55 -11.40
C LEU M 105 -72.29 -46.08 -10.76
N PHE M 106 -72.35 -47.40 -10.49
CA PHE M 106 -73.51 -47.96 -9.82
C PHE M 106 -73.63 -47.43 -8.39
N TRP M 107 -72.52 -47.38 -7.66
CA TRP M 107 -72.56 -46.86 -6.30
C TRP M 107 -72.84 -45.37 -6.26
N ALA M 108 -72.61 -44.65 -7.37
CA ALA M 108 -72.90 -43.23 -7.39
C ALA M 108 -74.38 -42.96 -7.13
N TYR M 109 -75.27 -43.75 -7.71
CA TYR M 109 -76.70 -43.61 -7.46
C TYR M 109 -77.24 -44.64 -6.46
N PHE M 110 -76.42 -45.63 -6.07
CA PHE M 110 -76.84 -46.59 -5.07
C PHE M 110 -76.78 -46.05 -3.65
N HIS M 111 -75.94 -45.04 -3.40
CA HIS M 111 -75.65 -44.59 -2.04
C HIS M 111 -76.86 -44.00 -1.33
N SER M 112 -77.95 -43.68 -2.05
CA SER M 112 -79.15 -43.14 -1.43
C SER M 112 -80.01 -44.31 -0.94
N ALA M 113 -79.59 -44.88 0.20
CA ALA M 113 -80.29 -46.00 0.81
C ALA M 113 -80.82 -45.68 2.19
N MET M 114 -79.98 -45.11 3.07
CA MET M 114 -80.41 -44.72 4.41
C MET M 114 -81.01 -43.32 4.44
N SER M 115 -80.90 -42.55 3.36
CA SER M 115 -81.42 -41.20 3.24
C SER M 115 -80.83 -40.30 4.33
N PRO M 116 -79.54 -39.99 4.26
CA PRO M 116 -78.92 -39.12 5.28
C PRO M 116 -78.97 -37.63 4.97
N ASP M 117 -79.77 -37.19 4.00
CA ASP M 117 -79.81 -35.79 3.63
C ASP M 117 -80.45 -34.96 4.74
N VAL M 118 -80.50 -33.65 4.53
CA VAL M 118 -80.89 -32.70 5.56
C VAL M 118 -82.23 -32.04 5.26
N THR M 119 -82.43 -31.59 4.03
CA THR M 119 -83.64 -30.86 3.67
C THR M 119 -83.93 -31.05 2.19
N LEU M 120 -85.17 -30.74 1.81
CA LEU M 120 -85.66 -30.90 0.45
C LEU M 120 -85.44 -32.35 -0.03
N GLY M 121 -86.08 -33.26 0.70
CA GLY M 121 -85.90 -34.68 0.45
C GLY M 121 -85.59 -35.44 1.72
N ALA M 122 -84.39 -36.02 1.80
CA ALA M 122 -83.90 -36.73 2.97
C ALA M 122 -84.74 -37.97 3.28
N CYS M 123 -85.69 -38.30 2.41
CA CYS M 123 -86.47 -39.53 2.53
C CYS M 123 -86.86 -39.96 1.11
N TRP M 124 -86.06 -40.84 0.53
CA TRP M 124 -86.31 -41.29 -0.82
C TRP M 124 -87.56 -42.17 -0.87
N PRO M 125 -88.49 -41.94 -1.82
CA PRO M 125 -88.41 -40.86 -2.80
C PRO M 125 -88.88 -39.52 -2.26
N PRO M 126 -88.28 -38.42 -2.71
CA PRO M 126 -88.69 -37.10 -2.23
C PRO M 126 -90.05 -36.69 -2.80
N VAL M 127 -91.12 -37.17 -2.18
CA VAL M 127 -92.47 -36.89 -2.67
C VAL M 127 -92.75 -35.40 -2.60
N GLY M 128 -93.43 -34.90 -3.64
CA GLY M 128 -93.72 -33.49 -3.75
C GLY M 128 -93.51 -32.98 -5.16
N ILE M 129 -92.78 -33.75 -5.96
CA ILE M 129 -92.46 -33.41 -7.33
C ILE M 129 -92.90 -34.55 -8.24
N GLU M 130 -93.64 -34.23 -9.29
CA GLU M 130 -94.10 -35.21 -10.27
C GLU M 130 -93.40 -34.91 -11.60
N ALA M 131 -92.20 -35.44 -11.75
CA ALA M 131 -91.44 -35.32 -12.98
C ALA M 131 -91.61 -36.59 -13.81
N VAL M 132 -90.83 -36.72 -14.88
CA VAL M 132 -90.90 -37.88 -15.76
C VAL M 132 -90.16 -39.04 -15.10
N GLN M 133 -90.84 -40.17 -14.96
CA GLN M 133 -90.23 -41.34 -14.35
C GLN M 133 -89.30 -42.03 -15.34
N PRO M 134 -88.04 -42.28 -14.97
CA PRO M 134 -87.12 -42.95 -15.91
C PRO M 134 -87.36 -44.45 -16.03
N THR M 135 -88.13 -45.04 -15.11
CA THR M 135 -88.33 -46.48 -15.10
C THR M 135 -89.18 -46.90 -16.30
N GLU M 136 -89.04 -48.18 -16.66
CA GLU M 136 -89.81 -48.91 -17.68
C GLU M 136 -89.39 -48.55 -19.11
N LEU M 137 -88.46 -47.60 -19.30
CA LEU M 137 -88.02 -47.27 -20.65
C LEU M 137 -87.00 -48.28 -21.18
N PRO M 138 -85.89 -48.55 -20.49
CA PRO M 138 -84.87 -49.45 -21.06
C PRO M 138 -85.00 -50.91 -20.66
N LEU M 139 -86.11 -51.32 -20.03
CA LEU M 139 -86.23 -52.70 -19.57
C LEU M 139 -86.24 -53.70 -20.72
N LEU M 140 -86.77 -53.31 -21.88
CA LEU M 140 -86.68 -54.20 -23.03
C LEU M 140 -85.24 -54.44 -23.43
N ASN M 141 -84.43 -53.37 -23.45
CA ASN M 141 -83.02 -53.50 -23.81
C ASN M 141 -82.28 -54.37 -22.80
N THR M 142 -82.53 -54.16 -21.50
CA THR M 142 -81.81 -54.95 -20.51
C THR M 142 -82.26 -56.41 -20.53
N ILE M 143 -83.53 -56.69 -20.81
CA ILE M 143 -83.97 -58.08 -20.84
C ILE M 143 -83.45 -58.80 -22.07
N ILE M 144 -83.37 -58.12 -23.22
CA ILE M 144 -82.82 -58.77 -24.40
C ILE M 144 -81.31 -58.95 -24.25
N LEU M 145 -80.64 -57.99 -23.59
CA LEU M 145 -79.24 -58.19 -23.25
C LEU M 145 -79.05 -59.35 -22.28
N LEU M 146 -79.97 -59.52 -21.33
CA LEU M 146 -79.92 -60.68 -20.43
C LEU M 146 -80.05 -61.98 -21.21
N SER M 147 -80.97 -62.03 -22.17
CA SER M 147 -81.11 -63.22 -22.99
C SER M 147 -79.84 -63.51 -23.79
N SER M 148 -79.25 -62.47 -24.38
CA SER M 148 -78.00 -62.66 -25.12
C SER M 148 -76.88 -63.13 -24.21
N GLY M 149 -76.76 -62.54 -23.02
CA GLY M 149 -75.75 -62.99 -22.08
C GLY M 149 -75.96 -64.42 -21.64
N ALA M 150 -77.22 -64.81 -21.43
CA ALA M 150 -77.52 -66.19 -21.05
C ALA M 150 -77.12 -67.16 -22.15
N THR M 151 -77.40 -66.81 -23.41
CA THR M 151 -77.08 -67.73 -24.50
C THR M 151 -75.61 -67.70 -24.89
N VAL M 152 -74.85 -66.67 -24.52
CA VAL M 152 -73.43 -66.63 -24.83
C VAL M 152 -72.56 -66.82 -23.58
N THR M 153 -73.17 -67.19 -22.45
CA THR M 153 -72.38 -67.48 -21.25
C THR M 153 -71.33 -68.55 -21.49
N TYR M 154 -71.61 -69.49 -22.39
CA TYR M 154 -70.60 -70.49 -22.74
C TYR M 154 -70.57 -70.75 -24.25
N SER M 155 -71.25 -69.92 -25.05
CA SER M 155 -71.13 -70.03 -26.50
C SER M 155 -69.71 -69.75 -26.96
N HIS M 156 -69.01 -68.81 -26.30
CA HIS M 156 -67.62 -68.55 -26.65
C HIS M 156 -66.74 -69.77 -26.40
N HIS M 157 -66.97 -70.46 -25.28
CA HIS M 157 -66.22 -71.69 -25.00
C HIS M 157 -66.58 -72.79 -26.01
N ALA M 158 -67.85 -72.85 -26.41
CA ALA M 158 -68.22 -73.79 -27.47
C ALA M 158 -67.49 -73.47 -28.77
N LEU M 159 -67.37 -72.18 -29.09
CA LEU M 159 -66.62 -71.76 -30.27
C LEU M 159 -65.15 -72.19 -30.18
N ILE M 160 -64.52 -71.93 -29.03
CA ILE M 160 -63.10 -72.24 -28.92
C ILE M 160 -62.88 -73.76 -28.91
N ALA M 161 -63.86 -74.53 -28.44
CA ALA M 161 -63.74 -75.98 -28.49
C ALA M 161 -63.93 -76.51 -29.92
N GLY M 162 -64.92 -75.98 -30.64
CA GLY M 162 -65.23 -76.49 -31.96
C GLY M 162 -64.59 -75.73 -33.11
N ASN M 163 -64.75 -74.41 -33.14
CA ASN M 163 -64.26 -73.56 -34.23
C ASN M 163 -64.75 -74.09 -35.58
N ARG M 164 -66.07 -74.32 -35.67
CA ARG M 164 -66.68 -74.92 -36.84
C ARG M 164 -67.84 -74.05 -37.34
N ASN M 165 -68.67 -74.61 -38.22
CA ASN M 165 -69.83 -73.86 -38.72
C ASN M 165 -70.71 -73.35 -37.58
N LYS M 166 -70.72 -74.07 -36.45
CA LYS M 166 -71.43 -73.57 -35.28
C LYS M 166 -70.84 -72.25 -34.79
N ALA M 167 -69.51 -72.09 -34.91
CA ALA M 167 -68.88 -70.82 -34.59
C ALA M 167 -69.37 -69.71 -35.51
N LEU M 168 -69.51 -70.01 -36.81
CA LEU M 168 -70.04 -69.03 -37.74
C LEU M 168 -71.48 -68.66 -37.39
N SER M 169 -72.29 -69.65 -37.02
CA SER M 169 -73.67 -69.35 -36.63
C SER M 169 -73.70 -68.49 -35.38
N GLY M 170 -72.84 -68.79 -34.40
CA GLY M 170 -72.77 -67.96 -33.20
C GLY M 170 -72.36 -66.54 -33.50
N LEU M 171 -71.38 -66.36 -34.38
CA LEU M 171 -70.96 -65.01 -34.76
C LEU M 171 -72.07 -64.26 -35.47
N LEU M 172 -72.80 -64.95 -36.36
CA LEU M 172 -73.90 -64.31 -37.08
C LEU M 172 -75.01 -63.90 -36.13
N ILE M 173 -75.39 -64.77 -35.19
CA ILE M 173 -76.46 -64.41 -34.27
C ILE M 173 -75.99 -63.31 -33.32
N THR M 174 -74.71 -63.29 -32.96
CA THR M 174 -74.18 -62.19 -32.17
C THR M 174 -74.28 -60.87 -32.92
N PHE M 175 -73.93 -60.88 -34.21
CA PHE M 175 -74.06 -59.67 -35.02
C PHE M 175 -75.51 -59.21 -35.10
N TRP M 176 -76.43 -60.15 -35.32
CA TRP M 176 -77.84 -59.78 -35.41
C TRP M 176 -78.35 -59.20 -34.09
N LEU M 177 -77.98 -59.81 -32.96
CA LEU M 177 -78.46 -59.31 -31.68
C LEU M 177 -77.86 -57.94 -31.36
N ILE M 178 -76.57 -57.73 -31.66
CA ILE M 178 -76.01 -56.41 -31.37
C ILE M 178 -76.61 -55.35 -32.30
N VAL M 179 -76.93 -55.71 -33.55
CA VAL M 179 -77.61 -54.77 -34.42
C VAL M 179 -78.99 -54.42 -33.86
N ILE M 180 -79.71 -55.43 -33.37
CA ILE M 180 -81.02 -55.16 -32.77
C ILE M 180 -80.87 -54.26 -31.55
N PHE M 181 -79.83 -54.49 -30.73
CA PHE M 181 -79.60 -53.67 -29.56
C PHE M 181 -79.32 -52.22 -29.94
N VAL M 182 -78.46 -52.01 -30.94
CA VAL M 182 -78.12 -50.63 -31.31
C VAL M 182 -79.32 -49.95 -31.97
N THR M 183 -80.15 -50.69 -32.69
CA THR M 183 -81.35 -50.07 -33.27
C THR M 183 -82.33 -49.66 -32.17
N CYS M 184 -82.58 -50.55 -31.20
CA CYS M 184 -83.50 -50.21 -30.12
C CYS M 184 -82.93 -49.14 -29.20
N GLN M 185 -81.62 -48.96 -29.18
CA GLN M 185 -81.05 -47.80 -28.50
C GLN M 185 -81.22 -46.53 -29.34
N TYR M 186 -81.12 -46.66 -30.66
CA TYR M 186 -81.20 -45.51 -31.55
C TYR M 186 -82.62 -44.97 -31.71
N ILE M 187 -83.64 -45.80 -31.46
CA ILE M 187 -85.01 -45.35 -31.68
C ILE M 187 -85.33 -44.16 -30.79
N GLU M 188 -84.91 -44.22 -29.51
CA GLU M 188 -85.09 -43.11 -28.58
C GLU M 188 -83.75 -42.41 -28.39
N TYR M 189 -83.45 -41.50 -29.31
CA TYR M 189 -82.17 -40.79 -29.32
C TYR M 189 -82.29 -39.35 -28.84
N THR M 190 -83.18 -38.56 -29.45
CA THR M 190 -83.36 -37.15 -29.09
C THR M 190 -84.56 -36.95 -28.16
N ASN M 191 -85.74 -37.38 -28.59
CA ASN M 191 -86.96 -37.20 -27.79
C ASN M 191 -87.25 -38.47 -26.97
N ALA M 192 -86.30 -38.79 -26.09
CA ALA M 192 -86.48 -39.96 -25.22
C ALA M 192 -87.43 -39.65 -24.07
N ALA M 193 -87.05 -38.72 -23.20
CA ALA M 193 -87.92 -38.26 -22.14
C ALA M 193 -88.22 -36.77 -22.23
N PHE M 194 -87.20 -35.93 -22.30
CA PHE M 194 -87.35 -34.48 -22.42
C PHE M 194 -85.97 -33.90 -22.69
N THR M 195 -85.90 -32.58 -22.74
CA THR M 195 -84.62 -31.89 -22.88
C THR M 195 -83.94 -31.74 -21.52
N ILE M 196 -82.64 -32.05 -21.49
CA ILE M 196 -81.88 -31.99 -20.23
C ILE M 196 -81.34 -30.57 -20.11
N SER M 197 -82.19 -29.69 -19.60
CA SER M 197 -81.83 -28.29 -19.42
C SER M 197 -82.12 -27.78 -18.01
N ASP M 198 -83.24 -28.19 -17.42
CA ASP M 198 -83.63 -27.70 -16.10
C ASP M 198 -84.64 -28.66 -15.48
N GLY M 199 -84.81 -28.52 -14.17
CA GLY M 199 -85.79 -29.30 -13.45
C GLY M 199 -85.49 -30.79 -13.41
N VAL M 200 -84.43 -31.16 -12.71
CA VAL M 200 -84.00 -32.55 -12.61
C VAL M 200 -84.52 -33.15 -11.31
N TYR M 201 -85.28 -34.22 -11.43
CA TYR M 201 -85.74 -35.00 -10.29
C TYR M 201 -85.47 -36.49 -10.44
N GLY M 202 -85.61 -37.02 -11.66
CA GLY M 202 -85.40 -38.44 -11.90
C GLY M 202 -84.65 -38.72 -13.19
N SER M 203 -83.76 -37.80 -13.58
CA SER M 203 -82.95 -38.00 -14.78
C SER M 203 -81.69 -38.82 -14.51
N VAL M 204 -81.46 -39.21 -13.26
CA VAL M 204 -80.23 -39.91 -12.91
C VAL M 204 -80.18 -41.29 -13.53
N PHE M 205 -81.32 -42.01 -13.52
CA PHE M 205 -81.36 -43.32 -14.16
C PHE M 205 -81.13 -43.20 -15.66
N TYR M 206 -81.72 -42.20 -16.29
CA TYR M 206 -81.53 -42.01 -17.73
C TYR M 206 -80.08 -41.69 -18.05
N ALA M 207 -79.45 -40.83 -17.24
CA ALA M 207 -78.04 -40.53 -17.45
C ALA M 207 -77.17 -41.76 -17.26
N GLY M 208 -77.48 -42.57 -16.26
CA GLY M 208 -76.74 -43.81 -16.06
C GLY M 208 -76.86 -44.76 -17.23
N THR M 209 -78.08 -44.92 -17.76
CA THR M 209 -78.27 -45.77 -18.93
C THR M 209 -77.53 -45.21 -20.14
N GLY M 210 -77.57 -43.90 -20.33
CA GLY M 210 -76.89 -43.29 -21.45
C GLY M 210 -75.39 -43.48 -21.40
N LEU M 211 -74.80 -43.35 -20.20
CA LEU M 211 -73.36 -43.55 -20.07
C LEU M 211 -73.00 -45.03 -20.14
N HIS M 212 -73.90 -45.92 -19.72
CA HIS M 212 -73.61 -47.35 -19.80
C HIS M 212 -73.71 -47.87 -21.22
N PHE M 213 -74.54 -47.24 -22.07
CA PHE M 213 -74.66 -47.68 -23.46
C PHE M 213 -73.35 -47.55 -24.23
N LEU M 214 -72.46 -46.64 -23.81
CA LEU M 214 -71.22 -46.42 -24.54
C LEU M 214 -70.34 -47.68 -24.56
N HIS M 215 -70.22 -48.35 -23.42
CA HIS M 215 -69.38 -49.54 -23.35
C HIS M 215 -69.92 -50.64 -24.25
N MET M 216 -71.25 -50.79 -24.31
CA MET M 216 -71.84 -51.69 -25.30
C MET M 216 -71.52 -51.24 -26.72
N VAL M 217 -71.44 -49.92 -26.95
CA VAL M 217 -71.08 -49.42 -28.28
C VAL M 217 -69.69 -49.88 -28.67
N MET M 218 -68.70 -49.68 -27.78
CA MET M 218 -67.37 -50.19 -28.15
C MET M 218 -67.30 -51.71 -28.11
N LEU M 219 -68.18 -52.40 -27.38
CA LEU M 219 -68.24 -53.85 -27.48
C LEU M 219 -68.63 -54.27 -28.89
N ALA M 220 -69.67 -53.63 -29.44
CA ALA M 220 -70.05 -53.90 -30.82
C ALA M 220 -68.93 -53.53 -31.79
N ALA M 221 -68.24 -52.41 -31.52
CA ALA M 221 -67.15 -51.98 -32.39
C ALA M 221 -66.01 -52.99 -32.39
N MET M 222 -65.65 -53.51 -31.21
CA MET M 222 -64.57 -54.49 -31.14
C MET M 222 -64.99 -55.82 -31.77
N LEU M 223 -66.26 -56.21 -31.63
CA LEU M 223 -66.73 -57.40 -32.31
C LEU M 223 -66.66 -57.23 -33.83
N GLY M 224 -67.05 -56.05 -34.32
CA GLY M 224 -66.95 -55.78 -35.75
C GLY M 224 -65.52 -55.78 -36.25
N VAL M 225 -64.61 -55.16 -35.48
CA VAL M 225 -63.21 -55.10 -35.91
C VAL M 225 -62.60 -56.49 -35.84
N ASN M 226 -63.01 -57.33 -34.89
CA ASN M 226 -62.55 -58.72 -34.85
C ASN M 226 -63.03 -59.48 -36.08
N TYR M 227 -64.30 -59.29 -36.46
CA TYR M 227 -64.81 -59.95 -37.65
C TYR M 227 -64.07 -59.50 -38.90
N TRP M 228 -63.77 -58.20 -39.00
CA TRP M 228 -63.01 -57.70 -40.15
C TRP M 228 -61.58 -58.22 -40.12
N ARG M 229 -61.00 -58.40 -38.93
CA ARG M 229 -59.66 -58.99 -38.83
C ARG M 229 -59.66 -60.42 -39.33
N MET M 230 -60.69 -61.20 -38.98
CA MET M 230 -60.83 -62.52 -39.58
C MET M 230 -61.05 -62.42 -41.09
N ARG M 231 -61.71 -61.35 -41.55
CA ARG M 231 -61.84 -61.11 -42.98
C ARG M 231 -60.51 -60.80 -43.64
N ASN M 232 -59.54 -60.30 -42.88
CA ASN M 232 -58.21 -60.00 -43.40
C ASN M 232 -57.26 -61.19 -43.31
N TYR M 233 -57.70 -62.32 -42.76
CA TYR M 233 -56.90 -63.53 -42.62
C TYR M 233 -55.63 -63.26 -41.82
N HIS M 234 -55.84 -62.80 -40.58
CA HIS M 234 -54.73 -62.53 -39.66
C HIS M 234 -54.90 -63.22 -38.32
N LEU M 235 -56.12 -63.33 -37.80
CA LEU M 235 -56.38 -63.91 -36.50
C LEU M 235 -56.82 -65.36 -36.69
N THR M 236 -55.84 -66.26 -36.78
CA THR M 236 -56.07 -67.68 -36.88
C THR M 236 -55.98 -68.32 -35.50
N ALA M 237 -55.97 -69.65 -35.46
CA ALA M 237 -55.87 -70.39 -34.20
C ALA M 237 -54.43 -70.54 -33.74
N GLY M 238 -53.71 -69.42 -33.69
CA GLY M 238 -52.33 -69.40 -33.22
C GLY M 238 -52.19 -68.55 -31.98
N HIS M 239 -51.56 -67.38 -32.12
CA HIS M 239 -51.47 -66.41 -31.02
C HIS M 239 -52.75 -65.57 -30.97
N HIS M 240 -53.86 -66.25 -30.71
CA HIS M 240 -55.17 -65.62 -30.75
C HIS M 240 -55.27 -64.51 -29.70
N VAL M 241 -55.77 -63.36 -30.11
CA VAL M 241 -56.01 -62.24 -29.22
C VAL M 241 -57.50 -61.96 -29.05
N GLY M 242 -58.28 -62.12 -30.11
CA GLY M 242 -59.73 -61.97 -29.97
C GLY M 242 -60.35 -63.07 -29.13
N TYR M 243 -59.93 -64.31 -29.37
CA TYR M 243 -60.48 -65.44 -28.63
C TYR M 243 -60.09 -65.39 -27.16
N GLU M 244 -58.81 -65.13 -26.88
CA GLU M 244 -58.32 -65.14 -25.51
C GLU M 244 -59.03 -64.13 -24.63
N THR M 245 -59.62 -63.08 -25.22
CA THR M 245 -60.41 -62.11 -24.47
C THR M 245 -61.89 -62.40 -24.51
N THR M 246 -62.43 -62.81 -25.67
CA THR M 246 -63.85 -63.08 -25.78
C THR M 246 -64.28 -64.32 -25.01
N ILE M 247 -63.33 -65.18 -24.62
CA ILE M 247 -63.69 -66.32 -23.78
C ILE M 247 -64.17 -65.84 -22.41
N ILE M 248 -63.44 -64.89 -21.81
CA ILE M 248 -63.77 -64.39 -20.48
C ILE M 248 -64.59 -63.10 -20.52
N TYR M 249 -64.81 -62.52 -21.71
CA TYR M 249 -65.56 -61.28 -21.79
C TYR M 249 -66.98 -61.46 -21.27
N THR M 250 -67.66 -62.53 -21.69
CA THR M 250 -69.03 -62.77 -21.22
C THR M 250 -69.05 -63.05 -19.72
N HIS M 251 -68.07 -63.80 -19.22
CA HIS M 251 -68.06 -64.12 -17.80
C HIS M 251 -67.80 -62.89 -16.94
N VAL M 252 -66.99 -61.95 -17.42
CA VAL M 252 -66.73 -60.74 -16.64
C VAL M 252 -67.82 -59.69 -16.86
N LEU M 253 -68.60 -59.81 -17.94
CA LEU M 253 -69.64 -58.86 -18.27
C LEU M 253 -70.99 -59.20 -17.64
N ASP M 254 -71.35 -60.49 -17.64
CA ASP M 254 -72.67 -60.88 -17.14
C ASP M 254 -72.80 -60.64 -15.65
N VAL M 255 -71.74 -60.86 -14.88
CA VAL M 255 -71.80 -60.66 -13.43
C VAL M 255 -72.14 -59.21 -13.11
N ILE M 256 -71.39 -58.27 -13.71
CA ILE M 256 -71.61 -56.86 -13.40
C ILE M 256 -72.95 -56.38 -13.97
N TRP M 257 -73.35 -56.89 -15.14
CA TRP M 257 -74.64 -56.45 -15.66
C TRP M 257 -75.80 -57.00 -14.83
N LEU M 258 -75.70 -58.24 -14.34
CA LEU M 258 -76.72 -58.75 -13.43
C LEU M 258 -76.75 -57.94 -12.13
N PHE M 259 -75.58 -57.53 -11.64
CA PHE M 259 -75.55 -56.67 -10.46
C PHE M 259 -76.26 -55.35 -10.73
N LEU M 260 -76.07 -54.79 -11.93
CA LEU M 260 -76.69 -53.52 -12.28
C LEU M 260 -78.16 -53.67 -12.66
N TYR M 261 -78.62 -54.89 -12.95
CA TYR M 261 -80.00 -55.12 -13.37
C TYR M 261 -80.91 -55.58 -12.23
N VAL M 262 -80.40 -56.35 -11.27
CA VAL M 262 -81.22 -56.77 -10.14
C VAL M 262 -81.69 -55.56 -9.35
N VAL M 263 -80.85 -54.55 -9.23
CA VAL M 263 -81.23 -53.25 -8.69
C VAL M 263 -81.21 -52.26 -9.83
N PHE M 264 -81.57 -51.00 -9.57
CA PHE M 264 -81.54 -49.91 -10.55
C PHE M 264 -82.65 -50.08 -11.57
N TYR M 265 -83.32 -51.22 -11.54
CA TYR M 265 -84.51 -51.47 -12.36
C TYR M 265 -85.68 -52.00 -11.53
N TRP M 266 -85.40 -52.83 -10.53
CA TRP M 266 -86.41 -53.29 -9.59
C TRP M 266 -86.43 -52.49 -8.30
N TRP M 267 -85.59 -51.45 -8.21
CA TRP M 267 -85.49 -50.61 -7.02
C TRP M 267 -85.46 -49.15 -7.43
N GLY M 268 -85.93 -48.29 -6.52
CA GLY M 268 -85.91 -46.86 -6.75
C GLY M 268 -87.06 -46.31 -7.57
N VAL M 269 -88.01 -47.15 -7.96
CA VAL M 269 -89.15 -46.70 -8.76
C VAL M 269 -90.11 -45.89 -7.90
N ASP N 16 -58.80 -12.26 21.77
CA ASP N 16 -58.77 -10.80 21.84
C ASP N 16 -58.54 -10.20 20.45
N VAL N 17 -57.37 -9.59 20.28
CA VAL N 17 -57.01 -8.95 19.01
C VAL N 17 -55.63 -9.45 18.61
N PRO N 18 -55.43 -9.89 17.36
CA PRO N 18 -54.07 -10.28 16.94
C PRO N 18 -53.13 -9.09 17.03
N THR N 19 -51.91 -9.38 17.47
CA THR N 19 -50.91 -8.34 17.71
C THR N 19 -49.62 -8.68 17.01
N PRO N 20 -48.87 -7.67 16.55
CA PRO N 20 -47.59 -7.95 15.91
C PRO N 20 -46.58 -8.53 16.88
N TYR N 21 -45.82 -9.52 16.39
CA TYR N 21 -44.73 -10.14 17.15
C TYR N 21 -45.22 -10.67 18.50
N ALA N 22 -46.40 -11.28 18.49
CA ALA N 22 -46.97 -11.83 19.71
C ALA N 22 -46.21 -13.07 20.16
N CYS N 23 -46.30 -13.37 21.46
CA CYS N 23 -45.62 -14.52 22.04
C CYS N 23 -46.53 -15.41 22.88
N TYR N 24 -47.83 -15.14 22.92
CA TYR N 24 -48.73 -15.92 23.76
C TYR N 24 -50.14 -15.87 23.18
N PHE N 25 -50.93 -16.87 23.55
CA PHE N 25 -52.31 -16.95 23.11
C PHE N 25 -53.15 -15.86 23.77
N GLN N 26 -54.21 -15.43 23.06
CA GLN N 26 -55.06 -14.37 23.57
C GLN N 26 -55.79 -14.83 24.83
N ASP N 27 -56.33 -13.86 25.57
CA ASP N 27 -57.01 -14.15 26.82
C ASP N 27 -58.23 -15.04 26.58
N SER N 28 -58.40 -16.04 27.43
CA SER N 28 -59.52 -16.95 27.32
C SER N 28 -60.84 -16.23 27.56
N ALA N 29 -61.85 -16.59 26.77
CA ALA N 29 -63.16 -15.97 26.87
C ALA N 29 -64.24 -16.90 27.41
N THR N 30 -64.01 -18.20 27.42
CA THR N 30 -64.95 -19.17 27.95
C THR N 30 -64.20 -20.23 28.74
N PRO N 31 -64.83 -20.83 29.75
CA PRO N 31 -64.13 -21.87 30.53
C PRO N 31 -63.68 -23.06 29.69
N ASN N 32 -64.44 -23.40 28.64
CA ASN N 32 -63.99 -24.46 27.75
C ASN N 32 -62.67 -24.10 27.09
N GLN N 33 -62.51 -22.83 26.70
CA GLN N 33 -61.26 -22.38 26.08
C GLN N 33 -60.08 -22.56 27.02
N GLU N 34 -60.22 -22.11 28.28
CA GLU N 34 -59.12 -22.24 29.22
C GLU N 34 -58.81 -23.70 29.51
N GLY N 35 -59.84 -24.53 29.65
CA GLY N 35 -59.62 -25.95 29.90
C GLY N 35 -58.88 -26.63 28.75
N ILE N 36 -59.32 -26.38 27.51
CA ILE N 36 -58.70 -27.03 26.37
C ILE N 36 -57.28 -26.50 26.16
N LEU N 37 -57.06 -25.20 26.40
CA LEU N 37 -55.70 -24.68 26.23
C LEU N 37 -54.76 -25.23 27.29
N GLU N 38 -55.24 -25.39 28.53
CA GLU N 38 -54.39 -25.98 29.57
C GLU N 38 -54.07 -27.45 29.28
N LEU N 39 -55.07 -28.21 28.82
CA LEU N 39 -54.81 -29.61 28.50
C LEU N 39 -53.88 -29.74 27.30
N HIS N 40 -54.04 -28.86 26.30
CA HIS N 40 -53.09 -28.85 25.19
C HIS N 40 -51.71 -28.42 25.63
N ASP N 41 -51.62 -27.53 26.63
CA ASP N 41 -50.32 -27.15 27.17
C ASP N 41 -49.63 -28.34 27.83
N ASN N 42 -50.38 -29.14 28.58
CA ASN N 42 -49.79 -30.35 29.16
C ASN N 42 -49.38 -31.33 28.07
N ILE N 43 -50.21 -31.49 27.03
CA ILE N 43 -49.87 -32.39 25.94
C ILE N 43 -48.60 -31.93 25.23
N MET N 44 -48.49 -30.63 24.94
CA MET N 44 -47.30 -30.14 24.29
C MET N 44 -46.09 -30.14 25.23
N PHE N 45 -46.31 -30.13 26.54
CA PHE N 45 -45.21 -30.38 27.48
C PHE N 45 -44.65 -31.78 27.29
N TYR N 46 -45.53 -32.79 27.23
CA TYR N 46 -45.09 -34.14 26.96
C TYR N 46 -44.40 -34.23 25.60
N LEU N 47 -44.98 -33.55 24.60
CA LEU N 47 -44.42 -33.57 23.25
C LEU N 47 -43.04 -32.93 23.22
N LEU N 48 -42.85 -31.84 23.96
CA LEU N 48 -41.55 -31.19 24.01
C LEU N 48 -40.52 -32.05 24.72
N VAL N 49 -40.91 -32.75 25.79
CA VAL N 49 -39.93 -33.59 26.47
C VAL N 49 -39.53 -34.77 25.59
N ILE N 50 -40.49 -35.35 24.84
CA ILE N 50 -40.10 -36.47 23.97
C ILE N 50 -39.30 -35.97 22.77
N LEU N 51 -39.59 -34.76 22.28
CA LEU N 51 -38.78 -34.19 21.20
C LEU N 51 -37.36 -33.91 21.68
N GLY N 52 -37.20 -33.44 22.92
CA GLY N 52 -35.87 -33.27 23.48
C GLY N 52 -35.15 -34.60 23.64
N LEU N 53 -35.89 -35.64 24.02
CA LEU N 53 -35.35 -37.00 24.04
C LEU N 53 -34.76 -37.37 22.68
N VAL N 54 -35.57 -37.21 21.63
CA VAL N 54 -35.12 -37.59 20.28
C VAL N 54 -33.94 -36.73 19.84
N SER N 55 -33.97 -35.44 20.17
CA SER N 55 -32.89 -34.54 19.78
C SER N 55 -31.59 -34.94 20.46
N TRP N 56 -31.63 -35.27 21.75
CA TRP N 56 -30.43 -35.72 22.43
C TRP N 56 -29.93 -37.04 21.87
N MET N 57 -30.85 -37.96 21.55
CA MET N 57 -30.47 -39.17 20.84
C MET N 57 -29.64 -38.84 19.61
N LEU N 58 -30.21 -38.03 18.71
CA LEU N 58 -29.52 -37.72 17.47
C LEU N 58 -28.18 -37.06 17.72
N TYR N 59 -28.15 -36.09 18.64
CA TYR N 59 -26.92 -35.35 18.90
C TYR N 59 -25.82 -36.26 19.41
N THR N 60 -26.10 -37.04 20.46
CA THR N 60 -25.07 -37.90 21.03
C THR N 60 -24.63 -38.96 20.04
N ILE N 61 -25.56 -39.53 19.27
CA ILE N 61 -25.21 -40.58 18.32
C ILE N 61 -24.31 -40.03 17.23
N VAL N 62 -24.65 -38.88 16.64
CA VAL N 62 -23.81 -38.34 15.57
C VAL N 62 -22.46 -37.89 16.14
N MET N 63 -22.45 -37.30 17.32
CA MET N 63 -21.18 -36.85 17.90
C MET N 63 -20.26 -38.01 18.20
N THR N 64 -20.82 -39.12 18.70
CA THR N 64 -19.98 -40.28 19.02
C THR N 64 -19.52 -40.99 17.76
N TYR N 65 -20.40 -41.14 16.78
CA TYR N 65 -20.11 -41.98 15.61
C TYR N 65 -19.51 -41.21 14.45
N SER N 66 -19.28 -39.90 14.59
CA SER N 66 -18.49 -39.20 13.59
C SER N 66 -17.06 -39.72 13.53
N LYS N 67 -16.62 -40.43 14.57
CA LYS N 67 -15.31 -41.07 14.63
C LYS N 67 -15.44 -42.48 15.19
N ASN N 68 -16.48 -43.20 14.76
CA ASN N 68 -16.72 -44.55 15.27
C ASN N 68 -15.65 -45.50 14.76
N PRO N 69 -14.95 -46.22 15.64
CA PRO N 69 -13.92 -47.15 15.16
C PRO N 69 -14.48 -48.41 14.52
N ILE N 70 -15.50 -49.01 15.11
CA ILE N 70 -16.02 -50.30 14.68
C ILE N 70 -17.51 -50.18 14.40
N ALA N 71 -17.96 -50.87 13.35
CA ALA N 71 -19.37 -50.88 12.95
C ALA N 71 -19.97 -52.22 13.33
N TYR N 72 -20.83 -52.22 14.34
CA TYR N 72 -21.51 -53.45 14.76
C TYR N 72 -22.47 -53.92 13.68
N LYS N 73 -22.67 -55.24 13.62
CA LYS N 73 -23.48 -55.82 12.55
C LYS N 73 -24.45 -56.91 13.00
N TYR N 74 -24.39 -57.41 14.23
CA TYR N 74 -25.15 -58.60 14.61
C TYR N 74 -26.01 -58.34 15.84
N ILE N 75 -26.75 -57.23 15.82
CA ILE N 75 -27.82 -56.96 16.78
C ILE N 75 -29.09 -56.73 15.99
N LYS N 76 -30.08 -57.61 16.17
CA LYS N 76 -31.22 -57.65 15.27
C LYS N 76 -32.53 -57.23 15.92
N HIS N 77 -32.99 -57.93 16.95
CA HIS N 77 -34.31 -57.67 17.51
C HIS N 77 -34.30 -57.28 18.97
N GLY N 78 -33.70 -58.09 19.84
CA GLY N 78 -33.84 -57.89 21.27
C GLY N 78 -35.29 -57.92 21.69
N GLN N 79 -35.92 -59.09 21.63
CA GLN N 79 -37.38 -59.19 21.62
C GLN N 79 -38.00 -58.61 22.89
N THR N 80 -37.42 -58.90 24.05
CA THR N 80 -38.00 -58.38 25.29
C THR N 80 -37.98 -56.86 25.34
N ILE N 81 -36.81 -56.26 25.09
CA ILE N 81 -36.75 -54.81 25.15
C ILE N 81 -37.45 -54.21 23.93
N GLU N 82 -37.49 -54.96 22.82
CA GLU N 82 -38.27 -54.53 21.65
C GLU N 82 -39.74 -54.36 22.01
N VAL N 83 -40.34 -55.38 22.62
CA VAL N 83 -41.74 -55.25 23.02
C VAL N 83 -41.87 -54.23 24.14
N ILE N 84 -40.80 -53.97 24.90
CA ILE N 84 -40.86 -52.90 25.88
C ILE N 84 -41.08 -51.55 25.21
N TRP N 85 -40.25 -51.22 24.21
CA TRP N 85 -40.50 -49.92 23.57
C TRP N 85 -41.65 -49.99 22.57
N THR N 86 -42.22 -51.18 22.34
CA THR N 86 -43.42 -51.27 21.53
C THR N 86 -44.67 -50.99 22.37
N ILE N 87 -44.68 -51.44 23.62
CA ILE N 87 -45.81 -51.18 24.49
C ILE N 87 -45.69 -49.85 25.22
N PHE N 88 -44.51 -49.24 25.25
CA PHE N 88 -44.40 -47.91 25.85
C PHE N 88 -45.24 -46.86 25.13
N PRO N 89 -45.21 -46.73 23.80
CA PRO N 89 -46.06 -45.71 23.16
C PRO N 89 -47.54 -45.92 23.38
N ALA N 90 -48.00 -47.17 23.44
CA ALA N 90 -49.43 -47.43 23.65
C ALA N 90 -49.90 -46.90 25.00
N VAL N 91 -49.17 -47.23 26.07
CA VAL N 91 -49.56 -46.73 27.38
C VAL N 91 -49.37 -45.23 27.46
N ILE N 92 -48.37 -44.68 26.78
CA ILE N 92 -48.18 -43.23 26.78
C ILE N 92 -49.37 -42.53 26.15
N LEU N 93 -49.82 -43.02 24.98
CA LEU N 93 -50.94 -42.39 24.31
C LEU N 93 -52.24 -42.58 25.07
N LEU N 94 -52.41 -43.74 25.71
CA LEU N 94 -53.60 -43.94 26.55
C LEU N 94 -53.59 -42.98 27.74
N ILE N 95 -52.42 -42.77 28.35
CA ILE N 95 -52.29 -41.85 29.47
C ILE N 95 -52.62 -40.43 29.04
N ILE N 96 -52.11 -40.01 27.88
CA ILE N 96 -52.41 -38.65 27.41
C ILE N 96 -53.80 -38.54 26.83
N ALA N 97 -54.48 -39.65 26.57
CA ALA N 97 -55.83 -39.62 26.01
C ALA N 97 -56.92 -39.66 27.08
N PHE N 98 -56.65 -40.25 28.25
CA PHE N 98 -57.65 -40.22 29.31
C PHE N 98 -58.09 -38.81 29.68
N PRO N 99 -57.19 -37.86 29.97
CA PRO N 99 -57.67 -36.46 30.11
C PRO N 99 -58.31 -35.93 28.84
N SER N 100 -57.80 -36.33 27.67
CA SER N 100 -58.46 -35.95 26.43
C SER N 100 -59.84 -36.58 26.34
N PHE N 101 -59.98 -37.83 26.77
CA PHE N 101 -61.29 -38.48 26.76
C PHE N 101 -62.28 -37.73 27.64
N ILE N 102 -61.88 -37.39 28.87
CA ILE N 102 -62.80 -36.69 29.76
C ILE N 102 -63.10 -35.28 29.24
N LEU N 103 -62.10 -34.62 28.64
CA LEU N 103 -62.33 -33.28 28.11
C LEU N 103 -63.33 -33.31 26.95
N LEU N 104 -63.18 -34.27 26.04
CA LEU N 104 -64.13 -34.36 24.94
C LEU N 104 -65.52 -34.75 25.44
N TYR N 105 -65.58 -35.66 26.42
CA TYR N 105 -66.87 -36.07 26.97
C TYR N 105 -67.58 -34.90 27.64
N LEU N 106 -66.82 -34.01 28.28
CA LEU N 106 -67.43 -32.84 28.90
C LEU N 106 -67.81 -31.78 27.86
N CYS N 107 -66.97 -31.59 26.84
CA CYS N 107 -67.19 -30.50 25.90
C CYS N 107 -68.31 -30.80 24.91
N ASP N 108 -68.41 -32.05 24.43
CA ASP N 108 -69.40 -32.35 23.41
C ASP N 108 -70.83 -32.24 23.94
N GLU N 109 -71.01 -32.32 25.25
CA GLU N 109 -72.34 -32.18 25.86
C GLU N 109 -72.65 -30.72 26.13
N VAL N 110 -73.94 -30.43 26.26
CA VAL N 110 -74.44 -29.10 26.57
C VAL N 110 -75.14 -29.17 27.91
N ILE N 111 -74.70 -28.36 28.87
CA ILE N 111 -75.21 -28.37 30.23
C ILE N 111 -75.88 -27.03 30.52
N SER N 112 -77.20 -27.07 30.70
CA SER N 112 -78.00 -25.90 31.03
C SER N 112 -77.72 -24.68 30.13
N PRO N 113 -77.97 -24.81 28.83
CA PRO N 113 -77.87 -23.61 27.97
C PRO N 113 -78.97 -22.62 28.28
N ALA N 114 -78.66 -21.35 28.11
CA ALA N 114 -79.60 -20.27 28.44
C ALA N 114 -80.29 -19.71 27.20
N MET N 115 -79.53 -19.19 26.24
CA MET N 115 -80.11 -18.55 25.06
C MET N 115 -79.30 -18.94 23.84
N THR N 116 -79.71 -18.41 22.68
CA THR N 116 -79.13 -18.78 21.39
C THR N 116 -78.85 -17.54 20.56
N ILE N 117 -77.75 -17.58 19.80
CA ILE N 117 -77.46 -16.60 18.77
C ILE N 117 -77.08 -17.35 17.49
N LYS N 118 -77.61 -16.89 16.37
CA LYS N 118 -77.42 -17.54 15.08
C LYS N 118 -76.74 -16.61 14.10
N ALA N 119 -75.96 -17.19 13.20
CA ALA N 119 -75.22 -16.43 12.19
C ALA N 119 -75.27 -17.19 10.87
N ILE N 120 -76.15 -16.76 9.97
CA ILE N 120 -76.20 -17.28 8.61
C ILE N 120 -75.73 -16.16 7.67
N GLY N 121 -74.44 -16.16 7.38
CA GLY N 121 -73.86 -15.15 6.52
C GLY N 121 -74.00 -15.53 5.05
N TYR N 122 -74.28 -14.53 4.22
CA TYR N 122 -74.41 -14.73 2.79
C TYR N 122 -73.02 -14.76 2.15
N GLN N 123 -72.97 -14.69 0.82
CA GLN N 123 -71.71 -14.77 0.12
C GLN N 123 -70.88 -13.51 0.34
N TRP N 124 -69.63 -13.71 0.76
CA TRP N 124 -68.60 -12.67 0.91
C TRP N 124 -68.88 -11.68 2.02
N TYR N 125 -69.88 -11.92 2.87
CA TYR N 125 -70.11 -11.07 4.04
C TYR N 125 -70.93 -11.84 5.06
N TRP N 126 -70.87 -11.37 6.29
CA TRP N 126 -71.51 -12.03 7.42
C TRP N 126 -72.87 -11.41 7.75
N LYS N 127 -73.78 -12.26 8.22
CA LYS N 127 -75.08 -11.84 8.72
C LYS N 127 -75.37 -12.60 10.01
N TYR N 128 -75.75 -11.87 11.05
CA TYR N 128 -75.99 -12.44 12.36
C TYR N 128 -77.43 -12.21 12.79
N GLU N 129 -77.97 -13.17 13.54
CA GLU N 129 -79.38 -13.17 13.93
C GLU N 129 -79.48 -13.27 15.45
N TYR N 130 -80.31 -12.41 16.03
CA TYR N 130 -80.51 -12.34 17.47
C TYR N 130 -81.97 -12.63 17.82
N SER N 131 -82.52 -13.69 17.22
CA SER N 131 -83.94 -13.99 17.39
C SER N 131 -84.31 -14.34 18.83
N ASP N 132 -83.33 -14.69 19.66
CA ASP N 132 -83.62 -15.01 21.05
C ASP N 132 -84.21 -13.81 21.79
N PHE N 133 -83.64 -12.63 21.57
CA PHE N 133 -84.14 -11.41 22.19
C PHE N 133 -85.16 -10.75 21.28
N ILE N 134 -86.16 -10.13 21.91
CA ILE N 134 -87.21 -9.41 21.20
C ILE N 134 -86.88 -7.93 21.24
N ASN N 135 -86.98 -7.27 20.09
CA ASN N 135 -86.66 -5.85 20.00
C ASN N 135 -87.57 -5.02 20.89
N ASP N 136 -88.87 -5.00 20.58
CA ASP N 136 -89.85 -4.31 21.41
C ASP N 136 -90.91 -5.26 21.95
N SER N 137 -91.57 -6.02 21.07
CA SER N 137 -92.60 -6.96 21.52
C SER N 137 -92.73 -8.04 20.44
N GLY N 138 -92.14 -9.20 20.70
CA GLY N 138 -92.32 -10.35 19.82
C GLY N 138 -91.41 -10.37 18.61
N GLU N 139 -91.20 -9.23 17.97
CA GLU N 139 -90.42 -9.16 16.75
C GLU N 139 -88.95 -9.50 17.02
N THR N 140 -88.30 -10.08 16.02
CA THR N 140 -86.92 -10.52 16.12
C THR N 140 -85.96 -9.34 16.01
N VAL N 141 -84.71 -9.59 16.37
CA VAL N 141 -83.64 -8.61 16.26
C VAL N 141 -82.70 -9.08 15.15
N GLU N 142 -82.49 -8.22 14.16
CA GLU N 142 -81.67 -8.57 13.00
C GLU N 142 -81.04 -7.31 12.44
N PHE N 143 -79.76 -7.40 12.09
CA PHE N 143 -79.04 -6.28 11.51
C PHE N 143 -78.05 -6.81 10.47
N GLU N 144 -77.32 -5.89 9.86
CA GLU N 144 -76.39 -6.21 8.79
C GLU N 144 -74.97 -5.82 9.19
N SER N 145 -74.00 -6.35 8.44
CA SER N 145 -72.59 -6.09 8.71
C SER N 145 -71.79 -6.37 7.46
N TYR N 146 -71.09 -5.35 6.95
CA TYR N 146 -70.31 -5.46 5.72
C TYR N 146 -68.89 -4.98 5.95
N VAL N 147 -67.98 -5.48 5.12
CA VAL N 147 -66.57 -5.15 5.27
C VAL N 147 -66.33 -3.68 4.92
N ILE N 148 -65.23 -3.14 5.46
CA ILE N 148 -64.79 -1.77 5.21
C ILE N 148 -63.52 -1.85 4.37
N PRO N 149 -63.58 -1.48 3.08
CA PRO N 149 -62.38 -1.56 2.23
C PRO N 149 -61.42 -0.41 2.46
N ASP N 150 -60.36 -0.35 1.65
CA ASP N 150 -59.37 0.71 1.77
C ASP N 150 -59.98 2.08 1.52
N GLU N 151 -60.88 2.18 0.54
CA GLU N 151 -61.51 3.46 0.22
C GLU N 151 -62.35 3.95 1.39
N LEU N 152 -63.08 3.05 2.05
CA LEU N 152 -63.89 3.40 3.21
C LEU N 152 -63.10 3.39 4.50
N LEU N 153 -61.81 3.08 4.45
CA LEU N 153 -60.97 2.99 5.64
C LEU N 153 -60.61 4.40 6.09
N GLU N 154 -61.51 4.99 6.89
CA GLU N 154 -61.36 6.35 7.36
C GLU N 154 -60.65 6.35 8.72
N GLU N 155 -60.65 7.51 9.38
CA GLU N 155 -60.00 7.65 10.68
C GLU N 155 -60.94 7.13 11.76
N GLY N 156 -60.74 5.89 12.18
CA GLY N 156 -61.57 5.29 13.20
C GLY N 156 -61.95 3.85 12.91
N GLN N 157 -61.44 3.32 11.79
CA GLN N 157 -61.75 1.97 11.37
C GLN N 157 -60.45 1.21 11.09
N LEU N 158 -60.53 -0.11 11.18
CA LEU N 158 -59.40 -1.00 10.96
C LEU N 158 -59.62 -1.82 9.70
N ARG N 159 -58.56 -1.96 8.90
CA ARG N 159 -58.65 -2.74 7.68
C ARG N 159 -58.67 -4.24 8.01
N LEU N 160 -59.69 -4.93 7.50
CA LEU N 160 -59.95 -6.36 7.69
C LEU N 160 -60.31 -6.71 9.13
N LEU N 161 -60.35 -5.74 10.04
CA LEU N 161 -60.72 -5.98 11.42
C LEU N 161 -61.96 -5.22 11.86
N ASP N 162 -62.45 -4.26 11.07
CA ASP N 162 -63.63 -3.48 11.39
C ASP N 162 -64.72 -3.76 10.37
N THR N 163 -65.92 -4.03 10.87
CA THR N 163 -67.08 -4.34 10.05
C THR N 163 -68.12 -3.25 10.27
N ASP N 164 -69.20 -3.29 9.48
CA ASP N 164 -70.22 -2.25 9.58
C ASP N 164 -70.85 -2.21 10.97
N THR N 165 -71.16 -3.38 11.54
CA THR N 165 -71.76 -3.45 12.85
C THR N 165 -71.09 -4.55 13.66
N SER N 166 -70.85 -4.28 14.94
CA SER N 166 -70.27 -5.26 15.84
C SER N 166 -71.33 -6.26 16.31
N MET N 167 -70.86 -7.39 16.83
CA MET N 167 -71.72 -8.46 17.32
C MET N 167 -71.65 -8.46 18.84
N VAL N 168 -72.78 -8.16 19.49
CA VAL N 168 -72.84 -8.09 20.94
C VAL N 168 -73.16 -9.47 21.50
N VAL N 169 -72.57 -9.78 22.65
CA VAL N 169 -72.71 -11.09 23.29
C VAL N 169 -73.20 -10.88 24.72
N PRO N 170 -74.12 -11.73 25.22
CA PRO N 170 -74.56 -11.61 26.61
C PRO N 170 -73.52 -12.18 27.57
N VAL N 171 -72.92 -11.30 28.37
CA VAL N 171 -71.89 -11.73 29.31
C VAL N 171 -72.51 -12.52 30.45
N ASP N 172 -71.81 -13.57 30.89
CA ASP N 172 -72.27 -14.45 31.96
C ASP N 172 -73.63 -15.07 31.62
N THR N 173 -73.65 -15.83 30.54
CA THR N 173 -74.87 -16.46 30.05
C THR N 173 -74.48 -17.59 29.10
N HIS N 174 -75.05 -18.77 29.33
CA HIS N 174 -74.79 -19.90 28.43
C HIS N 174 -75.48 -19.65 27.09
N ILE N 175 -74.72 -19.80 26.01
CA ILE N 175 -75.16 -19.36 24.70
C ILE N 175 -74.88 -20.45 23.68
N ARG N 176 -75.90 -20.82 22.90
CA ARG N 176 -75.76 -21.77 21.79
C ARG N 176 -75.56 -21.03 20.49
N PHE N 177 -74.85 -21.67 19.56
CA PHE N 177 -74.48 -21.08 18.28
C PHE N 177 -75.08 -21.93 17.17
N VAL N 178 -76.35 -21.68 16.85
CA VAL N 178 -77.02 -22.40 15.78
C VAL N 178 -76.61 -21.77 14.46
N VAL N 179 -75.56 -22.30 13.84
CA VAL N 179 -74.92 -21.67 12.70
C VAL N 179 -75.19 -22.49 11.44
N THR N 180 -75.50 -21.79 10.36
CA THR N 180 -75.66 -22.40 9.05
C THR N 180 -75.30 -21.35 8.00
N ALA N 181 -75.43 -21.73 6.73
CA ALA N 181 -75.08 -20.85 5.63
C ALA N 181 -76.20 -20.85 4.60
N ALA N 182 -76.00 -20.11 3.52
CA ALA N 182 -76.98 -20.00 2.44
C ALA N 182 -76.48 -20.55 1.12
N ASP N 183 -75.31 -20.10 0.66
CA ASP N 183 -74.77 -20.52 -0.62
C ASP N 183 -73.49 -21.33 -0.48
N VAL N 184 -72.50 -20.81 0.27
CA VAL N 184 -71.21 -21.47 0.44
C VAL N 184 -70.94 -21.58 1.94
N ILE N 185 -70.11 -22.56 2.29
CA ILE N 185 -69.78 -22.80 3.69
C ILE N 185 -69.00 -21.61 4.23
N HIS N 186 -69.50 -21.01 5.31
CA HIS N 186 -68.86 -19.88 5.97
C HIS N 186 -68.45 -20.29 7.37
N ASP N 187 -67.21 -19.94 7.74
CA ASP N 187 -66.63 -20.39 9.00
C ASP N 187 -66.78 -19.30 10.05
N PHE N 188 -67.64 -19.56 11.03
CA PHE N 188 -67.81 -18.67 12.18
C PHE N 188 -66.63 -18.87 13.11
N ALA N 189 -65.69 -17.92 13.11
CA ALA N 189 -64.44 -18.05 13.84
C ALA N 189 -64.33 -16.95 14.87
N ILE N 190 -64.24 -17.34 16.14
CA ILE N 190 -63.91 -16.43 17.24
C ILE N 190 -62.83 -17.11 18.08
N PRO N 191 -61.55 -16.85 17.80
CA PRO N 191 -60.48 -17.57 18.51
C PRO N 191 -60.50 -17.38 20.02
N SER N 192 -60.88 -16.19 20.51
CA SER N 192 -60.91 -15.96 21.95
C SER N 192 -61.93 -16.86 22.64
N LEU N 193 -63.11 -17.01 22.05
CA LEU N 193 -64.15 -17.86 22.61
C LEU N 193 -63.89 -19.34 22.38
N GLY N 194 -62.88 -19.70 21.59
CA GLY N 194 -62.62 -21.09 21.30
C GLY N 194 -63.72 -21.76 20.51
N ILE N 195 -64.36 -21.01 19.61
CA ILE N 195 -65.47 -21.50 18.82
C ILE N 195 -65.11 -21.39 17.34
N LYS N 196 -65.33 -22.47 16.59
CA LYS N 196 -65.18 -22.43 15.15
C LYS N 196 -65.88 -23.65 14.56
N VAL N 197 -66.90 -23.42 13.74
CA VAL N 197 -67.65 -24.49 13.09
C VAL N 197 -67.91 -24.09 11.64
N ASP N 198 -67.56 -24.97 10.72
CA ASP N 198 -67.90 -24.75 9.32
C ASP N 198 -69.39 -25.01 9.11
N ALA N 199 -70.07 -24.05 8.49
CA ALA N 199 -71.52 -24.05 8.37
C ALA N 199 -71.92 -24.46 6.95
N THR N 200 -72.36 -25.70 6.79
CA THR N 200 -72.88 -26.14 5.52
C THR N 200 -74.19 -25.41 5.21
N PRO N 201 -74.37 -24.90 3.98
CA PRO N 201 -75.60 -24.14 3.69
C PRO N 201 -76.87 -24.91 3.92
N GLY N 202 -76.89 -26.21 3.63
CA GLY N 202 -78.10 -27.00 3.80
C GLY N 202 -78.24 -27.60 5.18
N ARG N 203 -77.15 -27.68 5.93
CA ARG N 203 -77.15 -28.34 7.23
C ARG N 203 -77.40 -27.32 8.34
N LEU N 204 -77.29 -27.77 9.59
CA LEU N 204 -77.46 -26.91 10.75
C LEU N 204 -76.63 -27.47 11.89
N ASN N 205 -75.80 -26.63 12.50
CA ASN N 205 -74.90 -27.04 13.57
C ASN N 205 -75.00 -26.07 14.73
N GLN N 206 -74.94 -26.61 15.95
CA GLN N 206 -74.96 -25.80 17.16
C GLN N 206 -73.87 -26.27 18.11
N VAL N 207 -73.29 -25.32 18.84
CA VAL N 207 -72.27 -25.62 19.84
C VAL N 207 -72.59 -24.84 21.11
N SER N 208 -72.01 -25.28 22.22
CA SER N 208 -72.27 -24.71 23.53
C SER N 208 -71.04 -23.94 24.02
N ALA N 209 -71.29 -22.73 24.53
CA ALA N 209 -70.24 -21.89 25.08
C ALA N 209 -70.89 -20.82 25.95
N LEU N 210 -70.06 -20.06 26.64
CA LEU N 210 -70.54 -18.93 27.43
C LEU N 210 -69.36 -18.02 27.73
N ILE N 211 -69.52 -16.73 27.49
CA ILE N 211 -68.47 -15.76 27.73
C ILE N 211 -68.43 -15.42 29.22
N GLN N 212 -67.23 -15.28 29.76
CA GLN N 212 -67.04 -15.06 31.19
C GLN N 212 -66.71 -13.61 31.53
N ARG N 213 -65.95 -12.92 30.68
CA ARG N 213 -65.51 -11.56 30.94
C ARG N 213 -66.10 -10.61 29.90
N GLU N 214 -65.81 -9.32 30.08
CA GLU N 214 -66.21 -8.28 29.15
C GLU N 214 -65.02 -7.83 28.33
N GLY N 215 -65.16 -7.84 27.02
CA GLY N 215 -64.05 -7.45 26.15
C GLY N 215 -64.48 -7.48 24.71
N VAL N 216 -63.57 -7.05 23.84
CA VAL N 216 -63.78 -7.01 22.40
C VAL N 216 -62.88 -8.05 21.75
N PHE N 217 -63.46 -8.88 20.89
CA PHE N 217 -62.72 -9.91 20.16
C PHE N 217 -62.98 -9.77 18.67
N TYR N 218 -61.98 -10.13 17.88
CA TYR N 218 -62.07 -10.05 16.43
C TYR N 218 -61.92 -11.44 15.81
N GLY N 219 -62.61 -11.65 14.70
CA GLY N 219 -62.57 -12.91 13.99
C GLY N 219 -62.55 -12.69 12.50
N ALA N 220 -62.53 -13.80 11.76
CA ALA N 220 -62.52 -13.76 10.31
C ALA N 220 -63.19 -15.03 9.79
N CYS N 221 -63.11 -15.23 8.48
CA CYS N 221 -63.70 -16.38 7.81
C CYS N 221 -62.57 -17.31 7.38
N SER N 222 -62.35 -18.37 8.13
CA SER N 222 -61.31 -19.35 7.79
C SER N 222 -61.90 -20.50 6.99
N GLU N 223 -62.55 -20.14 5.88
CA GLU N 223 -63.12 -21.10 4.94
C GLU N 223 -63.43 -20.37 3.65
N LEU N 224 -62.95 -20.90 2.53
CA LEU N 224 -63.07 -20.21 1.25
C LEU N 224 -64.52 -19.92 0.91
N CYS N 225 -64.77 -18.70 0.44
CA CYS N 225 -66.09 -18.28 0.00
C CYS N 225 -66.16 -18.00 -1.49
N GLY N 226 -65.23 -17.21 -2.02
CA GLY N 226 -65.21 -16.89 -3.44
C GLY N 226 -64.27 -15.74 -3.75
N THR N 227 -64.71 -14.81 -4.59
CA THR N 227 -63.90 -13.63 -4.89
C THR N 227 -63.74 -12.75 -3.65
N GLY N 228 -64.82 -12.56 -2.89
CA GLY N 228 -64.77 -11.74 -1.70
C GLY N 228 -64.68 -12.55 -0.42
N HIS N 229 -63.92 -13.65 -0.47
CA HIS N 229 -63.72 -14.46 0.73
C HIS N 229 -62.89 -13.73 1.76
N ALA N 230 -61.86 -12.99 1.33
CA ALA N 230 -60.95 -12.35 2.25
C ALA N 230 -61.63 -11.27 3.07
N ASN N 231 -62.39 -10.39 2.41
CA ASN N 231 -63.02 -9.26 3.07
C ASN N 231 -64.37 -9.67 3.68
N MET N 232 -64.30 -10.68 4.55
CA MET N 232 -65.46 -11.16 5.31
C MET N 232 -65.03 -11.34 6.77
N PRO N 233 -64.84 -10.26 7.50
CA PRO N 233 -64.36 -10.35 8.88
C PRO N 233 -65.49 -10.62 9.87
N ILE N 234 -65.09 -10.92 11.10
CA ILE N 234 -66.01 -11.06 12.23
C ILE N 234 -65.55 -10.10 13.32
N LYS N 235 -66.44 -9.21 13.74
CA LYS N 235 -66.15 -8.22 14.77
C LYS N 235 -67.20 -8.33 15.86
N ILE N 236 -66.80 -8.89 17.01
CA ILE N 236 -67.70 -9.04 18.13
C ILE N 236 -67.20 -8.19 19.30
N GLU N 237 -68.01 -8.09 20.34
CA GLU N 237 -67.66 -7.31 21.53
C GLU N 237 -68.53 -7.76 22.68
N ALA N 238 -68.15 -7.33 23.88
CA ALA N 238 -68.92 -7.58 25.09
C ALA N 238 -69.02 -6.29 25.89
N VAL N 239 -70.20 -6.05 26.47
CA VAL N 239 -70.47 -4.88 27.29
C VAL N 239 -71.19 -5.33 28.55
N SER N 240 -71.59 -4.36 29.37
CA SER N 240 -72.32 -4.66 30.59
C SER N 240 -73.72 -5.18 30.26
N LEU N 241 -74.28 -5.97 31.18
CA LEU N 241 -75.58 -6.57 30.96
C LEU N 241 -76.69 -5.55 30.73
N PRO N 242 -76.83 -4.48 31.54
CA PRO N 242 -77.85 -3.47 31.19
C PRO N 242 -77.63 -2.85 29.82
N LYS N 243 -76.38 -2.58 29.45
CA LYS N 243 -76.10 -2.02 28.14
C LYS N 243 -76.45 -2.99 27.02
N PHE N 244 -76.14 -4.28 27.22
CA PHE N 244 -76.46 -5.29 26.22
C PHE N 244 -77.98 -5.43 26.05
N LEU N 245 -78.71 -5.48 27.16
CA LEU N 245 -80.16 -5.55 27.09
C LEU N 245 -80.75 -4.32 26.42
N GLU N 246 -80.21 -3.14 26.72
CA GLU N 246 -80.69 -1.92 26.08
C GLU N 246 -80.41 -1.94 24.58
N TRP N 247 -79.24 -2.44 24.18
CA TRP N 247 -78.92 -2.51 22.76
C TRP N 247 -79.87 -3.46 22.04
N LEU N 248 -80.15 -4.62 22.63
CA LEU N 248 -81.13 -5.52 22.01
C LEU N 248 -82.54 -4.95 22.04
N ASN N 249 -82.82 -4.05 22.99
CA ASN N 249 -84.12 -3.39 23.04
C ASN N 249 -84.27 -2.37 21.91
N GLU N 250 -83.24 -1.55 21.68
CA GLU N 250 -83.36 -0.50 20.68
C GLU N 250 -83.25 -1.05 19.26
N GLN N 251 -82.38 -2.02 19.03
CA GLN N 251 -82.16 -2.56 17.69
C GLN N 251 -83.30 -3.46 17.26
N ASP O 45 -30.86 -62.92 18.90
CA ASP O 45 -31.41 -64.07 19.59
C ASP O 45 -30.30 -64.76 20.39
N GLU O 46 -29.31 -63.96 20.77
CA GLU O 46 -28.11 -64.41 21.48
C GLU O 46 -27.62 -65.76 20.97
N GLU O 47 -27.36 -65.79 19.66
CA GLU O 47 -26.91 -67.01 19.00
C GLU O 47 -25.48 -67.34 19.43
N THR O 48 -25.05 -68.55 19.08
CA THR O 48 -23.70 -68.98 19.42
C THR O 48 -22.66 -68.14 18.69
N PHE O 49 -21.53 -67.92 19.36
CA PHE O 49 -20.43 -67.15 18.80
C PHE O 49 -19.20 -68.00 18.46
N GLU O 50 -19.06 -69.18 19.06
CA GLU O 50 -17.95 -70.06 18.73
C GLU O 50 -18.10 -70.70 17.36
N GLU O 51 -19.31 -70.74 16.81
CA GLU O 51 -19.50 -71.25 15.46
C GLU O 51 -18.78 -70.38 14.45
N PHE O 52 -18.88 -69.06 14.59
CA PHE O 52 -18.15 -68.16 13.70
C PHE O 52 -16.65 -68.26 13.92
N THR O 53 -16.22 -68.51 15.16
CA THR O 53 -14.80 -68.75 15.40
C THR O 53 -14.31 -69.98 14.65
N ALA O 54 -15.03 -71.11 14.80
CA ALA O 54 -14.67 -72.32 14.07
C ALA O 54 -14.71 -72.10 12.56
N ARG O 55 -15.63 -71.26 12.09
CA ARG O 55 -15.60 -70.86 10.69
C ARG O 55 -14.30 -70.13 10.36
N TYR O 56 -13.82 -69.29 11.27
CA TYR O 56 -12.56 -68.60 11.05
C TYR O 56 -11.40 -69.59 10.92
N GLU O 57 -11.33 -70.59 11.81
CA GLU O 57 -10.23 -71.55 11.68
C GLU O 57 -10.39 -72.44 10.44
N LYS O 58 -11.62 -72.80 10.07
CA LYS O 58 -11.77 -73.64 8.88
C LYS O 58 -11.46 -72.87 7.60
N GLU O 59 -11.67 -71.55 7.61
CA GLU O 59 -11.21 -70.74 6.49
C GLU O 59 -9.71 -70.53 6.55
N PHE O 60 -9.12 -70.56 7.75
CA PHE O 60 -7.67 -70.56 7.86
C PHE O 60 -7.08 -71.81 7.24
N ASP O 61 -7.73 -72.96 7.44
CA ASP O 61 -7.30 -74.18 6.77
C ASP O 61 -7.43 -74.06 5.26
N GLU O 62 -8.36 -73.23 4.79
CA GLU O 62 -8.55 -72.97 3.37
C GLU O 62 -7.95 -71.63 2.95
N ALA O 63 -7.18 -70.99 3.83
CA ALA O 63 -6.62 -69.68 3.53
C ALA O 63 -5.68 -69.77 2.33
N TYR O 64 -5.82 -68.81 1.41
CA TYR O 64 -5.02 -68.79 0.19
C TYR O 64 -4.34 -67.45 -0.08
N ASP O 65 -4.66 -66.40 0.68
CA ASP O 65 -4.04 -65.09 0.49
C ASP O 65 -4.33 -64.23 1.71
N LEU O 66 -3.82 -63.00 1.67
CA LEU O 66 -4.06 -62.04 2.74
C LEU O 66 -5.51 -61.55 2.72
N PHE O 67 -6.21 -61.73 1.59
CA PHE O 67 -7.62 -61.37 1.50
C PHE O 67 -8.46 -62.08 2.55
N GLU O 68 -8.24 -63.38 2.74
CA GLU O 68 -8.99 -64.13 3.74
C GLU O 68 -8.66 -63.62 5.15
N VAL O 69 -7.41 -63.23 5.37
CA VAL O 69 -7.02 -62.65 6.66
C VAL O 69 -7.79 -61.36 6.92
N GLN O 70 -7.87 -60.50 5.90
CA GLN O 70 -8.63 -59.27 6.04
C GLN O 70 -10.09 -59.57 6.35
N ARG O 71 -10.67 -60.52 5.62
CA ARG O 71 -12.09 -60.84 5.82
C ARG O 71 -12.35 -61.37 7.22
N VAL O 72 -11.51 -62.29 7.69
CA VAL O 72 -11.75 -62.88 9.01
C VAL O 72 -11.50 -61.85 10.10
N LEU O 73 -10.50 -60.97 9.93
CA LEU O 73 -10.26 -59.92 10.92
C LEU O 73 -11.45 -58.97 10.99
N ASN O 74 -11.99 -58.57 9.82
CA ASN O 74 -13.14 -57.69 9.82
C ASN O 74 -14.35 -58.36 10.47
N ASN O 75 -14.59 -59.63 10.15
CA ASN O 75 -15.74 -60.33 10.73
C ASN O 75 -15.58 -60.48 12.25
N CYS O 76 -14.39 -60.82 12.72
CA CYS O 76 -14.17 -61.01 14.14
C CYS O 76 -14.30 -59.70 14.90
N PHE O 77 -13.65 -58.64 14.41
CA PHE O 77 -13.71 -57.36 15.09
C PHE O 77 -15.09 -56.70 14.99
N SER O 78 -15.90 -57.08 13.99
CA SER O 78 -17.24 -56.53 13.88
C SER O 78 -18.13 -56.99 15.04
N TYR O 79 -17.92 -58.21 15.53
CA TYR O 79 -18.75 -58.75 16.59
C TYR O 79 -18.49 -58.02 17.90
N ASP O 80 -19.48 -58.09 18.80
CA ASP O 80 -19.35 -57.49 20.12
C ASP O 80 -18.39 -58.24 21.02
N LEU O 81 -18.02 -59.47 20.65
CA LEU O 81 -17.15 -60.28 21.50
C LEU O 81 -15.73 -59.74 21.51
N VAL O 82 -15.13 -59.74 22.71
CA VAL O 82 -13.73 -59.38 22.85
C VAL O 82 -12.87 -60.61 22.60
N PRO O 83 -11.91 -60.58 21.68
CA PRO O 83 -11.16 -61.78 21.34
C PRO O 83 -10.18 -62.16 22.45
N ALA O 84 -10.16 -63.44 22.78
CA ALA O 84 -9.21 -63.97 23.75
C ALA O 84 -7.81 -63.96 23.15
N PRO O 85 -6.77 -64.04 23.99
CA PRO O 85 -5.40 -64.09 23.45
C PRO O 85 -5.17 -65.26 22.49
N ALA O 86 -5.91 -66.37 22.66
CA ALA O 86 -5.74 -67.49 21.76
C ALA O 86 -6.18 -67.14 20.34
N VAL O 87 -7.39 -66.61 20.19
CA VAL O 87 -7.87 -66.25 18.85
C VAL O 87 -7.11 -65.05 18.32
N ILE O 88 -6.66 -64.15 19.19
CA ILE O 88 -5.82 -63.04 18.75
C ILE O 88 -4.52 -63.55 18.17
N GLU O 89 -3.89 -64.53 18.83
CA GLU O 89 -2.66 -65.11 18.30
C GLU O 89 -2.92 -65.87 17.01
N LYS O 90 -4.09 -66.52 16.91
CA LYS O 90 -4.45 -67.19 15.66
C LYS O 90 -4.57 -66.18 14.52
N ALA O 91 -5.21 -65.04 14.77
CA ALA O 91 -5.31 -64.00 13.75
C ALA O 91 -3.93 -63.44 13.40
N LEU O 92 -3.07 -63.28 14.41
CA LEU O 92 -1.73 -62.77 14.16
C LEU O 92 -0.93 -63.73 13.29
N ARG O 93 -1.00 -65.04 13.57
CA ARG O 93 -0.28 -65.99 12.75
C ARG O 93 -0.89 -66.10 11.36
N ALA O 94 -2.21 -65.91 11.24
CA ALA O 94 -2.82 -65.87 9.92
C ALA O 94 -2.29 -64.69 9.11
N ALA O 95 -2.16 -63.52 9.75
CA ALA O 95 -1.61 -62.35 9.07
C ALA O 95 -0.14 -62.53 8.74
N ARG O 96 0.61 -63.21 9.61
CA ARG O 96 2.03 -63.44 9.38
C ARG O 96 2.33 -64.60 8.43
N ARG O 97 1.32 -65.41 8.10
CA ARG O 97 1.54 -66.46 7.10
C ARG O 97 1.98 -65.88 5.77
N VAL O 98 1.58 -64.63 5.47
CA VAL O 98 2.14 -63.92 4.33
C VAL O 98 3.29 -63.01 4.72
N ASN O 99 3.58 -62.88 6.02
CA ASN O 99 4.67 -62.06 6.54
C ASN O 99 4.53 -60.60 6.06
N ASP O 100 3.44 -59.97 6.49
CA ASP O 100 3.17 -58.57 6.18
C ASP O 100 3.15 -57.79 7.49
N LEU O 101 4.27 -57.13 7.79
CA LEU O 101 4.35 -56.31 8.99
C LEU O 101 3.28 -55.23 9.07
N PRO O 102 2.89 -54.54 7.98
CA PRO O 102 1.76 -53.61 8.09
C PRO O 102 0.49 -54.26 8.61
N THR O 103 0.23 -55.52 8.27
CA THR O 103 -0.93 -56.19 8.86
C THR O 103 -0.76 -56.39 10.35
N ALA O 104 0.47 -56.63 10.81
CA ALA O 104 0.73 -56.69 12.24
C ALA O 104 0.44 -55.35 12.91
N ILE O 105 0.85 -54.25 12.28
CA ILE O 105 0.51 -52.93 12.80
C ILE O 105 -1.00 -52.77 12.87
N ARG O 106 -1.69 -53.17 11.81
CA ARG O 106 -3.14 -53.08 11.76
C ARG O 106 -3.78 -53.82 12.93
N VAL O 107 -3.39 -55.08 13.13
CA VAL O 107 -4.02 -55.89 14.16
C VAL O 107 -3.68 -55.38 15.55
N PHE O 108 -2.44 -54.91 15.75
CA PHE O 108 -2.07 -54.42 17.08
C PHE O 108 -2.79 -53.13 17.42
N GLU O 109 -2.82 -52.16 16.49
CA GLU O 109 -3.53 -50.92 16.76
C GLU O 109 -5.04 -51.11 16.76
N ALA O 110 -5.54 -52.21 16.16
CA ALA O 110 -6.95 -52.54 16.28
C ALA O 110 -7.25 -53.12 17.66
N LEU O 111 -6.37 -53.97 18.18
CA LEU O 111 -6.51 -54.42 19.56
C LEU O 111 -6.47 -53.25 20.52
N LYS O 112 -5.59 -52.28 20.27
CA LYS O 112 -5.52 -51.10 21.14
C LYS O 112 -6.80 -50.26 21.05
N TYR O 113 -7.52 -50.34 19.93
CA TYR O 113 -8.69 -49.49 19.72
C TYR O 113 -9.84 -50.28 19.10
N LYS O 114 -10.11 -51.47 19.64
CA LYS O 114 -11.19 -52.29 19.10
C LYS O 114 -12.54 -51.84 19.63
N VAL O 115 -12.75 -51.92 20.93
CA VAL O 115 -14.02 -51.57 21.56
C VAL O 115 -13.70 -50.79 22.83
N GLU O 116 -14.52 -49.76 23.09
CA GLU O 116 -14.35 -48.98 24.32
C GLU O 116 -14.44 -49.88 25.55
N ASN O 117 -15.52 -50.67 25.63
CA ASN O 117 -15.70 -51.65 26.70
C ASN O 117 -15.52 -51.01 28.07
N GLU O 118 -16.15 -49.84 28.25
CA GLU O 118 -16.01 -49.04 29.46
C GLU O 118 -14.55 -48.65 29.71
N ASP O 119 -13.82 -48.37 28.62
CA ASP O 119 -12.46 -47.87 28.66
C ASP O 119 -11.52 -48.84 29.40
N GLN O 120 -11.38 -50.03 28.82
CA GLN O 120 -10.46 -51.03 29.35
C GLN O 120 -9.06 -50.76 28.83
N TYR O 121 -8.12 -50.47 29.74
CA TYR O 121 -6.73 -50.19 29.37
C TYR O 121 -5.76 -51.24 29.88
N LYS O 122 -5.73 -51.49 31.20
CA LYS O 122 -4.66 -52.30 31.78
C LYS O 122 -4.63 -53.70 31.18
N ALA O 123 -5.81 -54.30 30.96
CA ALA O 123 -5.85 -55.58 30.25
C ALA O 123 -5.30 -55.43 28.85
N TYR O 124 -5.68 -54.35 28.15
CA TYR O 124 -5.14 -54.09 26.83
C TYR O 124 -3.63 -53.89 26.87
N LEU O 125 -3.12 -53.17 27.88
CA LEU O 125 -1.68 -52.97 28.00
C LEU O 125 -0.94 -54.28 28.16
N ASP O 126 -1.38 -55.13 29.10
CA ASP O 126 -0.66 -56.39 29.30
C ASP O 126 -0.78 -57.30 28.08
N GLU O 127 -1.97 -57.33 27.46
CA GLU O 127 -2.15 -58.18 26.29
C GLU O 127 -1.28 -57.74 25.13
N LEU O 128 -1.20 -56.43 24.88
CA LEU O 128 -0.33 -55.93 23.82
C LEU O 128 1.13 -56.19 24.16
N LYS O 129 1.50 -56.07 25.44
CA LYS O 129 2.87 -56.34 25.83
C LYS O 129 3.26 -57.77 25.55
N ASP O 130 2.38 -58.73 25.86
CA ASP O 130 2.75 -60.13 25.63
C ASP O 130 2.70 -60.49 24.14
N VAL O 131 1.70 -60.01 23.41
CA VAL O 131 1.66 -60.27 21.98
C VAL O 131 2.74 -59.53 21.22
N ARG O 132 3.41 -58.56 21.87
CA ARG O 132 4.59 -57.93 21.29
C ARG O 132 5.84 -58.73 21.63
N GLN O 133 6.01 -59.10 22.90
CA GLN O 133 7.20 -59.83 23.32
C GLN O 133 7.27 -61.23 22.72
N GLU O 134 6.15 -61.80 22.28
CA GLU O 134 6.21 -63.11 21.64
C GLU O 134 7.02 -63.07 20.36
N LEU O 135 6.88 -62.02 19.56
CA LEU O 135 7.62 -61.88 18.31
C LEU O 135 8.49 -60.63 18.27
N GLY O 136 7.93 -59.48 18.62
CA GLY O 136 8.67 -58.23 18.60
C GLY O 136 8.33 -57.35 17.41
N VAL O 137 7.45 -56.38 17.62
CA VAL O 137 7.04 -55.46 16.56
C VAL O 137 7.08 -54.04 17.13
N PRO O 138 8.26 -53.43 17.30
CA PRO O 138 8.30 -52.08 17.85
C PRO O 138 7.82 -51.03 16.86
N LEU O 139 6.65 -50.46 17.11
CA LEU O 139 6.10 -49.41 16.26
C LEU O 139 5.56 -48.22 17.03
N LYS O 140 5.18 -48.38 18.31
CA LYS O 140 4.60 -47.28 19.08
C LYS O 140 5.58 -46.17 19.37
N GLU O 141 6.87 -46.40 19.14
CA GLU O 141 7.89 -45.37 19.34
C GLU O 141 8.02 -44.42 18.17
N GLU O 142 7.26 -44.62 17.09
CA GLU O 142 7.36 -43.80 15.89
C GLU O 142 6.12 -42.94 15.67
N LEU O 143 4.93 -43.54 15.64
CA LEU O 143 3.73 -42.75 15.34
C LEU O 143 3.30 -41.90 16.53
N PHE O 144 3.52 -42.39 17.76
CA PHE O 144 3.15 -41.59 18.92
C PHE O 144 3.89 -40.26 19.01
N PRO O 145 5.22 -40.20 18.83
CA PRO O 145 5.86 -38.87 18.85
C PRO O 145 5.64 -38.11 17.54
N SER O 146 4.42 -37.62 17.35
CA SER O 146 4.07 -36.89 16.15
C SER O 146 3.33 -35.59 16.50
N THR P 2 -7.62 -61.56 29.00
CA THR P 2 -7.89 -62.99 28.93
C THR P 2 -9.22 -63.34 29.59
N ILE P 3 -10.14 -62.38 29.59
CA ILE P 3 -11.46 -62.58 30.20
C ILE P 3 -12.33 -63.38 29.23
N ALA P 4 -12.82 -64.53 29.68
CA ALA P 4 -13.63 -65.41 28.85
C ALA P 4 -15.08 -64.95 28.74
N PRO P 5 -15.79 -64.64 29.86
CA PRO P 5 -17.20 -64.24 29.72
C PRO P 5 -17.36 -62.86 29.11
N ILE P 6 -17.81 -62.80 27.86
CA ILE P 6 -17.93 -61.56 27.11
C ILE P 6 -19.36 -61.51 26.57
N THR P 7 -19.67 -60.47 25.78
CA THR P 7 -21.00 -60.27 25.18
C THR P 7 -22.05 -60.03 26.27
N GLY P 8 -21.84 -58.96 27.03
CA GLY P 8 -22.80 -58.53 28.02
C GLY P 8 -22.96 -57.02 28.04
N THR P 9 -22.76 -56.38 26.89
CA THR P 9 -22.81 -54.93 26.78
C THR P 9 -23.99 -54.42 25.97
N ILE P 10 -24.75 -55.30 25.31
CA ILE P 10 -25.84 -54.85 24.46
C ILE P 10 -26.99 -54.28 25.29
N LYS P 11 -27.25 -54.87 26.46
CA LYS P 11 -28.46 -54.55 27.21
C LYS P 11 -28.42 -53.14 27.78
N ARG P 12 -27.33 -52.79 28.45
CA ARG P 12 -27.29 -51.57 29.26
C ARG P 12 -27.02 -50.30 28.45
N ARG P 13 -26.43 -50.43 27.24
CA ARG P 13 -26.13 -49.26 26.44
C ARG P 13 -27.41 -48.51 26.05
N VAL P 14 -28.37 -49.24 25.47
CA VAL P 14 -29.62 -48.60 25.06
C VAL P 14 -30.38 -48.07 26.27
N ILE P 15 -30.31 -48.77 27.40
CA ILE P 15 -31.04 -48.35 28.59
C ILE P 15 -30.50 -47.02 29.10
N MET P 16 -29.17 -46.91 29.24
CA MET P 16 -28.61 -45.65 29.70
C MET P 16 -28.85 -44.54 28.69
N ASP P 17 -28.77 -44.86 27.40
CA ASP P 17 -29.02 -43.84 26.38
C ASP P 17 -30.45 -43.31 26.47
N ILE P 18 -31.43 -44.20 26.62
CA ILE P 18 -32.82 -43.74 26.63
C ILE P 18 -33.12 -42.98 27.92
N VAL P 19 -32.60 -43.42 29.06
CA VAL P 19 -32.90 -42.70 30.29
C VAL P 19 -32.23 -41.33 30.29
N LEU P 20 -30.99 -41.24 29.78
CA LEU P 20 -30.32 -39.95 29.70
C LEU P 20 -31.06 -39.01 28.75
N GLY P 21 -31.49 -39.53 27.60
CA GLY P 21 -32.24 -38.70 26.67
C GLY P 21 -33.54 -38.20 27.26
N PHE P 22 -34.28 -39.09 27.95
CA PHE P 22 -35.53 -38.67 28.57
C PHE P 22 -35.28 -37.59 29.61
N SER P 23 -34.27 -37.77 30.46
CA SER P 23 -33.99 -36.77 31.50
C SER P 23 -33.61 -35.43 30.89
N LEU P 24 -32.73 -35.45 29.87
CA LEU P 24 -32.28 -34.20 29.28
C LEU P 24 -33.42 -33.48 28.57
N GLY P 25 -34.21 -34.21 27.79
CA GLY P 25 -35.34 -33.59 27.12
C GLY P 25 -36.36 -33.05 28.10
N GLY P 26 -36.64 -33.81 29.17
CA GLY P 26 -37.57 -33.34 30.17
C GLY P 26 -37.11 -32.06 30.83
N VAL P 27 -35.83 -32.00 31.22
CA VAL P 27 -35.31 -30.79 31.87
C VAL P 27 -35.36 -29.60 30.91
N MET P 28 -34.89 -29.81 29.68
CA MET P 28 -34.81 -28.72 28.71
C MET P 28 -36.19 -28.16 28.40
N ALA P 29 -37.17 -29.04 28.18
CA ALA P 29 -38.53 -28.57 27.95
C ALA P 29 -39.11 -27.91 29.20
N SER P 30 -38.89 -28.53 30.36
CA SER P 30 -39.55 -28.09 31.59
C SER P 30 -39.08 -26.72 32.04
N TYR P 31 -37.85 -26.33 31.70
CA TYR P 31 -37.42 -24.97 32.06
C TYR P 31 -38.40 -23.93 31.52
N TRP P 32 -38.49 -23.83 30.20
CA TRP P 32 -39.38 -22.84 29.59
C TRP P 32 -40.84 -23.18 29.83
N TRP P 33 -41.18 -24.46 29.95
CA TRP P 33 -42.57 -24.82 30.23
C TRP P 33 -43.00 -24.25 31.58
N TRP P 34 -42.20 -24.44 32.62
CA TRP P 34 -42.54 -23.91 33.93
C TRP P 34 -42.51 -22.39 33.95
N GLY P 35 -41.55 -21.78 33.25
CA GLY P 35 -41.54 -20.32 33.20
C GLY P 35 -42.78 -19.74 32.57
N PHE P 36 -43.13 -20.21 31.37
CA PHE P 36 -44.29 -19.68 30.69
C PHE P 36 -45.58 -20.10 31.39
N HIS P 37 -45.56 -21.23 32.08
CA HIS P 37 -46.73 -21.68 32.84
C HIS P 37 -46.97 -20.80 34.05
N MET P 38 -45.92 -20.41 34.78
CA MET P 38 -46.13 -19.52 35.91
C MET P 38 -46.54 -18.13 35.44
N ASP P 39 -46.00 -17.69 34.30
CA ASP P 39 -46.49 -16.44 33.71
C ASP P 39 -47.99 -16.52 33.43
N LYS P 40 -48.42 -17.59 32.77
CA LYS P 40 -49.84 -17.76 32.46
C LYS P 40 -50.68 -17.87 33.72
N ILE P 41 -50.16 -18.55 34.76
CA ILE P 41 -50.97 -18.78 35.95
C ILE P 41 -51.14 -17.48 36.72
N ASN P 42 -50.10 -16.62 36.77
CA ASN P 42 -50.28 -15.34 37.43
C ASN P 42 -51.21 -14.43 36.64
N LYS P 43 -51.10 -14.47 35.30
CA LYS P 43 -52.03 -13.70 34.48
C LYS P 43 -53.47 -14.18 34.66
N ARG P 44 -53.66 -15.50 34.76
CA ARG P 44 -54.99 -16.06 34.93
C ARG P 44 -55.54 -15.74 36.33
N GLU P 45 -54.69 -15.74 37.35
CA GLU P 45 -55.15 -15.33 38.67
C GLU P 45 -55.56 -13.86 38.68
N LYS P 46 -54.80 -13.01 38.00
CA LYS P 46 -55.20 -11.60 37.86
C LYS P 46 -56.54 -11.50 37.15
N PHE P 47 -56.71 -12.23 36.05
CA PHE P 47 -57.96 -12.17 35.30
C PHE P 47 -59.13 -12.66 36.15
N TYR P 48 -58.92 -13.70 36.94
CA TYR P 48 -59.93 -14.14 37.90
C TYR P 48 -60.22 -13.04 38.92
N ALA P 49 -59.21 -12.25 39.28
CA ALA P 49 -59.44 -11.14 40.20
C ALA P 49 -60.40 -10.12 39.58
N GLU P 50 -60.16 -9.72 38.32
CA GLU P 50 -61.11 -8.81 37.70
C GLU P 50 -62.47 -9.46 37.48
N LEU P 51 -62.50 -10.76 37.19
CA LEU P 51 -63.79 -11.44 37.03
C LEU P 51 -64.60 -11.41 38.32
N ALA P 52 -63.93 -11.64 39.46
CA ALA P 52 -64.61 -11.57 40.75
C ALA P 52 -65.04 -10.13 41.06
N GLU P 53 -64.16 -9.15 40.81
CA GLU P 53 -64.52 -7.77 41.12
C GLU P 53 -65.61 -7.23 40.21
N ARG P 54 -65.81 -7.84 39.04
CA ARG P 54 -66.91 -7.41 38.18
C ARG P 54 -68.26 -7.62 38.84
N LYS P 55 -68.45 -8.77 39.48
CA LYS P 55 -69.68 -9.06 40.20
C LYS P 55 -69.63 -8.65 41.66
N LYS P 56 -68.49 -8.17 42.14
CA LYS P 56 -68.36 -7.74 43.53
C LYS P 56 -68.40 -6.22 43.62
N LEU Q 13 -30.28 -78.81 -43.64
CA LEU Q 13 -29.57 -79.14 -42.42
C LEU Q 13 -29.06 -77.88 -41.73
N PRO Q 14 -29.74 -77.46 -40.67
CA PRO Q 14 -29.32 -76.27 -39.92
C PRO Q 14 -27.93 -76.46 -39.31
N PRO Q 15 -27.12 -75.41 -39.27
CA PRO Q 15 -25.76 -75.53 -38.72
C PRO Q 15 -25.79 -75.48 -37.20
N ASN Q 16 -25.50 -76.61 -36.57
CA ASN Q 16 -25.38 -76.72 -35.13
C ASN Q 16 -24.05 -77.35 -34.80
N ALA Q 17 -23.28 -76.70 -33.92
CA ALA Q 17 -21.93 -77.19 -33.61
C ALA Q 17 -21.97 -78.31 -32.58
N LEU Q 18 -22.39 -78.01 -31.36
CA LEU Q 18 -22.53 -79.03 -30.32
C LEU Q 18 -23.96 -79.16 -29.84
N LYS Q 19 -24.56 -78.10 -29.32
CA LYS Q 19 -25.92 -78.11 -28.76
C LYS Q 19 -26.35 -76.69 -28.42
N PRO Q 20 -27.64 -76.35 -28.63
CA PRO Q 20 -28.16 -75.03 -28.24
C PRO Q 20 -28.68 -75.00 -26.81
N ALA Q 21 -27.90 -75.53 -25.87
CA ALA Q 21 -28.21 -75.50 -24.44
C ALA Q 21 -29.64 -75.97 -24.17
N PHE Q 22 -29.87 -77.25 -24.44
CA PHE Q 22 -31.19 -77.84 -24.24
C PHE Q 22 -31.69 -77.65 -22.81
N GLY Q 23 -30.78 -77.61 -21.84
CA GLY Q 23 -31.15 -77.27 -20.49
C GLY Q 23 -31.00 -78.42 -19.51
N PRO Q 24 -31.39 -78.17 -18.26
CA PRO Q 24 -31.28 -79.21 -17.23
C PRO Q 24 -32.20 -80.38 -17.51
N PRO Q 25 -31.94 -81.55 -16.93
CA PRO Q 25 -32.82 -82.69 -17.16
C PRO Q 25 -34.24 -82.43 -16.64
N ASP Q 26 -35.20 -83.06 -17.32
CA ASP Q 26 -36.61 -82.85 -16.98
C ASP Q 26 -36.96 -83.52 -15.66
N LYS Q 27 -38.08 -83.07 -15.09
CA LYS Q 27 -38.58 -83.60 -13.83
C LYS Q 27 -40.10 -83.71 -13.92
N VAL Q 28 -40.75 -83.91 -12.77
CA VAL Q 28 -42.19 -84.05 -12.71
C VAL Q 28 -42.91 -82.71 -12.63
N ALA Q 29 -42.18 -81.60 -12.55
CA ALA Q 29 -42.81 -80.29 -12.51
C ALA Q 29 -43.59 -80.01 -13.79
N ALA Q 30 -43.01 -80.39 -14.94
CA ALA Q 30 -43.69 -80.16 -16.21
C ALA Q 30 -44.99 -80.96 -16.29
N GLN Q 31 -44.96 -82.22 -15.86
CA GLN Q 31 -46.18 -83.02 -15.89
C GLN Q 31 -47.20 -82.55 -14.87
N LYS Q 32 -46.74 -82.00 -13.73
CA LYS Q 32 -47.67 -81.40 -12.78
C LYS Q 32 -48.34 -80.17 -13.37
N PHE Q 33 -47.58 -79.34 -14.09
CA PHE Q 33 -48.18 -78.20 -14.78
C PHE Q 33 -49.17 -78.65 -15.84
N LYS Q 34 -48.83 -79.72 -16.58
CA LYS Q 34 -49.75 -80.27 -17.56
C LYS Q 34 -51.05 -80.74 -16.91
N GLU Q 35 -50.93 -81.43 -15.76
CA GLU Q 35 -52.11 -81.88 -15.04
C GLU Q 35 -52.96 -80.70 -14.58
N SER Q 36 -52.30 -79.63 -14.10
CA SER Q 36 -53.05 -78.45 -13.66
C SER Q 36 -53.79 -77.79 -14.83
N LEU Q 37 -53.13 -77.66 -15.98
CA LEU Q 37 -53.79 -77.07 -17.13
C LEU Q 37 -54.96 -77.92 -17.62
N MET Q 38 -54.77 -79.25 -17.63
CA MET Q 38 -55.86 -80.14 -18.04
C MET Q 38 -57.02 -80.08 -17.05
N ALA Q 39 -56.71 -79.96 -15.75
CA ALA Q 39 -57.76 -79.82 -14.75
C ALA Q 39 -58.53 -78.52 -14.93
N THR Q 40 -57.83 -77.44 -15.26
CA THR Q 40 -58.50 -76.17 -15.53
C THR Q 40 -59.41 -76.29 -16.74
N GLU Q 41 -58.93 -76.92 -17.81
CA GLU Q 41 -59.76 -77.09 -19.01
C GLU Q 41 -60.98 -77.96 -18.72
N LYS Q 42 -60.79 -79.04 -17.96
CA LYS Q 42 -61.90 -79.92 -17.62
C LYS Q 42 -62.91 -79.22 -16.72
N HIS Q 43 -62.44 -78.42 -15.77
CA HIS Q 43 -63.35 -77.63 -14.94
C HIS Q 43 -64.15 -76.65 -15.79
N ALA Q 44 -63.49 -75.99 -16.75
CA ALA Q 44 -64.20 -75.08 -17.63
C ALA Q 44 -65.28 -75.81 -18.43
N LYS Q 45 -64.95 -76.98 -18.98
CA LYS Q 45 -65.93 -77.73 -19.76
C LYS Q 45 -67.08 -78.21 -18.89
N ASP Q 46 -66.78 -78.69 -17.67
CA ASP Q 46 -67.82 -79.21 -16.79
C ASP Q 46 -68.75 -78.09 -16.34
N THR Q 47 -68.19 -76.93 -15.98
CA THR Q 47 -69.04 -75.81 -15.58
C THR Q 47 -69.84 -75.28 -16.76
N SER Q 48 -69.27 -75.31 -17.97
CA SER Q 48 -70.03 -74.95 -19.15
C SER Q 48 -71.25 -75.86 -19.31
N ASN Q 49 -71.02 -77.17 -19.25
CA ASN Q 49 -72.11 -78.12 -19.42
C ASN Q 49 -73.19 -77.91 -18.35
N MET Q 50 -72.79 -77.88 -17.08
CA MET Q 50 -73.75 -77.78 -16.00
C MET Q 50 -74.52 -76.46 -16.04
N TRP Q 51 -73.81 -75.35 -16.29
CA TRP Q 51 -74.46 -74.05 -16.30
C TRP Q 51 -75.42 -73.92 -17.49
N VAL Q 52 -75.02 -74.42 -18.66
CA VAL Q 52 -75.93 -74.39 -19.81
C VAL Q 52 -77.16 -75.23 -19.54
N LYS Q 53 -76.98 -76.42 -18.96
CA LYS Q 53 -78.12 -77.27 -18.65
C LYS Q 53 -79.08 -76.59 -17.69
N ILE Q 54 -78.56 -76.08 -16.56
CA ILE Q 54 -79.45 -75.48 -15.58
C ILE Q 54 -80.07 -74.20 -16.13
N SER Q 55 -79.34 -73.44 -16.96
CA SER Q 55 -79.90 -72.22 -17.53
C SER Q 55 -81.07 -72.54 -18.44
N VAL Q 56 -80.86 -73.45 -19.41
CA VAL Q 56 -81.94 -73.80 -20.32
C VAL Q 56 -83.09 -74.47 -19.57
N TRP Q 57 -82.80 -75.12 -18.43
CA TRP Q 57 -83.85 -75.77 -17.67
C TRP Q 57 -84.74 -74.77 -16.95
N VAL Q 58 -84.14 -73.78 -16.27
CA VAL Q 58 -84.85 -72.94 -15.30
C VAL Q 58 -84.83 -71.47 -15.71
N ALA Q 59 -83.66 -70.94 -16.04
CA ALA Q 59 -83.51 -69.50 -16.18
C ALA Q 59 -84.30 -68.98 -17.37
N LEU Q 60 -84.17 -69.63 -18.53
CA LEU Q 60 -84.87 -69.16 -19.73
C LEU Q 60 -86.39 -69.12 -19.55
N PRO Q 61 -87.06 -70.15 -18.99
CA PRO Q 61 -88.49 -69.98 -18.71
C PRO Q 61 -88.78 -68.86 -17.72
N ALA Q 62 -88.00 -68.77 -16.64
CA ALA Q 62 -88.21 -67.71 -15.66
C ALA Q 62 -87.93 -66.34 -16.26
N ILE Q 63 -86.85 -66.21 -17.03
CA ILE Q 63 -86.54 -64.94 -17.68
C ILE Q 63 -87.64 -64.55 -18.66
N ALA Q 64 -88.14 -65.52 -19.42
CA ALA Q 64 -89.21 -65.23 -20.37
C ALA Q 64 -90.49 -64.80 -19.66
N LEU Q 65 -90.84 -65.46 -18.55
CA LEU Q 65 -92.03 -65.06 -17.79
C LEU Q 65 -91.87 -63.66 -17.22
N THR Q 66 -90.70 -63.36 -16.65
CA THR Q 66 -90.47 -62.01 -16.14
C THR Q 66 -90.55 -60.99 -17.25
N ALA Q 67 -89.98 -61.30 -18.42
CA ALA Q 67 -90.02 -60.38 -19.55
C ALA Q 67 -91.45 -60.12 -20.01
N VAL Q 68 -92.26 -61.18 -20.12
CA VAL Q 68 -93.62 -60.99 -20.65
C VAL Q 68 -94.49 -60.25 -19.64
N ASN Q 69 -94.36 -60.54 -18.34
CA ASN Q 69 -95.18 -59.81 -17.38
C ASN Q 69 -94.72 -58.36 -17.25
N THR Q 70 -93.41 -58.11 -17.34
CA THR Q 70 -92.93 -56.74 -17.35
C THR Q 70 -93.42 -55.98 -18.58
N TYR Q 71 -93.42 -56.64 -19.74
CA TYR Q 71 -93.94 -55.99 -20.94
C TYR Q 71 -95.42 -55.69 -20.80
N PHE Q 72 -96.19 -56.61 -20.22
CA PHE Q 72 -97.62 -56.38 -20.03
C PHE Q 72 -97.86 -55.20 -19.09
N VAL Q 73 -97.13 -55.16 -17.96
CA VAL Q 73 -97.35 -54.08 -17.01
C VAL Q 73 -96.87 -52.75 -17.59
N GLU Q 74 -95.85 -52.77 -18.45
CA GLU Q 74 -95.40 -51.53 -19.08
C GLU Q 74 -96.40 -51.04 -20.11
N LYS Q 75 -96.99 -51.95 -20.88
CA LYS Q 75 -98.03 -51.56 -21.83
C LYS Q 75 -99.28 -51.07 -21.11
N GLU Q 76 -99.53 -51.57 -19.90
CA GLU Q 76 -100.74 -51.19 -19.17
C GLU Q 76 -100.55 -49.85 -18.44
N HIS Q 77 -99.58 -49.79 -17.53
CA HIS Q 77 -99.47 -48.66 -16.61
C HIS Q 77 -98.56 -47.55 -17.12
N ALA Q 78 -97.92 -47.71 -18.27
CA ALA Q 78 -97.03 -46.67 -18.77
C ALA Q 78 -97.48 -46.15 -20.13
N GLU Q 79 -98.79 -45.89 -20.26
CA GLU Q 79 -99.32 -45.32 -21.49
C GLU Q 79 -100.27 -44.15 -21.24
N HIS Q 80 -100.31 -43.61 -20.01
CA HIS Q 80 -101.19 -42.51 -19.67
C HIS Q 80 -100.56 -41.14 -19.88
N ARG Q 81 -99.30 -41.09 -20.31
CA ARG Q 81 -98.60 -39.83 -20.52
C ARG Q 81 -98.72 -39.33 -21.94
N GLU Q 82 -99.45 -40.04 -22.81
CA GLU Q 82 -99.62 -39.59 -24.19
C GLU Q 82 -100.45 -38.31 -24.26
N HIS Q 83 -101.46 -38.20 -23.41
CA HIS Q 83 -102.36 -37.04 -23.41
C HIS Q 83 -101.88 -35.95 -22.46
N LEU Q 84 -100.69 -36.08 -21.89
CA LEU Q 84 -100.18 -35.07 -20.97
C LEU Q 84 -99.96 -33.72 -21.65
N LYS Q 85 -99.81 -33.71 -22.98
CA LYS Q 85 -99.59 -32.45 -23.69
C LYS Q 85 -100.77 -31.50 -23.53
N HIS Q 86 -101.99 -32.02 -23.62
CA HIS Q 86 -103.21 -31.21 -23.48
C HIS Q 86 -103.94 -31.69 -22.24
N VAL Q 87 -103.99 -30.83 -21.22
CA VAL Q 87 -104.65 -31.16 -19.95
C VAL Q 87 -105.04 -29.87 -19.24
N PRO Q 88 -106.25 -29.77 -18.71
CA PRO Q 88 -106.63 -28.57 -17.95
C PRO Q 88 -105.83 -28.46 -16.66
N ASP Q 89 -105.63 -27.21 -16.22
CA ASP Q 89 -104.86 -26.92 -15.01
C ASP Q 89 -105.77 -27.07 -13.79
N SER Q 90 -106.17 -28.31 -13.53
CA SER Q 90 -107.01 -28.65 -12.40
C SER Q 90 -106.41 -29.70 -11.48
N GLU Q 91 -105.65 -30.65 -12.00
CA GLU Q 91 -105.00 -31.68 -11.21
C GLU Q 91 -103.48 -31.51 -11.18
N TRP Q 92 -103.01 -30.28 -11.30
CA TRP Q 92 -101.57 -30.03 -11.30
C TRP Q 92 -100.98 -30.36 -9.93
N PRO Q 93 -99.81 -30.99 -9.90
CA PRO Q 93 -99.17 -31.30 -8.61
C PRO Q 93 -98.77 -30.04 -7.87
N ARG Q 94 -98.72 -30.14 -6.54
CA ARG Q 94 -98.36 -29.03 -5.68
C ARG Q 94 -96.86 -28.76 -5.82
N ASP Q 95 -96.50 -27.84 -6.69
CA ASP Q 95 -95.10 -27.51 -6.94
C ASP Q 95 -94.64 -26.39 -6.01
N TYR Q 96 -93.34 -26.12 -6.05
CA TYR Q 96 -92.73 -25.08 -5.22
C TYR Q 96 -91.43 -24.64 -5.88
N GLU Q 97 -90.57 -23.97 -5.12
CA GLU Q 97 -89.31 -23.40 -5.61
C GLU Q 97 -88.44 -24.42 -6.35
N PHE Q 98 -88.74 -25.71 -6.20
CA PHE Q 98 -88.00 -26.73 -6.93
C PHE Q 98 -88.09 -26.51 -8.44
N MET Q 99 -89.24 -26.03 -8.92
CA MET Q 99 -89.45 -25.70 -10.32
C MET Q 99 -89.58 -24.19 -10.49
N ASN Q 100 -89.63 -23.76 -11.75
CA ASN Q 100 -89.86 -22.37 -12.12
C ASN Q 100 -88.83 -21.45 -11.48
N ILE Q 101 -87.55 -21.73 -11.78
CA ILE Q 101 -86.45 -20.96 -11.24
C ILE Q 101 -85.55 -20.52 -12.38
N ARG Q 102 -84.79 -19.46 -12.14
CA ARG Q 102 -83.89 -18.93 -13.15
C ARG Q 102 -82.72 -19.88 -13.37
N SER Q 103 -82.12 -19.79 -14.56
CA SER Q 103 -80.99 -20.61 -14.93
C SER Q 103 -80.02 -19.77 -15.76
N LYS Q 104 -78.97 -20.41 -16.26
CA LYS Q 104 -77.99 -19.72 -17.08
C LYS Q 104 -78.62 -19.29 -18.39
N PRO Q 105 -78.42 -18.05 -18.83
CA PRO Q 105 -78.93 -17.64 -20.14
C PRO Q 105 -78.31 -18.49 -21.25
N PHE Q 106 -79.13 -18.83 -22.24
CA PHE Q 106 -78.73 -19.73 -23.31
C PHE Q 106 -78.87 -19.00 -24.64
N PHE Q 107 -77.77 -18.92 -25.40
CA PHE Q 107 -77.73 -18.19 -26.65
C PHE Q 107 -77.52 -19.06 -27.88
N TRP Q 108 -77.07 -20.30 -27.70
CA TRP Q 108 -76.81 -21.17 -28.84
C TRP Q 108 -78.11 -21.57 -29.52
N GLY Q 109 -78.03 -21.83 -30.82
CA GLY Q 109 -79.18 -22.31 -31.57
C GLY Q 109 -80.15 -21.20 -31.94
N ASP Q 110 -81.21 -21.59 -32.64
CA ASP Q 110 -82.24 -20.67 -33.09
C ASP Q 110 -83.62 -21.01 -32.56
N GLY Q 111 -83.99 -22.29 -32.56
CA GLY Q 111 -85.32 -22.70 -32.15
C GLY Q 111 -85.57 -22.63 -30.66
N ASP Q 112 -86.36 -21.65 -30.24
CA ASP Q 112 -86.82 -21.47 -28.86
C ASP Q 112 -85.69 -21.29 -27.85
N LYS Q 113 -84.45 -21.15 -28.32
CA LYS Q 113 -83.28 -21.02 -27.46
C LYS Q 113 -83.22 -22.13 -26.41
N THR Q 114 -83.37 -23.36 -26.88
CA THR Q 114 -83.35 -24.54 -26.03
C THR Q 114 -82.32 -25.54 -26.54
N LEU Q 115 -81.76 -26.32 -25.61
CA LEU Q 115 -80.76 -27.32 -25.98
C LEU Q 115 -81.37 -28.41 -26.85
N PHE Q 116 -82.56 -28.91 -26.47
CA PHE Q 116 -83.31 -29.85 -27.28
C PHE Q 116 -84.75 -29.38 -27.38
N TRP Q 117 -85.34 -29.57 -28.57
CA TRP Q 117 -86.70 -29.10 -28.85
C TRP Q 117 -87.70 -30.03 -28.16
N ASN Q 118 -87.86 -29.81 -26.85
CA ASN Q 118 -88.82 -30.55 -26.04
C ASN Q 118 -89.64 -29.55 -25.23
N PRO Q 119 -90.63 -28.88 -25.87
CA PRO Q 119 -91.46 -27.89 -25.18
C PRO Q 119 -92.57 -28.53 -24.33
N VAL Q 120 -92.18 -29.46 -23.46
CA VAL Q 120 -93.13 -30.16 -22.61
C VAL Q 120 -92.64 -30.11 -21.17
N VAL Q 121 -91.38 -29.72 -20.98
CA VAL Q 121 -90.80 -29.67 -19.64
C VAL Q 121 -91.49 -28.61 -18.80
N ASN Q 122 -91.88 -27.49 -19.41
CA ASN Q 122 -92.55 -26.40 -18.72
C ASN Q 122 -93.90 -26.16 -19.38
N ARG Q 123 -94.96 -26.16 -18.57
CA ARG Q 123 -96.31 -25.92 -19.04
C ARG Q 123 -96.81 -24.51 -18.77
N HIS Q 124 -95.92 -23.62 -18.31
CA HIS Q 124 -96.28 -22.24 -18.01
C HIS Q 124 -95.65 -21.31 -19.04
N ILE Q 125 -96.48 -20.44 -19.61
CA ILE Q 125 -96.01 -19.49 -20.62
C ILE Q 125 -95.70 -18.15 -19.98
N PRO R 29 -36.37 -73.03 -50.44
CA PRO R 29 -37.75 -72.87 -49.97
C PRO R 29 -38.52 -74.19 -49.98
N VAL R 30 -38.32 -75.01 -48.94
CA VAL R 30 -38.98 -76.31 -48.82
C VAL R 30 -39.58 -76.43 -47.43
N VAL R 31 -40.55 -77.33 -47.30
CA VAL R 31 -41.19 -77.56 -46.01
C VAL R 31 -40.21 -78.22 -45.05
N LYS R 32 -40.37 -77.94 -43.77
CA LYS R 32 -39.52 -78.49 -42.72
C LYS R 32 -40.34 -79.37 -41.79
N THR R 33 -39.83 -80.55 -41.49
CA THR R 33 -40.53 -81.46 -40.59
C THR R 33 -40.63 -80.88 -39.19
N ALA R 34 -39.55 -80.23 -38.73
CA ALA R 34 -39.51 -79.57 -37.42
C ALA R 34 -39.81 -80.56 -36.29
N GLN R 35 -39.32 -81.78 -36.44
CA GLN R 35 -39.50 -82.82 -35.42
C GLN R 35 -38.40 -82.84 -34.38
N ASN R 36 -37.34 -82.06 -34.56
CA ASN R 36 -36.21 -82.01 -33.64
C ASN R 36 -36.28 -80.74 -32.80
N LEU R 37 -35.89 -80.86 -31.54
CA LEU R 37 -35.93 -79.73 -30.61
C LEU R 37 -34.90 -78.65 -30.94
N ALA R 38 -33.95 -78.94 -31.83
CA ALA R 38 -32.88 -77.99 -32.13
C ALA R 38 -32.72 -77.66 -33.60
N GLU R 39 -33.46 -78.32 -34.50
CA GLU R 39 -33.33 -78.09 -35.93
C GLU R 39 -34.17 -76.93 -36.43
N VAL R 40 -34.96 -76.29 -35.56
CA VAL R 40 -35.83 -75.19 -35.95
C VAL R 40 -35.13 -73.87 -35.60
N ASN R 41 -35.01 -72.98 -36.58
CA ASN R 41 -34.36 -71.69 -36.37
C ASN R 41 -35.03 -70.67 -37.28
N GLY R 42 -35.77 -69.74 -36.71
CA GLY R 42 -36.42 -68.71 -37.46
C GLY R 42 -37.93 -68.85 -37.49
N PRO R 43 -38.63 -68.04 -36.70
CA PRO R 43 -40.10 -68.08 -36.71
C PRO R 43 -40.70 -67.70 -38.05
N GLU R 44 -39.98 -66.97 -38.89
CA GLU R 44 -40.52 -66.56 -40.19
C GLU R 44 -40.72 -67.76 -41.11
N THR R 45 -39.82 -68.74 -41.04
CA THR R 45 -39.92 -69.90 -41.92
C THR R 45 -41.14 -70.77 -41.63
N LEU R 46 -41.74 -70.63 -40.45
CA LEU R 46 -42.91 -71.41 -40.07
C LEU R 46 -44.17 -70.59 -40.32
N ILE R 47 -45.13 -71.19 -41.02
CA ILE R 47 -46.39 -70.52 -41.33
C ILE R 47 -47.53 -71.32 -40.75
N GLY R 48 -47.67 -72.59 -41.16
CA GLY R 48 -48.71 -73.46 -40.67
C GLY R 48 -49.88 -73.54 -41.62
N PRO R 49 -50.02 -74.67 -42.31
CA PRO R 49 -51.14 -74.84 -43.23
C PRO R 49 -52.47 -74.91 -42.50
N GLY R 50 -53.52 -74.46 -43.18
CA GLY R 50 -54.85 -74.48 -42.62
C GLY R 50 -55.55 -75.82 -42.81
N ALA R 51 -56.82 -75.84 -42.40
CA ALA R 51 -57.65 -77.04 -42.51
C ALA R 51 -58.98 -76.67 -43.14
N LYS R 52 -59.52 -77.59 -43.95
CA LYS R 52 -60.80 -77.37 -44.61
C LYS R 52 -61.97 -77.68 -43.68
N GLU R 53 -62.04 -78.92 -43.20
CA GLU R 53 -63.12 -79.33 -42.32
C GLU R 53 -62.60 -80.37 -41.33
N GLY R 54 -63.32 -80.51 -40.23
CA GLY R 54 -62.93 -81.45 -39.20
C GLY R 54 -63.03 -80.87 -37.80
N THR R 55 -62.01 -81.09 -36.98
CA THR R 55 -61.96 -80.56 -35.62
C THR R 55 -60.68 -79.74 -35.44
N VAL R 56 -60.61 -79.06 -34.30
CA VAL R 56 -59.42 -78.26 -34.00
C VAL R 56 -58.22 -79.18 -33.79
N PRO R 57 -57.12 -78.99 -34.49
CA PRO R 57 -55.96 -79.87 -34.33
C PRO R 57 -55.25 -79.63 -33.00
N THR R 58 -54.36 -80.55 -32.68
CA THR R 58 -53.60 -80.47 -31.44
C THR R 58 -52.59 -79.33 -31.51
N ASP R 59 -52.01 -79.00 -30.35
CA ASP R 59 -51.08 -77.88 -30.21
C ASP R 59 -49.68 -78.25 -30.69
N LEU R 60 -49.62 -78.70 -31.95
CA LEU R 60 -48.35 -79.04 -32.59
C LEU R 60 -48.07 -78.20 -33.81
N ASP R 61 -49.06 -77.99 -34.69
CA ASP R 61 -48.86 -77.22 -35.90
C ASP R 61 -49.85 -76.06 -36.07
N GLN R 62 -50.96 -76.03 -35.34
CA GLN R 62 -51.91 -74.95 -35.49
C GLN R 62 -51.39 -73.65 -34.87
N GLU R 63 -50.50 -73.75 -33.89
CA GLU R 63 -49.93 -72.56 -33.27
C GLU R 63 -49.02 -71.82 -34.24
N THR R 64 -49.10 -70.49 -34.19
CA THR R 64 -48.31 -69.63 -35.07
C THR R 64 -47.11 -69.07 -34.31
N GLY R 65 -46.14 -68.58 -35.09
CA GLY R 65 -44.92 -68.08 -34.51
C GLY R 65 -44.07 -69.21 -33.92
N LEU R 66 -43.19 -68.83 -33.00
CA LEU R 66 -42.34 -69.78 -32.30
C LEU R 66 -42.91 -70.15 -30.93
N ALA R 67 -44.14 -69.75 -30.63
CA ALA R 67 -44.76 -70.10 -29.36
C ALA R 67 -44.99 -71.61 -29.23
N ARG R 68 -45.11 -72.33 -30.34
CA ARG R 68 -45.33 -73.76 -30.26
C ARG R 68 -44.12 -74.48 -29.69
N LEU R 69 -42.91 -74.03 -30.05
CA LEU R 69 -41.71 -74.60 -29.45
C LEU R 69 -41.70 -74.39 -27.94
N GLU R 70 -42.03 -73.18 -27.50
CA GLU R 70 -42.02 -72.87 -26.07
C GLU R 70 -43.06 -73.68 -25.32
N LEU R 71 -44.26 -73.80 -25.88
CA LEU R 71 -45.30 -74.56 -25.19
C LEU R 71 -44.98 -76.05 -25.16
N LEU R 72 -44.38 -76.58 -26.23
CA LEU R 72 -43.92 -77.96 -26.21
C LEU R 72 -42.84 -78.15 -25.14
N GLY R 73 -41.91 -77.20 -25.03
CA GLY R 73 -40.87 -77.30 -24.02
C GLY R 73 -41.43 -77.30 -22.61
N LYS R 74 -42.36 -76.39 -22.32
CA LYS R 74 -43.00 -76.40 -21.00
C LYS R 74 -43.88 -77.63 -20.80
N LEU R 75 -44.40 -78.21 -21.89
CA LEU R 75 -45.13 -79.47 -21.77
C LEU R 75 -44.21 -80.61 -21.34
N GLU R 76 -43.00 -80.65 -21.89
CA GLU R 76 -42.07 -81.73 -21.59
C GLU R 76 -41.05 -81.38 -20.51
N GLY R 77 -40.53 -80.16 -20.50
CA GLY R 77 -39.57 -79.76 -19.49
C GLY R 77 -38.30 -79.16 -20.07
N ILE R 78 -37.85 -79.69 -21.22
CA ILE R 78 -36.68 -79.14 -21.91
C ILE R 78 -37.02 -77.74 -22.37
N ASP R 79 -36.35 -76.73 -21.78
CA ASP R 79 -36.77 -75.35 -21.95
C ASP R 79 -35.58 -74.45 -22.23
N VAL R 80 -35.86 -73.35 -22.92
CA VAL R 80 -34.94 -72.23 -23.05
C VAL R 80 -35.43 -71.14 -22.12
N PHE R 81 -34.52 -70.27 -21.68
CA PHE R 81 -34.81 -69.31 -20.61
C PHE R 81 -35.29 -70.03 -19.35
N ASP R 82 -34.58 -71.09 -19.00
CA ASP R 82 -34.97 -71.95 -17.90
C ASP R 82 -34.94 -71.20 -16.58
N THR R 83 -35.97 -71.40 -15.77
CA THR R 83 -36.06 -70.82 -14.44
C THR R 83 -35.60 -71.78 -13.35
N LYS R 84 -35.02 -72.91 -13.73
CA LYS R 84 -34.59 -73.89 -12.75
C LYS R 84 -33.46 -73.31 -11.88
N PRO R 85 -33.48 -73.57 -10.58
CA PRO R 85 -32.42 -73.03 -9.72
C PRO R 85 -31.08 -73.67 -10.02
N LEU R 86 -30.02 -72.91 -9.76
CA LEU R 86 -28.66 -73.40 -9.93
C LEU R 86 -28.23 -74.11 -8.64
N ASP R 87 -26.93 -74.41 -8.53
CA ASP R 87 -26.39 -75.09 -7.36
C ASP R 87 -26.24 -74.10 -6.19
N SER R 88 -27.38 -73.57 -5.75
CA SER R 88 -27.39 -72.64 -4.63
C SER R 88 -27.03 -73.34 -3.32
N SER R 89 -27.52 -74.57 -3.14
CA SER R 89 -27.21 -75.31 -1.92
C SER R 89 -25.74 -75.66 -1.85
N ARG R 90 -25.08 -75.86 -2.98
CA ARG R 90 -23.66 -76.15 -2.99
C ARG R 90 -22.87 -74.94 -2.53
N LYS R 91 -21.83 -75.20 -1.71
CA LYS R 91 -20.96 -74.12 -1.26
C LYS R 91 -20.23 -73.47 -2.43
N GLY R 92 -19.80 -74.28 -3.40
CA GLY R 92 -19.10 -73.75 -4.56
C GLY R 92 -17.75 -73.16 -4.26
N THR R 93 -16.96 -73.82 -3.42
CA THR R 93 -15.64 -73.31 -3.05
C THR R 93 -14.63 -73.66 -4.16
N MET R 94 -13.34 -73.48 -3.86
CA MET R 94 -12.31 -73.76 -4.85
C MET R 94 -12.28 -75.23 -5.26
N LYS R 95 -12.75 -76.13 -4.40
CA LYS R 95 -12.78 -77.54 -4.76
C LYS R 95 -13.71 -77.81 -5.95
N ASP R 96 -14.88 -77.18 -5.95
CA ASP R 96 -15.84 -77.32 -7.04
C ASP R 96 -16.68 -76.05 -7.13
N PRO R 97 -16.18 -75.04 -7.83
CA PRO R 97 -16.96 -73.80 -7.99
C PRO R 97 -18.21 -74.02 -8.82
N ILE R 98 -19.20 -73.16 -8.58
CA ILE R 98 -20.47 -73.28 -9.28
C ILE R 98 -20.27 -73.03 -10.77
N ILE R 99 -21.22 -73.52 -11.57
CA ILE R 99 -21.17 -73.39 -13.01
C ILE R 99 -22.25 -72.42 -13.47
N ILE R 100 -21.97 -71.73 -14.57
CA ILE R 100 -22.92 -70.82 -15.21
C ILE R 100 -22.93 -71.15 -16.69
N GLU R 101 -24.10 -71.52 -17.21
CA GLU R 101 -24.24 -71.93 -18.60
C GLU R 101 -24.79 -70.75 -19.40
N SER R 102 -23.88 -69.91 -19.89
CA SER R 102 -24.23 -68.75 -20.69
C SER R 102 -22.97 -68.20 -21.34
N TYR R 103 -23.07 -67.86 -22.63
CA TYR R 103 -21.93 -67.34 -23.37
C TYR R 103 -21.74 -65.84 -23.18
N ASP R 104 -22.68 -65.15 -22.55
CA ASP R 104 -22.57 -63.70 -22.40
C ASP R 104 -21.36 -63.32 -21.56
N ASP R 105 -20.71 -62.22 -21.94
CA ASP R 105 -19.47 -61.82 -21.28
C ASP R 105 -19.69 -61.48 -19.81
N TYR R 106 -20.76 -60.76 -19.51
CA TYR R 106 -21.01 -60.34 -18.13
C TYR R 106 -21.68 -61.46 -17.33
N ARG R 107 -21.72 -61.26 -16.01
CA ARG R 107 -22.34 -62.22 -15.11
C ARG R 107 -23.12 -61.47 -14.04
N TYR R 108 -24.35 -61.92 -13.78
CA TYR R 108 -25.22 -61.36 -12.75
C TYR R 108 -25.73 -62.51 -11.90
N VAL R 109 -24.98 -62.88 -10.87
CA VAL R 109 -25.29 -63.99 -9.99
C VAL R 109 -25.01 -63.56 -8.54
N GLY R 110 -25.27 -64.48 -7.61
CA GLY R 110 -25.03 -64.21 -6.21
C GLY R 110 -24.90 -65.49 -5.43
N CYS R 111 -24.14 -65.44 -4.34
CA CYS R 111 -23.92 -66.61 -3.51
C CYS R 111 -23.47 -66.13 -2.13
N THR R 112 -24.30 -66.37 -1.12
CA THR R 112 -24.00 -65.96 0.26
C THR R 112 -24.33 -67.08 1.23
N GLY R 113 -23.87 -68.29 0.91
CA GLY R 113 -23.98 -69.40 1.84
C GLY R 113 -24.67 -70.63 1.28
N SER R 114 -24.23 -71.79 1.74
CA SER R 114 -24.89 -73.04 1.34
C SER R 114 -26.36 -73.13 1.73
N PRO R 115 -26.80 -72.74 2.95
CA PRO R 115 -28.23 -72.90 3.27
C PRO R 115 -29.11 -71.91 2.53
N ALA R 116 -30.41 -71.95 2.84
CA ALA R 116 -31.36 -71.05 2.16
C ALA R 116 -31.02 -69.59 2.45
N GLY R 117 -30.64 -69.28 3.69
CA GLY R 117 -30.23 -67.93 4.03
C GLY R 117 -29.49 -67.83 5.34
N SER R 118 -28.35 -67.16 5.32
CA SER R 118 -27.57 -66.92 6.54
C SER R 118 -27.01 -65.50 6.64
N HIS R 119 -27.00 -64.73 5.55
CA HIS R 119 -26.48 -63.38 5.57
C HIS R 119 -27.05 -62.64 4.36
N THR R 120 -26.85 -61.32 4.35
CA THR R 120 -27.35 -60.51 3.26
C THR R 120 -26.64 -60.87 1.95
N ILE R 121 -27.42 -60.93 0.87
CA ILE R 121 -26.89 -61.39 -0.41
C ILE R 121 -25.86 -60.40 -0.95
N MET R 122 -24.73 -60.92 -1.40
CA MET R 122 -23.74 -60.14 -2.13
C MET R 122 -23.53 -60.80 -3.49
N TRP R 123 -23.47 -59.98 -4.53
CA TRP R 123 -23.36 -60.50 -5.89
C TRP R 123 -21.96 -61.01 -6.18
N LEU R 124 -21.88 -62.07 -6.96
CA LEU R 124 -20.61 -62.59 -7.44
C LEU R 124 -20.45 -62.25 -8.92
N LYS R 125 -19.20 -62.03 -9.33
CA LYS R 125 -18.88 -61.59 -10.68
C LYS R 125 -17.81 -62.51 -11.28
N PRO R 126 -18.20 -63.71 -11.71
CA PRO R 126 -17.23 -64.57 -12.41
C PRO R 126 -16.75 -63.92 -13.70
N THR R 127 -15.46 -64.07 -13.98
CA THR R 127 -14.86 -63.48 -15.16
C THR R 127 -13.57 -64.20 -15.48
N VAL R 128 -13.08 -63.99 -16.70
CA VAL R 128 -11.83 -64.60 -17.14
C VAL R 128 -10.65 -63.62 -17.07
N ASN R 129 -10.91 -62.31 -17.11
CA ASN R 129 -9.82 -61.34 -17.02
C ASN R 129 -9.14 -61.40 -15.66
N GLU R 130 -9.92 -61.53 -14.60
CA GLU R 130 -9.38 -61.60 -13.24
C GLU R 130 -10.14 -62.68 -12.47
N VAL R 131 -9.92 -62.74 -11.16
CA VAL R 131 -10.57 -63.71 -10.31
C VAL R 131 -11.65 -63.02 -9.49
N ALA R 132 -12.47 -63.81 -8.81
CA ALA R 132 -13.56 -63.31 -7.99
C ALA R 132 -13.46 -63.90 -6.59
N ARG R 133 -14.05 -63.20 -5.64
CA ARG R 133 -14.08 -63.64 -4.25
C ARG R 133 -15.46 -63.41 -3.67
N CYS R 134 -15.79 -64.21 -2.66
CA CYS R 134 -17.15 -64.25 -2.12
C CYS R 134 -17.32 -63.44 -0.84
N TRP R 135 -16.24 -63.22 -0.08
CA TRP R 135 -16.22 -62.42 1.14
C TRP R 135 -16.91 -63.13 2.30
N GLU R 136 -17.56 -64.26 2.04
CA GLU R 136 -18.02 -65.16 3.08
C GLU R 136 -17.58 -66.59 2.84
N CYS R 137 -17.54 -67.02 1.57
CA CYS R 137 -16.99 -68.31 1.20
C CYS R 137 -15.58 -68.21 0.65
N GLY R 138 -15.20 -67.06 0.10
CA GLY R 138 -13.89 -66.91 -0.51
C GLY R 138 -13.70 -67.79 -1.73
N SER R 139 -14.73 -67.88 -2.57
CA SER R 139 -14.72 -68.77 -3.72
C SER R 139 -14.23 -68.03 -4.96
N VAL R 140 -13.35 -68.67 -5.71
CA VAL R 140 -12.90 -68.15 -7.00
C VAL R 140 -13.72 -68.82 -8.09
N TYR R 141 -14.54 -68.03 -8.78
CA TYR R 141 -15.51 -68.56 -9.73
C TYR R 141 -14.96 -68.42 -11.15
N LYS R 142 -15.24 -69.43 -11.97
CA LYS R 142 -14.78 -69.47 -13.36
C LYS R 142 -15.99 -69.56 -14.28
N LEU R 143 -16.11 -68.59 -15.18
CA LEU R 143 -17.21 -68.57 -16.13
C LEU R 143 -17.08 -69.75 -17.09
N ASN R 144 -18.22 -70.31 -17.49
CA ASN R 144 -18.26 -71.58 -18.23
C ASN R 144 -18.83 -71.39 -19.63
N PRO R 145 -17.98 -71.26 -20.65
CA PRO R 145 -18.48 -71.19 -22.02
C PRO R 145 -19.32 -72.38 -22.44
N VAL R 146 -19.76 -72.33 -23.71
CA VAL R 146 -20.31 -73.48 -24.40
C VAL R 146 -19.39 -73.79 -25.57
N GLY R 147 -19.20 -75.08 -25.85
CA GLY R 147 -18.25 -75.50 -26.87
C GLY R 147 -18.49 -74.92 -28.25
N VAL R 148 -17.43 -74.39 -28.86
CA VAL R 148 -17.53 -73.73 -30.16
C VAL R 148 -16.47 -74.30 -31.10
N PRO R 149 -16.70 -74.29 -32.42
CA PRO R 149 -15.72 -74.78 -33.39
C PRO R 149 -14.43 -73.97 -33.39
N SER S 7 -81.87 -14.58 30.94
CA SER S 7 -81.47 -15.99 30.87
C SER S 7 -80.30 -16.28 31.81
N PRO S 8 -80.57 -16.43 33.11
CA PRO S 8 -79.50 -16.64 34.11
C PRO S 8 -78.97 -18.06 34.09
N LEU S 9 -78.28 -18.42 33.01
CA LEU S 9 -77.58 -19.69 32.84
C LEU S 9 -78.52 -20.90 32.84
N HIS S 10 -79.83 -20.69 32.88
CA HIS S 10 -80.77 -21.80 32.96
C HIS S 10 -82.12 -21.34 32.42
N THR S 11 -82.49 -21.86 31.25
CA THR S 11 -83.81 -21.64 30.68
C THR S 11 -84.57 -22.93 30.44
N VAL S 12 -83.90 -23.95 29.87
CA VAL S 12 -84.52 -25.24 29.61
C VAL S 12 -83.77 -26.38 30.29
N GLY S 13 -82.71 -26.09 31.04
CA GLY S 13 -81.97 -27.14 31.70
C GLY S 13 -81.11 -27.94 30.73
N PHE S 14 -80.81 -29.18 31.13
CA PHE S 14 -79.99 -30.06 30.31
C PHE S 14 -80.70 -30.37 28.99
N ASP S 15 -79.91 -30.47 27.93
CA ASP S 15 -80.47 -30.76 26.62
C ASP S 15 -81.02 -32.19 26.57
N ALA S 16 -82.28 -32.31 26.15
CA ALA S 16 -82.94 -33.60 26.09
C ALA S 16 -83.57 -33.84 24.72
N ARG S 17 -83.98 -32.76 24.05
CA ARG S 17 -84.61 -32.90 22.75
C ARG S 17 -83.65 -33.49 21.73
N PHE S 18 -82.45 -32.90 21.60
CA PHE S 18 -81.40 -33.47 20.77
C PHE S 18 -80.05 -32.93 21.24
N PRO S 19 -79.38 -33.65 22.15
CA PRO S 19 -78.11 -33.14 22.69
C PRO S 19 -77.00 -32.99 21.67
N GLN S 20 -77.08 -33.68 20.53
CA GLN S 20 -76.02 -33.66 19.55
C GLN S 20 -75.86 -32.26 18.94
N GLN S 21 -74.63 -31.97 18.50
CA GLN S 21 -74.34 -30.66 17.92
C GLN S 21 -75.11 -30.43 16.63
N ASN S 22 -75.21 -31.44 15.78
CA ASN S 22 -75.94 -31.32 14.53
C ASN S 22 -77.45 -31.33 14.82
N GLN S 23 -78.16 -30.38 14.23
CA GLN S 23 -79.60 -30.26 14.46
C GLN S 23 -80.35 -30.04 13.15
N THR S 24 -80.02 -30.84 12.13
CA THR S 24 -80.62 -30.66 10.82
C THR S 24 -82.10 -31.04 10.84
N LYS S 25 -82.40 -32.30 11.15
CA LYS S 25 -83.78 -32.76 11.27
C LYS S 25 -84.27 -32.58 12.70
N HIS S 26 -84.36 -31.31 13.08
CA HIS S 26 -84.76 -30.89 14.42
C HIS S 26 -85.95 -29.95 14.42
N CYS S 27 -86.02 -29.03 13.46
CA CYS S 27 -87.09 -28.04 13.46
C CYS S 27 -88.41 -28.64 12.97
N TRP S 28 -88.34 -29.56 11.99
CA TRP S 28 -89.56 -30.09 11.39
C TRP S 28 -90.38 -30.88 12.40
N GLN S 29 -89.74 -31.72 13.20
CA GLN S 29 -90.45 -32.47 14.23
C GLN S 29 -90.98 -31.55 15.32
N SER S 30 -90.21 -30.52 15.68
CA SER S 30 -90.65 -29.57 16.68
C SER S 30 -91.78 -28.68 16.20
N TYR S 31 -91.99 -28.59 14.88
CA TYR S 31 -93.03 -27.74 14.32
C TYR S 31 -94.28 -28.49 13.90
N VAL S 32 -94.15 -29.76 13.50
CA VAL S 32 -95.31 -30.50 13.02
C VAL S 32 -96.32 -30.71 14.15
N ASP S 33 -95.84 -31.06 15.36
CA ASP S 33 -96.75 -31.25 16.48
C ASP S 33 -97.43 -29.94 16.86
N TYR S 34 -96.69 -28.84 16.85
CA TYR S 34 -97.29 -27.54 17.17
C TYR S 34 -98.36 -27.17 16.14
N HIS S 35 -98.07 -27.40 14.86
CA HIS S 35 -99.06 -27.10 13.82
C HIS S 35 -100.30 -27.97 13.98
N LYS S 36 -100.11 -29.26 14.28
CA LYS S 36 -101.23 -30.16 14.46
C LYS S 36 -102.08 -29.75 15.66
N CYS S 37 -101.45 -29.34 16.76
CA CYS S 37 -102.21 -28.95 17.94
C CYS S 37 -102.88 -27.59 17.75
N VAL S 38 -102.31 -26.73 16.90
CA VAL S 38 -102.88 -25.40 16.71
C VAL S 38 -104.05 -25.46 15.73
N ASN S 39 -103.83 -26.03 14.54
CA ASN S 39 -104.84 -26.02 13.49
C ASN S 39 -105.74 -27.25 13.53
N MET S 40 -106.30 -27.54 14.71
CA MET S 40 -107.28 -28.61 14.82
C MET S 40 -108.60 -28.15 15.44
N LYS S 41 -108.55 -27.28 16.44
CA LYS S 41 -109.76 -26.62 16.92
C LYS S 41 -109.59 -25.13 17.20
N GLY S 42 -108.38 -24.63 17.43
CA GLY S 42 -108.19 -23.21 17.67
C GLY S 42 -108.73 -22.71 18.98
N GLU S 43 -108.86 -23.57 19.99
CA GLU S 43 -109.41 -23.18 21.28
C GLU S 43 -108.40 -23.31 22.41
N ASP S 44 -107.79 -24.49 22.57
CA ASP S 44 -106.87 -24.75 23.67
C ASP S 44 -105.53 -25.23 23.13
N PHE S 45 -104.44 -24.66 23.63
CA PHE S 45 -103.09 -25.06 23.25
C PHE S 45 -102.27 -25.51 24.46
N ALA S 46 -102.94 -25.90 25.55
CA ALA S 46 -102.24 -26.29 26.77
C ALA S 46 -101.31 -27.49 26.57
N PRO S 47 -101.71 -28.58 25.92
CA PRO S 47 -100.78 -29.71 25.78
C PRO S 47 -99.50 -29.36 25.03
N CYS S 48 -99.55 -28.39 24.12
CA CYS S 48 -98.40 -27.97 23.33
C CYS S 48 -97.91 -26.59 23.74
N LYS S 49 -97.94 -26.31 25.05
CA LYS S 49 -97.52 -25.02 25.59
C LYS S 49 -96.32 -25.16 26.52
N VAL S 50 -95.46 -26.14 26.26
CA VAL S 50 -94.31 -26.39 27.12
C VAL S 50 -92.98 -26.35 26.37
N PHE S 51 -92.96 -26.58 25.07
CA PHE S 51 -91.73 -26.62 24.28
C PHE S 51 -91.61 -25.42 23.35
N TRP S 52 -91.99 -24.23 23.84
CA TRP S 52 -91.90 -23.03 23.02
C TRP S 52 -90.46 -22.71 22.66
N LYS S 53 -89.54 -22.83 23.61
CA LYS S 53 -88.15 -22.52 23.35
C LYS S 53 -87.49 -23.52 22.41
N THR S 54 -88.11 -24.69 22.20
CA THR S 54 -87.56 -25.66 21.26
C THR S 54 -87.53 -25.10 19.85
N TYR S 55 -88.61 -24.42 19.43
CA TYR S 55 -88.67 -23.79 18.12
C TYR S 55 -88.49 -22.28 18.19
N ASN S 56 -88.30 -21.70 19.38
CA ASN S 56 -88.09 -20.27 19.51
C ASN S 56 -86.61 -19.91 19.55
N ALA S 57 -85.81 -20.67 20.29
CA ALA S 57 -84.38 -20.42 20.41
C ALA S 57 -83.53 -21.56 19.89
N LEU S 58 -83.82 -22.80 20.27
CA LEU S 58 -83.02 -23.94 19.81
C LEU S 58 -83.08 -24.07 18.30
N CYS S 59 -84.27 -23.89 17.71
CA CYS S 59 -84.52 -23.90 16.29
C CYS S 59 -84.45 -22.50 15.71
N PRO S 60 -83.82 -22.33 14.54
CA PRO S 60 -83.80 -21.01 13.91
C PRO S 60 -85.21 -20.52 13.58
N LEU S 61 -85.42 -19.23 13.77
CA LEU S 61 -86.71 -18.63 13.46
C LEU S 61 -86.87 -18.32 11.98
N ASP S 62 -85.78 -18.32 11.21
CA ASP S 62 -85.87 -18.07 9.78
C ASP S 62 -86.67 -19.17 9.09
N TRP S 63 -86.40 -20.42 9.41
CA TRP S 63 -87.16 -21.52 8.83
C TRP S 63 -88.61 -21.48 9.26
N ILE S 64 -88.86 -21.12 10.53
CA ILE S 64 -90.23 -21.05 11.02
C ILE S 64 -91.02 -19.98 10.28
N GLU S 65 -90.43 -18.80 10.11
CA GLU S 65 -91.13 -17.73 9.40
C GLU S 65 -91.27 -18.04 7.92
N LYS S 66 -90.30 -18.75 7.33
CA LYS S 66 -90.44 -19.17 5.94
C LYS S 66 -91.61 -20.15 5.79
N TRP S 67 -91.73 -21.10 6.71
CA TRP S 67 -92.87 -22.02 6.67
C TRP S 67 -94.19 -21.28 6.87
N ASP S 68 -94.21 -20.30 7.78
CA ASP S 68 -95.43 -19.53 8.00
C ASP S 68 -95.83 -18.76 6.73
N ASP S 69 -94.86 -18.12 6.07
CA ASP S 69 -95.15 -17.40 4.84
C ASP S 69 -95.61 -18.35 3.74
N GLN S 70 -94.98 -19.52 3.64
CA GLN S 70 -95.38 -20.49 2.63
C GLN S 70 -96.81 -20.99 2.87
N ARG S 71 -97.16 -21.24 4.13
CA ARG S 71 -98.53 -21.63 4.46
C ARG S 71 -99.51 -20.51 4.16
N GLU S 72 -99.13 -19.26 4.45
CA GLU S 72 -100.01 -18.14 4.16
C GLU S 72 -100.25 -17.97 2.67
N LYS S 73 -99.21 -18.14 1.85
CA LYS S 73 -99.35 -18.00 0.41
C LYS S 73 -99.95 -19.22 -0.27
N GLY S 74 -100.13 -20.33 0.46
CA GLY S 74 -100.78 -21.51 -0.07
C GLY S 74 -99.88 -22.50 -0.75
N ILE S 75 -98.60 -22.19 -0.92
CA ILE S 75 -97.63 -23.09 -1.55
C ILE S 75 -96.53 -23.38 -0.55
N PHE S 76 -96.28 -24.66 -0.30
CA PHE S 76 -95.28 -25.09 0.67
C PHE S 76 -94.13 -25.77 -0.06
N ALA S 77 -92.91 -25.57 0.45
CA ALA S 77 -91.73 -26.14 -0.17
C ALA S 77 -91.33 -27.49 0.43
N GLY S 78 -91.66 -27.73 1.69
CA GLY S 78 -91.27 -28.97 2.32
C GLY S 78 -92.05 -30.17 1.80
N ASP S 79 -91.45 -31.35 1.96
CA ASP S 79 -92.08 -32.60 1.55
C ASP S 79 -92.97 -33.09 2.68
N ILE S 80 -94.14 -32.45 2.80
CA ILE S 80 -95.10 -32.76 3.86
C ILE S 80 -96.39 -33.28 3.23
N ASN S 81 -97.35 -33.65 4.07
CA ASN S 81 -98.64 -34.15 3.64
C ASN S 81 -99.73 -33.13 3.97
N SER S 82 -100.72 -33.03 3.08
CA SER S 82 -101.81 -32.07 3.29
C SER S 82 -102.61 -32.42 4.54
N ASP S 83 -102.88 -33.70 4.75
CA ASP S 83 -103.65 -34.14 5.91
C ASP S 83 -102.81 -34.08 7.17
N GLY T 22 -11.43 -50.83 38.07
CA GLY T 22 -11.25 -51.76 36.97
C GLY T 22 -12.48 -51.90 36.09
N ARG T 23 -13.15 -53.05 36.19
CA ARG T 23 -14.36 -53.28 35.41
C ARG T 23 -15.49 -52.35 35.84
N ILE T 24 -15.55 -52.01 37.13
CA ILE T 24 -16.59 -51.14 37.65
C ILE T 24 -16.12 -49.69 37.76
N GLY T 25 -14.88 -49.48 38.20
CA GLY T 25 -14.38 -48.13 38.36
C GLY T 25 -14.30 -47.37 37.05
N GLU T 26 -13.81 -48.05 35.99
CA GLU T 26 -13.73 -47.42 34.67
C GLU T 26 -15.07 -47.43 33.95
N SER T 27 -16.08 -48.11 34.48
CA SER T 27 -17.40 -48.12 33.84
C SER T 27 -18.11 -46.78 34.02
N TRP T 28 -17.88 -46.09 35.14
CA TRP T 28 -18.53 -44.83 35.44
C TRP T 28 -17.72 -43.63 34.97
N VAL T 29 -16.71 -43.85 34.12
CA VAL T 29 -15.97 -42.72 33.55
C VAL T 29 -16.90 -41.87 32.69
N ILE T 30 -17.74 -42.51 31.89
CA ILE T 30 -18.69 -41.80 31.05
C ILE T 30 -20.14 -42.15 31.35
N THR T 31 -20.40 -43.24 32.09
CA THR T 31 -21.78 -43.64 32.38
C THR T 31 -22.49 -42.58 33.19
N GLU T 32 -21.91 -42.15 34.31
CA GLU T 32 -22.47 -41.07 35.11
C GLU T 32 -21.91 -39.71 34.72
N GLY T 33 -20.92 -39.67 33.84
CA GLY T 33 -20.32 -38.44 33.39
C GLY T 33 -21.02 -37.75 32.25
N ARG T 34 -22.12 -38.30 31.75
CA ARG T 34 -22.86 -37.71 30.65
C ARG T 34 -23.95 -36.75 31.12
N ARG T 35 -23.96 -36.39 32.40
CA ARG T 35 -24.96 -35.49 32.94
C ARG T 35 -24.41 -34.12 33.35
N LEU T 36 -23.09 -33.99 33.49
CA LEU T 36 -22.53 -32.71 33.91
C LEU T 36 -21.34 -32.29 33.04
N ILE T 37 -20.64 -33.25 32.45
CA ILE T 37 -19.54 -32.93 31.54
C ILE T 37 -20.05 -32.45 30.18
N PRO T 38 -20.83 -33.24 29.43
CA PRO T 38 -21.14 -32.86 28.04
C PRO T 38 -22.45 -32.14 27.82
N GLU T 39 -23.20 -31.81 28.88
CA GLU T 39 -24.47 -31.12 28.70
C GLU T 39 -24.28 -29.72 28.14
N ILE T 40 -23.08 -29.15 28.26
CA ILE T 40 -22.81 -27.84 27.68
C ILE T 40 -22.90 -27.90 26.16
N PHE T 41 -22.47 -29.02 25.56
CA PHE T 41 -22.57 -29.16 24.12
C PHE T 41 -24.03 -29.17 23.66
N GLN T 42 -24.89 -29.90 24.37
CA GLN T 42 -26.31 -29.92 24.02
C GLN T 42 -26.94 -28.55 24.26
N TRP T 43 -26.57 -27.88 25.34
CA TRP T 43 -27.12 -26.55 25.61
C TRP T 43 -26.73 -25.56 24.53
N SER T 44 -25.48 -25.60 24.08
CA SER T 44 -25.03 -24.71 23.01
C SER T 44 -25.55 -25.13 21.64
N ALA T 45 -25.97 -26.39 21.48
CA ALA T 45 -26.53 -26.83 20.21
C ALA T 45 -27.87 -26.17 19.91
N VAL T 46 -28.51 -25.57 20.91
CA VAL T 46 -29.79 -24.90 20.75
C VAL T 46 -29.69 -23.41 21.09
N LEU T 47 -28.48 -22.92 21.36
CA LEU T 47 -28.27 -21.53 21.74
C LEU T 47 -28.56 -20.55 20.60
N SER T 48 -28.71 -21.04 19.37
CA SER T 48 -28.91 -20.14 18.24
C SER T 48 -30.24 -19.39 18.33
N VAL T 49 -31.25 -19.99 18.96
CA VAL T 49 -32.58 -19.39 19.00
C VAL T 49 -32.55 -18.06 19.74
N CYS T 50 -31.96 -18.05 20.94
CA CYS T 50 -31.96 -16.84 21.76
C CYS T 50 -31.15 -15.73 21.11
N LEU T 51 -30.02 -16.07 20.50
CA LEU T 51 -29.21 -15.05 19.85
C LEU T 51 -29.86 -14.54 18.58
N GLY T 52 -30.62 -15.38 17.88
CA GLY T 52 -31.18 -15.01 16.60
C GLY T 52 -32.53 -14.32 16.64
N TRP T 53 -33.53 -14.97 17.23
CA TRP T 53 -34.90 -14.50 17.09
C TRP T 53 -35.21 -13.28 17.97
N PRO T 54 -34.86 -13.29 19.27
CA PRO T 54 -35.01 -12.04 20.04
C PRO T 54 -34.18 -10.90 19.48
N GLY T 55 -33.02 -11.20 18.91
CA GLY T 55 -32.25 -10.15 18.25
C GLY T 55 -32.98 -9.54 17.07
N ALA T 56 -33.61 -10.38 16.25
CA ALA T 56 -34.41 -9.86 15.14
C ALA T 56 -35.60 -9.06 15.64
N VAL T 57 -36.24 -9.52 16.72
CA VAL T 57 -37.36 -8.77 17.30
C VAL T 57 -36.91 -7.40 17.76
N TYR T 58 -35.76 -7.33 18.45
CA TYR T 58 -35.24 -6.05 18.90
C TYR T 58 -34.85 -5.15 17.72
N PHE T 59 -34.26 -5.74 16.67
CA PHE T 59 -33.88 -4.96 15.50
C PHE T 59 -35.10 -4.33 14.83
N PHE T 60 -36.12 -5.15 14.55
CA PHE T 60 -37.28 -4.63 13.83
C PHE T 60 -38.14 -3.75 14.73
N SER T 61 -38.34 -4.16 15.97
CA SER T 61 -39.17 -3.39 16.90
C SER T 61 -38.32 -2.64 17.91
N ALA U 21 14.60 -58.10 -5.92
CA ALA U 21 14.91 -59.53 -5.78
C ALA U 21 16.17 -59.74 -4.95
N GLN U 22 15.97 -60.15 -3.69
CA GLN U 22 17.07 -60.38 -2.75
C GLN U 22 17.95 -59.15 -2.62
N THR U 23 17.34 -58.07 -2.15
CA THR U 23 18.02 -56.80 -2.00
C THR U 23 18.85 -56.78 -0.71
N HIS U 24 19.69 -55.75 -0.60
CA HIS U 24 20.57 -55.58 0.56
C HIS U 24 20.68 -54.09 0.87
N ALA U 25 20.29 -53.72 2.08
CA ALA U 25 20.33 -52.33 2.53
C ALA U 25 19.54 -51.42 1.59
N LEU U 26 18.34 -51.87 1.23
CA LEU U 26 17.49 -51.15 0.28
C LEU U 26 16.89 -49.94 0.98
N SER U 27 17.68 -48.87 1.06
CA SER U 27 17.25 -47.58 1.58
C SER U 27 17.76 -46.52 0.61
N ASN U 28 16.97 -46.25 -0.42
CA ASN U 28 17.34 -45.34 -1.49
C ASN U 28 16.47 -44.10 -1.45
N ALA U 29 16.63 -43.23 -2.45
CA ALA U 29 15.90 -41.98 -2.47
C ALA U 29 14.39 -42.19 -2.54
N ALA U 30 13.96 -43.31 -3.14
CA ALA U 30 12.53 -43.57 -3.26
C ALA U 30 11.87 -43.77 -1.90
N VAL U 31 12.59 -44.36 -0.94
CA VAL U 31 11.99 -44.70 0.35
C VAL U 31 11.53 -43.44 1.07
N MET U 32 12.37 -42.42 1.12
CA MET U 32 11.98 -41.16 1.75
C MET U 32 11.31 -40.19 0.78
N ASP U 33 11.32 -40.49 -0.52
CA ASP U 33 10.50 -39.72 -1.46
C ASP U 33 9.03 -40.13 -1.38
N LEU U 34 8.77 -41.37 -0.96
CA LEU U 34 7.39 -41.86 -0.87
C LEU U 34 6.56 -41.07 0.13
N GLN U 35 7.14 -40.77 1.30
CA GLN U 35 6.36 -40.18 2.38
C GLN U 35 5.86 -38.78 2.02
N SER U 36 6.68 -37.99 1.34
CA SER U 36 6.32 -36.60 1.07
C SER U 36 5.07 -36.50 0.20
N ARG U 37 5.14 -37.01 -1.03
CA ARG U 37 4.01 -36.96 -1.95
C ARG U 37 3.87 -38.29 -2.66
N TRP U 38 2.66 -38.59 -3.10
CA TRP U 38 2.39 -39.85 -3.78
C TRP U 38 1.70 -39.67 -5.12
N GLU U 39 0.80 -38.69 -5.24
CA GLU U 39 0.10 -38.49 -6.51
C GLU U 39 0.99 -37.83 -7.56
N ASN U 40 1.92 -36.97 -7.14
CA ASN U 40 2.80 -36.29 -8.10
C ASN U 40 3.70 -37.29 -8.82
N MET U 41 4.24 -38.26 -8.08
CA MET U 41 5.06 -39.29 -8.70
C MET U 41 4.19 -40.13 -9.64
N PRO U 42 4.61 -40.35 -10.88
CA PRO U 42 3.62 -40.56 -11.96
C PRO U 42 3.12 -41.99 -12.12
N SER U 43 2.83 -42.68 -11.03
CA SER U 43 2.00 -43.88 -11.05
C SER U 43 2.54 -45.01 -11.93
N THR U 44 3.71 -44.81 -12.54
CA THR U 44 4.30 -45.80 -13.42
C THR U 44 5.40 -46.61 -12.75
N GLU U 45 5.90 -46.15 -11.60
CA GLU U 45 6.79 -46.95 -10.79
C GLU U 45 6.25 -47.17 -9.38
N GLN U 46 5.01 -46.75 -9.11
CA GLN U 46 4.35 -47.12 -7.87
C GLN U 46 4.23 -48.64 -7.77
N GLN U 47 3.82 -49.28 -8.87
CA GLN U 47 3.75 -50.74 -8.87
C GLN U 47 5.12 -51.36 -8.67
N ASP U 48 6.16 -50.77 -9.26
CA ASP U 48 7.51 -51.30 -9.08
C ASP U 48 7.94 -51.22 -7.62
N ILE U 49 7.72 -50.08 -6.98
CA ILE U 49 8.19 -49.91 -5.61
C ILE U 49 7.36 -50.79 -4.66
N VAL U 50 6.06 -50.91 -4.89
CA VAL U 50 5.26 -51.76 -4.00
C VAL U 50 5.62 -53.22 -4.19
N SER U 51 5.91 -53.64 -5.43
CA SER U 51 6.35 -55.02 -5.65
C SER U 51 7.70 -55.28 -4.99
N LYS U 52 8.62 -54.31 -5.08
CA LYS U 52 9.91 -54.48 -4.43
C LYS U 52 9.75 -54.56 -2.92
N LEU U 53 8.87 -53.73 -2.35
CA LEU U 53 8.62 -53.80 -0.91
C LEU U 53 8.00 -55.13 -0.52
N SER U 54 7.07 -55.65 -1.33
CA SER U 54 6.48 -56.94 -1.04
C SER U 54 7.52 -58.05 -1.07
N GLU U 55 8.42 -58.01 -2.07
CA GLU U 55 9.48 -59.00 -2.15
C GLU U 55 10.41 -58.90 -0.94
N ARG U 56 10.73 -57.67 -0.52
CA ARG U 56 11.62 -57.51 0.65
C ARG U 56 10.96 -58.04 1.91
N GLN U 57 9.68 -57.72 2.13
CA GLN U 57 8.99 -58.21 3.32
C GLN U 57 8.59 -59.67 3.24
N LYS U 58 8.72 -60.30 2.06
CA LYS U 58 8.61 -61.76 2.00
C LYS U 58 9.69 -62.42 2.83
N LEU U 59 10.89 -61.83 2.82
CA LEU U 59 11.97 -62.28 3.68
C LEU U 59 11.63 -61.97 5.14
N PRO U 60 12.30 -62.63 6.10
CA PRO U 60 12.02 -62.35 7.51
C PRO U 60 12.20 -60.88 7.84
N TRP U 61 11.36 -60.39 8.76
CA TRP U 61 11.28 -58.96 9.05
C TRP U 61 12.62 -58.42 9.51
N ALA U 62 13.22 -59.05 10.52
CA ALA U 62 14.53 -58.62 11.06
C ALA U 62 14.50 -57.16 11.51
N GLN U 63 13.32 -56.67 11.89
CA GLN U 63 13.15 -55.32 12.43
C GLN U 63 13.62 -54.27 11.41
N LEU U 64 12.88 -54.22 10.30
CA LEU U 64 13.17 -53.27 9.22
C LEU U 64 13.33 -51.86 9.75
N THR U 65 14.13 -51.06 9.04
CA THR U 65 14.37 -49.69 9.44
C THR U 65 13.10 -48.85 9.33
N GLU U 66 13.05 -47.79 10.11
CA GLU U 66 11.81 -47.01 10.24
C GLU U 66 11.32 -46.38 8.93
N PRO U 67 12.17 -45.82 8.04
CA PRO U 67 11.60 -45.21 6.82
C PRO U 67 10.88 -46.22 5.94
N GLU U 68 11.41 -47.44 5.81
CA GLU U 68 10.74 -48.47 5.03
C GLU U 68 9.42 -48.87 5.66
N LYS U 69 9.40 -49.00 6.99
CA LYS U 69 8.15 -49.32 7.67
C LYS U 69 7.11 -48.24 7.45
N GLN U 70 7.52 -46.96 7.55
CA GLN U 70 6.58 -45.87 7.33
C GLN U 70 6.08 -45.86 5.90
N ALA U 71 6.96 -46.10 4.93
CA ALA U 71 6.54 -46.11 3.53
C ALA U 71 5.55 -47.24 3.25
N VAL U 72 5.84 -48.44 3.76
CA VAL U 72 4.93 -49.56 3.51
C VAL U 72 3.61 -49.35 4.25
N TRP U 73 3.66 -48.75 5.44
CA TRP U 73 2.42 -48.43 6.15
C TRP U 73 1.59 -47.42 5.37
N TYR U 74 2.26 -46.42 4.77
CA TYR U 74 1.53 -45.45 3.96
C TYR U 74 0.91 -46.10 2.74
N ILE U 75 1.65 -46.97 2.05
CA ILE U 75 1.12 -47.56 0.82
C ILE U 75 0.07 -48.62 1.10
N SER U 76 0.04 -49.21 2.30
CA SER U 76 -0.93 -50.25 2.59
C SER U 76 -2.14 -49.76 3.38
N TYR U 77 -1.99 -48.73 4.22
CA TYR U 77 -3.05 -48.34 5.14
C TYR U 77 -4.07 -47.42 4.48
N GLY U 78 -3.62 -46.26 4.01
CA GLY U 78 -4.54 -45.31 3.42
C GLY U 78 -4.06 -43.87 3.44
N GLU U 79 -4.91 -42.97 3.94
CA GLU U 79 -4.73 -41.52 3.86
C GLU U 79 -4.26 -41.11 2.47
N TRP U 80 -4.72 -41.83 1.45
CA TRP U 80 -4.40 -41.58 0.05
C TRP U 80 -5.38 -42.37 -0.80
N GLY U 81 -5.77 -41.78 -1.93
CA GLY U 81 -6.68 -42.43 -2.84
C GLY U 81 -8.07 -42.60 -2.26
N PRO U 82 -8.49 -43.86 -2.10
CA PRO U 82 -9.84 -44.11 -1.58
C PRO U 82 -10.09 -43.55 -0.19
N ARG U 83 -9.08 -43.53 0.68
CA ARG U 83 -9.26 -43.05 2.04
C ARG U 83 -9.36 -41.53 2.12
N ARG U 84 -9.04 -40.81 1.04
CA ARG U 84 -9.29 -39.37 0.96
C ARG U 84 -10.73 -39.06 1.36
N PRO U 85 -10.93 -38.40 2.50
CA PRO U 85 -12.29 -38.14 2.98
C PRO U 85 -12.94 -36.99 2.22
N VAL U 86 -14.23 -36.81 2.48
CA VAL U 86 -14.95 -35.67 1.93
C VAL U 86 -14.40 -34.35 2.45
N LEU U 87 -13.77 -34.38 3.63
CA LEU U 87 -13.14 -33.19 4.19
C LEU U 87 -11.79 -32.99 3.50
N ASN U 88 -11.74 -32.01 2.61
CA ASN U 88 -10.53 -31.72 1.84
C ASN U 88 -9.69 -30.68 2.60
N LYS U 89 -8.74 -30.05 1.91
CA LYS U 89 -7.72 -29.21 2.51
C LYS U 89 -8.13 -27.75 2.59
N GLY U 90 -9.40 -27.48 2.86
CA GLY U 90 -9.90 -26.12 2.92
C GLY U 90 -11.17 -25.89 2.13
N ASP U 91 -11.88 -26.97 1.81
CA ASP U 91 -13.17 -26.87 1.15
C ASP U 91 -14.28 -26.41 2.09
N SER U 92 -14.12 -26.61 3.40
CA SER U 92 -15.14 -26.18 4.35
C SER U 92 -15.29 -24.67 4.36
N SER U 93 -14.18 -23.94 4.24
CA SER U 93 -14.25 -22.48 4.09
C SER U 93 -15.03 -22.12 2.83
N PHE U 94 -14.81 -22.86 1.74
CA PHE U 94 -15.59 -22.63 0.53
C PHE U 94 -17.07 -22.88 0.76
N ILE U 95 -17.40 -23.90 1.57
CA ILE U 95 -18.80 -24.16 1.90
C ILE U 95 -19.40 -22.96 2.62
N ALA U 96 -18.74 -22.51 3.68
CA ALA U 96 -19.27 -21.43 4.50
C ALA U 96 -19.42 -20.15 3.68
N LYS U 97 -18.43 -19.84 2.85
CA LYS U 97 -18.48 -18.61 2.06
C LYS U 97 -19.41 -18.72 0.86
N GLY U 98 -19.66 -19.92 0.34
CA GLY U 98 -20.73 -20.07 -0.63
C GLY U 98 -22.09 -19.81 -0.01
N VAL U 99 -22.30 -20.29 1.22
CA VAL U 99 -23.54 -19.97 1.93
C VAL U 99 -23.65 -18.46 2.16
N ALA U 100 -22.55 -17.83 2.57
CA ALA U 100 -22.55 -16.39 2.79
C ALA U 100 -22.84 -15.63 1.51
N ALA U 101 -22.25 -16.06 0.38
CA ALA U 101 -22.50 -15.42 -0.89
C ALA U 101 -23.95 -15.59 -1.33
N GLY U 102 -24.53 -16.77 -1.07
CA GLY U 102 -25.93 -16.96 -1.36
C GLY U 102 -26.82 -16.02 -0.56
N LEU U 103 -26.50 -15.86 0.74
CA LEU U 103 -27.28 -14.94 1.58
C LEU U 103 -27.12 -13.50 1.09
N LEU U 104 -25.90 -13.11 0.71
CA LEU U 104 -25.67 -11.75 0.20
C LEU U 104 -26.43 -11.52 -1.10
N PHE U 105 -26.42 -12.50 -2.00
CA PHE U 105 -27.19 -12.39 -3.23
C PHE U 105 -28.67 -12.27 -2.93
N SER U 106 -29.17 -13.05 -1.96
CA SER U 106 -30.57 -12.97 -1.58
C SER U 106 -30.93 -11.57 -1.11
N VAL U 107 -30.15 -11.02 -0.18
CA VAL U 107 -30.51 -9.72 0.38
C VAL U 107 -30.36 -8.62 -0.66
N GLY U 108 -29.32 -8.69 -1.50
CA GLY U 108 -29.15 -7.68 -2.53
C GLY U 108 -30.25 -7.71 -3.57
N LEU U 109 -30.63 -8.90 -4.04
CA LEU U 109 -31.70 -8.99 -5.02
C LEU U 109 -33.04 -8.57 -4.43
N PHE U 110 -33.28 -8.92 -3.16
CA PHE U 110 -34.49 -8.45 -2.49
C PHE U 110 -34.52 -6.93 -2.41
N ALA U 111 -33.38 -6.32 -2.06
CA ALA U 111 -33.32 -4.86 -1.98
C ALA U 111 -33.58 -4.21 -3.33
N VAL U 112 -32.95 -4.73 -4.39
CA VAL U 112 -33.12 -4.10 -5.70
C VAL U 112 -34.53 -4.30 -6.23
N VAL U 113 -35.13 -5.47 -6.00
CA VAL U 113 -36.50 -5.67 -6.46
C VAL U 113 -37.48 -4.83 -5.65
N ARG U 114 -37.22 -4.63 -4.36
CA ARG U 114 -38.07 -3.74 -3.56
C ARG U 114 -37.95 -2.31 -4.04
N MET U 115 -36.73 -1.86 -4.37
CA MET U 115 -36.54 -0.52 -4.91
C MET U 115 -37.26 -0.36 -6.24
N ALA U 116 -37.18 -1.37 -7.11
CA ALA U 116 -37.86 -1.31 -8.40
C ALA U 116 -39.37 -1.42 -8.26
N GLY U 117 -39.85 -1.96 -7.14
CA GLY U 117 -41.30 -2.06 -6.96
C GLY U 117 -41.97 -0.71 -6.83
N GLY U 118 -41.34 0.22 -6.12
CA GLY U 118 -41.90 1.55 -5.93
C GLY U 118 -42.89 1.61 -4.79
N GLN U 119 -43.26 2.83 -4.44
CA GLN U 119 -44.21 3.06 -3.35
C GLN U 119 -45.59 2.54 -3.76
N ASP U 120 -46.24 1.80 -2.85
CA ASP U 120 -47.55 1.23 -3.13
C ASP U 120 -48.47 1.32 -1.92
N ALA U 121 -48.24 2.29 -1.04
CA ALA U 121 -49.05 2.44 0.17
C ALA U 121 -49.23 3.94 0.44
N LYS U 122 -50.42 4.46 0.11
CA LYS U 122 -50.76 5.84 0.41
C LYS U 122 -51.36 6.01 1.80
N THR U 123 -51.64 4.92 2.50
CA THR U 123 -52.16 4.98 3.86
C THR U 123 -51.32 4.10 4.78
N MET U 124 -51.74 3.98 6.05
CA MET U 124 -51.06 3.17 7.04
C MET U 124 -49.60 3.61 7.21
N ASN U 125 -49.44 4.85 7.65
CA ASN U 125 -48.15 5.37 8.08
C ASN U 125 -47.98 5.06 9.57
N LYS U 126 -46.93 5.61 10.18
CA LYS U 126 -46.73 5.40 11.61
C LYS U 126 -47.86 6.02 12.42
N GLU U 127 -48.29 7.23 12.05
CA GLU U 127 -49.34 7.91 12.80
C GLU U 127 -50.67 7.19 12.69
N TRP U 128 -50.96 6.57 11.54
CA TRP U 128 -52.17 5.77 11.40
C TRP U 128 -52.18 4.64 12.42
N GLN U 129 -51.06 3.91 12.52
CA GLN U 129 -50.95 2.83 13.48
C GLN U 129 -51.05 3.35 14.91
N LEU U 130 -50.43 4.50 15.19
CA LEU U 130 -50.52 5.07 16.53
C LEU U 130 -51.97 5.38 16.90
N LYS U 131 -52.72 5.99 15.96
CA LYS U 131 -54.12 6.28 16.22
C LYS U 131 -54.92 5.01 16.44
N SER U 132 -54.69 3.99 15.60
CA SER U 132 -55.43 2.73 15.74
C SER U 132 -55.14 2.07 17.07
N ASP U 133 -53.88 2.05 17.48
CA ASP U 133 -53.50 1.43 18.75
C ASP U 133 -54.07 2.21 19.94
N GLU U 134 -54.07 3.54 19.86
CA GLU U 134 -54.67 4.33 20.93
C GLU U 134 -56.17 4.08 21.01
N TYR U 135 -56.84 3.97 19.86
CA TYR U 135 -58.27 3.68 19.85
C TYR U 135 -58.57 2.31 20.44
N LEU U 136 -57.75 1.31 20.09
CA LEU U 136 -58.01 -0.04 20.58
C LEU U 136 -57.68 -0.18 22.07
N LYS U 137 -56.63 0.51 22.53
CA LYS U 137 -56.10 0.33 23.87
C LYS U 137 -56.42 1.51 24.78
N SER U 138 -57.64 2.06 24.65
CA SER U 138 -58.09 3.13 25.53
C SER U 138 -59.25 2.72 26.44
N LYS U 139 -60.01 1.70 26.08
CA LYS U 139 -61.18 1.29 26.84
C LYS U 139 -61.47 -0.17 26.50
N ASN U 140 -62.62 -0.68 26.97
CA ASN U 140 -63.09 -2.03 26.65
C ASN U 140 -62.18 -3.11 27.25
N ALA U 141 -61.82 -2.93 28.52
CA ALA U 141 -61.08 -3.92 29.30
C ALA U 141 -59.78 -4.32 28.59
N ASN U 142 -58.89 -3.35 28.47
CA ASN U 142 -57.63 -3.57 27.76
C ASN U 142 -56.75 -4.56 28.52
N PRO U 143 -56.16 -5.54 27.83
CA PRO U 143 -55.22 -6.44 28.51
C PRO U 143 -53.90 -5.75 28.81
N TRP U 144 -53.88 -4.95 29.88
CA TRP U 144 -52.69 -4.21 30.32
C TRP U 144 -52.20 -3.23 29.26
N GLY U 145 -53.12 -2.69 28.46
CA GLY U 145 -52.79 -1.65 27.51
C GLY U 145 -52.19 -2.13 26.21
N GLY U 146 -51.95 -3.43 26.04
CA GLY U 146 -51.44 -3.95 24.79
C GLY U 146 -49.98 -3.59 24.56
N TYR U 147 -49.45 -4.11 23.45
CA TYR U 147 -48.07 -3.84 23.06
C TYR U 147 -47.96 -3.63 21.55
N SER U 148 -49.02 -3.12 20.92
CA SER U 148 -49.08 -2.97 19.47
C SER U 148 -48.22 -1.79 19.05
N GLN U 149 -46.91 -2.03 18.98
CA GLN U 149 -46.00 -1.04 18.47
C GLN U 149 -46.07 -0.98 16.94
N VAL U 150 -45.82 0.21 16.40
CA VAL U 150 -45.77 0.36 14.94
C VAL U 150 -44.64 -0.49 14.39
N GLN U 151 -44.89 -1.11 13.23
CA GLN U 151 -43.92 -2.07 12.69
C GLN U 151 -42.63 -1.39 12.27
N SER U 152 -42.71 -0.51 11.28
CA SER U 152 -41.54 0.19 10.75
C SER U 152 -42.04 1.29 9.81
N LYS U 153 -41.10 1.93 9.11
CA LYS U 153 -41.44 2.94 8.12
C LYS U 153 -42.22 2.32 6.96
N ALA V 27 82.09 14.41 33.97
CA ALA V 27 83.01 15.25 34.73
C ALA V 27 82.91 16.70 34.31
N GLU V 28 83.46 17.59 35.14
CA GLU V 28 83.41 19.01 34.84
C GLU V 28 84.38 19.37 33.73
N VAL V 29 84.08 20.46 33.03
CA VAL V 29 84.88 20.92 31.91
C VAL V 29 85.85 22.00 32.39
N THR V 30 86.98 22.12 31.70
CA THR V 30 88.01 23.10 32.01
C THR V 30 88.23 23.98 30.79
N GLN V 31 88.26 25.30 31.00
CA GLN V 31 88.40 26.26 29.91
C GLN V 31 89.47 27.29 30.24
N LEU V 32 90.21 27.71 29.21
CA LEU V 32 91.12 28.83 29.29
C LEU V 32 91.17 29.49 27.93
N SER V 33 91.61 30.75 27.88
CA SER V 33 91.51 31.51 26.65
C SER V 33 92.68 32.48 26.54
N ASN V 34 93.52 32.29 25.52
CA ASN V 34 94.47 33.30 25.05
C ASN V 34 94.27 33.37 23.54
N GLY V 35 93.29 34.16 23.11
CA GLY V 35 92.90 34.18 21.72
C GLY V 35 92.16 32.90 21.36
N ILE V 36 92.90 31.79 21.34
CA ILE V 36 92.31 30.46 21.19
C ILE V 36 91.79 29.99 22.54
N VAL V 37 90.66 29.29 22.53
CA VAL V 37 90.04 28.76 23.74
C VAL V 37 90.14 27.24 23.70
N VAL V 38 90.68 26.67 24.77
CA VAL V 38 90.87 25.22 24.89
C VAL V 38 89.87 24.72 25.92
N ALA V 39 88.92 23.92 25.49
CA ALA V 39 87.88 23.37 26.36
C ALA V 39 87.87 21.85 26.23
N THR V 40 87.94 21.17 27.37
CA THR V 40 88.01 19.72 27.42
C THR V 40 86.92 19.17 28.33
N GLU V 41 86.30 18.07 27.92
CA GLU V 41 85.32 17.34 28.71
C GLU V 41 85.84 15.92 28.87
N HIS V 42 86.67 15.72 29.89
CA HIS V 42 87.28 14.42 30.10
C HIS V 42 86.21 13.39 30.47
N ASN V 43 86.38 12.18 29.96
CA ASN V 43 85.38 11.13 30.16
C ASN V 43 86.02 9.75 30.07
N PRO V 44 86.41 9.16 31.20
CA PRO V 44 86.98 7.80 31.16
C PRO V 44 86.01 6.75 30.65
N SER V 45 84.71 7.04 30.64
CA SER V 45 83.73 6.07 30.16
C SER V 45 83.99 5.70 28.70
N ALA V 46 84.26 6.69 27.86
CA ALA V 46 84.56 6.47 26.45
C ALA V 46 86.06 6.30 26.25
N HIS V 47 86.42 5.67 25.13
CA HIS V 47 87.82 5.42 24.81
C HIS V 47 88.10 5.72 23.35
N THR V 48 87.54 6.83 22.84
CA THR V 48 87.79 7.31 21.48
C THR V 48 88.04 8.82 21.57
N ALA V 49 89.30 9.19 21.76
CA ALA V 49 89.64 10.60 21.92
C ALA V 49 89.41 11.36 20.60
N SER V 50 88.87 12.57 20.71
CA SER V 50 88.59 13.40 19.55
C SER V 50 89.12 14.81 19.80
N VAL V 51 89.39 15.51 18.70
CA VAL V 51 89.86 16.89 18.77
C VAL V 51 89.45 17.59 17.48
N GLY V 52 89.02 18.84 17.60
CA GLY V 52 88.58 19.60 16.44
C GLY V 52 88.59 21.09 16.65
N VAL V 53 87.99 21.84 15.72
CA VAL V 53 87.93 23.29 15.79
C VAL V 53 86.51 23.72 15.44
N VAL V 54 85.92 24.57 16.28
CA VAL V 54 84.56 25.05 16.09
C VAL V 54 84.63 26.56 15.88
N PHE V 55 84.09 27.03 14.76
CA PHE V 55 84.07 28.45 14.45
C PHE V 55 82.69 29.03 14.76
N GLY V 56 82.70 30.28 15.21
CA GLY V 56 81.47 30.96 15.58
C GLY V 56 80.68 31.54 14.43
N SER V 57 81.18 31.41 13.21
CA SER V 57 80.51 31.92 12.02
C SER V 57 80.08 30.76 11.14
N GLY V 58 78.81 30.72 10.79
CA GLY V 58 78.28 29.66 9.95
C GLY V 58 77.56 30.19 8.72
N ALA V 59 76.31 29.79 8.55
CA ALA V 59 75.50 30.24 7.43
C ALA V 59 74.72 31.51 7.74
N ALA V 60 74.88 32.08 8.94
CA ALA V 60 74.15 33.28 9.34
C ALA V 60 74.96 34.55 9.19
N ASN V 61 76.19 34.46 8.69
CA ASN V 61 77.07 35.62 8.55
C ASN V 61 77.63 35.68 7.13
N GLU V 62 76.75 35.52 6.14
CA GLU V 62 77.16 35.54 4.75
C GLU V 62 76.05 36.18 3.91
N ASN V 63 76.44 37.12 3.05
CA ASN V 63 75.47 37.83 2.24
C ASN V 63 74.84 36.88 1.21
N PRO V 64 73.60 37.16 0.78
CA PRO V 64 72.92 36.23 -0.13
C PRO V 64 73.46 36.25 -1.54
N TYR V 65 74.59 36.92 -1.76
CA TYR V 65 75.21 36.95 -3.08
C TYR V 65 75.61 35.55 -3.52
N ASN V 66 76.23 34.78 -2.64
CA ASN V 66 76.58 33.38 -2.94
C ASN V 66 76.54 32.61 -1.62
N ASN V 67 75.41 31.97 -1.36
CA ASN V 67 75.20 31.30 -0.08
C ASN V 67 76.15 30.12 0.09
N GLY V 68 76.29 29.29 -0.94
CA GLY V 68 77.00 28.03 -0.81
C GLY V 68 78.51 28.15 -0.72
N VAL V 69 79.01 28.68 0.39
CA VAL V 69 80.44 28.76 0.64
C VAL V 69 80.86 27.91 1.83
N SER V 70 80.08 27.94 2.93
CA SER V 70 80.42 27.14 4.09
C SER V 70 80.30 25.65 3.79
N ASN V 71 79.23 25.24 3.12
CA ASN V 71 79.09 23.84 2.73
C ASN V 71 80.14 23.45 1.70
N LEU V 72 80.52 24.38 0.83
CA LEU V 72 81.60 24.10 -0.13
C LEU V 72 82.91 23.84 0.59
N TRP V 73 83.23 24.65 1.60
CA TRP V 73 84.41 24.40 2.42
C TRP V 73 84.30 23.06 3.14
N LYS V 74 83.13 22.74 3.67
CA LYS V 74 82.94 21.48 4.37
C LYS V 74 83.20 20.30 3.44
N ASN V 75 82.69 20.37 2.21
CA ASN V 75 82.92 19.29 1.26
C ASN V 75 84.36 19.26 0.79
N ILE V 76 85.02 20.42 0.71
CA ILE V 76 86.44 20.44 0.37
C ILE V 76 87.25 19.73 1.44
N PHE V 77 86.93 19.97 2.71
CA PHE V 77 87.58 19.26 3.80
C PHE V 77 87.22 17.78 3.79
N LEU V 78 86.13 17.41 3.15
CA LEU V 78 85.64 16.03 3.12
C LEU V 78 85.84 15.39 1.76
N SER V 79 86.84 15.84 1.00
CA SER V 79 87.03 15.40 -0.38
C SER V 79 88.31 14.60 -0.57
N LYS V 80 89.47 15.16 -0.23
CA LYS V 80 90.74 14.51 -0.51
C LYS V 80 91.62 14.29 0.71
N GLU V 81 91.50 15.14 1.74
CA GLU V 81 92.25 14.89 2.95
C GLU V 81 91.78 13.62 3.68
N ASN V 82 90.62 13.09 3.33
CA ASN V 82 90.19 11.82 3.88
C ASN V 82 91.18 10.71 3.52
N SER V 83 91.64 10.69 2.27
CA SER V 83 92.65 9.73 1.87
C SER V 83 93.94 9.93 2.67
N ALA V 84 94.34 11.19 2.86
CA ALA V 84 95.57 11.47 3.59
C ALA V 84 95.48 10.96 5.03
N VAL V 85 94.36 11.25 5.70
CA VAL V 85 94.24 10.85 7.11
C VAL V 85 94.11 9.33 7.22
N ALA V 86 93.40 8.69 6.28
CA ALA V 86 93.26 7.24 6.35
C ALA V 86 94.59 6.54 6.08
N ALA V 87 95.33 6.98 5.06
CA ALA V 87 96.56 6.28 4.68
C ALA V 87 97.68 6.56 5.67
N LYS V 88 97.85 7.83 6.07
CA LYS V 88 98.97 8.20 6.92
C LYS V 88 98.90 7.51 8.27
N GLU V 89 97.76 7.63 8.95
CA GLU V 89 97.59 7.06 10.29
C GLU V 89 96.12 6.67 10.45
N GLY V 90 95.70 6.47 11.69
CA GLY V 90 94.30 6.19 11.95
C GLY V 90 93.56 7.36 12.57
N LEU V 91 92.76 8.05 11.77
CA LEU V 91 91.96 9.17 12.25
C LEU V 91 90.90 9.51 11.21
N ALA V 92 89.65 9.59 11.65
CA ALA V 92 88.53 9.90 10.78
C ALA V 92 88.00 11.30 11.11
N LEU V 93 87.70 12.07 10.07
CA LEU V 93 87.28 13.45 10.22
C LEU V 93 85.86 13.64 9.70
N SER V 94 85.16 14.60 10.30
CA SER V 94 83.77 14.89 9.94
C SER V 94 83.47 16.34 10.30
N SER V 95 82.37 16.85 9.76
CA SER V 95 82.01 18.24 9.96
C SER V 95 80.50 18.40 9.83
N ASN V 96 80.00 19.53 10.30
CA ASN V 96 78.58 19.85 10.21
C ASN V 96 78.39 21.34 10.45
N ILE V 97 77.57 21.96 9.60
CA ILE V 97 77.24 23.37 9.71
C ILE V 97 75.72 23.50 9.64
N SER V 98 75.12 24.13 10.65
CA SER V 98 73.67 24.31 10.64
C SER V 98 73.27 25.78 10.50
N ARG V 99 73.62 26.62 11.47
CA ARG V 99 73.48 28.06 11.24
C ARG V 99 74.70 28.85 11.65
N ASP V 100 75.31 28.53 12.79
CA ASP V 100 76.54 29.17 13.21
C ASP V 100 77.50 28.23 13.93
N PHE V 101 77.18 26.95 14.06
CA PHE V 101 78.07 25.99 14.70
C PHE V 101 78.95 25.29 13.68
N GLN V 102 79.64 26.08 12.85
CA GLN V 102 80.52 25.52 11.83
C GLN V 102 81.73 24.90 12.52
N SER V 103 81.84 23.57 12.43
CA SER V 103 82.87 22.84 13.15
C SER V 103 83.50 21.80 12.23
N TYR V 104 84.75 21.45 12.53
CA TYR V 104 85.51 20.45 11.78
C TYR V 104 86.15 19.52 12.79
N ILE V 105 85.43 18.47 13.16
CA ILE V 105 85.87 17.54 14.21
C ILE V 105 86.68 16.43 13.56
N VAL V 106 87.78 16.05 14.22
CA VAL V 106 88.66 15.01 13.74
C VAL V 106 88.76 13.97 14.85
N SER V 107 87.99 12.88 14.72
CA SER V 107 88.06 11.82 15.70
C SER V 107 89.38 11.08 15.61
N SER V 108 89.67 10.27 16.62
CA SER V 108 90.97 9.61 16.72
C SER V 108 90.90 8.55 17.80
N LEU V 109 92.01 7.83 17.98
CA LEU V 109 92.22 6.91 19.08
C LEU V 109 92.87 7.64 20.25
N PRO V 110 92.77 7.09 21.47
CA PRO V 110 93.29 7.83 22.63
C PRO V 110 94.78 8.17 22.55
N GLY V 111 95.59 7.34 21.90
CA GLY V 111 97.00 7.59 21.79
C GLY V 111 97.45 8.34 20.55
N SER V 112 96.52 8.89 19.77
CA SER V 112 96.85 9.51 18.49
C SER V 112 96.38 10.96 18.40
N THR V 113 96.16 11.62 19.53
CA THR V 113 95.77 13.03 19.51
C THR V 113 96.90 13.90 18.99
N ASP V 114 98.15 13.51 19.24
CA ASP V 114 99.29 14.27 18.72
C ASP V 114 99.28 14.31 17.20
N LYS V 115 99.11 13.15 16.56
CA LYS V 115 99.08 13.12 15.10
C LYS V 115 97.78 13.73 14.56
N SER V 116 96.69 13.66 15.32
CA SER V 116 95.46 14.33 14.90
C SER V 116 95.66 15.84 14.83
N LEU V 117 96.24 16.43 15.88
CA LEU V 117 96.51 17.86 15.85
C LEU V 117 97.60 18.19 14.84
N ASP V 118 98.52 17.27 14.59
CA ASP V 118 99.51 17.48 13.53
C ASP V 118 98.84 17.63 12.18
N PHE V 119 97.90 16.73 11.86
CA PHE V 119 97.16 16.86 10.60
C PHE V 119 96.34 18.14 10.56
N LEU V 120 95.68 18.49 11.66
CA LEU V 120 94.87 19.70 11.69
C LEU V 120 95.74 20.94 11.41
N ASN V 121 96.91 20.99 12.06
CA ASN V 121 97.82 22.11 11.84
C ASN V 121 98.31 22.14 10.40
N GLN V 122 98.72 20.99 9.86
CA GLN V 122 99.21 20.96 8.49
C GLN V 122 98.11 21.23 7.47
N SER V 123 96.84 21.15 7.88
CA SER V 123 95.75 21.35 6.94
C SER V 123 95.11 22.73 7.00
N PHE V 124 95.12 23.42 8.15
CA PHE V 124 94.38 24.67 8.27
C PHE V 124 95.25 25.92 8.42
N ILE V 125 96.58 25.81 8.38
CA ILE V 125 97.39 27.02 8.26
C ILE V 125 98.37 26.86 7.10
N GLN V 126 99.12 25.76 7.09
CA GLN V 126 100.06 25.49 6.01
C GLN V 126 100.28 23.99 5.92
N GLN V 127 100.13 23.42 4.72
CA GLN V 127 99.83 24.21 3.53
C GLN V 127 98.33 24.36 3.31
N LYS V 128 97.92 25.52 2.78
CA LYS V 128 96.52 25.81 2.49
C LYS V 128 96.32 26.13 1.01
N ALA V 129 97.26 25.74 0.15
CA ALA V 129 97.18 26.02 -1.28
C ALA V 129 96.92 24.78 -2.11
N ASN V 130 97.60 23.67 -1.83
CA ASN V 130 97.38 22.45 -2.61
C ASN V 130 95.97 21.91 -2.41
N LEU V 131 95.35 22.21 -1.27
CA LEU V 131 93.99 21.75 -1.04
C LEU V 131 93.01 22.38 -2.03
N LEU V 132 93.18 23.66 -2.31
CA LEU V 132 92.29 24.36 -3.24
C LEU V 132 92.78 24.25 -4.68
N SER V 133 93.05 23.03 -5.12
CA SER V 133 93.37 22.79 -6.52
C SER V 133 92.14 23.06 -7.38
N SER V 134 92.39 23.47 -8.62
CA SER V 134 91.30 23.79 -9.54
C SER V 134 90.42 22.58 -9.78
N SER V 135 90.97 21.55 -10.43
CA SER V 135 90.17 20.38 -10.79
C SER V 135 89.45 19.79 -9.59
N ASN V 136 90.12 19.76 -8.44
CA ASN V 136 89.45 19.36 -7.21
C ASN V 136 88.29 20.29 -6.90
N PHE V 137 88.44 21.59 -7.16
CA PHE V 137 87.36 22.52 -6.88
C PHE V 137 86.15 22.26 -7.78
N GLU V 138 86.37 22.05 -9.08
CA GLU V 138 85.21 21.75 -9.92
C GLU V 138 84.59 20.40 -9.57
N ALA V 139 85.40 19.41 -9.19
CA ALA V 139 84.84 18.13 -8.78
C ALA V 139 83.95 18.31 -7.55
N THR V 140 84.43 19.06 -6.56
CA THR V 140 83.64 19.32 -5.37
C THR V 140 82.39 20.12 -5.70
N LYS V 141 82.51 21.08 -6.62
CA LYS V 141 81.35 21.87 -7.02
C LYS V 141 80.28 21.01 -7.67
N LYS V 142 80.69 20.10 -8.56
CA LYS V 142 79.74 19.19 -9.19
C LYS V 142 79.07 18.29 -8.14
N SER V 143 79.87 17.76 -7.21
CA SER V 143 79.30 16.90 -6.17
C SER V 143 78.29 17.66 -5.32
N VAL V 144 78.61 18.90 -4.94
CA VAL V 144 77.71 19.70 -4.12
C VAL V 144 76.45 20.04 -4.89
N LEU V 145 76.59 20.35 -6.18
CA LEU V 145 75.41 20.64 -7.00
C LEU V 145 74.50 19.42 -7.08
N LYS V 146 75.07 18.24 -7.29
CA LYS V 146 74.27 17.02 -7.32
C LYS V 146 73.58 16.79 -5.99
N GLN V 147 74.31 17.00 -4.89
CA GLN V 147 73.73 16.77 -3.57
C GLN V 147 72.57 17.73 -3.29
N VAL V 148 72.74 19.01 -3.62
CA VAL V 148 71.68 19.98 -3.34
C VAL V 148 70.48 19.73 -4.25
N GLN V 149 70.73 19.31 -5.50
CA GLN V 149 69.63 18.95 -6.38
C GLN V 149 68.85 17.75 -5.83
N ASP V 150 69.57 16.75 -5.33
CA ASP V 150 68.93 15.59 -4.75
C ASP V 150 68.10 15.99 -3.53
N PHE V 151 68.66 16.85 -2.67
CA PHE V 151 67.92 17.34 -1.52
C PHE V 151 66.64 18.06 -1.94
N GLU V 152 66.74 18.94 -2.92
CA GLU V 152 65.56 19.68 -3.38
C GLU V 152 64.51 18.74 -3.96
N GLU V 153 64.95 17.72 -4.70
CA GLU V 153 64.00 16.82 -5.35
C GLU V 153 63.31 15.90 -4.36
N ASN V 154 64.06 15.31 -3.43
CA ASN V 154 63.55 14.21 -2.62
C ASN V 154 63.12 14.63 -1.22
N ASP V 155 64.02 15.20 -0.44
CA ASP V 155 63.79 15.41 1.00
C ASP V 155 62.78 16.54 1.20
N HIS V 156 61.53 16.18 1.43
CA HIS V 156 60.45 17.13 1.70
C HIS V 156 60.42 17.60 3.15
N PRO V 157 60.49 16.71 4.16
CA PRO V 157 60.37 17.17 5.55
C PRO V 157 61.42 18.19 5.96
N ASN V 158 62.63 18.11 5.41
CA ASN V 158 63.64 19.13 5.69
C ASN V 158 63.53 20.32 4.77
N ARG V 159 63.04 20.13 3.54
CA ARG V 159 62.86 21.26 2.63
C ARG V 159 61.80 22.21 3.15
N VAL V 160 60.72 21.69 3.74
CA VAL V 160 59.68 22.58 4.27
C VAL V 160 60.22 23.38 5.45
N LEU V 161 61.07 22.77 6.27
CA LEU V 161 61.68 23.51 7.38
C LEU V 161 62.65 24.56 6.87
N GLU V 162 63.42 24.23 5.83
CA GLU V 162 64.32 25.21 5.24
C GLU V 162 63.54 26.39 4.65
N HIS V 163 62.42 26.11 4.00
CA HIS V 163 61.59 27.19 3.46
C HIS V 163 60.93 27.98 4.58
N LEU V 164 60.59 27.34 5.70
CA LEU V 164 60.10 28.08 6.86
C LEU V 164 61.16 29.05 7.38
N HIS V 165 62.41 28.59 7.44
CA HIS V 165 63.50 29.48 7.81
C HIS V 165 63.63 30.63 6.83
N SER V 166 63.52 30.33 5.54
CA SER V 166 63.68 31.35 4.50
C SER V 166 62.57 32.40 4.59
N THR V 167 61.34 31.97 4.88
CA THR V 167 60.20 32.87 4.89
C THR V 167 59.94 33.49 6.25
N ALA V 168 60.66 33.09 7.29
CA ALA V 168 60.48 33.67 8.61
C ALA V 168 61.44 34.81 8.91
N PHE V 169 62.51 34.95 8.13
CA PHE V 169 63.54 35.97 8.35
C PHE V 169 63.82 36.72 7.05
N GLN V 170 62.76 37.19 6.40
CA GLN V 170 62.89 37.83 5.09
C GLN V 170 63.84 39.03 5.16
N ASN V 171 64.74 39.12 4.18
CA ASN V 171 65.70 40.21 4.07
C ASN V 171 66.55 40.33 5.33
N THR V 172 67.20 39.22 5.69
CA THR V 172 68.01 39.12 6.89
C THR V 172 68.93 37.94 6.75
N PRO V 173 70.21 38.05 7.13
CA PRO V 173 71.12 36.90 6.98
C PRO V 173 70.87 35.82 8.02
N LEU V 174 69.61 35.43 8.17
CA LEU V 174 69.23 34.28 8.98
C LEU V 174 68.19 33.41 8.28
N SER V 175 67.80 33.77 7.07
CA SER V 175 66.82 33.01 6.30
C SER V 175 67.43 32.26 5.12
N LEU V 176 68.61 32.67 4.67
CA LEU V 176 69.25 32.00 3.55
C LEU V 176 69.57 30.55 3.92
N PRO V 177 69.38 29.61 3.00
CA PRO V 177 69.58 28.19 3.36
C PRO V 177 71.02 27.89 3.71
N THR V 178 71.19 26.87 4.54
CA THR V 178 72.51 26.51 5.03
C THR V 178 73.38 25.83 3.98
N ARG V 179 72.81 25.40 2.86
CA ARG V 179 73.56 24.78 1.78
C ARG V 179 73.48 25.55 0.47
N GLY V 180 72.76 26.67 0.44
CA GLY V 180 72.76 27.54 -0.72
C GLY V 180 71.80 27.08 -1.81
N THR V 181 71.72 27.91 -2.85
CA THR V 181 70.90 27.66 -4.00
C THR V 181 71.78 27.31 -5.20
N LEU V 182 71.13 26.84 -6.27
CA LEU V 182 71.87 26.41 -7.46
C LEU V 182 72.68 27.56 -8.04
N GLU V 183 72.04 28.73 -8.21
CA GLU V 183 72.73 29.88 -8.78
C GLU V 183 73.87 30.34 -7.89
N SER V 184 73.67 30.31 -6.57
CA SER V 184 74.71 30.73 -5.66
C SER V 184 75.95 29.84 -5.79
N LEU V 185 75.76 28.53 -5.89
CA LEU V 185 76.88 27.62 -6.08
C LEU V 185 77.55 27.85 -7.43
N GLU V 186 76.77 28.06 -8.50
CA GLU V 186 77.41 28.18 -9.79
C GLU V 186 77.98 29.58 -10.07
N ASN V 187 77.75 30.55 -9.19
CA ASN V 187 78.18 31.91 -9.49
C ASN V 187 79.69 32.10 -9.32
N LEU V 188 80.19 31.95 -8.10
CA LEU V 188 81.57 32.26 -7.77
C LEU V 188 82.43 31.01 -7.76
N VAL V 189 83.75 31.21 -7.85
CA VAL V 189 84.65 30.08 -7.95
C VAL V 189 85.69 30.04 -6.83
N VAL V 190 86.61 31.01 -6.79
CA VAL V 190 87.72 30.92 -5.84
C VAL V 190 87.89 32.22 -5.05
N ALA V 191 87.46 33.34 -5.65
CA ALA V 191 87.71 34.64 -5.03
C ALA V 191 86.92 34.79 -3.73
N ASP V 192 85.61 34.54 -3.79
CA ASP V 192 84.79 34.72 -2.59
C ASP V 192 85.04 33.62 -1.58
N LEU V 193 85.45 32.42 -2.03
CA LEU V 193 85.81 31.37 -1.09
C LEU V 193 87.01 31.78 -0.24
N GLU V 194 88.06 32.29 -0.88
CA GLU V 194 89.22 32.75 -0.13
C GLU V 194 88.91 33.99 0.69
N SER V 195 88.01 34.85 0.19
CA SER V 195 87.58 36.00 1.00
C SER V 195 86.88 35.54 2.27
N PHE V 196 85.99 34.55 2.16
CA PHE V 196 85.34 33.99 3.34
C PHE V 196 86.34 33.36 4.29
N ALA V 197 87.33 32.64 3.73
CA ALA V 197 88.35 32.03 4.58
C ALA V 197 89.14 33.08 5.33
N ASN V 198 89.48 34.18 4.67
CA ASN V 198 90.28 35.23 5.32
C ASN V 198 89.45 36.04 6.30
N ASN V 199 88.15 36.15 6.07
CA ASN V 199 87.30 36.99 6.91
C ASN V 199 86.57 36.23 8.01
N HIS V 200 86.63 34.90 8.02
CA HIS V 200 85.92 34.15 9.05
C HIS V 200 86.72 33.02 9.69
N PHE V 201 87.91 32.70 9.21
CA PHE V 201 88.78 31.71 9.86
C PHE V 201 89.86 32.49 10.61
N LEU V 202 89.54 32.91 11.82
CA LEU V 202 90.41 33.79 12.59
C LEU V 202 90.72 33.23 13.96
N ASN V 203 91.38 34.04 14.79
CA ASN V 203 91.66 33.69 16.18
C ASN V 203 90.58 34.16 17.14
N SER V 204 89.77 35.15 16.74
CA SER V 204 88.78 35.72 17.64
C SER V 204 87.69 34.72 17.99
N ASN V 205 87.14 34.03 16.99
CA ASN V 205 86.01 33.15 17.18
C ASN V 205 86.34 31.71 16.80
N ALA V 206 87.50 31.23 17.23
CA ALA V 206 87.90 29.84 17.02
C ALA V 206 88.18 29.20 18.37
N VAL V 207 87.63 28.01 18.59
CA VAL V 207 87.76 27.28 19.84
C VAL V 207 88.08 25.82 19.51
N VAL V 208 89.11 25.28 20.16
CA VAL V 208 89.44 23.88 20.01
C VAL V 208 88.67 23.08 21.06
N VAL V 209 88.46 21.80 20.76
CA VAL V 209 87.66 20.92 21.61
C VAL V 209 88.45 19.65 21.87
N GLY V 210 88.31 19.11 23.09
CA GLY V 210 89.03 17.91 23.45
C GLY V 210 88.16 16.83 24.05
N THR V 211 86.93 16.70 23.57
CA THR V 211 86.03 15.66 24.06
C THR V 211 86.59 14.28 23.72
N GLY V 212 86.41 13.32 24.64
CA GLY V 212 86.88 11.97 24.43
C GLY V 212 87.43 11.32 25.67
N ASN V 213 88.67 10.84 25.59
CA ASN V 213 89.34 10.15 26.70
C ASN V 213 90.71 10.77 26.95
N ILE V 214 90.76 12.10 26.94
CA ILE V 214 91.97 12.85 27.24
C ILE V 214 91.67 13.79 28.40
N LYS V 215 92.72 14.14 29.15
CA LYS V 215 92.56 14.91 30.38
C LYS V 215 93.19 16.29 30.29
N HIS V 216 94.50 16.39 30.03
CA HIS V 216 95.16 17.67 30.13
C HIS V 216 96.16 17.97 29.02
N GLU V 217 96.54 16.98 28.20
CA GLU V 217 97.49 17.24 27.13
C GLU V 217 96.92 18.21 26.10
N ASP V 218 95.61 18.16 25.86
CA ASP V 218 94.97 19.16 25.01
C ASP V 218 95.09 20.55 25.60
N LEU V 219 95.10 20.66 26.93
CA LEU V 219 95.18 21.95 27.59
C LEU V 219 96.49 22.67 27.28
N VAL V 220 97.52 21.94 26.84
CA VAL V 220 98.84 22.51 26.61
C VAL V 220 99.20 22.49 25.13
N ASN V 221 98.86 21.41 24.41
CA ASN V 221 99.30 21.29 23.02
C ASN V 221 98.70 22.38 22.14
N SER V 222 97.50 22.85 22.45
CA SER V 222 96.92 23.95 21.70
C SER V 222 97.67 25.25 21.96
N ILE V 223 98.13 25.47 23.18
CA ILE V 223 98.94 26.64 23.51
C ILE V 223 100.39 26.25 23.26
N GLU V 224 100.81 26.36 22.00
CA GLU V 224 102.15 25.96 21.59
C GLU V 224 102.61 26.88 20.47
N SER V 225 103.93 26.95 20.29
CA SER V 225 104.50 27.81 19.27
C SER V 225 104.07 27.38 17.87
N LYS V 226 104.04 26.08 17.61
CA LYS V 226 103.65 25.59 16.30
C LYS V 226 102.16 25.72 16.02
N ASN V 227 101.32 25.74 17.07
CA ASN V 227 99.87 25.74 16.92
C ASN V 227 99.35 27.15 17.09
N LEU V 228 99.20 27.87 15.97
CA LEU V 228 98.62 29.19 15.94
C LEU V 228 97.61 29.28 14.79
N SER V 229 96.66 30.19 14.94
CA SER V 229 95.64 30.43 13.92
C SER V 229 95.92 31.74 13.22
N LEU V 230 95.79 31.73 11.89
CA LEU V 230 96.07 32.91 11.09
C LEU V 230 95.00 33.98 11.30
N GLN V 231 95.26 35.16 10.75
CA GLN V 231 94.32 36.28 10.75
C GLN V 231 93.92 36.67 12.17
N THR V 232 94.91 37.17 12.90
CA THR V 232 94.70 37.68 14.27
C THR V 232 94.08 39.08 14.21
N GLY V 233 92.89 39.15 13.62
CA GLY V 233 92.18 40.40 13.48
C GLY V 233 90.81 40.39 14.12
N THR V 234 89.77 40.65 13.32
CA THR V 234 88.40 40.65 13.83
C THR V 234 87.44 40.27 12.70
N LYS V 235 86.40 39.53 13.05
CA LYS V 235 85.38 39.17 12.09
C LYS V 235 84.48 40.38 11.80
N PRO V 236 84.13 40.61 10.55
CA PRO V 236 83.25 41.75 10.23
C PRO V 236 81.89 41.61 10.91
N VAL V 237 81.35 42.75 11.34
CA VAL V 237 80.10 42.80 12.09
C VAL V 237 78.98 43.25 11.17
N LEU V 238 77.85 42.54 11.23
CA LEU V 238 76.67 42.86 10.43
C LEU V 238 75.88 43.98 11.09
N LYS V 239 75.09 44.68 10.28
CA LYS V 239 74.30 45.81 10.76
C LYS V 239 72.90 45.37 11.19
N LYS V 240 72.13 44.78 10.27
CA LYS V 240 70.80 44.29 10.58
C LYS V 240 70.93 42.90 11.19
N LYS V 241 70.64 42.79 12.49
CA LYS V 241 70.91 41.54 13.21
C LYS V 241 69.89 40.46 12.85
N ALA V 242 68.63 40.69 13.17
CA ALA V 242 67.57 39.71 12.92
C ALA V 242 66.23 40.40 13.12
N ALA V 243 65.18 39.71 12.68
CA ALA V 243 63.81 40.18 12.83
C ALA V 243 62.88 38.97 12.74
N PHE V 244 61.58 39.23 12.63
CA PHE V 244 60.60 38.15 12.46
C PHE V 244 59.30 38.75 11.94
N LEU V 245 58.81 38.20 10.84
CA LEU V 245 57.55 38.62 10.25
C LEU V 245 56.82 37.41 9.70
N GLY V 246 55.52 37.34 9.94
CA GLY V 246 54.73 36.24 9.43
C GLY V 246 54.68 36.24 7.92
N SER V 247 54.62 35.04 7.35
CA SER V 247 54.61 34.88 5.90
C SER V 247 54.16 33.47 5.56
N GLU V 248 53.94 33.25 4.27
CA GLU V 248 53.56 31.95 3.74
C GLU V 248 54.44 31.61 2.55
N VAL V 249 54.70 30.31 2.39
CA VAL V 249 55.28 29.78 1.16
C VAL V 249 54.52 28.49 0.83
N ARG V 250 54.16 28.35 -0.44
CA ARG V 250 53.34 27.21 -0.89
C ARG V 250 54.04 26.56 -2.08
N LEU V 251 54.93 25.62 -1.79
CA LEU V 251 55.58 24.82 -2.82
C LEU V 251 54.64 23.69 -3.26
N ARG V 252 53.48 24.09 -3.78
CA ARG V 252 52.41 23.16 -4.12
C ARG V 252 52.86 22.30 -5.30
N ASP V 253 53.19 21.05 -5.03
CA ASP V 253 53.49 20.05 -6.04
C ASP V 253 52.47 18.93 -5.85
N ASP V 254 51.32 19.06 -6.51
CA ASP V 254 50.23 18.11 -6.32
C ASP V 254 50.56 16.72 -6.82
N THR V 255 51.64 16.55 -7.58
CA THR V 255 52.08 15.21 -7.98
C THR V 255 52.47 14.37 -6.78
N LEU V 256 53.03 14.99 -5.74
CA LEU V 256 53.44 14.26 -4.56
C LEU V 256 52.23 13.68 -3.82
N PRO V 257 52.36 12.48 -3.27
CA PRO V 257 51.21 11.83 -2.62
C PRO V 257 50.76 12.51 -1.33
N LYS V 258 51.68 12.74 -0.41
CA LYS V 258 51.35 13.23 0.92
C LYS V 258 51.38 14.75 0.95
N ALA V 259 51.25 15.32 2.15
CA ALA V 259 51.30 16.75 2.35
C ALA V 259 52.15 17.05 3.59
N TRP V 260 53.17 17.88 3.41
CA TRP V 260 54.06 18.28 4.50
C TRP V 260 53.84 19.76 4.79
N ILE V 261 53.47 20.07 6.03
CA ILE V 261 53.24 21.45 6.45
C ILE V 261 53.96 21.68 7.78
N SER V 262 54.22 22.95 8.08
CA SER V 262 54.94 23.32 9.29
C SER V 262 54.43 24.67 9.78
N LEU V 263 54.59 24.90 11.07
CA LEU V 263 54.24 26.17 11.71
C LEU V 263 55.41 26.63 12.56
N ALA V 264 55.37 27.89 12.95
CA ALA V 264 56.45 28.46 13.75
C ALA V 264 55.98 29.75 14.40
N VAL V 265 56.47 29.99 15.61
CA VAL V 265 56.23 31.22 16.35
C VAL V 265 57.59 31.72 16.83
N GLU V 266 57.70 33.03 17.01
CA GLU V 266 58.96 33.63 17.45
C GLU V 266 59.45 32.95 18.72
N GLY V 267 60.64 32.40 18.67
CA GLY V 267 61.20 31.62 19.76
C GLY V 267 62.08 32.44 20.67
N GLU V 268 63.08 31.77 21.24
CA GLU V 268 63.98 32.40 22.20
C GLU V 268 65.42 32.03 21.89
N PRO V 269 66.32 33.01 21.84
CA PRO V 269 67.73 32.72 21.56
C PRO V 269 68.41 32.06 22.74
N VAL V 270 69.59 31.51 22.46
CA VAL V 270 70.43 30.96 23.53
C VAL V 270 70.86 32.10 24.44
N ASN V 271 71.20 31.75 25.69
CA ASN V 271 71.57 32.72 26.73
C ASN V 271 70.40 33.64 27.07
N SER V 272 69.28 33.01 27.43
CA SER V 272 68.09 33.70 27.92
C SER V 272 67.55 32.92 29.11
N PRO V 273 66.98 33.61 30.11
CA PRO V 273 66.43 32.89 31.26
C PRO V 273 65.02 32.40 31.02
N ASN V 274 64.76 31.86 29.84
CA ASN V 274 63.51 31.18 29.54
C ASN V 274 63.70 29.98 28.62
N TYR V 275 64.94 29.64 28.28
CA TYR V 275 65.20 28.58 27.31
C TYR V 275 64.59 27.26 27.74
N PHE V 276 64.82 26.88 29.00
CA PHE V 276 64.25 25.62 29.50
C PHE V 276 62.73 25.68 29.55
N VAL V 277 62.15 26.86 29.78
CA VAL V 277 60.69 26.97 29.80
C VAL V 277 60.11 26.71 28.42
N ALA V 278 60.72 27.28 27.38
CA ALA V 278 60.28 27.00 26.01
C ALA V 278 60.49 25.54 25.65
N LYS V 279 61.62 24.96 26.09
CA LYS V 279 61.87 23.56 25.82
C LYS V 279 60.81 22.67 26.47
N LEU V 280 60.42 22.99 27.71
CA LEU V 280 59.37 22.24 28.39
C LEU V 280 58.02 22.43 27.72
N ALA V 281 57.74 23.64 27.25
CA ALA V 281 56.49 23.87 26.54
C ALA V 281 56.42 23.04 25.27
N ALA V 282 57.55 22.94 24.56
CA ALA V 282 57.60 22.06 23.39
C ALA V 282 57.42 20.60 23.79
N GLN V 283 58.05 20.18 24.89
CA GLN V 283 57.99 18.79 25.32
C GLN V 283 56.61 18.39 25.83
N ILE V 284 55.81 19.35 26.29
CA ILE V 284 54.51 19.03 26.87
C ILE V 284 53.63 18.28 25.85
N PHE V 285 53.55 18.81 24.63
CA PHE V 285 52.75 18.15 23.61
C PHE V 285 53.46 16.91 23.07
N GLY V 286 54.77 16.99 22.86
CA GLY V 286 55.55 15.83 22.48
C GLY V 286 55.38 15.43 21.03
N SER V 287 56.03 14.32 20.69
CA SER V 287 55.97 13.75 19.35
C SER V 287 54.98 12.59 19.31
N TYR V 288 54.66 12.16 18.08
CA TYR V 288 53.68 11.11 17.90
C TYR V 288 53.86 10.49 16.52
N ASN V 289 53.82 9.16 16.47
CA ASN V 289 53.85 8.40 15.22
C ASN V 289 52.64 7.49 15.18
N ALA V 290 51.85 7.60 14.10
CA ALA V 290 50.60 6.87 14.02
C ALA V 290 50.82 5.36 13.94
N PHE V 291 51.84 4.93 13.20
CA PHE V 291 52.04 3.52 12.93
C PHE V 291 52.82 2.80 14.03
N GLU V 292 53.24 3.51 15.07
CA GLU V 292 53.89 2.88 16.22
C GLU V 292 52.87 2.70 17.32
N PRO V 293 52.53 1.46 17.71
CA PRO V 293 51.50 1.27 18.74
C PRO V 293 51.85 1.90 20.08
N ALA V 294 53.14 1.95 20.43
CA ALA V 294 53.53 2.54 21.71
C ALA V 294 53.23 4.04 21.73
N SER V 295 53.54 4.75 20.65
CA SER V 295 53.31 6.19 20.59
C SER V 295 51.83 6.56 20.48
N ARG V 296 50.97 5.61 20.17
CA ARG V 296 49.55 5.86 20.03
C ARG V 296 48.80 5.74 21.36
N LEU V 297 49.49 5.37 22.43
CA LEU V 297 48.84 4.95 23.67
C LEU V 297 49.37 5.76 24.85
N GLN V 298 49.51 7.07 24.66
CA GLN V 298 50.08 7.95 25.67
C GLN V 298 49.70 9.38 25.30
N GLY V 299 50.35 10.34 25.94
CA GLY V 299 50.27 11.72 25.49
C GLY V 299 49.22 12.58 26.16
N ILE V 300 48.61 13.48 25.39
CA ILE V 300 47.71 14.50 25.88
C ILE V 300 46.42 14.45 25.08
N LYS V 301 45.51 15.38 25.37
CA LYS V 301 44.15 15.32 24.82
C LYS V 301 44.15 15.38 23.30
N LEU V 302 45.05 16.17 22.69
CA LEU V 302 45.04 16.31 21.25
C LEU V 302 45.30 14.99 20.55
N LEU V 303 46.09 14.11 21.16
CA LEU V 303 46.32 12.80 20.54
C LEU V 303 45.02 12.01 20.46
N ASP V 304 44.22 12.03 21.52
CA ASP V 304 42.92 11.37 21.46
C ASP V 304 42.01 12.04 20.44
N ASN V 305 42.04 13.38 20.38
CA ASN V 305 41.18 14.11 19.46
C ASN V 305 41.49 13.76 18.01
N ILE V 306 42.78 13.62 17.68
CA ILE V 306 43.16 13.24 16.32
C ILE V 306 43.09 11.73 16.11
N GLN V 307 43.05 10.94 17.17
CA GLN V 307 42.85 9.51 17.03
C GLN V 307 41.39 9.15 16.75
N GLU V 308 40.46 9.96 17.25
CA GLU V 308 39.05 9.70 17.00
C GLU V 308 38.75 9.66 15.50
N TYR V 309 39.18 10.69 14.77
CA TYR V 309 39.11 10.71 13.32
C TYR V 309 40.52 10.89 12.79
N GLN V 310 40.97 9.94 11.97
CA GLN V 310 42.35 9.92 11.51
C GLN V 310 42.68 11.21 10.76
N LEU V 311 43.76 11.86 11.17
CA LEU V 311 44.09 13.17 10.61
C LEU V 311 45.53 13.27 10.12
N CYS V 312 46.49 12.67 10.81
CA CYS V 312 47.90 12.87 10.50
C CYS V 312 48.69 11.66 10.98
N ASP V 313 49.99 11.65 10.65
CA ASP V 313 50.82 10.50 10.93
C ASP V 313 52.02 10.84 11.81
N ASN V 314 52.52 12.08 11.72
CA ASN V 314 53.74 12.45 12.43
C ASN V 314 53.55 13.78 13.15
N PHE V 315 54.14 13.89 14.33
CA PHE V 315 54.26 15.13 15.08
C PHE V 315 55.72 15.38 15.42
N ASN V 316 56.12 16.65 15.37
CA ASN V 316 57.48 17.04 15.75
C ASN V 316 57.39 18.46 16.32
N HIS V 317 57.24 18.56 17.63
CA HIS V 317 57.24 19.85 18.30
C HIS V 317 58.69 20.25 18.58
N PHE V 318 59.13 21.36 18.00
CA PHE V 318 60.53 21.75 18.06
C PHE V 318 60.67 23.14 18.66
N SER V 319 61.83 23.40 19.25
CA SER V 319 62.20 24.72 19.75
C SER V 319 63.62 24.99 19.27
N LEU V 320 63.75 25.54 18.06
CA LEU V 320 65.06 25.82 17.49
C LEU V 320 65.60 27.12 18.05
N SER V 321 66.83 27.08 18.55
CA SER V 321 67.44 28.24 19.20
C SER V 321 68.80 28.53 18.56
N TYR V 322 68.99 29.76 18.14
CA TYR V 322 70.26 30.24 17.62
C TYR V 322 70.68 31.48 18.41
N LYS V 323 71.87 32.00 18.08
CA LYS V 323 72.42 33.11 18.84
C LYS V 323 71.56 34.36 18.73
N ASP V 324 71.03 34.64 17.54
CA ASP V 324 70.30 35.88 17.31
C ASP V 324 68.82 35.78 17.65
N SER V 325 68.18 34.67 17.28
CA SER V 325 66.75 34.50 17.51
C SER V 325 66.43 33.01 17.61
N GLY V 326 65.16 32.71 17.82
CA GLY V 326 64.71 31.35 17.98
C GLY V 326 63.50 31.04 17.11
N LEU V 327 63.07 29.79 17.17
CA LEU V 327 61.95 29.32 16.36
C LEU V 327 61.29 28.16 17.10
N TRP V 328 60.13 28.43 17.70
CA TRP V 328 59.35 27.41 18.39
C TRP V 328 58.10 27.13 17.56
N GLY V 329 57.93 25.88 17.15
CA GLY V 329 56.85 25.58 16.22
C GLY V 329 56.35 24.15 16.21
N PHE V 330 56.02 23.66 15.02
CA PHE V 330 55.30 22.40 14.87
C PHE V 330 55.45 21.94 13.43
N SER V 331 55.80 20.66 13.26
CA SER V 331 55.95 20.07 11.94
C SER V 331 55.18 18.76 11.90
N THR V 332 54.59 18.45 10.74
CA THR V 332 53.77 17.25 10.61
C THR V 332 53.71 16.84 9.15
N ALA V 333 53.26 15.60 8.95
CA ALA V 333 53.01 15.05 7.62
C ALA V 333 51.74 14.23 7.67
N THR V 334 50.83 14.47 6.73
CA THR V 334 49.52 13.84 6.76
C THR V 334 49.17 13.33 5.36
N ARG V 335 48.29 12.33 5.33
CA ARG V 335 47.80 11.76 4.08
C ARG V 335 46.33 12.04 3.82
N ASN V 336 45.53 12.26 4.87
CA ASN V 336 44.13 12.65 4.72
C ASN V 336 44.09 14.13 4.36
N VAL V 337 44.24 14.41 3.07
CA VAL V 337 44.37 15.76 2.56
C VAL V 337 43.12 16.60 2.78
N THR V 338 41.98 15.97 3.05
CA THR V 338 40.73 16.71 3.13
C THR V 338 40.61 17.53 4.41
N MET V 339 41.25 17.10 5.51
CA MET V 339 41.02 17.67 6.82
C MET V 339 42.25 18.38 7.39
N ILE V 340 42.99 19.08 6.53
CA ILE V 340 44.11 19.88 6.99
C ILE V 340 43.62 20.98 7.93
N ASP V 341 42.45 21.55 7.64
CA ASP V 341 41.89 22.59 8.50
C ASP V 341 41.60 22.05 9.89
N ASP V 342 41.01 20.86 9.98
CA ASP V 342 40.77 20.26 11.29
C ASP V 342 42.06 19.96 12.01
N LEU V 343 43.06 19.43 11.29
CA LEU V 343 44.34 19.12 11.92
C LEU V 343 44.99 20.37 12.50
N ILE V 344 44.93 21.48 11.78
CA ILE V 344 45.50 22.73 12.29
C ILE V 344 44.65 23.26 13.44
N HIS V 345 43.33 23.18 13.31
CA HIS V 345 42.43 23.75 14.32
C HIS V 345 42.61 23.08 15.67
N PHE V 346 42.72 21.75 15.69
CA PHE V 346 42.89 21.06 16.96
C PHE V 346 44.20 21.45 17.64
N THR V 347 45.28 21.53 16.87
CA THR V 347 46.58 21.89 17.45
C THR V 347 46.57 23.31 17.98
N LEU V 348 45.95 24.25 17.25
CA LEU V 348 45.90 25.62 17.74
C LEU V 348 45.04 25.73 18.99
N LYS V 349 43.91 25.00 19.03
CA LYS V 349 43.09 25.03 20.23
C LYS V 349 43.83 24.43 21.42
N GLN V 350 44.65 23.41 21.20
CA GLN V 350 45.44 22.86 22.29
C GLN V 350 46.54 23.82 22.74
N TRP V 351 47.13 24.58 21.82
CA TRP V 351 48.06 25.62 22.21
C TRP V 351 47.37 26.67 23.08
N ASN V 352 46.15 27.06 22.71
CA ASN V 352 45.38 28.00 23.52
C ASN V 352 45.06 27.41 24.89
N ARG V 353 44.71 26.12 24.93
CA ARG V 353 44.48 25.46 26.21
C ARG V 353 45.73 25.50 27.08
N LEU V 354 46.90 25.28 26.46
CA LEU V 354 48.15 25.40 27.21
C LEU V 354 48.35 26.81 27.75
N THR V 355 48.03 27.82 26.95
CA THR V 355 48.25 29.18 27.40
C THR V 355 47.16 29.69 28.35
N ILE V 356 46.08 28.93 28.56
CA ILE V 356 45.05 29.33 29.51
C ILE V 356 45.09 28.48 30.78
N SER V 357 45.29 27.18 30.67
CA SER V 357 45.12 26.29 31.82
C SER V 357 45.91 25.02 31.62
N VAL V 358 46.81 24.72 32.57
CA VAL V 358 47.67 23.53 32.51
C VAL V 358 47.47 22.75 33.79
N THR V 359 47.34 21.43 33.66
CA THR V 359 47.30 20.56 34.82
C THR V 359 48.71 20.18 35.25
N ASP V 360 48.89 19.97 36.56
CA ASP V 360 50.22 19.71 37.10
C ASP V 360 50.74 18.33 36.74
N THR V 361 49.86 17.35 36.49
CA THR V 361 50.33 16.02 36.13
C THR V 361 51.04 16.03 34.78
N GLU V 362 50.50 16.76 33.81
CA GLU V 362 51.18 16.86 32.52
C GLU V 362 52.48 17.65 32.64
N VAL V 363 52.52 18.63 33.56
CA VAL V 363 53.77 19.35 33.80
C VAL V 363 54.83 18.41 34.36
N GLU V 364 54.44 17.55 35.31
CA GLU V 364 55.40 16.60 35.88
C GLU V 364 55.88 15.60 34.84
N ARG V 365 54.96 15.06 34.04
CA ARG V 365 55.37 14.11 33.01
C ARG V 365 56.25 14.79 31.95
N ALA V 366 55.97 16.05 31.62
CA ALA V 366 56.83 16.79 30.71
C ALA V 366 58.22 17.00 31.31
N LYS V 367 58.28 17.30 32.61
CA LYS V 367 59.57 17.45 33.28
C LYS V 367 60.38 16.15 33.16
N SER V 368 59.75 15.02 33.46
CA SER V 368 60.45 13.75 33.39
C SER V 368 60.89 13.43 31.97
N LEU V 369 60.02 13.64 30.99
CA LEU V 369 60.35 13.36 29.60
C LEU V 369 61.49 14.25 29.10
N LEU V 370 61.46 15.53 29.47
CA LEU V 370 62.53 16.44 29.07
C LEU V 370 63.84 16.03 29.72
N LYS V 371 63.81 15.65 31.00
CA LYS V 371 65.03 15.17 31.64
C LYS V 371 65.60 13.98 30.89
N LEU V 372 64.75 13.02 30.53
CA LEU V 372 65.20 11.85 29.80
C LEU V 372 65.82 12.24 28.47
N GLN V 373 65.12 13.09 27.70
CA GLN V 373 65.58 13.41 26.36
C GLN V 373 66.86 14.24 26.39
N LEU V 374 66.98 15.16 27.36
CA LEU V 374 68.16 15.99 27.44
C LEU V 374 69.36 15.19 27.95
N GLY V 375 69.12 14.25 28.86
CA GLY V 375 70.19 13.35 29.26
C GLY V 375 70.66 12.47 28.11
N GLN V 376 69.72 12.02 27.28
CA GLN V 376 70.09 11.23 26.11
C GLN V 376 70.90 12.06 25.12
N LEU V 377 70.48 13.30 24.88
CA LEU V 377 71.13 14.12 23.85
C LEU V 377 72.50 14.60 24.31
N TYR V 378 72.61 15.09 25.54
CA TYR V 378 73.86 15.67 26.01
C TYR V 378 74.88 14.64 26.48
N GLU V 379 74.49 13.37 26.61
CA GLU V 379 75.40 12.34 27.08
C GLU V 379 75.28 11.09 26.21
N SER V 380 75.28 11.27 24.90
CA SER V 380 75.31 10.14 23.99
C SER V 380 76.70 9.51 23.98
N GLY V 381 76.77 8.29 23.44
CA GLY V 381 78.02 7.57 23.40
C GLY V 381 79.00 8.01 22.34
N ASN V 382 78.56 8.86 21.40
CA ASN V 382 79.44 9.31 20.33
C ASN V 382 80.09 10.63 20.73
N PRO V 383 81.43 10.69 20.82
CA PRO V 383 82.08 11.94 21.24
C PRO V 383 81.93 13.07 20.24
N VAL V 384 81.58 12.80 19.00
CA VAL V 384 81.46 13.86 17.99
C VAL V 384 80.32 14.81 18.36
N ASN V 385 79.16 14.25 18.71
CA ASN V 385 78.03 15.09 19.10
C ASN V 385 78.33 15.87 20.37
N ASP V 386 78.99 15.23 21.34
CA ASP V 386 79.35 15.92 22.57
C ASP V 386 80.31 17.07 22.29
N ALA V 387 81.28 16.85 21.40
CA ALA V 387 82.21 17.92 21.04
C ALA V 387 81.49 19.06 20.33
N ASN V 388 80.54 18.74 19.45
CA ASN V 388 79.77 19.78 18.78
C ASN V 388 78.99 20.62 19.78
N LEU V 389 78.31 19.95 20.72
CA LEU V 389 77.55 20.66 21.74
C LEU V 389 78.46 21.50 22.63
N LEU V 390 79.61 20.95 22.99
CA LEU V 390 80.55 21.69 23.83
C LEU V 390 81.05 22.93 23.12
N GLY V 391 81.37 22.82 21.83
CA GLY V 391 81.79 24.00 21.08
C GLY V 391 80.69 25.03 20.97
N ALA V 392 79.46 24.58 20.67
CA ALA V 392 78.34 25.51 20.58
C ALA V 392 78.11 26.23 21.90
N GLU V 393 78.31 25.54 23.02
CA GLU V 393 78.14 26.18 24.32
C GLU V 393 79.29 27.12 24.63
N VAL V 394 80.52 26.72 24.31
CA VAL V 394 81.70 27.50 24.69
C VAL V 394 81.78 28.79 23.90
N LEU V 395 81.45 28.75 22.61
CA LEU V 395 81.59 29.94 21.78
C LEU V 395 80.73 31.09 22.29
N ILE V 396 79.50 30.82 22.70
CA ILE V 396 78.54 31.87 23.05
C ILE V 396 78.25 31.92 24.54
N LYS V 397 78.90 31.07 25.35
CA LYS V 397 78.66 31.05 26.79
C LYS V 397 79.93 31.33 27.59
N GLY V 398 81.03 30.67 27.26
CA GLY V 398 82.25 30.74 28.03
C GLY V 398 82.48 29.56 28.95
N SER V 399 81.44 28.80 29.27
CA SER V 399 81.55 27.61 30.08
C SER V 399 80.31 26.75 29.88
N LYS V 400 80.51 25.44 29.79
CA LYS V 400 79.39 24.53 29.60
C LYS V 400 78.61 24.36 30.89
N LEU V 401 77.29 24.22 30.75
CA LEU V 401 76.40 24.02 31.88
C LEU V 401 76.14 22.52 32.04
N SER V 402 76.48 21.98 33.21
CA SER V 402 76.43 20.55 33.43
C SER V 402 75.00 20.05 33.59
N LEU V 403 74.86 18.73 33.62
CA LEU V 403 73.54 18.11 33.73
C LEU V 403 72.86 18.46 35.05
N GLY V 404 73.62 18.44 36.15
CA GLY V 404 73.03 18.70 37.45
C GLY V 404 72.43 20.09 37.55
N GLU V 405 73.13 21.09 37.02
CA GLU V 405 72.60 22.46 37.05
C GLU V 405 71.37 22.59 36.17
N ALA V 406 71.35 21.91 35.02
CA ALA V 406 70.16 21.92 34.17
C ALA V 406 68.96 21.33 34.90
N PHE V 407 69.18 20.19 35.60
CA PHE V 407 68.09 19.61 36.36
C PHE V 407 67.63 20.53 37.48
N LYS V 408 68.58 21.18 38.16
CA LYS V 408 68.24 22.10 39.24
C LYS V 408 67.39 23.25 38.70
N LYS V 409 67.77 23.80 37.55
CA LYS V 409 67.01 24.89 36.96
C LYS V 409 65.69 24.45 36.38
N ILE V 410 65.53 23.16 36.07
CA ILE V 410 64.25 22.69 35.53
C ILE V 410 63.27 22.25 36.61
N ASP V 411 63.75 21.84 37.79
CA ASP V 411 62.80 21.52 38.86
C ASP V 411 62.06 22.75 39.36
N ALA V 412 62.58 23.95 39.09
CA ALA V 412 61.92 25.18 39.50
C ALA V 412 60.83 25.63 38.54
N ILE V 413 60.61 24.92 37.45
CA ILE V 413 59.57 25.26 36.49
C ILE V 413 58.22 24.93 37.09
N THR V 414 57.31 25.91 37.09
CA THR V 414 55.99 25.77 37.69
C THR V 414 54.92 26.11 36.67
N VAL V 415 53.67 25.79 37.01
CA VAL V 415 52.56 26.03 36.10
C VAL V 415 52.36 27.53 35.88
N LYS V 416 52.56 28.33 36.93
CA LYS V 416 52.42 29.77 36.78
C LYS V 416 53.48 30.33 35.85
N ASP V 417 54.72 29.83 35.97
CA ASP V 417 55.78 30.30 35.08
C ASP V 417 55.49 29.95 33.63
N VAL V 418 55.01 28.73 33.38
CA VAL V 418 54.68 28.32 32.02
C VAL V 418 53.54 29.17 31.47
N LYS V 419 52.52 29.43 32.30
CA LYS V 419 51.40 30.25 31.87
C LYS V 419 51.86 31.66 31.52
N ALA V 420 52.70 32.25 32.37
CA ALA V 420 53.20 33.60 32.12
C ALA V 420 54.04 33.65 30.85
N TRP V 421 54.87 32.63 30.63
CA TRP V 421 55.69 32.61 29.42
C TRP V 421 54.84 32.45 28.17
N ALA V 422 53.85 31.55 28.20
CA ALA V 422 53.00 31.33 27.04
C ALA V 422 52.07 32.51 26.78
N GLY V 423 51.78 33.32 27.79
CA GLY V 423 50.99 34.52 27.55
C GLY V 423 51.71 35.52 26.66
N LYS V 424 53.04 35.55 26.73
CA LYS V 424 53.80 36.55 25.98
C LYS V 424 54.12 36.07 24.57
N ARG V 425 54.36 34.77 24.38
CA ARG V 425 54.86 34.25 23.12
C ARG V 425 53.78 33.61 22.25
N LEU V 426 52.81 32.92 22.84
CA LEU V 426 51.84 32.16 22.07
C LEU V 426 50.49 32.85 21.95
N TRP V 427 50.36 34.10 22.42
CA TRP V 427 49.09 34.79 22.45
C TRP V 427 49.12 35.94 21.45
N ASP V 428 48.46 35.76 20.31
CA ASP V 428 48.38 36.77 19.25
C ASP V 428 49.77 37.23 18.81
N GLN V 429 50.53 36.27 18.27
CA GLN V 429 51.86 36.55 17.76
C GLN V 429 51.97 36.03 16.33
N ASP V 430 52.90 36.63 15.59
CA ASP V 430 53.06 36.30 14.18
C ASP V 430 53.48 34.85 14.01
N ILE V 431 52.91 34.19 13.00
CA ILE V 431 53.23 32.81 12.68
C ILE V 431 53.57 32.71 11.20
N ALA V 432 54.33 31.68 10.86
CA ALA V 432 54.75 31.43 9.49
C ALA V 432 54.51 29.96 9.15
N ILE V 433 53.95 29.71 7.98
CA ILE V 433 53.56 28.37 7.55
C ILE V 433 54.25 28.04 6.24
N ALA V 434 54.88 26.87 6.18
CA ALA V 434 55.52 26.36 4.97
C ALA V 434 54.90 25.01 4.64
N GLY V 435 54.48 24.84 3.39
CA GLY V 435 53.81 23.63 2.98
C GLY V 435 54.20 23.22 1.57
N THR V 436 53.93 21.96 1.27
CA THR V 436 54.19 21.40 -0.06
C THR V 436 53.33 20.17 -0.25
N GLY V 437 53.23 19.73 -1.48
CA GLY V 437 52.45 18.54 -1.81
C GLY V 437 51.05 18.91 -2.28
N GLN V 438 50.04 18.37 -1.60
CA GLN V 438 48.63 18.64 -1.91
C GLN V 438 48.07 19.50 -0.78
N ILE V 439 48.07 20.82 -0.99
CA ILE V 439 47.68 21.77 0.05
C ILE V 439 46.50 22.60 -0.41
N GLU V 440 45.61 22.00 -1.22
CA GLU V 440 44.44 22.72 -1.69
C GLU V 440 43.54 23.16 -0.54
N GLY V 441 43.38 22.29 0.45
CA GLY V 441 42.51 22.57 1.58
C GLY V 441 43.10 23.44 2.67
N LEU V 442 44.34 23.89 2.51
CA LEU V 442 45.00 24.69 3.52
C LEU V 442 44.44 26.12 3.51
N LEU V 443 43.83 26.53 4.61
CA LEU V 443 43.33 27.90 4.75
C LEU V 443 44.50 28.88 4.68
N ASP V 444 44.34 29.94 3.89
CA ASP V 444 45.50 30.72 3.46
C ASP V 444 46.25 31.42 4.60
N TYR V 445 45.67 32.46 5.21
CA TYR V 445 46.33 33.07 6.36
C TYR V 445 45.40 33.52 7.47
N MET V 446 44.12 33.78 7.20
CA MET V 446 43.28 34.41 8.21
C MET V 446 42.53 33.40 9.07
N ARG V 447 41.99 32.35 8.46
CA ARG V 447 41.32 31.31 9.24
C ARG V 447 42.31 30.44 10.00
N ILE V 448 43.61 30.58 9.73
CA ILE V 448 44.63 29.86 10.48
C ILE V 448 45.24 30.71 11.58
N ARG V 449 45.10 32.04 11.52
CA ARG V 449 45.61 32.92 12.55
C ARG V 449 44.54 33.43 13.50
N SER V 450 43.29 33.52 13.05
CA SER V 450 42.20 34.03 13.86
C SER V 450 41.66 33.01 14.86
N ASP V 451 42.34 31.88 15.03
CA ASP V 451 41.93 30.83 15.96
C ASP V 451 42.77 30.84 17.22
N MET V 452 43.16 32.03 17.69
CA MET V 452 43.99 32.16 18.89
C MET V 452 43.34 33.00 19.97
N SER V 453 42.63 34.08 19.61
CA SER V 453 42.02 34.95 20.61
C SER V 453 40.63 35.40 20.19
N MET V 454 39.90 34.56 19.46
CA MET V 454 38.57 34.93 18.95
C MET V 454 37.48 33.99 19.45
N MET V 455 37.70 33.29 20.56
CA MET V 455 36.71 32.39 21.13
C MET V 455 36.10 33.02 22.38
N ARG V 456 35.27 32.25 23.08
CA ARG V 456 34.64 32.70 24.32
C ARG V 456 35.68 32.64 25.44
N TRP V 457 36.60 33.60 25.40
CA TRP V 457 37.69 33.68 26.37
C TRP V 457 37.15 34.02 27.76
N LEU W 17 70.81 -18.41 33.76
CA LEU W 17 70.50 -16.99 33.66
C LEU W 17 71.78 -16.16 33.77
N THR W 18 72.00 -15.30 32.77
CA THR W 18 73.17 -14.43 32.74
C THR W 18 72.74 -13.02 33.13
N VAL W 19 73.42 -12.45 34.13
CA VAL W 19 73.08 -11.15 34.67
C VAL W 19 74.35 -10.31 34.74
N SER W 20 74.27 -9.08 34.22
CA SER W 20 75.42 -8.18 34.20
C SER W 20 74.91 -6.75 34.06
N ALA W 21 75.79 -5.80 34.38
CA ALA W 21 75.45 -4.39 34.33
C ALA W 21 76.72 -3.58 34.08
N ARG W 22 76.59 -2.25 34.16
CA ARG W 22 77.72 -1.35 34.00
C ARG W 22 77.39 -0.03 34.68
N ASP W 23 78.39 0.58 35.32
CA ASP W 23 78.20 1.78 36.11
C ASP W 23 79.12 2.89 35.60
N ALA W 24 78.59 4.11 35.56
CA ALA W 24 79.35 5.29 35.17
C ALA W 24 78.68 6.51 35.81
N PRO W 25 79.44 7.58 36.04
CA PRO W 25 78.87 8.75 36.75
C PRO W 25 77.83 9.52 35.95
N THR W 26 77.52 9.13 34.71
CA THR W 26 76.49 9.80 33.95
C THR W 26 75.12 9.57 34.60
N LYS W 27 74.28 10.61 34.59
CA LYS W 27 73.03 10.61 35.33
C LYS W 27 71.84 10.16 34.50
N ILE W 28 72.05 9.30 33.51
CA ILE W 28 70.96 8.65 32.79
C ILE W 28 71.28 7.16 32.74
N SER W 29 70.29 6.33 33.07
CA SER W 29 70.51 4.90 33.21
C SER W 29 69.75 4.14 32.13
N THR W 30 70.37 3.08 31.61
CA THR W 30 69.79 2.25 30.57
C THR W 30 69.80 0.80 31.03
N LEU W 31 68.68 0.11 30.80
CA LEU W 31 68.56 -1.30 31.12
C LEU W 31 67.96 -2.02 29.92
N ALA W 32 68.52 -3.18 29.59
CA ALA W 32 68.06 -3.95 28.45
C ALA W 32 68.07 -5.43 28.79
N VAL W 33 67.07 -6.14 28.26
CA VAL W 33 66.99 -7.59 28.37
C VAL W 33 66.90 -8.17 26.97
N LYS W 34 67.74 -9.16 26.68
CA LYS W 34 67.81 -9.78 25.36
C LYS W 34 67.49 -11.26 25.50
N VAL W 35 66.54 -11.74 24.70
CA VAL W 35 66.21 -13.16 24.63
C VAL W 35 66.76 -13.70 23.32
N HIS W 36 67.46 -14.83 23.40
CA HIS W 36 68.17 -15.38 22.24
C HIS W 36 67.21 -16.16 21.34
N GLY W 37 66.19 -15.46 20.86
CA GLY W 37 65.26 -16.01 19.90
C GLY W 37 64.67 -14.95 19.02
N GLY W 38 64.78 -15.12 17.71
CA GLY W 38 64.30 -14.14 16.74
C GLY W 38 63.79 -14.81 15.50
N SER W 39 63.90 -14.10 14.38
CA SER W 39 63.46 -14.66 13.10
C SER W 39 64.28 -15.88 12.70
N ARG W 40 65.52 -15.99 13.20
CA ARG W 40 66.32 -17.19 12.94
C ARG W 40 65.70 -18.43 13.58
N TYR W 41 65.10 -18.28 14.75
CA TYR W 41 64.51 -19.39 15.48
C TYR W 41 63.00 -19.50 15.28
N ALA W 42 62.42 -18.67 14.42
CA ALA W 42 60.99 -18.72 14.18
C ALA W 42 60.61 -20.02 13.50
N THR W 43 59.56 -20.67 14.01
CA THR W 43 59.07 -21.90 13.40
C THR W 43 58.28 -21.62 12.13
N LYS W 44 57.53 -20.52 12.09
CA LYS W 44 56.79 -20.11 10.92
C LYS W 44 57.55 -18.99 10.20
N ASP W 45 56.89 -18.39 9.20
CA ASP W 45 57.57 -17.38 8.39
C ASP W 45 57.80 -16.10 9.20
N GLY W 46 56.72 -15.46 9.65
CA GLY W 46 56.85 -14.21 10.37
C GLY W 46 56.23 -14.22 11.76
N VAL W 47 56.34 -15.34 12.46
CA VAL W 47 55.78 -15.42 13.81
C VAL W 47 56.59 -14.56 14.78
N ALA W 48 57.91 -14.49 14.57
CA ALA W 48 58.76 -13.70 15.47
C ALA W 48 58.43 -12.22 15.39
N HIS W 49 58.18 -11.71 14.18
CA HIS W 49 57.83 -10.30 14.04
C HIS W 49 56.51 -9.99 14.73
N LEU W 50 55.53 -10.88 14.59
CA LEU W 50 54.25 -10.67 15.26
C LEU W 50 54.41 -10.74 16.77
N LEU W 51 55.24 -11.66 17.27
CA LEU W 51 55.51 -11.73 18.70
C LEU W 51 56.13 -10.44 19.20
N ASN W 52 57.12 -9.93 18.48
CA ASN W 52 57.78 -8.68 18.89
C ASN W 52 56.81 -7.50 18.85
N ARG W 53 55.93 -7.48 17.83
CA ARG W 53 54.95 -6.40 17.76
C ARG W 53 53.87 -6.55 18.82
N PHE W 54 53.61 -7.77 19.26
CA PHE W 54 52.66 -8.05 20.32
C PHE W 54 53.31 -8.05 21.70
N ASN W 55 54.60 -7.75 21.77
CA ASN W 55 55.37 -8.00 22.99
C ASN W 55 54.87 -7.16 24.16
N PHE W 56 54.97 -5.84 24.06
CA PHE W 56 54.85 -4.96 25.22
C PHE W 56 53.44 -4.37 25.27
N GLN W 57 52.49 -5.20 25.69
CA GLN W 57 51.10 -4.80 25.92
C GLN W 57 50.34 -6.00 26.45
N ASN W 58 49.20 -5.71 27.08
CA ASN W 58 48.26 -6.73 27.56
C ASN W 58 48.92 -7.66 28.59
N THR W 59 49.30 -7.07 29.71
CA THR W 59 49.83 -7.82 30.83
C THR W 59 48.71 -8.25 31.77
N ASN W 60 48.88 -9.41 32.39
CA ASN W 60 47.84 -9.94 33.28
C ASN W 60 47.81 -9.18 34.61
N THR W 61 48.96 -8.93 35.21
CA THR W 61 49.00 -8.36 36.55
C THR W 61 48.46 -6.93 36.55
N ARG W 62 49.13 -6.03 35.85
CA ARG W 62 48.68 -4.65 35.72
C ARG W 62 47.81 -4.53 34.48
N SER W 63 47.52 -3.29 34.07
CA SER W 63 46.75 -3.06 32.86
C SER W 63 47.66 -3.21 31.64
N ALA W 64 47.15 -2.82 30.47
CA ALA W 64 47.87 -3.06 29.22
C ALA W 64 48.79 -1.90 28.84
N LEU W 65 48.24 -0.69 28.70
CA LEU W 65 48.97 0.38 28.05
C LEU W 65 48.99 1.64 28.91
N LYS W 66 47.95 1.81 29.74
CA LYS W 66 47.91 2.95 30.66
C LYS W 66 48.81 2.75 31.87
N LEU W 67 48.93 1.51 32.36
CA LEU W 67 49.82 1.22 33.47
C LEU W 67 51.29 1.23 33.07
N VAL W 68 51.60 1.50 31.80
CA VAL W 68 52.94 1.89 31.40
C VAL W 68 53.01 3.34 30.93
N ARG W 69 51.86 3.96 30.66
CA ARG W 69 51.81 5.42 30.60
C ARG W 69 52.19 6.01 31.96
N GLU W 70 51.73 5.40 33.04
CA GLU W 70 52.19 5.82 34.36
C GLU W 70 53.66 5.47 34.58
N SER W 71 54.20 4.50 33.86
CA SER W 71 55.64 4.21 33.94
C SER W 71 56.44 5.32 33.27
N GLU W 72 56.03 5.71 32.05
CA GLU W 72 56.70 6.81 31.38
C GLU W 72 56.46 8.14 32.08
N LEU W 73 55.41 8.23 32.89
CA LEU W 73 55.23 9.41 33.74
C LEU W 73 56.30 9.50 34.82
N LEU W 74 56.95 8.39 35.16
CA LEU W 74 57.93 8.36 36.23
C LEU W 74 59.33 8.74 35.77
N GLY W 75 59.57 8.90 34.47
CA GLY W 75 60.86 9.33 34.01
C GLY W 75 61.63 8.36 33.12
N GLY W 76 60.92 7.59 32.31
CA GLY W 76 61.60 6.67 31.41
C GLY W 76 60.75 6.30 30.23
N THR W 77 61.25 5.34 29.45
CA THR W 77 60.56 4.88 28.25
C THR W 77 60.98 3.45 27.95
N PHE W 78 60.19 2.81 27.10
CA PHE W 78 60.39 1.41 26.73
C PHE W 78 60.61 1.29 25.23
N LYS W 79 61.26 0.20 24.82
CA LYS W 79 61.51 -0.04 23.41
C LYS W 79 61.72 -1.54 23.20
N SER W 80 61.26 -2.03 22.06
CA SER W 80 61.45 -3.42 21.64
C SER W 80 61.98 -3.43 20.21
N THR W 81 62.96 -4.31 19.96
CA THR W 81 63.63 -4.36 18.67
C THR W 81 63.70 -5.80 18.20
N LEU W 82 63.41 -6.03 16.92
CA LEU W 82 63.50 -7.34 16.31
C LEU W 82 64.73 -7.40 15.41
N ASP W 83 65.55 -8.43 15.59
CA ASP W 83 66.78 -8.56 14.83
C ASP W 83 66.87 -9.97 14.25
N ARG W 84 67.99 -10.32 13.62
CA ARG W 84 68.15 -11.64 13.05
C ARG W 84 68.08 -12.73 14.12
N GLU W 85 68.70 -12.49 15.28
CA GLU W 85 68.75 -13.50 16.32
C GLU W 85 68.53 -12.89 17.70
N TYR W 86 67.78 -11.80 17.79
CA TYR W 86 67.55 -11.14 19.06
C TYR W 86 66.20 -10.43 19.06
N ILE W 87 65.51 -10.50 20.20
CA ILE W 87 64.38 -9.63 20.49
C ILE W 87 64.73 -8.90 21.77
N THR W 88 65.24 -7.68 21.64
CA THR W 88 65.78 -6.93 22.75
C THR W 88 64.72 -5.95 23.28
N LEU W 89 64.56 -5.94 24.60
CA LEU W 89 63.68 -5.00 25.28
C LEU W 89 64.56 -4.10 26.14
N LYS W 90 64.75 -2.87 25.68
CA LYS W 90 65.62 -1.91 26.36
C LYS W 90 64.76 -0.85 27.05
N ALA W 91 65.20 -0.45 28.25
CA ALA W 91 64.53 0.59 29.01
C ALA W 91 65.56 1.64 29.43
N THR W 92 65.26 2.90 29.16
CA THR W 92 66.10 4.02 29.57
C THR W 92 65.33 4.85 30.57
N PHE W 93 65.95 5.13 31.72
CA PHE W 93 65.26 5.78 32.82
C PHE W 93 66.27 6.51 33.68
N LEU W 94 65.74 7.35 34.57
CA LEU W 94 66.59 8.09 35.50
C LEU W 94 67.21 7.13 36.52
N LYS W 95 68.14 7.67 37.32
CA LYS W 95 68.96 6.86 38.20
C LYS W 95 68.18 6.21 39.33
N ASP W 96 66.94 6.62 39.57
CA ASP W 96 66.18 6.14 40.72
C ASP W 96 65.07 5.16 40.39
N ASP W 97 64.78 4.93 39.11
CA ASP W 97 63.64 4.12 38.71
C ASP W 97 64.03 2.68 38.33
N LEU W 98 65.22 2.24 38.73
CA LEU W 98 65.66 0.89 38.39
C LEU W 98 64.74 -0.21 38.91
N PRO W 99 64.32 -0.22 40.19
CA PRO W 99 63.53 -1.37 40.66
C PRO W 99 62.16 -1.45 40.01
N TYR W 100 61.46 -0.32 39.88
CA TYR W 100 60.15 -0.33 39.24
C TYR W 100 60.26 -0.82 37.80
N TYR W 101 61.27 -0.35 37.06
CA TYR W 101 61.38 -0.72 35.67
C TYR W 101 61.79 -2.17 35.50
N VAL W 102 62.65 -2.69 36.38
CA VAL W 102 63.02 -4.10 36.27
C VAL W 102 61.83 -4.98 36.61
N ASN W 103 61.04 -4.59 37.62
CA ASN W 103 59.83 -5.34 37.92
C ASN W 103 58.85 -5.31 36.77
N ALA W 104 58.67 -4.15 36.14
CA ALA W 104 57.76 -4.06 34.99
C ALA W 104 58.26 -4.89 33.82
N LEU W 105 59.57 -4.89 33.57
CA LEU W 105 60.12 -5.68 32.49
C LEU W 105 59.91 -7.17 32.75
N ALA W 106 60.09 -7.60 34.00
CA ALA W 106 59.80 -8.99 34.33
C ALA W 106 58.31 -9.29 34.19
N ASP W 107 57.45 -8.31 34.46
CA ASP W 107 56.01 -8.53 34.35
C ASP W 107 55.57 -8.67 32.89
N VAL W 108 56.18 -7.90 31.99
CA VAL W 108 55.78 -8.00 30.59
C VAL W 108 56.45 -9.19 29.91
N LEU W 109 57.67 -9.54 30.32
CA LEU W 109 58.34 -10.73 29.80
C LEU W 109 57.77 -11.97 30.51
N TYR W 110 56.46 -12.14 30.36
CA TYR W 110 55.76 -13.19 31.11
C TYR W 110 54.68 -13.87 30.26
N LYS W 111 54.78 -13.80 28.93
CA LYS W 111 53.83 -14.40 27.99
C LYS W 111 52.39 -14.24 28.51
N THR W 112 52.03 -12.99 28.80
CA THR W 112 50.92 -12.71 29.70
C THR W 112 49.55 -13.07 29.14
N ALA W 113 49.12 -12.39 28.08
CA ALA W 113 47.74 -12.54 27.61
C ALA W 113 47.65 -13.18 26.23
N PHE W 114 48.28 -12.59 25.22
CA PHE W 114 48.14 -13.03 23.83
C PHE W 114 46.66 -13.16 23.46
N LYS W 115 45.90 -12.13 23.81
CA LYS W 115 44.46 -12.17 23.59
C LYS W 115 44.15 -12.08 22.11
N PRO W 116 43.37 -13.01 21.54
CA PRO W 116 43.03 -12.92 20.12
C PRO W 116 42.24 -11.68 19.77
N HIS W 117 41.47 -11.14 20.70
CA HIS W 117 40.62 -9.99 20.40
C HIS W 117 41.42 -8.72 20.19
N GLU W 118 42.69 -8.70 20.59
CA GLU W 118 43.54 -7.52 20.46
C GLU W 118 44.74 -7.80 19.55
N LEU W 119 44.57 -8.74 18.61
CA LEU W 119 45.59 -9.03 17.62
C LEU W 119 45.16 -8.67 16.20
N THR W 120 43.91 -8.89 15.85
CA THR W 120 43.41 -8.54 14.52
C THR W 120 43.18 -7.05 14.35
N GLU W 121 43.47 -6.25 15.37
CA GLU W 121 43.28 -4.81 15.28
C GLU W 121 44.42 -4.00 15.87
N SER W 122 45.50 -4.63 16.31
CA SER W 122 46.56 -3.89 16.96
C SER W 122 47.95 -4.12 16.37
N VAL W 123 48.24 -5.35 15.93
CA VAL W 123 49.60 -5.68 15.50
C VAL W 123 49.64 -6.03 14.02
N LEU W 124 48.54 -6.55 13.49
CA LEU W 124 48.48 -6.81 12.05
C LEU W 124 48.62 -5.54 11.22
N PRO W 125 47.92 -4.44 11.50
CA PRO W 125 48.21 -3.20 10.76
C PRO W 125 49.64 -2.72 10.92
N ALA W 126 50.21 -2.86 12.12
CA ALA W 126 51.59 -2.44 12.34
C ALA W 126 52.56 -3.29 11.55
N ALA W 127 52.37 -4.62 11.56
CA ALA W 127 53.23 -5.50 10.78
C ALA W 127 53.08 -5.24 9.29
N ARG W 128 51.85 -4.97 8.85
CA ARG W 128 51.61 -4.67 7.44
C ARG W 128 52.33 -3.40 7.02
N TYR W 129 52.25 -2.36 7.85
CA TYR W 129 52.96 -1.11 7.55
C TYR W 129 54.47 -1.32 7.54
N ASP W 130 54.98 -2.10 8.50
CA ASP W 130 56.41 -2.37 8.54
C ASP W 130 56.86 -3.10 7.27
N TYR W 131 56.10 -4.11 6.86
CA TYR W 131 56.45 -4.85 5.66
C TYR W 131 56.39 -3.96 4.42
N ALA W 132 55.38 -3.11 4.32
CA ALA W 132 55.28 -2.19 3.19
C ALA W 132 56.48 -1.26 3.14
N VAL W 133 56.86 -0.69 4.29
CA VAL W 133 57.99 0.23 4.33
C VAL W 133 59.27 -0.50 3.94
N ALA W 134 59.48 -1.70 4.46
CA ALA W 134 60.68 -2.46 4.10
C ALA W 134 60.68 -2.86 2.63
N GLU W 135 59.50 -3.10 2.05
CA GLU W 135 59.41 -3.53 0.66
C GLU W 135 59.63 -2.36 -0.31
N GLN W 136 59.23 -1.15 0.06
CA GLN W 136 59.43 -0.02 -0.83
C GLN W 136 60.90 0.21 -1.15
N CYS W 137 61.77 0.08 -0.15
CA CYS W 137 63.20 0.25 -0.36
C CYS W 137 63.76 -0.96 -1.09
N PRO W 138 64.35 -0.79 -2.27
CA PRO W 138 64.93 -1.96 -2.97
C PRO W 138 66.09 -2.60 -2.22
N VAL W 139 66.86 -1.82 -1.46
CA VAL W 139 68.05 -2.35 -0.81
C VAL W 139 67.68 -3.41 0.22
N LYS W 140 66.64 -3.15 1.02
CA LYS W 140 66.23 -4.11 2.04
C LYS W 140 65.73 -5.40 1.41
N SER W 141 64.94 -5.29 0.33
CA SER W 141 64.45 -6.48 -0.36
C SER W 141 65.60 -7.29 -0.94
N ALA W 142 66.57 -6.60 -1.56
CA ALA W 142 67.73 -7.30 -2.11
C ALA W 142 68.53 -7.99 -1.02
N GLU W 143 68.71 -7.34 0.12
CA GLU W 143 69.46 -7.93 1.22
C GLU W 143 68.72 -9.14 1.78
N ASP W 144 67.40 -9.04 1.92
CA ASP W 144 66.60 -10.17 2.39
C ASP W 144 66.71 -11.35 1.44
N GLN W 145 66.62 -11.08 0.13
CA GLN W 145 66.75 -12.17 -0.84
C GLN W 145 68.16 -12.75 -0.85
N LEU W 146 69.15 -11.92 -0.57
CA LEU W 146 70.52 -12.41 -0.43
C LEU W 146 70.62 -13.40 0.73
N TYR W 147 70.04 -13.06 1.88
CA TYR W 147 69.96 -14.03 2.97
C TYR W 147 69.20 -15.28 2.55
N ALA W 148 68.09 -15.11 1.82
CA ALA W 148 67.27 -16.25 1.43
C ALA W 148 68.06 -17.22 0.57
N ILE W 149 68.88 -16.71 -0.35
CA ILE W 149 69.62 -17.62 -1.24
C ILE W 149 70.88 -18.16 -0.56
N THR W 150 71.51 -17.38 0.32
CA THR W 150 72.72 -17.86 0.99
C THR W 150 72.39 -18.91 2.04
N PHE W 151 71.35 -18.68 2.82
CA PHE W 151 70.92 -19.58 3.88
C PHE W 151 69.52 -20.09 3.56
N ARG W 152 69.34 -21.41 3.63
CA ARG W 152 68.03 -22.02 3.41
C ARG W 152 67.21 -21.87 4.68
N LYS W 153 66.13 -22.63 4.81
CA LYS W 153 65.20 -22.39 5.92
C LYS W 153 65.81 -22.81 7.24
N GLY W 154 66.98 -22.24 7.55
CA GLY W 154 67.59 -22.27 8.86
C GLY W 154 67.67 -20.86 9.41
N LEU W 155 68.86 -20.27 9.29
CA LEU W 155 69.06 -18.88 9.68
C LEU W 155 68.28 -17.91 8.78
N GLY W 156 67.93 -18.32 7.57
CA GLY W 156 67.30 -17.41 6.63
C GLY W 156 65.80 -17.51 6.57
N ASN W 157 65.12 -16.56 7.21
CA ASN W 157 63.67 -16.45 7.20
C ASN W 157 63.29 -14.98 7.07
N PRO W 158 62.12 -14.68 6.52
CA PRO W 158 61.72 -13.28 6.38
C PRO W 158 61.54 -12.62 7.75
N LEU W 159 62.19 -11.47 7.94
CA LEU W 159 62.07 -10.74 9.18
C LEU W 159 60.64 -10.26 9.39
N LEU W 160 59.99 -9.78 8.34
CA LEU W 160 58.71 -9.10 8.44
C LEU W 160 57.61 -9.99 7.90
N TYR W 161 56.52 -10.12 8.65
CA TYR W 161 55.39 -10.93 8.24
C TYR W 161 54.69 -10.32 7.03
N ASP W 162 54.53 -11.11 5.98
CA ASP W 162 53.89 -10.65 4.74
C ASP W 162 52.49 -11.19 4.56
N GLY W 163 52.29 -12.50 4.70
CA GLY W 163 50.98 -13.10 4.56
C GLY W 163 50.97 -14.37 3.75
N VAL W 164 52.14 -14.77 3.25
CA VAL W 164 52.22 -15.98 2.43
C VAL W 164 51.89 -17.21 3.27
N GLU W 165 52.29 -17.22 4.53
CA GLU W 165 52.00 -18.32 5.45
C GLU W 165 51.15 -17.79 6.59
N ARG W 166 50.05 -18.49 6.89
CA ARG W 166 49.11 -18.05 7.90
C ARG W 166 49.54 -18.51 9.28
N VAL W 167 49.37 -17.63 10.27
CA VAL W 167 49.67 -17.92 11.67
C VAL W 167 48.48 -17.48 12.52
N SER W 168 48.37 -18.10 13.69
CA SER W 168 47.26 -17.86 14.60
C SER W 168 47.78 -17.61 16.00
N LEU W 169 46.86 -17.34 16.93
CA LEU W 169 47.25 -17.03 18.30
C LEU W 169 47.91 -18.22 18.98
N GLN W 170 47.43 -19.44 18.71
CA GLN W 170 47.98 -20.61 19.36
C GLN W 170 49.44 -20.82 19.02
N ASP W 171 49.81 -20.61 17.75
CA ASP W 171 51.20 -20.79 17.35
C ASP W 171 52.08 -19.69 17.95
N ILE W 172 51.56 -18.47 18.04
CA ILE W 172 52.30 -17.39 18.70
C ILE W 172 52.55 -17.73 20.16
N LYS W 173 51.53 -18.26 20.84
CA LYS W 173 51.69 -18.66 22.23
C LYS W 173 52.71 -19.79 22.37
N ASP W 174 52.68 -20.75 21.45
CA ASP W 174 53.66 -21.83 21.49
C ASP W 174 55.08 -21.31 21.30
N PHE W 175 55.28 -20.37 20.37
CA PHE W 175 56.60 -19.80 20.16
C PHE W 175 57.05 -19.02 21.39
N ALA W 176 56.14 -18.26 22.01
CA ALA W 176 56.48 -17.53 23.22
C ALA W 176 56.87 -18.49 24.34
N ASP W 177 56.14 -19.60 24.48
CA ASP W 177 56.53 -20.63 25.44
C ASP W 177 57.93 -21.15 25.12
N LYS W 178 58.24 -21.27 23.84
CA LYS W 178 59.55 -21.78 23.43
C LYS W 178 60.68 -20.82 23.80
N VAL W 179 60.46 -19.52 23.62
CA VAL W 179 61.53 -18.53 23.73
C VAL W 179 61.60 -17.90 25.12
N TYR W 180 60.46 -17.50 25.69
CA TYR W 180 60.44 -16.77 26.95
C TYR W 180 60.71 -17.76 28.09
N THR W 181 61.99 -18.05 28.29
CA THR W 181 62.42 -18.99 29.31
C THR W 181 63.53 -18.38 30.14
N LYS W 182 63.64 -18.85 31.38
CA LYS W 182 64.65 -18.32 32.30
C LYS W 182 66.06 -18.63 31.81
N GLU W 183 66.29 -19.84 31.32
CA GLU W 183 67.63 -20.23 30.90
C GLU W 183 68.08 -19.45 29.68
N ASN W 184 67.16 -19.16 28.76
CA ASN W 184 67.47 -18.45 27.52
C ASN W 184 67.16 -16.97 27.65
N LEU W 185 67.89 -16.31 28.56
CA LEU W 185 67.71 -14.88 28.79
C LEU W 185 69.07 -14.21 28.96
N GLU W 186 69.09 -12.91 28.68
CA GLU W 186 70.29 -12.09 28.83
C GLU W 186 69.86 -10.69 29.19
N VAL W 187 70.30 -10.20 30.35
CA VAL W 187 69.93 -8.89 30.85
C VAL W 187 71.21 -8.08 31.09
N SER W 188 71.19 -6.82 30.66
CA SER W 188 72.35 -5.95 30.77
C SER W 188 71.88 -4.53 31.01
N GLY W 189 72.78 -3.71 31.54
CA GLY W 189 72.43 -2.33 31.84
C GLY W 189 73.66 -1.47 31.96
N GLU W 190 73.49 -0.18 31.67
CA GLU W 190 74.53 0.81 31.85
C GLU W 190 74.08 1.84 32.89
N ASN W 191 75.05 2.45 33.56
CA ASN W 191 74.79 3.42 34.62
C ASN W 191 73.99 2.79 35.76
N VAL W 192 74.24 1.51 36.01
CA VAL W 192 73.62 0.78 37.11
C VAL W 192 74.70 -0.03 37.81
N VAL W 193 74.77 0.08 39.14
CA VAL W 193 75.77 -0.66 39.88
C VAL W 193 75.51 -2.16 39.72
N GLU W 194 76.60 -2.94 39.71
CA GLU W 194 76.49 -4.38 39.49
C GLU W 194 75.63 -5.04 40.56
N ALA W 195 75.72 -4.55 41.81
CA ALA W 195 75.08 -5.22 42.93
C ALA W 195 73.55 -5.16 42.87
N ASP W 196 73.02 -3.99 42.49
CA ASP W 196 71.57 -3.85 42.43
C ASP W 196 70.96 -4.80 41.40
N LEU W 197 71.60 -4.92 40.23
CA LEU W 197 71.15 -5.89 39.25
C LEU W 197 71.49 -7.31 39.68
N LYS W 198 72.49 -7.50 40.54
CA LYS W 198 72.80 -8.83 41.05
C LYS W 198 71.64 -9.37 41.87
N ARG W 199 71.14 -8.58 42.82
CA ARG W 199 69.99 -9.04 43.60
C ARG W 199 68.66 -8.90 42.85
N PHE W 200 68.30 -7.67 42.45
CA PHE W 200 66.91 -7.36 42.13
C PHE W 200 66.35 -8.26 41.03
N VAL W 201 67.20 -8.80 40.16
CA VAL W 201 66.72 -9.76 39.16
C VAL W 201 66.24 -11.03 39.84
N ASP W 202 66.91 -11.44 40.93
CA ASP W 202 66.53 -12.67 41.61
C ASP W 202 65.22 -12.50 42.37
N GLU W 203 65.04 -11.36 43.03
CA GLU W 203 63.81 -11.10 43.79
C GLU W 203 62.76 -10.40 42.93
N SER W 204 62.51 -10.98 41.76
CA SER W 204 61.54 -10.44 40.83
C SER W 204 60.98 -11.56 39.97
N LEU W 205 59.98 -11.23 39.16
CA LEU W 205 59.30 -12.23 38.36
C LEU W 205 60.23 -12.87 37.33
N LEU W 206 61.29 -12.16 36.94
CA LEU W 206 62.18 -12.67 35.91
C LEU W 206 62.90 -13.94 36.36
N SER W 207 63.25 -14.02 37.65
CA SER W 207 63.91 -15.22 38.15
C SER W 207 62.95 -16.38 38.29
N THR W 208 61.64 -16.12 38.35
CA THR W 208 60.63 -17.16 38.48
C THR W 208 60.06 -17.60 37.13
N LEU W 209 60.63 -17.12 36.02
CA LEU W 209 60.18 -17.54 34.72
C LEU W 209 60.53 -19.02 34.50
N PRO W 210 59.80 -19.71 33.63
CA PRO W 210 60.12 -21.11 33.36
C PRO W 210 61.54 -21.27 32.81
N ALA W 211 62.19 -22.35 33.18
CA ALA W 211 63.57 -22.63 32.79
C ALA W 211 63.56 -23.58 31.59
N GLY W 212 63.91 -23.05 30.43
CA GLY W 212 64.00 -23.82 29.20
C GLY W 212 65.43 -24.23 28.89
N LYS W 213 65.73 -24.33 27.60
CA LYS W 213 67.07 -24.63 27.12
C LYS W 213 67.52 -23.55 26.15
N SER W 214 68.77 -23.13 26.28
CA SER W 214 69.31 -22.12 25.39
C SER W 214 69.34 -22.62 23.96
N LEU W 215 68.62 -21.93 23.08
CA LEU W 215 68.53 -22.26 21.65
C LEU W 215 69.81 -21.95 20.89
N VAL W 216 70.89 -21.55 21.57
CA VAL W 216 72.12 -21.19 20.88
C VAL W 216 72.68 -22.42 20.18
N SER W 217 73.01 -22.27 18.91
CA SER W 217 73.62 -23.36 18.15
C SER W 217 75.10 -23.48 18.46
N LYS W 218 75.55 -24.69 18.73
CA LYS W 218 76.96 -24.96 19.01
C LYS W 218 77.77 -25.17 17.73
N SER W 219 77.14 -25.11 16.56
CA SER W 219 77.82 -25.31 15.29
C SER W 219 77.40 -24.21 14.32
N GLU W 220 78.29 -23.91 13.38
CA GLU W 220 78.03 -22.86 12.41
C GLU W 220 76.94 -23.31 11.44
N PRO W 221 76.18 -22.36 10.87
CA PRO W 221 75.18 -22.73 9.88
C PRO W 221 75.83 -23.19 8.58
N LYS W 222 75.04 -23.89 7.77
CA LYS W 222 75.49 -24.37 6.48
C LYS W 222 75.06 -23.37 5.41
N PHE W 223 76.01 -22.98 4.56
CA PHE W 223 75.76 -21.99 3.52
C PHE W 223 75.94 -22.62 2.14
N PHE W 224 75.14 -22.15 1.20
CA PHE W 224 75.20 -22.59 -0.19
C PHE W 224 75.57 -21.41 -1.06
N LEU W 225 76.70 -21.50 -1.74
CA LEU W 225 77.27 -20.40 -2.49
C LEU W 225 77.21 -20.69 -4.00
N GLY W 226 77.05 -19.62 -4.77
CA GLY W 226 76.91 -19.72 -6.21
C GLY W 226 75.50 -19.59 -6.74
N GLU W 227 74.53 -19.26 -5.88
CA GLU W 227 73.14 -19.18 -6.32
C GLU W 227 72.90 -17.81 -6.94
N GLU W 228 71.65 -17.56 -7.34
CA GLU W 228 71.26 -16.28 -7.94
C GLU W 228 69.75 -16.24 -8.06
N ASN W 229 69.19 -15.05 -7.87
CA ASN W 229 67.77 -14.80 -8.09
C ASN W 229 67.61 -13.49 -8.83
N ARG W 230 66.49 -13.34 -9.53
CA ARG W 230 66.19 -12.12 -10.26
C ARG W 230 64.74 -11.72 -10.04
N VAL W 231 64.51 -10.43 -9.79
CA VAL W 231 63.19 -9.92 -9.44
C VAL W 231 62.91 -8.70 -10.32
N ARG W 232 61.71 -8.67 -10.90
CA ARG W 232 61.30 -7.56 -11.77
C ARG W 232 60.70 -6.42 -10.93
N PHE W 233 61.53 -5.86 -10.05
CA PHE W 233 61.10 -4.72 -9.27
C PHE W 233 61.03 -3.46 -10.12
N ILE W 234 60.22 -2.51 -9.67
CA ILE W 234 60.04 -1.23 -10.35
C ILE W 234 60.68 -0.13 -9.50
N GLY W 235 61.52 0.69 -10.11
CA GLY W 235 62.21 1.74 -9.40
C GLY W 235 63.67 1.85 -9.77
N ASP W 236 64.56 1.80 -8.78
CA ASP W 236 65.99 1.93 -8.98
C ASP W 236 66.60 0.54 -9.08
N SER W 237 67.30 0.27 -10.18
CA SER W 237 67.97 -1.00 -10.34
C SER W 237 69.06 -1.17 -9.29
N VAL W 238 69.10 -2.33 -8.65
CA VAL W 238 70.01 -2.61 -7.56
C VAL W 238 70.69 -3.95 -7.83
N ALA W 239 72.02 -3.98 -7.69
CA ALA W 239 72.80 -5.19 -7.75
C ALA W 239 73.47 -5.43 -6.40
N ALA W 240 73.54 -6.69 -6.00
CA ALA W 240 74.06 -7.04 -4.68
C ALA W 240 74.99 -8.23 -4.80
N ILE W 241 75.91 -8.33 -3.84
CA ILE W 241 76.87 -9.43 -3.76
C ILE W 241 77.14 -9.71 -2.30
N GLY W 242 77.00 -10.97 -1.89
CA GLY W 242 77.22 -11.33 -0.51
C GLY W 242 77.96 -12.63 -0.32
N ILE W 243 79.09 -12.59 0.38
CA ILE W 243 79.91 -13.76 0.64
C ILE W 243 79.64 -14.22 2.08
N PRO W 244 79.36 -15.50 2.30
CA PRO W 244 79.23 -15.99 3.69
C PRO W 244 80.61 -16.16 4.31
N VAL W 245 80.77 -15.62 5.52
CA VAL W 245 82.05 -15.59 6.21
C VAL W 245 81.95 -16.42 7.48
N ASN W 246 82.95 -17.27 7.72
CA ASN W 246 82.99 -18.13 8.88
C ASN W 246 83.59 -17.38 10.07
N LYS W 247 83.89 -18.11 11.14
CA LYS W 247 84.41 -17.51 12.37
C LYS W 247 85.94 -17.40 12.37
N ALA W 248 86.64 -18.29 11.66
CA ALA W 248 88.09 -18.31 11.73
C ALA W 248 88.70 -17.01 11.19
N SER W 249 88.19 -16.52 10.06
CA SER W 249 88.69 -15.31 9.43
C SER W 249 87.52 -14.34 9.28
N LEU W 250 87.30 -13.53 10.31
CA LEU W 250 86.15 -12.64 10.36
C LEU W 250 86.52 -11.16 10.45
N ALA W 251 87.68 -10.82 10.99
CA ALA W 251 88.11 -9.42 10.99
C ALA W 251 88.57 -8.97 9.61
N GLN W 252 89.03 -9.90 8.79
CA GLN W 252 89.48 -9.56 7.44
C GLN W 252 88.35 -8.96 6.62
N TYR W 253 87.16 -9.53 6.72
CA TYR W 253 86.03 -8.98 5.96
C TYR W 253 85.59 -7.63 6.53
N GLU W 254 85.75 -7.42 7.84
CA GLU W 254 85.44 -6.11 8.42
C GLU W 254 86.39 -5.04 7.91
N VAL W 255 87.69 -5.33 7.92
CA VAL W 255 88.64 -4.34 7.40
C VAL W 255 88.45 -4.15 5.90
N LEU W 256 88.06 -5.20 5.18
CA LEU W 256 87.77 -5.04 3.76
C LEU W 256 86.55 -4.14 3.54
N ALA W 257 85.51 -4.31 4.35
CA ALA W 257 84.34 -3.44 4.24
C ALA W 257 84.70 -1.99 4.52
N ASN W 258 85.51 -1.75 5.55
CA ASN W 258 85.94 -0.39 5.85
C ASN W 258 86.81 0.17 4.74
N TYR W 259 87.67 -0.65 4.14
CA TYR W 259 88.49 -0.20 3.03
C TYR W 259 87.64 0.16 1.81
N LEU W 260 86.64 -0.66 1.51
CA LEU W 260 85.81 -0.41 0.34
C LEU W 260 84.92 0.81 0.53
N THR W 261 84.36 0.98 1.73
CA THR W 261 83.44 2.10 1.96
C THR W 261 84.14 3.41 2.26
N SER W 262 85.46 3.40 2.47
CA SER W 262 86.17 4.63 2.79
C SER W 262 86.53 5.39 1.52
N ALA W 263 87.23 6.51 1.69
CA ALA W 263 87.72 7.31 0.58
C ALA W 263 89.15 6.97 0.19
N LEU W 264 89.78 6.02 0.88
CA LEU W 264 91.14 5.62 0.53
C LEU W 264 91.16 4.78 -0.74
N SER W 265 90.16 3.92 -0.91
CA SER W 265 90.07 3.08 -2.09
C SER W 265 89.63 3.90 -3.30
N GLU W 266 90.01 3.42 -4.48
CA GLU W 266 89.62 4.06 -5.73
C GLU W 266 88.17 3.75 -6.11
N LEU W 267 87.40 3.15 -5.21
CA LEU W 267 86.01 2.76 -5.47
C LEU W 267 85.17 3.34 -4.34
N SER W 268 84.76 4.60 -4.49
CA SER W 268 84.00 5.26 -3.43
C SER W 268 82.72 5.90 -3.97
N GLY W 269 82.75 6.36 -5.22
CA GLY W 269 81.61 7.00 -5.83
C GLY W 269 80.64 6.07 -6.51
N LEU W 270 80.84 4.75 -6.39
CA LEU W 270 80.00 3.79 -7.10
C LEU W 270 79.61 2.59 -6.22
N ILE W 271 79.68 2.73 -4.90
CA ILE W 271 79.21 1.70 -3.98
C ILE W 271 78.29 2.37 -2.97
N SER W 272 77.03 1.93 -2.93
CA SER W 272 76.08 2.52 -2.01
C SER W 272 76.31 2.07 -0.57
N SER W 273 76.63 0.80 -0.38
CA SER W 273 76.85 0.26 0.96
C SER W 273 77.60 -1.06 0.86
N ALA W 274 78.48 -1.29 1.83
CA ALA W 274 79.25 -2.53 1.91
C ALA W 274 79.30 -3.02 3.34
N LYS W 275 78.16 -2.99 4.03
CA LYS W 275 78.11 -3.30 5.45
C LYS W 275 78.39 -4.78 5.70
N LEU W 276 78.49 -5.14 6.98
CA LEU W 276 78.74 -6.51 7.40
C LEU W 276 77.81 -6.83 8.57
N ASP W 277 77.33 -8.07 8.62
CA ASP W 277 76.44 -8.52 9.67
C ASP W 277 77.14 -9.58 10.51
N LYS W 278 76.92 -9.52 11.82
CA LYS W 278 77.64 -10.34 12.78
C LYS W 278 76.67 -11.26 13.52
N PHE W 279 77.04 -12.53 13.63
CA PHE W 279 76.32 -13.52 14.43
C PHE W 279 77.29 -14.16 15.42
N THR W 280 76.78 -15.09 16.21
CA THR W 280 77.59 -15.77 17.21
C THR W 280 78.53 -16.81 16.62
N ASP W 281 78.36 -17.18 15.35
CA ASP W 281 79.21 -18.19 14.74
C ASP W 281 79.61 -17.85 13.31
N GLY W 282 79.46 -16.60 12.89
CA GLY W 282 79.80 -16.21 11.54
C GLY W 282 79.02 -14.97 11.13
N GLY W 283 78.89 -14.80 9.83
CA GLY W 283 78.19 -13.65 9.29
C GLY W 283 78.14 -13.72 7.78
N LEU W 284 77.54 -12.69 7.20
CA LEU W 284 77.40 -12.57 5.75
C LEU W 284 77.88 -11.19 5.33
N PHE W 285 79.02 -11.13 4.65
CA PHE W 285 79.56 -9.87 4.16
C PHE W 285 78.84 -9.51 2.87
N THR W 286 77.98 -8.49 2.93
CA THR W 286 77.19 -8.10 1.78
C THR W 286 77.85 -6.93 1.05
N LEU W 287 77.17 -6.42 0.03
CA LEU W 287 77.65 -5.31 -0.78
C LEU W 287 76.50 -4.86 -1.66
N PHE W 288 76.44 -3.55 -1.94
CA PHE W 288 75.32 -2.99 -2.68
C PHE W 288 75.82 -1.98 -3.70
N VAL W 289 75.27 -2.07 -4.91
CA VAL W 289 75.48 -1.07 -5.95
C VAL W 289 74.10 -0.72 -6.51
N ARG W 290 73.76 0.56 -6.48
CA ARG W 290 72.43 0.99 -6.89
C ARG W 290 72.51 2.28 -7.68
N ASP W 291 71.54 2.46 -8.57
CA ASP W 291 71.39 3.68 -9.35
C ASP W 291 70.00 3.65 -9.99
N GLN W 292 69.59 4.80 -10.52
CA GLN W 292 68.28 4.90 -11.13
C GLN W 292 68.21 4.22 -12.49
N ASP W 293 69.31 4.22 -13.24
CA ASP W 293 69.34 3.61 -14.56
C ASP W 293 70.00 2.23 -14.48
N SER W 294 70.24 1.61 -15.63
CA SER W 294 70.77 0.26 -15.69
C SER W 294 72.15 0.15 -16.32
N ALA W 295 72.47 0.98 -17.32
CA ALA W 295 73.79 0.92 -17.95
C ALA W 295 74.88 1.28 -16.95
N VAL W 296 74.67 2.32 -16.15
CA VAL W 296 75.64 2.70 -15.14
C VAL W 296 75.80 1.58 -14.12
N VAL W 297 74.69 0.99 -13.69
CA VAL W 297 74.75 -0.13 -12.74
C VAL W 297 75.56 -1.27 -13.32
N SER W 298 75.30 -1.61 -14.58
CA SER W 298 76.00 -2.73 -15.20
C SER W 298 77.50 -2.46 -15.29
N SER W 299 77.87 -1.28 -15.78
CA SER W 299 79.29 -0.96 -15.90
C SER W 299 79.98 -0.93 -14.55
N ASN W 300 79.33 -0.32 -13.55
CA ASN W 300 79.92 -0.22 -12.22
C ASN W 300 80.13 -1.60 -11.61
N ILE W 301 79.11 -2.46 -11.68
CA ILE W 301 79.23 -3.77 -11.07
C ILE W 301 80.26 -4.61 -11.82
N LYS W 302 80.33 -4.46 -13.15
CA LYS W 302 81.31 -5.21 -13.92
C LYS W 302 82.73 -4.84 -13.51
N LYS W 303 83.03 -3.53 -13.46
CA LYS W 303 84.40 -3.13 -13.13
C LYS W 303 84.71 -3.39 -11.66
N ILE W 304 83.72 -3.27 -10.77
CA ILE W 304 83.95 -3.59 -9.36
C ILE W 304 84.31 -5.06 -9.20
N VAL W 305 83.55 -5.95 -9.85
CA VAL W 305 83.84 -7.37 -9.76
C VAL W 305 85.21 -7.68 -10.36
N ALA W 306 85.53 -7.04 -11.50
CA ALA W 306 86.81 -7.31 -12.15
C ALA W 306 87.98 -6.90 -11.27
N ASP W 307 87.98 -5.66 -10.77
CA ASP W 307 89.13 -5.19 -10.02
C ASP W 307 89.12 -5.68 -8.57
N LEU W 308 88.03 -6.27 -8.09
CA LEU W 308 88.05 -6.97 -6.82
C LEU W 308 88.54 -8.40 -6.96
N LYS W 309 88.22 -9.06 -8.08
CA LYS W 309 88.77 -10.38 -8.36
C LYS W 309 90.26 -10.30 -8.66
N LYS W 310 90.72 -9.19 -9.25
CA LYS W 310 92.15 -9.03 -9.50
C LYS W 310 92.94 -9.00 -8.20
N GLY W 311 92.42 -8.32 -7.18
CA GLY W 311 93.09 -8.26 -5.89
C GLY W 311 93.62 -6.89 -5.56
N LYS W 312 93.19 -6.33 -4.43
CA LYS W 312 93.62 -5.02 -3.97
C LYS W 312 94.22 -5.13 -2.57
N ASP W 313 95.28 -4.37 -2.33
CA ASP W 313 95.94 -4.42 -1.03
C ASP W 313 95.00 -3.93 0.06
N LEU W 314 95.15 -4.53 1.24
CA LEU W 314 94.22 -4.30 2.33
C LEU W 314 94.90 -3.84 3.62
N SER W 315 96.22 -3.92 3.71
CA SER W 315 96.92 -3.52 4.93
C SER W 315 96.73 -2.05 5.31
N PRO W 316 96.80 -1.05 4.39
CA PRO W 316 96.76 0.34 4.86
C PRO W 316 95.37 0.82 5.22
N ALA W 317 94.61 -0.01 5.95
CA ALA W 317 93.33 0.42 6.50
C ALA W 317 93.11 -0.14 7.91
N ILE W 318 94.13 -0.77 8.50
CA ILE W 318 93.95 -1.42 9.80
C ILE W 318 93.67 -0.41 10.89
N ASN W 319 94.41 0.70 10.91
CA ASN W 319 94.17 1.72 11.93
C ASN W 319 92.79 2.35 11.79
N TYR W 320 92.39 2.65 10.56
CA TYR W 320 91.09 3.26 10.34
C TYR W 320 89.96 2.32 10.74
N THR W 321 90.08 1.03 10.40
CA THR W 321 89.03 0.09 10.78
C THR W 321 89.05 -0.17 12.28
N LYS W 322 90.23 -0.09 12.92
CA LYS W 322 90.28 -0.18 14.38
C LYS W 322 89.52 0.96 15.01
N LEU W 323 89.71 2.18 14.51
CA LEU W 323 88.98 3.33 15.04
C LEU W 323 87.48 3.17 14.82
N LYS W 324 87.10 2.73 13.61
CA LYS W 324 85.67 2.57 13.32
C LYS W 324 85.04 1.50 14.21
N ASN W 325 85.73 0.39 14.41
CA ASN W 325 85.22 -0.66 15.28
C ASN W 325 85.12 -0.19 16.72
N ALA W 326 86.14 0.55 17.19
CA ALA W 326 86.12 1.04 18.57
C ALA W 326 84.97 2.01 18.80
N VAL W 327 84.75 2.95 17.88
CA VAL W 327 83.64 3.88 18.04
C VAL W 327 82.30 3.16 17.82
N GLN W 328 82.31 2.05 17.07
CA GLN W 328 81.07 1.30 16.86
C GLN W 328 80.66 0.57 18.14
N ASN W 329 81.61 -0.08 18.80
CA ASN W 329 81.29 -0.94 19.94
C ASN W 329 80.88 -0.13 21.16
N GLU W 330 79.58 0.20 21.26
CA GLU W 330 79.02 0.81 22.45
C GLU W 330 77.98 -0.06 23.13
N SER W 331 77.43 -1.06 22.45
CA SER W 331 76.45 -1.94 23.05
C SER W 331 77.14 -2.91 24.02
N VAL W 332 76.32 -3.55 24.85
CA VAL W 332 76.86 -4.47 25.85
C VAL W 332 77.42 -5.73 25.19
N SER W 333 76.68 -6.31 24.25
CA SER W 333 77.06 -7.58 23.67
C SER W 333 78.23 -7.41 22.71
N SER W 334 79.39 -7.05 23.24
CA SER W 334 80.59 -6.94 22.42
C SER W 334 81.03 -8.31 21.95
N PRO W 335 81.21 -8.52 20.65
CA PRO W 335 81.66 -9.83 20.17
C PRO W 335 83.10 -10.11 20.57
N ILE W 336 83.64 -11.26 20.16
CA ILE W 336 85.04 -11.55 20.41
C ILE W 336 85.89 -10.48 19.76
N GLU W 337 86.91 -10.04 20.48
CA GLU W 337 87.75 -8.93 20.01
C GLU W 337 88.43 -9.28 18.70
N LEU W 338 88.02 -8.61 17.62
CA LEU W 338 88.53 -8.91 16.29
C LEU W 338 89.95 -8.37 16.13
N ASN W 339 90.94 -9.18 16.46
CA ASN W 339 92.34 -8.76 16.33
C ASN W 339 92.66 -8.51 14.87
N PHE W 340 92.93 -7.25 14.52
CA PHE W 340 93.23 -6.86 13.15
C PHE W 340 94.69 -7.04 12.78
N ASP W 341 95.42 -7.89 13.52
CA ASP W 341 96.85 -8.04 13.27
C ASP W 341 97.11 -8.82 11.97
N ALA W 342 96.37 -9.89 11.75
CA ALA W 342 96.64 -10.81 10.63
C ALA W 342 95.72 -10.44 9.46
N VAL W 343 96.08 -9.36 8.77
CA VAL W 343 95.40 -8.93 7.56
C VAL W 343 96.48 -8.46 6.59
N LYS W 344 96.77 -9.26 5.55
CA LYS W 344 97.82 -8.95 4.61
C LYS W 344 97.29 -8.72 3.19
N ASP W 345 96.56 -9.67 2.63
CA ASP W 345 96.12 -9.57 1.25
C ASP W 345 94.77 -10.27 1.09
N PHE W 346 94.09 -9.95 -0.01
CA PHE W 346 92.76 -10.49 -0.27
C PHE W 346 92.64 -10.83 -1.75
N LYS W 347 91.79 -11.83 -2.03
CA LYS W 347 91.46 -12.21 -3.40
C LYS W 347 90.04 -12.75 -3.40
N LEU W 348 89.14 -12.06 -4.11
CA LEU W 348 87.74 -12.45 -4.12
C LEU W 348 87.56 -13.81 -4.77
N GLY W 349 86.60 -14.57 -4.26
CA GLY W 349 86.29 -15.90 -4.74
C GLY W 349 84.82 -16.03 -5.10
N LYS W 350 84.31 -17.24 -4.94
CA LYS W 350 82.91 -17.52 -5.27
C LYS W 350 81.99 -16.72 -4.35
N PHE W 351 80.94 -16.16 -4.93
CA PHE W 351 80.02 -15.29 -4.21
C PHE W 351 78.59 -15.63 -4.63
N ASN W 352 77.66 -14.78 -4.22
CA ASN W 352 76.25 -14.92 -4.57
C ASN W 352 75.72 -13.57 -5.03
N TYR W 353 74.91 -13.58 -6.08
CA TYR W 353 74.49 -12.37 -6.78
C TYR W 353 72.98 -12.28 -6.81
N VAL W 354 72.46 -11.06 -6.65
CA VAL W 354 71.02 -10.79 -6.73
C VAL W 354 70.83 -9.54 -7.57
N ALA W 355 69.90 -9.60 -8.52
CA ALA W 355 69.56 -8.45 -9.35
C ALA W 355 68.12 -8.03 -9.06
N VAL W 356 67.93 -6.73 -8.86
CA VAL W 356 66.63 -6.18 -8.49
C VAL W 356 66.41 -4.91 -9.31
N GLY W 357 65.18 -4.75 -9.83
CA GLY W 357 64.83 -3.56 -10.59
C GLY W 357 64.62 -3.84 -12.06
N ASP W 358 65.25 -3.04 -12.92
CA ASP W 358 65.20 -3.25 -14.36
C ASP W 358 66.14 -4.42 -14.71
N VAL W 359 65.69 -5.62 -14.33
CA VAL W 359 66.54 -6.80 -14.38
C VAL W 359 66.77 -7.27 -15.82
N SER W 360 65.99 -6.76 -16.77
CA SER W 360 66.16 -7.19 -18.16
C SER W 360 67.53 -6.79 -18.69
N ASN W 361 68.02 -5.61 -18.33
CA ASN W 361 69.27 -5.10 -18.84
C ASN W 361 70.48 -5.48 -17.98
N LEU W 362 70.27 -5.78 -16.70
CA LEU W 362 71.38 -6.05 -15.81
C LEU W 362 72.11 -7.33 -16.19
N PRO W 363 73.42 -7.37 -16.04
CA PRO W 363 74.19 -8.56 -16.44
C PRO W 363 73.89 -9.75 -15.56
N TYR W 364 74.07 -10.94 -16.14
CA TYR W 364 73.87 -12.20 -15.43
C TYR W 364 75.15 -12.60 -14.71
N LEU W 365 75.09 -13.73 -14.01
CA LEU W 365 76.23 -14.17 -13.20
C LEU W 365 77.40 -14.60 -14.07
N ASP W 366 77.13 -15.23 -15.21
CA ASP W 366 78.20 -15.78 -16.04
C ASP W 366 79.10 -14.66 -16.60
N GLU W 367 78.48 -13.64 -17.19
CA GLU W 367 79.23 -12.58 -17.86
C GLU W 367 79.58 -11.42 -16.94
N LEU W 368 79.26 -11.53 -15.65
CA LEU W 368 79.56 -10.46 -14.70
C LEU W 368 81.06 -10.19 -14.61
N LYS X 31 67.41 31.98 -10.80
CA LYS X 31 66.78 32.50 -9.59
C LYS X 31 65.97 31.41 -8.89
N SER X 32 66.51 30.92 -7.77
CA SER X 32 65.83 29.89 -7.01
C SER X 32 64.72 30.49 -6.16
N THR X 33 63.82 29.62 -5.69
CA THR X 33 62.67 30.05 -4.91
C THR X 33 63.04 30.49 -3.49
N TYR X 34 64.28 30.27 -3.06
CA TYR X 34 64.69 30.69 -1.72
C TYR X 34 64.84 32.19 -1.58
N ARG X 35 64.79 32.94 -2.69
CA ARG X 35 64.88 34.40 -2.65
C ARG X 35 63.47 34.97 -2.64
N THR X 36 63.08 35.57 -1.51
CA THR X 36 61.77 36.18 -1.41
C THR X 36 61.70 37.39 -2.34
N PRO X 37 60.60 37.56 -3.06
CA PRO X 37 60.46 38.74 -3.92
C PRO X 37 60.42 40.03 -3.10
N ASN X 38 60.61 41.15 -3.79
CA ASN X 38 60.71 42.44 -3.14
C ASN X 38 59.41 42.78 -2.42
N PHE X 39 59.52 43.15 -1.14
CA PHE X 39 58.37 43.51 -0.32
C PHE X 39 58.58 44.81 0.43
N ASP X 40 59.70 45.51 0.19
CA ASP X 40 60.00 46.71 0.96
C ASP X 40 59.03 47.84 0.66
N ASP X 41 58.50 47.90 -0.56
CA ASP X 41 57.56 48.96 -0.92
C ASP X 41 56.24 48.85 -0.16
N VAL X 42 55.91 47.66 0.35
CA VAL X 42 54.66 47.46 1.07
C VAL X 42 54.89 47.10 2.54
N LEU X 43 56.10 46.76 2.94
CA LEU X 43 56.38 46.35 4.31
C LEU X 43 56.25 47.53 5.26
N LYS X 44 55.91 47.22 6.52
CA LYS X 44 55.80 48.22 7.59
C LYS X 44 57.21 48.55 8.06
N GLU X 45 57.70 49.74 7.68
CA GLU X 45 59.03 50.15 8.11
C GLU X 45 59.05 50.57 9.57
N ASN X 46 57.93 51.05 10.09
CA ASN X 46 57.87 51.49 11.48
C ASN X 46 57.90 50.30 12.43
N ASN X 47 58.39 50.55 13.64
CA ASN X 47 58.47 49.53 14.68
C ASN X 47 57.15 49.50 15.45
N ASP X 48 57.15 48.82 16.60
CA ASP X 48 55.99 48.73 17.49
C ASP X 48 54.79 48.11 16.76
N ALA X 49 54.96 46.82 16.42
CA ALA X 49 53.90 46.08 15.77
C ALA X 49 52.63 46.02 16.62
N ASP X 50 52.74 46.22 17.92
CA ASP X 50 51.55 46.31 18.76
C ASP X 50 50.69 47.51 18.39
N LYS X 51 51.28 48.57 17.85
CA LYS X 51 50.51 49.74 17.45
C LYS X 51 49.51 49.39 16.35
N GLY X 52 49.95 48.62 15.35
CA GLY X 52 49.01 48.14 14.35
C GLY X 52 48.00 47.16 14.92
N ARG X 53 48.44 46.28 15.81
CA ARG X 53 47.52 45.40 16.51
C ARG X 53 46.51 46.19 17.33
N SER X 54 46.99 47.23 18.03
CA SER X 54 46.09 48.08 18.79
C SER X 54 45.05 48.74 17.89
N TYR X 55 45.49 49.26 16.73
CA TYR X 55 44.56 49.85 15.78
C TYR X 55 43.52 48.84 15.32
N ALA X 56 43.98 47.63 14.97
CA ALA X 56 43.07 46.62 14.44
C ALA X 56 42.02 46.21 15.47
N TYR X 57 42.46 45.91 16.70
CA TYR X 57 41.50 45.50 17.72
C TYR X 57 40.62 46.66 18.16
N PHE X 58 41.13 47.89 18.19
CA PHE X 58 40.28 49.03 18.52
C PHE X 58 39.19 49.23 17.48
N MET X 59 39.54 49.07 16.19
CA MET X 59 38.52 49.24 15.16
C MET X 59 37.56 48.06 15.10
N VAL X 60 38.02 46.86 15.44
CA VAL X 60 37.09 45.73 15.58
C VAL X 60 36.11 46.00 16.72
N GLY X 61 36.60 46.53 17.84
CA GLY X 61 35.72 46.90 18.93
C GLY X 61 34.73 47.98 18.53
N ALA X 62 35.18 48.95 17.73
CA ALA X 62 34.27 49.98 17.23
C ALA X 62 33.21 49.37 16.31
N MET X 63 33.61 48.43 15.45
CA MET X 63 32.65 47.71 14.63
C MET X 63 31.59 47.03 15.47
N GLY X 64 32.02 46.28 16.49
CA GLY X 64 31.07 45.64 17.38
C GLY X 64 30.17 46.62 18.10
N LEU X 65 30.76 47.74 18.55
CA LEU X 65 30.00 48.76 19.26
C LEU X 65 28.88 49.33 18.40
N LEU X 66 29.23 49.75 17.18
CA LEU X 66 28.23 50.31 16.28
C LEU X 66 27.19 49.29 15.88
N SER X 67 27.62 48.05 15.62
CA SER X 67 26.65 47.01 15.25
C SER X 67 25.66 46.75 16.37
N SER X 68 26.16 46.64 17.61
CA SER X 68 25.28 46.40 18.74
C SER X 68 24.33 47.56 18.97
N ALA X 69 24.84 48.80 18.89
CA ALA X 69 23.98 49.96 19.08
C ALA X 69 22.89 50.01 18.02
N GLY X 70 23.25 49.77 16.76
CA GLY X 70 22.25 49.79 15.71
C GLY X 70 21.22 48.69 15.86
N ALA X 71 21.66 47.48 16.20
CA ALA X 71 20.72 46.38 16.40
C ALA X 71 19.76 46.68 17.54
N LYS X 72 20.28 47.19 18.67
CA LYS X 72 19.42 47.52 19.79
C LYS X 72 18.42 48.60 19.43
N SER X 73 18.87 49.64 18.72
CA SER X 73 17.96 50.71 18.34
C SER X 73 16.88 50.21 17.38
N THR X 74 17.25 49.38 16.41
CA THR X 74 16.26 48.85 15.46
C THR X 74 15.24 47.97 16.18
N VAL X 75 15.69 47.10 17.07
CA VAL X 75 14.77 46.24 17.80
C VAL X 75 13.84 47.07 18.67
N GLU X 76 14.38 48.09 19.34
CA GLU X 76 13.55 48.95 20.17
C GLU X 76 12.51 49.70 19.34
N THR X 77 12.90 50.19 18.16
CA THR X 77 11.96 50.89 17.30
C THR X 77 10.85 49.94 16.82
N PHE X 78 11.21 48.72 16.44
CA PHE X 78 10.21 47.76 16.00
C PHE X 78 9.25 47.41 17.13
N ILE X 79 9.78 47.20 18.34
CA ILE X 79 8.93 46.88 19.48
C ILE X 79 7.99 48.03 19.79
N SER X 80 8.52 49.26 19.80
CA SER X 80 7.68 50.42 20.08
C SER X 80 6.63 50.62 18.99
N SER X 81 6.93 50.23 17.75
CA SER X 81 5.90 50.23 16.72
C SER X 81 4.84 49.16 17.00
N MET X 82 5.26 48.02 17.54
CA MET X 82 4.31 46.93 17.82
C MET X 82 3.47 47.23 19.06
N THR X 83 4.01 47.97 20.02
CA THR X 83 3.34 48.15 21.30
C THR X 83 2.11 49.06 21.15
N ALA X 84 1.47 49.34 22.28
CA ALA X 84 0.22 50.09 22.29
C ALA X 84 0.38 51.45 21.62
N THR X 85 -0.60 51.81 20.78
CA THR X 85 -0.60 53.05 20.04
C THR X 85 -1.32 54.14 20.84
N ALA X 86 -1.62 55.26 20.16
CA ALA X 86 -2.15 56.42 20.85
C ALA X 86 -3.59 56.20 21.32
N ASP X 87 -4.45 55.67 20.44
CA ASP X 87 -5.88 55.60 20.76
C ASP X 87 -6.15 54.62 21.90
N VAL X 88 -5.44 53.49 21.95
CA VAL X 88 -5.62 52.55 23.04
C VAL X 88 -5.14 53.14 24.36
N LEU X 89 -4.16 54.05 24.30
CA LEU X 89 -3.65 54.70 25.51
C LEU X 89 -4.64 55.66 26.14
N ALA X 90 -5.85 55.80 25.59
CA ALA X 90 -6.89 56.64 26.16
C ALA X 90 -7.87 55.77 26.92
N MET X 91 -8.13 56.11 28.18
CA MET X 91 -9.00 55.33 29.03
C MET X 91 -10.43 55.85 28.95
N ALA X 92 -11.38 54.93 28.94
CA ALA X 92 -12.79 55.28 28.84
C ALA X 92 -13.40 55.45 30.23
N LYS X 93 -14.46 56.28 30.29
CA LYS X 93 -15.15 56.56 31.54
C LYS X 93 -16.64 56.29 31.35
N VAL X 94 -17.26 55.68 32.37
CA VAL X 94 -18.67 55.35 32.33
C VAL X 94 -19.26 55.53 33.72
N GLU X 95 -20.55 55.86 33.77
CA GLU X 95 -21.26 56.05 35.03
C GLU X 95 -22.44 55.07 35.09
N VAL X 96 -22.62 54.46 36.26
CA VAL X 96 -23.68 53.47 36.47
C VAL X 96 -24.58 53.98 37.59
N ASN X 97 -25.89 53.96 37.33
CA ASN X 97 -26.87 54.39 38.32
C ASN X 97 -27.16 53.27 39.30
N LEU X 98 -27.13 53.59 40.60
CA LEU X 98 -27.39 52.63 41.66
C LEU X 98 -28.84 52.62 42.13
N ALA X 99 -29.71 53.41 41.51
CA ALA X 99 -31.10 53.46 41.94
C ALA X 99 -31.89 52.24 41.45
N ALA X 100 -31.59 51.76 40.25
CA ALA X 100 -32.40 50.74 39.61
C ALA X 100 -31.89 49.32 39.84
N ILE X 101 -30.78 49.14 40.54
CA ILE X 101 -30.24 47.80 40.77
C ILE X 101 -31.08 47.10 41.83
N PRO X 102 -31.58 45.89 41.55
CA PRO X 102 -32.36 45.17 42.56
C PRO X 102 -31.48 44.72 43.72
N LEU X 103 -32.13 44.52 44.87
CA LEU X 103 -31.42 44.10 46.08
C LEU X 103 -30.81 42.72 45.90
N GLY X 104 -31.57 41.79 45.33
CA GLY X 104 -31.11 40.42 45.22
C GLY X 104 -30.62 40.03 43.84
N LYS X 105 -30.11 41.01 43.09
CA LYS X 105 -29.61 40.78 41.74
C LYS X 105 -28.21 41.35 41.59
N ASN X 106 -27.44 40.76 40.69
CA ASN X 106 -26.07 41.15 40.45
C ASN X 106 -25.96 41.92 39.14
N VAL X 107 -25.23 43.03 39.17
CA VAL X 107 -25.00 43.87 38.00
C VAL X 107 -23.49 43.94 37.76
N VAL X 108 -23.08 43.61 36.54
CA VAL X 108 -21.67 43.64 36.15
C VAL X 108 -21.52 44.63 35.01
N VAL X 109 -20.59 45.56 35.16
CA VAL X 109 -20.35 46.61 34.17
C VAL X 109 -18.91 46.55 33.71
N LYS X 110 -18.70 46.65 32.40
CA LYS X 110 -17.36 46.63 31.82
C LYS X 110 -16.73 48.00 31.94
N TRP X 111 -15.47 48.04 32.38
CA TRP X 111 -14.71 49.28 32.48
C TRP X 111 -13.34 49.06 31.86
N GLN X 112 -13.08 49.73 30.74
CA GLN X 112 -11.72 49.91 30.22
C GLN X 112 -11.01 48.55 30.06
N GLY X 113 -11.70 47.62 29.40
CA GLY X 113 -11.16 46.33 29.04
C GLY X 113 -11.52 45.20 29.98
N LYS X 114 -11.96 45.50 31.20
CA LYS X 114 -12.32 44.48 32.17
C LYS X 114 -13.62 44.84 32.86
N PRO X 115 -14.41 43.84 33.27
CA PRO X 115 -15.68 44.12 33.95
C PRO X 115 -15.46 44.63 35.37
N VAL X 116 -16.53 45.18 35.94
CA VAL X 116 -16.54 45.67 37.31
C VAL X 116 -17.83 45.21 37.98
N PHE X 117 -17.69 44.54 39.13
CA PHE X 117 -18.86 44.11 39.89
C PHE X 117 -19.61 45.29 40.48
N ILE X 118 -20.94 45.22 40.42
CA ILE X 118 -21.81 46.14 41.16
C ILE X 118 -22.92 45.32 41.80
N ARG X 119 -22.77 44.98 43.08
CA ARG X 119 -23.74 44.16 43.80
C ARG X 119 -24.27 44.92 45.00
N HIS X 120 -25.58 44.85 45.21
CA HIS X 120 -26.23 45.45 46.37
C HIS X 120 -26.21 44.41 47.50
N ARG X 121 -25.17 44.48 48.33
CA ARG X 121 -25.01 43.53 49.41
C ARG X 121 -26.11 43.69 50.45
N THR X 122 -26.67 42.58 50.90
CA THR X 122 -27.65 42.60 51.97
C THR X 122 -26.97 42.94 53.29
N PRO X 123 -27.72 43.50 54.25
CA PRO X 123 -27.12 43.78 55.57
C PRO X 123 -26.56 42.55 56.24
N HIS X 124 -27.18 41.39 56.07
CA HIS X 124 -26.63 40.15 56.60
C HIS X 124 -25.31 39.80 55.92
N GLU X 125 -25.22 40.02 54.61
CA GLU X 125 -24.00 39.70 53.89
C GLU X 125 -22.84 40.60 54.30
N ILE X 126 -23.13 41.82 54.74
CA ILE X 126 -22.08 42.71 55.21
C ILE X 126 -21.40 42.13 56.46
N GLN X 127 -22.21 41.59 57.38
CA GLN X 127 -21.66 40.98 58.58
C GLN X 127 -20.77 39.79 58.25
N GLU X 128 -21.23 38.94 57.31
CA GLU X 128 -20.40 37.82 56.90
C GLU X 128 -19.11 38.28 56.24
N ALA X 129 -19.18 39.35 55.45
CA ALA X 129 -17.99 39.87 54.79
C ALA X 129 -16.98 40.40 55.82
N ASN X 130 -17.46 41.12 56.84
CA ASN X 130 -16.57 41.73 57.82
C ASN X 130 -16.22 40.79 58.97
N SER X 131 -16.80 39.60 59.03
CA SER X 131 -16.50 38.63 60.08
C SER X 131 -15.82 37.39 59.53
N VAL X 132 -14.84 37.58 58.65
CA VAL X 132 -14.06 36.47 58.09
C VAL X 132 -12.73 36.38 58.82
N ASP X 133 -12.40 35.19 59.30
CA ASP X 133 -11.16 34.98 60.03
C ASP X 133 -9.96 35.22 59.13
N MET X 134 -8.97 35.95 59.66
CA MET X 134 -7.79 36.29 58.88
C MET X 134 -6.89 35.08 58.67
N SER X 135 -6.84 34.17 59.66
CA SER X 135 -5.94 33.03 59.58
C SER X 135 -6.32 32.10 58.43
N ALA X 136 -7.58 32.09 58.02
CA ALA X 136 -8.01 31.28 56.89
C ALA X 136 -7.71 31.94 55.54
N LEU X 137 -7.23 33.17 55.54
CA LEU X 137 -6.90 33.89 54.31
C LEU X 137 -5.39 34.07 54.22
N LYS X 138 -4.83 33.72 53.07
CA LYS X 138 -3.40 33.93 52.86
C LYS X 138 -3.03 35.40 52.79
N ASP X 139 -3.94 36.25 52.34
CA ASP X 139 -3.71 37.69 52.27
C ASP X 139 -4.65 38.40 53.24
N PRO X 140 -4.15 39.07 54.27
CA PRO X 140 -5.03 39.78 55.20
C PRO X 140 -5.68 41.00 54.56
N GLN X 141 -7.00 40.95 54.38
CA GLN X 141 -7.75 42.07 53.80
C GLN X 141 -9.11 42.15 54.47
N THR X 142 -9.44 43.31 55.00
CA THR X 142 -10.72 43.53 55.67
C THR X 142 -11.73 44.14 54.70
N ASP X 143 -12.99 44.18 55.14
CA ASP X 143 -14.07 44.67 54.29
C ASP X 143 -13.96 46.18 54.07
N ALA X 144 -13.56 46.92 55.10
CA ALA X 144 -13.54 48.38 55.01
C ALA X 144 -12.48 48.88 54.02
N ASP X 145 -11.43 48.10 53.80
CA ASP X 145 -10.35 48.56 52.93
C ASP X 145 -10.73 48.49 51.46
N ARG X 146 -11.44 47.44 51.06
CA ARG X 146 -11.72 47.23 49.64
C ARG X 146 -12.89 48.05 49.12
N VAL X 147 -13.71 48.62 50.01
CA VAL X 147 -14.85 49.41 49.59
C VAL X 147 -15.16 50.43 50.68
N LYS X 148 -15.68 51.58 50.26
CA LYS X 148 -16.04 52.65 51.19
C LYS X 148 -17.48 52.53 51.65
N ASP X 149 -18.40 52.16 50.76
CA ASP X 149 -19.80 51.98 51.12
C ASP X 149 -20.02 50.51 51.49
N PRO X 150 -20.35 50.19 52.74
CA PRO X 150 -20.56 48.78 53.10
C PRO X 150 -21.70 48.12 52.35
N GLN X 151 -22.75 48.88 52.01
CA GLN X 151 -23.91 48.29 51.36
C GLN X 151 -23.60 47.89 49.92
N TRP X 152 -22.88 48.73 49.19
CA TRP X 152 -22.63 48.51 47.78
C TRP X 152 -21.28 47.81 47.60
N LEU X 153 -21.29 46.74 46.82
CA LEU X 153 -20.07 46.00 46.48
C LEU X 153 -19.68 46.39 45.06
N ILE X 154 -18.58 47.13 44.94
CA ILE X 154 -18.07 47.61 43.66
C ILE X 154 -16.65 47.12 43.52
N MET X 155 -16.44 46.08 42.70
CA MET X 155 -15.13 45.49 42.54
C MET X 155 -14.91 45.19 41.07
N LEU X 156 -13.66 45.25 40.65
CA LEU X 156 -13.34 44.96 39.26
C LEU X 156 -13.48 43.46 38.99
N GLY X 157 -13.97 43.14 37.79
CA GLY X 157 -14.20 41.76 37.41
C GLY X 157 -12.95 41.05 36.93
N ILE X 158 -12.00 40.85 37.83
CA ILE X 158 -10.81 40.07 37.55
C ILE X 158 -10.59 39.09 38.71
N CYS X 159 -9.93 37.99 38.39
CA CYS X 159 -9.71 36.91 39.35
C CYS X 159 -8.22 36.56 39.26
N THR X 160 -7.43 37.04 40.22
CA THR X 160 -5.99 36.78 40.19
C THR X 160 -5.69 35.30 40.30
N HIS X 161 -6.66 34.50 40.70
CA HIS X 161 -6.60 33.05 40.68
C HIS X 161 -6.19 32.54 39.30
N LEU X 162 -7.04 32.77 38.30
CA LEU X 162 -6.64 32.59 36.91
C LEU X 162 -6.92 33.82 36.05
N GLY X 163 -8.07 34.46 36.23
CA GLY X 163 -8.47 35.57 35.38
C GLY X 163 -9.93 35.52 35.02
N CYS X 164 -10.60 34.40 35.29
CA CYS X 164 -12.00 34.24 34.93
C CYS X 164 -12.90 34.53 36.12
N VAL X 165 -13.91 35.37 35.89
CA VAL X 165 -14.79 35.88 36.94
C VAL X 165 -15.60 34.76 37.56
N PRO X 166 -15.58 34.63 38.89
CA PRO X 166 -16.38 33.58 39.54
C PRO X 166 -17.88 33.80 39.32
N ILE X 167 -18.62 32.68 39.29
CA ILE X 167 -20.05 32.73 39.06
C ILE X 167 -20.74 33.30 40.29
N GLY X 168 -21.63 34.27 40.08
CA GLY X 168 -22.29 34.91 41.20
C GLY X 168 -23.36 34.03 41.83
N GLU X 169 -23.60 34.29 43.12
CA GLU X 169 -24.64 33.61 43.89
C GLU X 169 -24.46 32.09 43.85
N ALA X 170 -23.22 31.65 44.06
CA ALA X 170 -22.91 30.23 44.12
C ALA X 170 -21.67 30.03 44.97
N GLY X 171 -21.48 28.80 45.42
CA GLY X 171 -20.32 28.47 46.23
C GLY X 171 -20.67 28.04 47.64
N ASP X 172 -19.74 27.35 48.31
CA ASP X 172 -19.99 26.87 49.66
C ASP X 172 -20.03 28.00 50.67
N PHE X 173 -19.31 29.09 50.40
CA PHE X 173 -19.28 30.23 51.31
C PHE X 173 -20.45 31.18 51.12
N GLY X 174 -21.34 30.90 50.16
CA GLY X 174 -22.44 31.79 49.87
C GLY X 174 -22.08 33.00 49.03
N GLY X 175 -20.86 33.04 48.50
CA GLY X 175 -20.42 34.18 47.71
C GLY X 175 -20.34 33.87 46.22
N TRP X 176 -19.13 33.59 45.75
CA TRP X 176 -18.89 33.37 44.33
C TRP X 176 -18.27 31.99 44.10
N PHE X 177 -18.31 31.57 42.83
CA PHE X 177 -17.91 30.23 42.43
C PHE X 177 -17.12 30.35 41.14
N CYS X 178 -15.80 30.18 41.22
CA CYS X 178 -14.94 30.41 40.07
C CYS X 178 -15.18 29.33 39.04
N PRO X 179 -15.58 29.67 37.81
CA PRO X 179 -16.12 28.62 36.92
C PRO X 179 -15.06 27.72 36.32
N CYS X 180 -13.88 28.26 36.01
CA CYS X 180 -12.80 27.45 35.48
C CYS X 180 -12.30 26.44 36.51
N HIS X 181 -12.65 26.62 37.77
CA HIS X 181 -12.06 25.88 38.88
C HIS X 181 -13.08 25.05 39.65
N GLY X 182 -14.15 25.67 40.13
CA GLY X 182 -14.98 25.08 41.15
C GLY X 182 -14.64 25.50 42.55
N SER X 183 -13.61 26.33 42.73
CA SER X 183 -13.31 26.88 44.04
C SER X 183 -14.34 27.92 44.45
N HIS X 184 -14.55 28.05 45.75
CA HIS X 184 -15.63 28.87 46.30
C HIS X 184 -15.05 30.12 46.94
N TYR X 185 -15.61 31.26 46.60
CA TYR X 185 -15.22 32.55 47.17
C TYR X 185 -16.28 33.05 48.13
N ASP X 186 -15.87 33.95 49.01
CA ASP X 186 -16.76 34.53 50.00
C ASP X 186 -17.61 35.63 49.35
N ILE X 187 -18.46 36.27 50.15
CA ILE X 187 -19.24 37.39 49.65
C ILE X 187 -18.40 38.65 49.47
N SER X 188 -17.22 38.69 50.08
CA SER X 188 -16.32 39.84 49.96
C SER X 188 -15.33 39.72 48.82
N GLY X 189 -15.32 38.59 48.12
CA GLY X 189 -14.44 38.40 46.97
C GLY X 189 -13.03 37.97 47.29
N ARG X 190 -12.69 37.74 48.55
CA ARG X 190 -11.35 37.35 48.90
C ARG X 190 -11.07 35.91 48.47
N ILE X 191 -9.78 35.59 48.37
CA ILE X 191 -9.34 34.24 48.01
C ILE X 191 -9.49 33.32 49.22
N ARG X 192 -10.02 32.13 48.98
CA ARG X 192 -10.18 31.13 50.03
C ARG X 192 -9.32 29.89 49.80
N LYS X 193 -9.45 29.26 48.63
CA LYS X 193 -8.72 28.04 48.32
C LYS X 193 -8.19 28.10 46.89
N GLY X 194 -6.98 27.59 46.70
CA GLY X 194 -6.41 27.47 45.38
C GLY X 194 -4.97 27.90 45.29
N PRO X 195 -4.44 27.93 44.07
CA PRO X 195 -3.06 28.36 43.84
C PRO X 195 -2.89 29.87 43.80
N ALA X 196 -3.86 30.62 44.31
CA ALA X 196 -3.76 32.07 44.32
C ALA X 196 -3.32 32.54 45.69
N PRO X 197 -2.05 32.91 45.88
CA PRO X 197 -1.62 33.43 47.19
C PRO X 197 -1.81 34.93 47.30
N LEU X 198 -2.60 35.51 46.39
CA LEU X 198 -2.81 36.94 46.35
C LEU X 198 -4.29 37.24 46.24
N ASN X 199 -4.77 38.21 47.02
CA ASN X 199 -6.14 38.65 46.94
C ASN X 199 -6.40 39.40 45.64
N LEU X 200 -7.66 39.53 45.29
CA LEU X 200 -8.04 40.24 44.09
C LEU X 200 -7.70 41.72 44.20
N GLU X 201 -7.50 42.35 43.04
CA GLU X 201 -7.03 43.73 43.00
C GLU X 201 -8.06 44.67 43.58
N ILE X 202 -7.60 45.85 44.00
CA ILE X 202 -8.49 46.91 44.50
C ILE X 202 -8.34 48.14 43.62
N PRO X 203 -9.40 48.57 42.95
CA PRO X 203 -9.35 49.79 42.14
C PRO X 203 -9.57 51.03 43.00
N ALA X 204 -9.63 52.17 42.32
CA ALA X 204 -9.85 53.47 42.93
C ALA X 204 -11.00 54.18 42.24
N TYR X 205 -11.84 54.86 43.02
CA TYR X 205 -13.01 55.55 42.50
C TYR X 205 -13.40 56.67 43.45
N GLU X 206 -14.33 57.51 43.00
CA GLU X 206 -14.80 58.66 43.76
C GLU X 206 -16.32 58.74 43.71
N PHE X 207 -16.90 59.40 44.70
CA PHE X 207 -18.35 59.57 44.77
C PHE X 207 -18.75 60.91 44.18
N ASP X 208 -19.96 60.95 43.62
CA ASP X 208 -20.49 62.18 43.01
C ASP X 208 -21.93 62.48 43.38
N GLY X 209 -22.57 61.67 44.22
CA GLY X 209 -23.96 61.90 44.58
C GLY X 209 -24.92 61.07 43.76
N ASP X 210 -25.52 60.06 44.38
CA ASP X 210 -26.45 59.10 43.77
C ASP X 210 -25.79 58.21 42.73
N LYS X 211 -24.50 58.41 42.45
CA LYS X 211 -23.78 57.60 41.48
C LYS X 211 -22.33 57.50 41.92
N VAL X 212 -21.64 56.50 41.38
CA VAL X 212 -20.21 56.33 41.61
C VAL X 212 -19.51 56.21 40.26
N ILE X 213 -18.44 56.97 40.09
CA ILE X 213 -17.66 56.94 38.86
C ILE X 213 -16.51 55.97 39.08
N VAL X 214 -16.53 54.85 38.35
CA VAL X 214 -15.49 53.84 38.49
C VAL X 214 -14.30 54.25 37.63
N GLY X 215 -13.40 55.05 38.20
CA GLY X 215 -12.27 55.57 37.47
C GLY X 215 -11.44 56.57 38.27
N SER Y 2 51.00 55.69 19.35
CA SER Y 2 51.56 56.39 20.50
C SER Y 2 50.83 56.00 21.79
N PHE Y 3 50.71 54.69 22.02
CA PHE Y 3 50.04 54.15 23.19
C PHE Y 3 51.08 53.61 24.16
N SER Y 4 50.91 53.94 25.44
CA SER Y 4 51.85 53.53 26.48
C SER Y 4 51.55 52.10 26.93
N SER Y 5 52.16 51.68 28.04
CA SER Y 5 52.01 50.30 28.49
C SER Y 5 50.60 49.99 28.99
N LEU Y 6 49.87 51.01 29.48
CA LEU Y 6 48.53 50.76 30.00
C LEU Y 6 47.51 50.51 28.90
N TYR Y 7 47.84 50.80 27.65
CA TYR Y 7 46.94 50.57 26.53
C TYR Y 7 47.19 49.26 25.81
N LYS Y 8 48.14 48.46 26.30
CA LYS Y 8 48.46 47.16 25.70
C LYS Y 8 47.96 46.00 26.55
N THR Y 9 48.32 45.96 27.83
CA THR Y 9 47.91 44.88 28.71
C THR Y 9 46.44 44.95 29.11
N PHE Y 10 45.76 46.07 28.82
CA PHE Y 10 44.37 46.24 29.20
C PHE Y 10 43.41 45.48 28.30
N PHE Y 11 43.86 44.97 27.16
CA PHE Y 11 43.01 44.30 26.18
C PHE Y 11 43.30 42.80 26.10
N LYS Y 12 43.53 42.17 27.25
CA LYS Y 12 43.73 40.73 27.32
C LYS Y 12 42.56 39.99 27.94
N ARG Y 13 42.00 40.50 29.03
CA ARG Y 13 40.86 39.86 29.67
C ARG Y 13 39.62 39.99 28.79
N ASN Y 14 38.74 38.98 28.87
CA ASN Y 14 37.52 38.98 28.08
C ASN Y 14 36.32 39.51 28.85
N ALA Y 15 36.12 39.05 30.09
CA ALA Y 15 34.97 39.51 30.87
C ALA Y 15 35.08 40.99 31.19
N VAL Y 16 36.28 41.45 31.58
CA VAL Y 16 36.50 42.86 31.87
C VAL Y 16 36.25 43.70 30.62
N PHE Y 17 36.76 43.23 29.48
CA PHE Y 17 36.55 43.96 28.23
C PHE Y 17 35.07 44.03 27.87
N VAL Y 18 34.34 42.94 28.07
CA VAL Y 18 32.92 42.91 27.75
C VAL Y 18 32.16 43.88 28.64
N GLY Y 19 32.45 43.87 29.94
CA GLY Y 19 31.78 44.80 30.84
C GLY Y 19 32.09 46.26 30.51
N THR Y 20 33.36 46.55 30.26
CA THR Y 20 33.75 47.92 29.92
C THR Y 20 33.11 48.37 28.61
N ILE Y 21 33.05 47.47 27.62
CA ILE Y 21 32.46 47.86 26.34
C ILE Y 21 30.95 48.01 26.46
N PHE Y 22 30.31 47.24 27.33
CA PHE Y 22 28.87 47.44 27.56
C PHE Y 22 28.60 48.80 28.20
N ALA Y 23 29.37 49.12 29.26
CA ALA Y 23 29.21 50.43 29.89
C ALA Y 23 29.51 51.55 28.91
N GLY Y 24 30.57 51.39 28.10
CA GLY Y 24 30.89 52.38 27.10
C GLY Y 24 29.81 52.53 26.05
N ALA Y 25 29.19 51.41 25.67
CA ALA Y 25 28.08 51.45 24.73
C ALA Y 25 26.93 52.28 25.28
N PHE Y 26 26.54 52.00 26.53
CA PHE Y 26 25.39 52.71 27.11
C PHE Y 26 25.69 54.20 27.27
N VAL Y 27 26.87 54.54 27.80
CA VAL Y 27 27.20 55.95 27.93
C VAL Y 27 27.34 56.59 26.55
N PHE Y 28 27.74 55.80 25.55
CA PHE Y 28 27.84 56.31 24.19
C PHE Y 28 26.48 56.69 23.63
N GLN Y 29 25.48 55.82 23.81
CA GLN Y 29 24.14 56.20 23.34
C GLN Y 29 23.66 57.44 24.09
N THR Y 30 23.87 57.49 25.40
CA THR Y 30 23.40 58.66 26.16
C THR Y 30 24.04 59.95 25.66
N VAL Y 31 25.37 59.98 25.58
CA VAL Y 31 26.06 61.21 25.21
C VAL Y 31 25.80 61.57 23.75
N PHE Y 32 25.74 60.57 22.87
CA PHE Y 32 25.47 60.85 21.46
C PHE Y 32 24.07 61.43 21.29
N ASP Y 33 23.08 60.84 21.96
CA ASP Y 33 21.72 61.38 21.88
C ASP Y 33 21.66 62.80 22.40
N THR Y 34 22.26 63.04 23.57
CA THR Y 34 22.17 64.39 24.13
C THR Y 34 22.91 65.41 23.26
N ALA Y 35 24.05 65.02 22.68
CA ALA Y 35 24.79 65.94 21.83
C ALA Y 35 24.04 66.24 20.53
N ILE Y 36 23.44 65.22 19.90
CA ILE Y 36 22.68 65.45 18.69
C ILE Y 36 21.46 66.32 18.96
N THR Y 37 20.76 66.05 20.07
CA THR Y 37 19.61 66.89 20.41
C THR Y 37 20.04 68.33 20.70
N SER Y 38 21.18 68.51 21.38
CA SER Y 38 21.65 69.86 21.65
C SER Y 38 22.00 70.61 20.37
N TRP Y 39 22.68 69.93 19.44
CA TRP Y 39 23.02 70.57 18.18
C TRP Y 39 21.76 70.90 17.37
N TYR Y 40 20.79 69.98 17.36
CA TYR Y 40 19.54 70.23 16.67
C TYR Y 40 18.81 71.42 17.28
N GLU Y 41 18.81 71.53 18.60
CA GLU Y 41 18.13 72.63 19.28
C GLU Y 41 18.80 73.96 19.01
N ASN Y 42 20.12 74.04 19.19
CA ASN Y 42 20.79 75.33 19.07
C ASN Y 42 21.10 75.72 17.64
N HIS Y 43 21.01 74.80 16.68
CA HIS Y 43 21.13 75.18 15.28
C HIS Y 43 19.87 75.89 14.79
N ASN Y 44 18.71 75.39 15.18
CA ASN Y 44 17.43 76.00 14.81
C ASN Y 44 17.00 77.02 15.87
N LYS Y 45 17.79 78.10 15.95
CA LYS Y 45 17.56 79.13 16.95
C LYS Y 45 16.19 79.76 16.76
N GLY Y 46 15.44 79.85 17.87
CA GLY Y 46 14.12 80.46 17.83
C GLY Y 46 13.14 79.77 16.90
N LYS Y 47 13.19 78.45 16.83
CA LYS Y 47 12.30 77.73 15.93
C LYS Y 47 11.48 76.66 16.61
N LEU Y 48 12.05 75.96 17.60
CA LEU Y 48 11.33 74.85 18.21
C LEU Y 48 10.43 75.39 19.32
N TRP Y 49 9.78 74.49 20.05
CA TRP Y 49 8.66 74.81 20.93
C TRP Y 49 9.03 75.73 22.09
N LYS Y 50 10.30 76.12 22.25
CA LYS Y 50 10.66 77.00 23.34
C LYS Y 50 10.00 78.37 23.21
N ASP Y 51 10.34 79.13 22.17
CA ASP Y 51 9.87 80.50 22.02
C ASP Y 51 8.64 80.61 21.12
N VAL Y 52 8.10 79.49 20.65
CA VAL Y 52 6.79 79.53 20.02
C VAL Y 52 5.71 79.81 21.06
N LYS Y 53 5.84 79.21 22.24
CA LYS Y 53 4.87 79.34 23.31
C LYS Y 53 5.38 80.12 24.52
N ALA Y 54 6.66 80.54 24.52
CA ALA Y 54 7.21 81.23 25.67
C ALA Y 54 8.10 82.41 25.29
N ARG Y 55 7.95 82.96 24.08
CA ARG Y 55 8.71 84.16 23.72
C ARG Y 55 8.31 85.35 24.58
N ILE Y 56 7.02 85.48 24.90
CA ILE Y 56 6.54 86.55 25.78
C ILE Y 56 5.73 85.91 26.89
N ALA Y 57 5.18 84.72 26.63
CA ALA Y 57 4.35 84.02 27.60
C ALA Y 57 5.25 83.35 28.64
N ALA Y 58 5.68 84.15 29.61
CA ALA Y 58 6.55 83.66 30.68
C ALA Y 58 6.32 84.44 31.98
N PRO Z 2 28.04 28.71 -27.99
CA PRO Z 2 28.30 27.34 -28.45
C PRO Z 2 28.29 27.23 -29.98
N GLN Z 3 29.46 27.39 -30.60
CA GLN Z 3 29.60 27.36 -32.04
C GLN Z 3 30.76 26.44 -32.42
N SER Z 4 30.55 25.62 -33.45
CA SER Z 4 31.55 24.66 -33.86
C SER Z 4 32.81 25.35 -34.39
N PHE Z 5 33.97 24.76 -34.11
CA PHE Z 5 35.23 25.32 -34.60
C PHE Z 5 35.44 25.03 -36.08
N THR Z 6 34.92 23.90 -36.57
CA THR Z 6 35.15 23.51 -37.95
C THR Z 6 34.56 24.50 -38.94
N SER Z 7 33.37 25.04 -38.64
CA SER Z 7 32.80 26.06 -39.51
C SER Z 7 33.69 27.29 -39.58
N ILE Z 8 34.21 27.73 -38.43
CA ILE Z 8 35.11 28.88 -38.41
C ILE Z 8 36.37 28.59 -39.21
N ALA Z 9 36.91 27.38 -39.09
CA ALA Z 9 38.07 26.99 -39.87
C ALA Z 9 37.76 27.02 -41.37
N ARG Z 10 36.57 26.57 -41.75
CA ARG Z 10 36.17 26.61 -43.15
C ARG Z 10 36.09 28.04 -43.68
N ILE Z 11 35.49 28.94 -42.90
CA ILE Z 11 35.42 30.35 -43.32
C ILE Z 11 36.81 30.94 -43.44
N GLY Z 12 37.68 30.66 -42.47
CA GLY Z 12 39.04 31.17 -42.54
C GLY Z 12 39.79 30.66 -43.74
N ASP Z 13 39.65 29.37 -44.04
CA ASP Z 13 40.31 28.81 -45.22
C ASP Z 13 39.76 29.42 -46.50
N TYR Z 14 38.45 29.70 -46.53
CA TYR Z 14 37.87 30.31 -47.72
C TYR Z 14 38.36 31.75 -47.91
N ILE Z 15 38.55 32.49 -46.83
CA ILE Z 15 38.88 33.91 -46.96
C ILE Z 15 40.38 34.17 -47.10
N LEU Z 16 41.23 33.39 -46.41
CA LEU Z 16 42.66 33.68 -46.43
C LEU Z 16 43.28 33.41 -47.80
N LYS Z 17 42.90 32.31 -48.45
CA LYS Z 17 43.56 31.93 -49.69
C LYS Z 17 43.26 32.90 -50.83
N SER Z 18 42.11 33.57 -50.79
CA SER Z 18 41.83 34.61 -51.77
C SER Z 18 42.80 35.77 -51.57
N PRO Z 19 43.54 36.20 -52.59
CA PRO Z 19 44.54 37.24 -52.38
C PRO Z 19 43.96 38.58 -51.95
N VAL Z 20 42.91 39.06 -52.63
CA VAL Z 20 42.40 40.40 -52.36
C VAL Z 20 41.75 40.46 -50.99
N LEU Z 21 40.93 39.48 -50.64
CA LEU Z 21 40.27 39.48 -49.33
C LEU Z 21 41.29 39.41 -48.20
N SER Z 22 42.30 38.57 -48.35
CA SER Z 22 43.32 38.45 -47.31
C SER Z 22 44.11 39.74 -47.17
N LYS Z 23 44.62 40.27 -48.29
CA LYS Z 23 45.40 41.49 -48.24
C LYS Z 23 44.58 42.70 -47.80
N LEU Z 24 43.25 42.62 -47.88
CA LEU Z 24 42.40 43.73 -47.43
C LEU Z 24 41.90 43.56 -46.01
N CYS Z 25 41.88 42.34 -45.46
CA CYS Z 25 41.26 42.12 -44.16
C CYS Z 25 42.16 41.47 -43.12
N VAL Z 26 43.43 41.18 -43.42
CA VAL Z 26 44.31 40.61 -42.41
C VAL Z 26 44.85 41.68 -41.46
N PRO Z 27 45.39 42.82 -41.94
CA PRO Z 27 45.86 43.84 -41.00
C PRO Z 27 44.76 44.39 -40.10
N VAL Z 28 43.54 44.54 -40.63
CA VAL Z 28 42.45 45.01 -39.80
C VAL Z 28 42.10 43.98 -38.73
N ALA Z 29 42.21 42.69 -39.06
CA ALA Z 29 42.02 41.66 -38.06
C ALA Z 29 43.09 41.72 -36.98
N ASN Z 30 44.35 41.96 -37.38
CA ASN Z 30 45.42 42.07 -36.40
C ASN Z 30 45.21 43.26 -35.48
N GLN Z 31 44.79 44.40 -36.03
CA GLN Z 31 44.59 45.56 -35.17
C GLN Z 31 43.36 45.41 -34.28
N PHE Z 32 42.30 44.75 -34.76
CA PHE Z 32 41.20 44.39 -33.86
C PHE Z 32 41.68 43.49 -32.73
N ILE Z 33 42.48 42.46 -33.05
CA ILE Z 33 42.81 41.48 -32.03
C ILE Z 33 43.78 42.07 -31.01
N ASN Z 34 44.68 42.97 -31.42
CA ASN Z 34 45.55 43.58 -30.41
C ASN Z 34 44.94 44.82 -29.77
N LEU Z 35 43.80 45.31 -30.26
CA LEU Z 35 43.00 46.27 -29.52
C LEU Z 35 41.92 45.61 -28.67
N ALA Z 36 41.79 44.28 -28.74
CA ALA Z 36 40.77 43.59 -27.97
C ALA Z 36 41.00 43.78 -26.48
N GLY Z 37 42.20 43.50 -25.99
CA GLY Z 37 42.52 43.72 -24.60
C GLY Z 37 43.13 42.52 -23.89
N TYR Z 38 42.96 41.33 -24.44
CA TYR Z 38 43.51 40.14 -23.80
C TYR Z 38 45.02 40.04 -23.97
N LYS Z 39 45.54 40.49 -25.12
CA LYS Z 39 46.99 40.56 -25.28
C LYS Z 39 47.61 41.55 -24.32
N LYS Z 40 46.86 42.59 -23.94
CA LYS Z 40 47.37 43.60 -23.02
C LYS Z 40 47.73 42.99 -21.67
N LEU Z 41 46.88 42.09 -21.17
CA LEU Z 41 47.09 41.49 -19.86
C LEU Z 41 48.12 40.36 -19.89
N GLY Z 42 48.46 39.86 -21.07
CA GLY Z 42 49.41 38.77 -21.16
C GLY Z 42 48.76 37.40 -21.07
N LEU Z 43 47.80 37.13 -21.95
CA LEU Z 43 47.11 35.85 -22.02
C LEU Z 43 47.11 35.35 -23.45
N LYS Z 44 47.49 34.09 -23.63
CA LYS Z 44 47.40 33.48 -24.96
C LYS Z 44 45.95 33.24 -25.33
N PHE Z 45 45.65 33.36 -26.63
CA PHE Z 45 44.26 33.31 -27.08
C PHE Z 45 43.63 31.94 -26.87
N ASP Z 46 44.43 30.89 -26.71
CA ASP Z 46 43.89 29.56 -26.53
C ASP Z 46 43.50 29.27 -25.08
N ASP Z 47 43.28 30.31 -24.28
CA ASP Z 47 42.85 30.16 -22.89
C ASP Z 47 41.56 30.90 -22.57
N LEU Z 48 41.15 31.86 -23.41
CA LEU Z 48 39.98 32.66 -23.09
C LEU Z 48 38.67 31.91 -23.31
N ILE Z 49 38.67 30.88 -24.17
CA ILE Z 49 37.44 30.18 -24.49
C ILE Z 49 36.93 29.40 -23.28
N ALA Z 50 35.66 29.04 -23.32
CA ALA Z 50 35.01 28.36 -22.21
C ALA Z 50 35.60 26.96 -22.02
N GLU Z 51 35.46 26.45 -20.81
CA GLU Z 51 36.01 25.15 -20.41
C GLU Z 51 34.96 24.35 -19.65
N GLU Z 52 33.76 24.26 -20.21
CA GLU Z 52 32.70 23.52 -19.52
C GLU Z 52 32.02 22.49 -20.44
N ASN Z 53 32.03 22.74 -21.74
CA ASN Z 53 31.49 21.76 -22.67
C ASN Z 53 32.41 20.54 -22.75
N PRO Z 54 31.87 19.36 -23.06
CA PRO Z 54 32.72 18.15 -23.08
C PRO Z 54 33.82 18.19 -24.12
N ILE Z 55 33.69 18.98 -25.18
CA ILE Z 55 34.73 19.03 -26.21
C ILE Z 55 36.04 19.56 -25.62
N MET Z 56 35.94 20.64 -24.84
CA MET Z 56 37.13 21.19 -24.19
C MET Z 56 37.74 20.19 -23.21
N GLN Z 57 36.89 19.50 -22.44
CA GLN Z 57 37.37 18.53 -21.48
C GLN Z 57 38.13 17.41 -22.15
N THR Z 58 37.61 16.91 -23.28
CA THR Z 58 38.33 15.91 -24.05
C THR Z 58 39.59 16.50 -24.68
N ALA Z 59 39.57 17.78 -25.02
CA ALA Z 59 40.69 18.39 -25.72
C ALA Z 59 41.91 18.53 -24.82
N LEU Z 60 41.78 19.32 -23.74
CA LEU Z 60 42.97 19.56 -22.93
C LEU Z 60 43.30 18.42 -21.98
N ARG Z 61 42.45 17.40 -21.90
CA ARG Z 61 42.86 16.16 -21.24
C ARG Z 61 44.01 15.51 -21.99
N ARG Z 62 44.12 15.78 -23.28
CA ARG Z 62 45.21 15.28 -24.11
C ARG Z 62 46.35 16.28 -24.24
N LEU Z 63 46.25 17.43 -23.58
CA LEU Z 63 47.27 18.46 -23.72
C LEU Z 63 48.56 18.02 -23.03
N PRO Z 64 49.72 18.33 -23.61
CA PRO Z 64 51.00 17.96 -22.97
C PRO Z 64 51.18 18.69 -21.64
N GLU Z 65 52.13 18.17 -20.85
CA GLU Z 65 52.33 18.67 -19.49
C GLU Z 65 52.79 20.12 -19.49
N ASP Z 66 53.74 20.47 -20.37
CA ASP Z 66 54.28 21.83 -20.37
C ASP Z 66 53.21 22.86 -20.69
N GLU Z 67 52.38 22.59 -21.70
CA GLU Z 67 51.32 23.52 -22.06
C GLU Z 67 50.32 23.68 -20.92
N SER Z 68 49.96 22.58 -20.26
CA SER Z 68 49.02 22.67 -19.13
C SER Z 68 49.61 23.49 -17.99
N TYR Z 69 50.89 23.28 -17.68
CA TYR Z 69 51.53 24.03 -16.60
C TYR Z 69 51.58 25.52 -16.93
N ALA Z 70 51.96 25.85 -18.16
CA ALA Z 70 51.99 27.25 -18.56
C ALA Z 70 50.60 27.87 -18.55
N ARG Z 71 49.59 27.10 -18.96
CA ARG Z 71 48.22 27.59 -18.92
C ARG Z 71 47.78 27.88 -17.49
N ALA Z 72 48.10 26.99 -16.56
CA ALA Z 72 47.73 27.22 -15.17
C ALA Z 72 48.43 28.46 -14.63
N TYR Z 73 49.72 28.62 -14.94
CA TYR Z 73 50.44 29.80 -14.46
C TYR Z 73 49.84 31.07 -15.03
N ARG Z 74 49.54 31.09 -16.32
CA ARG Z 74 48.96 32.28 -16.92
C ARG Z 74 47.58 32.58 -16.36
N ILE Z 75 46.78 31.54 -16.10
CA ILE Z 75 45.44 31.74 -15.56
C ILE Z 75 45.51 32.34 -14.16
N ILE Z 76 46.37 31.79 -13.30
CA ILE Z 76 46.45 32.32 -11.94
C ILE Z 76 47.04 33.72 -11.93
N ARG Z 77 48.02 33.97 -12.81
CA ARG Z 77 48.58 35.32 -12.89
C ARG Z 77 47.53 36.32 -13.38
N ALA Z 78 46.69 35.91 -14.34
CA ALA Z 78 45.61 36.78 -14.80
C ALA Z 78 44.61 37.06 -13.68
N HIS Z 79 44.26 36.03 -12.91
CA HIS Z 79 43.36 36.24 -11.78
C HIS Z 79 43.94 37.24 -10.79
N GLN Z 80 45.21 37.04 -10.42
CA GLN Z 80 45.84 37.93 -9.45
C GLN Z 80 45.95 39.36 -9.99
N THR Z 81 46.31 39.50 -11.27
CA THR Z 81 46.45 40.83 -11.86
C THR Z 81 45.11 41.55 -11.92
N GLU Z 82 44.04 40.86 -12.32
CA GLU Z 82 42.73 41.48 -12.35
C GLU Z 82 42.24 41.83 -10.94
N LEU Z 83 42.58 41.01 -9.95
CA LEU Z 83 42.26 41.36 -8.57
C LEU Z 83 43.04 42.59 -8.12
N THR Z 84 44.26 42.76 -8.62
CA THR Z 84 45.12 43.87 -8.22
C THR Z 84 44.73 45.18 -8.90
N HIS Z 85 43.93 45.13 -9.96
CA HIS Z 85 43.51 46.33 -10.71
C HIS Z 85 44.72 47.03 -11.32
N HIS Z 86 45.48 46.28 -12.11
CA HIS Z 86 46.67 46.82 -12.77
C HIS Z 86 46.96 45.99 -14.01
N LEU Z 87 48.09 46.30 -14.64
CA LEU Z 87 48.57 45.57 -15.81
C LEU Z 87 50.03 45.21 -15.62
N LEU Z 88 50.46 44.16 -16.31
CA LEU Z 88 51.84 43.72 -16.24
C LEU Z 88 52.75 44.75 -16.92
N PRO Z 89 54.03 44.79 -16.53
CA PRO Z 89 54.96 45.73 -17.18
C PRO Z 89 55.24 45.33 -18.62
N ARG Z 90 55.88 46.24 -19.35
CA ARG Z 90 56.12 46.04 -20.76
C ARG Z 90 57.36 45.18 -21.00
N ASN Z 91 57.47 44.06 -20.27
CA ASN Z 91 58.55 43.12 -20.50
C ASN Z 91 58.15 41.66 -20.45
N GLU Z 92 57.06 41.30 -19.78
CA GLU Z 92 56.66 39.90 -19.61
C GLU Z 92 55.39 39.56 -20.38
N TRP Z 93 55.05 40.35 -21.40
CA TRP Z 93 53.86 40.09 -22.19
C TRP Z 93 54.16 39.01 -23.22
N ILE Z 94 53.23 38.80 -24.15
CA ILE Z 94 53.41 37.88 -25.27
C ILE Z 94 53.30 38.68 -26.55
N LYS Z 95 54.29 38.53 -27.43
CA LYS Z 95 54.29 39.25 -28.69
C LYS Z 95 53.38 38.55 -29.70
N ALA Z 96 53.37 39.05 -30.93
CA ALA Z 96 52.56 38.43 -31.97
C ALA Z 96 53.01 37.01 -32.25
N GLN Z 97 54.33 36.78 -32.32
CA GLN Z 97 54.86 35.45 -32.56
C GLN Z 97 54.68 34.53 -31.35
N GLU Z 98 54.54 35.09 -30.15
CA GLU Z 98 54.39 34.26 -28.96
C GLU Z 98 53.00 33.64 -28.86
N ASP Z 99 51.98 34.28 -29.44
CA ASP Z 99 50.62 33.77 -29.38
C ASP Z 99 50.38 32.72 -30.46
N VAL Z 100 51.23 31.70 -30.51
CA VAL Z 100 51.06 30.64 -31.50
C VAL Z 100 49.88 29.75 -31.10
N PRO Z 101 49.01 29.37 -32.03
CA PRO Z 101 47.91 28.47 -31.69
C PRO Z 101 48.42 27.09 -31.31
N TYR Z 102 48.07 26.64 -30.10
CA TYR Z 102 48.47 25.33 -29.62
C TYR Z 102 47.31 24.41 -29.30
N LEU Z 103 46.10 24.92 -29.17
CA LEU Z 103 44.93 24.15 -28.80
C LEU Z 103 44.03 23.83 -29.99
N LEU Z 104 44.48 24.16 -31.22
CA LEU Z 104 43.64 23.92 -32.39
C LEU Z 104 43.49 22.44 -32.72
N PRO Z 105 44.56 21.67 -32.95
CA PRO Z 105 44.37 20.30 -33.46
C PRO Z 105 43.55 19.41 -32.54
N TYR Z 106 43.69 19.57 -31.23
CA TYR Z 106 42.88 18.77 -30.31
C TYR Z 106 41.40 19.06 -30.48
N ILE Z 107 41.03 20.34 -30.61
CA ILE Z 107 39.64 20.70 -30.87
C ILE Z 107 39.18 20.10 -32.18
N LEU Z 108 39.98 20.24 -33.23
CA LEU Z 108 39.57 19.74 -34.54
C LEU Z 108 39.30 18.24 -34.48
N GLU Z 109 40.24 17.47 -33.94
CA GLU Z 109 40.09 16.02 -33.89
C GLU Z 109 38.92 15.60 -33.00
N ALA Z 110 38.84 16.16 -31.79
CA ALA Z 110 37.79 15.75 -30.87
C ALA Z 110 36.41 16.12 -31.40
N GLU Z 111 36.26 17.32 -31.96
CA GLU Z 111 34.96 17.73 -32.47
C GLU Z 111 34.59 16.96 -33.73
N ALA Z 112 35.56 16.60 -34.57
CA ALA Z 112 35.26 15.73 -35.70
C ALA Z 112 34.78 14.36 -35.22
N ALA Z 113 35.42 13.81 -34.19
CA ALA Z 113 34.97 12.54 -33.64
C ALA Z 113 33.55 12.65 -33.08
N ALA Z 114 33.26 13.72 -32.36
CA ALA Z 114 31.91 13.91 -31.82
C ALA Z 114 30.89 14.05 -32.94
N LYS Z 115 31.24 14.79 -34.00
CA LYS Z 115 30.32 14.97 -35.11
C LYS Z 115 30.03 13.66 -35.83
N GLU Z 116 31.07 12.84 -36.07
CA GLU Z 116 30.83 11.57 -36.73
C GLU Z 116 30.04 10.62 -35.84
N LYS Z 117 30.30 10.66 -34.52
CA LYS Z 117 29.44 9.93 -33.59
C LYS Z 117 27.97 10.32 -33.75
N ASP Z 118 27.70 11.62 -33.72
CA ASP Z 118 26.32 12.10 -33.77
C ASP Z 118 25.65 11.76 -35.09
N GLU Z 119 26.38 11.90 -36.20
CA GLU Z 119 25.78 11.67 -37.51
C GLU Z 119 25.81 10.20 -37.93
N LEU Z 120 26.50 9.33 -37.18
CA LEU Z 120 26.49 7.91 -37.45
C LEU Z 120 25.55 7.12 -36.56
N ASP Z 121 25.29 7.61 -35.34
CA ASP Z 121 24.36 6.92 -34.46
C ASP Z 121 22.96 6.91 -35.05
N ASN Z 122 22.54 8.01 -35.66
CA ASN Z 122 21.21 8.15 -36.24
C ASN Z 122 21.20 7.90 -37.74
N ILE Z 123 22.04 6.98 -38.22
CA ILE Z 123 22.07 6.68 -39.65
C ILE Z 123 20.78 6.01 -40.08
N GLU Z 124 20.48 6.11 -41.37
CA GLU Z 124 19.26 5.54 -41.94
C GLU Z 124 19.58 4.22 -42.64
N VAL Z 125 18.54 3.62 -43.24
CA VAL Z 125 18.68 2.33 -43.91
C VAL Z 125 19.39 2.44 -45.24
N SER Z 126 19.67 3.67 -45.70
CA SER Z 126 20.36 3.92 -46.97
C SER Z 126 19.59 3.31 -48.14
N LYS Z 127 18.40 3.87 -48.35
CA LYS Z 127 17.50 3.44 -49.42
C LYS Z 127 18.18 3.54 -50.79
N VAL AA 74 3.25 96.44 1.26
CA VAL AA 74 1.99 96.37 1.97
C VAL AA 74 0.84 96.09 1.00
N THR AA 75 0.21 94.92 1.17
CA THR AA 75 -0.89 94.39 0.37
C THR AA 75 -0.47 93.98 -1.04
N ASP AA 76 0.79 94.19 -1.42
CA ASP AA 76 1.31 93.68 -2.69
C ASP AA 76 2.80 93.38 -2.49
N GLN AA 77 3.10 92.12 -2.16
CA GLN AA 77 4.46 91.69 -1.92
C GLN AA 77 4.99 90.78 -3.02
N LEU AA 78 4.28 89.69 -3.32
CA LEU AA 78 4.64 88.88 -4.48
C LEU AA 78 4.28 89.61 -5.77
N GLU AA 79 3.20 90.38 -5.78
CA GLU AA 79 2.82 91.12 -6.97
C GLU AA 79 3.85 92.18 -7.33
N ASP AA 80 4.37 92.88 -6.33
CA ASP AA 80 5.41 93.88 -6.60
C ASP AA 80 6.69 93.22 -7.12
N LEU AA 81 7.06 92.08 -6.55
CA LEU AA 81 8.25 91.37 -7.03
C LEU AA 81 8.06 90.90 -8.47
N ARG AA 82 6.86 90.41 -8.81
CA ARG AA 82 6.58 90.03 -10.18
C ARG AA 82 6.60 91.24 -11.10
N GLU AA 83 6.12 92.39 -10.62
CA GLU AA 83 6.19 93.62 -11.39
C GLU AA 83 7.63 94.01 -11.69
N HIS AA 84 8.49 93.92 -10.69
CA HIS AA 84 9.89 94.27 -10.88
C HIS AA 84 10.58 93.29 -11.83
N PHE AA 85 10.25 92.00 -11.72
CA PHE AA 85 10.84 91.02 -12.63
C PHE AA 85 10.28 91.11 -14.05
N LYS AA 86 9.08 91.68 -14.21
CA LYS AA 86 8.58 91.98 -15.54
C LYS AA 86 9.25 93.22 -16.12
N ASN AA 87 9.49 94.23 -15.27
CA ASN AA 87 10.14 95.46 -15.71
C ASN AA 87 11.64 95.32 -15.88
N THR AA 88 12.22 94.21 -15.40
CA THR AA 88 13.63 93.93 -15.68
C THR AA 88 13.88 93.89 -17.19
N GLU AA 89 12.91 93.39 -17.95
CA GLU AA 89 13.00 93.31 -19.41
C GLU AA 89 12.58 94.60 -20.11
N GLU AA 90 12.65 95.74 -19.42
CA GLU AA 90 12.17 96.99 -20.00
C GLU AA 90 12.95 97.38 -21.24
N GLY AA 91 14.27 97.18 -21.21
CA GLY AA 91 15.10 97.56 -22.34
C GLY AA 91 14.75 96.81 -23.61
N LYS AA 92 14.54 95.50 -23.51
CA LYS AA 92 14.12 94.68 -24.63
C LYS AA 92 13.29 93.53 -24.10
N ALA AA 93 12.24 93.16 -24.83
CA ALA AA 93 11.35 92.10 -24.38
C ALA AA 93 10.56 91.56 -25.56
N LEU AA 94 10.63 90.24 -25.76
CA LEU AA 94 9.69 89.56 -26.65
C LEU AA 94 8.29 89.51 -26.06
N VAL AA 95 8.18 89.69 -24.74
CA VAL AA 95 6.89 89.59 -24.06
C VAL AA 95 5.94 90.69 -24.51
N HIS AA 96 6.43 91.93 -24.61
CA HIS AA 96 5.57 93.03 -25.01
C HIS AA 96 5.01 92.82 -26.41
N HIS AA 97 5.85 92.40 -27.35
CA HIS AA 97 5.42 92.22 -28.73
C HIS AA 97 4.54 91.00 -28.92
N TYR AA 98 4.79 89.91 -28.18
CA TYR AA 98 3.83 88.81 -28.19
C TYR AA 98 2.50 89.23 -27.58
N GLU AA 99 2.52 90.02 -26.50
CA GLU AA 99 1.30 90.53 -25.92
C GLU AA 99 0.49 91.33 -26.93
N GLU AA 100 1.17 92.25 -27.63
CA GLU AA 100 0.46 93.11 -28.57
C GLU AA 100 -0.02 92.33 -29.80
N CYS AA 101 0.76 91.35 -30.26
CA CYS AA 101 0.31 90.50 -31.35
C CYS AA 101 -0.94 89.71 -30.95
N ALA AA 102 -0.94 89.18 -29.73
CA ALA AA 102 -2.12 88.46 -29.23
C ALA AA 102 -3.32 89.39 -29.12
N GLU AA 103 -3.12 90.60 -28.61
CA GLU AA 103 -4.22 91.56 -28.51
C GLU AA 103 -4.78 91.89 -29.88
N ARG AA 104 -3.91 92.14 -30.86
CA ARG AA 104 -4.37 92.47 -32.20
C ARG AA 104 -5.15 91.31 -32.83
N VAL AA 105 -4.61 90.10 -32.72
CA VAL AA 105 -5.29 88.97 -33.36
C VAL AA 105 -6.59 88.65 -32.65
N LYS AA 106 -6.68 88.88 -31.34
CA LYS AA 106 -7.91 88.62 -30.61
C LYS AA 106 -8.98 89.67 -30.87
N ILE AA 107 -8.57 90.93 -31.06
CA ILE AA 107 -9.54 91.97 -31.38
C ILE AA 107 -9.85 92.08 -32.87
N GLN AA 108 -9.14 91.35 -33.72
CA GLN AA 108 -9.41 91.34 -35.15
C GLN AA 108 -10.06 90.06 -35.66
N GLN AA 109 -9.58 88.89 -35.21
CA GLN AA 109 -10.05 87.63 -35.77
C GLN AA 109 -11.50 87.34 -35.41
N GLN AA 110 -11.92 87.64 -34.18
CA GLN AA 110 -13.19 87.16 -33.63
C GLN AA 110 -14.30 88.18 -33.76
N GLN AA 111 -14.36 88.92 -34.86
CA GLN AA 111 -15.56 89.69 -35.24
C GLN AA 111 -15.94 89.35 -36.67
N PRO AA 112 -16.30 88.08 -36.93
CA PRO AA 112 -16.66 87.69 -38.30
C PRO AA 112 -18.15 87.84 -38.56
N GLY AA 113 -18.59 87.46 -39.77
CA GLY AA 113 -20.00 87.35 -40.07
C GLY AA 113 -20.63 86.03 -39.66
N TYR AA 114 -19.84 85.13 -39.06
CA TYR AA 114 -20.34 83.82 -38.65
C TYR AA 114 -20.04 83.57 -37.19
N ALA AA 115 -20.36 82.37 -36.70
CA ALA AA 115 -20.04 82.00 -35.32
C ALA AA 115 -19.59 80.54 -35.20
N ASP AA 116 -19.21 79.90 -36.30
CA ASP AA 116 -18.93 78.48 -36.32
C ASP AA 116 -17.63 78.17 -37.04
N LEU AA 117 -16.56 78.89 -36.70
CA LEU AA 117 -15.23 78.60 -37.22
C LEU AA 117 -14.56 77.59 -36.30
N GLU AA 118 -14.30 76.39 -36.84
CA GLU AA 118 -13.73 75.32 -36.04
C GLU AA 118 -12.25 75.50 -35.75
N HIS AA 119 -11.53 76.25 -36.60
CA HIS AA 119 -10.09 76.45 -36.45
C HIS AA 119 -9.77 77.82 -35.85
N LYS AA 120 -10.56 78.25 -34.88
CA LYS AA 120 -10.32 79.53 -34.22
C LYS AA 120 -8.94 79.54 -33.57
N GLU AA 121 -8.22 80.65 -33.76
CA GLU AA 121 -6.84 80.77 -33.32
C GLU AA 121 -6.77 81.08 -31.82
N ASP AA 122 -5.55 80.96 -31.28
CA ASP AA 122 -5.30 81.28 -29.87
C ASP AA 122 -3.83 81.61 -29.72
N CYS AA 123 -3.52 82.89 -29.50
CA CYS AA 123 -2.13 83.33 -29.30
C CYS AA 123 -1.82 83.46 -27.81
N VAL AA 124 -1.95 82.33 -27.10
CA VAL AA 124 -1.78 82.33 -25.65
C VAL AA 124 -0.75 81.30 -25.21
N GLU AA 125 -0.93 80.05 -25.66
CA GLU AA 125 -0.27 78.90 -25.03
C GLU AA 125 1.24 79.08 -24.92
N GLU AA 126 1.92 79.15 -26.07
CA GLU AA 126 3.38 79.21 -26.06
C GLU AA 126 3.88 80.49 -25.39
N PHE AA 127 3.22 81.62 -25.64
CA PHE AA 127 3.64 82.87 -25.04
C PHE AA 127 3.42 82.87 -23.54
N PHE AA 128 2.27 82.39 -23.08
CA PHE AA 128 1.99 82.33 -21.66
C PHE AA 128 2.99 81.43 -20.95
N HIS AA 129 3.28 80.27 -21.53
CA HIS AA 129 4.26 79.36 -20.94
C HIS AA 129 5.64 80.01 -20.88
N LEU AA 130 6.05 80.67 -21.97
CA LEU AA 130 7.36 81.33 -21.97
C LEU AA 130 7.44 82.42 -20.92
N GLN AA 131 6.39 83.24 -20.81
CA GLN AA 131 6.40 84.33 -19.83
C GLN AA 131 6.49 83.79 -18.41
N HIS AA 132 5.65 82.81 -18.08
CA HIS AA 132 5.68 82.27 -16.72
C HIS AA 132 7.00 81.57 -16.42
N TYR AA 133 7.52 80.80 -17.36
CA TYR AA 133 8.78 80.10 -17.12
C TYR AA 133 9.93 81.08 -16.94
N LEU AA 134 10.00 82.12 -17.78
CA LEU AA 134 11.08 83.10 -17.66
C LEU AA 134 10.96 83.87 -16.35
N ASP AA 135 9.74 84.23 -15.94
CA ASP AA 135 9.58 84.93 -14.67
C ASP AA 135 9.95 84.04 -13.49
N THR AA 136 9.56 82.76 -13.54
CA THR AA 136 9.87 81.84 -12.44
C THR AA 136 11.33 81.42 -12.44
N ALA AA 137 12.05 81.64 -13.54
CA ALA AA 137 13.48 81.37 -13.54
C ALA AA 137 14.24 82.24 -12.55
N THR AA 138 13.67 83.39 -12.17
CA THR AA 138 14.29 84.27 -11.18
C THR AA 138 13.38 84.60 -10.00
N ALA AA 139 12.10 84.24 -10.06
CA ALA AA 139 11.17 84.59 -8.99
C ALA AA 139 11.56 84.03 -7.61
N PRO AA 140 11.91 82.73 -7.46
CA PRO AA 140 12.08 82.20 -6.09
C PRO AA 140 13.31 82.74 -5.38
N ARG AA 141 13.28 84.02 -5.01
CA ARG AA 141 14.33 84.65 -4.24
C ARG AA 141 13.77 85.97 -3.71
N LEU AA 142 14.62 86.76 -3.05
CA LEU AA 142 14.25 88.07 -2.51
C LEU AA 142 13.05 87.96 -1.58
N PHE AA 143 13.23 87.20 -0.50
CA PHE AA 143 12.18 87.01 0.49
C PHE AA 143 11.99 88.27 1.31
N ASP AA 144 11.02 89.11 0.93
CA ASP AA 144 10.83 90.43 1.53
C ASP AA 144 9.45 90.54 2.17
N LYS AA 145 9.02 89.52 2.92
CA LYS AA 145 7.76 89.59 3.64
C LYS AA 145 7.89 90.60 4.77
N LEU AA 146 7.08 91.66 4.72
CA LEU AA 146 7.09 92.68 5.77
C LEU AA 146 6.14 92.26 6.88
N LYS AA 147 6.67 92.16 8.10
CA LYS AA 147 5.85 91.76 9.24
C LYS AA 147 6.43 92.31 10.54
N GLY BA 2 26.86 14.93 2.39
CA GLY BA 2 25.91 13.84 2.41
C GLY BA 2 26.12 12.85 1.29
N PRO BA 3 25.02 12.39 0.68
CA PRO BA 3 25.14 11.45 -0.44
C PRO BA 3 25.82 12.09 -1.62
N PRO BA 4 26.54 11.32 -2.43
CA PRO BA 4 27.21 11.89 -3.60
C PRO BA 4 26.21 12.49 -4.59
N SER BA 5 26.63 13.56 -5.25
CA SER BA 5 25.79 14.26 -6.21
C SER BA 5 26.02 13.68 -7.60
N GLY BA 6 25.48 14.34 -8.62
CA GLY BA 6 25.62 13.91 -9.99
C GLY BA 6 26.83 14.53 -10.67
N LYS BA 7 26.71 14.73 -11.98
CA LYS BA 7 27.80 15.34 -12.75
C LYS BA 7 27.99 16.79 -12.33
N THR BA 8 29.25 17.17 -12.09
CA THR BA 8 29.57 18.52 -11.65
C THR BA 8 30.93 18.91 -12.21
N TYR BA 9 31.12 20.22 -12.38
CA TYR BA 9 32.39 20.77 -12.85
C TYR BA 9 33.27 21.26 -11.72
N MET BA 10 32.84 21.12 -10.48
CA MET BA 10 33.64 21.55 -9.33
C MET BA 10 33.26 20.69 -8.13
N GLY BA 11 34.17 20.64 -7.16
CA GLY BA 11 33.93 19.89 -5.95
C GLY BA 11 34.05 20.75 -4.70
N TRP BA 12 34.70 20.22 -3.68
CA TRP BA 12 34.92 20.93 -2.43
C TRP BA 12 36.42 21.08 -2.21
N TRP BA 13 36.79 21.58 -1.02
CA TRP BA 13 38.19 21.80 -0.71
C TRP BA 13 38.96 20.49 -0.75
N GLY BA 14 40.11 20.50 -1.43
CA GLY BA 14 40.95 19.34 -1.59
C GLY BA 14 40.73 18.58 -2.87
N HIS BA 15 39.49 18.52 -3.35
CA HIS BA 15 39.14 17.82 -4.58
C HIS BA 15 38.23 18.68 -5.45
N MET BA 16 38.63 19.95 -5.64
CA MET BA 16 37.81 20.87 -6.43
C MET BA 16 37.63 20.38 -7.86
N GLY BA 17 38.69 19.86 -8.47
CA GLY BA 17 38.64 19.38 -9.82
C GLY BA 17 39.36 20.22 -10.85
N GLY BA 18 40.15 21.21 -10.43
CA GLY BA 18 40.87 22.04 -11.35
C GLY BA 18 42.00 21.29 -12.05
N PRO BA 19 42.60 21.93 -13.06
CA PRO BA 19 43.70 21.28 -13.78
C PRO BA 19 44.88 21.01 -12.87
N LYS BA 20 45.55 19.89 -13.12
CA LYS BA 20 46.76 19.54 -12.38
C LYS BA 20 47.88 20.50 -12.74
N GLN BA 21 48.56 21.03 -11.74
CA GLN BA 21 49.66 21.96 -11.98
C GLN BA 21 50.71 21.78 -10.89
N LYS BA 22 51.95 22.11 -11.24
CA LYS BA 22 53.08 21.90 -10.35
C LYS BA 22 54.19 22.89 -10.70
N GLY BA 23 54.75 23.55 -9.68
CA GLY BA 23 55.81 24.50 -9.87
C GLY BA 23 55.47 25.94 -9.54
N ILE BA 24 54.35 26.19 -8.87
CA ILE BA 24 53.90 27.53 -8.53
C ILE BA 24 54.14 27.76 -7.04
N THR BA 25 54.75 28.90 -6.72
CA THR BA 25 55.02 29.29 -5.34
C THR BA 25 54.33 30.62 -5.05
N SER BA 26 53.64 30.69 -3.92
CA SER BA 26 52.98 31.91 -3.48
C SER BA 26 53.64 32.43 -2.20
N TYR BA 27 53.20 33.59 -1.75
CA TYR BA 27 53.77 34.23 -0.56
C TYR BA 27 52.66 34.98 0.18
N ALA BA 28 53.05 35.69 1.22
CA ALA BA 28 52.17 36.52 2.05
C ALA BA 28 53.06 37.28 3.01
N VAL BA 29 52.53 38.39 3.54
CA VAL BA 29 53.34 39.22 4.43
C VAL BA 29 52.61 39.56 5.73
N SER BA 30 51.69 38.69 6.16
CA SER BA 30 51.06 38.84 7.47
C SER BA 30 50.46 40.23 7.67
N PRO BA 31 49.29 40.51 7.07
CA PRO BA 31 48.81 41.89 6.96
C PRO BA 31 48.85 42.73 8.24
N TYR BA 32 49.06 42.10 9.39
CA TYR BA 32 49.31 42.87 10.60
C TYR BA 32 50.56 43.72 10.48
N ALA BA 33 51.64 43.14 9.96
CA ALA BA 33 52.90 43.85 9.78
C ALA BA 33 53.03 44.36 8.35
N GLN BA 34 52.07 45.17 7.94
CA GLN BA 34 52.09 45.68 6.56
C GLN BA 34 51.96 47.19 6.47
N LYS BA 35 51.16 47.83 7.33
CA LYS BA 35 50.74 49.21 7.13
C LYS BA 35 50.19 49.34 5.72
N PRO BA 36 49.00 48.79 5.46
CA PRO BA 36 48.57 48.55 4.07
C PRO BA 36 48.53 49.78 3.17
N LEU BA 37 47.77 50.80 3.55
CA LEU BA 37 47.48 51.93 2.68
C LEU BA 37 48.32 53.13 3.07
N GLN BA 38 49.07 53.65 2.12
CA GLN BA 38 49.84 54.88 2.25
C GLN BA 38 49.56 55.87 1.13
N GLY BA 39 49.34 55.38 -0.09
CA GLY BA 39 49.05 56.23 -1.23
C GLY BA 39 47.68 55.96 -1.82
N ILE BA 40 46.69 55.82 -0.95
CA ILE BA 40 45.35 55.39 -1.40
C ILE BA 40 44.77 56.39 -2.39
N PHE BA 41 44.93 57.70 -2.13
CA PHE BA 41 44.40 58.69 -3.05
C PHE BA 41 45.12 58.63 -4.40
N HIS BA 42 46.44 58.47 -4.39
CA HIS BA 42 47.19 58.35 -5.64
C HIS BA 42 46.83 57.06 -6.37
N ASN BA 43 46.68 55.97 -5.63
CA ASN BA 43 46.30 54.70 -6.23
C ASN BA 43 44.93 54.81 -6.91
N ALA BA 44 43.97 55.43 -6.21
CA ALA BA 44 42.64 55.61 -6.78
C ALA BA 44 42.70 56.50 -8.02
N VAL BA 45 43.49 57.57 -7.97
CA VAL BA 45 43.59 58.47 -9.12
C VAL BA 45 44.15 57.71 -10.33
N PHE BA 46 45.23 56.96 -10.13
CA PHE BA 46 45.84 56.24 -11.24
C PHE BA 46 44.92 55.15 -11.78
N ASN BA 47 44.25 54.42 -10.90
CA ASN BA 47 43.34 53.37 -11.36
C ASN BA 47 42.16 53.96 -12.13
N SER BA 48 41.60 55.07 -11.65
CA SER BA 48 40.52 55.72 -12.37
C SER BA 48 40.99 56.23 -13.72
N PHE BA 49 42.19 56.80 -13.77
CA PHE BA 49 42.74 57.26 -15.04
C PHE BA 49 42.87 56.12 -16.03
N ARG BA 50 43.43 54.98 -15.59
CA ARG BA 50 43.60 53.86 -16.49
C ARG BA 50 42.26 53.28 -16.94
N ARG BA 51 41.31 53.15 -16.02
CA ARG BA 51 40.01 52.59 -16.37
C ARG BA 51 39.27 53.47 -17.35
N PHE BA 52 39.36 54.79 -17.17
CA PHE BA 52 38.78 55.70 -18.16
C PHE BA 52 39.53 55.64 -19.48
N LYS BA 53 40.85 55.45 -19.44
CA LYS BA 53 41.64 55.40 -20.66
C LYS BA 53 41.30 54.18 -21.50
N SER BA 54 40.97 53.05 -20.86
CA SER BA 54 40.66 51.85 -21.62
C SER BA 54 39.24 51.84 -22.18
N GLN BA 55 38.37 52.77 -21.76
CA GLN BA 55 36.96 52.79 -22.17
C GLN BA 55 36.53 54.17 -22.63
N PHE BA 56 37.26 54.78 -23.58
CA PHE BA 56 36.79 56.04 -24.16
C PHE BA 56 35.41 55.97 -24.79
N LEU BA 57 35.29 55.23 -25.90
CA LEU BA 57 34.12 55.36 -26.76
C LEU BA 57 32.88 54.66 -26.20
N TYR BA 58 33.08 53.56 -25.47
CA TYR BA 58 31.98 52.68 -25.10
C TYR BA 58 30.90 53.38 -24.29
N VAL BA 59 31.24 54.48 -23.61
CA VAL BA 59 30.26 55.25 -22.88
C VAL BA 59 29.92 56.57 -23.57
N LEU BA 60 30.88 57.20 -24.26
CA LEU BA 60 30.63 58.50 -24.86
C LEU BA 60 29.78 58.41 -26.12
N ILE BA 61 30.00 57.38 -26.95
CA ILE BA 61 29.37 57.34 -28.27
C ILE BA 61 27.87 57.01 -28.17
N PRO BA 62 27.47 55.89 -27.55
CA PRO BA 62 26.03 55.56 -27.56
C PRO BA 62 25.16 56.61 -26.89
N ALA BA 63 25.62 57.14 -25.75
CA ALA BA 63 24.87 58.19 -25.07
C ALA BA 63 24.76 59.42 -25.95
N GLY BA 64 25.85 59.78 -26.65
CA GLY BA 64 25.79 60.92 -27.54
C GLY BA 64 24.83 60.74 -28.70
N ILE BA 65 24.83 59.56 -29.32
CA ILE BA 65 23.95 59.34 -30.47
C ILE BA 65 22.50 59.31 -30.02
N TYR BA 66 22.21 58.74 -28.84
CA TYR BA 66 20.82 58.72 -28.39
C TYR BA 66 20.37 60.09 -27.89
N TRP BA 67 21.28 60.88 -27.33
CA TRP BA 67 20.96 62.27 -27.04
C TRP BA 67 20.64 63.03 -28.31
N TYR BA 68 21.41 62.78 -29.39
CA TYR BA 68 21.12 63.43 -30.66
C TYR BA 68 19.77 63.00 -31.21
N TRP BA 69 19.43 61.71 -31.07
CA TRP BA 69 18.14 61.22 -31.55
C TRP BA 69 16.99 61.86 -30.79
N TRP BA 70 17.12 61.91 -29.46
CA TRP BA 70 16.08 62.54 -28.65
C TRP BA 70 15.98 64.04 -28.96
N LYS BA 71 17.12 64.68 -29.21
CA LYS BA 71 17.12 66.09 -29.59
C LYS BA 71 16.40 66.29 -30.93
N ASN BA 72 16.65 65.39 -31.89
CA ASN BA 72 15.97 65.48 -33.18
C ASN BA 72 14.46 65.36 -33.01
N GLY BA 73 14.03 64.38 -32.20
CA GLY BA 73 12.61 64.23 -31.94
C GLY BA 73 12.01 65.47 -31.28
N ASN BA 74 12.70 66.00 -30.27
CA ASN BA 74 12.19 67.18 -29.58
C ASN BA 74 12.12 68.37 -30.51
N GLU BA 75 13.15 68.60 -31.33
CA GLU BA 75 13.14 69.75 -32.22
C GLU BA 75 12.08 69.63 -33.30
N TYR BA 76 11.83 68.40 -33.79
CA TYR BA 76 10.68 68.20 -34.65
C TYR BA 76 9.39 68.56 -33.91
N ASN BA 77 9.34 68.26 -32.60
CA ASN BA 77 8.16 68.63 -31.81
C ASN BA 77 7.98 70.14 -31.75
N GLU BA 78 9.07 70.91 -31.52
CA GLU BA 78 8.89 72.36 -31.54
C GLU BA 78 8.53 72.88 -32.92
N PHE BA 79 9.08 72.28 -33.99
CA PHE BA 79 8.61 72.64 -35.33
C PHE BA 79 7.12 72.34 -35.48
N LEU BA 80 6.59 71.38 -34.72
CA LEU BA 80 5.17 71.09 -34.75
C LEU BA 80 4.40 71.70 -33.58
N TYR BA 81 4.80 71.38 -32.35
CA TYR BA 81 3.99 71.68 -31.17
C TYR BA 81 4.38 72.98 -30.48
N SER BA 82 4.45 74.08 -31.24
CA SER BA 82 4.60 75.39 -30.62
C SER BA 82 3.91 76.42 -31.53
N LYS BA 83 2.62 76.65 -31.27
CA LYS BA 83 1.80 77.58 -32.04
C LYS BA 83 1.88 77.31 -33.55
N ALA BA 84 2.31 76.11 -33.93
CA ALA BA 84 2.51 75.77 -35.32
C ALA BA 84 1.73 74.55 -35.78
N GLY BA 85 1.14 73.79 -34.85
CA GLY BA 85 0.37 72.62 -35.25
C GLY BA 85 -0.83 72.93 -36.11
N ARG BA 86 -1.30 74.19 -36.08
CA ARG BA 86 -2.48 74.58 -36.84
C ARG BA 86 -2.31 74.37 -38.34
N GLU BA 87 -1.08 74.32 -38.83
CA GLU BA 87 -0.82 74.15 -40.26
C GLU BA 87 0.03 72.94 -40.59
N GLU BA 88 0.40 72.11 -39.61
CA GLU BA 88 1.11 70.86 -39.89
C GLU BA 88 0.45 69.61 -39.30
N LEU BA 89 -0.43 69.74 -38.30
CA LEU BA 89 -1.11 68.55 -37.80
C LEU BA 89 -1.97 67.91 -38.88
N GLU BA 90 -2.50 68.71 -39.81
CA GLU BA 90 -3.28 68.15 -40.91
C GLU BA 90 -2.43 67.22 -41.77
N ARG BA 91 -1.22 67.68 -42.15
CA ARG BA 91 -0.37 66.85 -43.00
C ARG BA 91 0.27 65.71 -42.23
N VAL BA 92 0.43 65.85 -40.91
CA VAL BA 92 0.87 64.71 -40.10
C VAL BA 92 -0.21 63.62 -40.07
N ASN BA 93 -1.46 64.02 -39.80
CA ASN BA 93 -2.53 63.06 -39.62
C ASN BA 93 -3.22 62.65 -40.92
N VAL BA 94 -2.93 63.33 -42.03
CA VAL BA 94 -3.53 62.97 -43.31
C VAL BA 94 -2.44 62.82 -44.36
N MET CA 1 37.21 15.08 12.63
CA MET CA 1 36.41 16.16 12.08
C MET CA 1 35.86 17.04 13.20
N ALA CA 2 35.95 18.36 13.00
CA ALA CA 2 35.52 19.30 14.03
C ALA CA 2 34.01 19.22 14.24
N PHE CA 3 33.59 19.63 15.44
CA PHE CA 3 32.16 19.61 15.77
C PHE CA 3 31.37 20.58 14.91
N ARG CA 4 32.02 21.62 14.38
CA ARG CA 4 31.32 22.56 13.51
C ARG CA 4 30.80 21.87 12.25
N LYS CA 5 31.54 20.90 11.74
CA LYS CA 5 31.10 20.10 10.60
C LYS CA 5 30.36 18.84 11.02
N SER CA 6 30.26 18.56 12.32
CA SER CA 6 29.61 17.34 12.79
C SER CA 6 28.10 17.51 12.90
N ASN CA 7 27.67 18.50 13.69
CA ASN CA 7 26.23 18.75 13.85
C ASN CA 7 25.60 19.11 12.51
N VAL CA 8 24.44 18.51 12.23
CA VAL CA 8 23.85 18.62 10.90
C VAL CA 8 23.50 20.06 10.56
N TYR CA 9 22.87 20.77 11.50
CA TYR CA 9 22.54 22.17 11.26
C TYR CA 9 23.82 23.00 11.12
N LEU CA 10 24.77 22.79 12.02
CA LEU CA 10 26.04 23.49 11.92
C LEU CA 10 26.83 23.09 10.68
N SER CA 11 26.78 21.81 10.29
CA SER CA 11 27.46 21.39 9.08
C SER CA 11 26.87 22.08 7.86
N LEU CA 12 25.54 22.15 7.78
CA LEU CA 12 24.90 22.84 6.66
C LEU CA 12 25.24 24.33 6.66
N VAL CA 13 25.23 24.95 7.83
CA VAL CA 13 25.56 26.38 7.92
C VAL CA 13 27.00 26.61 7.45
N ASN CA 14 27.93 25.77 7.90
CA ASN CA 14 29.32 25.91 7.51
C ASN CA 14 29.50 25.71 6.01
N SER CA 15 28.91 24.64 5.47
CA SER CA 15 29.12 24.31 4.07
C SER CA 15 28.39 25.26 3.12
N TYR CA 16 27.35 25.94 3.59
CA TYR CA 16 26.59 26.84 2.72
C TYR CA 16 26.82 28.32 3.00
N ILE CA 17 27.31 28.68 4.17
CA ILE CA 17 27.51 30.08 4.53
C ILE CA 17 28.96 30.34 4.89
N ILE CA 18 29.46 29.63 5.90
CA ILE CA 18 30.80 29.92 6.41
C ILE CA 18 31.86 29.54 5.38
N ASP CA 19 31.75 28.35 4.80
CA ASP CA 19 32.74 27.84 3.85
C ASP CA 19 32.10 27.73 2.48
N SER CA 20 32.66 28.45 1.51
CA SER CA 20 32.24 28.37 0.12
C SER CA 20 33.38 28.80 -0.78
N PRO CA 21 33.94 27.90 -1.60
CA PRO CA 21 35.09 28.27 -2.42
C PRO CA 21 34.72 29.24 -3.53
N GLN CA 22 34.49 30.50 -3.17
CA GLN CA 22 34.16 31.52 -4.15
C GLN CA 22 35.40 31.92 -4.94
N PRO CA 23 35.22 32.40 -6.16
CA PRO CA 23 36.38 32.81 -6.97
C PRO CA 23 37.05 34.05 -6.41
N SER CA 24 38.30 34.25 -6.83
CA SER CA 24 39.16 35.28 -6.28
C SER CA 24 39.15 36.58 -7.06
N SER CA 25 38.32 36.70 -8.09
CA SER CA 25 38.24 37.90 -8.91
C SER CA 25 36.89 38.60 -8.78
N ILE CA 26 36.23 38.38 -7.65
CA ILE CA 26 34.87 38.89 -7.44
C ILE CA 26 34.92 40.40 -7.24
N ASN CA 27 34.06 41.12 -7.97
CA ASN CA 27 33.87 42.55 -7.81
C ASN CA 27 32.60 42.80 -7.00
N TYR CA 28 32.22 44.08 -6.88
CA TYR CA 28 31.03 44.44 -6.14
C TYR CA 28 29.75 43.95 -6.81
N TRP CA 29 29.82 43.66 -8.12
CA TRP CA 29 28.64 43.20 -8.85
C TRP CA 29 28.09 41.91 -8.27
N TRP CA 30 28.98 41.00 -7.84
CA TRP CA 30 28.54 39.74 -7.28
C TRP CA 30 27.99 39.92 -5.87
N ASN CA 31 28.56 40.84 -5.10
CA ASN CA 31 27.98 41.17 -3.80
C ASN CA 31 26.63 41.85 -3.94
N MET CA 32 26.34 42.42 -5.11
CA MET CA 32 25.03 43.03 -5.34
C MET CA 32 23.91 42.02 -5.22
N GLY CA 33 24.16 40.76 -5.59
CA GLY CA 33 23.12 39.74 -5.44
C GLY CA 33 22.79 39.44 -3.98
N SER CA 34 23.82 39.31 -3.14
CA SER CA 34 23.58 39.12 -1.71
C SER CA 34 22.91 40.35 -1.11
N LEU CA 35 23.30 41.53 -1.57
CA LEU CA 35 22.64 42.75 -1.12
C LEU CA 35 21.16 42.73 -1.47
N LEU CA 36 20.82 42.30 -2.69
CA LEU CA 36 19.43 42.19 -3.09
C LEU CA 36 18.69 41.15 -2.26
N GLY CA 37 19.34 40.04 -1.94
CA GLY CA 37 18.71 39.06 -1.06
C GLY CA 37 18.39 39.63 0.31
N LEU CA 38 19.34 40.39 0.88
CA LEU CA 38 19.08 41.05 2.15
C LEU CA 38 17.96 42.08 2.04
N CYS CA 39 17.90 42.79 0.92
CA CYS CA 39 16.81 43.73 0.70
C CYS CA 39 15.46 43.01 0.65
N LEU CA 40 15.42 41.86 -0.02
CA LEU CA 40 14.20 41.07 -0.06
C LEU CA 40 13.78 40.62 1.34
N VAL CA 41 14.75 40.16 2.14
CA VAL CA 41 14.44 39.70 3.50
C VAL CA 41 13.90 40.85 4.34
N ILE CA 42 14.56 42.02 4.29
CA ILE CA 42 14.10 43.14 5.09
C ILE CA 42 12.76 43.64 4.59
N GLN CA 43 12.51 43.53 3.28
CA GLN CA 43 11.19 43.90 2.74
C GLN CA 43 10.10 42.99 3.29
N ILE CA 44 10.36 41.68 3.32
CA ILE CA 44 9.38 40.75 3.89
C ILE CA 44 9.14 41.07 5.36
N VAL CA 45 10.21 41.33 6.12
CA VAL CA 45 10.06 41.59 7.55
C VAL CA 45 9.25 42.85 7.80
N THR CA 46 9.58 43.93 7.08
CA THR CA 46 8.86 45.18 7.29
C THR CA 46 7.42 45.09 6.79
N GLY CA 47 7.16 44.31 5.73
CA GLY CA 47 5.80 44.10 5.31
C GLY CA 47 4.99 43.34 6.35
N ILE CA 48 5.59 42.31 6.94
CA ILE CA 48 4.90 41.55 7.98
C ILE CA 48 4.59 42.45 9.17
N PHE CA 49 5.55 43.27 9.58
CA PHE CA 49 5.29 44.20 10.68
C PHE CA 49 4.28 45.28 10.30
N MET CA 50 4.16 45.60 9.01
CA MET CA 50 3.16 46.56 8.56
C MET CA 50 1.76 45.96 8.58
N ALA CA 51 1.61 44.70 8.17
CA ALA CA 51 0.30 44.09 8.07
C ALA CA 51 -0.28 43.72 9.43
N MET CA 52 0.55 43.66 10.47
CA MET CA 52 0.05 43.32 11.79
C MET CA 52 -0.94 44.35 12.29
N HIS CA 53 -0.68 45.63 12.02
CA HIS CA 53 -1.59 46.72 12.37
C HIS CA 53 -2.37 47.22 11.16
N TYR CA 54 -2.71 46.32 10.24
CA TYR CA 54 -3.39 46.68 9.00
C TYR CA 54 -4.74 46.00 8.93
N SER CA 55 -5.69 46.66 8.29
CA SER CA 55 -7.05 46.16 8.11
C SER CA 55 -7.29 45.85 6.64
N SER CA 56 -7.84 44.67 6.38
CA SER CA 56 -8.07 44.20 5.02
C SER CA 56 -9.39 44.68 4.42
N ASN CA 57 -10.18 45.43 5.18
CA ASN CA 57 -11.45 45.93 4.67
C ASN CA 57 -11.24 46.92 3.54
N ILE CA 58 -12.20 46.95 2.62
CA ILE CA 58 -12.09 47.82 1.46
C ILE CA 58 -12.10 49.29 1.87
N GLU CA 59 -13.04 49.66 2.75
CA GLU CA 59 -13.11 51.04 3.21
C GLU CA 59 -12.12 51.32 4.34
N LEU CA 60 -11.53 50.29 4.92
CA LEU CA 60 -10.54 50.44 6.00
C LEU CA 60 -9.15 50.03 5.53
N ALA CA 61 -8.83 50.26 4.26
CA ALA CA 61 -7.48 50.00 3.73
C ALA CA 61 -6.67 51.29 3.65
N PHE CA 62 -7.20 52.29 2.93
CA PHE CA 62 -6.60 53.62 2.95
C PHE CA 62 -6.68 54.23 4.34
N SER CA 63 -7.81 54.03 5.02
CA SER CA 63 -7.92 54.46 6.41
C SER CA 63 -6.91 53.74 7.29
N SER CA 64 -6.53 52.50 6.93
CA SER CA 64 -5.56 51.77 7.74
C SER CA 64 -4.17 52.41 7.66
N VAL CA 65 -3.71 52.74 6.45
CA VAL CA 65 -2.41 53.39 6.33
C VAL CA 65 -2.46 54.80 6.90
N GLU CA 66 -3.60 55.49 6.78
CA GLU CA 66 -3.76 56.77 7.44
C GLU CA 66 -3.62 56.64 8.95
N HIS CA 67 -4.25 55.62 9.53
CA HIS CA 67 -4.15 55.39 10.97
C HIS CA 67 -2.72 55.04 11.37
N ILE CA 68 -2.01 54.31 10.52
CA ILE CA 68 -0.60 54.02 10.79
C ILE CA 68 0.21 55.30 10.81
N MET CA 69 -0.02 56.18 9.83
CA MET CA 69 0.72 57.44 9.79
C MET CA 69 0.43 58.32 11.01
N ARG CA 70 -0.84 58.43 11.40
CA ARG CA 70 -1.21 59.44 12.38
C ARG CA 70 -1.34 58.92 13.80
N ASP CA 71 -1.34 57.62 14.02
CA ASP CA 71 -1.63 57.15 15.37
C ASP CA 71 -0.56 56.25 15.97
N VAL CA 72 -0.02 55.31 15.20
CA VAL CA 72 0.92 54.34 15.77
C VAL CA 72 2.32 54.95 15.80
N HIS CA 73 3.11 54.50 16.76
CA HIS CA 73 4.44 55.06 16.97
C HIS CA 73 5.36 54.62 15.83
N ASN CA 74 6.07 55.60 15.24
CA ASN CA 74 6.97 55.37 14.11
C ASN CA 74 6.25 54.67 12.96
N GLY CA 75 5.01 55.09 12.71
CA GLY CA 75 4.23 54.47 11.64
C GLY CA 75 4.78 54.76 10.26
N TYR CA 76 5.27 55.98 10.03
CA TYR CA 76 5.79 56.36 8.73
C TYR CA 76 6.98 55.51 8.32
N ILE CA 77 7.78 55.08 9.29
CA ILE CA 77 9.01 54.36 9.00
C ILE CA 77 8.72 53.08 8.22
N LEU CA 78 7.72 52.31 8.69
CA LEU CA 78 7.45 51.01 8.09
C LEU CA 78 7.05 51.15 6.63
N ARG CA 79 6.09 52.02 6.33
CA ARG CA 79 5.60 52.12 4.96
C ARG CA 79 6.64 52.78 4.04
N TYR CA 80 7.34 53.80 4.53
CA TYR CA 80 8.36 54.43 3.69
C TYR CA 80 9.47 53.45 3.36
N LEU CA 81 9.94 52.69 4.35
CA LEU CA 81 10.96 51.69 4.10
C LEU CA 81 10.43 50.62 3.16
N HIS CA 82 9.17 50.21 3.32
CA HIS CA 82 8.58 49.22 2.44
C HIS CA 82 8.61 49.68 0.98
N ALA CA 83 8.08 50.88 0.72
CA ALA CA 83 7.99 51.36 -0.66
C ALA CA 83 9.37 51.56 -1.28
N ASN CA 84 10.25 52.26 -0.56
CA ASN CA 84 11.57 52.53 -1.12
C ASN CA 84 12.38 51.24 -1.27
N GLY CA 85 12.22 50.28 -0.35
CA GLY CA 85 12.89 49.01 -0.49
C GLY CA 85 12.38 48.23 -1.68
N ALA CA 86 11.08 48.30 -1.97
CA ALA CA 86 10.56 47.64 -3.16
C ALA CA 86 11.16 48.25 -4.42
N SER CA 87 11.19 49.59 -4.49
CA SER CA 87 11.76 50.24 -5.67
C SER CA 87 13.25 49.91 -5.83
N PHE CA 88 14.00 49.95 -4.73
CA PHE CA 88 15.41 49.62 -4.78
C PHE CA 88 15.63 48.15 -5.11
N PHE CA 89 14.77 47.26 -4.60
CA PHE CA 89 14.82 45.86 -4.97
C PHE CA 89 14.69 45.70 -6.47
N PHE CA 90 13.76 46.42 -7.08
CA PHE CA 90 13.56 46.27 -8.53
C PHE CA 90 14.72 46.85 -9.32
N MET CA 91 15.26 47.99 -8.89
CA MET CA 91 16.41 48.56 -9.58
C MET CA 91 17.63 47.64 -9.47
N VAL CA 92 17.93 47.14 -8.27
CA VAL CA 92 19.06 46.24 -8.09
C VAL CA 92 18.81 44.93 -8.83
N MET CA 93 17.54 44.53 -8.98
CA MET CA 93 17.23 43.32 -9.75
C MET CA 93 17.52 43.52 -11.23
N PHE CA 94 17.18 44.68 -11.77
CA PHE CA 94 17.58 44.99 -13.14
C PHE CA 94 19.10 45.01 -13.28
N MET CA 95 19.79 45.57 -12.28
CA MET CA 95 21.25 45.56 -12.30
C MET CA 95 21.81 44.14 -12.28
N HIS CA 96 21.22 43.27 -11.46
CA HIS CA 96 21.67 41.88 -11.37
C HIS CA 96 21.46 41.16 -12.70
N MET CA 97 20.30 41.35 -13.33
CA MET CA 97 20.06 40.73 -14.62
C MET CA 97 21.04 41.24 -15.67
N ALA CA 98 21.32 42.55 -15.67
CA ALA CA 98 22.26 43.10 -16.63
C ALA CA 98 23.67 42.56 -16.40
N LYS CA 99 24.08 42.44 -15.14
CA LYS CA 99 25.40 41.89 -14.85
C LYS CA 99 25.49 40.44 -15.30
N GLY CA 100 24.43 39.66 -15.07
CA GLY CA 100 24.41 38.30 -15.57
C GLY CA 100 24.50 38.22 -17.08
N LEU CA 101 23.84 39.16 -17.77
CA LEU CA 101 23.85 39.15 -19.23
C LEU CA 101 25.21 39.53 -19.79
N TYR CA 102 25.82 40.60 -19.27
CA TYR CA 102 27.03 41.13 -19.89
C TYR CA 102 28.22 40.20 -19.70
N TYR CA 103 28.33 39.55 -18.55
CA TYR CA 103 29.48 38.72 -18.24
C TYR CA 103 29.33 37.28 -18.72
N GLY CA 104 28.30 36.99 -19.50
CA GLY CA 104 28.11 35.64 -20.02
C GLY CA 104 27.83 34.62 -18.93
N SER CA 105 26.94 34.96 -18.01
CA SER CA 105 26.56 34.04 -16.95
C SER CA 105 25.47 33.07 -17.37
N TYR CA 106 25.05 33.11 -18.63
CA TYR CA 106 23.95 32.28 -19.13
C TYR CA 106 24.44 31.05 -19.88
N ARG CA 107 25.68 30.63 -19.66
CA ARG CA 107 26.27 29.54 -20.42
C ARG CA 107 25.72 28.21 -19.93
N SER CA 108 26.27 27.11 -20.43
CA SER CA 108 25.68 25.80 -20.21
C SER CA 108 25.57 25.39 -18.74
N PRO CA 109 26.56 25.58 -17.87
CA PRO CA 109 26.41 25.09 -16.49
C PRO CA 109 25.42 25.89 -15.67
N ARG CA 110 24.88 27.00 -16.18
CA ARG CA 110 24.00 27.86 -15.41
C ARG CA 110 22.67 28.12 -16.12
N VAL CA 111 22.28 27.23 -17.04
CA VAL CA 111 21.00 27.39 -17.71
C VAL CA 111 19.84 27.22 -16.71
N THR CA 112 20.00 26.31 -15.75
CA THR CA 112 18.97 26.14 -14.72
C THR CA 112 18.86 27.40 -13.87
N LEU CA 113 19.99 28.01 -13.53
CA LEU CA 113 19.97 29.26 -12.78
C LEU CA 113 19.28 30.36 -13.59
N TRP CA 114 19.57 30.42 -14.89
CA TRP CA 114 18.92 31.42 -15.74
C TRP CA 114 17.41 31.20 -15.79
N ASN CA 115 16.98 29.94 -15.88
CA ASN CA 115 15.56 29.65 -15.94
C ASN CA 115 14.86 30.02 -14.63
N VAL CA 116 15.44 29.63 -13.49
CA VAL CA 116 14.79 29.99 -12.23
C VAL CA 116 14.80 31.50 -12.01
N GLY CA 117 15.85 32.19 -12.43
CA GLY CA 117 15.88 33.64 -12.34
C GLY CA 117 14.82 34.29 -13.20
N VAL CA 118 14.65 33.80 -14.43
CA VAL CA 118 13.64 34.41 -15.30
C VAL CA 118 12.24 34.09 -14.80
N ILE CA 119 12.05 32.92 -14.16
CA ILE CA 119 10.75 32.63 -13.55
C ILE CA 119 10.47 33.60 -12.40
N ILE CA 120 11.49 33.87 -11.57
CA ILE CA 120 11.36 34.87 -10.53
C ILE CA 120 11.01 36.21 -11.14
N PHE CA 121 11.64 36.56 -12.26
CA PHE CA 121 11.33 37.80 -12.97
C PHE CA 121 9.86 37.84 -13.39
N ILE CA 122 9.37 36.73 -13.99
CA ILE CA 122 7.99 36.69 -14.45
C ILE CA 122 7.04 36.94 -13.29
N LEU CA 123 7.26 36.27 -12.16
CA LEU CA 123 6.34 36.44 -11.04
C LEU CA 123 6.50 37.82 -10.42
N THR CA 124 7.73 38.33 -10.38
CA THR CA 124 8.02 39.63 -9.79
C THR CA 124 7.42 40.77 -10.61
N ILE CA 125 7.12 40.52 -11.88
CA ILE CA 125 6.39 41.51 -12.68
C ILE CA 125 5.10 41.91 -11.99
N ALA CA 126 4.35 40.92 -11.47
CA ALA CA 126 3.03 41.18 -10.91
C ALA CA 126 2.97 41.18 -9.39
N THR CA 127 3.96 40.60 -8.70
CA THR CA 127 3.88 40.52 -7.25
C THR CA 127 3.85 41.90 -6.59
N ALA CA 128 4.37 42.93 -7.25
CA ALA CA 128 4.29 44.28 -6.74
C ALA CA 128 3.24 45.12 -7.46
N PHE CA 129 2.92 44.79 -8.70
CA PHE CA 129 1.80 45.46 -9.36
C PHE CA 129 0.50 45.22 -8.60
N LEU CA 130 0.27 43.99 -8.14
CA LEU CA 130 -0.93 43.73 -7.34
C LEU CA 130 -0.83 44.36 -5.96
N GLY CA 131 0.38 44.42 -5.39
CA GLY CA 131 0.55 45.15 -4.15
C GLY CA 131 0.18 46.61 -4.28
N TYR CA 132 0.52 47.22 -5.42
CA TYR CA 132 0.11 48.59 -5.68
C TYR CA 132 -1.39 48.68 -5.94
N CYS CA 133 -1.96 47.65 -6.59
CA CYS CA 133 -3.41 47.61 -6.76
C CYS CA 133 -4.12 47.54 -5.41
N CYS CA 134 -3.46 47.01 -4.40
CA CYS CA 134 -4.07 46.89 -3.08
C CYS CA 134 -4.43 48.25 -2.49
N VAL CA 135 -3.56 49.24 -2.67
CA VAL CA 135 -3.72 50.50 -1.94
C VAL CA 135 -5.00 51.23 -2.33
N TYR CA 136 -5.50 51.00 -3.55
CA TYR CA 136 -6.73 51.61 -4.04
C TYR CA 136 -6.65 53.14 -4.01
N GLY CA 137 -5.66 53.66 -4.72
CA GLY CA 137 -5.48 55.10 -4.85
C GLY CA 137 -6.21 55.67 -6.05
N GLN CA 138 -5.58 56.63 -6.74
CA GLN CA 138 -6.23 57.31 -7.85
C GLN CA 138 -5.78 56.80 -9.21
N MET CA 139 -4.78 55.93 -9.26
CA MET CA 139 -4.52 55.11 -10.44
C MET CA 139 -4.40 53.64 -10.12
N SER CA 140 -4.54 53.27 -8.84
CA SER CA 140 -4.50 51.86 -8.44
C SER CA 140 -5.68 51.08 -9.00
N HIS CA 141 -6.88 51.67 -8.97
CA HIS CA 141 -8.04 51.01 -9.55
C HIS CA 141 -7.86 50.80 -11.05
N TRP CA 142 -7.29 51.80 -11.72
CA TRP CA 142 -6.95 51.69 -13.14
C TRP CA 142 -5.95 50.59 -13.41
N GLY CA 143 -4.89 50.49 -12.61
CA GLY CA 143 -3.94 49.39 -12.79
C GLY CA 143 -4.57 48.04 -12.56
N ALA CA 144 -5.44 47.94 -11.55
CA ALA CA 144 -6.17 46.70 -11.30
C ALA CA 144 -7.06 46.34 -12.49
N THR CA 145 -7.76 47.32 -13.04
CA THR CA 145 -8.61 47.06 -14.20
C THR CA 145 -7.80 46.63 -15.41
N VAL CA 146 -6.65 47.27 -15.64
CA VAL CA 146 -5.77 46.87 -16.74
C VAL CA 146 -5.33 45.42 -16.57
N ILE CA 147 -4.86 45.06 -15.38
CA ILE CA 147 -4.34 43.70 -15.22
C ILE CA 147 -5.48 42.69 -15.27
N THR CA 148 -6.66 43.03 -14.78
CA THR CA 148 -7.77 42.09 -14.81
C THR CA 148 -8.41 41.96 -16.19
N ASN CA 149 -8.25 42.95 -17.07
CA ASN CA 149 -8.86 42.88 -18.38
C ASN CA 149 -7.86 42.61 -19.50
N LEU CA 150 -6.57 42.48 -19.20
CA LEU CA 150 -5.62 42.11 -20.25
C LEU CA 150 -5.91 40.70 -20.80
N PHE CA 151 -6.44 39.81 -19.97
CA PHE CA 151 -6.62 38.41 -20.35
C PHE CA 151 -7.96 38.14 -21.01
N SER CA 152 -8.80 39.16 -21.19
CA SER CA 152 -10.15 38.95 -21.72
C SER CA 152 -10.16 38.60 -23.20
N ALA CA 153 -9.03 38.68 -23.89
CA ALA CA 153 -8.97 38.45 -25.33
C ALA CA 153 -8.79 36.98 -25.70
N ILE CA 154 -8.65 36.10 -24.72
CA ILE CA 154 -8.44 34.68 -25.03
C ILE CA 154 -9.70 34.10 -25.66
N PRO CA 155 -9.62 33.40 -26.79
CA PRO CA 155 -10.83 32.91 -27.45
C PRO CA 155 -11.53 31.83 -26.65
N PHE CA 156 -12.87 31.90 -26.67
CA PHE CA 156 -13.78 30.90 -26.11
C PHE CA 156 -13.78 30.90 -24.58
N VAL CA 157 -12.85 31.63 -23.97
CA VAL CA 157 -12.91 31.89 -22.53
C VAL CA 157 -12.41 33.32 -22.25
N GLY CA 158 -13.35 34.22 -22.02
CA GLY CA 158 -13.01 35.61 -21.76
C GLY CA 158 -13.67 36.16 -20.52
N ASN CA 159 -14.72 35.49 -20.05
CA ASN CA 159 -15.51 35.98 -18.93
C ASN CA 159 -15.36 35.15 -17.67
N ASP CA 160 -15.09 33.85 -17.77
CA ASP CA 160 -15.05 33.00 -16.59
C ASP CA 160 -13.85 33.34 -15.71
N ILE CA 161 -12.66 33.47 -16.31
CA ILE CA 161 -11.47 33.74 -15.51
C ILE CA 161 -11.50 35.15 -14.93
N VAL CA 162 -11.98 36.13 -15.70
CA VAL CA 162 -12.07 37.49 -15.17
C VAL CA 162 -13.15 37.56 -14.09
N SER CA 163 -14.19 36.74 -14.19
CA SER CA 163 -15.18 36.67 -13.13
C SER CA 163 -14.60 36.06 -11.86
N TRP CA 164 -13.77 35.02 -12.01
CA TRP CA 164 -13.09 34.44 -10.86
C TRP CA 164 -12.18 35.46 -10.19
N LEU CA 165 -11.43 36.21 -11.00
CA LEU CA 165 -10.55 37.24 -10.44
C LEU CA 165 -11.34 38.35 -9.77
N TRP CA 166 -12.48 38.72 -10.35
CA TRP CA 166 -13.31 39.78 -9.80
C TRP CA 166 -14.04 39.37 -8.53
N GLY CA 167 -14.11 38.08 -8.23
CA GLY CA 167 -14.94 37.63 -7.13
C GLY CA 167 -16.39 37.98 -7.34
N GLY CA 168 -16.85 37.92 -8.59
CA GLY CA 168 -18.16 38.37 -8.97
C GLY CA 168 -18.13 38.86 -10.42
N PHE CA 169 -19.03 39.79 -10.72
CA PHE CA 169 -19.11 40.36 -12.06
C PHE CA 169 -18.56 41.79 -12.14
N SER CA 170 -17.90 42.26 -11.08
CA SER CA 170 -17.34 43.61 -11.07
C SER CA 170 -16.28 43.67 -9.97
N VAL CA 171 -15.80 44.87 -9.69
CA VAL CA 171 -14.77 45.12 -8.68
C VAL CA 171 -15.46 45.49 -7.37
N SER CA 172 -15.24 44.69 -6.34
CA SER CA 172 -15.89 44.88 -5.05
C SER CA 172 -14.95 44.37 -3.96
N ASN CA 173 -15.50 44.12 -2.77
CA ASN CA 173 -14.72 43.59 -1.66
C ASN CA 173 -13.92 42.33 -2.01
N PRO CA 174 -14.46 41.34 -2.73
CA PRO CA 174 -13.62 40.19 -3.09
C PRO CA 174 -12.36 40.56 -3.86
N THR CA 175 -12.43 41.55 -4.74
CA THR CA 175 -11.25 41.95 -5.50
C THR CA 175 -10.12 42.40 -4.58
N ILE CA 176 -10.41 43.33 -3.67
CA ILE CA 176 -9.37 43.87 -2.80
C ILE CA 176 -8.90 42.80 -1.81
N GLN CA 177 -9.83 41.98 -1.31
CA GLN CA 177 -9.43 40.92 -0.39
C GLN CA 177 -8.49 39.94 -1.06
N ARG CA 178 -8.82 39.51 -2.29
CA ARG CA 178 -7.95 38.60 -3.03
C ARG CA 178 -6.62 39.26 -3.35
N PHE CA 179 -6.65 40.55 -3.71
CA PHE CA 179 -5.41 41.26 -4.00
C PHE CA 179 -4.49 41.27 -2.81
N PHE CA 180 -5.02 41.62 -1.64
CA PHE CA 180 -4.20 41.64 -0.42
C PHE CA 180 -3.69 40.24 -0.08
N ALA CA 181 -4.57 39.23 -0.21
CA ALA CA 181 -4.17 37.87 0.11
C ALA CA 181 -3.02 37.40 -0.78
N LEU CA 182 -3.12 37.65 -2.07
CA LEU CA 182 -2.08 37.17 -2.97
C LEU CA 182 -0.79 37.99 -2.83
N HIS CA 183 -0.92 39.31 -2.67
CA HIS CA 183 0.27 40.14 -2.45
C HIS CA 183 0.98 39.74 -1.16
N TYR CA 184 0.22 39.23 -0.19
CA TYR CA 184 0.87 38.68 1.00
C TYR CA 184 1.51 37.33 0.73
N LEU CA 185 0.82 36.45 0.00
CA LEU CA 185 1.24 35.06 -0.06
C LEU CA 185 2.38 34.83 -1.04
N VAL CA 186 2.26 35.35 -2.26
CA VAL CA 186 3.14 34.96 -3.36
C VAL CA 186 4.61 35.36 -3.12
N PRO CA 187 4.93 36.36 -2.29
CA PRO CA 187 6.35 36.53 -1.91
C PRO CA 187 6.92 35.30 -1.23
N PHE CA 188 6.10 34.49 -0.58
CA PHE CA 188 6.59 33.21 -0.06
C PHE CA 188 6.95 32.26 -1.19
N ILE CA 189 6.23 32.33 -2.32
CA ILE CA 189 6.63 31.58 -3.51
C ILE CA 189 7.96 32.11 -4.04
N ILE CA 190 8.14 33.43 -4.03
CA ILE CA 190 9.43 34.01 -4.35
C ILE CA 190 10.51 33.44 -3.45
N ALA CA 191 10.22 33.33 -2.16
CA ALA CA 191 11.19 32.74 -1.24
C ALA CA 191 11.52 31.31 -1.63
N ALA CA 192 10.50 30.52 -1.99
CA ALA CA 192 10.75 29.15 -2.42
C ALA CA 192 11.67 29.10 -3.62
N MET CA 193 11.36 29.87 -4.67
CA MET CA 193 12.19 29.79 -5.87
C MET CA 193 13.56 30.43 -5.66
N VAL CA 194 13.71 31.37 -4.73
CA VAL CA 194 15.05 31.90 -4.51
C VAL CA 194 15.88 30.93 -3.67
N ILE CA 195 15.24 30.15 -2.78
CA ILE CA 195 15.96 29.04 -2.17
C ILE CA 195 16.42 28.06 -3.23
N MET CA 196 15.55 27.79 -4.22
CA MET CA 196 15.97 26.93 -5.33
C MET CA 196 17.13 27.53 -6.11
N HIS CA 197 17.09 28.84 -6.36
CA HIS CA 197 18.15 29.54 -7.08
C HIS CA 197 19.48 29.42 -6.34
N LEU CA 198 19.48 29.71 -5.04
CA LEU CA 198 20.71 29.58 -4.25
C LEU CA 198 21.18 28.15 -4.18
N MET CA 199 20.25 27.18 -4.12
CA MET CA 199 20.66 25.79 -4.11
C MET CA 199 21.38 25.42 -5.40
N ALA CA 200 20.82 25.83 -6.54
CA ALA CA 200 21.47 25.55 -7.82
C ALA CA 200 22.83 26.23 -7.91
N LEU CA 201 22.91 27.48 -7.47
CA LEU CA 201 24.17 28.20 -7.54
C LEU CA 201 25.24 27.53 -6.66
N HIS CA 202 24.88 27.20 -5.42
CA HIS CA 202 25.82 26.53 -4.55
C HIS CA 202 26.23 25.17 -5.09
N ILE CA 203 25.33 24.50 -5.83
CA ILE CA 203 25.71 23.27 -6.51
C ILE CA 203 26.75 23.55 -7.59
N HIS CA 204 26.55 24.62 -8.37
CA HIS CA 204 27.41 24.87 -9.53
C HIS CA 204 28.44 25.96 -9.34
N GLY CA 205 28.27 26.87 -8.39
CA GLY CA 205 29.23 27.91 -8.14
C GLY CA 205 29.02 29.14 -9.01
N SER CA 206 29.75 30.20 -8.67
CA SER CA 206 29.66 31.47 -9.38
C SER CA 206 30.60 31.46 -10.59
N SER CA 207 30.78 32.62 -11.21
CA SER CA 207 31.60 32.78 -12.40
C SER CA 207 32.67 33.86 -12.18
N ASN CA 208 33.48 34.08 -13.21
CA ASN CA 208 34.58 35.02 -13.17
C ASN CA 208 34.37 36.16 -14.16
N PRO CA 209 34.82 37.37 -13.83
CA PRO CA 209 34.78 38.45 -14.82
C PRO CA 209 35.62 38.17 -16.05
N LEU CA 210 36.73 37.44 -15.90
CA LEU CA 210 37.60 37.16 -17.03
C LEU CA 210 36.91 36.29 -18.08
N GLY CA 211 36.12 35.33 -17.63
CA GLY CA 211 35.52 34.36 -18.53
C GLY CA 211 36.28 33.06 -18.66
N ILE CA 212 37.26 32.81 -17.80
CA ILE CA 212 38.03 31.57 -17.83
C ILE CA 212 37.68 30.76 -16.59
N THR CA 213 38.28 29.57 -16.47
CA THR CA 213 37.97 28.72 -15.33
C THR CA 213 38.44 29.36 -14.03
N GLY CA 214 37.59 29.28 -13.01
CA GLY CA 214 37.92 29.84 -11.71
C GLY CA 214 38.27 28.79 -10.67
N ASN CA 215 38.55 27.57 -11.14
CA ASN CA 215 38.86 26.46 -10.26
C ASN CA 215 40.33 26.40 -9.86
N LEU CA 216 41.04 27.52 -9.99
CA LEU CA 216 42.47 27.57 -9.65
C LEU CA 216 42.70 28.14 -8.26
N ASP CA 217 42.22 29.34 -7.99
CA ASP CA 217 42.35 29.97 -6.67
C ASP CA 217 40.99 30.33 -6.11
N ARG CA 218 40.76 29.95 -4.86
CA ARG CA 218 39.52 30.24 -4.17
C ARG CA 218 39.82 30.62 -2.72
N ILE CA 219 38.91 31.38 -2.12
CA ILE CA 219 39.04 31.76 -0.73
C ILE CA 219 37.70 31.51 -0.02
N PRO CA 220 37.70 31.13 1.25
CA PRO CA 220 36.43 30.83 1.93
C PRO CA 220 35.54 32.05 2.05
N MET CA 221 34.23 31.79 2.12
CA MET CA 221 33.25 32.87 2.21
C MET CA 221 33.45 33.70 3.46
N HIS CA 222 33.63 33.05 4.60
CA HIS CA 222 33.71 33.77 5.87
C HIS CA 222 35.03 34.53 5.98
N SER CA 223 34.97 35.71 6.58
CA SER CA 223 36.09 36.60 6.88
C SER CA 223 36.73 37.19 5.63
N TYR CA 224 36.31 36.80 4.43
CA TYR CA 224 36.82 37.38 3.20
C TYR CA 224 35.75 38.07 2.38
N PHE CA 225 34.66 37.38 2.07
CA PHE CA 225 33.56 37.97 1.33
C PHE CA 225 32.45 38.51 2.21
N ILE CA 226 32.41 38.08 3.47
CA ILE CA 226 31.44 38.66 4.41
C ILE CA 226 31.70 40.14 4.58
N PHE CA 227 32.97 40.55 4.59
CA PHE CA 227 33.28 41.97 4.71
C PHE CA 227 32.84 42.76 3.47
N LYS CA 228 33.01 42.17 2.28
CA LYS CA 228 32.54 42.85 1.07
C LYS CA 228 31.02 42.98 1.08
N ASP CA 229 30.31 41.90 1.43
CA ASP CA 229 28.86 42.00 1.56
C ASP CA 229 28.47 43.04 2.59
N LEU CA 230 29.23 43.11 3.69
CA LEU CA 230 28.92 44.04 4.77
C LEU CA 230 29.09 45.48 4.31
N VAL CA 231 30.16 45.79 3.59
CA VAL CA 231 30.36 47.17 3.14
C VAL CA 231 29.34 47.54 2.08
N THR CA 232 29.01 46.61 1.17
CA THR CA 232 27.98 46.90 0.18
C THR CA 232 26.64 47.15 0.85
N VAL CA 233 26.26 46.34 1.83
CA VAL CA 233 24.97 46.54 2.46
C VAL CA 233 24.98 47.81 3.31
N PHE CA 234 26.14 48.18 3.88
CA PHE CA 234 26.23 49.44 4.60
C PHE CA 234 26.00 50.63 3.67
N LEU CA 235 26.62 50.60 2.49
CA LEU CA 235 26.41 51.68 1.52
C LEU CA 235 24.96 51.74 1.08
N PHE CA 236 24.36 50.57 0.83
CA PHE CA 236 22.95 50.52 0.44
C PHE CA 236 22.05 51.07 1.53
N MET CA 237 22.31 50.68 2.79
CA MET CA 237 21.52 51.18 3.90
C MET CA 237 21.67 52.70 4.04
N LEU CA 238 22.88 53.20 3.83
CA LEU CA 238 23.11 54.64 3.93
C LEU CA 238 22.29 55.39 2.89
N ILE CA 239 22.38 54.98 1.62
CA ILE CA 239 21.66 55.71 0.57
C ILE CA 239 20.15 55.56 0.74
N LEU CA 240 19.69 54.35 1.09
CA LEU CA 240 18.26 54.11 1.29
C LEU CA 240 17.74 54.95 2.45
N ALA CA 241 18.48 55.01 3.55
CA ALA CA 241 18.05 55.82 4.69
C ALA CA 241 18.00 57.28 4.31
N LEU CA 242 19.00 57.77 3.58
CA LEU CA 242 19.01 59.18 3.22
C LEU CA 242 17.79 59.53 2.37
N PHE CA 243 17.48 58.69 1.37
CA PHE CA 243 16.27 58.93 0.58
C PHE CA 243 14.99 58.83 1.41
N VAL CA 244 14.86 57.81 2.25
CA VAL CA 244 13.59 57.62 2.94
C VAL CA 244 13.37 58.73 3.97
N PHE CA 245 14.43 59.21 4.60
CA PHE CA 245 14.28 60.21 5.65
C PHE CA 245 14.19 61.62 5.10
N TYR CA 246 14.91 61.90 4.01
CA TYR CA 246 15.04 63.28 3.55
C TYR CA 246 14.18 63.60 2.34
N SER CA 247 14.00 62.66 1.42
CA SER CA 247 13.23 62.88 0.20
C SER CA 247 12.23 61.73 0.04
N PRO CA 248 11.12 61.76 0.77
CA PRO CA 248 10.15 60.65 0.65
C PRO CA 248 9.48 60.59 -0.71
N ASN CA 249 9.21 61.74 -1.33
CA ASN CA 249 8.50 61.77 -2.61
C ASN CA 249 9.46 61.79 -3.79
N THR CA 250 10.39 60.83 -3.82
CA THR CA 250 11.33 60.71 -4.94
C THR CA 250 11.13 59.41 -5.70
N LEU CA 251 11.18 58.25 -5.02
CA LEU CA 251 11.03 56.99 -5.73
C LEU CA 251 9.57 56.76 -6.13
N GLY CA 252 8.65 56.86 -5.16
CA GLY CA 252 7.25 56.66 -5.45
C GLY CA 252 6.62 57.85 -6.15
N HIS CA 253 5.40 57.64 -6.64
CA HIS CA 253 4.69 58.68 -7.36
C HIS CA 253 3.57 59.24 -6.50
N PRO CA 254 3.44 60.57 -6.42
CA PRO CA 254 2.35 61.16 -5.62
C PRO CA 254 1.00 61.02 -6.31
N ASP CA 255 0.50 59.79 -6.45
CA ASP CA 255 -0.78 59.59 -7.10
C ASP CA 255 -1.68 58.67 -6.28
N ASN CA 256 -1.08 57.81 -5.46
CA ASN CA 256 -1.84 56.82 -4.71
C ASN CA 256 -2.33 57.31 -3.36
N TYR CA 257 -1.94 58.51 -2.92
CA TYR CA 257 -2.37 59.03 -1.62
C TYR CA 257 -3.66 59.82 -1.74
N ILE CA 258 -4.65 59.24 -2.41
CA ILE CA 258 -5.96 59.85 -2.63
C ILE CA 258 -6.99 58.73 -2.65
N PRO CA 259 -8.11 58.87 -1.93
CA PRO CA 259 -9.09 57.77 -1.89
C PRO CA 259 -9.66 57.46 -3.26
N GLY CA 260 -9.96 56.18 -3.48
CA GLY CA 260 -10.49 55.72 -4.74
C GLY CA 260 -11.87 56.28 -5.05
N ASN CA 261 -11.95 57.13 -6.07
CA ASN CA 261 -13.21 57.77 -6.45
C ASN CA 261 -13.14 58.09 -7.94
N PRO CA 262 -13.76 57.27 -8.79
CA PRO CA 262 -13.74 57.54 -10.23
C PRO CA 262 -14.64 58.70 -10.61
N LEU CA 263 -14.48 59.85 -9.96
CA LEU CA 263 -15.26 61.04 -10.22
C LEU CA 263 -14.42 62.16 -10.82
N VAL CA 264 -13.34 62.56 -10.14
CA VAL CA 264 -12.44 63.59 -10.62
C VAL CA 264 -11.03 63.04 -10.54
N THR CA 265 -10.30 63.06 -11.66
CA THR CA 265 -8.93 62.57 -11.68
C THR CA 265 -8.16 63.24 -12.80
N PRO CA 266 -6.89 63.56 -12.60
CA PRO CA 266 -6.11 64.23 -13.64
C PRO CA 266 -5.69 63.27 -14.75
N ALA CA 267 -5.13 63.85 -15.81
CA ALA CA 267 -4.63 63.10 -16.94
C ALA CA 267 -3.20 62.62 -16.76
N SER CA 268 -2.55 62.99 -15.65
CA SER CA 268 -1.17 62.59 -15.38
C SER CA 268 -1.13 61.23 -14.69
N ILE CA 269 -1.73 60.25 -15.35
CA ILE CA 269 -1.77 58.88 -14.85
C ILE CA 269 -0.74 58.08 -15.64
N VAL CA 270 0.28 57.59 -14.95
CA VAL CA 270 1.34 56.80 -15.58
C VAL CA 270 1.87 55.82 -14.55
N PRO CA 271 2.07 54.55 -14.92
CA PRO CA 271 2.54 53.56 -13.93
C PRO CA 271 3.91 53.87 -13.36
N GLU CA 272 4.32 53.09 -12.36
CA GLU CA 272 5.57 53.32 -11.66
C GLU CA 272 6.75 53.10 -12.61
N TRP CA 273 7.89 53.71 -12.26
CA TRP CA 273 9.00 53.83 -13.21
C TRP CA 273 9.47 52.48 -13.73
N TYR CA 274 9.45 51.44 -12.90
CA TYR CA 274 9.97 50.16 -13.33
C TYR CA 274 9.05 49.43 -14.31
N LEU CA 275 7.83 49.93 -14.54
CA LEU CA 275 6.95 49.33 -15.53
C LEU CA 275 7.22 49.82 -16.94
N LEU CA 276 7.83 51.00 -17.08
CA LEU CA 276 7.89 51.68 -18.37
C LEU CA 276 8.53 50.85 -19.48
N PRO CA 277 9.66 50.15 -19.28
CA PRO CA 277 10.20 49.34 -20.39
C PRO CA 277 9.22 48.32 -20.93
N PHE CA 278 8.54 47.58 -20.05
CA PHE CA 278 7.53 46.62 -20.45
C PHE CA 278 6.14 47.24 -20.60
N TYR CA 279 6.06 48.57 -20.71
CA TYR CA 279 4.81 49.28 -20.94
C TYR CA 279 4.80 50.03 -22.26
N ALA CA 280 5.92 50.64 -22.63
CA ALA CA 280 6.00 51.31 -23.93
C ALA CA 280 5.88 50.30 -25.08
N ILE CA 281 6.47 49.12 -24.90
CA ILE CA 281 6.43 48.09 -25.93
C ILE CA 281 5.01 47.63 -26.19
N LEU CA 282 4.13 47.71 -25.19
CA LEU CA 282 2.75 47.25 -25.36
C LEU CA 282 1.94 48.20 -26.24
N ARG CA 283 2.34 49.46 -26.33
CA ARG CA 283 1.59 50.46 -27.07
C ARG CA 283 2.06 50.62 -28.52
N SER CA 284 2.97 49.76 -28.98
CA SER CA 284 3.50 49.87 -30.33
C SER CA 284 2.59 49.20 -31.36
N ILE CA 285 2.35 47.91 -31.20
CA ILE CA 285 1.49 47.16 -32.12
C ILE CA 285 0.03 47.36 -31.70
N PRO CA 286 -0.83 47.85 -32.59
CA PRO CA 286 -2.19 48.31 -32.21
C PRO CA 286 -3.31 47.25 -32.24
N ASP CA 287 -3.27 46.35 -31.26
CA ASP CA 287 -4.34 45.38 -31.04
C ASP CA 287 -4.38 45.04 -29.56
N LYS CA 288 -5.40 44.27 -29.17
CA LYS CA 288 -5.62 43.94 -27.77
C LYS CA 288 -4.83 42.71 -27.34
N LEU CA 289 -5.08 41.56 -27.98
CA LEU CA 289 -4.32 40.36 -27.67
C LEU CA 289 -2.87 40.45 -28.15
N LEU CA 290 -2.60 41.29 -29.14
CA LEU CA 290 -1.24 41.49 -29.60
C LEU CA 290 -0.36 42.03 -28.49
N GLY CA 291 -0.90 42.92 -27.66
CA GLY CA 291 -0.13 43.42 -26.53
C GLY CA 291 0.27 42.32 -25.57
N VAL CA 292 -0.66 41.41 -25.26
CA VAL CA 292 -0.36 40.33 -24.34
C VAL CA 292 0.67 39.38 -24.94
N ILE CA 293 0.50 39.02 -26.21
CA ILE CA 293 1.45 38.08 -26.81
C ILE CA 293 2.82 38.71 -26.95
N THR CA 294 2.90 40.03 -27.18
CA THR CA 294 4.21 40.66 -27.27
C THR CA 294 4.84 40.91 -25.90
N MET CA 295 4.04 41.05 -24.83
CA MET CA 295 4.59 40.90 -23.48
C MET CA 295 5.19 39.52 -23.27
N PHE CA 296 4.48 38.48 -23.73
CA PHE CA 296 5.03 37.13 -23.64
C PHE CA 296 6.34 37.01 -24.40
N ALA CA 297 6.41 37.61 -25.59
CA ALA CA 297 7.64 37.58 -26.36
C ALA CA 297 8.75 38.35 -25.66
N ALA CA 298 8.43 39.53 -25.11
CA ALA CA 298 9.43 40.35 -24.44
C ALA CA 298 9.91 39.74 -23.13
N ILE CA 299 9.14 38.84 -22.54
CA ILE CA 299 9.62 38.13 -21.36
C ILE CA 299 10.26 36.79 -21.71
N LEU CA 300 10.01 36.26 -22.91
CA LEU CA 300 10.66 35.04 -23.36
C LEU CA 300 11.99 35.29 -24.05
N VAL CA 301 12.22 36.51 -24.56
CA VAL CA 301 13.51 36.81 -25.17
C VAL CA 301 14.64 36.67 -24.16
N LEU CA 302 14.37 37.02 -22.90
CA LEU CA 302 15.35 36.76 -21.84
C LEU CA 302 15.63 35.27 -21.68
N LEU CA 303 14.69 34.42 -22.09
CA LEU CA 303 14.87 32.98 -22.00
C LEU CA 303 15.52 32.38 -23.23
N VAL CA 304 15.36 33.01 -24.40
CA VAL CA 304 15.90 32.42 -25.62
C VAL CA 304 17.40 32.68 -25.76
N LEU CA 305 17.95 33.60 -24.97
CA LEU CA 305 19.37 33.95 -25.11
C LEU CA 305 20.31 32.76 -24.98
N PRO CA 306 20.13 31.81 -24.07
CA PRO CA 306 20.97 30.61 -24.10
C PRO CA 306 20.78 29.85 -25.41
N PHE CA 307 21.85 29.15 -25.82
CA PHE CA 307 21.98 28.48 -27.12
C PHE CA 307 21.39 29.31 -28.26
N THR CA 308 21.64 30.62 -28.23
CA THR CA 308 21.30 31.53 -29.32
C THR CA 308 22.53 32.19 -29.91
N ASP CA 309 23.37 32.80 -29.08
CA ASP CA 309 24.61 33.39 -29.56
C ASP CA 309 25.62 32.30 -29.92
N ARG CA 310 26.66 32.72 -30.65
CA ARG CA 310 27.72 31.82 -31.08
C ARG CA 310 29.08 32.30 -30.60
N SER CA 311 29.13 32.91 -29.42
CA SER CA 311 30.38 33.38 -28.83
C SER CA 311 31.02 32.24 -28.06
N VAL CA 312 32.10 31.68 -28.60
CA VAL CA 312 32.83 30.64 -27.89
C VAL CA 312 33.59 31.21 -26.70
N VAL CA 313 33.92 32.49 -26.72
CA VAL CA 313 34.59 33.14 -25.60
C VAL CA 313 33.52 33.72 -24.69
N ARG CA 314 33.50 33.27 -23.43
CA ARG CA 314 32.50 33.73 -22.48
C ARG CA 314 32.70 35.20 -22.16
N GLY CA 315 31.60 35.93 -22.08
CA GLY CA 315 31.65 37.34 -21.69
C GLY CA 315 31.84 38.27 -22.86
N ASN CA 316 31.82 39.56 -22.52
CA ASN CA 316 31.99 40.63 -23.51
C ASN CA 316 33.17 41.54 -23.19
N THR CA 317 33.92 41.26 -22.13
CA THR CA 317 35.04 42.13 -21.76
C THR CA 317 36.14 42.11 -22.83
N PHE CA 318 36.37 40.96 -23.44
CA PHE CA 318 37.45 40.77 -24.40
C PHE CA 318 36.93 40.61 -25.82
N LYS CA 319 35.89 41.36 -26.17
CA LYS CA 319 35.36 41.41 -27.51
C LYS CA 319 35.32 42.88 -27.96
N VAL CA 320 35.73 43.11 -29.20
CA VAL CA 320 36.08 44.47 -29.62
C VAL CA 320 34.86 45.38 -29.67
N LEU CA 321 33.75 44.89 -30.25
CA LEU CA 321 32.58 45.74 -30.47
C LEU CA 321 31.29 45.22 -29.89
N SER CA 322 31.24 43.96 -29.44
CA SER CA 322 30.00 43.42 -28.90
C SER CA 322 29.56 44.18 -27.65
N LYS CA 323 30.51 44.60 -26.83
CA LYS CA 323 30.16 45.44 -25.67
C LYS CA 323 29.55 46.77 -26.11
N PHE CA 324 30.00 47.30 -27.25
CA PHE CA 324 29.41 48.53 -27.77
C PHE CA 324 27.94 48.33 -28.11
N PHE CA 325 27.60 47.22 -28.74
CA PHE CA 325 26.20 46.95 -29.05
C PHE CA 325 25.39 46.64 -27.79
N PHE CA 326 26.02 46.02 -26.79
CA PHE CA 326 25.32 45.84 -25.52
C PHE CA 326 25.00 47.20 -24.89
N PHE CA 327 25.92 48.15 -24.97
CA PHE CA 327 25.67 49.50 -24.46
C PHE CA 327 24.58 50.18 -25.28
N ILE CA 328 24.58 49.98 -26.59
CA ILE CA 328 23.48 50.45 -27.43
C ILE CA 328 22.16 49.92 -26.91
N PHE CA 329 22.12 48.62 -26.59
CA PHE CA 329 20.88 48.01 -26.10
C PHE CA 329 20.46 48.57 -24.75
N VAL CA 330 21.40 48.76 -23.83
CA VAL CA 330 20.99 49.25 -22.51
C VAL CA 330 20.50 50.69 -22.60
N PHE CA 331 21.13 51.51 -23.44
CA PHE CA 331 20.64 52.86 -23.64
C PHE CA 331 19.31 52.86 -24.37
N ASN CA 332 19.09 51.91 -25.29
CA ASN CA 332 17.79 51.78 -25.93
C ASN CA 332 16.72 51.38 -24.93
N PHE CA 333 17.07 50.50 -23.99
CA PHE CA 333 16.15 50.14 -22.90
C PHE CA 333 15.75 51.37 -22.10
N VAL CA 334 16.74 52.16 -21.70
CA VAL CA 334 16.46 53.38 -20.92
C VAL CA 334 15.61 54.35 -21.73
N LEU CA 335 15.95 54.55 -23.00
CA LEU CA 335 15.21 55.50 -23.83
C LEU CA 335 13.79 55.01 -24.10
N LEU CA 336 13.62 53.69 -24.26
CA LEU CA 336 12.28 53.14 -24.46
C LEU CA 336 11.42 53.37 -23.23
N GLY CA 337 11.98 53.15 -22.04
CA GLY CA 337 11.25 53.48 -20.83
C GLY CA 337 10.89 54.95 -20.75
N GLN CA 338 11.85 55.82 -21.05
CA GLN CA 338 11.61 57.26 -20.95
C GLN CA 338 10.57 57.73 -21.96
N ILE CA 339 10.58 57.15 -23.17
CA ILE CA 339 9.62 57.56 -24.18
C ILE CA 339 8.25 56.96 -23.89
N GLY CA 340 8.20 55.80 -23.23
CA GLY CA 340 6.94 55.31 -22.71
C GLY CA 340 6.37 56.21 -21.62
N ALA CA 341 7.25 56.87 -20.87
CA ALA CA 341 6.77 57.83 -19.88
C ALA CA 341 5.97 58.95 -20.53
N CYS CA 342 6.43 59.42 -21.69
CA CYS CA 342 5.70 60.44 -22.42
C CYS CA 342 4.44 59.85 -23.06
N HIS CA 343 3.44 60.70 -23.23
CA HIS CA 343 2.17 60.27 -23.79
C HIS CA 343 2.33 59.98 -25.29
N VAL CA 344 1.29 59.38 -25.86
CA VAL CA 344 1.31 58.98 -27.26
C VAL CA 344 1.05 60.21 -28.14
N GLU CA 345 1.94 60.44 -29.11
CA GLU CA 345 1.82 61.52 -30.08
C GLU CA 345 2.97 61.40 -31.06
N VAL CA 346 2.80 62.04 -32.22
CA VAL CA 346 3.88 62.09 -33.20
C VAL CA 346 5.02 62.95 -32.66
N PRO CA 347 6.29 62.55 -32.83
CA PRO CA 347 6.74 61.29 -33.43
C PRO CA 347 6.96 60.18 -32.41
N TYR CA 348 6.58 60.43 -31.15
CA TYR CA 348 6.82 59.43 -30.10
C TYR CA 348 6.08 58.14 -30.40
N VAL CA 349 4.85 58.23 -30.90
CA VAL CA 349 4.13 57.04 -31.32
C VAL CA 349 4.90 56.32 -32.42
N LEU CA 350 5.44 57.08 -33.38
CA LEU CA 350 6.30 56.49 -34.40
C LEU CA 350 7.58 55.94 -33.81
N MET CA 351 8.12 56.60 -32.78
CA MET CA 351 9.32 56.10 -32.13
C MET CA 351 9.08 54.78 -31.43
N GLY CA 352 7.83 54.52 -31.01
CA GLY CA 352 7.56 53.29 -30.29
C GLY CA 352 7.87 52.04 -31.09
N GLN CA 353 7.43 52.00 -32.35
CA GLN CA 353 7.65 50.81 -33.17
C GLN CA 353 9.12 50.58 -33.41
N ILE CA 354 9.87 51.63 -33.74
CA ILE CA 354 11.30 51.46 -34.03
C ILE CA 354 12.06 51.07 -32.77
N ALA CA 355 11.68 51.65 -31.62
CA ALA CA 355 12.34 51.28 -30.37
C ALA CA 355 12.09 49.82 -30.03
N THR CA 356 10.85 49.36 -30.17
CA THR CA 356 10.53 47.96 -29.93
C THR CA 356 11.26 47.06 -30.92
N PHE CA 357 11.35 47.49 -32.18
CA PHE CA 357 12.03 46.70 -33.19
C PHE CA 357 13.49 46.52 -32.85
N ILE CA 358 14.17 47.60 -32.42
CA ILE CA 358 15.57 47.48 -32.02
C ILE CA 358 15.70 46.60 -30.78
N TYR CA 359 14.79 46.80 -29.81
CA TYR CA 359 14.83 46.02 -28.57
C TYR CA 359 14.76 44.53 -28.86
N PHE CA 360 13.87 44.12 -29.77
CA PHE CA 360 13.78 42.71 -30.12
C PHE CA 360 14.92 42.27 -31.05
N ALA CA 361 15.37 43.17 -31.92
CA ALA CA 361 16.38 42.82 -32.92
C ALA CA 361 17.72 42.49 -32.27
N TYR CA 362 18.08 43.22 -31.21
CA TYR CA 362 19.32 42.86 -30.53
C TYR CA 362 19.25 41.42 -30.02
N PHE CA 363 18.10 41.05 -29.45
CA PHE CA 363 17.92 39.70 -28.93
C PHE CA 363 17.94 38.65 -30.04
N LEU CA 364 17.35 38.98 -31.19
CA LEU CA 364 17.09 37.96 -32.21
C LEU CA 364 18.22 37.83 -33.22
N ILE CA 365 18.55 38.93 -33.91
CA ILE CA 365 19.38 38.84 -35.11
C ILE CA 365 20.79 39.37 -34.87
N ILE CA 366 20.94 40.28 -33.91
CA ILE CA 366 22.23 40.93 -33.71
C ILE CA 366 23.24 39.97 -33.10
N VAL CA 367 22.85 39.28 -32.03
CA VAL CA 367 23.81 38.46 -31.29
C VAL CA 367 24.44 37.35 -32.12
N PRO CA 368 23.69 36.57 -32.93
CA PRO CA 368 24.38 35.47 -33.62
C PRO CA 368 25.35 35.94 -34.69
N VAL CA 369 24.95 36.93 -35.49
CA VAL CA 369 25.84 37.42 -36.54
C VAL CA 369 27.06 38.11 -35.93
N ILE CA 370 26.86 38.88 -34.85
CA ILE CA 370 28.00 39.56 -34.26
C ILE CA 370 28.95 38.56 -33.61
N SER CA 371 28.40 37.50 -33.00
CA SER CA 371 29.26 36.48 -32.40
C SER CA 371 30.05 35.73 -33.47
N THR CA 372 29.40 35.35 -34.57
CA THR CA 372 30.09 34.64 -35.63
C THR CA 372 31.18 35.52 -36.25
N ILE CA 373 30.87 36.80 -36.47
CA ILE CA 373 31.85 37.72 -37.03
C ILE CA 373 33.04 37.87 -36.09
N GLU CA 374 32.78 38.00 -34.79
CA GLU CA 374 33.87 38.13 -33.83
C GLU CA 374 34.74 36.87 -33.81
N ASN CA 375 34.11 35.70 -33.85
CA ASN CA 375 34.87 34.45 -33.85
C ASN CA 375 35.74 34.34 -35.09
N VAL CA 376 35.19 34.66 -36.27
CA VAL CA 376 36.00 34.55 -37.48
C VAL CA 376 37.12 35.58 -37.49
N LEU CA 377 36.87 36.78 -36.93
CA LEU CA 377 37.95 37.76 -36.82
C LEU CA 377 39.07 37.28 -35.91
N PHE CA 378 38.71 36.69 -34.76
CA PHE CA 378 39.73 36.09 -33.91
C PHE CA 378 40.52 35.02 -34.66
N TYR CA 379 39.82 34.15 -35.40
CA TYR CA 379 40.53 33.06 -36.06
C TYR CA 379 41.47 33.58 -37.14
N ILE CA 380 41.04 34.58 -37.91
CA ILE CA 380 41.92 35.10 -38.96
C ILE CA 380 43.09 35.87 -38.34
N GLY CA 381 42.85 36.58 -37.24
CA GLY CA 381 43.93 37.30 -36.60
C GLY CA 381 44.98 36.40 -35.98
N ARG CA 382 44.55 35.33 -35.31
CA ARG CA 382 45.49 34.50 -34.56
C ARG CA 382 46.46 33.77 -35.49
N VAL CA 383 45.97 33.28 -36.62
CA VAL CA 383 46.77 32.44 -37.50
C VAL CA 383 47.20 33.26 -38.71
N ASN CA 384 48.24 32.77 -39.40
CA ASN CA 384 48.77 33.43 -40.58
C ASN CA 384 48.63 32.61 -41.85
N LYS CA 385 48.25 31.34 -41.76
CA LYS CA 385 48.08 30.50 -42.94
C LYS CA 385 46.96 29.49 -42.74
N MET DA 62 0.71 66.61 -27.00
CA MET DA 62 0.74 67.13 -25.64
C MET DA 62 0.82 68.66 -25.66
N THR DA 63 -0.34 69.31 -25.74
CA THR DA 63 -0.39 70.76 -25.74
C THR DA 63 0.20 71.30 -24.44
N ALA DA 64 0.99 72.37 -24.57
CA ALA DA 64 1.64 72.95 -23.39
C ALA DA 64 0.63 73.50 -22.40
N ALA DA 65 -0.60 73.78 -22.84
CA ALA DA 65 -1.61 74.32 -21.94
C ALA DA 65 -2.17 73.27 -20.99
N GLU DA 66 -2.25 72.01 -21.44
CA GLU DA 66 -2.87 70.98 -20.61
C GLU DA 66 -1.95 70.52 -19.48
N HIS DA 67 -0.63 70.53 -19.70
CA HIS DA 67 0.29 70.22 -18.61
C HIS DA 67 0.35 71.32 -17.56
N GLY DA 68 -0.16 72.51 -17.86
CA GLY DA 68 0.00 73.64 -16.96
C GLY DA 68 1.43 74.13 -16.97
N LEU DA 69 2.13 73.98 -15.85
CA LEU DA 69 3.54 74.34 -15.74
C LEU DA 69 4.30 73.22 -15.05
N HIS DA 70 5.59 73.13 -15.35
CA HIS DA 70 6.46 72.20 -14.66
C HIS DA 70 6.62 72.64 -13.20
N ALA DA 71 7.03 71.70 -12.36
CA ALA DA 71 7.18 71.98 -10.94
C ALA DA 71 8.38 72.88 -10.71
N PRO DA 72 8.20 74.09 -10.16
CA PRO DA 72 9.35 74.96 -9.89
C PRO DA 72 10.01 74.64 -8.55
N ALA DA 73 11.01 75.42 -8.17
CA ALA DA 73 11.73 75.23 -6.91
C ALA DA 73 11.70 76.54 -6.13
N TYR DA 74 10.86 76.59 -5.11
CA TYR DA 74 10.78 77.74 -4.20
C TYR DA 74 11.55 77.43 -2.92
N ALA DA 75 12.32 78.41 -2.46
CA ALA DA 75 13.08 78.24 -1.24
C ALA DA 75 12.14 78.16 -0.03
N TRP DA 76 12.44 77.26 0.89
CA TRP DA 76 11.61 77.06 2.07
C TRP DA 76 12.45 77.26 3.33
N SER DA 77 11.75 77.46 4.45
CA SER DA 77 12.43 77.54 5.73
C SER DA 77 13.10 76.22 6.08
N HIS DA 78 12.42 75.11 5.79
CA HIS DA 78 12.95 73.78 6.10
C HIS DA 78 13.51 73.09 4.86
N ASN DA 79 13.82 73.84 3.82
CA ASN DA 79 14.37 73.26 2.59
C ASN DA 79 15.83 72.89 2.80
N GLY DA 80 16.08 71.90 3.65
CA GLY DA 80 17.43 71.45 3.91
C GLY DA 80 17.45 70.12 4.66
N PRO DA 81 18.55 69.39 4.53
CA PRO DA 81 18.67 68.11 5.26
C PRO DA 81 18.56 68.25 6.76
N PHE DA 82 18.86 69.43 7.31
CA PHE DA 82 19.00 69.61 8.75
C PHE DA 82 17.74 70.17 9.40
N GLU DA 83 17.13 71.19 8.80
CA GLU DA 83 16.11 71.99 9.47
C GLU DA 83 14.77 71.26 9.50
N THR DA 84 13.84 71.87 10.24
CA THR DA 84 12.45 71.42 10.30
C THR DA 84 11.52 72.61 10.11
N PHE DA 85 10.23 72.41 10.32
CA PHE DA 85 9.29 73.52 10.19
C PHE DA 85 9.56 74.62 11.21
N ASP DA 86 9.41 75.86 10.75
CA ASP DA 86 9.37 77.02 11.63
C ASP DA 86 7.95 77.19 12.15
N HIS DA 87 7.59 76.31 13.09
CA HIS DA 87 6.25 76.27 13.63
C HIS DA 87 5.96 77.39 14.62
N ALA DA 88 6.81 78.42 14.67
CA ALA DA 88 6.42 79.68 15.27
C ALA DA 88 5.43 80.44 14.41
N SER DA 89 5.25 80.03 13.15
CA SER DA 89 4.31 80.67 12.23
C SER DA 89 3.19 79.74 11.79
N ILE DA 90 3.19 78.48 12.22
CA ILE DA 90 2.08 77.58 11.93
C ILE DA 90 0.80 78.11 12.56
N ARG DA 91 0.92 78.87 13.65
CA ARG DA 91 -0.24 79.50 14.27
C ARG DA 91 -1.02 80.35 13.27
N ARG DA 92 -0.31 81.07 12.40
CA ARG DA 92 -0.98 81.92 11.42
C ARG DA 92 -1.81 81.09 10.45
N GLY DA 93 -1.23 79.99 9.95
CA GLY DA 93 -1.95 79.13 9.03
C GLY DA 93 -3.15 78.47 9.68
N TYR DA 94 -2.99 77.99 10.91
CA TYR DA 94 -4.12 77.39 11.60
C TYR DA 94 -5.22 78.42 11.85
N GLN DA 95 -4.84 79.65 12.21
CA GLN DA 95 -5.84 80.67 12.49
C GLN DA 95 -6.60 81.05 11.23
N VAL DA 96 -5.90 81.19 10.10
CA VAL DA 96 -6.62 81.55 8.87
C VAL DA 96 -7.42 80.37 8.33
N TYR DA 97 -7.02 79.13 8.67
CA TYR DA 97 -7.80 77.99 8.25
C TYR DA 97 -9.20 78.01 8.82
N ARG DA 98 -9.38 78.64 9.99
CA ARG DA 98 -10.69 78.75 10.61
C ARG DA 98 -11.50 79.92 10.06
N GLU DA 99 -10.92 80.73 9.17
CA GLU DA 99 -11.57 81.95 8.70
C GLU DA 99 -11.94 81.88 7.22
N VAL DA 100 -10.97 81.62 6.34
CA VAL DA 100 -11.23 81.69 4.90
C VAL DA 100 -11.65 80.34 4.33
N CYS DA 101 -10.87 79.30 4.56
CA CYS DA 101 -11.13 77.96 4.02
C CYS DA 101 -11.65 77.02 5.09
N ALA DA 102 -12.50 77.53 5.98
CA ALA DA 102 -13.03 76.70 7.06
C ALA DA 102 -14.15 75.80 6.57
N ALA DA 103 -15.27 76.40 6.16
CA ALA DA 103 -16.41 75.63 5.67
C ALA DA 103 -16.37 75.48 4.14
N CYS DA 104 -15.21 75.08 3.62
CA CYS DA 104 -15.06 74.82 2.19
C CYS DA 104 -14.29 73.55 1.86
N HIS DA 105 -13.44 73.05 2.76
CA HIS DA 105 -12.69 71.83 2.53
C HIS DA 105 -12.60 71.09 3.86
N SER DA 106 -12.34 69.78 3.78
CA SER DA 106 -12.58 68.92 4.95
C SER DA 106 -11.43 68.97 5.95
N LEU DA 107 -10.25 68.48 5.55
CA LEU DA 107 -9.14 68.23 6.48
C LEU DA 107 -9.59 67.45 7.71
N ASP DA 108 -10.65 66.65 7.57
CA ASP DA 108 -11.22 65.91 8.69
C ASP DA 108 -10.68 64.48 8.71
N ARG DA 109 -9.35 64.38 8.81
CA ARG DA 109 -8.68 63.10 8.73
C ARG DA 109 -7.73 62.81 9.88
N VAL DA 110 -7.53 63.73 10.81
CA VAL DA 110 -6.57 63.54 11.89
C VAL DA 110 -7.30 63.69 13.23
N ALA DA 111 -6.73 63.07 14.25
CA ALA DA 111 -7.29 63.14 15.60
C ALA DA 111 -6.91 64.48 16.23
N TRP DA 112 -7.15 64.61 17.54
CA TRP DA 112 -6.90 65.87 18.24
C TRP DA 112 -5.64 65.85 19.09
N ARG DA 113 -5.11 64.67 19.43
CA ARG DA 113 -3.92 64.60 20.28
C ARG DA 113 -2.65 65.03 19.54
N THR DA 114 -2.72 65.41 18.27
CA THR DA 114 -1.54 65.78 17.51
C THR DA 114 -1.29 67.29 17.49
N LEU DA 115 -2.25 68.09 17.94
CA LEU DA 115 -2.11 69.54 17.96
C LEU DA 115 -1.59 70.06 19.30
N VAL DA 116 -1.21 69.17 20.20
CA VAL DA 116 -0.73 69.57 21.52
C VAL DA 116 0.79 69.75 21.47
N GLY DA 117 1.26 70.88 21.98
CA GLY DA 117 2.68 71.15 22.07
C GLY DA 117 3.35 71.51 20.76
N VAL DA 118 2.59 71.78 19.70
CA VAL DA 118 3.15 72.17 18.41
C VAL DA 118 2.91 73.66 18.13
N SER DA 119 1.66 74.09 18.10
CA SER DA 119 1.31 75.49 17.97
C SER DA 119 0.57 76.02 19.19
N HIS DA 120 -0.52 75.35 19.57
CA HIS DA 120 -1.25 75.66 20.78
C HIS DA 120 -0.81 74.70 21.88
N THR DA 121 -0.62 75.23 23.10
CA THR DA 121 0.18 74.47 24.05
C THR DA 121 -0.57 73.27 24.62
N ASN DA 122 -1.50 73.52 25.55
CA ASN DA 122 -2.50 72.51 25.89
C ASN DA 122 -3.83 73.17 26.23
N GLU DA 123 -3.76 74.43 26.69
CA GLU DA 123 -4.91 75.03 27.36
C GLU DA 123 -6.02 75.37 26.38
N GLU DA 124 -5.67 76.01 25.26
CA GLU DA 124 -6.68 76.56 24.37
C GLU DA 124 -7.37 75.48 23.53
N VAL DA 125 -6.62 74.50 23.03
CA VAL DA 125 -7.26 73.44 22.24
C VAL DA 125 -8.26 72.66 23.09
N ARG DA 126 -7.88 72.32 24.32
CA ARG DA 126 -8.79 71.56 25.17
C ARG DA 126 -9.90 72.43 25.73
N ASN DA 127 -9.65 73.72 25.95
CA ASN DA 127 -10.70 74.62 26.41
C ASN DA 127 -11.77 74.80 25.34
N MET DA 128 -11.37 75.11 24.11
CA MET DA 128 -12.29 75.17 22.99
C MET DA 128 -12.57 73.80 22.39
N ALA DA 129 -12.24 72.73 23.10
CA ALA DA 129 -12.84 71.43 22.85
C ALA DA 129 -14.24 71.33 23.43
N GLU DA 130 -14.75 72.42 24.01
CA GLU DA 130 -16.13 72.50 24.47
C GLU DA 130 -16.90 73.53 23.66
N GLU DA 131 -16.71 73.53 22.34
CA GLU DA 131 -17.40 74.49 21.47
C GLU DA 131 -18.05 73.81 20.27
N PHE DA 132 -18.18 72.48 20.29
CA PHE DA 132 -18.79 71.74 19.19
C PHE DA 132 -19.53 70.54 19.75
N GLU DA 133 -20.80 70.40 19.38
CA GLU DA 133 -21.56 69.22 19.76
C GLU DA 133 -21.23 68.06 18.84
N TYR DA 134 -21.50 66.83 19.32
CA TYR DA 134 -21.12 65.65 18.55
C TYR DA 134 -22.13 64.53 18.53
N ASP DA 135 -23.30 64.68 19.16
CA ASP DA 135 -24.34 63.66 19.15
C ASP DA 135 -23.81 62.30 19.63
N ASP DA 136 -23.34 62.30 20.88
CA ASP DA 136 -22.65 61.14 21.44
C ASP DA 136 -23.65 60.22 22.15
N GLU DA 137 -23.12 59.32 22.98
CA GLU DA 137 -23.91 58.20 23.51
C GLU DA 137 -25.12 58.71 24.30
N PRO DA 138 -26.24 58.01 24.24
CA PRO DA 138 -27.45 58.46 24.93
C PRO DA 138 -27.49 57.98 26.37
N ASP DA 139 -28.58 58.33 27.05
CA ASP DA 139 -28.83 57.87 28.40
C ASP DA 139 -29.59 56.54 28.35
N GLU DA 140 -30.12 56.11 29.50
CA GLU DA 140 -30.86 54.85 29.54
C GLU DA 140 -32.12 54.90 28.70
N GLN DA 141 -32.81 56.05 28.69
CA GLN DA 141 -34.03 56.18 27.89
C GLN DA 141 -33.74 56.27 26.39
N GLY DA 142 -32.50 56.50 26.01
CA GLY DA 142 -32.12 56.55 24.61
C GLY DA 142 -32.10 57.92 23.98
N ASN DA 143 -32.46 58.97 24.72
CA ASN DA 143 -32.43 60.31 24.17
C ASN DA 143 -31.00 60.70 23.81
N PRO DA 144 -30.74 61.18 22.60
CA PRO DA 144 -29.37 61.53 22.22
C PRO DA 144 -28.80 62.61 23.13
N LYS DA 145 -27.52 62.46 23.48
CA LYS DA 145 -26.82 63.39 24.36
C LYS DA 145 -25.66 64.01 23.60
N LYS DA 146 -25.62 65.34 23.59
CA LYS DA 146 -24.57 66.09 22.92
C LYS DA 146 -23.67 66.73 23.97
N ARG DA 147 -22.49 66.16 24.17
CA ARG DA 147 -21.46 66.82 24.96
C ARG DA 147 -20.20 66.91 24.12
N PRO DA 148 -19.51 68.05 24.16
CA PRO DA 148 -18.32 68.22 23.32
C PRO DA 148 -17.28 67.15 23.59
N GLY DA 149 -16.55 66.78 22.54
CA GLY DA 149 -15.70 65.62 22.57
C GLY DA 149 -14.39 65.83 23.31
N LYS DA 150 -13.59 64.76 23.32
CA LYS DA 150 -12.35 64.70 24.08
C LYS DA 150 -11.19 64.28 23.18
N LEU DA 151 -10.06 63.91 23.78
CA LEU DA 151 -8.83 63.66 23.03
C LEU DA 151 -9.05 62.71 21.87
N SER DA 152 -9.86 61.66 22.06
CA SER DA 152 -10.08 60.69 20.99
C SER DA 152 -10.94 61.26 19.87
N ASP DA 153 -11.63 62.37 20.11
CA ASP DA 153 -12.46 62.98 19.06
C ASP DA 153 -11.58 63.57 17.96
N TYR DA 154 -11.99 63.37 16.72
CA TYR DA 154 -11.24 63.86 15.57
C TYR DA 154 -11.61 65.32 15.28
N ILE DA 155 -11.18 65.82 14.14
CA ILE DA 155 -11.46 67.23 13.80
C ILE DA 155 -12.94 67.38 13.48
N PRO DA 156 -13.66 68.32 14.10
CA PRO DA 156 -15.06 68.55 13.73
C PRO DA 156 -15.18 69.05 12.30
N GLY DA 157 -16.32 68.71 11.68
CA GLY DA 157 -16.57 69.09 10.32
C GLY DA 157 -17.83 69.92 10.17
N PRO DA 158 -17.74 71.02 9.39
CA PRO DA 158 -18.91 71.91 9.22
C PRO DA 158 -20.06 71.25 8.49
N TYR DA 159 -19.78 70.71 7.31
CA TYR DA 159 -20.84 70.08 6.52
C TYR DA 159 -21.22 68.75 7.15
N PRO DA 160 -22.51 68.45 7.31
CA PRO DA 160 -22.92 67.30 8.14
C PRO DA 160 -22.35 65.97 7.68
N ASN DA 161 -22.72 65.49 6.49
CA ASN DA 161 -22.00 64.38 5.88
C ASN DA 161 -21.51 64.70 4.48
N GLU DA 162 -22.41 64.92 3.52
CA GLU DA 162 -22.01 65.26 2.16
C GLU DA 162 -22.91 66.29 1.47
N GLN DA 163 -24.19 66.42 1.86
CA GLN DA 163 -25.16 67.09 1.00
C GLN DA 163 -24.96 68.61 0.99
N ALA DA 164 -24.72 69.20 2.15
CA ALA DA 164 -24.58 70.65 2.21
C ALA DA 164 -23.37 71.13 1.42
N ALA DA 165 -22.27 70.38 1.48
CA ALA DA 165 -21.09 70.73 0.69
C ALA DA 165 -21.36 70.66 -0.80
N ARG DA 166 -22.08 69.62 -1.23
CA ARG DA 166 -22.40 69.50 -2.66
C ARG DA 166 -23.31 70.62 -3.11
N ALA DA 167 -24.31 70.97 -2.30
CA ALA DA 167 -25.28 71.99 -2.71
C ALA DA 167 -24.67 73.38 -2.70
N ALA DA 168 -23.93 73.73 -1.64
CA ALA DA 168 -23.50 75.11 -1.46
C ALA DA 168 -22.37 75.48 -2.42
N ASN DA 169 -21.42 74.57 -2.64
CA ASN DA 169 -20.21 74.91 -3.38
C ASN DA 169 -20.43 75.08 -4.88
N GLN DA 170 -21.61 74.73 -5.40
CA GLN DA 170 -21.90 74.84 -6.83
C GLN DA 170 -20.91 74.04 -7.66
N GLY DA 171 -20.65 72.81 -7.22
CA GLY DA 171 -19.68 71.98 -7.90
C GLY DA 171 -19.55 70.64 -7.19
N ALA DA 172 -18.52 69.90 -7.60
CA ALA DA 172 -18.26 68.59 -7.05
C ALA DA 172 -17.64 68.70 -5.66
N LEU DA 173 -17.34 67.55 -5.06
CA LEU DA 173 -16.80 67.53 -3.72
C LEU DA 173 -15.39 68.11 -3.69
N PRO DA 174 -15.09 69.03 -2.78
CA PRO DA 174 -13.70 69.46 -2.60
C PRO DA 174 -12.83 68.31 -2.15
N PRO DA 175 -11.59 68.22 -2.64
CA PRO DA 175 -10.72 67.11 -2.27
C PRO DA 175 -10.20 67.25 -0.85
N ASP DA 176 -9.75 66.11 -0.31
CA ASP DA 176 -9.16 66.10 1.03
C ASP DA 176 -7.81 66.78 1.02
N LEU DA 177 -7.60 67.71 1.94
CA LEU DA 177 -6.34 68.44 2.02
C LEU DA 177 -5.32 67.78 2.94
N SER DA 178 -5.66 66.66 3.57
CA SER DA 178 -4.74 66.04 4.53
C SER DA 178 -3.52 65.46 3.82
N LEU DA 179 -3.67 64.97 2.59
CA LEU DA 179 -2.55 64.39 1.85
C LEU DA 179 -2.44 64.98 0.45
N ILE DA 180 -2.99 66.17 0.22
CA ILE DA 180 -2.95 66.77 -1.10
C ILE DA 180 -1.52 67.16 -1.48
N VAL DA 181 -0.73 67.63 -0.51
CA VAL DA 181 0.65 68.00 -0.78
C VAL DA 181 1.47 66.76 -1.14
N LYS DA 182 1.20 65.64 -0.47
CA LYS DA 182 1.91 64.40 -0.73
C LYS DA 182 1.40 63.67 -1.97
N ALA DA 183 0.33 64.14 -2.59
CA ALA DA 183 -0.29 63.44 -3.71
C ALA DA 183 -0.38 64.31 -4.96
N ARG DA 184 0.56 65.25 -5.12
CA ARG DA 184 0.67 66.04 -6.34
C ARG DA 184 2.14 66.09 -6.75
N HIS DA 185 2.37 66.31 -8.03
CA HIS DA 185 3.74 66.42 -8.54
C HIS DA 185 4.47 67.53 -7.81
N GLY DA 186 5.65 67.21 -7.28
CA GLY DA 186 6.29 68.10 -6.34
C GLY DA 186 5.50 68.12 -5.04
N GLY DA 187 4.76 69.19 -4.82
CA GLY DA 187 3.75 69.18 -3.78
C GLY DA 187 3.90 70.25 -2.71
N CYS DA 188 5.14 70.52 -2.28
CA CYS DA 188 5.36 71.51 -1.25
C CYS DA 188 5.02 72.93 -1.71
N ASP DA 189 5.11 73.20 -3.01
CA ASP DA 189 4.80 74.52 -3.53
C ASP DA 189 3.77 74.51 -4.66
N TYR DA 190 3.18 73.34 -4.97
CA TYR DA 190 2.16 73.29 -6.00
C TYR DA 190 0.94 74.12 -5.60
N ILE DA 191 0.53 74.04 -4.33
CA ILE DA 191 -0.61 74.82 -3.87
C ILE DA 191 -0.28 76.31 -3.87
N PHE DA 192 0.97 76.66 -3.53
CA PHE DA 192 1.38 78.07 -3.58
C PHE DA 192 1.31 78.59 -5.02
N SER DA 193 1.80 77.81 -5.98
CA SER DA 193 1.74 78.22 -7.37
C SER DA 193 0.28 78.32 -7.85
N LEU DA 194 -0.56 77.39 -7.41
CA LEU DA 194 -1.97 77.43 -7.77
C LEU DA 194 -2.64 78.69 -7.25
N LEU DA 195 -2.33 79.08 -6.01
CA LEU DA 195 -2.93 80.27 -5.42
C LEU DA 195 -2.38 81.54 -6.07
N THR DA 196 -1.11 81.55 -6.44
CA THR DA 196 -0.50 82.72 -7.06
C THR DA 196 -0.64 82.73 -8.58
N GLY DA 197 -1.12 81.65 -9.19
CA GLY DA 197 -1.31 81.63 -10.62
C GLY DA 197 -2.52 82.40 -11.09
N TYR DA 198 -3.43 82.75 -10.18
CA TYR DA 198 -4.65 83.45 -10.51
C TYR DA 198 -4.35 84.80 -11.15
N PRO DA 199 -4.80 85.06 -12.38
CA PRO DA 199 -4.64 86.39 -12.96
C PRO DA 199 -5.85 87.27 -12.69
N ASP DA 200 -5.60 88.59 -12.74
CA ASP DA 200 -6.66 89.56 -12.47
C ASP DA 200 -7.86 89.31 -13.38
N GLU DA 201 -7.61 88.92 -14.62
CA GLU DA 201 -8.64 88.49 -15.55
C GLU DA 201 -8.10 87.32 -16.36
N PRO DA 202 -8.97 86.44 -16.85
CA PRO DA 202 -8.50 85.35 -17.68
C PRO DA 202 -7.91 85.88 -18.98
N PRO DA 203 -6.95 85.17 -19.58
CA PRO DA 203 -6.34 85.64 -20.82
C PRO DA 203 -7.37 85.78 -21.94
N ALA DA 204 -6.96 86.47 -23.00
CA ALA DA 204 -7.86 86.74 -24.10
C ALA DA 204 -8.29 85.44 -24.78
N GLY DA 205 -9.58 85.37 -25.11
CA GLY DA 205 -10.12 84.18 -25.74
C GLY DA 205 -10.39 83.03 -24.79
N VAL DA 206 -10.63 83.31 -23.51
CA VAL DA 206 -10.89 82.29 -22.51
C VAL DA 206 -12.23 82.60 -21.85
N ALA DA 207 -13.09 81.59 -21.75
CA ALA DA 207 -14.40 81.73 -21.15
C ALA DA 207 -14.46 80.97 -19.82
N LEU DA 208 -15.32 81.44 -18.93
CA LEU DA 208 -15.43 80.87 -17.59
C LEU DA 208 -16.89 80.67 -17.23
N PRO DA 209 -17.18 79.69 -16.38
CA PRO DA 209 -18.54 79.56 -15.85
C PRO DA 209 -18.84 80.68 -14.87
N PRO DA 210 -20.11 80.93 -14.54
CA PRO DA 210 -20.43 82.03 -13.62
C PRO DA 210 -19.84 81.80 -12.24
N GLY DA 211 -18.90 82.66 -11.85
CA GLY DA 211 -18.23 82.52 -10.57
C GLY DA 211 -17.02 81.60 -10.62
N SER DA 212 -16.06 81.91 -11.48
CA SER DA 212 -14.86 81.09 -11.63
C SER DA 212 -13.66 82.02 -11.84
N ASN DA 213 -12.49 81.41 -11.99
CA ASN DA 213 -11.24 82.12 -12.24
C ASN DA 213 -10.37 81.25 -13.13
N TYR DA 214 -9.08 81.58 -13.20
CA TYR DA 214 -8.12 80.84 -14.03
C TYR DA 214 -6.97 80.36 -13.15
N ASN DA 215 -6.63 79.08 -13.29
CA ASN DA 215 -5.53 78.47 -12.54
C ASN DA 215 -4.58 77.83 -13.55
N PRO DA 216 -3.62 78.60 -14.08
CA PRO DA 216 -2.75 78.07 -15.15
C PRO DA 216 -1.97 76.83 -14.75
N TYR DA 217 -1.54 76.71 -13.49
CA TYR DA 217 -0.82 75.52 -13.08
C TYR DA 217 -1.72 74.29 -13.13
N PHE DA 218 -2.98 74.44 -12.74
CA PHE DA 218 -3.94 73.33 -12.79
C PHE DA 218 -4.37 73.10 -14.24
N PRO DA 219 -4.25 71.87 -14.76
CA PRO DA 219 -4.74 71.60 -16.12
C PRO DA 219 -6.15 72.10 -16.38
N GLY DA 220 -6.26 73.06 -17.29
CA GLY DA 220 -7.55 73.63 -17.66
C GLY DA 220 -7.82 74.98 -17.03
N GLY DA 221 -7.53 75.11 -15.74
CA GLY DA 221 -7.67 76.38 -15.05
C GLY DA 221 -9.07 76.98 -15.05
N SER DA 222 -10.07 76.16 -14.74
CA SER DA 222 -11.48 76.60 -14.67
C SER DA 222 -12.08 76.00 -13.40
N ILE DA 223 -12.00 76.72 -12.29
CA ILE DA 223 -12.45 76.24 -10.99
C ILE DA 223 -13.48 77.21 -10.45
N ALA DA 224 -14.58 76.67 -9.91
CA ALA DA 224 -15.62 77.50 -9.30
C ALA DA 224 -15.11 78.27 -8.10
N MET DA 225 -14.04 77.81 -7.46
CA MET DA 225 -13.34 78.58 -6.44
C MET DA 225 -13.06 80.01 -6.86
N ALA DA 226 -13.62 80.95 -6.11
CA ALA DA 226 -13.37 82.37 -6.33
C ALA DA 226 -12.13 82.81 -5.56
N ARG DA 227 -11.18 83.41 -6.28
CA ARG DA 227 -9.94 83.87 -5.68
C ARG DA 227 -10.20 85.19 -4.94
N VAL DA 228 -10.63 85.07 -3.69
CA VAL DA 228 -10.88 86.23 -2.86
C VAL DA 228 -9.56 86.90 -2.49
N LEU DA 229 -9.51 88.22 -2.65
CA LEU DA 229 -8.32 89.00 -2.32
C LEU DA 229 -8.64 90.07 -1.28
N PHE DA 230 -9.62 89.80 -0.43
CA PHE DA 230 -10.00 90.75 0.61
C PHE DA 230 -8.96 90.73 1.72
N ASP DA 231 -8.27 91.85 1.90
CA ASP DA 231 -7.23 91.99 2.90
C ASP DA 231 -7.79 92.60 4.18
N ASP DA 232 -6.94 92.68 5.20
CA ASP DA 232 -7.30 93.27 6.49
C ASP DA 232 -8.54 92.60 7.08
N MET DA 233 -8.45 91.28 7.25
CA MET DA 233 -9.57 90.51 7.82
C MET DA 233 -9.08 89.45 8.81
N VAL DA 234 -7.83 89.54 9.27
CA VAL DA 234 -7.31 88.57 10.22
C VAL DA 234 -6.83 89.28 11.50
N GLU DA 235 -5.81 90.13 11.36
CA GLU DA 235 -5.24 90.89 12.47
C GLU DA 235 -4.81 89.97 13.62
N TYR DA 236 -3.77 89.18 13.35
CA TYR DA 236 -3.26 88.24 14.36
C TYR DA 236 -2.88 88.97 15.64
N GLU DA 237 -1.80 89.74 15.58
CA GLU DA 237 -1.30 90.55 16.68
C GLU DA 237 -0.99 91.98 16.28
N ASP DA 238 -0.48 92.18 15.07
CA ASP DA 238 -0.04 93.49 14.60
C ASP DA 238 -0.25 93.54 13.09
N GLY DA 239 0.41 94.47 12.42
CA GLY DA 239 0.24 94.62 10.99
C GLY DA 239 0.93 93.55 10.17
N THR DA 240 0.76 92.29 10.57
CA THR DA 240 1.25 91.13 9.82
C THR DA 240 0.33 90.77 8.65
N PRO DA 241 -1.02 90.71 8.85
CA PRO DA 241 -1.88 90.27 7.74
C PRO DA 241 -2.06 91.30 6.64
N ALA DA 242 -3.02 91.03 5.75
CA ALA DA 242 -3.41 91.85 4.60
C ALA DA 242 -2.45 91.71 3.42
N THR DA 243 -1.66 90.65 3.37
CA THR DA 243 -0.86 90.33 2.20
C THR DA 243 -1.07 88.86 1.83
N THR DA 244 -1.08 88.58 0.54
CA THR DA 244 -1.40 87.23 0.07
C THR DA 244 -0.23 86.27 0.28
N SER DA 245 1.00 86.75 0.16
CA SER DA 245 2.16 85.86 0.27
C SER DA 245 2.26 85.22 1.64
N GLN DA 246 2.04 86.02 2.70
CA GLN DA 246 2.12 85.49 4.06
C GLN DA 246 1.07 84.41 4.28
N MET DA 247 -0.17 84.67 3.87
CA MET DA 247 -1.24 83.68 4.05
C MET DA 247 -0.96 82.43 3.24
N ALA DA 248 -0.49 82.58 2.00
CA ALA DA 248 -0.21 81.42 1.17
C ALA DA 248 0.89 80.57 1.78
N LYS DA 249 1.98 81.20 2.21
CA LYS DA 249 3.08 80.45 2.81
C LYS DA 249 2.64 79.76 4.10
N ASP DA 250 1.89 80.47 4.94
CA ASP DA 250 1.43 79.88 6.20
C ASP DA 250 0.51 78.70 5.94
N VAL DA 251 -0.41 78.84 4.98
CA VAL DA 251 -1.34 77.76 4.68
C VAL DA 251 -0.61 76.55 4.13
N THR DA 252 0.33 76.74 3.20
CA THR DA 252 1.03 75.59 2.64
C THR DA 252 1.93 74.93 3.68
N THR DA 253 2.54 75.72 4.56
CA THR DA 253 3.34 75.13 5.64
C THR DA 253 2.45 74.35 6.60
N PHE DA 254 1.26 74.87 6.91
CA PHE DA 254 0.36 74.17 7.81
C PHE DA 254 -0.14 72.87 7.19
N LEU DA 255 -0.44 72.88 5.89
CA LEU DA 255 -0.85 71.63 5.24
C LEU DA 255 0.30 70.65 5.18
N ASN DA 256 1.53 71.14 5.00
CA ASN DA 256 2.69 70.24 5.06
C ASN DA 256 2.82 69.62 6.44
N TRP DA 257 2.59 70.40 7.50
CA TRP DA 257 2.58 69.85 8.85
C TRP DA 257 1.47 68.81 9.01
N CYS DA 258 0.28 69.12 8.50
CA CYS DA 258 -0.85 68.18 8.63
C CYS DA 258 -0.59 66.89 7.88
N ALA DA 259 0.20 66.95 6.80
CA ALA DA 259 0.56 65.73 6.09
C ALA DA 259 1.38 64.80 6.98
N GLU DA 260 2.30 65.36 7.76
CA GLU DA 260 3.00 64.58 8.78
C GLU DA 260 3.45 65.51 9.91
N PRO DA 261 2.89 65.35 11.12
CA PRO DA 261 3.36 66.17 12.26
C PRO DA 261 4.57 65.53 12.91
N GLU DA 262 5.51 65.09 12.07
CA GLU DA 262 6.64 64.29 12.51
C GLU DA 262 7.93 64.67 11.78
N HIS DA 263 7.97 65.83 11.14
CA HIS DA 263 9.14 66.21 10.34
C HIS DA 263 10.37 66.39 11.21
N ASP DA 264 10.23 67.02 12.38
CA ASP DA 264 11.40 67.26 13.22
C ASP DA 264 11.99 65.95 13.72
N GLU DA 265 11.13 65.04 14.19
CA GLU DA 265 11.61 63.76 14.69
C GLU DA 265 12.25 62.93 13.57
N ARG DA 266 11.61 62.90 12.40
CA ARG DA 266 12.19 62.14 11.29
C ARG DA 266 13.52 62.75 10.86
N LYS DA 267 13.63 64.08 10.88
CA LYS DA 267 14.88 64.72 10.49
C LYS DA 267 15.99 64.41 11.49
N ARG DA 268 15.72 64.51 12.79
CA ARG DA 268 16.76 64.23 13.77
C ARG DA 268 17.17 62.75 13.73
N LEU DA 269 16.20 61.85 13.58
CA LEU DA 269 16.54 60.45 13.47
C LEU DA 269 17.30 60.16 12.18
N GLY DA 270 16.98 60.88 11.11
CA GLY DA 270 17.74 60.73 9.87
C GLY DA 270 19.17 61.19 10.02
N LEU DA 271 19.39 62.33 10.69
CA LEU DA 271 20.76 62.76 10.96
C LEU DA 271 21.51 61.73 11.78
N LYS DA 272 20.88 61.21 12.84
CA LYS DA 272 21.54 60.18 13.65
C LYS DA 272 21.92 58.98 12.80
N THR DA 273 20.96 58.46 12.03
CA THR DA 273 21.21 57.27 11.23
C THR DA 273 22.27 57.53 10.17
N VAL DA 274 22.22 58.68 9.50
CA VAL DA 274 23.18 58.98 8.45
C VAL DA 274 24.59 59.09 9.01
N ILE DA 275 24.74 59.78 10.15
CA ILE DA 275 26.06 59.92 10.74
C ILE DA 275 26.62 58.56 11.16
N ILE DA 276 25.80 57.77 11.86
CA ILE DA 276 26.31 56.49 12.34
C ILE DA 276 26.60 55.55 11.18
N LEU DA 277 25.78 55.61 10.12
CA LEU DA 277 26.02 54.75 8.97
C LEU DA 277 27.24 55.19 8.17
N SER DA 278 27.49 56.50 8.09
CA SER DA 278 28.70 56.97 7.40
C SER DA 278 29.96 56.55 8.16
N SER DA 279 29.95 56.71 9.48
CA SER DA 279 31.08 56.23 10.27
C SER DA 279 31.25 54.72 10.14
N LEU DA 280 30.13 53.99 10.15
CA LEU DA 280 30.17 52.54 10.01
C LEU DA 280 30.73 52.15 8.65
N TYR DA 281 30.36 52.87 7.60
CA TYR DA 281 30.86 52.56 6.25
C TYR DA 281 32.35 52.85 6.14
N LEU DA 282 32.81 53.96 6.71
CA LEU DA 282 34.25 54.27 6.66
C LEU DA 282 35.05 53.22 7.42
N LEU DA 283 34.58 52.83 8.61
CA LEU DA 283 35.25 51.77 9.36
C LEU DA 283 35.20 50.45 8.61
N SER DA 284 34.11 50.19 7.88
CA SER DA 284 34.03 48.98 7.07
C SER DA 284 35.07 49.01 5.95
N ILE DA 285 35.25 50.17 5.31
CA ILE DA 285 36.30 50.31 4.30
C ILE DA 285 37.66 49.98 4.92
N TRP DA 286 37.94 50.56 6.08
CA TRP DA 286 39.25 50.35 6.71
C TRP DA 286 39.45 48.88 7.06
N VAL DA 287 38.44 48.25 7.67
CA VAL DA 287 38.60 46.86 8.10
C VAL DA 287 38.70 45.93 6.90
N LYS DA 288 37.94 46.21 5.84
CA LYS DA 288 38.01 45.37 4.64
C LYS DA 288 39.37 45.49 3.98
N LYS DA 289 39.91 46.70 3.88
CA LYS DA 289 41.25 46.87 3.30
C LYS DA 289 42.30 46.16 4.15
N PHE DA 290 42.19 46.28 5.48
CA PHE DA 290 43.15 45.61 6.35
C PHE DA 290 43.07 44.09 6.20
N LYS DA 291 41.85 43.55 6.11
CA LYS DA 291 41.69 42.11 5.98
C LYS DA 291 42.20 41.61 4.64
N TRP DA 292 41.94 42.37 3.56
CA TRP DA 292 42.33 41.92 2.23
C TRP DA 292 43.76 42.28 1.85
N ALA DA 293 44.45 43.06 2.67
CA ALA DA 293 45.87 43.32 2.42
C ALA DA 293 46.70 42.05 2.48
N GLY DA 294 46.20 41.00 3.14
CA GLY DA 294 46.94 39.75 3.23
C GLY DA 294 46.87 38.86 2.02
N ILE DA 295 45.94 39.11 1.10
CA ILE DA 295 45.82 38.32 -0.11
C ILE DA 295 46.01 39.13 -1.38
N LYS DA 296 45.82 40.45 -1.35
CA LYS DA 296 45.99 41.28 -2.53
C LYS DA 296 47.45 41.71 -2.73
N THR DA 297 48.39 41.01 -2.12
CA THR DA 297 49.80 41.33 -2.28
C THR DA 297 50.68 40.10 -2.52
N ARG DA 298 50.12 38.90 -2.56
CA ARG DA 298 50.91 37.72 -2.79
C ARG DA 298 51.46 37.71 -4.22
N LYS DA 299 52.65 37.15 -4.37
CA LYS DA 299 53.35 37.12 -5.65
C LYS DA 299 53.60 35.67 -6.05
N PHE DA 300 53.40 35.38 -7.34
CA PHE DA 300 53.55 34.03 -7.87
C PHE DA 300 54.80 33.96 -8.71
N VAL DA 301 55.60 32.90 -8.51
CA VAL DA 301 56.80 32.65 -9.28
C VAL DA 301 56.70 31.24 -9.86
N PHE DA 302 56.86 31.13 -11.17
CA PHE DA 302 56.71 29.87 -11.88
C PHE DA 302 58.07 29.37 -12.35
N ASN DA 303 58.39 28.13 -11.99
CA ASN DA 303 59.60 27.47 -12.45
C ASN DA 303 59.20 26.25 -13.27
N PRO DA 304 59.51 26.21 -14.57
CA PRO DA 304 59.06 25.10 -15.40
C PRO DA 304 59.75 23.80 -15.01
N PRO DA 305 58.99 22.80 -14.58
CA PRO DA 305 59.61 21.52 -14.18
C PRO DA 305 60.13 20.73 -15.37
N LYS DA 306 60.73 19.58 -15.09
CA LYS DA 306 61.22 18.72 -16.16
C LYS DA 306 60.04 18.08 -16.89
N PRO DA 307 59.93 18.22 -18.21
CA PRO DA 307 58.77 17.67 -18.92
C PRO DA 307 58.78 16.15 -18.96
N ARG DA 308 58.44 15.51 -17.85
CA ARG DA 308 58.42 14.05 -17.74
C ARG DA 308 56.98 13.58 -17.68
N LYS DA 309 56.64 12.60 -18.51
CA LYS DA 309 55.31 12.03 -18.53
C LYS DA 309 55.31 10.61 -19.09
#